data_6AP4
#
_entry.id   6AP4
#
_cell.length_a   72.713
_cell.length_b   328.597
_cell.length_c   147.497
_cell.angle_alpha   90.000
_cell.angle_beta   91.530
_cell.angle_gamma   90.000
#
_symmetry.space_group_name_H-M   'P 1 21 1'
#
loop_
_entity.id
_entity.type
_entity.pdbx_description
1 polymer 'DNA polymerase III subunit beta'
2 non-polymer 'MAGNESIUM ION'
3 water water
#
_entity_poly.entity_id   1
_entity_poly.type   'polypeptide(L)'
_entity_poly.pdbx_seq_one_letter_code
;HHHHHHMRLKIAKESLLNVLSHVVGAVERRHTLNILSNVKIQTNAQALTITGSDLEVELVASTALSEGACLEAGETTVPA
RKLMEICKSLPTAALIDLQITEDQRCILKSGNSRFVLGTLPAEDYPLLTTENSQGTQVQVTQRELKRLFEKTAFAMAVQD
VRFYLTGTLLEIDENQLRAVTTDGHRLALCEILASSTSSQLVQAIVPRKAVGELQRLLSIEDEQLTLLIGRELLNVTINT
PSRDKEQGDITVRFTTKLIDGKFPDYRRVIPRGGDKHVLIGHDVFKQSLQRVAILSNEKLRGVFLNFNQDSLQLRANNPE
QDEAIEDLAIQYQSAPLEMSFNAQYLLDVLGVLDGDDVNMSMTEANQSVLVQDPAHPDQTYVVMPMRV
;
_entity_poly.pdbx_strand_id   A,B,C,D,E,F,G,H,I,J,K,L,M,N,O,P
#
loop_
_chem_comp.id
_chem_comp.type
_chem_comp.name
_chem_comp.formula
MG non-polymer 'MAGNESIUM ION' 'Mg 2'
#
# COMPACT_ATOMS: atom_id res chain seq x y z
N HIS A 6 103.09 19.83 -12.58
CA HIS A 6 101.73 19.55 -12.98
C HIS A 6 100.88 20.80 -13.00
N MET A 7 99.67 20.68 -13.50
CA MET A 7 98.85 21.86 -13.59
C MET A 7 97.74 21.91 -12.55
N ARG A 8 97.62 23.05 -11.90
CA ARG A 8 96.59 23.26 -10.92
C ARG A 8 96.05 24.64 -11.22
N LEU A 9 94.75 24.82 -11.02
CA LEU A 9 94.12 26.09 -11.35
C LEU A 9 92.84 26.31 -10.57
N LYS A 10 92.63 27.56 -10.16
CA LYS A 10 91.44 27.96 -9.43
C LYS A 10 90.77 29.06 -10.23
N ILE A 11 89.61 28.75 -10.79
CA ILE A 11 88.91 29.65 -11.71
C ILE A 11 87.41 29.61 -11.42
N ALA A 12 86.74 30.74 -11.68
CA ALA A 12 85.29 30.82 -11.54
C ALA A 12 84.59 29.97 -12.60
N LYS A 13 83.45 29.40 -12.23
CA LYS A 13 82.62 28.61 -13.13
C LYS A 13 82.39 29.31 -14.45
N GLU A 14 81.90 30.54 -14.39
CA GLU A 14 81.61 31.30 -15.60
C GLU A 14 82.84 31.61 -16.41
N SER A 15 83.96 31.88 -15.75
CA SER A 15 85.15 32.17 -16.51
C SER A 15 85.57 30.95 -17.31
N LEU A 16 85.57 29.79 -16.67
CA LEU A 16 85.95 28.56 -17.34
C LEU A 16 84.97 28.18 -18.42
N LEU A 17 83.69 28.35 -18.13
CA LEU A 17 82.62 28.01 -19.05
C LEU A 17 82.62 28.84 -20.32
N ASN A 18 82.91 30.13 -20.19
CA ASN A 18 82.94 31.02 -21.33
C ASN A 18 84.03 30.63 -22.31
N VAL A 19 85.18 30.24 -21.78
CA VAL A 19 86.30 29.84 -22.62
C VAL A 19 85.98 28.55 -23.37
N LEU A 20 85.45 27.57 -22.66
CA LEU A 20 85.08 26.28 -23.24
C LEU A 20 83.98 26.37 -24.27
N SER A 21 83.01 27.24 -24.07
CA SER A 21 81.89 27.32 -24.99
C SER A 21 82.33 27.68 -26.40
N HIS A 22 83.27 28.59 -26.53
CA HIS A 22 83.77 28.95 -27.85
C HIS A 22 84.44 27.84 -28.63
N VAL A 23 85.26 27.08 -27.94
CA VAL A 23 85.97 25.93 -28.47
C VAL A 23 85.33 24.53 -28.68
N VAL A 24 84.25 24.27 -27.95
CA VAL A 24 83.59 22.96 -27.97
C VAL A 24 82.89 22.61 -29.28
N GLY A 25 82.56 23.59 -30.08
CA GLY A 25 81.89 23.32 -31.34
C GLY A 25 82.70 22.51 -32.31
N ALA A 26 84.02 22.56 -32.19
CA ALA A 26 84.88 21.83 -33.09
C ALA A 26 85.00 20.36 -32.72
N VAL A 27 84.98 20.09 -31.42
CA VAL A 27 85.08 18.72 -30.91
C VAL A 27 83.99 17.74 -31.37
N GLU A 28 84.40 16.52 -31.70
CA GLU A 28 83.50 15.48 -32.16
C GLU A 28 83.18 14.48 -31.06
N ARG A 29 82.00 13.89 -31.13
CA ARG A 29 81.60 12.92 -30.12
C ARG A 29 82.52 11.73 -30.24
N ARG A 30 82.71 11.27 -31.46
CA ARG A 30 83.64 10.20 -31.75
C ARG A 30 84.65 10.63 -32.79
N HIS A 31 85.92 10.32 -32.57
CA HIS A 31 86.94 10.71 -33.51
C HIS A 31 87.90 9.56 -33.67
N THR A 32 88.42 9.39 -34.87
CA THR A 32 89.38 8.29 -35.14
C THR A 32 90.60 8.38 -34.23
N LEU A 33 91.09 9.61 -34.00
CA LEU A 33 92.09 9.87 -32.97
C LEU A 33 91.38 10.24 -31.68
N ASN A 34 91.48 9.37 -30.68
CA ASN A 34 90.65 9.48 -29.47
C ASN A 34 90.88 10.77 -28.68
N ILE A 35 92.11 11.23 -28.68
CA ILE A 35 92.52 12.44 -27.96
C ILE A 35 91.78 13.70 -28.40
N LEU A 36 91.32 13.74 -29.66
CA LEU A 36 90.59 14.91 -30.18
C LEU A 36 89.16 15.07 -29.64
N SER A 37 88.75 14.14 -28.78
CA SER A 37 87.46 14.19 -28.13
C SER A 37 87.65 14.96 -26.83
N ASN A 38 88.90 15.08 -26.42
CA ASN A 38 89.31 15.85 -25.27
C ASN A 38 89.57 17.27 -25.77
N VAL A 39 89.76 18.17 -24.84
CA VAL A 39 90.06 19.53 -25.16
C VAL A 39 91.41 19.75 -24.49
N LYS A 40 92.30 20.47 -25.15
CA LYS A 40 93.62 20.71 -24.60
C LYS A 40 93.65 21.99 -23.80
N ILE A 41 94.10 21.90 -22.56
CA ILE A 41 94.15 23.05 -21.68
C ILE A 41 95.56 23.40 -21.26
N GLN A 42 95.94 24.66 -21.48
CA GLN A 42 97.26 25.14 -21.11
C GLN A 42 97.08 26.31 -20.18
N THR A 43 97.86 26.35 -19.10
CA THR A 43 97.89 27.54 -18.25
C THR A 43 99.26 27.93 -17.78
N ASN A 44 99.45 29.24 -17.65
CA ASN A 44 100.62 29.83 -17.00
C ASN A 44 100.07 30.99 -16.15
N ALA A 45 100.97 31.69 -15.48
CA ALA A 45 100.58 32.78 -14.57
C ALA A 45 99.65 33.84 -15.17
N GLN A 46 99.83 34.17 -16.45
CA GLN A 46 99.07 35.25 -17.09
C GLN A 46 97.81 34.83 -17.85
N ALA A 47 97.83 33.68 -18.52
CA ALA A 47 96.66 33.31 -19.31
C ALA A 47 96.25 31.83 -19.37
N LEU A 48 95.01 31.63 -19.79
CA LEU A 48 94.43 30.32 -19.95
C LEU A 48 94.11 30.11 -21.41
N THR A 49 94.56 28.99 -21.96
CA THR A 49 94.32 28.69 -23.35
C THR A 49 93.74 27.31 -23.54
N ILE A 50 92.56 27.25 -24.12
CA ILE A 50 91.92 25.97 -24.39
C ILE A 50 91.73 25.77 -25.89
N THR A 51 92.04 24.57 -26.37
CA THR A 51 91.94 24.23 -27.79
C THR A 51 91.02 23.06 -28.08
N GLY A 52 90.16 23.21 -29.07
CA GLY A 52 89.22 22.18 -29.49
C GLY A 52 89.41 21.98 -30.98
N SER A 53 89.49 20.74 -31.43
CA SER A 53 89.66 20.49 -32.84
C SER A 53 89.22 19.11 -33.26
N ASP A 54 88.93 18.97 -34.54
CA ASP A 54 88.61 17.69 -35.16
C ASP A 54 89.62 17.35 -36.26
N LEU A 55 90.65 18.21 -36.36
CA LEU A 55 91.76 18.20 -37.33
C LEU A 55 91.40 18.76 -38.69
N GLU A 56 90.19 19.30 -38.80
CA GLU A 56 89.76 19.94 -40.02
C GLU A 56 89.55 21.41 -39.67
N VAL A 57 89.04 21.64 -38.47
CA VAL A 57 88.82 22.97 -37.93
C VAL A 57 89.45 23.00 -36.54
N GLU A 58 90.15 24.07 -36.22
CA GLU A 58 90.81 24.19 -34.94
C GLU A 58 90.43 25.50 -34.27
N LEU A 59 90.01 25.42 -33.01
CA LEU A 59 89.63 26.61 -32.27
C LEU A 59 90.48 26.73 -31.02
N VAL A 60 91.08 27.89 -30.82
CA VAL A 60 91.91 28.15 -29.66
C VAL A 60 91.40 29.38 -28.95
N ALA A 61 90.90 29.17 -27.73
CA ALA A 61 90.34 30.27 -26.95
C ALA A 61 91.26 30.67 -25.82
N SER A 62 91.57 31.96 -25.72
CA SER A 62 92.48 32.45 -24.71
C SER A 62 91.88 33.58 -23.90
N THR A 63 92.23 33.62 -22.61
CA THR A 63 91.75 34.64 -21.70
C THR A 63 92.84 35.09 -20.71
N ALA A 64 92.67 36.30 -20.16
CA ALA A 64 93.62 36.83 -19.18
C ALA A 64 93.30 36.33 -17.79
N LEU A 65 94.17 35.51 -17.22
CA LEU A 65 93.90 34.95 -15.91
C LEU A 65 94.25 35.90 -14.77
N SER A 66 93.42 35.93 -13.75
CA SER A 66 93.65 36.76 -12.58
C SER A 66 94.85 36.20 -11.84
N GLU A 67 95.62 37.09 -11.21
CA GLU A 67 96.82 36.64 -10.52
C GLU A 67 96.46 35.66 -9.41
N GLY A 68 97.23 34.58 -9.34
CA GLY A 68 97.02 33.57 -8.34
C GLY A 68 95.97 32.53 -8.67
N ALA A 69 95.33 32.65 -9.82
CA ALA A 69 94.33 31.69 -10.23
C ALA A 69 95.13 30.48 -10.60
N CYS A 70 96.26 30.73 -11.24
CA CYS A 70 97.13 29.64 -11.65
C CYS A 70 98.14 29.22 -10.59
N LEU A 71 97.74 28.26 -9.78
CA LEU A 71 98.59 27.74 -8.73
C LEU A 71 99.82 27.07 -9.28
N GLU A 72 99.64 26.35 -10.39
CA GLU A 72 100.75 25.66 -11.01
C GLU A 72 100.61 25.72 -12.51
N ALA A 73 101.70 25.99 -13.21
CA ALA A 73 101.61 26.03 -14.68
C ALA A 73 101.73 24.62 -15.26
N GLY A 74 101.02 24.37 -16.34
CA GLY A 74 101.05 23.07 -16.99
C GLY A 74 100.09 22.97 -18.14
N GLU A 75 100.12 21.80 -18.80
CA GLU A 75 99.18 21.50 -19.87
C GLU A 75 98.65 20.07 -19.77
N THR A 76 97.45 19.85 -20.28
CA THR A 76 96.83 18.52 -20.29
C THR A 76 95.62 18.50 -21.20
N THR A 77 95.00 17.33 -21.32
CA THR A 77 93.79 17.19 -22.13
C THR A 77 92.68 16.55 -21.28
N VAL A 78 91.49 17.13 -21.33
CA VAL A 78 90.34 16.63 -20.57
C VAL A 78 89.15 16.40 -21.48
N PRO A 79 88.38 15.33 -21.25
CA PRO A 79 87.17 15.02 -22.04
C PRO A 79 86.27 16.24 -22.09
N ALA A 80 86.15 16.82 -23.27
CA ALA A 80 85.41 18.06 -23.46
C ALA A 80 83.93 18.06 -23.16
N ARG A 81 83.21 17.05 -23.61
CA ARG A 81 81.80 17.04 -23.35
C ARG A 81 81.52 16.92 -21.86
N LYS A 82 82.22 16.03 -21.18
CA LYS A 82 82.01 15.86 -19.75
C LYS A 82 82.33 17.12 -18.98
N LEU A 83 83.48 17.72 -19.27
CA LEU A 83 83.88 18.94 -18.60
C LEU A 83 82.84 20.03 -18.77
N MET A 84 82.32 20.14 -19.98
CA MET A 84 81.31 21.13 -20.28
C MET A 84 80.07 20.98 -19.46
N GLU A 85 79.62 19.74 -19.28
CA GLU A 85 78.41 19.45 -18.52
C GLU A 85 78.64 19.63 -17.04
N ILE A 86 79.78 19.15 -16.56
CA ILE A 86 80.11 19.30 -15.16
C ILE A 86 80.09 20.75 -14.74
N CYS A 87 80.73 21.61 -15.52
CA CYS A 87 80.74 23.04 -15.20
C CYS A 87 79.34 23.66 -15.20
N LYS A 88 78.50 23.30 -16.19
CA LYS A 88 77.12 23.80 -16.24
C LYS A 88 76.25 23.39 -15.04
N SER A 89 76.53 22.22 -14.48
CA SER A 89 75.75 21.69 -13.36
C SER A 89 76.04 22.38 -12.03
N LEU A 90 77.14 23.10 -11.93
CA LEU A 90 77.50 23.78 -10.70
C LEU A 90 76.62 24.98 -10.45
N PRO A 91 76.50 25.41 -9.19
CA PRO A 91 75.68 26.59 -8.91
C PRO A 91 76.33 27.89 -9.41
N THR A 92 75.51 28.93 -9.58
CA THR A 92 75.98 30.23 -9.99
C THR A 92 77.08 30.76 -9.07
N ALA A 93 78.11 31.40 -9.65
CA ALA A 93 79.22 32.00 -8.94
C ALA A 93 80.14 30.99 -8.21
N ALA A 94 80.07 29.71 -8.61
CA ALA A 94 80.89 28.68 -7.98
C ALA A 94 82.36 28.85 -8.31
N LEU A 95 83.23 28.27 -7.51
CA LEU A 95 84.68 28.32 -7.76
C LEU A 95 85.20 26.90 -7.98
N ILE A 96 85.88 26.72 -9.10
CA ILE A 96 86.41 25.43 -9.48
C ILE A 96 87.90 25.34 -9.25
N ASP A 97 88.32 24.21 -8.69
CA ASP A 97 89.73 23.96 -8.49
C ASP A 97 90.09 22.80 -9.38
N LEU A 98 90.97 23.02 -10.34
CA LEU A 98 91.39 21.95 -11.23
C LEU A 98 92.68 21.41 -10.72
N GLN A 99 92.85 20.10 -10.80
CA GLN A 99 94.09 19.48 -10.35
C GLN A 99 94.45 18.32 -11.25
N ILE A 100 95.69 18.32 -11.74
CA ILE A 100 96.11 17.21 -12.58
C ILE A 100 97.16 16.44 -11.81
N THR A 101 96.94 15.14 -11.68
CA THR A 101 97.84 14.29 -10.95
C THR A 101 98.69 13.48 -11.90
N GLU A 102 99.74 12.89 -11.36
CA GLU A 102 100.72 12.07 -12.09
C GLU A 102 100.17 10.81 -12.76
N ASP A 103 99.06 10.29 -12.25
CA ASP A 103 98.42 9.08 -12.77
C ASP A 103 97.33 9.37 -13.80
N GLN A 104 97.42 10.55 -14.42
CA GLN A 104 96.49 11.03 -15.46
C GLN A 104 95.05 11.19 -15.04
N ARG A 105 94.83 11.67 -13.83
CA ARG A 105 93.49 11.90 -13.34
C ARG A 105 93.30 13.38 -13.16
N CYS A 106 92.22 13.92 -13.68
CA CYS A 106 91.98 15.33 -13.52
C CYS A 106 90.96 15.44 -12.42
N ILE A 107 91.32 16.14 -11.35
CA ILE A 107 90.41 16.26 -10.24
C ILE A 107 89.84 17.65 -10.25
N LEU A 108 88.53 17.73 -10.26
CA LEU A 108 87.83 19.01 -10.28
C LEU A 108 86.94 19.13 -9.07
N LYS A 109 87.20 20.12 -8.22
CA LYS A 109 86.39 20.30 -7.03
C LYS A 109 85.71 21.67 -6.96
N SER A 110 84.39 21.64 -6.85
CA SER A 110 83.62 22.87 -6.69
C SER A 110 82.62 22.60 -5.58
N GLY A 111 82.51 23.53 -4.63
CA GLY A 111 81.58 23.34 -3.53
C GLY A 111 81.84 22.04 -2.80
N ASN A 112 80.78 21.27 -2.60
CA ASN A 112 80.86 19.98 -1.94
C ASN A 112 80.98 18.79 -2.87
N SER A 113 81.03 19.06 -4.16
CA SER A 113 81.12 18.01 -5.18
C SER A 113 82.52 17.84 -5.71
N ARG A 114 82.93 16.58 -5.89
CA ARG A 114 84.25 16.26 -6.41
C ARG A 114 84.06 15.45 -7.69
N PHE A 115 84.78 15.81 -8.75
CA PHE A 115 84.68 15.10 -10.02
C PHE A 115 86.05 14.63 -10.48
N VAL A 116 86.14 13.42 -11.02
CA VAL A 116 87.44 12.93 -11.49
C VAL A 116 87.29 12.38 -12.91
N LEU A 117 88.09 12.91 -13.84
CA LEU A 117 88.08 12.51 -15.25
C LEU A 117 89.44 11.95 -15.63
N GLY A 118 89.46 11.12 -16.66
CA GLY A 118 90.71 10.60 -17.22
C GLY A 118 91.29 11.56 -18.25
N THR A 119 92.58 11.82 -18.16
CA THR A 119 93.28 12.72 -19.07
C THR A 119 94.20 11.98 -20.02
N LEU A 120 94.61 12.65 -21.08
CA LEU A 120 95.63 12.12 -21.99
C LEU A 120 96.74 13.15 -22.16
N PRO A 121 97.96 12.70 -22.49
CA PRO A 121 99.14 13.55 -22.68
C PRO A 121 98.91 14.71 -23.61
N ALA A 122 99.31 15.90 -23.20
CA ALA A 122 99.18 17.12 -24.00
C ALA A 122 100.10 16.94 -25.19
N GLU A 123 101.20 16.23 -24.97
CA GLU A 123 102.16 15.93 -26.01
C GLU A 123 101.52 15.34 -27.32
N ASP A 124 100.69 14.31 -27.10
CA ASP A 124 99.95 13.70 -28.19
C ASP A 124 98.99 14.52 -29.05
N TYR A 125 98.31 15.47 -28.43
CA TYR A 125 97.36 16.32 -29.13
C TYR A 125 97.91 16.93 -30.42
N PRO A 126 97.26 16.67 -31.56
CA PRO A 126 97.69 17.18 -32.86
C PRO A 126 97.21 18.59 -33.20
N LEU A 127 98.04 19.34 -33.91
CA LEU A 127 97.72 20.71 -34.31
C LEU A 127 97.83 20.91 -35.81
N LEU A 128 96.86 21.60 -36.40
CA LEU A 128 96.85 21.90 -37.83
C LEU A 128 97.98 22.80 -38.23
N THR A 129 98.17 23.81 -37.42
CA THR A 129 99.15 24.84 -37.65
C THR A 129 100.58 24.46 -37.37
N THR A 130 101.48 25.24 -37.96
CA THR A 130 102.91 25.08 -37.81
C THR A 130 103.55 26.45 -37.92
N GLU A 131 104.82 26.55 -37.57
CA GLU A 131 105.52 27.82 -37.59
C GLU A 131 105.57 28.49 -38.95
N ASN A 132 105.70 27.71 -40.00
CA ASN A 132 105.83 28.25 -41.35
C ASN A 132 104.53 28.38 -42.13
N SER A 133 103.41 28.41 -41.41
CA SER A 133 102.10 28.51 -42.03
C SER A 133 101.82 29.75 -42.90
N GLN A 134 102.26 30.93 -42.47
CA GLN A 134 102.12 32.18 -43.25
C GLN A 134 100.66 32.61 -43.63
N GLY A 135 100.39 33.00 -44.87
CA GLY A 135 99.07 33.44 -45.32
C GLY A 135 98.95 34.86 -45.91
N THR A 136 98.12 35.03 -46.94
CA THR A 136 97.87 36.28 -47.61
C THR A 136 96.73 36.96 -46.86
N GLN A 137 97.00 38.11 -46.27
CA GLN A 137 96.01 38.84 -45.49
C GLN A 137 94.85 39.53 -46.24
N VAL A 138 93.67 39.51 -45.64
CA VAL A 138 92.46 40.15 -46.17
C VAL A 138 91.83 40.93 -45.03
N GLN A 139 91.35 42.14 -45.31
CA GLN A 139 90.80 43.00 -44.28
C GLN A 139 89.30 42.98 -44.51
N VAL A 140 88.59 42.58 -43.48
CA VAL A 140 87.17 42.46 -43.58
C VAL A 140 86.57 42.63 -42.20
N THR A 141 85.36 43.12 -42.15
CA THR A 141 84.65 43.29 -40.90
C THR A 141 83.93 42.01 -40.52
N GLN A 142 83.71 41.80 -39.22
CA GLN A 142 83.00 40.63 -38.76
C GLN A 142 81.60 40.58 -39.29
N ARG A 143 80.94 41.72 -39.30
CA ARG A 143 79.57 41.78 -39.78
C ARG A 143 79.48 41.38 -41.24
N GLU A 144 80.41 41.86 -42.04
CA GLU A 144 80.40 41.56 -43.46
C GLU A 144 80.74 40.12 -43.74
N LEU A 145 81.72 39.57 -43.04
CA LEU A 145 82.08 38.19 -43.24
C LEU A 145 80.93 37.30 -42.81
N LYS A 146 80.33 37.61 -41.68
CA LYS A 146 79.21 36.84 -41.17
C LYS A 146 78.05 36.88 -42.16
N ARG A 147 77.82 38.06 -42.73
CA ARG A 147 76.75 38.25 -43.70
C ARG A 147 76.95 37.42 -44.95
N LEU A 148 78.19 37.27 -45.37
CA LEU A 148 78.51 36.50 -46.54
C LEU A 148 78.06 35.07 -46.34
N PHE A 149 78.36 34.51 -45.16
CA PHE A 149 77.96 33.16 -44.82
C PHE A 149 76.46 32.96 -44.68
N GLU A 150 75.75 33.91 -44.10
CA GLU A 150 74.32 33.71 -43.95
C GLU A 150 73.66 33.57 -45.29
N LYS A 151 74.06 34.44 -46.20
CA LYS A 151 73.53 34.50 -47.56
C LYS A 151 73.81 33.32 -48.48
N THR A 152 74.94 32.66 -48.32
CA THR A 152 75.28 31.55 -49.18
C THR A 152 75.38 30.16 -48.56
N ALA A 153 75.24 30.05 -47.25
CA ALA A 153 75.42 28.78 -46.55
C ALA A 153 74.51 27.61 -46.91
N PHE A 154 73.24 27.91 -47.14
CA PHE A 154 72.24 26.91 -47.44
C PHE A 154 72.46 26.10 -48.71
N ALA A 155 73.12 26.67 -49.68
CA ALA A 155 73.30 26.05 -50.99
C ALA A 155 74.47 25.07 -51.10
N MET A 156 75.23 24.88 -50.03
CA MET A 156 76.34 23.95 -50.03
C MET A 156 75.76 22.54 -50.02
N ALA A 157 76.44 21.61 -50.67
CA ALA A 157 76.00 20.23 -50.68
C ALA A 157 76.25 19.58 -49.34
N VAL A 158 75.34 18.75 -48.85
CA VAL A 158 75.55 18.11 -47.56
C VAL A 158 76.61 17.02 -47.63
N GLN A 159 76.52 16.14 -48.63
CA GLN A 159 77.55 15.14 -48.89
C GLN A 159 77.60 15.01 -50.39
N ASP A 160 78.80 14.84 -50.93
CA ASP A 160 78.99 14.68 -52.35
C ASP A 160 80.37 14.12 -52.61
N VAL A 161 80.54 13.39 -53.70
CA VAL A 161 81.86 12.88 -54.07
C VAL A 161 82.77 14.03 -54.50
N ARG A 162 82.18 15.03 -55.15
CA ARG A 162 82.89 16.22 -55.58
C ARG A 162 83.00 16.99 -54.30
N PHE A 163 84.05 16.70 -53.55
CA PHE A 163 84.26 17.32 -52.24
C PHE A 163 84.24 18.83 -52.18
N TYR A 164 84.65 19.50 -53.25
CA TYR A 164 84.66 20.96 -53.30
C TYR A 164 83.26 21.59 -53.15
N LEU A 165 82.22 20.88 -53.60
CA LEU A 165 80.83 21.28 -53.52
C LEU A 165 80.31 21.40 -52.09
N THR A 166 80.97 20.69 -51.17
CA THR A 166 80.58 20.70 -49.76
C THR A 166 81.22 21.81 -48.98
N GLY A 167 81.63 22.87 -49.66
CA GLY A 167 82.24 23.99 -48.97
C GLY A 167 81.93 25.31 -49.62
N THR A 168 82.22 26.42 -48.94
CA THR A 168 81.96 27.73 -49.54
C THR A 168 83.30 28.15 -50.13
N LEU A 169 83.25 28.76 -51.30
CA LEU A 169 84.42 29.26 -51.95
C LEU A 169 84.59 30.71 -51.57
N LEU A 170 85.75 31.04 -51.02
CA LEU A 170 86.05 32.42 -50.68
C LEU A 170 86.90 32.89 -51.80
N GLU A 171 86.46 33.89 -52.53
CA GLU A 171 87.23 34.38 -53.64
C GLU A 171 87.43 35.85 -53.39
N ILE A 172 88.64 36.32 -53.62
CA ILE A 172 88.91 37.72 -53.40
C ILE A 172 89.08 38.47 -54.71
N ASP A 173 88.27 39.51 -54.89
CA ASP A 173 88.43 40.37 -56.06
C ASP A 173 89.27 41.58 -55.62
N GLU A 174 89.50 42.52 -56.50
CA GLU A 174 90.34 43.64 -56.12
C GLU A 174 89.81 44.43 -54.95
N ASN A 175 88.52 44.73 -54.92
CA ASN A 175 87.98 45.50 -53.80
C ASN A 175 87.03 44.76 -52.87
N GLN A 176 86.63 43.55 -53.24
CA GLN A 176 85.68 42.82 -52.42
C GLN A 176 85.96 41.35 -52.25
N LEU A 177 85.36 40.79 -51.20
CA LEU A 177 85.47 39.39 -50.87
C LEU A 177 84.16 38.78 -51.29
N ARG A 178 84.22 37.57 -51.83
CA ARG A 178 83.03 36.91 -52.33
C ARG A 178 82.86 35.49 -51.81
N ALA A 179 81.62 35.12 -51.55
CA ALA A 179 81.32 33.78 -51.08
C ALA A 179 80.40 33.12 -52.10
N VAL A 180 80.79 31.95 -52.59
CA VAL A 180 80.00 31.22 -53.58
C VAL A 180 79.79 29.79 -53.10
N THR A 181 78.55 29.33 -53.20
CA THR A 181 78.20 27.96 -52.84
C THR A 181 77.31 27.36 -53.90
N THR A 182 77.44 26.06 -54.09
CA THR A 182 76.58 25.34 -55.03
C THR A 182 76.54 23.85 -54.70
N ASP A 183 75.43 23.21 -55.03
CA ASP A 183 75.29 21.75 -54.90
C ASP A 183 75.00 21.05 -56.24
N GLY A 184 74.96 21.82 -57.31
CA GLY A 184 74.68 21.30 -58.62
C GLY A 184 73.32 21.76 -59.12
N HIS A 185 72.34 21.79 -58.23
CA HIS A 185 70.99 22.22 -58.61
C HIS A 185 70.70 23.69 -58.37
N ARG A 186 71.58 24.38 -57.67
CA ARG A 186 71.38 25.79 -57.36
C ARG A 186 72.70 26.40 -56.98
N LEU A 187 72.72 27.73 -56.88
CA LEU A 187 73.93 28.45 -56.57
C LEU A 187 73.59 29.70 -55.81
N ALA A 188 74.46 30.05 -54.87
CA ALA A 188 74.30 31.27 -54.10
C ALA A 188 75.61 32.02 -54.14
N LEU A 189 75.50 33.34 -54.25
CA LEU A 189 76.66 34.22 -54.34
C LEU A 189 76.37 35.48 -53.56
N CYS A 190 77.40 35.99 -52.89
CA CYS A 190 77.30 37.23 -52.13
C CYS A 190 78.66 37.94 -52.16
N GLU A 191 78.65 39.27 -52.30
CA GLU A 191 79.87 40.08 -52.37
C GLU A 191 79.88 41.16 -51.30
N ILE A 192 81.04 41.41 -50.70
CA ILE A 192 81.16 42.43 -49.67
C ILE A 192 82.50 43.10 -49.83
N LEU A 193 82.57 44.40 -49.61
CA LEU A 193 83.84 45.09 -49.76
C LEU A 193 84.82 44.61 -48.71
N ALA A 194 86.03 44.32 -49.14
CA ALA A 194 87.09 43.84 -48.27
C ALA A 194 88.46 44.23 -48.83
N SER A 195 89.30 44.85 -48.01
CA SER A 195 90.63 45.28 -48.42
C SER A 195 91.59 44.13 -48.69
N SER A 196 92.42 44.31 -49.70
CA SER A 196 93.39 43.29 -50.08
C SER A 196 94.76 43.91 -50.20
N THR A 197 95.67 43.54 -49.31
CA THR A 197 97.03 44.05 -49.40
C THR A 197 97.81 43.57 -50.62
N SER A 198 97.69 42.26 -50.85
CA SER A 198 98.38 41.57 -51.93
C SER A 198 97.95 41.80 -53.39
N SER A 199 96.66 42.10 -53.56
CA SER A 199 96.03 42.37 -54.86
C SER A 199 96.16 41.24 -55.90
N GLN A 200 96.22 40.01 -55.42
CA GLN A 200 96.33 38.86 -56.29
C GLN A 200 95.11 37.99 -56.05
N LEU A 201 94.50 37.47 -57.10
CA LEU A 201 93.32 36.65 -56.91
C LEU A 201 93.69 35.42 -56.12
N VAL A 202 92.95 35.15 -55.06
CA VAL A 202 93.18 34.00 -54.22
C VAL A 202 91.86 33.32 -53.92
N GLN A 203 91.86 32.00 -54.00
CA GLN A 203 90.65 31.23 -53.76
C GLN A 203 90.87 30.28 -52.61
N ALA A 204 89.90 30.21 -51.73
CA ALA A 204 89.97 29.33 -50.59
C ALA A 204 88.64 28.62 -50.44
N ILE A 205 88.65 27.30 -50.45
CA ILE A 205 87.41 26.58 -50.25
C ILE A 205 87.35 26.16 -48.80
N VAL A 206 86.47 26.80 -48.06
CA VAL A 206 86.28 26.53 -46.65
C VAL A 206 85.28 25.43 -46.41
N PRO A 207 85.63 24.43 -45.59
CA PRO A 207 84.77 23.30 -45.24
C PRO A 207 83.45 23.71 -44.61
N ARG A 208 82.46 22.83 -44.74
CA ARG A 208 81.14 23.13 -44.20
C ARG A 208 81.16 23.34 -42.71
N LYS A 209 81.90 22.51 -41.98
CA LYS A 209 81.93 22.65 -40.54
C LYS A 209 82.64 23.93 -40.16
N ALA A 210 83.62 24.31 -40.94
CA ALA A 210 84.34 25.53 -40.70
C ALA A 210 83.43 26.73 -40.82
N VAL A 211 82.57 26.71 -41.83
CA VAL A 211 81.63 27.80 -42.05
C VAL A 211 80.66 27.93 -40.90
N GLY A 212 80.16 26.81 -40.42
CA GLY A 212 79.23 26.83 -39.32
C GLY A 212 79.85 27.37 -38.06
N GLU A 213 81.08 26.95 -37.77
CA GLU A 213 81.78 27.44 -36.60
C GLU A 213 82.01 28.92 -36.70
N LEU A 214 82.40 29.37 -37.88
CA LEU A 214 82.67 30.77 -38.15
C LEU A 214 81.43 31.61 -37.98
N GLN A 215 80.30 31.11 -38.45
CA GLN A 215 79.06 31.87 -38.30
C GLN A 215 78.72 32.06 -36.84
N ARG A 216 78.90 31.03 -36.04
CA ARG A 216 78.60 31.14 -34.63
C ARG A 216 79.44 32.14 -33.88
N LEU A 217 80.74 32.16 -34.17
CA LEU A 217 81.68 33.04 -33.50
C LEU A 217 81.63 34.50 -33.91
N LEU A 218 81.35 34.76 -35.18
CA LEU A 218 81.31 36.13 -35.66
C LEU A 218 80.11 36.85 -35.13
N SER A 219 80.23 38.17 -35.05
CA SER A 219 79.18 39.02 -34.52
C SER A 219 78.74 40.03 -35.55
N ILE A 220 77.67 40.76 -35.24
CA ILE A 220 77.07 41.75 -36.17
C ILE A 220 77.68 43.14 -35.96
N GLU A 221 78.87 43.24 -35.38
CA GLU A 221 79.42 44.56 -35.14
C GLU A 221 80.52 44.89 -36.12
N ASP A 222 80.77 46.18 -36.31
CA ASP A 222 81.77 46.60 -37.26
C ASP A 222 83.19 46.65 -36.67
N GLU A 223 83.76 45.47 -36.46
CA GLU A 223 85.10 45.36 -35.94
C GLU A 223 85.91 44.76 -37.06
N GLN A 224 87.04 45.36 -37.39
CA GLN A 224 87.88 44.87 -38.46
C GLN A 224 88.56 43.56 -38.09
N LEU A 225 88.74 42.70 -39.08
CA LEU A 225 89.39 41.42 -38.86
C LEU A 225 90.46 41.26 -39.93
N THR A 226 91.52 40.57 -39.58
CA THR A 226 92.56 40.28 -40.54
C THR A 226 92.44 38.80 -40.76
N LEU A 227 92.27 38.42 -42.01
CA LEU A 227 92.06 37.04 -42.38
C LEU A 227 93.27 36.56 -43.12
N LEU A 228 93.86 35.46 -42.66
CA LEU A 228 95.03 34.91 -43.33
C LEU A 228 94.58 33.77 -44.22
N ILE A 229 94.90 33.86 -45.50
CA ILE A 229 94.54 32.83 -46.46
C ILE A 229 95.76 32.27 -47.16
N GLY A 230 96.02 31.00 -46.94
CA GLY A 230 97.16 30.31 -47.56
C GLY A 230 96.77 29.31 -48.54
N ARG A 231 97.73 28.50 -49.00
CA ARG A 231 97.44 27.42 -49.95
C ARG A 231 96.71 26.29 -49.26
N GLU A 232 97.02 26.00 -47.99
CA GLU A 232 96.42 24.87 -47.28
C GLU A 232 95.58 25.22 -46.05
N LEU A 233 95.65 26.45 -45.57
CA LEU A 233 94.87 26.82 -44.39
C LEU A 233 94.34 28.23 -44.46
N LEU A 234 93.34 28.49 -43.63
CA LEU A 234 92.78 29.83 -43.52
C LEU A 234 92.75 30.12 -42.03
N ASN A 235 93.33 31.25 -41.65
CA ASN A 235 93.40 31.62 -40.24
C ASN A 235 92.85 33.00 -39.96
N VAL A 236 92.22 33.15 -38.82
CA VAL A 236 91.69 34.44 -38.43
C VAL A 236 91.56 34.49 -36.93
N THR A 237 91.99 35.59 -36.34
CA THR A 237 91.89 35.76 -34.90
C THR A 237 90.71 36.66 -34.65
N ILE A 238 89.78 36.19 -33.83
CA ILE A 238 88.58 36.94 -33.55
C ILE A 238 88.51 37.28 -32.09
N ASN A 239 88.25 38.54 -31.81
CA ASN A 239 88.12 39.02 -30.46
C ASN A 239 86.62 39.09 -30.34
N THR A 240 86.06 38.34 -29.40
CA THR A 240 84.61 38.31 -29.27
C THR A 240 84.01 39.39 -28.37
N PRO A 241 82.94 40.03 -28.86
CA PRO A 241 82.19 41.09 -28.20
C PRO A 241 81.97 40.80 -26.72
N GLU A 246 80.03 40.66 -18.14
CA GLU A 246 80.28 40.48 -19.57
C GLU A 246 81.49 39.57 -19.78
N GLN A 247 81.92 38.94 -18.70
CA GLN A 247 83.05 37.98 -18.72
C GLN A 247 84.42 38.34 -19.33
N GLY A 248 85.00 39.44 -18.88
CA GLY A 248 86.31 39.86 -19.34
C GLY A 248 86.41 39.96 -20.84
N ASP A 249 87.50 39.45 -21.41
CA ASP A 249 87.66 39.46 -22.85
C ASP A 249 88.28 38.15 -23.30
N ILE A 250 87.75 37.59 -24.38
CA ILE A 250 88.24 36.33 -24.92
C ILE A 250 88.60 36.48 -26.38
N THR A 251 89.75 35.94 -26.77
CA THR A 251 90.18 35.99 -28.16
C THR A 251 90.24 34.57 -28.67
N VAL A 252 89.67 34.34 -29.84
CA VAL A 252 89.66 33.02 -30.42
C VAL A 252 90.43 32.99 -31.72
N ARG A 253 91.32 32.02 -31.85
CA ARG A 253 92.11 31.84 -33.05
C ARG A 253 91.51 30.68 -33.82
N PHE A 254 90.97 30.98 -35.00
CA PHE A 254 90.31 29.97 -35.79
C PHE A 254 91.15 29.58 -36.98
N THR A 255 91.37 28.29 -37.15
CA THR A 255 92.15 27.79 -38.26
C THR A 255 91.40 26.66 -38.91
N THR A 256 91.45 26.58 -40.22
CA THR A 256 90.76 25.52 -40.93
C THR A 256 91.57 24.98 -42.10
N LYS A 257 91.47 23.68 -42.32
CA LYS A 257 92.14 23.05 -43.44
C LYS A 257 91.28 23.32 -44.64
N LEU A 258 91.85 23.86 -45.68
CA LEU A 258 91.02 24.15 -46.85
C LEU A 258 90.83 22.91 -47.69
N ILE A 259 89.76 22.89 -48.47
CA ILE A 259 89.47 21.77 -49.35
C ILE A 259 90.38 21.98 -50.53
N ASP A 260 91.18 20.98 -50.85
CA ASP A 260 92.24 21.15 -51.87
C ASP A 260 91.59 20.60 -53.16
N GLY A 261 90.93 21.48 -53.89
CA GLY A 261 90.20 21.10 -55.09
C GLY A 261 90.07 22.37 -55.89
N LYS A 262 89.41 22.27 -57.03
CA LYS A 262 89.21 23.41 -57.92
C LYS A 262 87.73 23.68 -58.12
N PHE A 263 87.23 24.71 -57.46
CA PHE A 263 85.82 25.08 -57.57
C PHE A 263 85.47 25.41 -59.01
N PRO A 264 84.30 24.99 -59.46
CA PRO A 264 83.87 25.23 -60.83
C PRO A 264 83.71 26.70 -61.17
N ASP A 265 83.92 27.07 -62.42
CA ASP A 265 83.76 28.45 -62.83
C ASP A 265 82.29 28.81 -62.68
N TYR A 266 81.99 29.50 -61.58
CA TYR A 266 80.63 29.89 -61.24
C TYR A 266 80.01 30.90 -62.21
N ARG A 267 80.83 31.72 -62.87
CA ARG A 267 80.32 32.80 -63.75
C ARG A 267 79.62 32.22 -64.99
N ARG A 268 80.08 31.05 -65.46
CA ARG A 268 79.41 30.34 -66.56
C ARG A 268 78.01 29.87 -66.19
N VAL A 269 77.88 29.43 -64.95
CA VAL A 269 76.64 28.90 -64.39
C VAL A 269 75.54 29.94 -64.21
N ILE A 270 75.92 31.14 -63.83
CA ILE A 270 74.95 32.21 -63.67
C ILE A 270 74.56 32.64 -65.07
N PRO A 271 73.29 32.99 -65.27
CA PRO A 271 72.87 33.41 -66.60
C PRO A 271 72.54 34.89 -66.62
N ARG A 272 73.18 35.65 -67.48
CA ARG A 272 72.90 37.08 -67.59
C ARG A 272 72.00 37.39 -68.77
N GLY A 273 71.63 36.36 -69.50
CA GLY A 273 70.85 36.53 -70.72
C GLY A 273 69.35 36.57 -70.61
N GLY A 274 68.82 36.55 -69.40
CA GLY A 274 67.38 36.54 -69.29
C GLY A 274 66.66 37.73 -69.92
N ASP A 275 65.70 37.39 -70.76
CA ASP A 275 64.88 38.34 -71.46
C ASP A 275 63.58 38.54 -70.69
N LYS A 276 63.08 37.43 -70.15
CA LYS A 276 61.80 37.44 -69.41
C LYS A 276 62.02 37.82 -67.95
N HIS A 277 61.47 38.96 -67.51
CA HIS A 277 61.70 39.45 -66.15
C HIS A 277 60.41 39.69 -65.36
N VAL A 278 60.39 39.22 -64.10
CA VAL A 278 59.23 39.32 -63.22
C VAL A 278 59.60 39.85 -61.83
N LEU A 279 58.80 40.77 -61.30
CA LEU A 279 59.00 41.30 -59.95
C LEU A 279 57.75 40.95 -59.15
N ILE A 280 57.94 40.31 -57.99
CA ILE A 280 56.83 39.85 -57.16
C ILE A 280 57.08 40.34 -55.74
N GLY A 281 56.02 40.69 -55.03
CA GLY A 281 56.10 41.02 -53.60
C GLY A 281 56.66 39.81 -52.86
N HIS A 282 57.65 40.04 -52.02
CA HIS A 282 58.32 38.98 -51.28
C HIS A 282 57.36 38.14 -50.44
N ASP A 283 56.63 38.81 -49.58
CA ASP A 283 55.69 38.14 -48.67
C ASP A 283 54.60 37.38 -49.44
N VAL A 284 54.13 37.94 -50.54
CA VAL A 284 53.09 37.32 -51.32
C VAL A 284 53.65 36.05 -51.91
N PHE A 285 54.83 36.13 -52.47
CA PHE A 285 55.45 34.98 -53.10
C PHE A 285 55.73 33.85 -52.12
N LYS A 286 56.25 34.19 -50.95
CA LYS A 286 56.55 33.19 -49.95
C LYS A 286 55.30 32.49 -49.47
N GLN A 287 54.26 33.27 -49.20
CA GLN A 287 53.01 32.73 -48.72
C GLN A 287 52.33 31.86 -49.75
N SER A 288 52.30 32.32 -51.00
CA SER A 288 51.67 31.58 -52.06
C SER A 288 52.36 30.27 -52.32
N LEU A 289 53.67 30.31 -52.34
CA LEU A 289 54.47 29.13 -52.60
C LEU A 289 54.27 28.11 -51.53
N GLN A 290 54.23 28.56 -50.28
CA GLN A 290 53.99 27.68 -49.15
C GLN A 290 52.62 27.03 -49.17
N ARG A 291 51.60 27.79 -49.55
CA ARG A 291 50.26 27.26 -49.64
C ARG A 291 50.12 26.19 -50.69
N VAL A 292 50.69 26.42 -51.86
CA VAL A 292 50.56 25.45 -52.92
C VAL A 292 51.40 24.22 -52.69
N ALA A 293 52.54 24.41 -52.06
CA ALA A 293 53.46 23.32 -51.77
C ALA A 293 52.89 22.21 -50.91
N ILE A 294 51.82 22.53 -50.14
CA ILE A 294 51.21 21.54 -49.25
C ILE A 294 50.72 20.30 -50.00
N LEU A 295 50.16 20.52 -51.17
CA LEU A 295 49.61 19.46 -52.00
C LEU A 295 50.51 19.06 -53.14
N SER A 296 51.81 19.04 -52.89
CA SER A 296 52.80 18.64 -53.87
C SER A 296 53.47 17.36 -53.38
N ASN A 297 54.22 16.68 -54.25
CA ASN A 297 54.86 15.44 -53.84
C ASN A 297 55.74 15.64 -52.62
N GLU A 298 55.58 14.77 -51.62
CA GLU A 298 56.34 14.93 -50.40
C GLU A 298 57.84 14.81 -50.56
N LYS A 299 58.32 13.81 -51.28
CA LYS A 299 59.76 13.71 -51.50
C LYS A 299 60.30 14.75 -52.48
N LEU A 300 59.64 14.85 -53.63
CA LEU A 300 60.08 15.76 -54.69
C LEU A 300 59.80 17.26 -54.51
N ARG A 301 58.71 17.61 -53.85
CA ARG A 301 58.35 19.01 -53.58
C ARG A 301 58.26 19.87 -54.84
N GLY A 302 57.72 19.31 -55.91
CA GLY A 302 57.62 20.04 -57.16
C GLY A 302 56.37 20.86 -57.38
N VAL A 303 56.57 22.10 -57.81
CA VAL A 303 55.47 23.03 -58.11
C VAL A 303 55.67 23.64 -59.48
N PHE A 304 54.57 23.97 -60.14
CA PHE A 304 54.63 24.54 -61.48
C PHE A 304 54.36 26.03 -61.47
N LEU A 305 55.25 26.78 -62.10
CA LEU A 305 55.07 28.22 -62.20
C LEU A 305 54.74 28.50 -63.65
N ASN A 306 53.58 29.11 -63.87
CA ASN A 306 53.14 29.43 -65.21
C ASN A 306 53.09 30.93 -65.33
N PHE A 307 53.79 31.47 -66.33
CA PHE A 307 53.81 32.91 -66.50
C PHE A 307 52.93 33.34 -67.64
N ASN A 308 51.97 34.18 -67.29
CA ASN A 308 50.99 34.74 -68.21
C ASN A 308 50.97 36.25 -67.99
N GLN A 309 50.38 36.97 -68.92
CA GLN A 309 50.30 38.41 -68.82
C GLN A 309 49.64 38.87 -67.52
N ASP A 310 50.38 39.66 -66.75
CA ASP A 310 49.92 40.23 -65.48
C ASP A 310 49.44 39.25 -64.40
N SER A 311 49.87 37.99 -64.48
CA SER A 311 49.49 37.01 -63.48
C SER A 311 50.46 35.85 -63.32
N LEU A 312 50.62 35.35 -62.10
CA LEU A 312 51.49 34.21 -61.89
C LEU A 312 50.65 33.08 -61.31
N GLN A 313 50.72 31.92 -61.93
CA GLN A 313 49.94 30.80 -61.45
C GLN A 313 50.82 29.72 -60.87
N LEU A 314 50.54 29.35 -59.63
CA LEU A 314 51.28 28.32 -58.95
C LEU A 314 50.35 27.14 -58.87
N ARG A 315 50.85 25.98 -59.27
CA ARG A 315 50.06 24.77 -59.26
C ARG A 315 50.88 23.56 -58.83
N ALA A 316 50.32 22.74 -57.95
CA ALA A 316 50.99 21.53 -57.47
C ALA A 316 50.00 20.40 -57.27
N ASN A 317 50.47 19.17 -57.46
CA ASN A 317 49.64 18.00 -57.25
C ASN A 317 50.49 16.86 -56.74
N ASN A 318 49.84 15.79 -56.29
CA ASN A 318 50.58 14.65 -55.78
C ASN A 318 50.04 13.37 -56.35
N PRO A 319 50.50 12.24 -55.83
CA PRO A 319 50.05 10.91 -56.25
C PRO A 319 48.57 10.67 -55.98
N GLU A 320 48.04 11.20 -54.89
CA GLU A 320 46.63 11.03 -54.55
C GLU A 320 45.72 11.91 -55.39
N GLN A 321 46.33 12.59 -56.36
CA GLN A 321 45.67 13.50 -57.29
C GLN A 321 45.05 14.73 -56.67
N ASP A 322 45.54 15.09 -55.49
CA ASP A 322 45.07 16.29 -54.81
C ASP A 322 45.70 17.46 -55.56
N GLU A 323 45.02 18.58 -55.66
CA GLU A 323 45.59 19.70 -56.39
C GLU A 323 45.42 21.05 -55.72
N ALA A 324 46.47 21.86 -55.76
CA ALA A 324 46.44 23.21 -55.20
C ALA A 324 46.77 24.19 -56.31
N ILE A 325 45.94 25.22 -56.47
CA ILE A 325 46.19 26.25 -57.48
C ILE A 325 46.06 27.64 -56.86
N GLU A 326 47.04 28.51 -57.09
CA GLU A 326 46.96 29.88 -56.59
C GLU A 326 47.41 30.84 -57.68
N ASP A 327 46.79 32.01 -57.72
CA ASP A 327 47.14 33.04 -58.71
C ASP A 327 47.71 34.29 -58.06
N LEU A 328 48.85 34.75 -58.59
CA LEU A 328 49.50 35.95 -58.11
C LEU A 328 49.49 37.06 -59.13
N ALA A 329 49.10 38.26 -58.72
CA ALA A 329 49.07 39.38 -59.64
C ALA A 329 50.46 39.96 -59.69
N ILE A 330 51.06 39.90 -60.87
CA ILE A 330 52.40 40.41 -61.10
C ILE A 330 52.40 41.17 -62.41
N GLN A 331 53.36 42.08 -62.59
CA GLN A 331 53.43 42.82 -63.82
C GLN A 331 54.35 42.09 -64.79
N TYR A 332 53.76 41.27 -65.65
CA TYR A 332 54.53 40.53 -66.65
C TYR A 332 53.84 40.63 -68.00
N GLN A 333 54.52 41.19 -68.99
CA GLN A 333 53.93 41.30 -70.32
C GLN A 333 54.71 40.55 -71.38
N SER A 334 55.70 39.77 -70.95
CA SER A 334 56.53 38.97 -71.84
C SER A 334 55.84 37.67 -72.24
N ALA A 335 56.45 36.91 -73.14
CA ALA A 335 55.85 35.67 -73.61
C ALA A 335 55.62 34.69 -72.46
N PRO A 336 54.49 33.99 -72.49
CA PRO A 336 54.13 33.03 -71.44
C PRO A 336 55.11 31.88 -71.35
N LEU A 337 55.43 31.50 -70.13
CA LEU A 337 56.38 30.42 -69.89
C LEU A 337 55.90 29.51 -68.77
N GLU A 338 56.16 28.22 -68.89
CA GLU A 338 55.77 27.27 -67.87
C GLU A 338 57.01 26.56 -67.35
N MET A 339 57.21 26.56 -66.03
CA MET A 339 58.37 25.92 -65.47
C MET A 339 57.99 25.12 -64.25
N SER A 340 58.86 24.17 -63.94
CA SER A 340 58.69 23.27 -62.80
C SER A 340 59.88 23.44 -61.88
N PHE A 341 59.61 23.74 -60.61
CA PHE A 341 60.67 23.95 -59.65
C PHE A 341 60.47 23.16 -58.38
N ASN A 342 61.55 22.96 -57.65
CA ASN A 342 61.46 22.30 -56.37
C ASN A 342 61.03 23.46 -55.49
N ALA A 343 59.96 23.25 -54.72
CA ALA A 343 59.45 24.32 -53.87
C ALA A 343 60.45 24.76 -52.82
N GLN A 344 61.18 23.80 -52.26
CA GLN A 344 62.16 24.10 -51.24
C GLN A 344 63.27 25.01 -51.73
N TYR A 345 63.73 24.82 -52.97
CA TYR A 345 64.79 25.65 -53.51
C TYR A 345 64.41 27.12 -53.61
N LEU A 346 63.17 27.40 -54.00
CA LEU A 346 62.70 28.77 -54.12
C LEU A 346 62.45 29.36 -52.74
N LEU A 347 61.93 28.55 -51.84
CA LEU A 347 61.67 28.99 -50.47
C LEU A 347 62.97 29.29 -49.74
N ASP A 348 63.98 28.46 -49.99
CA ASP A 348 65.29 28.64 -49.39
C ASP A 348 65.91 29.95 -49.82
N VAL A 349 65.75 30.29 -51.09
CA VAL A 349 66.27 31.55 -51.63
C VAL A 349 65.58 32.73 -50.98
N LEU A 350 64.28 32.61 -50.76
CA LEU A 350 63.46 33.65 -50.14
C LEU A 350 63.87 33.92 -48.72
N GLY A 351 64.31 32.90 -48.00
CA GLY A 351 64.72 33.02 -46.62
C GLY A 351 65.84 34.00 -46.41
N VAL A 352 66.79 34.04 -47.33
CA VAL A 352 67.92 34.96 -47.23
C VAL A 352 67.72 36.32 -47.89
N LEU A 353 66.57 36.55 -48.51
CA LEU A 353 66.29 37.84 -49.15
C LEU A 353 65.50 38.72 -48.21
N ASP A 354 66.12 39.81 -47.75
CA ASP A 354 65.51 40.76 -46.80
C ASP A 354 64.70 41.90 -47.43
N GLY A 355 64.58 41.94 -48.74
CA GLY A 355 63.95 43.07 -49.41
C GLY A 355 62.48 42.79 -49.62
N ASP A 356 61.73 43.86 -49.92
CA ASP A 356 60.28 43.76 -50.12
C ASP A 356 59.88 43.14 -51.42
N ASP A 357 60.72 43.24 -52.44
CA ASP A 357 60.39 42.67 -53.73
C ASP A 357 61.39 41.61 -54.11
N VAL A 358 61.06 40.84 -55.13
CA VAL A 358 61.93 39.78 -55.61
C VAL A 358 61.95 39.85 -57.11
N ASN A 359 63.12 39.77 -57.72
CA ASN A 359 63.22 39.87 -59.16
C ASN A 359 63.62 38.55 -59.74
N MET A 360 62.93 38.12 -60.80
CA MET A 360 63.26 36.87 -61.43
C MET A 360 63.51 37.10 -62.90
N SER A 361 64.59 36.53 -63.42
CA SER A 361 64.93 36.67 -64.83
C SER A 361 65.12 35.28 -65.40
N MET A 362 64.46 34.98 -66.50
CA MET A 362 64.58 33.66 -67.10
C MET A 362 64.59 33.71 -68.61
N THR A 363 65.04 32.64 -69.23
CA THR A 363 65.09 32.59 -70.68
C THR A 363 64.14 31.55 -71.22
N GLU A 364 64.32 30.32 -70.80
CA GLU A 364 63.47 29.24 -71.27
C GLU A 364 63.02 28.38 -70.12
N ALA A 365 62.18 27.39 -70.41
CA ALA A 365 61.66 26.51 -69.37
C ALA A 365 62.65 25.46 -68.92
N ASN A 366 63.52 25.05 -69.83
CA ASN A 366 64.54 24.05 -69.54
C ASN A 366 65.86 24.66 -69.02
N GLN A 367 65.90 25.99 -68.79
CA GLN A 367 67.12 26.66 -68.35
C GLN A 367 66.94 27.35 -67.03
N SER A 368 68.06 27.63 -66.39
CA SER A 368 68.09 28.26 -65.07
C SER A 368 67.46 29.62 -64.93
N VAL A 369 67.18 29.97 -63.69
CA VAL A 369 66.55 31.23 -63.36
C VAL A 369 67.40 32.01 -62.36
N LEU A 370 67.54 33.30 -62.62
CA LEU A 370 68.31 34.21 -61.78
C LEU A 370 67.34 34.90 -60.86
N VAL A 371 67.60 34.82 -59.56
CA VAL A 371 66.74 35.46 -58.57
C VAL A 371 67.50 36.54 -57.83
N GLN A 372 66.91 37.72 -57.71
CA GLN A 372 67.57 38.83 -57.07
C GLN A 372 66.63 39.72 -56.28
N ASP A 373 67.22 40.50 -55.39
CA ASP A 373 66.51 41.45 -54.56
C ASP A 373 67.03 42.81 -55.00
N PRO A 374 66.18 43.65 -55.58
CA PRO A 374 66.60 44.97 -56.08
C PRO A 374 67.40 45.81 -55.08
N ALA A 375 66.88 45.89 -53.87
CA ALA A 375 67.48 46.62 -52.76
C ALA A 375 68.93 46.20 -52.46
N HIS A 376 69.23 44.91 -52.55
CA HIS A 376 70.58 44.38 -52.30
C HIS A 376 71.16 43.70 -53.54
N PRO A 377 71.89 44.45 -54.40
CA PRO A 377 72.55 43.86 -55.60
C PRO A 377 73.74 42.93 -55.32
N ASP A 378 74.29 43.00 -54.11
CA ASP A 378 75.37 42.11 -53.64
C ASP A 378 75.04 40.60 -53.64
N GLN A 379 73.77 40.24 -53.45
CA GLN A 379 73.34 38.85 -53.43
C GLN A 379 72.79 38.44 -54.79
N THR A 380 73.20 37.26 -55.27
CA THR A 380 72.70 36.70 -56.53
C THR A 380 72.47 35.19 -56.30
N TYR A 381 71.32 34.69 -56.75
CA TYR A 381 70.96 33.29 -56.60
C TYR A 381 70.49 32.72 -57.92
N VAL A 382 70.79 31.46 -58.14
CA VAL A 382 70.41 30.79 -59.36
C VAL A 382 69.75 29.48 -58.99
N VAL A 383 68.57 29.26 -59.54
CA VAL A 383 67.87 28.01 -59.29
C VAL A 383 67.62 27.36 -60.63
N MET A 384 67.97 26.09 -60.72
CA MET A 384 67.84 25.31 -61.92
C MET A 384 66.55 24.54 -61.86
N PRO A 385 65.76 24.58 -62.92
CA PRO A 385 64.44 23.97 -63.03
C PRO A 385 64.46 22.46 -63.16
N MET A 386 63.31 21.86 -62.93
CA MET A 386 63.18 20.42 -63.01
C MET A 386 62.91 19.94 -64.42
N ARG A 387 62.78 18.63 -64.56
CA ARG A 387 62.51 17.97 -65.84
C ARG A 387 63.50 18.34 -66.92
N HIS B 5 21.74 16.01 -49.57
CA HIS B 5 22.39 16.00 -50.87
C HIS B 5 23.89 16.16 -50.71
N HIS B 6 24.46 17.22 -51.25
CA HIS B 6 25.90 17.44 -51.17
C HIS B 6 26.32 18.62 -50.34
N MET B 7 27.15 18.39 -49.34
CA MET B 7 27.61 19.45 -48.45
C MET B 7 28.38 20.60 -49.07
N ARG B 8 28.02 21.81 -48.67
CA ARG B 8 28.65 23.05 -49.06
C ARG B 8 28.63 23.90 -47.82
N LEU B 9 29.69 24.62 -47.53
CA LEU B 9 29.72 25.38 -46.31
C LEU B 9 30.65 26.55 -46.45
N LYS B 10 30.29 27.69 -45.90
CA LYS B 10 31.14 28.87 -45.99
C LYS B 10 31.38 29.30 -44.56
N ILE B 11 32.62 29.26 -44.11
CA ILE B 11 32.94 29.61 -42.74
C ILE B 11 34.29 30.24 -42.62
N ALA B 12 34.52 30.95 -41.53
CA ALA B 12 35.80 31.56 -41.30
C ALA B 12 36.90 30.56 -40.99
N LYS B 13 38.12 30.91 -41.38
CA LYS B 13 39.27 30.06 -41.16
C LYS B 13 39.42 29.66 -39.71
N GLU B 14 39.34 30.64 -38.82
CA GLU B 14 39.49 30.39 -37.41
C GLU B 14 38.39 29.51 -36.85
N SER B 15 37.18 29.71 -37.32
CA SER B 15 36.07 28.90 -36.84
C SER B 15 36.23 27.42 -37.18
N LEU B 16 36.61 27.13 -38.42
CA LEU B 16 36.82 25.75 -38.83
C LEU B 16 38.01 25.07 -38.18
N LEU B 17 39.10 25.81 -38.06
CA LEU B 17 40.31 25.29 -37.46
C LEU B 17 40.16 25.02 -35.98
N ASN B 18 39.40 25.87 -35.30
CA ASN B 18 39.22 25.74 -33.87
C ASN B 18 38.50 24.45 -33.53
N VAL B 19 37.45 24.14 -34.26
CA VAL B 19 36.74 22.89 -33.99
C VAL B 19 37.62 21.71 -34.36
N LEU B 20 38.34 21.82 -35.46
CA LEU B 20 39.24 20.77 -35.91
C LEU B 20 40.36 20.50 -34.94
N SER B 21 40.94 21.55 -34.37
CA SER B 21 42.04 21.41 -33.43
C SER B 21 41.74 20.45 -32.31
N HIS B 22 40.50 20.43 -31.87
CA HIS B 22 40.07 19.55 -30.78
C HIS B 22 39.94 18.06 -31.13
N VAL B 23 39.82 17.74 -32.41
CA VAL B 23 39.57 16.37 -32.84
C VAL B 23 40.72 15.60 -33.51
N VAL B 24 41.65 16.33 -34.15
CA VAL B 24 42.73 15.77 -34.98
C VAL B 24 43.98 15.22 -34.27
N GLY B 25 43.94 15.34 -32.98
CA GLY B 25 44.94 14.72 -32.15
C GLY B 25 44.67 13.20 -32.13
N ALA B 26 43.42 12.81 -32.30
CA ALA B 26 43.02 11.40 -32.30
C ALA B 26 43.25 10.76 -33.66
N VAL B 27 43.48 11.52 -34.70
CA VAL B 27 43.68 10.90 -36.01
C VAL B 27 45.09 10.41 -36.28
N GLU B 28 45.22 9.15 -36.70
CA GLU B 28 46.52 8.57 -37.00
C GLU B 28 46.96 8.87 -38.42
N ARG B 29 48.26 9.13 -38.58
CA ARG B 29 48.80 9.46 -39.87
C ARG B 29 48.53 8.44 -40.97
N ARG B 30 48.72 7.17 -40.64
CA ARG B 30 48.34 6.08 -41.50
C ARG B 30 47.68 5.05 -40.61
N HIS B 31 46.58 4.47 -41.05
CA HIS B 31 45.85 3.54 -40.21
C HIS B 31 45.50 2.34 -41.07
N THR B 32 45.31 1.19 -40.44
CA THR B 32 44.96 -0.01 -41.19
C THR B 32 43.66 0.24 -41.94
N LEU B 33 42.72 0.93 -41.31
CA LEU B 33 41.47 1.26 -41.94
C LEU B 33 41.75 2.63 -42.53
N ASN B 34 41.65 2.74 -43.85
CA ASN B 34 41.96 3.97 -44.57
C ASN B 34 41.15 5.21 -44.25
N ILE B 35 39.85 5.03 -44.03
CA ILE B 35 38.94 6.13 -43.73
C ILE B 35 39.18 6.91 -42.44
N LEU B 36 39.78 6.28 -41.43
CA LEU B 36 40.11 6.86 -40.14
C LEU B 36 41.23 7.93 -40.15
N SER B 37 41.86 8.07 -41.32
CA SER B 37 42.91 9.07 -41.54
C SER B 37 42.23 10.39 -41.80
N ASN B 38 41.00 10.29 -42.27
CA ASN B 38 40.13 11.42 -42.49
C ASN B 38 39.28 11.76 -41.27
N VAL B 39 38.83 13.00 -41.22
CA VAL B 39 37.91 13.49 -40.22
C VAL B 39 36.52 13.39 -40.86
N LYS B 40 35.48 13.12 -40.08
CA LYS B 40 34.11 13.11 -40.56
C LYS B 40 33.49 14.47 -40.23
N ILE B 41 32.97 15.15 -41.24
CA ILE B 41 32.35 16.44 -41.07
C ILE B 41 30.88 16.37 -41.43
N GLN B 42 30.02 16.82 -40.52
CA GLN B 42 28.60 16.83 -40.75
C GLN B 42 28.09 18.21 -40.49
N THR B 43 27.28 18.74 -41.38
CA THR B 43 26.71 20.07 -41.17
C THR B 43 25.26 20.18 -41.52
N ASN B 44 24.61 21.07 -40.80
CA ASN B 44 23.23 21.44 -41.01
C ASN B 44 23.10 22.95 -40.76
N ALA B 45 21.91 23.51 -40.88
CA ALA B 45 21.79 24.94 -40.71
C ALA B 45 22.27 25.49 -39.38
N GLN B 46 22.10 24.74 -38.30
CA GLN B 46 22.48 25.24 -36.98
C GLN B 46 23.80 24.79 -36.38
N ALA B 47 24.34 23.65 -36.78
CA ALA B 47 25.59 23.19 -36.18
C ALA B 47 26.51 22.36 -37.05
N LEU B 48 27.81 22.52 -36.82
CA LEU B 48 28.85 21.81 -37.54
C LEU B 48 29.55 20.81 -36.64
N THR B 49 29.48 19.54 -36.97
CA THR B 49 30.11 18.50 -36.18
C THR B 49 31.29 17.81 -36.85
N ILE B 50 32.43 17.76 -36.18
CA ILE B 50 33.59 17.09 -36.75
C ILE B 50 34.02 15.96 -35.83
N THR B 51 34.31 14.79 -36.42
CA THR B 51 34.72 13.62 -35.68
C THR B 51 36.08 13.09 -36.15
N GLY B 52 36.92 12.73 -35.18
CA GLY B 52 38.24 12.15 -35.44
C GLY B 52 38.45 11.00 -34.50
N SER B 53 38.98 9.91 -35.02
CA SER B 53 39.19 8.73 -34.22
C SER B 53 40.17 7.74 -34.81
N ASP B 54 40.63 6.82 -33.98
CA ASP B 54 41.52 5.76 -34.44
C ASP B 54 41.02 4.40 -33.99
N LEU B 55 39.76 4.38 -33.58
CA LEU B 55 38.97 3.22 -33.10
C LEU B 55 39.25 2.81 -31.67
N GLU B 56 40.12 3.55 -30.99
CA GLU B 56 40.41 3.29 -29.60
C GLU B 56 40.04 4.50 -28.79
N VAL B 57 40.14 5.66 -29.42
CA VAL B 57 39.76 6.92 -28.81
C VAL B 57 39.01 7.67 -29.88
N GLU B 58 37.89 8.26 -29.51
CA GLU B 58 37.09 8.99 -30.46
C GLU B 58 36.73 10.34 -29.91
N LEU B 59 36.86 11.36 -30.75
CA LEU B 59 36.53 12.72 -30.36
C LEU B 59 35.52 13.29 -31.33
N VAL B 60 34.52 13.96 -30.78
CA VAL B 60 33.50 14.60 -31.58
C VAL B 60 33.36 16.02 -31.10
N ALA B 61 33.70 16.96 -31.94
CA ALA B 61 33.62 18.36 -31.57
C ALA B 61 32.56 19.04 -32.40
N SER B 62 31.71 19.83 -31.77
CA SER B 62 30.66 20.52 -32.48
C SER B 62 30.56 21.97 -32.04
N THR B 63 30.01 22.81 -32.91
CA THR B 63 29.84 24.23 -32.60
C THR B 63 28.60 24.81 -33.29
N ALA B 64 27.99 25.84 -32.70
CA ALA B 64 26.82 26.49 -33.29
C ALA B 64 27.29 27.34 -34.49
N LEU B 65 26.75 27.05 -35.67
CA LEU B 65 27.10 27.75 -36.89
C LEU B 65 26.40 29.10 -37.07
N SER B 66 26.97 29.92 -37.92
CA SER B 66 26.46 31.25 -38.25
C SER B 66 25.29 31.25 -39.19
N GLU B 67 24.61 32.38 -39.31
CA GLU B 67 23.40 32.44 -40.10
C GLU B 67 23.50 31.96 -41.55
N GLY B 68 24.49 32.41 -42.30
CA GLY B 68 24.61 31.92 -43.66
C GLY B 68 25.65 30.87 -43.95
N ALA B 69 26.23 30.32 -42.88
CA ALA B 69 27.31 29.34 -42.98
C ALA B 69 27.08 28.04 -43.74
N CYS B 70 25.96 27.39 -43.52
CA CYS B 70 25.69 26.15 -44.21
C CYS B 70 24.80 26.41 -45.40
N LEU B 71 25.34 26.27 -46.61
CA LEU B 71 24.57 26.50 -47.81
C LEU B 71 23.79 25.24 -48.05
N GLU B 72 24.48 24.12 -48.05
CA GLU B 72 23.83 22.83 -48.27
C GLU B 72 24.24 21.87 -47.18
N ALA B 73 23.27 21.28 -46.51
CA ALA B 73 23.54 20.33 -45.45
C ALA B 73 24.04 19.01 -45.98
N GLY B 74 24.86 18.33 -45.20
CA GLY B 74 25.39 17.05 -45.63
C GLY B 74 26.48 16.53 -44.76
N GLU B 75 27.06 15.39 -45.14
CA GLU B 75 28.13 14.81 -44.36
C GLU B 75 29.14 14.19 -45.29
N THR B 76 30.41 14.19 -44.88
CA THR B 76 31.49 13.62 -45.67
C THR B 76 32.73 13.44 -44.81
N THR B 77 33.75 12.82 -45.39
CA THR B 77 35.05 12.62 -44.75
C THR B 77 36.15 13.26 -45.59
N VAL B 78 37.03 14.03 -44.95
CA VAL B 78 38.13 14.74 -45.62
C VAL B 78 39.44 14.39 -44.91
N PRO B 79 40.53 14.23 -45.67
CA PRO B 79 41.86 13.94 -45.13
C PRO B 79 42.17 14.96 -44.06
N ALA B 80 42.24 14.53 -42.82
CA ALA B 80 42.41 15.45 -41.71
C ALA B 80 43.69 16.27 -41.64
N ARG B 81 44.83 15.64 -41.86
CA ARG B 81 46.08 16.39 -41.77
C ARG B 81 46.21 17.45 -42.85
N LYS B 82 45.85 17.11 -44.08
CA LYS B 82 45.96 18.07 -45.17
C LYS B 82 45.05 19.27 -44.97
N LEU B 83 43.82 19.03 -44.57
CA LEU B 83 42.86 20.09 -44.36
C LEU B 83 43.29 21.08 -43.31
N MET B 84 43.88 20.55 -42.25
CA MET B 84 44.37 21.32 -41.15
C MET B 84 45.50 22.22 -41.59
N GLU B 85 46.36 21.67 -42.44
CA GLU B 85 47.53 22.38 -42.94
C GLU B 85 47.04 23.46 -43.88
N ILE B 86 46.17 23.09 -44.80
CA ILE B 86 45.55 24.01 -45.75
C ILE B 86 44.93 25.21 -45.02
N CYS B 87 44.20 24.98 -43.95
CA CYS B 87 43.60 26.07 -43.20
C CYS B 87 44.60 26.99 -42.53
N LYS B 88 45.67 26.43 -41.96
CA LYS B 88 46.67 27.25 -41.29
C LYS B 88 47.45 28.10 -42.26
N SER B 89 47.56 27.65 -43.50
CA SER B 89 48.30 28.42 -44.51
C SER B 89 47.58 29.66 -45.01
N LEU B 90 46.26 29.71 -44.83
CA LEU B 90 45.45 30.86 -45.27
C LEU B 90 45.74 32.08 -44.40
N PRO B 91 45.53 33.30 -44.94
CA PRO B 91 45.73 34.51 -44.13
C PRO B 91 44.71 34.67 -43.03
N THR B 92 45.04 35.48 -42.02
CA THR B 92 44.13 35.77 -40.91
C THR B 92 42.81 36.33 -41.42
N ALA B 93 41.72 35.92 -40.78
CA ALA B 93 40.34 36.35 -41.12
C ALA B 93 39.84 35.91 -42.50
N ALA B 94 40.49 34.91 -43.11
CA ALA B 94 40.10 34.44 -44.43
C ALA B 94 38.77 33.70 -44.31
N LEU B 95 38.06 33.57 -45.42
CA LEU B 95 36.81 32.83 -45.47
C LEU B 95 36.94 31.67 -46.42
N ILE B 96 36.63 30.47 -45.96
CA ILE B 96 36.76 29.30 -46.80
C ILE B 96 35.43 28.85 -47.35
N ASP B 97 35.41 28.45 -48.60
CA ASP B 97 34.20 27.95 -49.21
C ASP B 97 34.49 26.49 -49.47
N LEU B 98 33.71 25.61 -48.86
CA LEU B 98 33.87 24.16 -49.02
C LEU B 98 32.77 23.56 -49.86
N GLN B 99 33.11 22.83 -50.90
CA GLN B 99 32.11 22.19 -51.70
C GLN B 99 32.32 20.71 -51.91
N ILE B 100 31.32 19.89 -51.68
CA ILE B 100 31.48 18.48 -51.99
C ILE B 100 30.73 18.01 -53.22
N THR B 101 31.45 17.44 -54.18
CA THR B 101 30.85 17.04 -55.44
C THR B 101 30.44 15.58 -55.49
N GLU B 102 29.73 15.21 -56.55
CA GLU B 102 29.26 13.82 -56.70
C GLU B 102 30.42 12.85 -56.82
N ASP B 103 31.44 13.20 -57.60
CA ASP B 103 32.66 12.41 -57.63
C ASP B 103 33.27 12.75 -56.29
N GLN B 104 33.91 11.83 -55.60
CA GLN B 104 34.33 12.17 -54.25
C GLN B 104 35.54 13.07 -54.16
N ARG B 105 35.27 14.36 -54.31
CA ARG B 105 36.25 15.40 -54.28
C ARG B 105 35.70 16.55 -53.44
N CYS B 106 36.53 17.03 -52.53
CA CYS B 106 36.22 18.19 -51.70
C CYS B 106 37.00 19.41 -52.21
N ILE B 107 36.28 20.48 -52.54
CA ILE B 107 36.89 21.68 -53.12
C ILE B 107 36.88 22.82 -52.11
N LEU B 108 38.07 23.32 -51.76
CA LEU B 108 38.24 24.43 -50.84
C LEU B 108 38.68 25.66 -51.62
N LYS B 109 37.93 26.76 -51.49
CA LYS B 109 38.30 28.03 -52.08
C LYS B 109 38.39 29.10 -51.01
N SER B 110 39.46 29.88 -51.05
CA SER B 110 39.65 31.01 -50.15
C SER B 110 40.60 31.96 -50.83
N GLY B 111 40.22 33.24 -50.90
CA GLY B 111 40.96 34.21 -51.69
C GLY B 111 41.13 33.72 -53.12
N ASN B 112 42.37 33.79 -53.59
CA ASN B 112 42.72 33.36 -54.93
C ASN B 112 43.19 31.91 -54.90
N SER B 113 43.11 31.27 -53.75
CA SER B 113 43.49 29.86 -53.61
C SER B 113 42.39 28.83 -53.82
N ARG B 114 42.74 27.75 -54.52
CA ARG B 114 41.83 26.65 -54.83
C ARG B 114 42.52 25.32 -54.53
N PHE B 115 41.95 24.56 -53.60
CA PHE B 115 42.48 23.28 -53.16
C PHE B 115 41.46 22.19 -53.45
N VAL B 116 41.90 20.99 -53.82
CA VAL B 116 41.00 19.86 -54.04
C VAL B 116 41.56 18.60 -53.40
N LEU B 117 40.75 17.98 -52.53
CA LEU B 117 41.13 16.75 -51.82
C LEU B 117 40.17 15.63 -52.17
N GLY B 118 40.62 14.40 -52.01
CA GLY B 118 39.76 13.22 -52.19
C GLY B 118 39.00 12.90 -50.91
N THR B 119 37.72 12.64 -51.03
CA THR B 119 36.86 12.29 -49.89
C THR B 119 36.47 10.81 -49.92
N LEU B 120 36.00 10.32 -48.79
CA LEU B 120 35.42 8.98 -48.71
C LEU B 120 34.02 9.06 -48.10
N PRO B 121 33.13 8.11 -48.44
CA PRO B 121 31.74 8.16 -47.96
C PRO B 121 31.60 8.17 -46.42
N ALA B 122 30.80 9.09 -45.90
CA ALA B 122 30.62 9.23 -44.44
C ALA B 122 30.00 8.09 -43.62
N GLU B 123 29.16 7.30 -44.24
CA GLU B 123 28.58 6.10 -43.62
C GLU B 123 29.55 4.88 -43.45
N ASP B 124 30.69 4.99 -44.15
CA ASP B 124 31.76 3.99 -44.06
C ASP B 124 32.62 4.35 -42.83
N TYR B 125 32.44 5.52 -42.27
CA TYR B 125 33.20 5.92 -41.10
C TYR B 125 32.69 5.21 -39.85
N PRO B 126 33.57 4.43 -39.20
CA PRO B 126 33.24 3.65 -38.02
C PRO B 126 33.20 4.44 -36.72
N LEU B 127 32.16 4.19 -35.94
CA LEU B 127 31.98 4.86 -34.63
C LEU B 127 32.09 3.82 -33.50
N LEU B 128 32.49 4.27 -32.32
CA LEU B 128 32.62 3.39 -31.17
C LEU B 128 31.26 3.10 -30.57
N THR B 129 30.66 2.01 -30.99
CA THR B 129 29.35 1.60 -30.52
C THR B 129 29.35 1.18 -29.07
N THR B 130 28.28 1.56 -28.37
CA THR B 130 28.11 1.23 -26.96
C THR B 130 27.17 0.05 -26.80
N GLU B 131 27.74 -1.16 -26.83
CA GLU B 131 26.98 -2.41 -26.70
C GLU B 131 26.67 -2.78 -25.26
N ASN B 132 27.39 -2.18 -24.32
CA ASN B 132 27.16 -2.45 -22.90
C ASN B 132 26.20 -1.42 -22.35
N SER B 133 25.95 -1.48 -21.05
CA SER B 133 25.03 -0.54 -20.41
C SER B 133 25.27 -0.47 -18.91
N GLN B 134 24.49 0.38 -18.24
CA GLN B 134 24.56 0.57 -16.78
C GLN B 134 25.91 0.99 -16.22
N GLY B 135 26.54 1.95 -16.90
CA GLY B 135 27.80 2.50 -16.46
C GLY B 135 27.78 3.37 -15.22
N THR B 136 28.91 3.48 -14.55
CA THR B 136 29.04 4.27 -13.33
C THR B 136 29.34 5.73 -13.64
N GLN B 137 28.71 6.63 -12.90
CA GLN B 137 28.95 8.06 -13.12
C GLN B 137 29.73 8.71 -11.98
N VAL B 138 30.78 9.41 -12.35
CA VAL B 138 31.62 10.09 -11.38
C VAL B 138 31.63 11.59 -11.63
N GLN B 139 31.52 12.36 -10.56
CA GLN B 139 31.52 13.80 -10.65
C GLN B 139 32.85 14.30 -10.18
N VAL B 140 33.56 15.00 -11.06
CA VAL B 140 34.87 15.51 -10.74
C VAL B 140 35.12 16.75 -11.58
N THR B 141 35.86 17.72 -11.03
CA THR B 141 36.17 18.94 -11.75
C THR B 141 37.30 18.70 -12.74
N GLN B 142 37.41 19.57 -13.74
CA GLN B 142 38.45 19.44 -14.74
C GLN B 142 39.83 19.55 -14.14
N ARG B 143 40.01 20.43 -13.17
CA ARG B 143 41.30 20.59 -12.54
C ARG B 143 41.71 19.33 -11.82
N GLU B 144 40.78 18.74 -11.11
CA GLU B 144 41.07 17.54 -10.38
C GLU B 144 41.44 16.40 -11.32
N LEU B 145 40.68 16.25 -12.38
CA LEU B 145 40.98 15.21 -13.36
C LEU B 145 42.30 15.46 -14.07
N LYS B 146 42.56 16.71 -14.43
CA LYS B 146 43.79 17.05 -15.13
C LYS B 146 44.98 16.82 -14.23
N ARG B 147 44.81 17.11 -12.96
CA ARG B 147 45.85 16.92 -11.97
C ARG B 147 46.23 15.43 -11.80
N LEU B 148 45.23 14.57 -11.79
CA LEU B 148 45.49 13.14 -11.68
C LEU B 148 46.43 12.65 -12.74
N PHE B 149 46.20 13.07 -13.97
CA PHE B 149 47.04 12.67 -15.10
C PHE B 149 48.42 13.35 -15.08
N GLU B 150 48.49 14.63 -14.75
CA GLU B 150 49.80 15.33 -14.71
C GLU B 150 50.75 14.67 -13.71
N LYS B 151 50.22 14.25 -12.57
CA LYS B 151 51.01 13.62 -11.51
C LYS B 151 51.31 12.15 -11.68
N THR B 152 50.73 11.52 -12.70
CA THR B 152 50.99 10.12 -12.96
C THR B 152 51.28 9.79 -14.41
N ALA B 153 51.28 10.72 -15.34
CA ALA B 153 51.51 10.35 -16.74
C ALA B 153 52.86 9.69 -17.01
N PHE B 154 53.90 10.16 -16.35
CA PHE B 154 55.27 9.70 -16.60
C PHE B 154 55.64 8.22 -16.40
N ALA B 155 55.10 7.56 -15.38
CA ALA B 155 55.48 6.19 -15.10
C ALA B 155 54.84 5.11 -15.96
N MET B 156 53.97 5.53 -16.86
CA MET B 156 53.29 4.65 -17.79
C MET B 156 54.31 4.15 -18.79
N ALA B 157 54.14 2.92 -19.26
CA ALA B 157 55.05 2.35 -20.25
C ALA B 157 54.74 2.86 -21.65
N VAL B 158 55.76 3.24 -22.42
CA VAL B 158 55.53 3.73 -23.78
C VAL B 158 54.97 2.71 -24.75
N GLN B 159 55.53 1.51 -24.76
CA GLN B 159 55.03 0.39 -25.57
C GLN B 159 55.56 -0.84 -24.88
N ASP B 160 54.75 -1.90 -24.77
CA ASP B 160 55.12 -3.15 -24.08
C ASP B 160 54.24 -4.34 -24.47
N VAL B 161 54.68 -5.55 -24.18
CA VAL B 161 53.91 -6.75 -24.48
C VAL B 161 52.61 -6.80 -23.69
N ARG B 162 52.69 -6.44 -22.42
CA ARG B 162 51.57 -6.42 -21.49
C ARG B 162 50.86 -5.08 -21.59
N PHE B 163 49.59 -5.12 -21.99
CA PHE B 163 48.77 -3.94 -22.19
C PHE B 163 48.32 -3.01 -21.05
N TYR B 164 48.02 -3.55 -19.89
CA TYR B 164 47.57 -2.70 -18.83
C TYR B 164 48.67 -1.77 -18.31
N LEU B 165 49.92 -2.06 -18.65
CA LEU B 165 51.06 -1.27 -18.21
C LEU B 165 51.10 0.04 -18.95
N THR B 166 50.69 -0.02 -20.19
CA THR B 166 50.60 1.13 -21.08
C THR B 166 49.45 2.11 -20.78
N GLY B 167 48.52 1.74 -19.90
CA GLY B 167 47.44 2.65 -19.55
C GLY B 167 47.46 3.16 -18.12
N THR B 168 46.50 4.03 -17.80
CA THR B 168 46.33 4.63 -16.49
C THR B 168 45.10 4.03 -15.82
N LEU B 169 45.25 3.52 -14.61
CA LEU B 169 44.11 2.97 -13.90
C LEU B 169 43.37 4.14 -13.26
N LEU B 170 42.06 4.21 -13.53
CA LEU B 170 41.18 5.21 -12.92
C LEU B 170 40.28 4.41 -11.99
N GLU B 171 40.36 4.67 -10.69
CA GLU B 171 39.58 3.92 -9.73
C GLU B 171 38.69 4.78 -8.89
N ILE B 172 37.42 4.39 -8.73
CA ILE B 172 36.51 5.15 -7.90
C ILE B 172 36.15 4.46 -6.62
N ASP B 173 36.41 5.09 -5.48
CA ASP B 173 36.09 4.46 -4.21
C ASP B 173 35.89 5.45 -3.07
N GLU B 174 34.78 5.31 -2.36
CA GLU B 174 34.47 6.12 -1.18
C GLU B 174 34.69 7.61 -1.34
N ASN B 175 34.05 8.18 -2.36
CA ASN B 175 34.14 9.61 -2.68
C ASN B 175 35.55 10.12 -2.96
N GLN B 176 36.34 9.31 -3.66
CA GLN B 176 37.67 9.72 -4.05
C GLN B 176 38.10 9.01 -5.32
N LEU B 177 38.58 9.77 -6.29
CA LEU B 177 39.03 9.20 -7.56
C LEU B 177 40.53 9.06 -7.53
N ARG B 178 41.02 7.91 -7.98
CA ARG B 178 42.44 7.64 -7.96
C ARG B 178 42.98 7.28 -9.32
N ALA B 179 44.21 7.70 -9.58
CA ALA B 179 44.88 7.39 -10.82
C ALA B 179 46.15 6.67 -10.43
N VAL B 180 46.41 5.55 -11.08
CA VAL B 180 47.58 4.74 -10.77
C VAL B 180 48.25 4.32 -12.07
N THR B 181 49.57 4.40 -12.09
CA THR B 181 50.33 4.08 -13.26
C THR B 181 51.63 3.36 -12.87
N THR B 182 52.09 2.45 -13.72
CA THR B 182 53.34 1.75 -13.47
C THR B 182 53.90 1.10 -14.73
N ASP B 183 55.21 1.06 -14.84
CA ASP B 183 55.88 0.39 -15.96
C ASP B 183 56.65 -0.83 -15.48
N GLY B 184 56.58 -1.12 -14.19
CA GLY B 184 57.26 -2.26 -13.63
C GLY B 184 58.49 -1.90 -12.85
N HIS B 185 58.98 -0.69 -13.04
CA HIS B 185 60.17 -0.24 -12.36
C HIS B 185 59.87 0.88 -11.40
N ARG B 186 58.66 1.42 -11.51
CA ARG B 186 58.22 2.50 -10.65
C ARG B 186 56.71 2.57 -10.69
N LEU B 187 56.14 3.29 -9.75
CA LEU B 187 54.69 3.42 -9.63
C LEU B 187 54.36 4.84 -9.20
N ALA B 188 53.27 5.36 -9.75
CA ALA B 188 52.79 6.67 -9.39
C ALA B 188 51.32 6.56 -9.05
N LEU B 189 50.90 7.30 -8.04
CA LEU B 189 49.54 7.29 -7.56
C LEU B 189 49.16 8.70 -7.15
N CYS B 190 47.96 9.12 -7.52
CA CYS B 190 47.42 10.42 -7.13
C CYS B 190 45.96 10.22 -6.78
N GLU B 191 45.49 10.87 -5.73
CA GLU B 191 44.10 10.73 -5.33
C GLU B 191 43.40 12.08 -5.19
N ILE B 192 42.18 12.19 -5.70
CA ILE B 192 41.47 13.46 -5.60
C ILE B 192 40.06 13.24 -5.08
N LEU B 193 39.31 14.31 -4.94
CA LEU B 193 37.95 14.22 -4.43
C LEU B 193 36.96 14.21 -5.57
N ALA B 194 36.13 13.17 -5.62
CA ALA B 194 35.12 13.01 -6.66
C ALA B 194 33.83 12.51 -6.05
N SER B 195 32.72 12.73 -6.72
CA SER B 195 31.44 12.27 -6.21
C SER B 195 30.86 11.17 -7.09
N SER B 196 30.46 10.07 -6.48
CA SER B 196 29.88 8.98 -7.25
C SER B 196 28.86 8.21 -6.44
N THR B 197 27.97 7.52 -7.15
CA THR B 197 26.91 6.72 -6.54
C THR B 197 27.31 5.38 -5.94
N SER B 198 28.18 4.65 -6.61
CA SER B 198 28.57 3.31 -6.16
C SER B 198 29.24 3.20 -4.81
N SER B 199 28.84 2.17 -4.06
CA SER B 199 29.48 1.85 -2.78
C SER B 199 30.71 1.00 -2.95
N GLN B 200 30.70 0.21 -4.00
CA GLN B 200 31.81 -0.66 -4.35
C GLN B 200 32.72 0.02 -5.33
N LEU B 201 33.97 -0.40 -5.41
CA LEU B 201 34.89 0.19 -6.37
C LEU B 201 34.74 -0.17 -7.83
N VAL B 202 34.97 0.81 -8.70
CA VAL B 202 34.94 0.58 -10.14
C VAL B 202 36.29 0.91 -10.72
N GLN B 203 36.77 0.11 -11.65
CA GLN B 203 38.07 0.34 -12.22
C GLN B 203 38.04 0.42 -13.73
N ALA B 204 38.79 1.36 -14.27
CA ALA B 204 38.88 1.52 -15.70
C ALA B 204 40.32 1.75 -16.04
N ILE B 205 40.85 0.99 -16.99
CA ILE B 205 42.22 1.18 -17.41
C ILE B 205 42.17 1.99 -18.68
N VAL B 206 42.63 3.23 -18.61
CA VAL B 206 42.57 4.13 -19.76
C VAL B 206 43.84 4.15 -20.58
N PRO B 207 43.75 3.78 -21.86
CA PRO B 207 44.89 3.74 -22.77
C PRO B 207 45.69 5.04 -22.84
N ARG B 208 46.99 4.91 -23.00
CA ARG B 208 47.91 6.04 -23.08
C ARG B 208 47.53 7.13 -24.07
N LYS B 209 47.10 6.77 -25.27
CA LYS B 209 46.71 7.81 -26.22
C LYS B 209 45.53 8.61 -25.70
N ALA B 210 44.57 7.91 -25.12
CA ALA B 210 43.38 8.54 -24.57
C ALA B 210 43.74 9.50 -23.44
N VAL B 211 44.67 9.10 -22.59
CA VAL B 211 45.09 9.93 -21.48
C VAL B 211 45.69 11.23 -21.99
N GLY B 212 46.50 11.13 -23.03
CA GLY B 212 47.12 12.31 -23.61
C GLY B 212 46.10 13.25 -24.22
N GLU B 213 45.14 12.69 -24.93
CA GLU B 213 44.09 13.48 -25.55
C GLU B 213 43.25 14.25 -24.55
N LEU B 214 42.89 13.55 -23.48
CA LEU B 214 42.10 14.11 -22.40
C LEU B 214 42.88 15.21 -21.70
N GLN B 215 44.18 15.01 -21.52
CA GLN B 215 45.02 16.00 -20.86
C GLN B 215 45.00 17.30 -21.63
N ARG B 216 45.08 17.21 -22.96
CA ARG B 216 45.05 18.38 -23.81
C ARG B 216 43.71 19.11 -23.71
N LEU B 217 42.62 18.34 -23.65
CA LEU B 217 41.28 18.90 -23.57
C LEU B 217 40.91 19.57 -22.25
N LEU B 218 41.35 19.02 -21.13
CA LEU B 218 41.02 19.55 -19.82
C LEU B 218 41.69 20.87 -19.49
N SER B 219 41.07 21.63 -18.59
CA SER B 219 41.61 22.90 -18.18
C SER B 219 41.77 22.98 -16.68
N ILE B 220 42.43 24.03 -16.24
CA ILE B 220 42.67 24.31 -14.82
C ILE B 220 41.42 24.70 -14.01
N GLU B 221 40.39 25.15 -14.70
CA GLU B 221 39.16 25.57 -14.06
C GLU B 221 38.39 24.46 -13.37
N ASP B 222 37.54 24.86 -12.43
CA ASP B 222 36.78 23.94 -11.60
C ASP B 222 35.42 23.52 -12.13
N GLU B 223 35.21 23.66 -13.43
CA GLU B 223 33.94 23.28 -14.01
C GLU B 223 33.70 21.82 -13.76
N GLN B 224 32.49 21.48 -13.32
CA GLN B 224 32.16 20.09 -13.05
C GLN B 224 32.09 19.23 -14.30
N LEU B 225 32.60 18.02 -14.20
CA LEU B 225 32.54 17.08 -15.31
C LEU B 225 31.90 15.81 -14.81
N THR B 226 31.18 15.14 -15.69
CA THR B 226 30.57 13.87 -15.34
C THR B 226 31.19 12.79 -16.20
N LEU B 227 31.78 11.80 -15.56
CA LEU B 227 32.45 10.71 -16.27
C LEU B 227 31.62 9.47 -16.20
N LEU B 228 31.31 8.88 -17.35
CA LEU B 228 30.56 7.64 -17.34
C LEU B 228 31.58 6.55 -17.60
N ILE B 229 31.76 5.68 -16.61
CA ILE B 229 32.71 4.59 -16.72
C ILE B 229 31.96 3.28 -16.81
N GLY B 230 32.07 2.62 -17.96
CA GLY B 230 31.41 1.35 -18.18
C GLY B 230 32.43 0.24 -18.23
N ARG B 231 31.97 -0.99 -18.41
CA ARG B 231 32.87 -2.12 -18.49
C ARG B 231 33.79 -2.03 -19.71
N GLU B 232 33.23 -1.59 -20.83
CA GLU B 232 33.97 -1.49 -22.08
C GLU B 232 34.38 -0.10 -22.58
N LEU B 233 33.74 0.96 -22.09
CA LEU B 233 34.05 2.30 -22.57
C LEU B 233 34.03 3.37 -21.47
N LEU B 234 34.61 4.52 -21.79
CA LEU B 234 34.63 5.65 -20.87
C LEU B 234 34.18 6.87 -21.65
N ASN B 235 33.14 7.54 -21.17
CA ASN B 235 32.57 8.70 -21.83
C ASN B 235 32.61 9.95 -20.99
N VAL B 236 32.92 11.07 -21.63
CA VAL B 236 32.94 12.37 -20.95
C VAL B 236 32.69 13.47 -21.98
N THR B 237 31.83 14.40 -21.64
CA THR B 237 31.52 15.51 -22.51
C THR B 237 32.07 16.75 -21.84
N ILE B 238 32.84 17.51 -22.60
CA ILE B 238 33.49 18.71 -22.12
C ILE B 238 33.08 19.92 -22.94
N ASN B 239 32.85 21.03 -22.25
CA ASN B 239 32.51 22.26 -22.89
C ASN B 239 33.69 23.20 -22.85
N THR B 240 34.32 23.40 -24.00
CA THR B 240 35.46 24.28 -24.06
C THR B 240 34.92 25.66 -24.36
N PRO B 241 35.37 26.66 -23.61
CA PRO B 241 34.85 28.00 -23.87
C PRO B 241 35.63 28.62 -25.00
N SER B 242 34.93 28.96 -26.07
CA SER B 242 35.59 29.57 -27.19
C SER B 242 35.28 31.05 -27.12
N ARG B 243 36.30 31.84 -26.85
CA ARG B 243 36.13 33.27 -26.77
C ARG B 243 36.85 33.90 -27.94
N ASP B 244 36.03 34.38 -28.85
CA ASP B 244 36.40 35.04 -30.09
C ASP B 244 35.24 35.93 -30.50
N LYS B 245 35.46 36.81 -31.45
CA LYS B 245 34.35 37.66 -31.84
C LYS B 245 33.33 36.77 -32.50
N GLU B 246 32.14 36.76 -31.95
CA GLU B 246 31.05 35.99 -32.50
C GLU B 246 31.36 34.52 -32.75
N GLN B 247 32.04 33.86 -31.82
CA GLN B 247 32.34 32.46 -31.99
C GLN B 247 31.61 31.65 -30.95
N GLY B 248 30.95 30.60 -31.40
CA GLY B 248 30.19 29.72 -30.55
C GLY B 248 31.09 28.85 -29.71
N ASP B 249 30.55 28.37 -28.60
CA ASP B 249 31.29 27.49 -27.73
C ASP B 249 31.44 26.15 -28.39
N ILE B 250 32.51 25.46 -28.10
CA ILE B 250 32.75 24.16 -28.69
C ILE B 250 32.56 23.09 -27.63
N THR B 251 31.74 22.10 -27.95
CA THR B 251 31.48 20.98 -27.08
C THR B 251 32.19 19.78 -27.64
N VAL B 252 32.95 19.08 -26.81
CA VAL B 252 33.67 17.93 -27.28
C VAL B 252 33.24 16.68 -26.53
N ARG B 253 32.92 15.63 -27.27
CA ARG B 253 32.54 14.37 -26.67
C ARG B 253 33.70 13.40 -26.78
N PHE B 254 34.18 12.93 -25.64
CA PHE B 254 35.31 12.03 -25.59
C PHE B 254 34.87 10.62 -25.27
N THR B 255 35.31 9.68 -26.09
CA THR B 255 34.96 8.29 -25.91
C THR B 255 36.22 7.49 -26.07
N THR B 256 36.43 6.52 -25.21
CA THR B 256 37.64 5.71 -25.31
C THR B 256 37.42 4.28 -24.85
N LYS B 257 37.91 3.31 -25.62
CA LYS B 257 37.79 1.92 -25.24
C LYS B 257 38.75 1.71 -24.07
N LEU B 258 38.27 1.04 -23.04
CA LEU B 258 39.10 0.79 -21.88
C LEU B 258 39.99 -0.40 -22.16
N ILE B 259 41.19 -0.41 -21.60
CA ILE B 259 42.08 -1.53 -21.81
C ILE B 259 41.53 -2.76 -21.12
N ASP B 260 41.41 -3.84 -21.86
CA ASP B 260 40.85 -5.07 -21.33
C ASP B 260 41.86 -5.90 -20.56
N GLY B 261 41.85 -5.71 -19.25
CA GLY B 261 42.67 -6.46 -18.32
C GLY B 261 42.27 -6.18 -16.89
N LYS B 262 43.03 -6.75 -15.98
CA LYS B 262 42.81 -6.47 -14.59
C LYS B 262 44.15 -5.93 -14.12
N PHE B 263 44.11 -4.71 -13.63
CA PHE B 263 45.28 -4.02 -13.12
C PHE B 263 45.69 -4.70 -11.82
N PRO B 264 46.98 -4.74 -11.54
CA PRO B 264 47.50 -5.38 -10.35
C PRO B 264 47.09 -4.64 -9.09
N ASP B 265 46.98 -5.34 -7.98
CA ASP B 265 46.62 -4.64 -6.76
C ASP B 265 47.78 -3.73 -6.40
N TYR B 266 47.60 -2.45 -6.64
CA TYR B 266 48.64 -1.46 -6.36
C TYR B 266 49.00 -1.31 -4.88
N ARG B 267 48.04 -1.51 -4.00
CA ARG B 267 48.28 -1.35 -2.58
C ARG B 267 49.35 -2.29 -2.05
N ARG B 268 49.40 -3.50 -2.59
CA ARG B 268 50.39 -4.47 -2.16
C ARG B 268 51.79 -4.07 -2.58
N VAL B 269 51.88 -3.29 -3.65
CA VAL B 269 53.16 -2.85 -4.18
C VAL B 269 53.75 -1.70 -3.41
N ILE B 270 52.89 -0.89 -2.83
CA ILE B 270 53.32 0.26 -2.05
C ILE B 270 53.88 -0.12 -0.70
N PRO B 271 55.12 0.29 -0.41
CA PRO B 271 55.76 -0.03 0.86
C PRO B 271 55.29 0.84 2.01
N ARG B 272 54.73 0.21 3.03
CA ARG B 272 54.31 0.88 4.24
C ARG B 272 55.17 0.49 5.45
N GLY B 273 56.27 -0.24 5.18
CA GLY B 273 57.11 -0.70 6.27
C GLY B 273 57.75 0.49 6.95
N GLY B 274 58.27 1.43 6.19
CA GLY B 274 58.79 2.66 6.79
C GLY B 274 59.77 2.51 7.94
N ASP B 275 60.86 1.77 7.83
CA ASP B 275 61.79 1.71 8.95
C ASP B 275 62.61 2.98 9.16
N LYS B 276 63.13 3.46 8.04
CA LYS B 276 63.93 4.68 7.97
C LYS B 276 63.28 5.78 7.15
N HIS B 277 63.29 6.99 7.67
CA HIS B 277 62.69 8.12 6.97
C HIS B 277 63.68 9.25 6.80
N VAL B 278 63.68 9.86 5.62
CA VAL B 278 64.57 10.95 5.30
C VAL B 278 63.73 12.09 4.78
N LEU B 279 64.19 13.32 4.97
CA LEU B 279 63.53 14.49 4.43
C LEU B 279 64.63 15.30 3.79
N ILE B 280 64.48 15.70 2.53
CA ILE B 280 65.51 16.47 1.85
C ILE B 280 64.93 17.67 1.12
N GLY B 281 65.66 18.78 1.11
CA GLY B 281 65.25 19.96 0.37
C GLY B 281 65.13 19.58 -1.10
N HIS B 282 64.03 19.96 -1.74
CA HIS B 282 63.81 19.57 -3.13
C HIS B 282 64.85 20.12 -4.09
N ASP B 283 65.22 21.39 -3.93
CA ASP B 283 66.22 21.98 -4.82
C ASP B 283 67.60 21.34 -4.69
N VAL B 284 68.03 21.10 -3.45
CA VAL B 284 69.34 20.51 -3.23
C VAL B 284 69.43 19.09 -3.78
N PHE B 285 68.37 18.32 -3.56
CA PHE B 285 68.32 16.95 -4.03
C PHE B 285 68.31 16.89 -5.55
N LYS B 286 67.53 17.77 -6.18
CA LYS B 286 67.45 17.83 -7.63
C LYS B 286 68.77 18.22 -8.25
N GLN B 287 69.38 19.27 -7.72
CA GLN B 287 70.65 19.75 -8.25
C GLN B 287 71.80 18.78 -8.08
N SER B 288 71.89 18.19 -6.90
CA SER B 288 72.95 17.23 -6.60
C SER B 288 72.94 15.98 -7.45
N LEU B 289 71.75 15.43 -7.69
CA LEU B 289 71.62 14.24 -8.51
C LEU B 289 71.98 14.49 -9.96
N GLN B 290 71.68 15.68 -10.43
CA GLN B 290 72.01 16.04 -11.80
C GLN B 290 73.52 16.05 -11.93
N ARG B 291 74.19 16.63 -10.94
CA ARG B 291 75.64 16.71 -10.96
C ARG B 291 76.31 15.35 -10.93
N VAL B 292 75.90 14.53 -9.97
CA VAL B 292 76.48 13.21 -9.76
C VAL B 292 76.25 12.30 -10.96
N ALA B 293 75.07 12.42 -11.54
CA ALA B 293 74.68 11.60 -12.68
C ALA B 293 75.58 11.81 -13.88
N ILE B 294 76.02 13.03 -14.10
CA ILE B 294 76.85 13.31 -15.28
C ILE B 294 77.90 12.21 -15.53
N LEU B 295 78.46 11.68 -14.47
CA LEU B 295 79.45 10.61 -14.60
C LEU B 295 78.90 9.22 -14.30
N SER B 296 77.60 9.01 -14.46
CA SER B 296 77.08 7.68 -14.28
C SER B 296 77.06 6.99 -15.64
N ASN B 297 76.60 5.76 -15.68
CA ASN B 297 76.54 5.03 -16.93
C ASN B 297 75.56 5.77 -17.82
N GLU B 298 75.88 5.92 -19.10
CA GLU B 298 75.03 6.70 -20.00
C GLU B 298 73.62 6.22 -20.24
N LYS B 299 73.43 4.93 -20.43
CA LYS B 299 72.09 4.42 -20.64
C LYS B 299 71.45 4.02 -19.33
N LEU B 300 72.22 3.32 -18.52
CA LEU B 300 71.73 2.84 -17.23
C LEU B 300 71.38 3.94 -16.24
N ARG B 301 72.19 4.98 -16.20
CA ARG B 301 72.01 6.13 -15.30
C ARG B 301 71.88 5.77 -13.83
N GLY B 302 72.71 4.85 -13.35
CA GLY B 302 72.62 4.44 -11.97
C GLY B 302 73.56 5.11 -11.01
N VAL B 303 73.01 5.62 -9.91
CA VAL B 303 73.79 6.29 -8.89
C VAL B 303 73.60 5.63 -7.54
N PHE B 304 74.54 5.86 -6.64
CA PHE B 304 74.48 5.27 -5.31
C PHE B 304 74.18 6.31 -4.26
N LEU B 305 73.17 6.03 -3.44
CA LEU B 305 72.82 6.93 -2.37
C LEU B 305 73.24 6.25 -1.08
N ASN B 306 74.10 6.90 -0.34
CA ASN B 306 74.55 6.35 0.93
C ASN B 306 73.97 7.22 2.01
N PHE B 307 73.19 6.61 2.89
CA PHE B 307 72.56 7.35 3.95
C PHE B 307 73.28 7.15 5.27
N ASN B 308 73.68 8.28 5.81
CA ASN B 308 74.34 8.38 7.09
C ASN B 308 73.60 9.48 7.86
N GLN B 309 73.87 9.62 9.14
CA GLN B 309 73.10 10.58 9.90
C GLN B 309 73.37 12.03 9.49
N ASP B 310 72.27 12.68 9.08
CA ASP B 310 72.22 14.07 8.64
C ASP B 310 73.15 14.40 7.47
N SER B 311 73.35 13.44 6.58
CA SER B 311 74.24 13.62 5.46
C SER B 311 74.00 12.55 4.42
N LEU B 312 73.77 12.99 3.20
CA LEU B 312 73.54 12.07 2.09
C LEU B 312 74.66 12.21 1.11
N GLN B 313 75.25 11.09 0.74
CA GLN B 313 76.34 11.10 -0.22
C GLN B 313 75.91 10.43 -1.51
N LEU B 314 76.06 11.14 -2.62
CA LEU B 314 75.70 10.62 -3.92
C LEU B 314 76.98 10.24 -4.63
N ARG B 315 77.05 9.01 -5.10
CA ARG B 315 78.22 8.54 -5.81
C ARG B 315 77.86 7.87 -7.14
N ALA B 316 78.53 8.27 -8.21
CA ALA B 316 78.30 7.65 -9.52
C ALA B 316 79.61 7.42 -10.24
N ASN B 317 79.68 6.37 -11.05
CA ASN B 317 80.85 6.16 -11.93
C ASN B 317 80.42 5.42 -13.20
N ASN B 318 81.26 5.52 -14.22
CA ASN B 318 81.03 4.93 -15.51
C ASN B 318 82.14 3.99 -15.88
N PRO B 319 82.03 3.40 -17.07
CA PRO B 319 82.92 2.43 -17.71
C PRO B 319 84.28 3.05 -18.02
N GLU B 320 84.37 4.37 -18.09
CA GLU B 320 85.63 5.07 -18.34
C GLU B 320 86.42 5.41 -17.07
N GLN B 321 85.86 4.97 -15.95
CA GLN B 321 86.38 5.12 -14.60
C GLN B 321 86.38 6.56 -14.12
N ASP B 322 85.42 7.34 -14.60
CA ASP B 322 85.23 8.70 -14.15
C ASP B 322 84.33 8.59 -12.91
N GLU B 323 84.48 9.46 -11.93
CA GLU B 323 83.72 9.35 -10.69
C GLU B 323 83.23 10.71 -10.23
N ALA B 324 82.00 10.75 -9.71
CA ALA B 324 81.42 11.97 -9.14
C ALA B 324 80.95 11.65 -7.73
N ILE B 325 81.29 12.51 -6.78
CA ILE B 325 80.89 12.34 -5.39
C ILE B 325 80.46 13.68 -4.78
N GLU B 326 79.27 13.72 -4.20
CA GLU B 326 78.78 14.94 -3.57
C GLU B 326 78.10 14.61 -2.26
N ASP B 327 78.16 15.55 -1.32
CA ASP B 327 77.57 15.38 0.00
C ASP B 327 76.41 16.35 0.15
N LEU B 328 75.30 15.85 0.68
CA LEU B 328 74.11 16.65 0.88
C LEU B 328 73.67 16.60 2.33
N ALA B 329 72.98 17.65 2.76
CA ALA B 329 72.48 17.71 4.12
C ALA B 329 71.04 17.22 4.08
N ILE B 330 70.75 16.21 4.90
CA ILE B 330 69.42 15.63 4.95
C ILE B 330 69.00 15.45 6.40
N GLN B 331 67.69 15.42 6.62
CA GLN B 331 67.15 15.21 7.94
C GLN B 331 67.02 13.71 8.21
N TYR B 332 68.11 13.05 8.54
CA TYR B 332 68.09 11.61 8.78
C TYR B 332 68.87 11.22 10.02
N GLN B 333 68.24 10.56 10.99
CA GLN B 333 68.97 10.12 12.17
C GLN B 333 68.94 8.61 12.39
N SER B 334 68.37 7.87 11.46
CA SER B 334 68.28 6.41 11.56
C SER B 334 69.55 5.70 11.10
N ALA B 335 69.54 4.37 11.11
CA ALA B 335 70.68 3.56 10.70
C ALA B 335 71.19 3.77 9.27
N PRO B 336 72.44 3.36 9.01
CA PRO B 336 73.06 3.55 7.70
C PRO B 336 72.48 2.68 6.60
N LEU B 337 72.36 3.22 5.38
CA LEU B 337 71.87 2.41 4.29
C LEU B 337 72.42 2.93 2.98
N GLU B 338 72.88 2.04 2.11
CA GLU B 338 73.35 2.46 0.81
C GLU B 338 72.54 1.78 -0.25
N MET B 339 71.96 2.56 -1.16
CA MET B 339 71.14 2.00 -2.21
C MET B 339 71.55 2.55 -3.55
N SER B 340 71.14 1.90 -4.62
CA SER B 340 71.44 2.41 -5.95
C SER B 340 70.13 2.54 -6.72
N PHE B 341 69.93 3.68 -7.36
CA PHE B 341 68.71 3.92 -8.08
C PHE B 341 68.96 4.38 -9.48
N ASN B 342 68.01 4.17 -10.36
CA ASN B 342 68.13 4.69 -11.69
C ASN B 342 67.89 6.13 -11.40
N ALA B 343 68.87 6.97 -11.69
CA ALA B 343 68.79 8.38 -11.40
C ALA B 343 67.53 8.97 -11.98
N GLN B 344 67.35 8.82 -13.28
CA GLN B 344 66.23 9.39 -14.03
C GLN B 344 64.88 9.14 -13.36
N TYR B 345 64.69 7.97 -12.77
CA TYR B 345 63.45 7.67 -12.03
C TYR B 345 63.24 8.58 -10.83
N LEU B 346 64.30 8.87 -10.10
CA LEU B 346 64.24 9.83 -9.00
C LEU B 346 63.96 11.24 -9.54
N LEU B 347 64.66 11.62 -10.59
CA LEU B 347 64.49 12.91 -11.21
C LEU B 347 63.09 13.05 -11.75
N ASP B 348 62.53 11.96 -12.26
CA ASP B 348 61.18 11.97 -12.80
C ASP B 348 60.13 12.28 -11.75
N VAL B 349 60.25 11.67 -10.58
CA VAL B 349 59.32 11.91 -9.47
C VAL B 349 59.45 13.34 -8.93
N LEU B 350 60.67 13.85 -8.92
CA LEU B 350 60.96 15.20 -8.47
C LEU B 350 60.27 16.24 -9.33
N GLY B 351 60.16 15.99 -10.64
CA GLY B 351 59.48 16.87 -11.56
C GLY B 351 58.02 17.03 -11.20
N VAL B 352 57.41 15.92 -10.80
CA VAL B 352 56.05 15.83 -10.31
C VAL B 352 55.77 16.56 -8.98
N LEU B 353 56.72 16.57 -8.05
CA LEU B 353 56.52 17.22 -6.74
C LEU B 353 56.70 18.73 -6.69
N ASP B 354 55.66 19.45 -6.25
CA ASP B 354 55.66 20.92 -6.12
C ASP B 354 56.07 21.46 -4.75
N GLY B 355 56.41 20.59 -3.78
CA GLY B 355 56.64 21.03 -2.43
C GLY B 355 58.09 21.31 -2.22
N ASP B 356 58.41 22.04 -1.14
CA ASP B 356 59.79 22.41 -0.84
C ASP B 356 60.65 21.26 -0.32
N ASP B 357 60.04 20.30 0.34
CA ASP B 357 60.80 19.18 0.89
C ASP B 357 60.37 17.87 0.27
N VAL B 358 61.21 16.86 0.41
CA VAL B 358 60.91 15.54 -0.14
C VAL B 358 61.16 14.51 0.94
N ASN B 359 60.27 13.55 1.09
CA ASN B 359 60.43 12.54 2.11
C ASN B 359 60.48 11.15 1.52
N MET B 360 61.40 10.33 2.01
CA MET B 360 61.55 8.96 1.54
C MET B 360 61.47 7.98 2.70
N SER B 361 60.76 6.88 2.51
CA SER B 361 60.66 5.86 3.53
C SER B 361 61.30 4.60 3.00
N MET B 362 62.28 4.08 3.74
CA MET B 362 63.02 2.90 3.30
C MET B 362 63.16 1.85 4.37
N THR B 363 63.33 0.61 3.94
CA THR B 363 63.51 -0.50 4.85
C THR B 363 64.86 -1.17 4.64
N GLU B 364 65.08 -1.70 3.46
CA GLU B 364 66.32 -2.39 3.13
C GLU B 364 66.79 -2.03 1.72
N ALA B 365 68.07 -2.23 1.44
CA ALA B 365 68.61 -1.86 0.15
C ALA B 365 67.95 -2.60 -1.00
N ASN B 366 67.69 -3.88 -0.82
CA ASN B 366 67.03 -4.66 -1.86
C ASN B 366 65.59 -4.19 -2.11
N GLN B 367 64.93 -3.78 -1.05
CA GLN B 367 63.54 -3.33 -1.10
C GLN B 367 63.30 -1.98 -1.78
N SER B 368 62.04 -1.76 -2.13
CA SER B 368 61.57 -0.54 -2.78
C SER B 368 61.56 0.67 -1.86
N VAL B 369 61.49 1.84 -2.45
CA VAL B 369 61.46 3.09 -1.72
C VAL B 369 60.17 3.86 -1.99
N LEU B 370 59.64 4.49 -0.97
CA LEU B 370 58.42 5.27 -1.09
C LEU B 370 58.76 6.74 -1.02
N VAL B 371 58.32 7.52 -2.00
CA VAL B 371 58.64 8.94 -2.06
C VAL B 371 57.38 9.80 -2.03
N GLN B 372 57.45 10.93 -1.35
CA GLN B 372 56.30 11.79 -1.22
C GLN B 372 56.67 13.23 -0.92
N ASP B 373 55.62 14.04 -0.86
CA ASP B 373 55.69 15.45 -0.50
C ASP B 373 54.84 15.60 0.78
N PRO B 374 55.41 16.15 1.85
CA PRO B 374 54.64 16.35 3.08
C PRO B 374 53.42 17.24 2.87
N ALA B 375 53.62 18.33 2.13
CA ALA B 375 52.57 19.29 1.82
C ALA B 375 51.38 18.68 1.06
N HIS B 376 51.63 17.76 0.14
CA HIS B 376 50.57 17.10 -0.64
C HIS B 376 50.57 15.57 -0.39
N PRO B 377 49.78 15.10 0.60
CA PRO B 377 49.63 13.65 0.86
C PRO B 377 48.89 12.84 -0.20
N ASP B 378 48.13 13.52 -1.06
CA ASP B 378 47.45 12.91 -2.23
C ASP B 378 48.34 12.18 -3.25
N GLN B 379 49.59 12.62 -3.40
CA GLN B 379 50.53 11.97 -4.32
C GLN B 379 51.43 10.99 -3.58
N THR B 380 51.60 9.81 -4.16
CA THR B 380 52.51 8.77 -3.62
C THR B 380 53.26 8.15 -4.80
N TYR B 381 54.57 8.00 -4.65
CA TYR B 381 55.43 7.42 -5.68
C TYR B 381 56.29 6.34 -5.08
N VAL B 382 56.57 5.31 -5.88
CA VAL B 382 57.40 4.19 -5.47
C VAL B 382 58.46 4.00 -6.56
N VAL B 383 59.69 3.77 -6.13
CA VAL B 383 60.79 3.47 -7.04
C VAL B 383 61.48 2.21 -6.54
N MET B 384 61.62 1.22 -7.41
CA MET B 384 62.29 -0.02 -7.05
C MET B 384 63.79 0.16 -7.21
N PRO B 385 64.57 -0.79 -6.69
CA PRO B 385 66.02 -0.67 -6.80
C PRO B 385 66.53 -1.31 -8.07
N MET B 386 67.84 -1.38 -8.22
CA MET B 386 68.43 -2.00 -9.39
C MET B 386 68.78 -3.46 -9.14
N HIS C 4 -8.05 -21.52 -88.52
CA HIS C 4 -8.86 -21.20 -87.36
C HIS C 4 -8.43 -19.87 -86.76
N HIS C 5 -9.36 -19.19 -86.10
CA HIS C 5 -9.08 -17.90 -85.48
C HIS C 5 -8.68 -18.07 -84.03
N HIS C 6 -7.45 -17.68 -83.69
CA HIS C 6 -6.97 -17.79 -82.34
C HIS C 6 -6.84 -16.41 -81.74
N MET C 7 -7.57 -16.18 -80.67
CA MET C 7 -7.58 -14.88 -80.05
C MET C 7 -6.23 -14.48 -79.53
N ARG C 8 -5.92 -13.21 -79.72
CA ARG C 8 -4.68 -12.64 -79.21
C ARG C 8 -4.99 -11.21 -78.90
N LEU C 9 -4.77 -10.84 -77.66
CA LEU C 9 -5.09 -9.52 -77.22
C LEU C 9 -4.08 -8.77 -76.38
N LYS C 10 -4.03 -7.45 -76.51
CA LYS C 10 -3.11 -6.64 -75.74
C LYS C 10 -3.97 -5.62 -75.02
N ILE C 11 -3.93 -5.56 -73.70
CA ILE C 11 -4.82 -4.64 -73.01
C ILE C 11 -4.27 -4.23 -71.65
N ALA C 12 -4.58 -3.02 -71.20
CA ALA C 12 -4.10 -2.57 -69.90
C ALA C 12 -4.66 -3.41 -68.77
N LYS C 13 -3.89 -3.54 -67.70
CA LYS C 13 -4.33 -4.32 -66.56
C LYS C 13 -5.65 -3.82 -66.01
N GLU C 14 -5.77 -2.52 -65.85
CA GLU C 14 -6.96 -1.90 -65.30
C GLU C 14 -8.20 -2.08 -66.15
N SER C 15 -8.06 -1.98 -67.45
CA SER C 15 -9.21 -2.14 -68.33
C SER C 15 -9.78 -3.54 -68.26
N LEU C 16 -8.92 -4.55 -68.31
CA LEU C 16 -9.34 -5.93 -68.24
C LEU C 16 -9.96 -6.23 -66.89
N LEU C 17 -9.34 -5.69 -65.85
CA LEU C 17 -9.81 -5.87 -64.49
C LEU C 17 -11.17 -5.23 -64.29
N ASN C 18 -11.37 -4.10 -64.93
CA ASN C 18 -12.61 -3.37 -64.83
C ASN C 18 -13.74 -4.15 -65.42
N VAL C 19 -13.55 -4.65 -66.64
CA VAL C 19 -14.58 -5.41 -67.31
C VAL C 19 -14.90 -6.67 -66.54
N LEU C 20 -13.87 -7.34 -66.10
CA LEU C 20 -14.07 -8.57 -65.37
C LEU C 20 -14.82 -8.40 -64.05
N SER C 21 -14.62 -7.30 -63.36
CA SER C 21 -15.26 -7.08 -62.08
C SER C 21 -16.77 -7.15 -62.12
N HIS C 22 -17.39 -6.58 -63.13
CA HIS C 22 -18.84 -6.64 -63.22
C HIS C 22 -19.34 -8.06 -63.40
N VAL C 23 -18.62 -8.81 -64.22
CA VAL C 23 -18.97 -10.18 -64.57
C VAL C 23 -18.62 -11.34 -63.62
N VAL C 24 -17.55 -11.22 -62.86
CA VAL C 24 -17.11 -12.33 -62.00
C VAL C 24 -17.97 -12.75 -60.80
N GLY C 25 -18.75 -11.83 -60.24
CA GLY C 25 -19.66 -12.12 -59.14
C GLY C 25 -20.64 -13.25 -59.44
N ALA C 26 -20.95 -13.47 -60.72
CA ALA C 26 -21.84 -14.55 -61.13
C ALA C 26 -21.19 -15.92 -61.26
N VAL C 27 -19.86 -15.99 -61.27
CA VAL C 27 -19.16 -17.25 -61.51
C VAL C 27 -19.01 -17.98 -60.18
N GLU C 28 -19.30 -19.27 -60.16
CA GLU C 28 -19.16 -20.08 -58.96
C GLU C 28 -17.83 -20.80 -58.95
N ARG C 29 -17.27 -21.01 -57.77
CA ARG C 29 -15.99 -21.68 -57.68
C ARG C 29 -16.08 -23.09 -58.21
N ARG C 30 -17.15 -23.78 -57.86
CA ARG C 30 -17.37 -25.12 -58.34
C ARG C 30 -18.74 -25.17 -58.98
N HIS C 31 -18.84 -25.82 -60.13
CA HIS C 31 -20.13 -25.94 -60.80
C HIS C 31 -20.27 -27.35 -61.36
N THR C 32 -21.52 -27.75 -61.61
CA THR C 32 -21.81 -29.05 -62.20
C THR C 32 -21.20 -29.12 -63.60
N LEU C 33 -21.34 -28.03 -64.34
CA LEU C 33 -20.73 -27.94 -65.66
C LEU C 33 -19.42 -27.22 -65.34
N ASN C 34 -18.32 -27.90 -65.59
CA ASN C 34 -17.01 -27.35 -65.29
C ASN C 34 -16.61 -26.12 -66.09
N ILE C 35 -17.29 -25.88 -67.21
CA ILE C 35 -16.96 -24.72 -68.03
C ILE C 35 -17.46 -23.41 -67.45
N LEU C 36 -18.50 -23.46 -66.63
CA LEU C 36 -19.05 -22.25 -66.04
C LEU C 36 -18.15 -21.59 -64.98
N SER C 37 -17.09 -22.28 -64.58
CA SER C 37 -16.14 -21.76 -63.62
C SER C 37 -15.10 -20.93 -64.38
N ASN C 38 -15.35 -20.77 -65.66
CA ASN C 38 -14.53 -19.96 -66.54
C ASN C 38 -15.36 -18.78 -66.99
N VAL C 39 -14.69 -17.79 -67.52
CA VAL C 39 -15.37 -16.62 -68.01
C VAL C 39 -15.16 -16.71 -69.51
N LYS C 40 -16.20 -16.47 -70.29
CA LYS C 40 -16.08 -16.52 -71.74
C LYS C 40 -15.63 -15.18 -72.27
N ILE C 41 -14.56 -15.19 -73.06
CA ILE C 41 -14.03 -13.96 -73.61
C ILE C 41 -14.08 -13.96 -75.12
N GLN C 42 -14.64 -12.90 -75.67
CA GLN C 42 -14.77 -12.72 -77.11
C GLN C 42 -14.17 -11.39 -77.46
N THR C 43 -13.46 -11.34 -78.58
CA THR C 43 -12.86 -10.08 -79.01
C THR C 43 -12.65 -9.92 -80.51
N ASN C 44 -13.06 -8.77 -81.03
CA ASN C 44 -12.83 -8.41 -82.41
C ASN C 44 -12.18 -7.03 -82.40
N ALA C 45 -11.93 -6.46 -83.58
CA ALA C 45 -11.22 -5.18 -83.69
C ALA C 45 -11.81 -4.04 -82.86
N GLN C 46 -13.15 -3.99 -82.72
CA GLN C 46 -13.82 -2.87 -82.05
C GLN C 46 -14.14 -3.09 -80.56
N ALA C 47 -14.46 -4.33 -80.16
CA ALA C 47 -14.95 -4.57 -78.79
C ALA C 47 -14.50 -5.85 -78.10
N LEU C 48 -14.48 -5.79 -76.78
CA LEU C 48 -14.15 -6.89 -75.89
C LEU C 48 -15.44 -7.25 -75.18
N THR C 49 -15.76 -8.53 -75.09
CA THR C 49 -17.01 -8.99 -74.46
C THR C 49 -16.73 -10.19 -73.56
N ILE C 50 -16.97 -10.01 -72.27
CA ILE C 50 -16.73 -11.07 -71.29
C ILE C 50 -18.03 -11.50 -70.63
N THR C 51 -18.22 -12.81 -70.51
CA THR C 51 -19.42 -13.36 -69.91
C THR C 51 -19.14 -14.25 -68.72
N GLY C 52 -19.95 -14.13 -67.68
CA GLY C 52 -19.82 -14.93 -66.50
C GLY C 52 -21.19 -15.37 -66.08
N SER C 53 -21.35 -16.66 -65.80
CA SER C 53 -22.66 -17.19 -65.45
C SER C 53 -22.60 -18.51 -64.70
N ASP C 54 -23.56 -18.73 -63.83
CA ASP C 54 -23.69 -20.00 -63.11
C ASP C 54 -24.90 -20.78 -63.59
N LEU C 55 -25.48 -20.31 -64.70
CA LEU C 55 -26.67 -20.80 -65.43
C LEU C 55 -28.00 -20.39 -64.80
N GLU C 56 -27.92 -19.59 -63.74
CA GLU C 56 -29.08 -19.05 -63.06
C GLU C 56 -29.07 -17.54 -63.20
N VAL C 57 -27.87 -16.98 -63.35
CA VAL C 57 -27.64 -15.56 -63.54
C VAL C 57 -26.57 -15.47 -64.59
N GLU C 58 -26.69 -14.51 -65.51
CA GLU C 58 -25.71 -14.40 -66.60
C GLU C 58 -25.35 -12.96 -66.92
N LEU C 59 -24.09 -12.60 -66.70
CA LEU C 59 -23.62 -11.25 -66.93
C LEU C 59 -22.70 -11.16 -68.13
N VAL C 60 -23.01 -10.24 -69.04
CA VAL C 60 -22.18 -10.03 -70.23
C VAL C 60 -21.74 -8.58 -70.26
N ALA C 61 -20.45 -8.36 -70.02
CA ALA C 61 -19.93 -7.02 -70.01
C ALA C 61 -19.14 -6.73 -71.27
N SER C 62 -19.41 -5.58 -71.88
CA SER C 62 -18.71 -5.18 -73.08
C SER C 62 -18.10 -3.79 -72.97
N THR C 63 -16.98 -3.58 -73.64
CA THR C 63 -16.33 -2.29 -73.65
C THR C 63 -15.73 -2.09 -75.02
N ALA C 64 -15.53 -0.84 -75.42
CA ALA C 64 -14.97 -0.58 -76.73
C ALA C 64 -13.46 -0.64 -76.64
N LEU C 65 -12.85 -1.52 -77.41
CA LEU C 65 -11.41 -1.67 -77.43
C LEU C 65 -10.69 -0.55 -78.17
N SER C 66 -9.50 -0.22 -77.70
CA SER C 66 -8.66 0.79 -78.31
C SER C 66 -8.10 0.23 -79.61
N GLU C 67 -7.76 1.10 -80.56
CA GLU C 67 -7.25 0.58 -81.81
C GLU C 67 -5.94 -0.17 -81.61
N GLY C 68 -5.88 -1.37 -82.19
CA GLY C 68 -4.73 -2.22 -82.09
C GLY C 68 -4.68 -3.08 -80.84
N ALA C 69 -5.67 -2.96 -79.98
CA ALA C 69 -5.71 -3.77 -78.77
C ALA C 69 -5.84 -5.24 -79.13
N CYS C 70 -6.74 -5.54 -80.05
CA CYS C 70 -6.99 -6.91 -80.47
C CYS C 70 -6.24 -7.28 -81.74
N LEU C 71 -5.07 -7.87 -81.58
CA LEU C 71 -4.27 -8.29 -82.73
C LEU C 71 -4.94 -9.37 -83.56
N GLU C 72 -5.51 -10.36 -82.91
CA GLU C 72 -6.20 -11.43 -83.62
C GLU C 72 -7.55 -11.68 -82.96
N ALA C 73 -8.61 -11.68 -83.75
CA ALA C 73 -9.95 -11.92 -83.23
C ALA C 73 -10.15 -13.38 -82.86
N GLY C 74 -10.95 -13.63 -81.84
CA GLY C 74 -11.22 -14.99 -81.42
C GLY C 74 -12.11 -15.07 -80.20
N GLU C 75 -12.37 -16.27 -79.74
CA GLU C 75 -13.20 -16.48 -78.57
C GLU C 75 -12.64 -17.67 -77.79
N THR C 76 -12.71 -17.59 -76.48
CA THR C 76 -12.24 -18.66 -75.60
C THR C 76 -12.80 -18.50 -74.19
N THR C 77 -12.48 -19.45 -73.32
CA THR C 77 -12.92 -19.39 -71.93
C THR C 77 -11.71 -19.64 -71.03
N VAL C 78 -11.53 -18.77 -70.06
CA VAL C 78 -10.39 -18.86 -69.14
C VAL C 78 -10.88 -18.92 -67.70
N PRO C 79 -10.22 -19.73 -66.85
CA PRO C 79 -10.53 -19.89 -65.43
C PRO C 79 -10.70 -18.52 -64.80
N ALA C 80 -11.94 -18.21 -64.42
CA ALA C 80 -12.24 -16.88 -63.93
C ALA C 80 -11.55 -16.25 -62.75
N ARG C 81 -11.46 -16.93 -61.62
CA ARG C 81 -10.77 -16.32 -60.50
C ARG C 81 -9.25 -16.27 -60.60
N LYS C 82 -8.72 -17.25 -61.29
CA LYS C 82 -7.29 -17.31 -61.49
C LYS C 82 -6.93 -16.08 -62.29
N LEU C 83 -7.74 -15.77 -63.30
CA LEU C 83 -7.48 -14.59 -64.11
C LEU C 83 -7.56 -13.32 -63.27
N MET C 84 -8.52 -13.26 -62.36
CA MET C 84 -8.69 -12.09 -61.51
C MET C 84 -7.49 -11.90 -60.61
N GLU C 85 -7.00 -12.99 -60.04
CA GLU C 85 -5.87 -12.91 -59.14
C GLU C 85 -4.65 -12.52 -59.90
N ILE C 86 -4.45 -13.15 -61.05
CA ILE C 86 -3.30 -12.86 -61.89
C ILE C 86 -3.21 -11.38 -62.23
N CYS C 87 -4.32 -10.80 -62.68
CA CYS C 87 -4.36 -9.39 -63.04
C CYS C 87 -4.10 -8.46 -61.86
N LYS C 88 -4.66 -8.80 -60.70
CA LYS C 88 -4.50 -8.00 -59.50
C LYS C 88 -3.05 -7.94 -59.02
N SER C 89 -2.35 -9.07 -59.16
CA SER C 89 -0.97 -9.15 -58.74
C SER C 89 -0.09 -8.19 -59.53
N LEU C 90 -0.39 -8.03 -60.81
CA LEU C 90 0.37 -7.15 -61.68
C LEU C 90 0.48 -5.71 -61.18
N PRO C 91 1.62 -5.06 -61.46
CA PRO C 91 1.86 -3.68 -61.02
C PRO C 91 0.92 -2.68 -61.69
N THR C 92 0.73 -1.53 -61.06
CA THR C 92 -0.14 -0.51 -61.62
C THR C 92 0.31 -0.08 -63.00
N ALA C 93 -0.68 0.12 -63.88
CA ALA C 93 -0.49 0.52 -65.27
C ALA C 93 0.30 -0.45 -66.13
N ALA C 94 0.19 -1.74 -65.80
CA ALA C 94 0.88 -2.79 -66.55
C ALA C 94 0.11 -3.12 -67.81
N LEU C 95 0.80 -3.70 -68.77
CA LEU C 95 0.18 -4.08 -70.05
C LEU C 95 0.20 -5.61 -70.18
N ILE C 96 -0.97 -6.19 -70.39
CA ILE C 96 -1.11 -7.62 -70.51
C ILE C 96 -1.18 -8.10 -71.95
N ASP C 97 -0.38 -9.11 -72.29
CA ASP C 97 -0.41 -9.68 -73.61
C ASP C 97 -1.08 -11.02 -73.43
N LEU C 98 -2.19 -11.22 -74.13
CA LEU C 98 -2.94 -12.45 -74.00
C LEU C 98 -2.99 -13.18 -75.31
N GLN C 99 -2.54 -14.42 -75.32
CA GLN C 99 -2.54 -15.20 -76.54
C GLN C 99 -3.11 -16.58 -76.30
N ILE C 100 -3.90 -17.06 -77.25
CA ILE C 100 -4.49 -18.38 -77.14
C ILE C 100 -3.82 -19.26 -78.17
N THR C 101 -3.31 -20.39 -77.73
CA THR C 101 -2.64 -21.31 -78.64
C THR C 101 -3.59 -22.40 -79.13
N GLU C 102 -3.15 -23.12 -80.15
CA GLU C 102 -3.96 -24.16 -80.75
C GLU C 102 -4.29 -25.27 -79.78
N ASP C 103 -3.36 -25.64 -78.92
CA ASP C 103 -3.63 -26.71 -77.97
C ASP C 103 -4.29 -26.30 -76.65
N GLN C 104 -5.37 -25.53 -76.73
CA GLN C 104 -6.13 -25.13 -75.56
C GLN C 104 -5.35 -24.49 -74.42
N ARG C 105 -4.42 -23.61 -74.75
CA ARG C 105 -3.63 -22.94 -73.71
C ARG C 105 -3.69 -21.45 -73.92
N CYS C 106 -3.87 -20.72 -72.82
CA CYS C 106 -3.92 -19.27 -72.86
C CYS C 106 -2.66 -18.76 -72.21
N ILE C 107 -1.96 -17.85 -72.88
CA ILE C 107 -0.72 -17.32 -72.35
C ILE C 107 -0.82 -15.84 -72.04
N LEU C 108 -0.44 -15.48 -70.83
CA LEU C 108 -0.50 -14.10 -70.37
C LEU C 108 0.87 -13.57 -70.09
N LYS C 109 1.19 -12.41 -70.64
CA LYS C 109 2.49 -11.81 -70.39
C LYS C 109 2.38 -10.36 -69.99
N SER C 110 3.07 -10.00 -68.91
CA SER C 110 3.08 -8.65 -68.40
C SER C 110 4.43 -8.47 -67.73
N GLY C 111 5.17 -7.45 -68.14
CA GLY C 111 6.50 -7.25 -67.61
C GLY C 111 7.36 -8.48 -67.84
N ASN C 112 8.08 -8.89 -66.79
CA ASN C 112 8.91 -10.10 -66.82
C ASN C 112 8.17 -11.39 -66.45
N SER C 113 6.89 -11.30 -66.15
CA SER C 113 6.11 -12.47 -65.74
C SER C 113 5.33 -13.15 -66.86
N ARG C 114 5.32 -14.48 -66.84
CA ARG C 114 4.58 -15.28 -67.81
C ARG C 114 3.64 -16.23 -67.09
N PHE C 115 2.37 -16.21 -67.47
CA PHE C 115 1.36 -17.08 -66.86
C PHE C 115 0.68 -17.92 -67.91
N VAL C 116 0.44 -19.20 -67.62
CA VAL C 116 -0.21 -20.08 -68.58
C VAL C 116 -1.39 -20.81 -67.95
N LEU C 117 -2.57 -20.62 -68.53
CA LEU C 117 -3.80 -21.22 -68.04
C LEU C 117 -4.48 -22.10 -69.08
N GLY C 118 -4.96 -23.26 -68.65
CA GLY C 118 -5.68 -24.14 -69.56
C GLY C 118 -7.04 -23.55 -69.87
N THR C 119 -7.49 -23.69 -71.11
CA THR C 119 -8.78 -23.14 -71.50
C THR C 119 -9.77 -24.21 -71.95
N LEU C 120 -10.97 -23.78 -72.33
CA LEU C 120 -12.00 -24.68 -72.79
C LEU C 120 -12.69 -24.01 -73.98
N PRO C 121 -13.19 -24.81 -74.92
CA PRO C 121 -13.87 -24.33 -76.12
C PRO C 121 -15.01 -23.35 -75.84
N ALA C 122 -15.01 -22.20 -76.52
CA ALA C 122 -16.04 -21.20 -76.33
C ALA C 122 -17.41 -21.70 -76.77
N GLU C 123 -17.44 -22.61 -77.73
CA GLU C 123 -18.69 -23.18 -78.21
C GLU C 123 -19.41 -23.98 -77.14
N ASP C 124 -18.65 -24.70 -76.31
CA ASP C 124 -19.20 -25.49 -75.22
C ASP C 124 -19.92 -24.68 -74.15
N TYR C 125 -19.47 -23.45 -73.93
CA TYR C 125 -20.08 -22.57 -72.95
C TYR C 125 -21.57 -22.35 -73.23
N PRO C 126 -22.43 -22.70 -72.26
CA PRO C 126 -23.88 -22.58 -72.37
C PRO C 126 -24.37 -21.15 -72.15
N LEU C 127 -25.42 -20.77 -72.87
CA LEU C 127 -25.99 -19.44 -72.75
C LEU C 127 -27.45 -19.56 -72.38
N LEU C 128 -28.00 -18.55 -71.72
CA LEU C 128 -29.41 -18.58 -71.37
C LEU C 128 -30.25 -18.27 -72.59
N THR C 129 -31.32 -19.05 -72.81
CA THR C 129 -32.18 -18.89 -73.96
C THR C 129 -33.63 -18.73 -73.54
N THR C 130 -34.42 -18.01 -74.35
CA THR C 130 -35.85 -17.83 -74.07
C THR C 130 -36.59 -17.39 -75.32
N GLU C 131 -37.92 -17.43 -75.25
CA GLU C 131 -38.74 -17.04 -76.40
C GLU C 131 -38.67 -15.56 -76.73
N ASN C 132 -38.56 -15.24 -78.01
CA ASN C 132 -38.51 -13.86 -78.46
C ASN C 132 -39.81 -13.13 -78.13
N SER C 133 -40.92 -13.83 -78.31
CA SER C 133 -42.24 -13.28 -78.01
C SER C 133 -42.44 -12.97 -76.52
N GLN C 134 -41.96 -13.85 -75.65
CA GLN C 134 -42.08 -13.67 -74.21
C GLN C 134 -41.60 -12.30 -73.75
N GLY C 135 -42.35 -11.63 -72.89
CA GLY C 135 -41.83 -10.36 -72.42
C GLY C 135 -42.64 -9.10 -72.25
N THR C 136 -42.70 -8.61 -71.01
CA THR C 136 -43.33 -7.35 -70.69
C THR C 136 -42.20 -6.35 -70.51
N GLN C 137 -42.40 -5.12 -70.94
CA GLN C 137 -41.34 -4.13 -70.81
C GLN C 137 -41.71 -3.06 -69.78
N VAL C 138 -40.80 -2.83 -68.85
CA VAL C 138 -41.02 -1.84 -67.79
C VAL C 138 -39.93 -0.79 -67.81
N GLN C 139 -40.32 0.47 -67.66
CA GLN C 139 -39.34 1.55 -67.63
C GLN C 139 -39.19 2.02 -66.22
N VAL C 140 -37.98 1.93 -65.71
CA VAL C 140 -37.72 2.36 -64.36
C VAL C 140 -36.30 2.83 -64.32
N THR C 141 -36.07 3.93 -63.61
CA THR C 141 -34.75 4.49 -63.49
C THR C 141 -33.88 3.60 -62.60
N GLN C 142 -32.57 3.70 -62.78
CA GLN C 142 -31.67 2.86 -62.02
C GLN C 142 -31.78 3.09 -60.52
N ARG C 143 -31.94 4.34 -60.13
CA ARG C 143 -32.05 4.67 -58.71
C ARG C 143 -33.26 3.99 -58.09
N GLU C 144 -34.38 4.07 -58.78
CA GLU C 144 -35.60 3.49 -58.28
C GLU C 144 -35.54 1.98 -58.13
N LEU C 145 -35.00 1.30 -59.14
CA LEU C 145 -34.88 -0.15 -59.10
C LEU C 145 -33.96 -0.55 -57.95
N LYS C 146 -32.87 0.18 -57.79
CA LYS C 146 -31.92 -0.10 -56.73
C LYS C 146 -32.56 0.10 -55.37
N ARG C 147 -33.38 1.13 -55.25
CA ARG C 147 -34.05 1.42 -53.99
C ARG C 147 -35.02 0.29 -53.64
N LEU C 148 -35.63 -0.29 -54.65
CA LEU C 148 -36.56 -1.37 -54.44
C LEU C 148 -35.91 -2.55 -53.75
N PHE C 149 -34.69 -2.88 -54.19
CA PHE C 149 -33.92 -3.96 -53.61
C PHE C 149 -33.30 -3.60 -52.26
N GLU C 150 -32.77 -2.39 -52.10
CA GLU C 150 -32.16 -1.98 -50.82
C GLU C 150 -33.17 -2.06 -49.67
N LYS C 151 -34.41 -1.66 -49.96
CA LYS C 151 -35.47 -1.61 -48.95
C LYS C 151 -36.17 -2.94 -48.69
N THR C 152 -35.84 -3.97 -49.46
CA THR C 152 -36.52 -5.23 -49.30
C THR C 152 -35.63 -6.46 -49.24
N ALA C 153 -34.33 -6.31 -49.45
CA ALA C 153 -33.43 -7.46 -49.50
C ALA C 153 -33.32 -8.33 -48.25
N PHE C 154 -33.35 -7.72 -47.08
CA PHE C 154 -33.19 -8.44 -45.82
C PHE C 154 -34.23 -9.49 -45.52
N ALA C 155 -35.45 -9.27 -45.98
CA ALA C 155 -36.58 -10.17 -45.76
C ALA C 155 -36.45 -11.58 -46.37
N MET C 156 -35.72 -11.75 -47.46
CA MET C 156 -35.62 -13.10 -48.05
C MET C 156 -35.05 -14.20 -47.21
N ALA C 157 -35.64 -15.38 -47.35
CA ALA C 157 -35.19 -16.54 -46.64
C ALA C 157 -33.88 -16.97 -47.25
N VAL C 158 -32.89 -17.27 -46.44
CA VAL C 158 -31.64 -17.71 -47.00
C VAL C 158 -31.85 -19.03 -47.69
N GLN C 159 -32.57 -19.93 -47.02
CA GLN C 159 -32.90 -21.22 -47.58
C GLN C 159 -34.07 -21.86 -46.85
N ASP C 160 -34.96 -22.49 -47.62
CA ASP C 160 -36.09 -23.33 -47.16
C ASP C 160 -36.73 -24.10 -48.32
N VAL C 161 -37.66 -24.98 -47.98
CA VAL C 161 -38.34 -25.83 -48.95
C VAL C 161 -39.12 -25.05 -49.99
N ARG C 162 -39.75 -23.96 -49.57
CA ARG C 162 -40.51 -23.15 -50.49
C ARG C 162 -39.50 -22.25 -51.15
N PHE C 163 -39.04 -22.63 -52.33
CA PHE C 163 -37.99 -21.93 -53.03
C PHE C 163 -38.28 -20.48 -53.41
N TYR C 164 -39.54 -20.16 -53.63
CA TYR C 164 -39.93 -18.81 -53.99
C TYR C 164 -39.59 -17.78 -52.91
N LEU C 165 -39.68 -18.16 -51.65
CA LEU C 165 -39.37 -17.24 -50.57
C LEU C 165 -37.92 -16.78 -50.58
N THR C 166 -37.07 -17.52 -51.26
CA THR C 166 -35.66 -17.17 -51.33
C THR C 166 -35.42 -16.18 -52.45
N GLY C 167 -36.49 -15.56 -52.92
CA GLY C 167 -36.36 -14.55 -53.93
C GLY C 167 -37.29 -13.37 -53.75
N THR C 168 -36.98 -12.25 -54.38
CA THR C 168 -37.85 -11.09 -54.30
C THR C 168 -38.88 -11.13 -55.40
N LEU C 169 -40.11 -10.74 -55.09
CA LEU C 169 -41.15 -10.75 -56.08
C LEU C 169 -41.25 -9.40 -56.73
N LEU C 170 -41.22 -9.38 -58.05
CA LEU C 170 -41.36 -8.15 -58.78
C LEU C 170 -42.75 -8.20 -59.36
N GLU C 171 -43.57 -7.22 -59.02
CA GLU C 171 -44.95 -7.17 -59.48
C GLU C 171 -45.20 -5.88 -60.22
N ILE C 172 -46.01 -5.95 -61.26
CA ILE C 172 -46.29 -4.76 -62.04
C ILE C 172 -47.76 -4.36 -62.07
N ASP C 173 -47.97 -3.07 -61.82
CA ASP C 173 -49.27 -2.42 -61.79
C ASP C 173 -49.21 -1.22 -62.74
N GLU C 174 -50.35 -0.68 -63.15
CA GLU C 174 -50.27 0.46 -64.06
C GLU C 174 -49.56 1.61 -63.35
N ASN C 175 -48.49 2.03 -64.02
CA ASN C 175 -47.57 3.07 -63.61
C ASN C 175 -46.74 2.71 -62.40
N GLN C 176 -47.03 1.60 -61.72
CA GLN C 176 -46.22 1.25 -60.55
C GLN C 176 -45.69 -0.19 -60.43
N LEU C 177 -44.43 -0.30 -60.01
CA LEU C 177 -43.75 -1.58 -59.84
C LEU C 177 -43.44 -1.82 -58.37
N ARG C 178 -43.47 -3.08 -57.94
CA ARG C 178 -43.20 -3.40 -56.54
C ARG C 178 -42.21 -4.51 -56.32
N ALA C 179 -41.54 -4.44 -55.17
CA ALA C 179 -40.60 -5.46 -54.78
C ALA C 179 -41.15 -5.96 -53.46
N VAL C 180 -41.35 -7.27 -53.34
CA VAL C 180 -41.91 -7.83 -52.12
C VAL C 180 -41.11 -9.04 -51.69
N THR C 181 -40.63 -9.03 -50.44
CA THR C 181 -39.83 -10.12 -49.90
C THR C 181 -40.41 -10.57 -48.56
N THR C 182 -40.37 -11.88 -48.32
CA THR C 182 -40.84 -12.45 -47.06
C THR C 182 -40.16 -13.79 -46.79
N ASP C 183 -40.14 -14.21 -45.53
CA ASP C 183 -39.51 -15.47 -45.16
C ASP C 183 -40.41 -16.31 -44.28
N GLY C 184 -41.64 -15.85 -44.13
CA GLY C 184 -42.64 -16.47 -43.28
C GLY C 184 -42.86 -15.78 -41.94
N HIS C 185 -41.84 -15.09 -41.44
CA HIS C 185 -41.95 -14.40 -40.16
C HIS C 185 -41.99 -12.90 -40.29
N ARG C 186 -41.72 -12.40 -41.48
CA ARG C 186 -41.73 -10.97 -41.71
C ARG C 186 -41.89 -10.71 -43.19
N LEU C 187 -42.16 -9.47 -43.52
CA LEU C 187 -42.38 -9.10 -44.89
C LEU C 187 -41.92 -7.69 -45.13
N ALA C 188 -41.37 -7.45 -46.32
CA ALA C 188 -40.91 -6.13 -46.70
C ALA C 188 -41.49 -5.74 -48.04
N LEU C 189 -41.97 -4.51 -48.15
CA LEU C 189 -42.53 -4.05 -49.41
C LEU C 189 -42.09 -2.64 -49.73
N CYS C 190 -41.80 -2.38 -51.00
CA CYS C 190 -41.40 -1.06 -51.46
C CYS C 190 -42.08 -0.82 -52.80
N GLU C 191 -42.66 0.36 -52.99
CA GLU C 191 -43.36 0.70 -54.22
C GLU C 191 -42.67 1.81 -54.99
N ILE C 192 -42.70 1.73 -56.30
CA ILE C 192 -42.06 2.72 -57.16
C ILE C 192 -42.86 2.97 -58.43
N LEU C 193 -42.56 4.06 -59.13
CA LEU C 193 -43.27 4.39 -60.36
C LEU C 193 -42.57 3.87 -61.61
N ALA C 194 -43.31 3.12 -62.43
CA ALA C 194 -42.77 2.56 -63.66
C ALA C 194 -43.52 3.07 -64.90
N SER C 195 -42.81 3.80 -65.74
CA SER C 195 -43.36 4.41 -66.93
C SER C 195 -44.01 3.51 -67.99
N SER C 196 -43.48 2.31 -68.21
CA SER C 196 -44.05 1.44 -69.21
C SER C 196 -44.97 0.40 -68.62
N THR C 197 -46.15 0.28 -69.22
CA THR C 197 -47.12 -0.68 -68.72
C THR C 197 -47.70 -1.58 -69.78
N SER C 198 -48.21 -2.72 -69.31
CA SER C 198 -48.82 -3.71 -70.16
C SER C 198 -50.24 -3.95 -69.68
N SER C 199 -51.08 -4.48 -70.57
CA SER C 199 -52.47 -4.71 -70.26
C SER C 199 -52.69 -5.70 -69.12
N GLN C 200 -51.86 -6.73 -69.05
CA GLN C 200 -52.01 -7.75 -68.04
C GLN C 200 -50.98 -7.67 -66.92
N LEU C 201 -51.41 -7.96 -65.69
CA LEU C 201 -50.54 -7.95 -64.52
C LEU C 201 -49.49 -9.04 -64.59
N VAL C 202 -48.22 -8.67 -64.44
CA VAL C 202 -47.13 -9.64 -64.51
C VAL C 202 -46.28 -9.71 -63.25
N GLN C 203 -45.93 -10.94 -62.87
CA GLN C 203 -45.13 -11.24 -61.69
C GLN C 203 -43.88 -12.03 -62.02
N ALA C 204 -42.76 -11.62 -61.45
CA ALA C 204 -41.50 -12.30 -61.66
C ALA C 204 -40.78 -12.44 -60.33
N ILE C 205 -40.31 -13.64 -60.02
CA ILE C 205 -39.58 -13.85 -58.79
C ILE C 205 -38.11 -13.91 -59.15
N VAL C 206 -37.33 -12.99 -58.59
CA VAL C 206 -35.91 -12.92 -58.87
C VAL C 206 -35.11 -13.66 -57.82
N PRO C 207 -34.28 -14.61 -58.27
CA PRO C 207 -33.44 -15.39 -57.35
C PRO C 207 -32.50 -14.51 -56.55
N ARG C 208 -32.27 -14.90 -55.30
CA ARG C 208 -31.41 -14.18 -54.38
C ARG C 208 -30.06 -13.72 -54.92
N LYS C 209 -29.39 -14.57 -55.68
CA LYS C 209 -28.11 -14.20 -56.23
C LYS C 209 -28.23 -13.11 -57.30
N ALA C 210 -29.27 -13.22 -58.12
CA ALA C 210 -29.58 -12.20 -59.11
C ALA C 210 -29.78 -10.84 -58.46
N VAL C 211 -30.55 -10.80 -57.38
CA VAL C 211 -30.80 -9.56 -56.67
C VAL C 211 -29.50 -8.95 -56.18
N GLY C 212 -28.65 -9.78 -55.59
CA GLY C 212 -27.36 -9.33 -55.11
C GLY C 212 -26.52 -8.70 -56.20
N GLU C 213 -26.39 -9.39 -57.33
CA GLU C 213 -25.62 -8.88 -58.47
C GLU C 213 -26.24 -7.62 -59.08
N LEU C 214 -27.56 -7.54 -59.08
CA LEU C 214 -28.27 -6.37 -59.59
C LEU C 214 -28.02 -5.16 -58.68
N GLN C 215 -28.14 -5.31 -57.36
CA GLN C 215 -27.83 -4.21 -56.42
C GLN C 215 -26.43 -3.64 -56.66
N ARG C 216 -25.47 -4.51 -56.94
CA ARG C 216 -24.10 -4.08 -57.17
C ARG C 216 -23.90 -3.40 -58.52
N LEU C 217 -24.71 -3.77 -59.50
CA LEU C 217 -24.58 -3.19 -60.84
C LEU C 217 -25.28 -1.85 -61.00
N LEU C 218 -26.37 -1.66 -60.28
CA LEU C 218 -27.13 -0.44 -60.36
C LEU C 218 -26.50 0.77 -59.68
N SER C 219 -26.94 1.95 -60.08
CA SER C 219 -26.41 3.18 -59.50
C SER C 219 -27.49 4.17 -59.08
N ILE C 220 -27.08 5.11 -58.23
CA ILE C 220 -27.96 6.15 -57.69
C ILE C 220 -28.42 7.17 -58.72
N GLU C 221 -27.68 7.33 -59.80
CA GLU C 221 -28.03 8.27 -60.86
C GLU C 221 -29.33 7.90 -61.56
N ASP C 222 -30.07 8.90 -62.02
CA ASP C 222 -31.32 8.66 -62.73
C ASP C 222 -31.09 8.40 -64.20
N GLU C 223 -31.20 7.14 -64.60
CA GLU C 223 -31.02 6.74 -65.98
C GLU C 223 -32.12 5.74 -66.25
N GLN C 224 -32.85 5.93 -67.34
CA GLN C 224 -33.93 5.02 -67.65
C GLN C 224 -33.43 3.67 -68.13
N LEU C 225 -33.98 2.62 -67.55
CA LEU C 225 -33.65 1.26 -67.91
C LEU C 225 -34.93 0.59 -68.33
N THR C 226 -34.86 -0.30 -69.30
CA THR C 226 -36.04 -1.01 -69.74
C THR C 226 -35.86 -2.45 -69.30
N LEU C 227 -36.78 -2.96 -68.51
CA LEU C 227 -36.70 -4.31 -68.03
C LEU C 227 -37.61 -5.18 -68.84
N LEU C 228 -37.11 -6.32 -69.27
CA LEU C 228 -37.94 -7.25 -70.01
C LEU C 228 -38.26 -8.42 -69.11
N ILE C 229 -39.50 -8.49 -68.65
CA ILE C 229 -39.93 -9.56 -67.78
C ILE C 229 -40.76 -10.55 -68.57
N GLY C 230 -40.37 -11.82 -68.51
CA GLY C 230 -41.02 -12.87 -69.25
C GLY C 230 -41.44 -14.02 -68.38
N ARG C 231 -41.99 -15.07 -68.98
CA ARG C 231 -42.43 -16.21 -68.20
C ARG C 231 -41.24 -16.84 -67.49
N GLU C 232 -40.12 -16.99 -68.19
CA GLU C 232 -38.97 -17.63 -67.59
C GLU C 232 -37.71 -16.79 -67.34
N LEU C 233 -37.60 -15.64 -67.98
CA LEU C 233 -36.41 -14.81 -67.81
C LEU C 233 -36.66 -13.33 -67.60
N LEU C 234 -35.71 -12.67 -66.95
CA LEU C 234 -35.76 -11.25 -66.73
C LEU C 234 -34.48 -10.69 -67.32
N ASN C 235 -34.59 -9.63 -68.11
CA ASN C 235 -33.43 -9.05 -68.77
C ASN C 235 -33.32 -7.57 -68.54
N VAL C 236 -32.09 -7.06 -68.55
CA VAL C 236 -31.87 -5.63 -68.46
C VAL C 236 -30.51 -5.28 -69.04
N THR C 237 -30.39 -4.11 -69.65
CA THR C 237 -29.11 -3.66 -70.17
C THR C 237 -28.76 -2.46 -69.35
N ILE C 238 -27.57 -2.46 -68.79
CA ILE C 238 -27.17 -1.40 -67.86
C ILE C 238 -25.86 -0.79 -68.38
N ASN C 239 -25.84 0.56 -68.35
CA ASN C 239 -24.63 1.32 -68.62
C ASN C 239 -23.93 1.78 -67.38
N ASP C 244 -17.41 9.88 -66.46
CA ASP C 244 -16.64 8.86 -67.16
C ASP C 244 -17.06 8.79 -68.61
N LYS C 245 -17.51 9.91 -69.15
CA LYS C 245 -17.93 9.94 -70.53
C LYS C 245 -16.76 9.64 -71.46
N GLU C 246 -15.62 10.28 -71.20
CA GLU C 246 -14.44 10.06 -72.02
C GLU C 246 -13.81 8.67 -71.89
N GLN C 247 -13.82 8.14 -70.67
CA GLN C 247 -13.29 6.80 -70.45
C GLN C 247 -14.18 5.79 -71.16
N GLY C 248 -13.56 4.74 -71.71
CA GLY C 248 -14.24 3.68 -72.42
C GLY C 248 -15.54 3.18 -71.89
N ASP C 249 -16.55 2.98 -72.74
CA ASP C 249 -17.80 2.59 -72.08
C ASP C 249 -17.96 1.19 -71.59
N ILE C 250 -18.81 0.92 -70.61
CA ILE C 250 -18.99 -0.44 -70.13
C ILE C 250 -20.47 -0.72 -70.04
N THR C 251 -20.98 -1.59 -70.92
CA THR C 251 -22.39 -1.94 -70.93
C THR C 251 -22.47 -3.38 -70.47
N VAL C 252 -23.37 -3.64 -69.52
CA VAL C 252 -23.54 -4.98 -68.99
C VAL C 252 -24.95 -5.51 -69.22
N ARG C 253 -25.07 -6.62 -69.92
CA ARG C 253 -26.38 -7.23 -70.20
C ARG C 253 -26.64 -8.29 -69.13
N PHE C 254 -27.69 -8.07 -68.35
CA PHE C 254 -28.02 -8.90 -67.21
C PHE C 254 -29.21 -9.80 -67.57
N THR C 255 -29.10 -11.07 -67.26
CA THR C 255 -30.17 -12.01 -67.53
C THR C 255 -30.25 -12.95 -66.35
N THR C 256 -31.46 -13.20 -65.88
CA THR C 256 -31.64 -14.09 -64.76
C THR C 256 -32.77 -15.05 -65.06
N LYS C 257 -32.67 -16.25 -64.52
CA LYS C 257 -33.69 -17.24 -64.74
C LYS C 257 -34.60 -17.12 -63.53
N LEU C 258 -35.87 -16.83 -63.78
CA LEU C 258 -36.83 -16.62 -62.72
C LEU C 258 -37.26 -17.89 -62.02
N ILE C 259 -37.54 -17.80 -60.73
CA ILE C 259 -37.97 -18.96 -59.98
C ILE C 259 -39.37 -19.36 -60.43
N ASP C 260 -39.57 -20.64 -60.65
CA ASP C 260 -40.85 -21.14 -61.12
C ASP C 260 -41.74 -21.52 -59.95
N GLY C 261 -42.40 -20.52 -59.37
CA GLY C 261 -43.30 -20.75 -58.26
C GLY C 261 -44.49 -19.81 -58.14
N LYS C 262 -45.31 -20.03 -57.13
CA LYS C 262 -46.38 -19.11 -56.80
C LYS C 262 -46.19 -18.29 -55.53
N PHE C 263 -45.88 -17.00 -55.70
CA PHE C 263 -45.60 -16.12 -54.57
C PHE C 263 -46.92 -16.01 -53.82
N PRO C 264 -46.90 -16.09 -52.47
CA PRO C 264 -48.16 -15.97 -51.72
C PRO C 264 -48.80 -14.63 -51.89
N ASP C 265 -50.09 -14.56 -51.61
CA ASP C 265 -50.82 -13.32 -51.69
C ASP C 265 -50.49 -12.58 -50.42
N TYR C 266 -49.50 -11.71 -50.51
CA TYR C 266 -49.04 -10.93 -49.38
C TYR C 266 -50.02 -9.90 -48.88
N ARG C 267 -50.89 -9.44 -49.76
CA ARG C 267 -51.87 -8.41 -49.40
C ARG C 267 -52.75 -8.86 -48.24
N ARG C 268 -53.13 -10.13 -48.23
CA ARG C 268 -53.92 -10.71 -47.14
C ARG C 268 -53.10 -10.69 -45.84
N VAL C 269 -51.81 -10.97 -45.97
CA VAL C 269 -50.85 -11.00 -44.86
C VAL C 269 -50.66 -9.67 -44.13
N ILE C 270 -50.66 -8.57 -44.89
CA ILE C 270 -50.47 -7.24 -44.33
C ILE C 270 -51.68 -6.74 -43.55
N PRO C 271 -51.51 -6.47 -42.24
CA PRO C 271 -52.56 -5.99 -41.35
C PRO C 271 -53.13 -4.65 -41.82
N ARG C 272 -54.18 -4.71 -42.63
CA ARG C 272 -54.83 -3.52 -43.16
C ARG C 272 -55.46 -2.65 -42.08
N GLY C 273 -56.09 -3.27 -41.10
CA GLY C 273 -56.74 -2.53 -40.03
C GLY C 273 -56.13 -2.72 -38.65
N GLY C 274 -55.67 -1.62 -38.06
CA GLY C 274 -55.05 -1.68 -36.74
C GLY C 274 -55.52 -0.57 -35.83
N ASP C 275 -56.13 -0.96 -34.71
CA ASP C 275 -56.63 0.01 -33.74
C ASP C 275 -55.50 0.85 -33.15
N LYS C 276 -54.62 0.21 -32.39
CA LYS C 276 -53.50 0.89 -31.74
C LYS C 276 -52.39 1.36 -32.67
N HIS C 277 -52.04 2.64 -32.56
CA HIS C 277 -50.97 3.22 -33.37
C HIS C 277 -49.95 3.87 -32.45
N VAL C 278 -48.66 3.71 -32.76
CA VAL C 278 -47.57 4.28 -31.96
C VAL C 278 -46.62 5.04 -32.86
N LEU C 279 -46.02 6.12 -32.36
CA LEU C 279 -45.03 6.87 -33.10
C LEU C 279 -43.85 7.00 -32.17
N ILE C 280 -42.66 6.58 -32.61
CA ILE C 280 -41.48 6.62 -31.75
C ILE C 280 -40.33 7.22 -32.53
N GLY C 281 -39.51 8.05 -31.88
CA GLY C 281 -38.30 8.59 -32.48
C GLY C 281 -37.42 7.44 -32.94
N HIS C 282 -36.93 7.50 -34.17
CA HIS C 282 -36.17 6.39 -34.76
C HIS C 282 -34.92 6.09 -33.95
N ASP C 283 -34.09 7.11 -33.75
CA ASP C 283 -32.83 6.94 -33.04
C ASP C 283 -33.12 6.46 -31.60
N VAL C 284 -34.18 6.95 -30.99
CA VAL C 284 -34.52 6.56 -29.64
C VAL C 284 -34.92 5.10 -29.58
N PHE C 285 -35.62 4.65 -30.60
CA PHE C 285 -36.10 3.27 -30.67
C PHE C 285 -34.95 2.30 -30.90
N LYS C 286 -34.09 2.64 -31.83
CA LYS C 286 -32.92 1.83 -32.20
C LYS C 286 -31.95 1.64 -31.04
N GLN C 287 -31.57 2.74 -30.39
CA GLN C 287 -30.59 2.70 -29.30
C GLN C 287 -31.10 1.87 -28.11
N SER C 288 -32.34 2.07 -27.71
CA SER C 288 -32.91 1.32 -26.62
C SER C 288 -33.02 -0.16 -26.90
N LEU C 289 -33.43 -0.49 -28.11
CA LEU C 289 -33.62 -1.88 -28.52
C LEU C 289 -32.28 -2.62 -28.56
N GLN C 290 -31.23 -1.93 -29.02
CA GLN C 290 -29.87 -2.49 -29.00
C GLN C 290 -29.38 -2.74 -27.58
N ARG C 291 -29.63 -1.79 -26.69
CA ARG C 291 -29.23 -1.92 -25.27
C ARG C 291 -29.89 -3.12 -24.62
N VAL C 292 -31.22 -3.18 -24.73
CA VAL C 292 -31.99 -4.23 -24.06
C VAL C 292 -31.70 -5.61 -24.67
N ALA C 293 -31.42 -5.66 -25.97
CA ALA C 293 -31.14 -6.94 -26.63
C ALA C 293 -29.87 -7.62 -26.16
N ILE C 294 -28.96 -6.86 -25.57
CA ILE C 294 -27.71 -7.44 -25.09
C ILE C 294 -27.93 -8.61 -24.14
N LEU C 295 -28.93 -8.52 -23.29
CA LEU C 295 -29.19 -9.58 -22.32
C LEU C 295 -30.24 -10.56 -22.75
N SER C 296 -30.58 -10.52 -24.04
CA SER C 296 -31.56 -11.44 -24.60
C SER C 296 -30.89 -12.74 -25.00
N ASN C 297 -31.67 -13.71 -25.44
CA ASN C 297 -31.12 -14.99 -25.83
C ASN C 297 -30.20 -14.80 -27.03
N GLU C 298 -29.08 -15.49 -27.01
CA GLU C 298 -28.10 -15.38 -28.08
C GLU C 298 -28.67 -15.82 -29.42
N LYS C 299 -29.43 -16.90 -29.40
CA LYS C 299 -30.03 -17.43 -30.61
C LYS C 299 -31.42 -16.88 -30.90
N LEU C 300 -32.29 -16.93 -29.90
CA LEU C 300 -33.67 -16.45 -30.06
C LEU C 300 -33.86 -14.96 -30.29
N ARG C 301 -33.04 -14.15 -29.64
CA ARG C 301 -33.06 -12.69 -29.74
C ARG C 301 -34.41 -12.07 -29.39
N GLY C 302 -35.08 -12.62 -28.40
CA GLY C 302 -36.39 -12.13 -28.05
C GLY C 302 -36.51 -11.12 -26.93
N VAL C 303 -37.21 -10.04 -27.24
CA VAL C 303 -37.46 -8.99 -26.27
C VAL C 303 -38.95 -8.71 -26.18
N PHE C 304 -39.38 -8.23 -25.02
CA PHE C 304 -40.77 -7.91 -24.72
C PHE C 304 -40.99 -6.42 -24.87
N LEU C 305 -42.03 -6.05 -25.59
CA LEU C 305 -42.38 -4.66 -25.76
C LEU C 305 -43.71 -4.46 -25.06
N ASN C 306 -43.68 -3.76 -23.92
CA ASN C 306 -44.90 -3.50 -23.17
C ASN C 306 -45.33 -2.08 -23.50
N PHE C 307 -46.53 -1.99 -24.07
CA PHE C 307 -47.11 -0.72 -24.49
C PHE C 307 -48.07 -0.15 -23.46
N ASN C 308 -47.81 1.09 -23.09
CA ASN C 308 -48.60 1.83 -22.11
C ASN C 308 -48.92 3.21 -22.70
N GLN C 309 -49.78 3.99 -22.05
CA GLN C 309 -50.27 5.23 -22.65
C GLN C 309 -49.22 6.22 -23.13
N ASP C 310 -48.13 6.39 -22.41
CA ASP C 310 -47.13 7.31 -22.93
C ASP C 310 -45.71 6.75 -22.81
N SER C 311 -45.63 5.47 -22.47
CA SER C 311 -44.33 4.84 -22.36
C SER C 311 -44.25 3.43 -22.93
N LEU C 312 -43.09 3.09 -23.48
CA LEU C 312 -42.85 1.78 -24.02
C LEU C 312 -41.73 1.11 -23.24
N GLN C 313 -42.06 0.06 -22.50
CA GLN C 313 -41.08 -0.66 -21.68
C GLN C 313 -40.52 -1.85 -22.48
N LEU C 314 -39.24 -1.78 -22.81
CA LEU C 314 -38.50 -2.88 -23.42
C LEU C 314 -37.88 -3.73 -22.31
N ARG C 315 -38.08 -5.03 -22.38
CA ARG C 315 -37.54 -5.97 -21.39
C ARG C 315 -37.02 -7.21 -22.09
N ALA C 316 -35.88 -7.72 -21.62
CA ALA C 316 -35.27 -8.91 -22.19
C ALA C 316 -34.48 -9.71 -21.16
N ASN C 317 -34.48 -11.02 -21.30
CA ASN C 317 -33.73 -11.88 -20.39
C ASN C 317 -33.26 -13.14 -21.07
N ASN C 318 -32.33 -13.84 -20.44
CA ASN C 318 -31.76 -15.06 -20.99
C ASN C 318 -31.77 -16.22 -20.02
N PRO C 319 -31.18 -17.35 -20.44
CA PRO C 319 -31.00 -18.65 -19.78
C PRO C 319 -30.20 -18.53 -18.48
N GLU C 320 -29.31 -17.53 -18.40
CA GLU C 320 -28.53 -17.24 -17.20
C GLU C 320 -29.31 -16.41 -16.18
N GLN C 321 -30.50 -15.94 -16.59
CA GLN C 321 -31.49 -15.14 -15.85
C GLN C 321 -31.18 -13.66 -15.71
N ASP C 322 -30.18 -13.18 -16.43
CA ASP C 322 -29.83 -11.77 -16.39
C ASP C 322 -30.94 -10.99 -17.08
N GLU C 323 -31.24 -9.79 -16.60
CA GLU C 323 -32.31 -9.01 -17.22
C GLU C 323 -32.00 -7.55 -17.51
N ALA C 324 -32.56 -7.06 -18.62
CA ALA C 324 -32.38 -5.66 -19.07
C ALA C 324 -33.74 -5.02 -19.22
N ILE C 325 -33.92 -3.82 -18.67
CA ILE C 325 -35.17 -3.06 -18.76
C ILE C 325 -34.83 -1.62 -19.11
N GLU C 326 -35.62 -1.00 -19.98
CA GLU C 326 -35.45 0.40 -20.30
C GLU C 326 -36.84 0.88 -20.68
N ASP C 327 -37.19 2.12 -20.33
CA ASP C 327 -38.48 2.69 -20.65
C ASP C 327 -38.28 3.78 -21.67
N LEU C 328 -39.17 3.86 -22.65
CA LEU C 328 -39.08 4.83 -23.72
C LEU C 328 -40.27 5.78 -23.77
N ALA C 329 -40.16 6.85 -24.56
CA ALA C 329 -41.25 7.80 -24.71
C ALA C 329 -41.91 7.65 -26.07
N ILE C 330 -43.19 7.26 -26.09
CA ILE C 330 -43.92 7.06 -27.32
C ILE C 330 -45.29 7.70 -27.22
N GLN C 331 -45.94 7.90 -28.36
CA GLN C 331 -47.29 8.45 -28.36
C GLN C 331 -48.20 7.26 -28.53
N TYR C 332 -48.80 6.79 -27.45
CA TYR C 332 -49.67 5.63 -27.53
C TYR C 332 -50.95 5.68 -26.70
N GLN C 333 -51.92 6.45 -27.13
CA GLN C 333 -53.16 6.60 -26.37
C GLN C 333 -53.98 5.34 -26.12
N SER C 334 -53.93 4.38 -27.03
CA SER C 334 -54.74 3.17 -26.89
C SER C 334 -54.35 2.20 -25.76
N ALA C 335 -55.25 1.26 -25.51
CA ALA C 335 -55.13 0.21 -24.48
C ALA C 335 -53.81 -0.55 -24.28
N PRO C 336 -53.63 -1.14 -23.10
CA PRO C 336 -52.45 -1.91 -22.68
C PRO C 336 -52.16 -3.13 -23.56
N LEU C 337 -50.96 -3.17 -24.13
CA LEU C 337 -50.57 -4.25 -25.02
C LEU C 337 -49.19 -4.82 -24.69
N GLU C 338 -49.09 -6.14 -24.60
CA GLU C 338 -47.82 -6.80 -24.30
C GLU C 338 -47.46 -7.70 -25.47
N MET C 339 -46.24 -7.58 -25.99
CA MET C 339 -45.83 -8.38 -27.13
C MET C 339 -44.38 -8.82 -27.09
N SER C 340 -44.11 -9.99 -27.65
CA SER C 340 -42.77 -10.53 -27.73
C SER C 340 -42.31 -10.50 -29.19
N PHE C 341 -41.12 -10.01 -29.42
CA PHE C 341 -40.60 -9.92 -30.76
C PHE C 341 -39.18 -10.40 -30.81
N ASN C 342 -38.74 -10.76 -32.01
CA ASN C 342 -37.37 -11.15 -32.22
C ASN C 342 -36.78 -9.78 -32.46
N ALA C 343 -35.81 -9.42 -31.65
CA ALA C 343 -35.20 -8.09 -31.74
C ALA C 343 -34.55 -7.82 -33.07
N GLN C 344 -33.99 -8.86 -33.68
CA GLN C 344 -33.31 -8.69 -34.95
C GLN C 344 -34.26 -8.24 -36.05
N TYR C 345 -35.47 -8.78 -36.08
CA TYR C 345 -36.43 -8.40 -37.10
C TYR C 345 -36.77 -6.92 -36.99
N LEU C 346 -36.96 -6.45 -35.77
CA LEU C 346 -37.26 -5.05 -35.52
C LEU C 346 -36.09 -4.17 -35.95
N LEU C 347 -34.90 -4.63 -35.60
CA LEU C 347 -33.67 -3.92 -35.95
C LEU C 347 -33.46 -3.88 -37.45
N ASP C 348 -33.77 -4.99 -38.11
CA ASP C 348 -33.62 -5.06 -39.56
C ASP C 348 -34.51 -4.05 -40.25
N VAL C 349 -35.73 -3.90 -39.77
CA VAL C 349 -36.65 -2.93 -40.32
C VAL C 349 -36.16 -1.50 -40.14
N LEU C 350 -35.60 -1.22 -38.97
CA LEU C 350 -35.09 0.10 -38.65
C LEU C 350 -33.89 0.49 -39.51
N GLY C 351 -33.09 -0.50 -39.88
CA GLY C 351 -31.91 -0.28 -40.69
C GLY C 351 -32.27 0.31 -42.04
N VAL C 352 -33.37 -0.15 -42.61
CA VAL C 352 -33.82 0.33 -43.91
C VAL C 352 -34.67 1.60 -43.89
N LEU C 353 -34.98 2.12 -42.70
CA LEU C 353 -35.79 3.33 -42.59
C LEU C 353 -34.94 4.57 -42.36
N ASP C 354 -35.10 5.55 -43.25
CA ASP C 354 -34.34 6.79 -43.20
C ASP C 354 -35.07 7.98 -42.60
N GLY C 355 -36.26 7.78 -42.04
CA GLY C 355 -37.01 8.89 -41.52
C GLY C 355 -36.76 9.06 -40.05
N ASP C 356 -37.13 10.22 -39.51
CA ASP C 356 -36.89 10.54 -38.11
C ASP C 356 -37.82 9.83 -37.15
N ASP C 357 -39.03 9.54 -37.60
CA ASP C 357 -40.02 8.89 -36.75
C ASP C 357 -40.43 7.54 -37.29
N VAL C 358 -40.93 6.69 -36.41
CA VAL C 358 -41.35 5.36 -36.80
C VAL C 358 -42.81 5.16 -36.45
N ASN C 359 -43.58 4.65 -37.40
CA ASN C 359 -44.98 4.42 -37.18
C ASN C 359 -45.23 2.96 -37.01
N MET C 360 -46.04 2.61 -36.02
CA MET C 360 -46.37 1.23 -35.80
C MET C 360 -47.86 1.13 -35.66
N SER C 361 -48.44 0.05 -36.15
CA SER C 361 -49.87 -0.18 -36.06
C SER C 361 -50.13 -1.57 -35.55
N MET C 362 -50.90 -1.68 -34.50
CA MET C 362 -51.18 -2.97 -33.89
C MET C 362 -52.65 -3.30 -33.74
N THR C 363 -52.93 -4.57 -33.46
CA THR C 363 -54.28 -5.05 -33.29
C THR C 363 -54.31 -5.91 -32.03
N GLU C 364 -53.59 -7.03 -32.06
CA GLU C 364 -53.55 -7.93 -30.91
C GLU C 364 -52.15 -8.43 -30.59
N ALA C 365 -52.01 -9.02 -29.41
CA ALA C 365 -50.72 -9.54 -28.94
C ALA C 365 -50.17 -10.66 -29.80
N ASN C 366 -51.06 -11.51 -30.30
CA ASN C 366 -50.66 -12.61 -31.15
C ASN C 366 -50.72 -12.22 -32.62
N GLN C 367 -51.15 -10.99 -32.88
CA GLN C 367 -51.25 -10.51 -34.25
C GLN C 367 -50.01 -9.78 -34.74
N SER C 368 -49.87 -9.65 -36.05
CA SER C 368 -48.73 -8.98 -36.65
C SER C 368 -48.75 -7.46 -36.47
N VAL C 369 -47.62 -6.82 -36.72
CA VAL C 369 -47.50 -5.38 -36.57
C VAL C 369 -47.10 -4.72 -37.88
N LEU C 370 -47.67 -3.56 -38.17
CA LEU C 370 -47.34 -2.84 -39.38
C LEU C 370 -46.41 -1.71 -39.01
N VAL C 371 -45.24 -1.68 -39.62
CA VAL C 371 -44.25 -0.64 -39.33
C VAL C 371 -44.04 0.24 -40.55
N GLN C 372 -44.07 1.54 -40.35
CA GLN C 372 -43.91 2.45 -41.46
C GLN C 372 -43.20 3.74 -41.10
N ASP C 373 -42.75 4.45 -42.12
CA ASP C 373 -42.10 5.73 -41.98
C ASP C 373 -43.06 6.74 -42.58
N PRO C 374 -43.52 7.72 -41.79
CA PRO C 374 -44.47 8.69 -42.33
C PRO C 374 -43.93 9.43 -43.56
N ALA C 375 -42.68 9.84 -43.47
CA ALA C 375 -42.02 10.56 -44.56
C ALA C 375 -42.01 9.78 -45.88
N HIS C 376 -41.82 8.45 -45.83
CA HIS C 376 -41.81 7.60 -47.03
C HIS C 376 -42.93 6.54 -46.98
N PRO C 377 -44.12 6.87 -47.53
CA PRO C 377 -45.24 5.89 -47.60
C PRO C 377 -45.05 4.71 -48.57
N ASP C 378 -44.10 4.83 -49.48
CA ASP C 378 -43.72 3.74 -50.41
C ASP C 378 -43.20 2.44 -49.76
N GLN C 379 -42.58 2.53 -48.58
CA GLN C 379 -42.09 1.36 -47.88
C GLN C 379 -43.10 0.90 -46.83
N THR C 380 -43.34 -0.41 -46.75
CA THR C 380 -44.22 -1.01 -45.75
C THR C 380 -43.56 -2.30 -45.26
N TYR C 381 -43.48 -2.46 -43.95
CA TYR C 381 -42.85 -3.63 -43.33
C TYR C 381 -43.76 -4.26 -42.33
N VAL C 382 -43.80 -5.58 -42.34
CA VAL C 382 -44.66 -6.30 -41.41
C VAL C 382 -43.87 -7.34 -40.65
N VAL C 383 -43.96 -7.31 -39.33
CA VAL C 383 -43.29 -8.30 -38.52
C VAL C 383 -44.18 -9.11 -37.60
N MET C 384 -44.08 -10.43 -37.70
CA MET C 384 -44.88 -11.33 -36.89
C MET C 384 -44.21 -11.55 -35.56
N PRO C 385 -44.99 -11.54 -34.49
CA PRO C 385 -44.53 -11.71 -33.12
C PRO C 385 -44.32 -13.17 -32.77
N MET C 386 -43.63 -13.38 -31.67
CA MET C 386 -43.30 -14.74 -31.17
C MET C 386 -44.50 -15.27 -30.41
N HIS D 4 -21.36 -7.95 6.66
CA HIS D 4 -20.55 -8.03 5.45
C HIS D 4 -21.24 -7.29 4.32
N HIS D 5 -21.00 -5.98 4.23
CA HIS D 5 -21.62 -5.17 3.19
C HIS D 5 -21.06 -5.34 1.77
N HIS D 6 -21.83 -4.87 0.81
CA HIS D 6 -21.52 -5.02 -0.60
C HIS D 6 -21.17 -3.75 -1.34
N MET D 7 -20.35 -3.92 -2.35
CA MET D 7 -19.84 -2.83 -3.17
C MET D 7 -20.89 -2.06 -3.95
N ARG D 8 -20.72 -0.76 -3.99
CA ARG D 8 -21.58 0.12 -4.76
C ARG D 8 -20.66 1.21 -5.26
N LEU D 9 -20.81 1.62 -6.50
CA LEU D 9 -19.95 2.67 -7.00
C LEU D 9 -20.60 3.47 -8.11
N LYS D 10 -20.16 4.70 -8.27
CA LYS D 10 -20.66 5.57 -9.30
C LYS D 10 -19.48 5.95 -10.15
N ILE D 11 -19.57 5.74 -11.46
CA ILE D 11 -18.45 6.03 -12.33
C ILE D 11 -18.87 6.30 -13.76
N ALA D 12 -18.09 7.13 -14.46
CA ALA D 12 -18.38 7.45 -15.85
C ALA D 12 -18.16 6.24 -16.73
N LYS D 13 -18.96 6.16 -17.79
CA LYS D 13 -18.84 5.10 -18.80
C LYS D 13 -17.41 4.93 -19.28
N GLU D 14 -16.78 6.02 -19.71
CA GLU D 14 -15.44 5.97 -20.31
C GLU D 14 -14.36 5.58 -19.31
N SER D 15 -14.55 5.92 -18.03
CA SER D 15 -13.60 5.53 -16.98
C SER D 15 -13.60 4.01 -16.79
N LEU D 16 -14.79 3.45 -16.55
CA LEU D 16 -14.93 2.01 -16.35
C LEU D 16 -14.52 1.21 -17.58
N LEU D 17 -14.84 1.73 -18.75
CA LEU D 17 -14.54 1.07 -20.01
C LEU D 17 -13.05 1.07 -20.30
N ASN D 18 -12.38 2.16 -19.98
CA ASN D 18 -10.95 2.27 -20.22
C ASN D 18 -10.18 1.28 -19.37
N VAL D 19 -10.57 1.15 -18.11
CA VAL D 19 -9.94 0.22 -17.18
C VAL D 19 -10.17 -1.23 -17.60
N LEU D 20 -11.38 -1.51 -18.04
CA LEU D 20 -11.79 -2.84 -18.48
C LEU D 20 -11.06 -3.32 -19.71
N SER D 21 -10.77 -2.40 -20.63
CA SER D 21 -10.13 -2.74 -21.89
C SER D 21 -8.79 -3.41 -21.72
N HIS D 22 -8.01 -2.95 -20.76
CA HIS D 22 -6.71 -3.53 -20.49
C HIS D 22 -6.77 -5.00 -20.03
N VAL D 23 -7.74 -5.33 -19.19
CA VAL D 23 -7.87 -6.70 -18.68
C VAL D 23 -8.73 -7.77 -19.37
N VAL D 24 -9.65 -7.36 -20.25
CA VAL D 24 -10.54 -8.31 -20.94
C VAL D 24 -9.97 -9.25 -22.00
N GLY D 25 -8.82 -8.87 -22.55
CA GLY D 25 -8.16 -9.68 -23.57
C GLY D 25 -7.79 -11.01 -22.95
N ALA D 26 -7.34 -10.99 -21.70
CA ALA D 26 -6.97 -12.19 -20.98
C ALA D 26 -8.14 -13.16 -20.77
N VAL D 27 -9.32 -12.62 -20.53
CA VAL D 27 -10.53 -13.39 -20.28
C VAL D 27 -11.04 -14.17 -21.50
N GLU D 28 -11.45 -15.42 -21.24
CA GLU D 28 -11.96 -16.32 -22.26
C GLU D 28 -13.48 -16.38 -22.17
N ARG D 29 -14.15 -16.35 -23.30
CA ARG D 29 -15.61 -16.34 -23.32
C ARG D 29 -16.17 -17.59 -22.66
N ARG D 30 -15.58 -18.73 -22.93
CA ARG D 30 -15.99 -19.96 -22.26
C ARG D 30 -14.72 -20.51 -21.67
N HIS D 31 -14.76 -20.85 -20.40
CA HIS D 31 -13.60 -21.36 -19.72
C HIS D 31 -14.02 -22.56 -18.89
N THR D 32 -13.08 -23.41 -18.55
CA THR D 32 -13.39 -24.58 -17.74
C THR D 32 -13.91 -24.18 -16.36
N LEU D 33 -13.32 -23.12 -15.79
CA LEU D 33 -13.79 -22.61 -14.53
C LEU D 33 -14.68 -21.47 -14.94
N ASN D 34 -15.95 -21.50 -14.55
CA ASN D 34 -16.89 -20.47 -14.96
C ASN D 34 -16.54 -19.08 -14.49
N ILE D 35 -15.97 -18.98 -13.29
CA ILE D 35 -15.61 -17.70 -12.69
C ILE D 35 -14.60 -16.87 -13.47
N LEU D 36 -13.71 -17.52 -14.20
CA LEU D 36 -12.68 -16.85 -14.97
C LEU D 36 -13.24 -16.13 -16.17
N SER D 37 -14.52 -16.34 -16.44
CA SER D 37 -15.20 -15.71 -17.55
C SER D 37 -15.67 -14.37 -17.01
N ASN D 38 -15.49 -14.16 -15.72
CA ASN D 38 -15.83 -12.91 -15.07
C ASN D 38 -14.57 -12.13 -14.81
N VAL D 39 -14.73 -10.87 -14.43
CA VAL D 39 -13.61 -10.01 -14.09
C VAL D 39 -13.80 -9.66 -12.63
N LYS D 40 -12.74 -9.73 -11.86
CA LYS D 40 -12.81 -9.40 -10.44
C LYS D 40 -12.68 -7.90 -10.28
N ILE D 41 -13.62 -7.28 -9.58
CA ILE D 41 -13.56 -5.85 -9.37
C ILE D 41 -13.41 -5.56 -7.90
N GLN D 42 -12.40 -4.78 -7.53
CA GLN D 42 -12.15 -4.44 -6.14
C GLN D 42 -12.18 -2.95 -6.02
N THR D 43 -12.91 -2.43 -5.03
CA THR D 43 -12.95 -0.98 -4.85
C THR D 43 -12.94 -0.50 -3.41
N ASN D 44 -12.26 0.62 -3.19
CA ASN D 44 -12.25 1.32 -1.93
C ASN D 44 -12.30 2.81 -2.27
N ALA D 45 -12.27 3.67 -1.24
CA ALA D 45 -12.40 5.11 -1.45
C ALA D 45 -11.42 5.73 -2.45
N GLN D 46 -10.18 5.21 -2.51
CA GLN D 46 -9.13 5.80 -3.35
C GLN D 46 -8.94 5.15 -4.72
N ALA D 47 -9.16 3.84 -4.85
CA ALA D 47 -8.81 3.13 -6.09
C ALA D 47 -9.77 2.04 -6.54
N LEU D 48 -9.83 1.86 -7.86
CA LEU D 48 -10.54 0.77 -8.52
C LEU D 48 -9.48 -0.19 -9.06
N THR D 49 -9.71 -1.48 -8.89
CA THR D 49 -8.79 -2.49 -9.37
C THR D 49 -9.56 -3.61 -10.05
N ILE D 50 -9.31 -3.84 -11.32
CA ILE D 50 -10.00 -4.88 -12.05
C ILE D 50 -9.04 -5.94 -12.55
N THR D 51 -9.38 -7.20 -12.34
CA THR D 51 -8.55 -8.32 -12.75
C THR D 51 -9.25 -9.22 -13.76
N GLY D 52 -8.50 -9.65 -14.77
CA GLY D 52 -8.98 -10.58 -15.79
C GLY D 52 -7.89 -11.59 -16.06
N SER D 53 -8.27 -12.86 -16.16
CA SER D 53 -7.31 -13.93 -16.23
C SER D 53 -7.92 -15.18 -16.86
N ASP D 54 -7.04 -16.07 -17.30
CA ASP D 54 -7.43 -17.36 -17.86
C ASP D 54 -6.52 -18.47 -17.32
N LEU D 55 -5.82 -18.13 -16.23
CA LEU D 55 -4.88 -18.94 -15.44
C LEU D 55 -3.49 -19.09 -16.02
N GLU D 56 -3.28 -18.54 -17.20
CA GLU D 56 -1.98 -18.60 -17.84
C GLU D 56 -1.49 -17.17 -17.99
N VAL D 57 -2.43 -16.26 -18.19
CA VAL D 57 -2.14 -14.84 -18.32
C VAL D 57 -3.04 -14.12 -17.35
N GLU D 58 -2.49 -13.20 -16.59
CA GLU D 58 -3.25 -12.47 -15.61
C GLU D 58 -3.01 -10.99 -15.76
N LEU D 59 -4.08 -10.21 -15.88
CA LEU D 59 -3.94 -8.78 -16.01
C LEU D 59 -4.68 -8.07 -14.90
N VAL D 60 -4.02 -7.14 -14.24
CA VAL D 60 -4.62 -6.39 -13.15
C VAL D 60 -4.46 -4.91 -13.41
N ALA D 61 -5.55 -4.24 -13.74
CA ALA D 61 -5.51 -2.80 -14.04
C ALA D 61 -5.99 -1.99 -12.85
N SER D 62 -5.23 -0.97 -12.51
CA SER D 62 -5.62 -0.06 -11.41
C SER D 62 -5.65 1.40 -11.76
N THR D 63 -6.53 2.14 -11.12
CA THR D 63 -6.74 3.58 -11.38
C THR D 63 -7.18 4.30 -10.10
N ALA D 64 -6.86 5.58 -9.97
CA ALA D 64 -7.30 6.32 -8.81
C ALA D 64 -8.72 6.77 -9.07
N LEU D 65 -9.59 6.50 -8.12
CA LEU D 65 -11.00 6.89 -8.21
C LEU D 65 -11.28 8.32 -7.84
N SER D 66 -12.38 8.86 -8.34
CA SER D 66 -12.84 10.19 -8.01
C SER D 66 -13.41 10.17 -6.59
N GLU D 67 -13.47 11.31 -5.93
CA GLU D 67 -13.91 11.31 -4.53
C GLU D 67 -15.31 10.80 -4.22
N GLY D 68 -16.30 11.13 -5.02
CA GLY D 68 -17.63 10.66 -4.71
C GLY D 68 -17.96 9.35 -5.39
N ALA D 69 -17.04 8.89 -6.22
CA ALA D 69 -17.22 7.67 -6.97
C ALA D 69 -17.34 6.39 -6.16
N CYS D 70 -16.51 6.22 -5.15
CA CYS D 70 -16.54 4.96 -4.43
C CYS D 70 -17.76 4.52 -3.64
N LEU D 71 -18.44 5.39 -2.92
CA LEU D 71 -19.63 4.97 -2.14
C LEU D 71 -19.33 3.80 -1.21
N GLU D 72 -20.09 2.71 -1.32
CA GLU D 72 -19.88 1.51 -0.47
C GLU D 72 -18.84 0.58 -1.08
N ALA D 73 -17.82 0.25 -0.33
CA ALA D 73 -16.67 -0.48 -0.86
C ALA D 73 -16.78 -1.98 -0.74
N GLY D 74 -16.40 -2.68 -1.81
CA GLY D 74 -16.45 -4.13 -1.82
C GLY D 74 -15.74 -4.72 -3.02
N GLU D 75 -15.60 -6.05 -3.01
CA GLU D 75 -14.98 -6.76 -4.11
C GLU D 75 -15.95 -7.76 -4.71
N THR D 76 -15.94 -7.95 -6.03
CA THR D 76 -16.84 -8.92 -6.65
C THR D 76 -16.40 -9.32 -8.03
N THR D 77 -17.08 -10.30 -8.62
CA THR D 77 -16.78 -10.75 -9.99
C THR D 77 -18.03 -10.60 -10.85
N VAL D 78 -17.87 -10.01 -12.02
CA VAL D 78 -18.97 -9.79 -12.95
C VAL D 78 -18.64 -10.36 -14.32
N PRO D 79 -19.64 -10.90 -15.03
CA PRO D 79 -19.36 -11.42 -16.39
C PRO D 79 -18.72 -10.39 -17.31
N ALA D 80 -17.51 -10.69 -17.73
CA ALA D 80 -16.69 -9.81 -18.54
C ALA D 80 -17.28 -9.32 -19.84
N ARG D 81 -17.52 -10.23 -20.77
CA ARG D 81 -18.03 -9.82 -22.07
C ARG D 81 -19.32 -9.04 -21.96
N LYS D 82 -20.28 -9.54 -21.20
CA LYS D 82 -21.55 -8.84 -21.05
C LYS D 82 -21.37 -7.43 -20.53
N LEU D 83 -20.61 -7.29 -19.47
CA LEU D 83 -20.40 -5.97 -18.87
C LEU D 83 -19.81 -5.00 -19.88
N MET D 84 -18.86 -5.46 -20.67
CA MET D 84 -18.24 -4.64 -21.69
C MET D 84 -19.21 -4.22 -22.78
N GLU D 85 -20.06 -5.15 -23.20
CA GLU D 85 -21.07 -4.86 -24.22
C GLU D 85 -22.05 -3.83 -23.71
N ILE D 86 -22.44 -3.98 -22.45
CA ILE D 86 -23.39 -3.09 -21.82
C ILE D 86 -22.85 -1.66 -21.73
N CYS D 87 -21.60 -1.52 -21.33
CA CYS D 87 -20.99 -0.21 -21.21
C CYS D 87 -20.87 0.50 -22.54
N LYS D 88 -20.53 -0.24 -23.59
CA LYS D 88 -20.37 0.36 -24.91
C LYS D 88 -21.70 0.81 -25.51
N SER D 89 -22.78 0.16 -25.11
CA SER D 89 -24.10 0.51 -25.63
C SER D 89 -24.67 1.81 -25.05
N LEU D 90 -24.14 2.26 -23.91
CA LEU D 90 -24.60 3.49 -23.27
C LEU D 90 -24.18 4.71 -24.09
N PRO D 91 -24.91 5.83 -23.96
CA PRO D 91 -24.53 7.05 -24.69
C PRO D 91 -23.25 7.68 -24.16
N THR D 92 -22.62 8.52 -24.97
CA THR D 92 -21.38 9.20 -24.57
C THR D 92 -21.60 10.02 -23.30
N ALA D 93 -20.59 10.02 -22.42
CA ALA D 93 -20.63 10.75 -21.15
C ALA D 93 -21.65 10.25 -20.13
N ALA D 94 -22.16 9.04 -20.30
CA ALA D 94 -23.16 8.49 -19.39
C ALA D 94 -22.54 8.15 -18.05
N LEU D 95 -23.37 8.01 -17.03
CA LEU D 95 -22.84 7.69 -15.73
C LEU D 95 -23.44 6.38 -15.32
N ILE D 96 -22.62 5.49 -14.79
CA ILE D 96 -23.09 4.18 -14.41
C ILE D 96 -23.10 4.01 -12.91
N ASP D 97 -24.15 3.38 -12.39
CA ASP D 97 -24.23 3.13 -10.98
C ASP D 97 -24.25 1.63 -10.79
N LEU D 98 -23.33 1.11 -10.00
CA LEU D 98 -23.25 -0.32 -9.76
C LEU D 98 -23.49 -0.66 -8.31
N GLN D 99 -24.34 -1.65 -8.06
CA GLN D 99 -24.60 -2.09 -6.71
C GLN D 99 -24.69 -3.60 -6.66
N ILE D 100 -23.99 -4.20 -5.72
CA ILE D 100 -24.02 -5.65 -5.60
C ILE D 100 -24.88 -6.05 -4.42
N THR D 101 -25.90 -6.85 -4.71
CA THR D 101 -26.85 -7.34 -3.73
C THR D 101 -26.41 -8.59 -2.98
N GLU D 102 -27.13 -8.88 -1.91
CA GLU D 102 -26.90 -10.06 -1.07
C GLU D 102 -27.20 -11.38 -1.76
N ASP D 103 -28.07 -11.36 -2.77
CA ASP D 103 -28.47 -12.58 -3.48
C ASP D 103 -27.67 -12.83 -4.76
N GLN D 104 -26.43 -12.37 -4.75
CA GLN D 104 -25.49 -12.53 -5.85
C GLN D 104 -25.94 -11.97 -7.18
N ARG D 105 -26.48 -10.77 -7.14
CA ARG D 105 -26.88 -10.10 -8.35
C ARG D 105 -26.12 -8.80 -8.45
N CYS D 106 -25.90 -8.35 -9.66
CA CYS D 106 -25.24 -7.07 -9.93
C CYS D 106 -26.17 -6.18 -10.74
N ILE D 107 -26.37 -4.95 -10.27
CA ILE D 107 -27.26 -4.02 -10.95
C ILE D 107 -26.57 -2.78 -11.48
N LEU D 108 -26.78 -2.49 -12.75
CA LEU D 108 -26.19 -1.31 -13.37
C LEU D 108 -27.29 -0.40 -13.85
N LYS D 109 -27.23 0.86 -13.47
CA LYS D 109 -28.23 1.83 -13.91
C LYS D 109 -27.55 3.01 -14.57
N SER D 110 -28.01 3.36 -15.76
CA SER D 110 -27.48 4.50 -16.47
C SER D 110 -28.65 5.02 -17.25
N GLY D 111 -28.91 6.31 -17.15
CA GLY D 111 -30.06 6.91 -17.80
C GLY D 111 -31.34 6.20 -17.37
N ASN D 112 -32.19 5.88 -18.35
CA ASN D 112 -33.43 5.13 -18.10
C ASN D 112 -33.16 3.62 -18.12
N SER D 113 -31.91 3.22 -18.30
CA SER D 113 -31.62 1.79 -18.33
C SER D 113 -31.18 1.07 -17.06
N ARG D 114 -31.69 -0.15 -16.89
CA ARG D 114 -31.36 -0.97 -15.75
C ARG D 114 -30.92 -2.34 -16.23
N PHE D 115 -29.72 -2.78 -15.85
CA PHE D 115 -29.21 -4.08 -16.25
C PHE D 115 -28.90 -4.88 -15.01
N VAL D 116 -29.20 -6.17 -15.03
CA VAL D 116 -28.90 -7.04 -13.89
C VAL D 116 -28.17 -8.29 -14.35
N LEU D 117 -27.02 -8.54 -13.75
CA LEU D 117 -26.19 -9.69 -14.10
C LEU D 117 -25.99 -10.65 -12.94
N GLY D 118 -25.28 -11.74 -13.20
CA GLY D 118 -25.00 -12.75 -12.20
C GLY D 118 -23.57 -12.58 -11.76
N THR D 119 -23.37 -12.53 -10.46
CA THR D 119 -22.04 -12.36 -9.87
C THR D 119 -21.62 -13.58 -9.06
N LEU D 120 -20.32 -13.87 -9.01
CA LEU D 120 -19.78 -14.97 -8.24
C LEU D 120 -18.87 -14.40 -7.15
N PRO D 121 -18.69 -15.13 -6.04
CA PRO D 121 -17.84 -14.66 -4.93
C PRO D 121 -16.41 -14.31 -5.33
N ALA D 122 -15.92 -13.15 -4.94
CA ALA D 122 -14.54 -12.75 -5.26
C ALA D 122 -13.34 -13.56 -4.78
N GLU D 123 -13.46 -14.12 -3.60
CA GLU D 123 -12.42 -15.00 -3.03
C GLU D 123 -12.28 -16.44 -3.68
N ASP D 124 -13.29 -16.73 -4.52
CA ASP D 124 -13.30 -17.96 -5.31
C ASP D 124 -12.48 -17.67 -6.58
N TYR D 125 -12.19 -16.42 -6.85
CA TYR D 125 -11.40 -16.08 -8.03
C TYR D 125 -9.96 -16.48 -7.80
N PRO D 126 -9.42 -17.35 -8.66
CA PRO D 126 -8.03 -17.78 -8.49
C PRO D 126 -6.99 -16.81 -9.05
N LEU D 127 -5.89 -16.65 -8.31
CA LEU D 127 -4.81 -15.76 -8.71
C LEU D 127 -3.48 -16.49 -8.81
N LEU D 128 -2.63 -16.02 -9.72
CA LEU D 128 -1.30 -16.60 -9.86
C LEU D 128 -0.55 -16.10 -8.66
N THR D 129 0.02 -17.03 -7.92
CA THR D 129 0.72 -16.71 -6.68
C THR D 129 2.26 -16.89 -6.85
N THR D 130 2.98 -15.92 -6.31
CA THR D 130 4.41 -15.77 -6.42
C THR D 130 5.31 -16.90 -6.02
N GLU D 131 6.54 -16.78 -6.44
CA GLU D 131 7.54 -17.76 -6.13
C GLU D 131 8.44 -17.06 -5.14
N ASN D 132 8.73 -17.74 -4.05
CA ASN D 132 9.63 -17.24 -3.03
C ASN D 132 11.09 -17.20 -3.53
N SER D 133 11.40 -18.13 -4.42
CA SER D 133 12.69 -18.25 -5.04
C SER D 133 12.90 -16.93 -5.78
N GLN D 134 14.10 -16.39 -5.71
CA GLN D 134 14.39 -15.13 -6.35
C GLN D 134 14.41 -15.14 -7.87
N GLY D 135 13.74 -14.17 -8.46
CA GLY D 135 13.69 -13.99 -9.91
C GLY D 135 14.85 -13.16 -10.46
N THR D 136 14.99 -13.21 -11.78
CA THR D 136 16.03 -12.49 -12.51
C THR D 136 15.39 -11.24 -13.11
N GLN D 137 16.04 -10.10 -12.94
CA GLN D 137 15.51 -8.85 -13.43
C GLN D 137 16.16 -8.42 -14.74
N VAL D 138 15.36 -8.11 -15.75
CA VAL D 138 15.86 -7.73 -17.06
C VAL D 138 15.35 -6.32 -17.37
N GLN D 139 16.24 -5.45 -17.83
CA GLN D 139 15.88 -4.09 -18.17
C GLN D 139 15.82 -3.94 -19.68
N VAL D 140 14.67 -3.55 -20.20
CA VAL D 140 14.54 -3.39 -21.63
C VAL D 140 13.46 -2.39 -21.97
N THR D 141 13.69 -1.57 -22.98
CA THR D 141 12.71 -0.58 -23.39
C THR D 141 11.51 -1.20 -24.03
N GLN D 142 10.36 -0.57 -23.86
CA GLN D 142 9.12 -1.06 -24.42
C GLN D 142 9.21 -1.33 -25.91
N ARG D 143 9.81 -0.40 -26.63
CA ARG D 143 9.93 -0.52 -28.07
C ARG D 143 10.74 -1.73 -28.47
N GLU D 144 11.82 -1.97 -27.73
CA GLU D 144 12.71 -3.08 -28.01
C GLU D 144 12.14 -4.46 -27.73
N LEU D 145 11.37 -4.58 -26.66
CA LEU D 145 10.75 -5.84 -26.31
C LEU D 145 9.58 -6.11 -27.24
N LYS D 146 8.96 -5.05 -27.71
CA LYS D 146 7.84 -5.16 -28.63
C LYS D 146 8.37 -5.60 -29.98
N ARG D 147 9.56 -5.14 -30.30
CA ARG D 147 10.21 -5.50 -31.55
C ARG D 147 10.53 -6.96 -31.61
N LEU D 148 10.93 -7.53 -30.47
CA LEU D 148 11.27 -8.94 -30.37
C LEU D 148 10.08 -9.78 -30.77
N PHE D 149 8.93 -9.40 -30.28
CA PHE D 149 7.71 -10.12 -30.57
C PHE D 149 7.21 -9.91 -31.99
N GLU D 150 7.30 -8.70 -32.53
CA GLU D 150 6.83 -8.49 -33.88
C GLU D 150 7.60 -9.35 -34.85
N LYS D 151 8.91 -9.38 -34.68
CA LYS D 151 9.81 -10.14 -35.52
C LYS D 151 9.69 -11.66 -35.45
N THR D 152 9.40 -12.18 -34.27
CA THR D 152 9.30 -13.62 -34.10
C THR D 152 7.92 -14.30 -34.04
N ALA D 153 6.89 -13.59 -33.61
CA ALA D 153 5.54 -14.16 -33.45
C ALA D 153 5.01 -15.11 -34.51
N PHE D 154 5.12 -14.73 -35.76
CA PHE D 154 4.58 -15.55 -36.87
C PHE D 154 5.03 -17.00 -36.92
N ALA D 155 6.22 -17.29 -36.42
CA ALA D 155 6.80 -18.64 -36.53
C ALA D 155 6.43 -19.59 -35.38
N MET D 156 5.65 -19.13 -34.41
CA MET D 156 5.18 -19.98 -33.34
C MET D 156 4.18 -20.97 -33.91
N ALA D 157 4.13 -22.16 -33.36
CA ALA D 157 3.21 -23.17 -33.84
C ALA D 157 1.83 -22.96 -33.22
N VAL D 158 0.80 -22.92 -34.04
CA VAL D 158 -0.55 -22.67 -33.52
C VAL D 158 -1.01 -23.75 -32.55
N GLN D 159 -0.87 -25.00 -32.95
CA GLN D 159 -1.23 -26.12 -32.11
C GLN D 159 -0.18 -27.19 -32.31
N ASP D 160 0.27 -27.81 -31.22
CA ASP D 160 1.27 -28.86 -31.31
C ASP D 160 1.33 -29.70 -30.03
N VAL D 161 1.77 -30.94 -30.18
CA VAL D 161 1.97 -31.84 -29.05
C VAL D 161 3.10 -31.31 -28.18
N ARG D 162 4.12 -30.79 -28.83
CA ARG D 162 5.24 -30.18 -28.14
C ARG D 162 4.72 -28.80 -27.78
N PHE D 163 4.29 -28.65 -26.53
CA PHE D 163 3.71 -27.41 -26.02
C PHE D 163 4.67 -26.22 -26.04
N TYR D 164 5.96 -26.47 -25.86
CA TYR D 164 6.98 -25.43 -25.87
C TYR D 164 7.08 -24.64 -27.19
N LEU D 165 6.84 -25.31 -28.31
CA LEU D 165 6.83 -24.72 -29.65
C LEU D 165 5.73 -23.68 -29.88
N THR D 166 4.65 -23.77 -29.12
CA THR D 166 3.54 -22.83 -29.17
C THR D 166 3.85 -21.47 -28.53
N GLY D 167 4.97 -21.31 -27.83
CA GLY D 167 5.32 -20.04 -27.26
C GLY D 167 6.65 -19.48 -27.74
N THR D 168 6.99 -18.31 -27.25
CA THR D 168 8.22 -17.67 -27.61
C THR D 168 9.22 -17.88 -26.51
N LEU D 169 10.42 -18.28 -26.87
CA LEU D 169 11.52 -18.38 -25.91
C LEU D 169 12.11 -16.99 -25.77
N LEU D 170 12.09 -16.46 -24.56
CA LEU D 170 12.88 -15.28 -24.19
C LEU D 170 14.10 -15.81 -23.46
N GLU D 171 15.27 -15.42 -23.90
CA GLU D 171 16.49 -15.88 -23.30
C GLU D 171 17.36 -14.69 -23.01
N ILE D 172 17.65 -14.47 -21.74
CA ILE D 172 18.49 -13.36 -21.38
C ILE D 172 19.87 -13.87 -21.04
N ASP D 173 20.81 -13.48 -21.88
CA ASP D 173 22.20 -13.85 -21.70
C ASP D 173 22.99 -12.58 -21.78
N GLU D 174 23.75 -12.27 -20.74
CA GLU D 174 24.59 -11.09 -20.72
C GLU D 174 23.81 -9.80 -21.00
N ASN D 175 24.26 -9.06 -22.00
CA ASN D 175 23.65 -7.78 -22.37
C ASN D 175 22.63 -7.89 -23.47
N GLN D 176 22.16 -9.10 -23.74
CA GLN D 176 21.15 -9.27 -24.76
C GLN D 176 19.92 -10.05 -24.34
N LEU D 177 18.77 -9.66 -24.87
CA LEU D 177 17.52 -10.36 -24.64
C LEU D 177 17.18 -10.91 -26.00
N ARG D 178 16.87 -12.19 -26.07
CA ARG D 178 16.60 -12.84 -27.32
C ARG D 178 15.27 -13.54 -27.38
N ALA D 179 14.56 -13.37 -28.49
CA ALA D 179 13.29 -14.04 -28.70
C ALA D 179 13.48 -15.06 -29.79
N VAL D 180 13.08 -16.30 -29.53
CA VAL D 180 13.20 -17.38 -30.51
C VAL D 180 11.89 -18.12 -30.61
N THR D 181 11.45 -18.37 -31.85
CA THR D 181 10.23 -19.11 -32.10
C THR D 181 10.45 -20.10 -33.20
N THR D 182 9.72 -21.20 -33.17
CA THR D 182 9.83 -22.23 -34.20
C THR D 182 8.60 -23.14 -34.18
N ASP D 183 8.30 -23.77 -35.31
CA ASP D 183 7.18 -24.67 -35.40
C ASP D 183 7.59 -25.98 -36.07
N GLY D 184 8.89 -26.15 -36.25
CA GLY D 184 9.42 -27.36 -36.87
C GLY D 184 9.79 -27.22 -38.34
N HIS D 185 9.13 -26.30 -39.05
CA HIS D 185 9.41 -26.03 -40.45
C HIS D 185 10.23 -24.77 -40.68
N ARG D 186 10.36 -23.95 -39.64
CA ARG D 186 11.04 -22.65 -39.77
C ARG D 186 11.31 -22.11 -38.39
N LEU D 187 12.18 -21.11 -38.34
CA LEU D 187 12.61 -20.53 -37.08
C LEU D 187 12.82 -19.05 -37.25
N ALA D 188 12.49 -18.30 -36.21
CA ALA D 188 12.69 -16.87 -36.19
C ALA D 188 13.43 -16.52 -34.92
N LEU D 189 14.36 -15.57 -35.03
CA LEU D 189 15.14 -15.13 -33.90
C LEU D 189 15.44 -13.65 -34.02
N CYS D 190 15.40 -12.94 -32.90
CA CYS D 190 15.68 -11.53 -32.84
C CYS D 190 16.44 -11.26 -31.55
N GLU D 191 17.41 -10.35 -31.58
CA GLU D 191 18.18 -10.02 -30.39
C GLU D 191 18.16 -8.53 -30.16
N ILE D 192 18.00 -8.10 -28.93
CA ILE D 192 18.04 -6.67 -28.70
C ILE D 192 19.28 -6.35 -27.94
N LEU D 193 20.00 -5.37 -28.46
CA LEU D 193 21.28 -4.95 -27.94
C LEU D 193 21.17 -4.48 -26.53
N ALA D 194 20.12 -3.73 -26.22
CA ALA D 194 19.98 -3.23 -24.88
C ALA D 194 19.22 -4.17 -23.97
N SER D 195 19.92 -4.64 -22.95
CA SER D 195 19.34 -5.46 -21.90
C SER D 195 20.25 -5.43 -20.68
N SER D 196 19.66 -5.50 -19.49
CA SER D 196 20.42 -5.53 -18.25
C SER D 196 19.94 -6.67 -17.41
N THR D 197 20.86 -7.50 -16.92
CA THR D 197 20.49 -8.67 -16.12
C THR D 197 21.66 -9.27 -15.35
N SER D 198 21.38 -10.37 -14.65
CA SER D 198 22.37 -11.14 -13.90
C SER D 198 23.29 -11.88 -14.87
N SER D 199 24.48 -12.26 -14.41
CA SER D 199 25.49 -12.90 -15.26
C SER D 199 25.15 -14.24 -15.93
N GLN D 200 24.52 -15.16 -15.22
CA GLN D 200 24.16 -16.47 -15.80
C GLN D 200 22.98 -16.45 -16.78
N LEU D 201 23.00 -17.37 -17.75
CA LEU D 201 21.91 -17.45 -18.73
C LEU D 201 20.58 -17.94 -18.15
N VAL D 202 19.50 -17.25 -18.51
CA VAL D 202 18.16 -17.59 -18.03
C VAL D 202 17.19 -17.71 -19.20
N GLN D 203 16.31 -18.70 -19.15
CA GLN D 203 15.33 -18.91 -20.21
C GLN D 203 13.89 -18.95 -19.66
N ALA D 204 12.96 -18.41 -20.43
CA ALA D 204 11.56 -18.40 -20.07
C ALA D 204 10.75 -18.57 -21.33
N ILE D 205 9.80 -19.49 -21.33
CA ILE D 205 8.99 -19.68 -22.51
C ILE D 205 7.65 -19.05 -22.25
N VAL D 206 7.30 -18.06 -23.03
CA VAL D 206 6.07 -17.31 -22.85
C VAL D 206 4.98 -17.83 -23.76
N PRO D 207 3.83 -18.21 -23.20
CA PRO D 207 2.69 -18.71 -23.98
C PRO D 207 2.18 -17.79 -25.09
N ARG D 208 1.44 -18.38 -26.02
CA ARG D 208 0.95 -17.64 -27.16
C ARG D 208 0.05 -16.49 -26.76
N LYS D 209 -0.83 -16.70 -25.80
CA LYS D 209 -1.72 -15.64 -25.35
C LYS D 209 -1.00 -14.50 -24.69
N ALA D 210 0.02 -14.83 -23.91
CA ALA D 210 0.80 -13.83 -23.21
C ALA D 210 1.54 -12.93 -24.19
N VAL D 211 2.07 -13.49 -25.24
CA VAL D 211 2.79 -12.70 -26.24
C VAL D 211 1.85 -11.72 -26.90
N GLY D 212 0.65 -12.17 -27.22
CA GLY D 212 -0.33 -11.33 -27.85
C GLY D 212 -0.77 -10.18 -26.99
N GLU D 213 -0.97 -10.46 -25.71
CA GLU D 213 -1.37 -9.43 -24.76
C GLU D 213 -0.26 -8.41 -24.52
N LEU D 214 0.96 -8.89 -24.48
CA LEU D 214 2.11 -8.04 -24.26
C LEU D 214 2.31 -7.15 -25.47
N GLN D 215 2.10 -7.69 -26.65
CA GLN D 215 2.23 -6.90 -27.87
C GLN D 215 1.21 -5.78 -27.86
N ARG D 216 -0.02 -6.09 -27.46
CA ARG D 216 -1.09 -5.09 -27.38
C ARG D 216 -0.79 -4.01 -26.37
N LEU D 217 -0.29 -4.43 -25.20
CA LEU D 217 0.07 -3.57 -24.09
C LEU D 217 1.27 -2.63 -24.28
N LEU D 218 2.30 -3.13 -24.95
CA LEU D 218 3.53 -2.37 -25.17
C LEU D 218 3.45 -1.29 -26.22
N SER D 219 4.34 -0.32 -26.11
CA SER D 219 4.38 0.78 -27.04
C SER D 219 5.68 0.78 -27.81
N ILE D 220 5.84 1.74 -28.68
CA ILE D 220 7.01 1.85 -29.52
C ILE D 220 7.92 3.00 -29.05
N GLU D 221 7.75 3.32 -27.78
CA GLU D 221 8.53 4.34 -27.13
C GLU D 221 9.68 3.69 -26.40
N ASP D 222 10.71 4.47 -26.11
CA ASP D 222 11.89 3.97 -25.46
C ASP D 222 11.87 4.00 -23.94
N GLU D 223 10.68 4.00 -23.35
CA GLU D 223 10.58 3.92 -21.91
C GLU D 223 11.06 2.56 -21.43
N GLN D 224 11.88 2.55 -20.40
CA GLN D 224 12.45 1.34 -19.83
C GLN D 224 11.47 0.52 -19.01
N LEU D 225 11.50 -0.79 -19.18
CA LEU D 225 10.66 -1.73 -18.44
C LEU D 225 11.55 -2.63 -17.63
N THR D 226 10.97 -3.25 -16.60
CA THR D 226 11.70 -4.21 -15.80
C THR D 226 10.89 -5.48 -15.71
N LEU D 227 11.42 -6.55 -16.29
CA LEU D 227 10.72 -7.81 -16.29
C LEU D 227 11.32 -8.67 -15.22
N LEU D 228 10.48 -9.23 -14.37
CA LEU D 228 10.97 -10.12 -13.35
C LEU D 228 10.72 -11.52 -13.85
N ILE D 229 11.80 -12.25 -14.11
CA ILE D 229 11.69 -13.60 -14.61
C ILE D 229 12.00 -14.55 -13.47
N GLY D 230 11.09 -15.48 -13.27
CA GLY D 230 11.17 -16.45 -12.21
C GLY D 230 11.07 -17.84 -12.79
N ARG D 231 11.27 -18.85 -11.96
CA ARG D 231 11.21 -20.21 -12.43
C ARG D 231 9.84 -20.55 -13.02
N GLU D 232 8.77 -20.08 -12.39
CA GLU D 232 7.43 -20.37 -12.91
C GLU D 232 6.64 -19.19 -13.50
N LEU D 233 7.07 -17.95 -13.26
CA LEU D 233 6.33 -16.80 -13.75
C LEU D 233 7.17 -15.64 -14.28
N LEU D 234 6.55 -14.83 -15.14
CA LEU D 234 7.17 -13.63 -15.68
C LEU D 234 6.27 -12.45 -15.30
N ASN D 235 6.86 -11.43 -14.67
CA ASN D 235 6.09 -10.28 -14.20
C ASN D 235 6.57 -8.93 -14.73
N VAL D 236 5.62 -8.10 -15.14
CA VAL D 236 5.96 -6.74 -15.59
C VAL D 236 4.86 -5.75 -15.19
N THR D 237 5.24 -4.54 -14.80
CA THR D 237 4.27 -3.52 -14.47
C THR D 237 4.38 -2.38 -15.49
N ILE D 238 3.27 -2.04 -16.12
CA ILE D 238 3.24 -0.99 -17.12
C ILE D 238 2.31 0.14 -16.75
N ASN D 239 2.77 1.37 -16.92
CA ASN D 239 2.00 2.57 -16.62
C ASN D 239 1.56 3.21 -17.93
N THR D 240 0.27 3.19 -18.23
CA THR D 240 -0.22 3.81 -19.48
C THR D 240 -0.50 5.25 -19.15
N PRO D 241 -0.18 6.20 -20.03
CA PRO D 241 -0.55 7.58 -19.66
C PRO D 241 -2.00 8.03 -20.00
N SER D 242 -2.91 8.03 -19.02
CA SER D 242 -4.30 8.53 -19.18
C SER D 242 -4.68 9.37 -18.01
N LYS D 245 -10.13 15.09 -20.88
CA LYS D 245 -10.48 13.83 -20.25
C LYS D 245 -9.96 13.78 -18.83
N GLU D 246 -10.77 14.20 -17.86
CA GLU D 246 -10.29 14.16 -16.48
C GLU D 246 -10.51 12.84 -15.77
N GLN D 247 -9.80 11.83 -16.24
CA GLN D 247 -9.84 10.53 -15.63
C GLN D 247 -8.40 10.17 -15.38
N GLY D 248 -8.16 9.48 -14.28
CA GLY D 248 -6.82 9.14 -13.92
C GLY D 248 -5.96 8.18 -14.69
N ASP D 249 -4.76 8.02 -14.16
CA ASP D 249 -3.74 7.07 -14.69
C ASP D 249 -4.10 5.63 -14.48
N ILE D 250 -3.55 4.76 -15.29
CA ILE D 250 -3.87 3.34 -15.28
C ILE D 250 -2.59 2.55 -15.11
N THR D 251 -2.50 1.77 -14.06
CA THR D 251 -1.35 0.91 -13.88
C THR D 251 -1.74 -0.54 -14.14
N VAL D 252 -1.00 -1.21 -15.00
CA VAL D 252 -1.30 -2.59 -15.36
C VAL D 252 -0.15 -3.48 -14.97
N ARG D 253 -0.45 -4.53 -14.23
CA ARG D 253 0.58 -5.48 -13.85
C ARG D 253 0.27 -6.72 -14.65
N PHE D 254 1.28 -7.24 -15.33
CA PHE D 254 1.10 -8.39 -16.17
C PHE D 254 1.84 -9.57 -15.60
N THR D 255 1.16 -10.69 -15.52
CA THR D 255 1.77 -11.89 -15.00
C THR D 255 1.44 -13.02 -15.94
N THR D 256 2.42 -13.86 -16.22
CA THR D 256 2.20 -14.99 -17.09
C THR D 256 2.90 -16.22 -16.55
N LYS D 257 2.26 -17.36 -16.74
CA LYS D 257 2.79 -18.62 -16.29
C LYS D 257 3.57 -19.16 -17.46
N LEU D 258 4.88 -19.27 -17.27
CA LEU D 258 5.78 -19.76 -18.29
C LEU D 258 5.51 -21.20 -18.64
N ILE D 259 5.62 -21.54 -19.91
CA ILE D 259 5.41 -22.92 -20.31
C ILE D 259 6.55 -23.75 -19.71
N ASP D 260 6.20 -24.89 -19.14
CA ASP D 260 7.19 -25.76 -18.53
C ASP D 260 7.70 -26.78 -19.52
N GLY D 261 8.84 -26.49 -20.10
CA GLY D 261 9.44 -27.37 -21.07
C GLY D 261 10.85 -26.94 -21.34
N LYS D 262 11.49 -27.62 -22.28
CA LYS D 262 12.85 -27.29 -22.65
C LYS D 262 12.85 -26.95 -24.11
N PHE D 263 13.34 -25.76 -24.45
CA PHE D 263 13.36 -25.36 -25.82
C PHE D 263 14.58 -25.93 -26.52
N PRO D 264 14.41 -26.45 -27.74
CA PRO D 264 15.48 -27.02 -28.54
C PRO D 264 16.61 -26.03 -28.73
N ASP D 265 17.85 -26.50 -28.68
CA ASP D 265 18.94 -25.55 -28.87
C ASP D 265 18.95 -25.01 -30.28
N TYR D 266 18.53 -23.77 -30.41
CA TYR D 266 18.46 -23.08 -31.69
C TYR D 266 19.76 -22.84 -32.41
N ARG D 267 20.82 -22.56 -31.67
CA ARG D 267 22.10 -22.20 -32.30
C ARG D 267 22.67 -23.25 -33.25
N ARG D 268 22.58 -24.52 -32.91
CA ARG D 268 23.11 -25.54 -33.82
C ARG D 268 22.39 -25.55 -35.16
N VAL D 269 21.07 -25.37 -35.10
CA VAL D 269 20.22 -25.37 -36.29
C VAL D 269 20.48 -24.22 -37.27
N ILE D 270 20.75 -23.03 -36.75
CA ILE D 270 21.00 -21.89 -37.63
C ILE D 270 22.23 -22.19 -38.46
N PRO D 271 22.08 -22.06 -39.78
CA PRO D 271 23.17 -22.31 -40.73
C PRO D 271 24.26 -21.29 -40.64
N ARG D 272 25.50 -21.76 -40.68
CA ARG D 272 26.65 -20.90 -40.66
C ARG D 272 26.76 -20.26 -42.02
N GLY D 273 27.26 -19.04 -42.08
CA GLY D 273 27.44 -18.37 -43.35
C GLY D 273 28.66 -18.88 -44.10
N GLY D 274 28.75 -18.55 -45.38
CA GLY D 274 29.92 -18.96 -46.14
C GLY D 274 29.90 -19.91 -47.33
N ASP D 275 28.75 -20.37 -47.78
CA ASP D 275 28.77 -21.23 -48.96
C ASP D 275 28.25 -20.49 -50.18
N LYS D 276 26.95 -20.39 -50.33
CA LYS D 276 26.37 -19.68 -51.46
C LYS D 276 25.55 -18.54 -50.92
N HIS D 277 25.80 -17.33 -51.39
CA HIS D 277 25.07 -16.17 -50.90
C HIS D 277 24.40 -15.37 -51.99
N VAL D 278 23.17 -14.93 -51.74
CA VAL D 278 22.40 -14.14 -52.69
C VAL D 278 21.81 -12.90 -52.05
N LEU D 279 21.72 -11.82 -52.82
CA LEU D 279 21.11 -10.59 -52.33
C LEU D 279 20.06 -10.20 -53.35
N ILE D 280 18.84 -9.91 -52.91
CA ILE D 280 17.73 -9.57 -53.78
C ILE D 280 16.98 -8.35 -53.26
N GLY D 281 16.53 -7.46 -54.14
CA GLY D 281 15.71 -6.32 -53.76
C GLY D 281 14.46 -6.85 -53.08
N HIS D 282 14.12 -6.28 -51.92
CA HIS D 282 13.01 -6.79 -51.12
C HIS D 282 11.70 -6.71 -51.87
N ASP D 283 11.36 -5.52 -52.34
CA ASP D 283 10.11 -5.30 -53.06
C ASP D 283 9.99 -6.19 -54.30
N VAL D 284 11.09 -6.38 -55.01
CA VAL D 284 11.10 -7.20 -56.20
C VAL D 284 10.78 -8.62 -55.83
N PHE D 285 11.51 -9.15 -54.85
CA PHE D 285 11.31 -10.51 -54.39
C PHE D 285 9.88 -10.77 -53.93
N LYS D 286 9.34 -9.88 -53.10
CA LYS D 286 7.96 -10.01 -52.60
C LYS D 286 6.93 -10.04 -53.73
N GLN D 287 7.02 -9.07 -54.63
CA GLN D 287 6.04 -8.94 -55.72
C GLN D 287 6.07 -10.14 -56.65
N SER D 288 7.25 -10.62 -57.01
CA SER D 288 7.37 -11.77 -57.88
C SER D 288 6.84 -13.02 -57.24
N LEU D 289 7.21 -13.19 -55.97
CA LEU D 289 6.81 -14.34 -55.19
C LEU D 289 5.29 -14.44 -55.16
N GLN D 290 4.65 -13.33 -54.87
CA GLN D 290 3.17 -13.26 -54.84
C GLN D 290 2.55 -13.60 -56.19
N ARG D 291 3.13 -13.10 -57.27
CA ARG D 291 2.60 -13.37 -58.59
C ARG D 291 2.70 -14.84 -58.97
N VAL D 292 3.88 -15.40 -58.77
CA VAL D 292 4.12 -16.79 -59.15
C VAL D 292 3.33 -17.74 -58.28
N ALA D 293 3.13 -17.38 -57.01
CA ALA D 293 2.36 -18.21 -56.06
C ALA D 293 0.91 -18.41 -56.44
N ILE D 294 0.36 -17.54 -57.28
CA ILE D 294 -1.06 -17.64 -57.69
C ILE D 294 -1.36 -18.96 -58.36
N LEU D 295 -0.43 -19.49 -59.13
CA LEU D 295 -0.63 -20.77 -59.81
C LEU D 295 0.11 -21.93 -59.13
N SER D 296 0.44 -21.78 -57.86
CA SER D 296 0.96 -22.92 -57.08
C SER D 296 -0.20 -23.75 -56.57
N ASN D 297 0.15 -24.87 -55.96
CA ASN D 297 -0.81 -25.77 -55.37
C ASN D 297 -1.52 -25.00 -54.29
N GLU D 298 -2.83 -25.15 -54.22
CA GLU D 298 -3.64 -24.39 -53.30
C GLU D 298 -3.33 -24.61 -51.83
N LYS D 299 -3.13 -25.85 -51.43
CA LYS D 299 -2.86 -26.10 -50.03
C LYS D 299 -1.38 -26.11 -49.68
N LEU D 300 -0.58 -26.84 -50.44
CA LEU D 300 0.85 -26.89 -50.21
C LEU D 300 1.64 -25.61 -50.48
N ARG D 301 1.23 -24.87 -51.51
CA ARG D 301 1.84 -23.59 -51.93
C ARG D 301 3.30 -23.65 -52.32
N GLY D 302 3.71 -24.70 -52.99
CA GLY D 302 5.10 -24.84 -53.37
C GLY D 302 5.57 -24.15 -54.61
N VAL D 303 6.63 -23.38 -54.46
CA VAL D 303 7.26 -22.67 -55.58
C VAL D 303 8.73 -23.09 -55.69
N PHE D 304 9.22 -23.13 -56.91
CA PHE D 304 10.59 -23.49 -57.18
C PHE D 304 11.42 -22.25 -57.38
N LEU D 305 12.57 -22.21 -56.72
CA LEU D 305 13.48 -21.10 -56.88
C LEU D 305 14.68 -21.69 -57.57
N ASN D 306 15.03 -21.14 -58.71
CA ASN D 306 16.17 -21.62 -59.45
C ASN D 306 17.21 -20.52 -59.47
N PHE D 307 18.39 -20.82 -58.94
CA PHE D 307 19.44 -19.83 -58.87
C PHE D 307 20.49 -20.05 -59.95
N ASN D 308 20.71 -19.01 -60.73
CA ASN D 308 21.68 -18.98 -61.83
C ASN D 308 22.47 -17.69 -61.70
N GLN D 309 23.60 -17.57 -62.39
CA GLN D 309 24.37 -16.36 -62.21
C GLN D 309 23.58 -15.14 -62.69
N ASP D 310 23.40 -14.23 -61.75
CA ASP D 310 22.71 -12.94 -61.89
C ASP D 310 21.21 -12.99 -62.14
N SER D 311 20.59 -14.14 -61.95
CA SER D 311 19.17 -14.29 -62.18
C SER D 311 18.52 -15.35 -61.33
N LEU D 312 17.32 -15.11 -60.87
CA LEU D 312 16.59 -16.10 -60.10
C LEU D 312 15.29 -16.34 -60.83
N GLN D 313 14.98 -17.60 -61.07
CA GLN D 313 13.74 -17.92 -61.77
C GLN D 313 12.77 -18.52 -60.79
N LEU D 314 11.60 -17.91 -60.70
CA LEU D 314 10.55 -18.38 -59.83
C LEU D 314 9.58 -19.14 -60.70
N ARG D 315 9.26 -20.36 -60.29
CA ARG D 315 8.37 -21.18 -61.07
C ARG D 315 7.39 -21.96 -60.19
N ALA D 316 6.12 -21.96 -60.56
CA ALA D 316 5.08 -22.66 -59.81
C ALA D 316 4.07 -23.28 -60.76
N ASN D 317 3.51 -24.42 -60.37
CA ASN D 317 2.42 -25.05 -61.10
C ASN D 317 1.50 -25.82 -60.16
N ASN D 318 0.32 -26.13 -60.66
CA ASN D 318 -0.68 -26.88 -59.94
C ASN D 318 -1.08 -28.13 -60.70
N PRO D 319 -2.10 -28.83 -60.20
CA PRO D 319 -2.65 -30.07 -60.74
C PRO D 319 -3.44 -29.91 -62.04
N GLU D 320 -3.81 -28.69 -62.37
CA GLU D 320 -4.56 -28.41 -63.58
C GLU D 320 -3.63 -28.00 -64.71
N GLN D 321 -2.34 -28.20 -64.49
CA GLN D 321 -1.24 -27.89 -65.42
C GLN D 321 -1.06 -26.41 -65.73
N ASP D 322 -1.51 -25.54 -64.84
CA ASP D 322 -1.35 -24.11 -65.04
C ASP D 322 0.06 -23.80 -64.57
N GLU D 323 0.69 -22.81 -65.19
CA GLU D 323 2.06 -22.50 -64.80
C GLU D 323 2.39 -21.02 -64.76
N ALA D 324 3.23 -20.63 -63.80
CA ALA D 324 3.68 -19.24 -63.69
C ALA D 324 5.19 -19.23 -63.62
N ILE D 325 5.83 -18.37 -64.42
CA ILE D 325 7.28 -18.24 -64.44
C ILE D 325 7.61 -16.75 -64.40
N GLU D 326 8.60 -16.38 -63.60
CA GLU D 326 9.08 -15.02 -63.54
C GLU D 326 10.58 -15.03 -63.27
N ASP D 327 11.34 -14.26 -64.04
CA ASP D 327 12.78 -14.17 -63.88
C ASP D 327 13.14 -12.91 -63.13
N LEU D 328 14.08 -13.04 -62.20
CA LEU D 328 14.47 -11.95 -61.33
C LEU D 328 15.93 -11.59 -61.45
N ALA D 329 16.25 -10.32 -61.19
CA ALA D 329 17.63 -9.86 -61.24
C ALA D 329 18.18 -9.85 -59.83
N ILE D 330 19.23 -10.63 -59.61
CA ILE D 330 19.82 -10.80 -58.31
C ILE D 330 21.33 -10.78 -58.34
N GLN D 331 21.93 -10.52 -57.19
CA GLN D 331 23.38 -10.54 -57.11
C GLN D 331 23.89 -11.93 -56.78
N TYR D 332 23.97 -12.80 -57.78
CA TYR D 332 24.46 -14.15 -57.53
C TYR D 332 25.52 -14.57 -58.52
N GLN D 333 26.67 -15.02 -58.02
CA GLN D 333 27.76 -15.49 -58.84
C GLN D 333 28.30 -16.78 -58.25
N SER D 334 27.55 -17.87 -58.37
CA SER D 334 27.97 -19.14 -57.80
C SER D 334 27.31 -20.30 -58.53
N ALA D 335 27.51 -21.52 -58.02
CA ALA D 335 26.93 -22.71 -58.62
C ALA D 335 25.42 -22.69 -58.64
N PRO D 336 24.81 -23.13 -59.75
CA PRO D 336 23.36 -23.15 -59.89
C PRO D 336 22.69 -24.06 -58.89
N LEU D 337 21.58 -23.60 -58.33
CA LEU D 337 20.86 -24.34 -57.33
C LEU D 337 19.37 -24.29 -57.63
N GLU D 338 18.68 -25.39 -57.45
CA GLU D 338 17.24 -25.43 -57.65
C GLU D 338 16.64 -25.87 -56.35
N MET D 339 15.72 -25.07 -55.81
CA MET D 339 15.10 -25.37 -54.53
C MET D 339 13.59 -25.24 -54.54
N SER D 340 12.94 -25.91 -53.60
CA SER D 340 11.50 -25.88 -53.51
C SER D 340 11.11 -25.36 -52.14
N PHE D 341 10.29 -24.31 -52.11
CA PHE D 341 9.88 -23.71 -50.86
C PHE D 341 8.39 -23.49 -50.78
N ASN D 342 7.87 -23.47 -49.58
CA ASN D 342 6.47 -23.17 -49.39
C ASN D 342 6.51 -21.67 -49.57
N ALA D 343 5.68 -21.14 -50.45
CA ALA D 343 5.70 -19.72 -50.74
C ALA D 343 5.37 -18.89 -49.52
N GLN D 344 4.42 -19.34 -48.72
CA GLN D 344 4.00 -18.62 -47.54
C GLN D 344 5.10 -18.45 -46.52
N TYR D 345 5.92 -19.46 -46.33
CA TYR D 345 7.00 -19.35 -45.37
C TYR D 345 7.96 -18.25 -45.77
N LEU D 346 8.29 -18.16 -47.05
CA LEU D 346 9.16 -17.11 -47.56
C LEU D 346 8.54 -15.74 -47.42
N LEU D 347 7.26 -15.64 -47.75
CA LEU D 347 6.52 -14.40 -47.69
C LEU D 347 6.37 -13.94 -46.27
N ASP D 348 6.31 -14.89 -45.36
CA ASP D 348 6.22 -14.58 -43.95
C ASP D 348 7.47 -13.90 -43.45
N VAL D 349 8.61 -14.39 -43.89
CA VAL D 349 9.90 -13.82 -43.52
C VAL D 349 10.03 -12.42 -44.09
N LEU D 350 9.54 -12.23 -45.31
CA LEU D 350 9.56 -10.95 -45.99
C LEU D 350 8.73 -9.90 -45.26
N GLY D 351 7.63 -10.32 -44.67
CA GLY D 351 6.73 -9.46 -43.93
C GLY D 351 7.40 -8.77 -42.76
N VAL D 352 8.30 -9.45 -42.08
CA VAL D 352 9.00 -8.87 -40.94
C VAL D 352 10.34 -8.19 -41.22
N LEU D 353 10.74 -8.15 -42.48
CA LEU D 353 12.00 -7.52 -42.86
C LEU D 353 11.69 -6.14 -43.42
N ASP D 354 12.28 -5.12 -42.82
CA ASP D 354 12.03 -3.75 -43.22
C ASP D 354 13.13 -3.11 -44.05
N GLY D 355 14.15 -3.89 -44.40
CA GLY D 355 15.28 -3.34 -45.16
C GLY D 355 15.01 -3.45 -46.63
N ASP D 356 15.79 -2.72 -47.41
CA ASP D 356 15.62 -2.69 -48.87
C ASP D 356 16.11 -3.93 -49.57
N ASP D 357 17.09 -4.60 -48.99
CA ASP D 357 17.66 -5.79 -49.61
C ASP D 357 17.49 -7.01 -48.73
N VAL D 358 17.39 -8.16 -49.37
CA VAL D 358 17.24 -9.41 -48.66
C VAL D 358 18.39 -10.31 -49.03
N ASN D 359 19.04 -10.88 -48.03
CA ASN D 359 20.13 -11.78 -48.36
C ASN D 359 19.85 -13.18 -47.85
N MET D 360 20.09 -14.16 -48.70
CA MET D 360 19.86 -15.56 -48.39
C MET D 360 21.17 -16.31 -48.48
N SER D 361 21.37 -17.28 -47.60
CA SER D 361 22.57 -18.07 -47.61
C SER D 361 22.23 -19.54 -47.73
N MET D 362 22.66 -20.19 -48.80
CA MET D 362 22.43 -21.61 -48.94
C MET D 362 23.59 -22.55 -49.06
N THR D 363 23.32 -23.83 -48.90
CA THR D 363 24.36 -24.83 -49.03
C THR D 363 23.89 -25.73 -50.14
N GLU D 364 22.89 -26.56 -49.84
CA GLU D 364 22.37 -27.49 -50.85
C GLU D 364 20.87 -27.48 -50.87
N ALA D 365 20.29 -27.98 -51.95
CA ALA D 365 18.85 -28.00 -52.15
C ALA D 365 18.03 -28.71 -51.10
N ASN D 366 18.59 -29.74 -50.50
CA ASN D 366 17.92 -30.50 -49.45
C ASN D 366 18.16 -29.94 -48.03
N GLN D 367 18.84 -28.79 -47.91
CA GLN D 367 19.16 -28.21 -46.60
C GLN D 367 18.58 -26.84 -46.42
N SER D 368 18.51 -26.41 -45.16
CA SER D 368 17.92 -25.13 -44.78
C SER D 368 18.57 -23.93 -45.42
N VAL D 369 17.88 -22.81 -45.34
CA VAL D 369 18.33 -21.54 -45.88
C VAL D 369 18.22 -20.51 -44.77
N LEU D 370 19.22 -19.64 -44.65
CA LEU D 370 19.23 -18.56 -43.69
C LEU D 370 18.88 -17.26 -44.40
N VAL D 371 17.84 -16.58 -43.92
CA VAL D 371 17.39 -15.33 -44.52
C VAL D 371 17.63 -14.17 -43.57
N GLN D 372 18.20 -13.10 -44.09
CA GLN D 372 18.55 -11.95 -43.29
C GLN D 372 18.40 -10.61 -43.99
N ASP D 373 18.53 -9.55 -43.20
CA ASP D 373 18.49 -8.18 -43.66
C ASP D 373 19.87 -7.65 -43.33
N PRO D 374 20.61 -7.15 -44.31
CA PRO D 374 21.96 -6.65 -44.02
C PRO D 374 21.93 -5.45 -43.07
N ALA D 375 20.97 -4.57 -43.30
CA ALA D 375 20.78 -3.39 -42.46
C ALA D 375 20.53 -3.74 -40.98
N HIS D 376 19.77 -4.80 -40.70
CA HIS D 376 19.46 -5.23 -39.33
C HIS D 376 19.99 -6.66 -39.07
N PRO D 377 21.24 -6.78 -38.56
CA PRO D 377 21.81 -8.10 -38.20
C PRO D 377 21.19 -8.80 -36.99
N ASP D 378 20.35 -8.08 -36.25
CA ASP D 378 19.67 -8.59 -35.07
C ASP D 378 18.60 -9.62 -35.36
N GLN D 379 18.03 -9.59 -36.55
CA GLN D 379 17.02 -10.56 -36.97
C GLN D 379 17.64 -11.72 -37.76
N THR D 380 17.29 -12.95 -37.39
CA THR D 380 17.71 -14.16 -38.10
C THR D 380 16.54 -15.09 -38.36
N TYR D 381 16.39 -15.54 -39.60
CA TYR D 381 15.32 -16.45 -40.01
C TYR D 381 15.85 -17.63 -40.76
N VAL D 382 15.27 -18.80 -40.46
CA VAL D 382 15.65 -20.04 -41.13
C VAL D 382 14.40 -20.71 -41.65
N VAL D 383 14.49 -21.18 -42.88
CA VAL D 383 13.40 -21.81 -43.58
C VAL D 383 13.90 -23.10 -44.21
N MET D 384 13.03 -24.10 -44.20
CA MET D 384 13.37 -25.40 -44.74
C MET D 384 12.64 -25.67 -46.02
N PRO D 385 13.35 -26.22 -46.99
CA PRO D 385 12.87 -26.58 -48.32
C PRO D 385 11.93 -27.76 -48.25
N MET D 386 11.07 -27.88 -49.24
CA MET D 386 10.11 -28.96 -49.28
C MET D 386 10.70 -30.35 -49.48
N ARG D 387 10.12 -31.31 -48.78
CA ARG D 387 10.30 -32.74 -49.06
C ARG D 387 11.74 -33.16 -49.16
N HIS E 5 -5.89 20.72 -67.88
CA HIS E 5 -6.30 22.08 -68.20
C HIS E 5 -7.09 22.70 -67.05
N HIS E 6 -8.41 22.57 -67.09
CA HIS E 6 -9.28 23.10 -66.05
C HIS E 6 -9.78 21.97 -65.21
N MET E 7 -9.63 22.10 -63.91
CA MET E 7 -9.99 21.04 -62.98
C MET E 7 -11.45 20.67 -62.98
N ARG E 8 -11.69 19.36 -62.91
CA ARG E 8 -13.01 18.79 -62.83
C ARG E 8 -12.78 17.59 -61.96
N LEU E 9 -13.64 17.40 -60.98
CA LEU E 9 -13.49 16.32 -60.03
C LEU E 9 -14.83 15.84 -59.53
N LYS E 10 -14.97 14.55 -59.24
CA LYS E 10 -16.20 14.06 -58.67
C LYS E 10 -15.80 13.24 -57.46
N ILE E 11 -16.24 13.61 -56.27
CA ILE E 11 -15.92 12.85 -55.07
C ILE E 11 -17.05 12.82 -54.07
N ALA E 12 -17.06 11.83 -53.18
CA ALA E 12 -18.11 11.85 -52.14
C ALA E 12 -18.01 12.99 -51.15
N LYS E 13 -19.16 13.39 -50.63
CA LYS E 13 -19.25 14.46 -49.61
C LYS E 13 -18.26 14.23 -48.47
N GLU E 14 -18.31 13.03 -47.87
CA GLU E 14 -17.51 12.73 -46.68
C GLU E 14 -16.01 12.67 -46.98
N SER E 15 -15.63 12.29 -48.20
CA SER E 15 -14.23 12.28 -48.62
C SER E 15 -13.67 13.68 -48.66
N LEU E 16 -14.35 14.56 -49.40
CA LEU E 16 -13.96 15.96 -49.56
C LEU E 16 -14.00 16.76 -48.26
N LEU E 17 -14.92 16.41 -47.38
CA LEU E 17 -15.08 17.06 -46.09
C LEU E 17 -14.01 16.63 -45.10
N ASN E 18 -13.61 15.36 -45.17
CA ASN E 18 -12.59 14.80 -44.26
C ASN E 18 -11.21 15.39 -44.57
N VAL E 19 -10.90 15.55 -45.84
CA VAL E 19 -9.64 16.11 -46.24
C VAL E 19 -9.60 17.58 -45.90
N LEU E 20 -10.75 18.24 -46.01
CA LEU E 20 -10.84 19.65 -45.73
C LEU E 20 -10.72 19.93 -44.26
N SER E 21 -11.41 19.16 -43.44
CA SER E 21 -11.39 19.33 -41.98
C SER E 21 -9.97 19.46 -41.42
N HIS E 22 -8.99 18.80 -42.01
CA HIS E 22 -7.60 18.89 -41.55
C HIS E 22 -6.86 20.18 -41.87
N VAL E 23 -7.34 20.93 -42.85
CA VAL E 23 -6.64 22.14 -43.24
C VAL E 23 -7.34 23.46 -42.97
N VAL E 24 -8.65 23.42 -42.78
CA VAL E 24 -9.43 24.65 -42.60
C VAL E 24 -9.21 25.37 -41.27
N GLY E 25 -8.71 24.69 -40.25
CA GLY E 25 -8.33 25.36 -39.00
C GLY E 25 -7.30 26.46 -39.18
N ALA E 26 -6.50 26.38 -40.23
CA ALA E 26 -5.45 27.36 -40.49
C ALA E 26 -5.91 28.54 -41.31
N VAL E 27 -7.09 28.44 -41.87
CA VAL E 27 -7.66 29.49 -42.70
C VAL E 27 -8.48 30.48 -41.87
N GLU E 28 -8.31 31.77 -42.15
CA GLU E 28 -9.02 32.80 -41.44
C GLU E 28 -10.09 33.46 -42.28
N ARG E 29 -11.14 33.91 -41.62
CA ARG E 29 -12.26 34.56 -42.27
C ARG E 29 -11.83 35.83 -42.95
N ARG E 30 -10.98 36.59 -42.26
CA ARG E 30 -10.47 37.83 -42.78
C ARG E 30 -8.96 37.74 -42.80
N HIS E 31 -8.36 38.03 -43.93
CA HIS E 31 -6.91 38.03 -44.02
C HIS E 31 -6.52 39.24 -44.82
N THR E 32 -5.33 39.77 -44.57
CA THR E 32 -4.81 40.92 -45.30
C THR E 32 -4.62 40.55 -46.78
N LEU E 33 -4.18 39.33 -47.04
CA LEU E 33 -4.04 38.81 -48.38
C LEU E 33 -5.33 38.03 -48.55
N ASN E 34 -6.18 38.46 -49.47
CA ASN E 34 -7.49 37.83 -49.68
C ASN E 34 -7.46 36.38 -50.16
N ILE E 35 -6.44 35.99 -50.91
CA ILE E 35 -6.35 34.62 -51.38
C ILE E 35 -6.26 33.51 -50.35
N LEU E 36 -5.71 33.83 -49.18
CA LEU E 36 -5.56 32.89 -48.07
C LEU E 36 -6.83 32.62 -47.29
N SER E 37 -7.95 33.10 -47.78
CA SER E 37 -9.22 32.83 -47.13
C SER E 37 -9.84 31.73 -47.96
N ASN E 38 -9.03 31.24 -48.89
CA ASN E 38 -9.41 30.20 -49.83
C ASN E 38 -8.47 29.03 -49.59
N VAL E 39 -8.87 27.86 -50.06
CA VAL E 39 -8.02 26.70 -49.93
C VAL E 39 -7.53 26.32 -51.30
N LYS E 40 -6.23 26.12 -51.45
CA LYS E 40 -5.70 25.71 -52.73
C LYS E 40 -6.09 24.26 -52.92
N ILE E 41 -6.60 23.93 -54.08
CA ILE E 41 -7.01 22.56 -54.34
C ILE E 41 -6.31 22.08 -55.58
N GLN E 42 -5.59 20.97 -55.47
CA GLN E 42 -4.84 20.41 -56.59
C GLN E 42 -5.28 18.98 -56.68
N THR E 43 -5.42 18.47 -57.90
CA THR E 43 -5.74 17.08 -58.12
C THR E 43 -5.24 16.56 -59.44
N ASN E 44 -4.74 15.32 -59.44
CA ASN E 44 -4.36 14.62 -60.67
C ASN E 44 -5.01 13.25 -60.52
N ALA E 45 -4.74 12.36 -61.46
CA ALA E 45 -5.36 11.03 -61.49
C ALA E 45 -5.25 10.23 -60.18
N GLN E 46 -4.14 10.34 -59.48
CA GLN E 46 -3.93 9.55 -58.27
C GLN E 46 -4.16 10.20 -56.90
N ALA E 47 -4.10 11.52 -56.81
CA ALA E 47 -4.25 12.18 -55.51
C ALA E 47 -4.93 13.55 -55.52
N LEU E 48 -5.56 13.84 -54.39
CA LEU E 48 -6.23 15.10 -54.14
C LEU E 48 -5.42 15.82 -53.07
N THR E 49 -5.00 17.04 -53.33
CA THR E 49 -4.23 17.79 -52.33
C THR E 49 -4.87 19.12 -51.99
N ILE E 50 -5.10 19.37 -50.71
CA ILE E 50 -5.68 20.63 -50.27
C ILE E 50 -4.79 21.36 -49.29
N THR E 51 -4.58 22.65 -49.52
CA THR E 51 -3.73 23.47 -48.67
C THR E 51 -4.53 24.55 -47.97
N GLY E 52 -4.26 24.73 -46.68
CA GLY E 52 -4.91 25.75 -45.88
C GLY E 52 -3.83 26.48 -45.12
N SER E 53 -3.70 27.77 -45.36
CA SER E 53 -2.65 28.55 -44.71
C SER E 53 -3.04 29.96 -44.33
N ASP E 54 -2.35 30.49 -43.34
CA ASP E 54 -2.52 31.87 -42.93
C ASP E 54 -1.20 32.62 -43.01
N LEU E 55 -0.21 31.98 -43.64
CA LEU E 55 1.17 32.46 -43.85
C LEU E 55 2.05 32.45 -42.60
N GLU E 56 1.58 31.79 -41.56
CA GLU E 56 2.29 31.61 -40.32
C GLU E 56 2.28 30.11 -40.09
N VAL E 57 1.11 29.50 -40.34
CA VAL E 57 0.93 28.06 -40.24
C VAL E 57 0.36 27.57 -41.55
N GLU E 58 0.96 26.55 -42.12
CA GLU E 58 0.52 26.00 -43.39
C GLU E 58 0.21 24.53 -43.25
N LEU E 59 -0.93 24.11 -43.78
CA LEU E 59 -1.31 22.70 -43.69
C LEU E 59 -1.68 22.12 -45.03
N VAL E 60 -0.93 21.13 -45.49
CA VAL E 60 -1.23 20.49 -46.76
C VAL E 60 -1.67 19.06 -46.50
N ALA E 61 -2.89 18.75 -46.94
CA ALA E 61 -3.45 17.43 -46.73
C ALA E 61 -3.60 16.68 -48.04
N SER E 62 -3.16 15.42 -48.06
CA SER E 62 -3.24 14.58 -49.23
C SER E 62 -3.94 13.25 -49.05
N THR E 63 -4.77 12.89 -50.02
CA THR E 63 -5.48 11.61 -50.02
C THR E 63 -5.30 10.94 -51.37
N ALA E 64 -5.61 9.66 -51.44
CA ALA E 64 -5.50 8.96 -52.70
C ALA E 64 -6.88 8.94 -53.34
N LEU E 65 -6.98 9.53 -54.52
CA LEU E 65 -8.24 9.59 -55.24
C LEU E 65 -8.69 8.27 -55.84
N SER E 66 -9.99 8.08 -55.90
CA SER E 66 -10.55 6.88 -56.47
C SER E 66 -10.37 6.99 -57.98
N GLU E 67 -10.08 5.87 -58.62
CA GLU E 67 -9.87 5.85 -60.06
C GLU E 67 -11.14 6.37 -60.71
N GLY E 68 -10.94 7.44 -61.46
CA GLY E 68 -12.00 8.16 -62.22
C GLY E 68 -12.75 9.20 -61.43
N ALA E 69 -12.43 9.35 -60.14
CA ALA E 69 -13.06 10.43 -59.37
C ALA E 69 -12.55 11.75 -59.92
N CYS E 70 -11.33 11.75 -60.46
CA CYS E 70 -10.77 12.95 -61.04
C CYS E 70 -10.95 12.86 -62.54
N LEU E 71 -11.72 13.79 -63.10
CA LEU E 71 -11.99 13.78 -64.52
C LEU E 71 -10.91 14.51 -65.26
N GLU E 72 -10.63 15.73 -64.82
CA GLU E 72 -9.59 16.57 -65.43
C GLU E 72 -8.65 17.08 -64.35
N ALA E 73 -7.35 16.97 -64.59
CA ALA E 73 -6.36 17.42 -63.63
C ALA E 73 -6.17 18.93 -63.70
N GLY E 74 -5.98 19.53 -62.54
CA GLY E 74 -5.84 20.98 -62.45
C GLY E 74 -5.67 21.48 -61.03
N GLU E 75 -5.49 22.77 -60.88
CA GLU E 75 -5.44 23.42 -59.58
C GLU E 75 -6.21 24.72 -59.55
N THR E 76 -6.72 25.06 -58.38
CA THR E 76 -7.49 26.29 -58.21
C THR E 76 -7.58 26.68 -56.75
N THR E 77 -8.27 27.78 -56.46
CA THR E 77 -8.47 28.23 -55.10
C THR E 77 -9.94 28.54 -54.88
N VAL E 78 -10.53 27.99 -53.83
CA VAL E 78 -11.94 28.21 -53.52
C VAL E 78 -12.14 28.65 -52.07
N PRO E 79 -13.06 29.60 -51.84
CA PRO E 79 -13.43 30.12 -50.52
C PRO E 79 -13.67 28.95 -49.59
N ALA E 80 -12.78 28.78 -48.63
CA ALA E 80 -12.81 27.67 -47.68
C ALA E 80 -14.02 27.50 -46.80
N ARG E 81 -14.49 28.57 -46.18
CA ARG E 81 -15.65 28.44 -45.31
C ARG E 81 -16.93 28.12 -46.07
N LYS E 82 -17.12 28.77 -47.19
CA LYS E 82 -18.30 28.54 -48.01
C LYS E 82 -18.32 27.14 -48.59
N LEU E 83 -17.18 26.67 -49.04
CA LEU E 83 -17.09 25.33 -49.60
C LEU E 83 -17.43 24.30 -48.56
N MET E 84 -16.88 24.45 -47.37
CA MET E 84 -17.15 23.51 -46.29
C MET E 84 -18.58 23.56 -45.79
N GLU E 85 -19.15 24.76 -45.69
CA GLU E 85 -20.54 24.89 -45.27
C GLU E 85 -21.47 24.26 -46.29
N ILE E 86 -21.16 24.45 -47.56
CA ILE E 86 -21.94 23.89 -48.65
C ILE E 86 -21.94 22.37 -48.62
N CYS E 87 -20.80 21.77 -48.36
CA CYS E 87 -20.72 20.33 -48.31
C CYS E 87 -21.55 19.80 -47.17
N LYS E 88 -21.41 20.42 -46.02
CA LYS E 88 -22.17 19.98 -44.84
C LYS E 88 -23.69 20.00 -45.03
N SER E 89 -24.18 20.90 -45.88
CA SER E 89 -25.62 21.00 -46.14
C SER E 89 -26.18 19.90 -47.02
N LEU E 90 -25.31 19.21 -47.77
CA LEU E 90 -25.74 18.11 -48.65
C LEU E 90 -26.17 16.90 -47.81
N PRO E 91 -27.04 16.03 -48.38
CA PRO E 91 -27.45 14.82 -47.65
C PRO E 91 -26.32 13.80 -47.53
N THR E 92 -26.46 12.89 -46.57
CA THR E 92 -25.46 11.85 -46.33
C THR E 92 -25.23 11.02 -47.60
N ALA E 93 -23.96 10.66 -47.85
CA ALA E 93 -23.56 9.85 -49.00
C ALA E 93 -23.74 10.53 -50.37
N ALA E 94 -23.90 11.86 -50.38
CA ALA E 94 -24.10 12.59 -51.63
C ALA E 94 -22.80 12.63 -52.43
N LEU E 95 -22.95 12.85 -53.75
CA LEU E 95 -21.82 12.92 -54.66
C LEU E 95 -21.68 14.33 -55.23
N ILE E 96 -20.50 14.90 -55.09
CA ILE E 96 -20.24 16.24 -55.55
C ILE E 96 -19.51 16.27 -56.87
N ASP E 97 -19.87 17.20 -57.72
CA ASP E 97 -19.18 17.35 -58.99
C ASP E 97 -18.62 18.76 -58.97
N LEU E 98 -17.32 18.88 -59.11
CA LEU E 98 -16.68 20.17 -59.09
C LEU E 98 -16.10 20.49 -60.42
N GLN E 99 -16.43 21.67 -60.94
CA GLN E 99 -15.93 22.07 -62.25
C GLN E 99 -15.45 23.51 -62.32
N ILE E 100 -14.14 23.71 -62.41
CA ILE E 100 -13.53 25.03 -62.50
C ILE E 100 -13.54 25.53 -63.95
N THR E 101 -13.91 26.77 -64.17
CA THR E 101 -14.00 27.29 -65.53
C THR E 101 -12.99 28.37 -65.87
N GLU E 102 -13.00 28.78 -67.12
CA GLU E 102 -12.10 29.80 -67.65
C GLU E 102 -12.36 31.22 -67.15
N ASP E 103 -13.57 31.46 -66.65
CA ASP E 103 -13.95 32.76 -66.12
C ASP E 103 -13.82 32.81 -64.61
N GLN E 104 -12.96 31.94 -64.09
CA GLN E 104 -12.70 31.77 -62.66
C GLN E 104 -13.91 31.60 -61.75
N ARG E 105 -14.73 30.61 -62.11
CA ARG E 105 -15.91 30.21 -61.38
C ARG E 105 -15.80 28.74 -61.02
N CYS E 106 -16.28 28.37 -59.85
CA CYS E 106 -16.27 26.99 -59.41
C CYS E 106 -17.70 26.51 -59.32
N ILE E 107 -18.04 25.48 -60.07
CA ILE E 107 -19.41 25.02 -60.08
C ILE E 107 -19.56 23.66 -59.41
N LEU E 108 -20.31 23.64 -58.33
CA LEU E 108 -20.53 22.43 -57.58
C LEU E 108 -21.94 21.93 -57.82
N LYS E 109 -22.06 20.68 -58.24
CA LYS E 109 -23.36 20.07 -58.43
C LYS E 109 -23.45 18.82 -57.58
N SER E 110 -24.58 18.65 -56.91
CA SER E 110 -24.86 17.46 -56.13
C SER E 110 -26.38 17.36 -56.04
N GLY E 111 -26.91 16.17 -56.37
CA GLY E 111 -28.35 16.01 -56.55
C GLY E 111 -28.89 17.06 -57.52
N ASN E 112 -30.01 17.67 -57.14
CA ASN E 112 -30.64 18.75 -57.89
C ASN E 112 -30.05 20.09 -57.50
N SER E 113 -29.06 20.12 -56.60
CA SER E 113 -28.41 21.38 -56.20
C SER E 113 -27.24 21.84 -57.04
N ARG E 114 -27.20 23.15 -57.30
CA ARG E 114 -26.17 23.79 -58.12
C ARG E 114 -25.66 25.04 -57.38
N PHE E 115 -24.37 25.04 -57.04
CA PHE E 115 -23.72 26.13 -56.33
C PHE E 115 -22.61 26.69 -57.22
N VAL E 116 -22.41 28.00 -57.19
CA VAL E 116 -21.34 28.60 -57.98
C VAL E 116 -20.55 29.54 -57.07
N LEU E 117 -19.23 29.36 -57.02
CA LEU E 117 -18.38 30.19 -56.18
C LEU E 117 -17.25 30.81 -56.97
N GLY E 118 -16.84 31.99 -56.55
CA GLY E 118 -15.72 32.68 -57.19
C GLY E 118 -14.39 32.05 -56.83
N THR E 119 -13.48 32.01 -57.77
CA THR E 119 -12.17 31.43 -57.52
C THR E 119 -11.05 32.41 -57.80
N LEU E 120 -9.86 32.09 -57.32
CA LEU E 120 -8.68 32.91 -57.54
C LEU E 120 -7.60 32.00 -58.09
N PRO E 121 -6.67 32.56 -58.87
CA PRO E 121 -5.58 31.80 -59.50
C PRO E 121 -4.68 31.07 -58.52
N ALA E 122 -4.49 29.77 -58.72
CA ALA E 122 -3.64 28.98 -57.83
C ALA E 122 -2.17 29.35 -57.63
N GLU E 123 -1.58 29.88 -58.67
CA GLU E 123 -0.18 30.37 -58.64
C GLU E 123 0.04 31.67 -57.81
N ASP E 124 -1.08 32.35 -57.51
CA ASP E 124 -1.06 33.55 -56.68
C ASP E 124 -1.10 33.11 -55.21
N TYR E 125 -1.35 31.84 -54.96
CA TYR E 125 -1.41 31.36 -53.59
C TYR E 125 0.00 31.28 -53.03
N PRO E 126 0.28 32.00 -51.94
CA PRO E 126 1.63 31.97 -51.39
C PRO E 126 1.90 30.78 -50.46
N LEU E 127 3.10 30.21 -50.58
CA LEU E 127 3.53 29.03 -49.82
C LEU E 127 4.74 29.41 -48.97
N LEU E 128 4.95 28.68 -47.88
CA LEU E 128 6.08 28.91 -47.00
C LEU E 128 7.34 28.25 -47.53
N THR E 129 8.30 29.07 -47.95
CA THR E 129 9.56 28.68 -48.50
C THR E 129 10.60 29.22 -47.56
N THR E 130 11.77 28.62 -47.62
CA THR E 130 12.89 29.10 -46.82
C THR E 130 14.11 28.95 -47.70
N GLU E 131 14.99 29.95 -47.70
CA GLU E 131 16.27 29.85 -48.41
C GLU E 131 17.36 29.11 -47.63
N ASN E 132 17.06 28.84 -46.37
CA ASN E 132 17.97 28.18 -45.46
C ASN E 132 18.15 26.74 -45.87
N SER E 133 19.20 26.15 -45.33
CA SER E 133 19.57 24.76 -45.52
C SER E 133 18.79 23.88 -44.57
N GLN E 134 18.84 22.57 -44.77
CA GLN E 134 18.11 21.71 -43.88
C GLN E 134 18.63 21.85 -42.47
N GLY E 135 17.72 21.84 -41.52
CA GLY E 135 18.05 22.00 -40.14
C GLY E 135 18.34 20.78 -39.33
N THR E 136 17.86 20.79 -38.09
CA THR E 136 18.06 19.68 -37.17
C THR E 136 16.84 18.77 -37.21
N GLN E 137 17.09 17.48 -37.27
CA GLN E 137 16.03 16.50 -37.35
C GLN E 137 15.83 15.83 -35.99
N VAL E 138 14.58 15.83 -35.51
CA VAL E 138 14.25 15.25 -34.23
C VAL E 138 13.24 14.12 -34.38
N GLN E 139 13.55 13.01 -33.73
CA GLN E 139 12.71 11.83 -33.73
C GLN E 139 11.90 11.75 -32.46
N VAL E 140 10.60 11.89 -32.59
CA VAL E 140 9.71 11.85 -31.46
C VAL E 140 8.41 11.21 -31.91
N THR E 141 7.66 10.59 -31.00
CA THR E 141 6.39 10.00 -31.39
C THR E 141 5.34 11.07 -31.32
N GLN E 142 4.21 10.78 -31.93
CA GLN E 142 3.08 11.69 -31.95
C GLN E 142 2.48 11.87 -30.58
N ARG E 143 2.44 10.80 -29.81
CA ARG E 143 1.91 10.82 -28.46
C ARG E 143 2.79 11.68 -27.58
N GLU E 144 4.10 11.56 -27.76
CA GLU E 144 5.05 12.31 -26.97
C GLU E 144 5.06 13.79 -27.29
N LEU E 145 4.99 14.12 -28.57
CA LEU E 145 4.96 15.49 -29.02
C LEU E 145 3.69 16.20 -28.60
N LYS E 146 2.57 15.50 -28.68
CA LYS E 146 1.29 16.03 -28.30
C LYS E 146 1.28 16.32 -26.82
N ARG E 147 1.87 15.42 -26.03
CA ARG E 147 1.93 15.60 -24.60
C ARG E 147 2.70 16.84 -24.21
N LEU E 148 3.73 17.19 -24.96
CA LEU E 148 4.49 18.39 -24.65
C LEU E 148 3.63 19.63 -24.80
N PHE E 149 2.86 19.69 -25.88
CA PHE E 149 1.96 20.82 -26.11
C PHE E 149 0.81 20.95 -25.14
N GLU E 150 0.19 19.83 -24.79
CA GLU E 150 -0.94 19.85 -23.87
C GLU E 150 -0.53 20.34 -22.49
N LYS E 151 0.64 19.89 -22.05
CA LYS E 151 1.18 20.28 -20.76
C LYS E 151 1.54 21.76 -20.63
N THR E 152 2.04 22.36 -21.70
CA THR E 152 2.45 23.76 -21.66
C THR E 152 1.63 24.83 -22.42
N ALA E 153 0.68 24.43 -23.26
CA ALA E 153 -0.06 25.41 -24.08
C ALA E 153 -0.64 26.61 -23.30
N PHE E 154 -1.27 26.32 -22.18
CA PHE E 154 -1.96 27.32 -21.36
C PHE E 154 -1.18 28.50 -20.80
N ALA E 155 0.12 28.38 -20.69
CA ALA E 155 0.95 29.43 -20.11
C ALA E 155 1.51 30.46 -21.10
N MET E 156 1.22 30.27 -22.38
CA MET E 156 1.65 31.21 -23.40
C MET E 156 0.87 32.49 -23.28
N ALA E 157 1.50 33.60 -23.65
CA ALA E 157 0.84 34.88 -23.63
C ALA E 157 -0.12 34.92 -24.80
N VAL E 158 -1.24 35.61 -24.64
CA VAL E 158 -2.19 35.71 -25.72
C VAL E 158 -1.75 36.86 -26.60
N GLN E 159 -1.47 38.01 -26.01
CA GLN E 159 -0.93 39.11 -26.84
C GLN E 159 0.06 39.84 -25.99
N ASP E 160 1.21 40.15 -26.58
CA ASP E 160 2.24 40.86 -25.87
C ASP E 160 3.20 41.49 -26.86
N VAL E 161 3.80 42.60 -26.48
CA VAL E 161 4.80 43.30 -27.28
C VAL E 161 6.07 42.47 -27.41
N ARG E 162 6.39 41.69 -26.38
CA ARG E 162 7.50 40.77 -26.43
C ARG E 162 6.83 39.60 -27.12
N PHE E 163 6.98 39.53 -28.44
CA PHE E 163 6.30 38.52 -29.26
C PHE E 163 6.67 37.07 -28.97
N TYR E 164 7.92 36.83 -28.67
CA TYR E 164 8.38 35.48 -28.26
C TYR E 164 7.53 34.85 -27.15
N LEU E 165 6.94 35.64 -26.26
CA LEU E 165 6.08 35.09 -25.20
C LEU E 165 4.78 34.49 -25.70
N THR E 166 4.42 34.81 -26.93
CA THR E 166 3.21 34.31 -27.51
C THR E 166 3.54 33.07 -28.30
N GLY E 167 4.48 32.29 -27.82
CA GLY E 167 4.86 31.09 -28.51
C GLY E 167 5.46 30.07 -27.57
N THR E 168 5.64 28.84 -28.04
CA THR E 168 6.25 27.85 -27.18
C THR E 168 7.64 27.61 -27.68
N LEU E 169 8.58 27.51 -26.76
CA LEU E 169 9.93 27.24 -27.12
C LEU E 169 10.04 25.75 -27.21
N LEU E 170 10.51 25.28 -28.36
CA LEU E 170 10.72 23.87 -28.58
C LEU E 170 12.23 23.75 -28.58
N GLU E 171 12.80 23.02 -27.63
CA GLU E 171 14.24 22.92 -27.55
C GLU E 171 14.73 21.49 -27.58
N ILE E 172 15.72 21.22 -28.42
CA ILE E 172 16.29 19.90 -28.53
C ILE E 172 17.76 19.95 -28.17
N ASP E 173 18.08 19.50 -26.98
CA ASP E 173 19.45 19.46 -26.55
C ASP E 173 19.72 18.03 -26.20
N GLU E 174 20.84 17.51 -26.68
CA GLU E 174 21.21 16.13 -26.45
C GLU E 174 20.09 15.17 -26.83
N ASN E 175 19.64 14.35 -25.90
CA ASN E 175 18.59 13.41 -26.24
C ASN E 175 17.26 13.73 -25.59
N GLN E 176 17.05 15.00 -25.34
CA GLN E 176 15.81 15.50 -24.76
C GLN E 176 15.17 16.58 -25.59
N LEU E 177 13.85 16.49 -25.76
CA LEU E 177 13.10 17.50 -26.48
C LEU E 177 12.27 18.18 -25.40
N ARG E 178 12.31 19.50 -25.35
CA ARG E 178 11.60 20.22 -24.31
C ARG E 178 10.68 21.31 -24.81
N ALA E 179 9.57 21.50 -24.10
CA ALA E 179 8.61 22.53 -24.44
C ALA E 179 8.53 23.49 -23.26
N VAL E 180 8.69 24.78 -23.51
CA VAL E 180 8.63 25.78 -22.45
C VAL E 180 7.72 26.93 -22.84
N THR E 181 6.84 27.34 -21.93
CA THR E 181 5.98 28.48 -22.21
C THR E 181 5.92 29.39 -21.01
N THR E 182 5.82 30.69 -21.25
CA THR E 182 5.71 31.67 -20.20
C THR E 182 5.03 32.92 -20.68
N ASP E 183 4.53 33.72 -19.74
CA ASP E 183 3.93 35.00 -20.06
C ASP E 183 4.48 36.07 -19.12
N GLY E 184 5.45 35.66 -18.31
CA GLY E 184 6.10 36.50 -17.33
C GLY E 184 5.55 36.37 -15.93
N HIS E 185 4.40 35.74 -15.78
CA HIS E 185 3.82 35.57 -14.46
C HIS E 185 3.84 34.12 -14.05
N ARG E 186 3.98 33.26 -15.02
CA ARG E 186 4.03 31.85 -14.77
C ARG E 186 4.80 31.20 -15.90
N LEU E 187 5.18 29.97 -15.66
CA LEU E 187 5.96 29.21 -16.61
C LEU E 187 5.58 27.75 -16.55
N ALA E 188 5.60 27.11 -17.72
CA ALA E 188 5.32 25.71 -17.83
C ALA E 188 6.43 25.06 -18.64
N LEU E 189 6.82 23.87 -18.22
CA LEU E 189 7.89 23.13 -18.84
C LEU E 189 7.52 21.66 -18.85
N CYS E 190 7.78 21.00 -19.98
CA CYS E 190 7.58 19.56 -20.10
C CYS E 190 8.69 19.00 -20.98
N GLU E 191 9.26 17.85 -20.60
CA GLU E 191 10.37 17.27 -21.35
C GLU E 191 10.02 15.83 -21.70
N ILE E 192 10.54 15.37 -22.82
CA ILE E 192 10.36 14.00 -23.27
C ILE E 192 11.67 13.51 -23.87
N LEU E 193 11.72 12.24 -24.23
CA LEU E 193 12.93 11.69 -24.83
C LEU E 193 12.75 11.66 -26.32
N ALA E 194 13.63 12.35 -27.01
CA ALA E 194 13.60 12.41 -28.45
C ALA E 194 15.01 12.16 -28.91
N SER E 195 15.16 11.48 -30.05
CA SER E 195 16.48 11.22 -30.60
C SER E 195 16.92 12.33 -31.54
N SER E 196 18.13 12.83 -31.34
CA SER E 196 18.67 13.88 -32.18
C SER E 196 20.18 13.93 -32.16
N THR E 197 20.75 14.35 -33.28
CA THR E 197 22.19 14.49 -33.47
C THR E 197 22.93 15.58 -32.70
N SER E 198 22.29 16.72 -32.50
CA SER E 198 22.94 17.88 -31.92
C SER E 198 23.54 17.77 -30.54
N SER E 199 24.78 18.24 -30.44
CA SER E 199 25.55 18.23 -29.22
C SER E 199 25.18 19.46 -28.39
N GLN E 200 24.76 20.52 -29.08
CA GLN E 200 24.28 21.72 -28.41
C GLN E 200 22.80 21.83 -28.60
N LEU E 201 22.21 22.73 -27.85
CA LEU E 201 20.79 23.01 -27.88
C LEU E 201 20.40 23.82 -29.08
N VAL E 202 19.28 23.44 -29.68
CA VAL E 202 18.72 24.14 -30.83
C VAL E 202 17.33 24.55 -30.39
N GLN E 203 16.99 25.82 -30.62
CA GLN E 203 15.72 26.37 -30.19
C GLN E 203 14.83 26.91 -31.30
N ALA E 204 13.54 26.66 -31.18
CA ALA E 204 12.58 27.16 -32.12
C ALA E 204 11.38 27.65 -31.37
N ILE E 205 10.89 28.84 -31.70
CA ILE E 205 9.71 29.33 -31.02
C ILE E 205 8.58 29.17 -32.01
N VAL E 206 7.62 28.33 -31.62
CA VAL E 206 6.46 28.03 -32.42
C VAL E 206 5.29 28.88 -31.98
N PRO E 207 4.63 29.58 -32.90
CA PRO E 207 3.46 30.45 -32.72
C PRO E 207 2.25 29.82 -32.03
N ARG E 208 1.35 30.61 -31.45
CA ARG E 208 0.21 30.01 -30.78
C ARG E 208 -0.67 29.22 -31.71
N LYS E 209 -0.95 29.80 -32.86
CA LYS E 209 -1.83 29.16 -33.81
C LYS E 209 -1.26 27.87 -34.29
N ALA E 210 0.05 27.84 -34.45
CA ALA E 210 0.72 26.65 -34.90
C ALA E 210 0.52 25.56 -33.90
N VAL E 211 0.80 25.89 -32.65
CA VAL E 211 0.70 24.96 -31.54
C VAL E 211 -0.70 24.41 -31.45
N GLY E 212 -1.68 25.26 -31.62
CA GLY E 212 -3.06 24.82 -31.55
C GLY E 212 -3.35 23.80 -32.61
N GLU E 213 -3.03 24.14 -33.84
CA GLU E 213 -3.25 23.23 -34.97
C GLU E 213 -2.51 21.94 -34.86
N LEU E 214 -1.33 21.99 -34.25
CA LEU E 214 -0.51 20.81 -34.05
C LEU E 214 -1.18 19.89 -33.04
N GLN E 215 -1.65 20.42 -31.93
CA GLN E 215 -2.34 19.60 -30.93
C GLN E 215 -3.54 18.88 -31.51
N ARG E 216 -4.29 19.58 -32.33
CA ARG E 216 -5.47 19.04 -32.98
C ARG E 216 -5.19 17.89 -33.92
N LEU E 217 -4.10 17.99 -34.68
CA LEU E 217 -3.70 16.99 -35.67
C LEU E 217 -2.98 15.79 -35.12
N LEU E 218 -2.26 15.96 -34.03
CA LEU E 218 -1.52 14.86 -33.44
C LEU E 218 -2.44 13.90 -32.74
N SER E 219 -1.99 12.66 -32.58
CA SER E 219 -2.80 11.65 -31.93
C SER E 219 -2.04 10.95 -30.85
N ILE E 220 -2.74 10.09 -30.13
CA ILE E 220 -2.16 9.33 -29.04
C ILE E 220 -1.63 7.99 -29.51
N GLU E 221 -1.83 7.69 -30.78
CA GLU E 221 -1.38 6.43 -31.34
C GLU E 221 0.12 6.35 -31.57
N ASP E 222 0.62 5.13 -31.59
CA ASP E 222 2.04 4.87 -31.80
C ASP E 222 2.40 5.22 -33.22
N GLU E 223 3.10 6.32 -33.40
CA GLU E 223 3.51 6.72 -34.72
C GLU E 223 4.70 7.62 -34.53
N GLN E 224 5.83 7.21 -35.10
CA GLN E 224 7.06 7.95 -35.00
C GLN E 224 7.04 9.13 -35.94
N LEU E 225 7.48 10.29 -35.47
CA LEU E 225 7.48 11.50 -36.29
C LEU E 225 8.89 11.97 -36.51
N THR E 226 9.08 12.75 -37.56
CA THR E 226 10.38 13.33 -37.84
C THR E 226 10.28 14.83 -37.96
N LEU E 227 10.46 15.53 -36.84
CA LEU E 227 10.45 16.97 -36.84
C LEU E 227 11.69 17.51 -37.47
N LEU E 228 11.55 18.52 -38.29
CA LEU E 228 12.69 19.16 -38.90
C LEU E 228 12.65 20.56 -38.32
N ILE E 229 13.71 20.94 -37.63
CA ILE E 229 13.76 22.26 -37.04
C ILE E 229 14.78 23.05 -37.81
N GLY E 230 14.35 24.19 -38.31
CA GLY E 230 15.18 25.04 -39.13
C GLY E 230 15.23 26.42 -38.54
N ARG E 231 16.12 27.24 -39.05
CA ARG E 231 16.25 28.59 -38.54
C ARG E 231 14.97 29.37 -38.73
N GLU E 232 14.26 29.17 -39.83
CA GLU E 232 13.06 29.95 -40.07
C GLU E 232 11.77 29.16 -40.11
N LEU E 233 11.86 27.85 -40.19
CA LEU E 233 10.66 27.05 -40.26
C LEU E 233 10.74 25.74 -39.54
N LEU E 234 9.58 25.24 -39.13
CA LEU E 234 9.48 23.92 -38.55
C LEU E 234 8.56 23.08 -39.42
N ASN E 235 9.05 21.93 -39.86
CA ASN E 235 8.34 21.02 -40.75
C ASN E 235 8.08 19.68 -40.11
N VAL E 236 6.95 19.07 -40.45
CA VAL E 236 6.61 17.75 -39.95
C VAL E 236 5.52 17.14 -40.80
N THR E 237 5.65 15.87 -41.13
CA THR E 237 4.66 15.18 -41.92
C THR E 237 3.99 14.22 -40.98
N ILE E 238 2.66 14.31 -40.92
CA ILE E 238 1.87 13.52 -40.00
C ILE E 238 0.90 12.61 -40.73
N ASN E 239 0.87 11.35 -40.33
CA ASN E 239 -0.05 10.40 -40.93
C ASN E 239 -1.27 10.33 -40.04
N THR E 240 -2.40 10.82 -40.52
CA THR E 240 -3.61 10.83 -39.73
C THR E 240 -4.14 9.42 -39.55
N PRO E 241 -4.40 9.04 -38.30
CA PRO E 241 -4.90 7.71 -37.94
C PRO E 241 -6.41 7.62 -37.96
N SER E 242 -7.00 7.58 -39.14
CA SER E 242 -8.45 7.47 -39.25
C SER E 242 -8.79 6.22 -40.05
N ARG E 243 -9.41 5.25 -39.41
CA ARG E 243 -9.76 4.04 -40.12
C ARG E 243 -11.26 3.81 -40.23
N ASP E 244 -11.70 3.69 -41.48
CA ASP E 244 -13.07 3.41 -41.82
C ASP E 244 -12.81 2.30 -42.80
N LYS E 245 -12.42 1.15 -42.27
CA LYS E 245 -12.03 -0.03 -43.05
C LYS E 245 -10.90 0.31 -44.02
N GLU E 246 -9.91 1.05 -43.52
CA GLU E 246 -8.73 1.49 -44.27
C GLU E 246 -9.04 2.28 -45.55
N GLN E 247 -10.05 3.13 -45.47
CA GLN E 247 -10.48 3.94 -46.62
C GLN E 247 -9.99 5.37 -46.52
N GLY E 248 -9.46 5.89 -47.64
CA GLY E 248 -9.02 7.27 -47.67
C GLY E 248 -7.88 7.70 -46.78
N ASP E 249 -6.70 7.10 -46.94
CA ASP E 249 -5.54 7.52 -46.15
C ASP E 249 -5.19 8.99 -46.32
N ILE E 250 -4.99 9.70 -45.22
CA ILE E 250 -4.69 11.13 -45.28
C ILE E 250 -3.37 11.48 -44.61
N THR E 251 -2.54 12.20 -45.35
CA THR E 251 -1.26 12.64 -44.83
C THR E 251 -1.26 14.15 -44.84
N VAL E 252 -0.84 14.75 -43.74
CA VAL E 252 -0.79 16.20 -43.62
C VAL E 252 0.61 16.73 -43.42
N ARG E 253 1.05 17.61 -44.31
CA ARG E 253 2.36 18.23 -44.18
C ARG E 253 2.20 19.58 -43.48
N PHE E 254 2.81 19.69 -42.31
CA PHE E 254 2.71 20.86 -41.48
C PHE E 254 3.96 21.72 -41.50
N THR E 255 3.78 22.99 -41.82
CA THR E 255 4.89 23.95 -41.85
C THR E 255 4.50 25.19 -41.08
N THR E 256 5.38 25.67 -40.23
CA THR E 256 5.09 26.89 -39.47
C THR E 256 6.28 27.83 -39.52
N LYS E 257 6.03 29.13 -39.57
CA LYS E 257 7.09 30.11 -39.60
C LYS E 257 7.41 30.39 -38.16
N LEU E 258 8.67 30.30 -37.78
CA LEU E 258 9.02 30.46 -36.37
C LEU E 258 9.09 31.91 -35.98
N ILE E 259 8.94 32.17 -34.69
CA ILE E 259 9.03 33.53 -34.16
C ILE E 259 10.48 33.90 -34.02
N ASP E 260 10.86 35.01 -34.67
CA ASP E 260 12.22 35.48 -34.74
C ASP E 260 12.51 36.28 -33.46
N GLY E 261 12.88 35.56 -32.41
CA GLY E 261 13.29 36.21 -31.16
C GLY E 261 14.20 35.33 -30.37
N LYS E 262 14.59 35.79 -29.19
CA LYS E 262 15.43 35.01 -28.32
C LYS E 262 14.58 34.77 -27.09
N PHE E 263 14.25 33.52 -26.83
CA PHE E 263 13.43 33.20 -25.68
C PHE E 263 14.22 33.42 -24.42
N PRO E 264 13.55 33.85 -23.35
CA PRO E 264 14.21 34.12 -22.07
C PRO E 264 14.78 32.85 -21.47
N ASP E 265 15.87 32.99 -20.73
CA ASP E 265 16.51 31.85 -20.09
C ASP E 265 15.59 31.26 -19.03
N TYR E 266 14.94 30.16 -19.37
CA TYR E 266 14.00 29.48 -18.49
C TYR E 266 14.57 28.90 -17.20
N ARG E 267 15.81 28.43 -17.24
CA ARG E 267 16.42 27.84 -16.06
C ARG E 267 16.49 28.78 -14.87
N ARG E 268 16.79 30.05 -15.12
CA ARG E 268 16.87 31.04 -14.06
C ARG E 268 15.52 31.22 -13.37
N VAL E 269 14.44 31.19 -14.15
CA VAL E 269 13.08 31.33 -13.66
C VAL E 269 12.62 30.20 -12.73
N ILE E 270 13.00 28.97 -13.03
CA ILE E 270 12.64 27.81 -12.21
C ILE E 270 13.41 27.80 -10.91
N PRO E 271 12.70 27.85 -9.79
CA PRO E 271 13.30 27.86 -8.45
C PRO E 271 13.81 26.54 -7.92
N ARG E 272 15.12 26.32 -8.03
CA ARG E 272 15.73 25.12 -7.49
C ARG E 272 15.87 25.05 -5.98
N GLY E 273 16.15 26.17 -5.33
CA GLY E 273 16.36 26.17 -3.89
C GLY E 273 15.21 26.42 -2.94
N GLY E 274 14.09 25.72 -3.08
CA GLY E 274 12.97 25.90 -2.18
C GLY E 274 13.16 25.11 -0.90
N ASP E 275 12.98 25.76 0.25
CA ASP E 275 13.17 25.10 1.53
C ASP E 275 11.93 24.60 2.24
N LYS E 276 10.75 25.03 1.81
CA LYS E 276 9.50 24.62 2.43
C LYS E 276 8.76 23.82 1.40
N HIS E 277 8.32 22.63 1.77
CA HIS E 277 7.66 21.75 0.82
C HIS E 277 6.32 21.25 1.30
N VAL E 278 5.33 21.28 0.40
CA VAL E 278 3.98 20.83 0.72
C VAL E 278 3.51 19.84 -0.34
N LEU E 279 2.74 18.85 0.09
CA LEU E 279 2.11 17.89 -0.80
C LEU E 279 0.64 17.96 -0.44
N ILE E 280 -0.22 18.14 -1.44
CA ILE E 280 -1.66 18.27 -1.23
C ILE E 280 -2.39 17.31 -2.17
N GLY E 281 -3.52 16.76 -1.74
CA GLY E 281 -4.26 15.86 -2.60
C GLY E 281 -4.74 16.73 -3.73
N HIS E 282 -4.54 16.30 -4.98
CA HIS E 282 -4.93 17.09 -6.12
C HIS E 282 -6.38 17.58 -6.15
N ASP E 283 -7.33 16.65 -6.15
CA ASP E 283 -8.73 16.96 -6.20
C ASP E 283 -9.20 17.87 -5.08
N VAL E 284 -8.74 17.57 -3.87
CA VAL E 284 -9.11 18.31 -2.69
C VAL E 284 -8.68 19.75 -2.95
N PHE E 285 -7.46 19.92 -3.46
CA PHE E 285 -6.91 21.28 -3.78
C PHE E 285 -7.72 21.97 -4.87
N LYS E 286 -7.99 21.25 -5.96
CA LYS E 286 -8.77 21.78 -7.10
C LYS E 286 -10.16 22.22 -6.69
N GLN E 287 -10.87 21.34 -5.98
CA GLN E 287 -12.27 21.61 -5.59
C GLN E 287 -12.35 22.81 -4.64
N SER E 288 -11.49 22.86 -3.62
CA SER E 288 -11.47 23.99 -2.68
C SER E 288 -11.09 25.31 -3.35
N LEU E 289 -10.15 25.27 -4.28
CA LEU E 289 -9.68 26.46 -4.98
C LEU E 289 -10.80 27.03 -5.85
N GLN E 290 -11.56 26.16 -6.53
CA GLN E 290 -12.72 26.58 -7.30
C GLN E 290 -13.82 27.21 -6.42
N ARG E 291 -14.08 26.59 -5.28
CA ARG E 291 -15.06 27.10 -4.33
C ARG E 291 -14.71 28.50 -3.81
N VAL E 292 -13.50 28.62 -3.29
CA VAL E 292 -13.01 29.87 -2.73
C VAL E 292 -12.90 30.98 -3.76
N ALA E 293 -12.56 30.63 -4.98
CA ALA E 293 -12.40 31.62 -6.08
C ALA E 293 -13.70 32.32 -6.47
N ILE E 294 -14.85 31.73 -6.12
CA ILE E 294 -16.14 32.33 -6.45
C ILE E 294 -16.32 33.71 -5.86
N LEU E 295 -15.80 33.94 -4.65
CA LEU E 295 -15.92 35.22 -4.00
C LEU E 295 -14.61 36.02 -4.04
N SER E 296 -13.73 35.72 -5.00
CA SER E 296 -12.57 36.57 -5.23
C SER E 296 -12.97 37.72 -6.12
N ASN E 297 -12.08 38.68 -6.22
CA ASN E 297 -12.27 39.83 -7.04
C ASN E 297 -12.36 39.32 -8.45
N GLU E 298 -13.38 39.74 -9.18
CA GLU E 298 -13.57 39.27 -10.54
C GLU E 298 -12.44 39.64 -11.47
N LYS E 299 -12.00 40.87 -11.45
CA LYS E 299 -10.88 41.26 -12.30
C LYS E 299 -9.50 40.73 -11.89
N LEU E 300 -9.17 40.84 -10.61
CA LEU E 300 -7.86 40.39 -10.12
C LEU E 300 -7.72 38.90 -9.87
N ARG E 301 -8.83 38.24 -9.53
CA ARG E 301 -8.88 36.79 -9.31
C ARG E 301 -7.90 36.30 -8.25
N GLY E 302 -7.74 37.08 -7.20
CA GLY E 302 -6.81 36.74 -6.15
C GLY E 302 -7.33 35.97 -4.97
N VAL E 303 -6.56 34.95 -4.61
CA VAL E 303 -6.86 34.08 -3.48
C VAL E 303 -5.63 33.96 -2.60
N PHE E 304 -5.81 34.05 -1.29
CA PHE E 304 -4.70 33.93 -0.35
C PHE E 304 -4.49 32.50 0.10
N LEU E 305 -3.26 32.02 0.02
CA LEU E 305 -2.96 30.70 0.49
C LEU E 305 -2.14 30.89 1.75
N ASN E 306 -2.64 30.38 2.85
CA ASN E 306 -1.94 30.51 4.13
C ASN E 306 -1.45 29.15 4.55
N PHE E 307 -0.16 29.03 4.80
CA PHE E 307 0.40 27.76 5.20
C PHE E 307 0.61 27.76 6.70
N ASN E 308 -0.04 26.80 7.33
CA ASN E 308 0.00 26.62 8.77
C ASN E 308 0.38 25.18 9.03
N GLN E 309 0.81 24.88 10.25
CA GLN E 309 1.22 23.52 10.51
C GLN E 309 0.00 22.61 10.38
N ASP E 310 0.13 21.64 9.47
CA ASP E 310 -0.86 20.62 9.15
C ASP E 310 -2.19 21.12 8.55
N SER E 311 -2.20 22.34 8.03
CA SER E 311 -3.43 22.88 7.44
C SER E 311 -3.14 23.95 6.41
N LEU E 312 -3.89 23.94 5.31
CA LEU E 312 -3.73 24.95 4.29
C LEU E 312 -5.04 25.68 4.20
N GLN E 313 -5.02 27.00 4.32
CA GLN E 313 -6.25 27.76 4.26
C GLN E 313 -6.31 28.62 3.04
N LEU E 314 -7.41 28.52 2.32
CA LEU E 314 -7.62 29.30 1.12
C LEU E 314 -8.63 30.35 1.48
N ARG E 315 -8.28 31.60 1.27
CA ARG E 315 -9.19 32.69 1.58
C ARG E 315 -9.30 33.66 0.43
N ALA E 316 -10.51 34.10 0.16
CA ALA E 316 -10.75 35.08 -0.91
C ALA E 316 -11.82 36.06 -0.47
N ASN E 317 -11.70 37.30 -0.94
CA ASN E 317 -12.76 38.29 -0.79
C ASN E 317 -12.77 39.26 -1.96
N ASN E 318 -13.89 39.99 -2.08
CA ASN E 318 -14.15 40.88 -3.22
C ASN E 318 -14.43 42.30 -2.71
N PRO E 319 -14.60 43.28 -3.64
CA PRO E 319 -14.93 44.65 -3.21
C PRO E 319 -16.23 44.79 -2.41
N GLU E 320 -17.18 43.88 -2.58
CA GLU E 320 -18.45 43.95 -1.83
C GLU E 320 -18.30 43.40 -0.41
N GLN E 321 -17.09 42.98 -0.05
CA GLN E 321 -16.72 42.48 1.27
C GLN E 321 -17.29 41.08 1.58
N ASP E 322 -17.63 40.32 0.54
CA ASP E 322 -18.04 38.93 0.70
C ASP E 322 -16.76 38.13 0.92
N GLU E 323 -16.83 36.96 1.55
CA GLU E 323 -15.60 36.20 1.79
C GLU E 323 -15.77 34.69 1.80
N ALA E 324 -14.83 33.97 1.19
CA ALA E 324 -14.87 32.51 1.16
C ALA E 324 -13.61 31.92 1.76
N ILE E 325 -13.77 30.97 2.67
CA ILE E 325 -12.63 30.32 3.33
C ILE E 325 -12.86 28.82 3.34
N GLU E 326 -11.83 28.04 3.08
CA GLU E 326 -11.91 26.59 3.21
C GLU E 326 -10.55 26.10 3.73
N ASP E 327 -10.55 25.08 4.57
CA ASP E 327 -9.32 24.56 5.14
C ASP E 327 -9.05 23.17 4.62
N LEU E 328 -7.79 22.88 4.33
CA LEU E 328 -7.37 21.58 3.83
C LEU E 328 -6.31 21.00 4.75
N ALA E 329 -6.28 19.67 4.86
CA ALA E 329 -5.32 19.02 5.72
C ALA E 329 -4.08 18.62 4.93
N ILE E 330 -2.92 19.11 5.37
CA ILE E 330 -1.65 18.83 4.73
C ILE E 330 -0.62 18.56 5.82
N GLN E 331 0.47 17.90 5.46
CA GLN E 331 1.52 17.67 6.41
C GLN E 331 2.46 18.83 6.22
N TYR E 332 2.40 19.81 7.11
CA TYR E 332 3.31 20.94 7.03
C TYR E 332 3.79 21.33 8.42
N GLN E 333 5.10 21.24 8.67
CA GLN E 333 5.64 21.60 9.97
C GLN E 333 6.62 22.77 9.99
N SER E 334 6.78 23.42 8.84
CA SER E 334 7.68 24.55 8.72
C SER E 334 6.98 25.86 9.09
N ALA E 335 7.70 26.96 9.01
CA ALA E 335 7.17 28.28 9.34
C ALA E 335 5.97 28.71 8.51
N PRO E 336 5.02 29.42 9.13
CA PRO E 336 3.82 29.87 8.44
C PRO E 336 4.11 30.84 7.31
N LEU E 337 3.45 30.63 6.19
CA LEU E 337 3.64 31.47 5.02
C LEU E 337 2.30 31.95 4.47
N GLU E 338 2.17 33.25 4.21
CA GLU E 338 0.95 33.77 3.63
C GLU E 338 1.30 34.27 2.24
N MET E 339 0.64 33.74 1.23
CA MET E 339 0.91 34.11 -0.14
C MET E 339 -0.36 34.38 -0.90
N SER E 340 -0.27 35.27 -1.86
CA SER E 340 -1.39 35.65 -2.71
C SER E 340 -1.14 35.20 -4.13
N PHE E 341 -2.13 34.55 -4.73
CA PHE E 341 -2.01 34.06 -6.09
C PHE E 341 -3.22 34.37 -6.93
N ASN E 342 -3.01 34.45 -8.24
CA ASN E 342 -4.12 34.64 -9.14
C ASN E 342 -4.68 33.25 -9.13
N ALA E 343 -5.95 33.11 -8.80
CA ALA E 343 -6.55 31.79 -8.71
C ALA E 343 -6.52 31.03 -10.02
N GLN E 344 -6.74 31.71 -11.13
CA GLN E 344 -6.73 31.06 -12.43
C GLN E 344 -5.39 30.46 -12.78
N TYR E 345 -4.30 31.11 -12.44
CA TYR E 345 -2.99 30.58 -12.74
C TYR E 345 -2.77 29.26 -12.03
N LEU E 346 -3.19 29.16 -10.78
CA LEU E 346 -3.11 27.92 -10.01
C LEU E 346 -4.02 26.86 -10.60
N LEU E 347 -5.21 27.29 -10.99
CA LEU E 347 -6.19 26.41 -11.60
C LEU E 347 -5.72 25.88 -12.93
N ASP E 348 -5.02 26.72 -13.68
CA ASP E 348 -4.47 26.35 -14.97
C ASP E 348 -3.47 25.21 -14.84
N VAL E 349 -2.65 25.26 -13.80
CA VAL E 349 -1.64 24.24 -13.50
C VAL E 349 -2.26 22.92 -13.05
N LEU E 350 -3.19 22.98 -12.12
CA LEU E 350 -3.92 21.79 -11.70
C LEU E 350 -4.68 21.14 -12.86
N GLY E 351 -5.17 21.96 -13.82
CA GLY E 351 -5.78 21.48 -15.05
C GLY E 351 -4.96 20.45 -15.81
N VAL E 352 -3.63 20.49 -15.68
CA VAL E 352 -2.73 19.67 -16.49
C VAL E 352 -1.91 18.65 -15.66
N LEU E 353 -2.21 18.50 -14.38
CA LEU E 353 -1.50 17.55 -13.54
C LEU E 353 -2.37 16.33 -13.32
N ASP E 354 -1.91 15.18 -13.80
CA ASP E 354 -2.70 13.95 -13.68
C ASP E 354 -2.49 13.12 -12.43
N GLY E 355 -1.52 13.45 -11.61
CA GLY E 355 -1.29 12.68 -10.41
C GLY E 355 -2.21 12.97 -9.26
N ASP E 356 -2.23 12.05 -8.30
CA ASP E 356 -3.04 12.14 -7.11
C ASP E 356 -2.65 13.26 -6.16
N ASP E 357 -1.37 13.49 -6.02
CA ASP E 357 -0.87 14.53 -5.14
C ASP E 357 -0.14 15.62 -5.89
N VAL E 358 -0.17 16.81 -5.32
CA VAL E 358 0.49 17.97 -5.88
C VAL E 358 1.57 18.43 -4.92
N ASN E 359 2.73 18.78 -5.45
CA ASN E 359 3.86 19.25 -4.66
C ASN E 359 4.10 20.71 -4.85
N MET E 360 4.31 21.45 -3.78
CA MET E 360 4.65 22.85 -3.91
C MET E 360 5.91 23.12 -3.12
N SER E 361 6.83 23.88 -3.70
CA SER E 361 8.06 24.22 -3.02
C SER E 361 8.27 25.72 -3.01
N MET E 362 8.33 26.31 -1.84
CA MET E 362 8.55 27.74 -1.76
C MET E 362 9.66 28.09 -0.84
N THR E 363 10.03 29.34 -0.90
CA THR E 363 11.05 29.86 -0.05
C THR E 363 10.47 30.98 0.80
N GLU E 364 9.99 32.01 0.13
CA GLU E 364 9.42 33.17 0.80
C GLU E 364 8.14 33.61 0.13
N ALA E 365 7.35 34.42 0.82
CA ALA E 365 6.06 34.89 0.35
C ALA E 365 6.08 35.74 -0.90
N ASN E 366 7.17 36.43 -1.15
CA ASN E 366 7.31 37.30 -2.30
C ASN E 366 8.02 36.62 -3.46
N GLN E 367 8.25 35.32 -3.34
CA GLN E 367 8.96 34.59 -4.36
C GLN E 367 8.14 33.49 -5.02
N SER E 368 8.65 32.98 -6.12
CA SER E 368 7.98 31.95 -6.90
C SER E 368 7.81 30.63 -6.20
N VAL E 369 6.81 29.89 -6.63
CA VAL E 369 6.54 28.58 -6.11
C VAL E 369 6.68 27.58 -7.23
N LEU E 370 7.29 26.45 -6.93
CA LEU E 370 7.48 25.39 -7.89
C LEU E 370 6.40 24.37 -7.66
N VAL E 371 5.60 24.09 -8.66
CA VAL E 371 4.52 23.12 -8.54
C VAL E 371 4.85 21.91 -9.43
N GLN E 372 4.68 20.72 -8.87
CA GLN E 372 4.98 19.51 -9.59
C GLN E 372 4.04 18.38 -9.24
N ASP E 373 4.35 17.23 -9.81
CA ASP E 373 3.62 16.01 -9.61
C ASP E 373 4.71 14.99 -9.43
N PRO E 374 4.78 14.35 -8.27
CA PRO E 374 5.81 13.34 -8.01
C PRO E 374 5.80 12.19 -9.01
N ALA E 375 4.62 11.77 -9.42
CA ALA E 375 4.42 10.68 -10.36
C ALA E 375 5.02 11.00 -11.73
N HIS E 376 4.94 12.26 -12.14
CA HIS E 376 5.49 12.68 -13.41
C HIS E 376 6.50 13.80 -13.26
N PRO E 377 7.78 13.46 -13.13
CA PRO E 377 8.92 14.38 -12.98
C PRO E 377 9.20 15.21 -14.22
N ASP E 378 8.73 14.75 -15.37
CA ASP E 378 8.85 15.47 -16.67
C ASP E 378 8.17 16.85 -16.75
N GLN E 379 7.11 17.06 -15.97
CA GLN E 379 6.42 18.36 -15.94
C GLN E 379 6.89 19.20 -14.76
N THR E 380 7.16 20.48 -15.02
CA THR E 380 7.52 21.45 -13.98
C THR E 380 6.78 22.74 -14.27
N TYR E 381 6.19 23.34 -13.24
CA TYR E 381 5.45 24.58 -13.37
C TYR E 381 5.90 25.61 -12.36
N VAL E 382 5.84 26.87 -12.74
CA VAL E 382 6.24 27.95 -11.87
C VAL E 382 5.11 28.95 -11.72
N VAL E 383 4.86 29.36 -10.50
CA VAL E 383 3.80 30.32 -10.21
C VAL E 383 4.35 31.47 -9.42
N MET E 384 4.19 32.67 -9.91
CA MET E 384 4.68 33.82 -9.19
C MET E 384 3.51 34.48 -8.50
N PRO E 385 3.67 34.82 -7.23
CA PRO E 385 2.61 35.43 -6.45
C PRO E 385 2.35 36.89 -6.76
N MET E 386 1.29 37.43 -6.18
CA MET E 386 0.95 38.82 -6.36
C MET E 386 1.64 39.60 -5.27
N HIS F 6 -31.59 34.72 13.53
CA HIS F 6 -32.64 34.82 12.52
C HIS F 6 -32.79 33.50 11.80
N MET F 7 -33.11 33.54 10.52
CA MET F 7 -33.30 32.31 9.77
C MET F 7 -32.08 31.42 9.82
N ARG F 8 -32.28 30.18 10.20
CA ARG F 8 -31.18 29.24 10.24
C ARG F 8 -31.75 28.00 9.59
N LEU F 9 -30.98 27.40 8.69
CA LEU F 9 -31.48 26.24 7.98
C LEU F 9 -30.38 25.25 7.58
N LYS F 10 -30.72 23.97 7.53
CA LYS F 10 -29.78 22.96 7.09
C LYS F 10 -30.44 22.30 5.91
N ILE F 11 -29.80 22.23 4.77
CA ILE F 11 -30.48 21.66 3.62
C ILE F 11 -29.52 21.01 2.64
N ALA F 12 -29.94 19.95 1.97
CA ALA F 12 -29.06 19.32 0.99
C ALA F 12 -28.80 20.26 -0.18
N LYS F 13 -27.60 20.16 -0.74
CA LYS F 13 -27.20 20.93 -1.92
C LYS F 13 -28.25 20.83 -3.02
N GLU F 14 -28.58 19.61 -3.41
CA GLU F 14 -29.52 19.37 -4.48
C GLU F 14 -30.91 19.89 -4.20
N SER F 15 -31.36 19.78 -2.96
CA SER F 15 -32.68 20.28 -2.65
C SER F 15 -32.73 21.78 -2.82
N LEU F 16 -31.74 22.47 -2.31
CA LEU F 16 -31.68 23.91 -2.41
C LEU F 16 -31.49 24.39 -3.83
N LEU F 17 -30.64 23.68 -4.56
CA LEU F 17 -30.34 24.00 -5.94
C LEU F 17 -31.55 23.86 -6.84
N ASN F 18 -32.33 22.81 -6.60
CA ASN F 18 -33.52 22.56 -7.39
C ASN F 18 -34.57 23.66 -7.24
N VAL F 19 -34.78 24.11 -6.02
CA VAL F 19 -35.73 25.18 -5.78
C VAL F 19 -35.26 26.47 -6.43
N LEU F 20 -33.96 26.74 -6.32
CA LEU F 20 -33.34 27.93 -6.86
C LEU F 20 -33.40 28.05 -8.37
N SER F 21 -33.25 26.92 -9.06
CA SER F 21 -33.26 26.92 -10.50
C SER F 21 -34.55 27.42 -11.11
N HIS F 22 -35.67 27.11 -10.47
CA HIS F 22 -36.98 27.53 -10.95
C HIS F 22 -37.28 29.01 -10.79
N VAL F 23 -36.49 29.73 -10.00
CA VAL F 23 -36.74 31.15 -9.78
C VAL F 23 -35.68 32.08 -10.37
N VAL F 24 -34.45 31.59 -10.52
CA VAL F 24 -33.32 32.44 -10.94
C VAL F 24 -33.36 32.93 -12.37
N GLY F 25 -34.11 32.27 -13.25
CA GLY F 25 -34.33 32.80 -14.60
C GLY F 25 -34.92 34.20 -14.65
N ALA F 26 -35.68 34.57 -13.63
CA ALA F 26 -36.28 35.91 -13.54
C ALA F 26 -35.37 37.00 -12.99
N VAL F 27 -34.24 36.64 -12.40
CA VAL F 27 -33.36 37.63 -11.81
C VAL F 27 -32.32 38.23 -12.74
N GLU F 28 -32.30 39.55 -12.85
CA GLU F 28 -31.32 40.23 -13.69
C GLU F 28 -30.00 40.35 -12.93
N ARG F 29 -28.88 40.27 -13.63
CA ARG F 29 -27.57 40.36 -12.99
C ARG F 29 -27.42 41.72 -12.31
N ARG F 30 -27.72 42.77 -13.05
CA ARG F 30 -27.66 44.10 -12.49
C ARG F 30 -29.01 44.70 -12.76
N HIS F 31 -29.70 45.08 -11.70
CA HIS F 31 -31.01 45.66 -11.80
C HIS F 31 -30.93 47.05 -11.23
N THR F 32 -31.84 47.94 -11.61
CA THR F 32 -31.81 49.28 -11.06
C THR F 32 -32.02 49.23 -9.56
N LEU F 33 -32.91 48.35 -9.12
CA LEU F 33 -33.14 48.15 -7.70
C LEU F 33 -32.18 47.07 -7.29
N ASN F 34 -31.26 47.41 -6.42
CA ASN F 34 -30.21 46.50 -6.02
C ASN F 34 -30.74 45.23 -5.39
N ILE F 35 -31.82 45.34 -4.62
CA ILE F 35 -32.43 44.21 -3.94
C ILE F 35 -32.99 43.13 -4.86
N LEU F 36 -33.36 43.53 -6.07
CA LEU F 36 -33.94 42.60 -7.07
C LEU F 36 -32.95 41.58 -7.63
N SER F 37 -31.67 41.90 -7.53
CA SER F 37 -30.58 41.01 -7.86
C SER F 37 -30.50 39.82 -6.88
N ASN F 38 -30.95 40.03 -5.64
CA ASN F 38 -31.00 38.99 -4.64
C ASN F 38 -32.27 38.15 -4.78
N VAL F 39 -32.36 37.07 -4.00
CA VAL F 39 -33.54 36.23 -3.99
C VAL F 39 -34.08 36.25 -2.59
N LYS F 40 -35.39 36.30 -2.47
CA LYS F 40 -36.02 36.30 -1.17
C LYS F 40 -36.24 34.87 -0.72
N ILE F 41 -35.64 34.53 0.42
CA ILE F 41 -35.74 33.17 0.98
C ILE F 41 -36.54 33.26 2.27
N GLN F 42 -37.63 32.51 2.35
CA GLN F 42 -38.49 32.41 3.53
C GLN F 42 -38.52 30.97 3.94
N THR F 43 -38.48 30.70 5.24
CA THR F 43 -38.58 29.32 5.73
C THR F 43 -39.16 29.17 7.12
N ASN F 44 -39.99 28.15 7.24
CA ASN F 44 -40.61 27.74 8.48
C ASN F 44 -40.33 26.24 8.64
N ALA F 45 -40.92 25.61 9.64
CA ALA F 45 -40.64 24.20 9.83
C ALA F 45 -41.09 23.36 8.66
N GLN F 46 -42.23 23.69 8.10
CA GLN F 46 -42.79 22.88 7.00
C GLN F 46 -42.26 23.15 5.60
N ALA F 47 -42.09 24.41 5.23
CA ALA F 47 -41.66 24.70 3.86
C ALA F 47 -40.65 25.81 3.64
N LEU F 48 -40.01 25.72 2.48
CA LEU F 48 -39.01 26.67 2.02
C LEU F 48 -39.63 27.37 0.82
N THR F 49 -39.50 28.69 0.77
CA THR F 49 -40.12 29.49 -0.30
C THR F 49 -39.12 30.52 -0.80
N ILE F 50 -38.72 30.39 -2.06
CA ILE F 50 -37.74 31.29 -2.67
C ILE F 50 -38.40 32.09 -3.77
N THR F 51 -38.12 33.39 -3.81
CA THR F 51 -38.71 34.32 -4.77
C THR F 51 -37.63 35.06 -5.57
N GLY F 52 -37.86 35.15 -6.87
CA GLY F 52 -36.96 35.85 -7.79
C GLY F 52 -37.82 36.66 -8.74
N SER F 53 -37.40 37.89 -8.99
CA SER F 53 -38.15 38.79 -9.83
C SER F 53 -37.34 39.96 -10.36
N ASP F 54 -37.77 40.49 -11.48
CA ASP F 54 -37.18 41.68 -12.05
C ASP F 54 -38.19 42.83 -12.13
N LEU F 55 -39.32 42.63 -11.43
CA LEU F 55 -40.49 43.50 -11.31
C LEU F 55 -41.43 43.47 -12.51
N GLU F 56 -41.13 42.61 -13.47
CA GLU F 56 -42.00 42.43 -14.62
C GLU F 56 -42.48 41.00 -14.61
N VAL F 57 -41.63 40.10 -14.10
CA VAL F 57 -41.92 38.69 -13.98
C VAL F 57 -41.51 38.29 -12.59
N GLU F 58 -42.37 37.59 -11.90
CA GLU F 58 -42.13 37.14 -10.54
C GLU F 58 -42.32 35.64 -10.44
N LEU F 59 -41.35 34.95 -9.87
CA LEU F 59 -41.46 33.51 -9.67
C LEU F 59 -41.26 33.18 -8.20
N VAL F 60 -42.22 32.47 -7.62
CA VAL F 60 -42.14 32.05 -6.22
C VAL F 60 -42.21 30.52 -6.17
N ALA F 61 -41.08 29.89 -5.87
CA ALA F 61 -40.99 28.44 -5.81
C ALA F 61 -41.06 27.97 -4.37
N SER F 62 -41.86 26.95 -4.11
CA SER F 62 -42.02 26.40 -2.79
C SER F 62 -41.85 24.90 -2.73
N THR F 63 -41.27 24.39 -1.65
CA THR F 63 -41.10 22.94 -1.49
C THR F 63 -41.25 22.48 -0.05
N ALA F 64 -41.68 21.25 0.15
CA ALA F 64 -41.84 20.69 1.48
C ALA F 64 -40.44 20.44 2.00
N LEU F 65 -40.19 20.92 3.20
CA LEU F 65 -38.88 20.79 3.79
C LEU F 65 -38.83 19.58 4.67
N SER F 66 -37.63 19.10 4.96
CA SER F 66 -37.43 17.96 5.82
C SER F 66 -37.63 18.29 7.29
N GLU F 67 -37.83 17.27 8.10
CA GLU F 67 -38.09 17.44 9.52
C GLU F 67 -37.06 18.27 10.29
N GLY F 68 -35.77 18.00 10.07
CA GLY F 68 -34.74 18.72 10.78
C GLY F 68 -34.15 19.91 10.05
N ALA F 69 -34.62 20.13 8.84
CA ALA F 69 -34.11 21.19 7.98
C ALA F 69 -34.19 22.63 8.46
N CYS F 70 -35.28 23.03 9.07
CA CYS F 70 -35.40 24.47 9.44
C CYS F 70 -35.20 24.58 10.95
N LEU F 71 -34.03 25.02 11.37
CA LEU F 71 -33.75 25.19 12.78
C LEU F 71 -34.44 26.42 13.31
N GLU F 72 -34.24 27.56 12.66
CA GLU F 72 -34.91 28.76 13.12
C GLU F 72 -35.58 29.41 11.93
N ALA F 73 -36.87 29.68 12.06
CA ALA F 73 -37.64 30.28 10.99
C ALA F 73 -37.26 31.73 10.77
N GLY F 74 -37.50 32.21 9.56
CA GLY F 74 -37.16 33.57 9.21
C GLY F 74 -37.19 33.86 7.74
N GLU F 75 -36.90 35.10 7.36
CA GLU F 75 -36.84 35.47 5.96
C GLU F 75 -35.71 36.46 5.72
N THR F 76 -35.10 36.37 4.55
CA THR F 76 -33.99 37.21 4.16
C THR F 76 -33.83 37.27 2.66
N THR F 77 -32.88 38.07 2.22
CA THR F 77 -32.61 38.25 0.81
C THR F 77 -31.12 38.02 0.53
N VAL F 78 -30.77 37.09 -0.36
CA VAL F 78 -29.36 36.78 -0.65
C VAL F 78 -29.02 36.90 -2.14
N PRO F 79 -27.81 37.40 -2.48
CA PRO F 79 -27.43 37.55 -3.90
C PRO F 79 -27.59 36.28 -4.70
N ALA F 80 -28.40 36.35 -5.74
CA ALA F 80 -28.92 35.17 -6.42
C ALA F 80 -27.83 34.40 -7.13
N ARG F 81 -27.08 35.04 -8.02
CA ARG F 81 -26.04 34.35 -8.77
C ARG F 81 -24.95 33.76 -7.90
N LYS F 82 -24.48 34.52 -6.94
CA LYS F 82 -23.42 34.02 -6.07
C LYS F 82 -23.87 32.78 -5.29
N LEU F 83 -25.08 32.83 -4.73
CA LEU F 83 -25.63 31.67 -4.02
C LEU F 83 -25.70 30.43 -4.90
N MET F 84 -26.08 30.62 -6.16
CA MET F 84 -26.16 29.52 -7.11
C MET F 84 -24.81 28.94 -7.44
N GLU F 85 -23.82 29.79 -7.66
CA GLU F 85 -22.47 29.31 -8.05
C GLU F 85 -21.84 28.63 -6.87
N ILE F 86 -22.05 29.16 -5.67
CA ILE F 86 -21.58 28.55 -4.43
C ILE F 86 -22.15 27.14 -4.26
N CYS F 87 -23.46 26.98 -4.40
CA CYS F 87 -24.09 25.65 -4.29
C CYS F 87 -23.60 24.65 -5.34
N LYS F 88 -23.44 25.09 -6.58
CA LYS F 88 -22.93 24.22 -7.66
C LYS F 88 -21.49 23.74 -7.45
N SER F 89 -20.68 24.55 -6.77
CA SER F 89 -19.28 24.21 -6.51
C SER F 89 -19.08 23.15 -5.44
N LEU F 90 -20.09 22.94 -4.60
CA LEU F 90 -20.02 21.94 -3.52
C LEU F 90 -20.05 20.53 -4.11
N PRO F 91 -19.48 19.53 -3.38
CA PRO F 91 -19.51 18.15 -3.86
C PRO F 91 -20.93 17.55 -3.83
N THR F 92 -21.13 16.48 -4.61
CA THR F 92 -22.40 15.78 -4.64
C THR F 92 -22.83 15.32 -3.24
N ALA F 93 -24.12 15.43 -2.95
CA ALA F 93 -24.74 15.05 -1.69
C ALA F 93 -24.29 15.87 -0.46
N ALA F 94 -23.71 17.05 -0.70
CA ALA F 94 -23.22 17.89 0.40
C ALA F 94 -24.38 18.48 1.20
N LEU F 95 -24.10 18.89 2.43
CA LEU F 95 -25.11 19.49 3.30
C LEU F 95 -24.72 20.94 3.60
N ILE F 96 -25.63 21.84 3.25
CA ILE F 96 -25.43 23.27 3.42
C ILE F 96 -26.01 23.77 4.72
N ASP F 97 -25.27 24.61 5.41
CA ASP F 97 -25.69 25.18 6.68
C ASP F 97 -25.85 26.69 6.48
N LEU F 98 -27.08 27.18 6.49
CA LEU F 98 -27.33 28.61 6.29
C LEU F 98 -27.74 29.32 7.55
N GLN F 99 -27.02 30.37 7.90
CA GLN F 99 -27.35 31.18 9.07
C GLN F 99 -27.37 32.63 8.69
N ILE F 100 -28.44 33.34 9.07
CA ILE F 100 -28.55 34.75 8.76
C ILE F 100 -28.29 35.49 10.05
N THR F 101 -27.41 36.49 9.98
CA THR F 101 -27.04 37.24 11.15
C THR F 101 -27.72 38.59 11.33
N GLU F 102 -27.51 39.14 12.52
CA GLU F 102 -28.04 40.42 12.96
C GLU F 102 -27.50 41.60 12.16
N ASP F 103 -26.27 41.48 11.68
CA ASP F 103 -25.62 42.54 10.93
C ASP F 103 -25.76 42.40 9.42
N GLN F 104 -26.83 41.74 8.99
CA GLN F 104 -27.16 41.49 7.59
C GLN F 104 -26.13 40.71 6.81
N ARG F 105 -25.68 39.62 7.38
CA ARG F 105 -24.70 38.78 6.72
C ARG F 105 -25.25 37.37 6.60
N CYS F 106 -24.96 36.73 5.48
CA CYS F 106 -25.42 35.38 5.28
C CYS F 106 -24.23 34.45 5.27
N ILE F 107 -24.25 33.46 6.15
CA ILE F 107 -23.16 32.54 6.28
C ILE F 107 -23.52 31.14 5.83
N LEU F 108 -22.74 30.59 4.92
CA LEU F 108 -22.97 29.26 4.42
C LEU F 108 -21.82 28.37 4.78
N LYS F 109 -22.13 27.21 5.33
CA LYS F 109 -21.11 26.25 5.70
C LYS F 109 -21.45 24.90 5.14
N SER F 110 -20.49 24.27 4.50
CA SER F 110 -20.65 22.94 3.94
C SER F 110 -19.28 22.31 3.87
N GLY F 111 -19.13 21.11 4.41
CA GLY F 111 -17.83 20.48 4.57
C GLY F 111 -16.88 21.41 5.31
N ASN F 112 -15.70 21.61 4.75
CA ASN F 112 -14.71 22.48 5.34
C ASN F 112 -14.80 23.85 4.68
N SER F 113 -15.95 24.16 4.10
CA SER F 113 -16.15 25.44 3.42
C SER F 113 -17.01 26.41 4.18
N ARG F 114 -16.61 27.67 4.16
CA ARG F 114 -17.35 28.72 4.84
C ARG F 114 -17.41 29.94 3.94
N PHE F 115 -18.61 30.28 3.52
CA PHE F 115 -18.87 31.40 2.62
C PHE F 115 -19.67 32.43 3.40
N VAL F 116 -19.46 33.72 3.13
CA VAL F 116 -20.22 34.80 3.75
C VAL F 116 -20.64 35.81 2.68
N LEU F 117 -21.94 36.06 2.57
CA LEU F 117 -22.47 37.02 1.63
C LEU F 117 -23.16 38.13 2.39
N GLY F 118 -23.57 39.17 1.68
CA GLY F 118 -24.25 40.29 2.31
C GLY F 118 -25.71 40.26 1.93
N THR F 119 -26.58 40.28 2.93
CA THR F 119 -28.01 40.25 2.68
C THR F 119 -28.66 41.61 2.76
N LEU F 120 -29.93 41.65 2.41
CA LEU F 120 -30.72 42.88 2.45
C LEU F 120 -32.04 42.52 3.11
N PRO F 121 -32.68 43.50 3.77
CA PRO F 121 -33.95 43.30 4.47
C PRO F 121 -35.07 42.72 3.60
N ALA F 122 -35.72 41.66 4.09
CA ALA F 122 -36.81 41.00 3.37
C ALA F 122 -37.98 41.91 3.10
N GLU F 123 -38.25 42.82 4.02
CA GLU F 123 -39.34 43.78 3.90
C GLU F 123 -39.19 44.67 2.69
N ASP F 124 -37.96 45.07 2.38
CA ASP F 124 -37.68 45.90 1.23
C ASP F 124 -38.02 45.26 -0.11
N TYR F 125 -37.87 43.96 -0.23
CA TYR F 125 -38.17 43.25 -1.47
C TYR F 125 -39.56 43.57 -2.00
N PRO F 126 -39.64 44.07 -3.24
CA PRO F 126 -40.90 44.43 -3.90
C PRO F 126 -41.63 43.26 -4.55
N LEU F 127 -42.94 43.22 -4.35
CA LEU F 127 -43.78 42.16 -4.90
C LEU F 127 -44.81 42.78 -5.84
N LEU F 128 -45.30 42.04 -6.81
CA LEU F 128 -46.30 42.54 -7.75
C LEU F 128 -47.72 42.44 -7.17
N THR F 129 -48.28 43.60 -6.87
CA THR F 129 -49.60 43.77 -6.29
C THR F 129 -50.38 44.51 -7.32
N THR F 130 -51.69 44.33 -7.27
CA THR F 130 -52.62 45.03 -8.15
C THR F 130 -53.96 45.14 -7.45
N GLU F 131 -54.73 46.19 -7.77
CA GLU F 131 -56.06 46.35 -7.22
C GLU F 131 -56.71 45.13 -7.84
N ASN F 132 -56.96 44.14 -7.00
CA ASN F 132 -57.51 42.84 -7.41
C ASN F 132 -58.64 42.98 -8.40
N SER F 133 -59.69 43.66 -7.96
CA SER F 133 -60.88 43.90 -8.77
C SER F 133 -61.38 42.58 -9.32
N GLN F 134 -61.63 42.55 -10.62
CA GLN F 134 -62.12 41.34 -11.24
C GLN F 134 -61.04 40.77 -12.11
N GLY F 135 -60.74 39.50 -11.89
CA GLY F 135 -59.75 38.81 -12.68
C GLY F 135 -60.46 37.69 -13.39
N THR F 136 -60.33 37.65 -14.70
CA THR F 136 -60.94 36.59 -15.48
C THR F 136 -60.17 35.33 -15.20
N GLN F 137 -60.87 34.20 -15.12
CA GLN F 137 -60.21 32.94 -14.84
C GLN F 137 -60.33 32.04 -16.05
N VAL F 138 -59.20 31.51 -16.49
CA VAL F 138 -59.18 30.64 -17.65
C VAL F 138 -58.66 29.27 -17.33
N GLN F 139 -59.38 28.24 -17.79
CA GLN F 139 -58.98 26.87 -17.57
C GLN F 139 -58.31 26.37 -18.83
N VAL F 140 -57.13 25.80 -18.66
CA VAL F 140 -56.37 25.27 -19.80
C VAL F 140 -55.31 24.32 -19.23
N THR F 141 -54.97 23.30 -19.99
CA THR F 141 -53.96 22.35 -19.55
C THR F 141 -52.55 22.84 -19.80
N GLN F 142 -51.59 22.30 -19.07
CA GLN F 142 -50.22 22.72 -19.26
C GLN F 142 -49.75 22.48 -20.68
N ARG F 143 -50.05 21.30 -21.20
CA ARG F 143 -49.63 20.96 -22.54
C ARG F 143 -50.21 21.91 -23.55
N GLU F 144 -51.48 22.26 -23.38
CA GLU F 144 -52.13 23.16 -24.31
C GLU F 144 -51.50 24.54 -24.26
N LEU F 145 -51.28 25.05 -23.07
CA LEU F 145 -50.68 26.37 -22.91
C LEU F 145 -49.27 26.40 -23.47
N LYS F 146 -48.53 25.34 -23.21
CA LYS F 146 -47.16 25.20 -23.68
C LYS F 146 -47.12 25.16 -25.19
N ARG F 147 -48.08 24.47 -25.78
CA ARG F 147 -48.16 24.36 -27.23
C ARG F 147 -48.38 25.70 -27.87
N LEU F 148 -49.20 26.52 -27.23
CA LEU F 148 -49.50 27.84 -27.73
C LEU F 148 -48.23 28.61 -27.90
N PHE F 149 -47.42 28.64 -26.86
CA PHE F 149 -46.19 29.38 -26.91
C PHE F 149 -45.16 28.79 -27.86
N GLU F 150 -45.02 27.47 -27.87
CA GLU F 150 -44.01 26.88 -28.75
C GLU F 150 -44.24 27.21 -30.21
N LYS F 151 -45.50 27.18 -30.62
CA LYS F 151 -45.88 27.47 -31.99
C LYS F 151 -45.98 28.95 -32.30
N THR F 152 -45.89 29.79 -31.29
CA THR F 152 -46.01 31.23 -31.48
C THR F 152 -44.85 32.13 -31.02
N ALA F 153 -43.97 31.63 -30.15
CA ALA F 153 -42.91 32.47 -29.57
C ALA F 153 -41.88 33.11 -30.49
N PHE F 154 -41.46 32.39 -31.52
CA PHE F 154 -40.43 32.87 -32.44
C PHE F 154 -40.72 34.17 -33.18
N ALA F 155 -41.98 34.46 -33.44
CA ALA F 155 -42.34 35.65 -34.20
C ALA F 155 -42.39 36.97 -33.43
N MET F 156 -42.12 36.93 -32.14
CA MET F 156 -42.11 38.15 -31.34
C MET F 156 -40.89 38.97 -31.67
N ALA F 157 -40.97 40.29 -31.48
CA ALA F 157 -39.82 41.14 -31.74
C ALA F 157 -38.83 40.96 -30.60
N VAL F 158 -37.55 41.05 -30.92
CA VAL F 158 -36.48 40.87 -29.93
C VAL F 158 -35.97 42.15 -29.27
N GLN F 159 -36.54 43.28 -29.64
CA GLN F 159 -36.09 44.57 -29.11
C GLN F 159 -36.35 44.61 -27.61
N ASP F 160 -37.49 44.08 -27.20
CA ASP F 160 -37.93 44.03 -25.79
C ASP F 160 -38.05 45.30 -24.91
N VAL F 161 -38.30 46.40 -25.60
CA VAL F 161 -38.59 47.68 -24.95
C VAL F 161 -40.08 47.47 -24.76
N ARG F 162 -40.70 48.12 -23.79
CA ARG F 162 -42.11 47.84 -23.61
C ARG F 162 -42.97 48.43 -24.70
N PHE F 163 -43.52 47.50 -25.49
CA PHE F 163 -44.31 47.76 -26.68
C PHE F 163 -45.10 46.49 -26.98
N TYR F 164 -46.16 46.62 -27.76
CA TYR F 164 -47.02 45.50 -28.10
C TYR F 164 -46.31 44.40 -28.89
N LEU F 165 -45.37 44.79 -29.74
CA LEU F 165 -44.62 43.88 -30.59
C LEU F 165 -43.72 42.89 -29.85
N THR F 166 -43.28 43.28 -28.65
CA THR F 166 -42.39 42.49 -27.82
C THR F 166 -43.07 41.44 -26.97
N GLY F 167 -44.37 41.26 -27.13
CA GLY F 167 -45.07 40.25 -26.39
C GLY F 167 -46.08 39.38 -27.10
N THR F 168 -46.54 38.31 -26.46
CA THR F 168 -47.56 37.45 -27.09
C THR F 168 -48.89 37.98 -26.59
N LEU F 169 -49.88 38.01 -27.47
CA LEU F 169 -51.19 38.45 -27.09
C LEU F 169 -51.99 37.21 -26.78
N LEU F 170 -52.55 37.15 -25.57
CA LEU F 170 -53.37 36.01 -25.21
C LEU F 170 -54.79 36.52 -25.30
N GLU F 171 -55.57 35.90 -26.17
CA GLU F 171 -56.94 36.32 -26.37
C GLU F 171 -57.87 35.17 -26.09
N ILE F 172 -58.84 35.38 -25.23
CA ILE F 172 -59.80 34.34 -24.90
C ILE F 172 -61.20 34.76 -25.31
N ASP F 173 -61.77 34.05 -26.29
CA ASP F 173 -63.12 34.33 -26.76
C ASP F 173 -63.87 33.03 -26.66
N GLU F 174 -64.98 33.03 -25.94
CA GLU F 174 -65.79 31.83 -25.78
C GLU F 174 -64.95 30.67 -25.26
N ASN F 175 -65.00 29.53 -25.95
CA ASN F 175 -64.28 28.35 -25.50
C ASN F 175 -62.85 28.16 -26.02
N GLN F 176 -62.36 29.10 -26.81
CA GLN F 176 -61.00 28.97 -27.34
C GLN F 176 -60.02 30.04 -26.87
N LEU F 177 -58.80 29.62 -26.57
CA LEU F 177 -57.73 30.51 -26.13
C LEU F 177 -56.80 30.68 -27.30
N ARG F 178 -56.47 31.93 -27.62
CA ARG F 178 -55.63 32.21 -28.77
C ARG F 178 -54.36 32.96 -28.46
N ALA F 179 -53.27 32.56 -29.10
CA ALA F 179 -51.98 33.20 -28.95
C ALA F 179 -51.58 33.83 -30.27
N VAL F 180 -51.20 35.09 -30.23
CA VAL F 180 -50.80 35.81 -31.43
C VAL F 180 -49.50 36.59 -31.25
N THR F 181 -48.55 36.44 -32.17
CA THR F 181 -47.30 37.21 -32.08
C THR F 181 -46.87 37.75 -33.44
N THR F 182 -46.34 38.96 -33.45
CA THR F 182 -45.86 39.56 -34.70
C THR F 182 -44.69 40.48 -34.43
N ASP F 183 -43.82 40.65 -35.41
CA ASP F 183 -42.70 41.57 -35.30
C ASP F 183 -42.73 42.64 -36.37
N GLY F 184 -43.74 42.58 -37.22
CA GLY F 184 -43.90 43.55 -38.28
C GLY F 184 -43.60 42.91 -39.62
N HIS F 185 -42.77 41.89 -39.58
CA HIS F 185 -42.36 41.17 -40.77
C HIS F 185 -43.00 39.80 -40.94
N ARG F 186 -43.60 39.37 -39.85
CA ARG F 186 -44.25 38.09 -39.81
C ARG F 186 -45.27 38.00 -38.68
N LEU F 187 -46.16 37.02 -38.77
CA LEU F 187 -47.19 36.82 -37.76
C LEU F 187 -47.46 35.35 -37.52
N ALA F 188 -47.67 34.98 -36.27
CA ALA F 188 -47.92 33.60 -35.91
C ALA F 188 -49.17 33.54 -35.06
N LEU F 189 -50.01 32.55 -35.32
CA LEU F 189 -51.23 32.38 -34.55
C LEU F 189 -51.45 30.92 -34.22
N CYS F 190 -51.94 30.65 -33.02
CA CYS F 190 -52.22 29.30 -32.60
C CYS F 190 -53.34 29.38 -31.59
N GLU F 191 -54.29 28.47 -31.68
CA GLU F 191 -55.42 28.48 -30.76
C GLU F 191 -55.69 27.11 -30.18
N ILE F 192 -56.30 27.10 -29.00
CA ILE F 192 -56.62 25.85 -28.32
C ILE F 192 -57.89 25.88 -27.47
N LEU F 193 -58.55 24.74 -27.33
CA LEU F 193 -59.79 24.75 -26.58
C LEU F 193 -59.54 25.15 -25.14
N ALA F 194 -60.31 26.13 -24.68
CA ALA F 194 -60.18 26.61 -23.31
C ALA F 194 -61.50 27.11 -22.79
N SER F 195 -61.69 27.03 -21.49
CA SER F 195 -62.92 27.45 -20.87
C SER F 195 -62.68 28.60 -19.92
N SER F 196 -63.48 29.65 -20.02
CA SER F 196 -63.30 30.79 -19.15
C SER F 196 -64.60 31.36 -18.62
N THR F 197 -64.51 31.96 -17.44
CA THR F 197 -65.63 32.61 -16.78
C THR F 197 -65.68 34.06 -17.21
N SER F 198 -65.95 34.30 -18.49
CA SER F 198 -65.96 35.66 -18.98
C SER F 198 -67.19 36.05 -19.77
N SER F 199 -67.68 37.25 -19.48
CA SER F 199 -68.84 37.84 -20.14
C SER F 199 -68.53 38.10 -21.62
N GLN F 200 -67.30 38.51 -21.90
CA GLN F 200 -66.88 38.83 -23.24
C GLN F 200 -65.42 38.50 -23.48
N LEU F 201 -64.97 38.74 -24.70
CA LEU F 201 -63.59 38.51 -25.12
C LEU F 201 -62.61 39.37 -24.32
N VAL F 202 -61.50 38.76 -23.92
CA VAL F 202 -60.49 39.45 -23.12
C VAL F 202 -59.12 39.37 -23.80
N GLN F 203 -58.30 40.40 -23.61
CA GLN F 203 -56.97 40.41 -24.20
C GLN F 203 -55.93 40.75 -23.15
N ALA F 204 -54.82 40.04 -23.19
CA ALA F 204 -53.69 40.30 -22.26
C ALA F 204 -52.43 40.12 -23.08
N ILE F 205 -51.52 41.08 -23.01
CA ILE F 205 -50.26 40.99 -23.73
C ILE F 205 -49.18 40.62 -22.73
N VAL F 206 -48.68 39.40 -22.85
CA VAL F 206 -47.67 38.86 -21.95
C VAL F 206 -46.28 39.27 -22.46
N PRO F 207 -45.44 39.89 -21.60
CA PRO F 207 -44.11 40.27 -22.05
C PRO F 207 -43.21 39.08 -22.40
N ARG F 208 -42.17 39.36 -23.19
CA ARG F 208 -41.31 38.34 -23.77
C ARG F 208 -40.63 37.47 -22.75
N LYS F 209 -40.10 38.08 -21.70
CA LYS F 209 -39.40 37.33 -20.67
C LYS F 209 -40.34 36.41 -19.93
N ALA F 210 -41.57 36.87 -19.74
CA ALA F 210 -42.59 36.09 -19.08
C ALA F 210 -42.92 34.84 -19.87
N VAL F 211 -43.08 35.00 -21.18
CA VAL F 211 -43.39 33.87 -22.04
C VAL F 211 -42.31 32.83 -22.02
N GLY F 212 -41.07 33.27 -22.05
CA GLY F 212 -39.94 32.35 -22.01
C GLY F 212 -39.89 31.59 -20.71
N GLU F 213 -40.15 32.28 -19.61
CA GLU F 213 -40.15 31.67 -18.30
C GLU F 213 -41.27 30.66 -18.20
N LEU F 214 -42.42 31.00 -18.75
CA LEU F 214 -43.55 30.10 -18.72
C LEU F 214 -43.27 28.85 -19.51
N GLN F 215 -42.65 29.02 -20.67
CA GLN F 215 -42.36 27.89 -21.52
C GLN F 215 -41.50 26.88 -20.80
N ARG F 216 -40.50 27.37 -20.08
CA ARG F 216 -39.61 26.54 -19.32
C ARG F 216 -40.30 25.80 -18.18
N LEU F 217 -41.16 26.50 -17.45
CA LEU F 217 -41.90 25.91 -16.34
C LEU F 217 -42.93 24.85 -16.73
N LEU F 218 -43.64 25.08 -17.82
CA LEU F 218 -44.68 24.18 -18.30
C LEU F 218 -44.18 22.84 -18.81
N SER F 219 -45.05 21.83 -18.73
CA SER F 219 -44.72 20.48 -19.15
C SER F 219 -45.71 19.94 -20.16
N ILE F 220 -45.28 18.91 -20.87
CA ILE F 220 -46.08 18.27 -21.92
C ILE F 220 -47.38 17.60 -21.43
N GLU F 221 -47.37 17.09 -20.20
CA GLU F 221 -48.52 16.42 -19.63
C GLU F 221 -49.73 17.34 -19.45
N ASP F 222 -50.92 16.80 -19.57
CA ASP F 222 -52.13 17.61 -19.43
C ASP F 222 -52.59 17.66 -17.98
N GLU F 223 -52.35 18.80 -17.35
CA GLU F 223 -52.77 19.04 -15.98
C GLU F 223 -53.57 20.31 -16.04
N GLN F 224 -54.71 20.35 -15.35
CA GLN F 224 -55.52 21.56 -15.38
C GLN F 224 -54.84 22.72 -14.67
N LEU F 225 -54.81 23.87 -15.33
CA LEU F 225 -54.22 25.08 -14.78
C LEU F 225 -55.24 26.19 -14.76
N THR F 226 -55.14 27.09 -13.81
CA THR F 226 -56.06 28.20 -13.73
C THR F 226 -55.38 29.54 -13.89
N LEU F 227 -55.55 30.17 -15.04
CA LEU F 227 -54.93 31.45 -15.30
C LEU F 227 -55.80 32.61 -14.87
N LEU F 228 -55.28 33.46 -14.00
CA LEU F 228 -56.00 34.64 -13.54
C LEU F 228 -55.54 35.83 -14.35
N ILE F 229 -56.32 36.17 -15.36
CA ILE F 229 -55.97 37.30 -16.22
C ILE F 229 -56.71 38.54 -15.73
N GLY F 230 -55.96 39.56 -15.32
CA GLY F 230 -56.54 40.80 -14.86
C GLY F 230 -56.14 41.92 -15.79
N ARG F 231 -56.54 43.14 -15.47
CA ARG F 231 -56.19 44.28 -16.30
C ARG F 231 -54.69 44.56 -16.30
N GLU F 232 -54.05 44.45 -15.14
CA GLU F 232 -52.61 44.71 -15.05
C GLU F 232 -51.69 43.51 -14.80
N LEU F 233 -52.23 42.35 -14.45
CA LEU F 233 -51.39 41.18 -14.18
C LEU F 233 -51.97 39.86 -14.60
N LEU F 234 -51.09 38.87 -14.74
CA LEU F 234 -51.48 37.51 -15.10
C LEU F 234 -50.89 36.55 -14.06
N ASN F 235 -51.75 35.76 -13.44
CA ASN F 235 -51.30 34.81 -12.43
C ASN F 235 -51.56 33.37 -12.83
N VAL F 236 -50.70 32.48 -12.37
CA VAL F 236 -50.82 31.06 -12.63
C VAL F 236 -49.94 30.32 -11.64
N THR F 237 -50.47 29.24 -11.08
CA THR F 237 -49.72 28.45 -10.10
C THR F 237 -49.44 27.13 -10.77
N ILE F 238 -48.18 26.74 -10.81
CA ILE F 238 -47.80 25.50 -11.49
C ILE F 238 -47.08 24.52 -10.59
N ASN F 239 -47.42 23.24 -10.73
CA ASN F 239 -46.76 22.21 -9.98
C ASN F 239 -45.89 21.47 -10.97
N THR F 240 -44.58 21.49 -10.76
CA THR F 240 -43.66 20.83 -11.67
C THR F 240 -43.60 19.35 -11.32
N PRO F 241 -43.62 18.50 -12.34
CA PRO F 241 -43.65 17.03 -12.31
C PRO F 241 -42.40 16.24 -11.91
N SER F 242 -41.27 16.86 -11.60
CA SER F 242 -40.13 16.03 -11.24
C SER F 242 -40.43 15.25 -9.97
N ARG F 243 -40.18 13.94 -10.03
CA ARG F 243 -40.38 13.05 -8.88
C ARG F 243 -39.07 12.34 -8.51
N ASP F 244 -38.02 12.63 -9.26
CA ASP F 244 -36.72 12.03 -9.07
C ASP F 244 -36.23 12.24 -7.63
N GLN F 247 -35.87 15.07 -4.26
CA GLN F 247 -37.25 14.61 -4.08
C GLN F 247 -38.07 15.48 -3.10
N GLY F 248 -39.35 15.55 -3.34
CA GLY F 248 -40.23 16.55 -2.71
C GLY F 248 -40.71 17.55 -3.75
N ASP F 249 -42.01 17.84 -3.78
CA ASP F 249 -42.60 18.51 -4.90
C ASP F 249 -42.32 19.98 -4.92
N ILE F 250 -42.44 20.61 -6.08
CA ILE F 250 -42.15 22.03 -6.19
C ILE F 250 -43.29 22.76 -6.87
N THR F 251 -43.83 23.75 -6.17
CA THR F 251 -44.93 24.55 -6.68
C THR F 251 -44.39 25.92 -7.00
N VAL F 252 -44.72 26.44 -8.17
CA VAL F 252 -44.27 27.76 -8.53
C VAL F 252 -45.43 28.66 -8.89
N ARG F 253 -45.48 29.85 -8.28
CA ARG F 253 -46.54 30.80 -8.59
C ARG F 253 -45.94 31.79 -9.55
N PHE F 254 -46.53 31.90 -10.72
CA PHE F 254 -46.04 32.80 -11.75
C PHE F 254 -46.89 34.06 -11.86
N THR F 255 -46.25 35.20 -11.75
CA THR F 255 -46.95 36.48 -11.87
C THR F 255 -46.21 37.37 -12.86
N THR F 256 -46.93 38.01 -13.77
CA THR F 256 -46.31 38.91 -14.72
C THR F 256 -47.13 40.17 -14.92
N LYS F 257 -46.44 41.29 -15.08
CA LYS F 257 -47.09 42.55 -15.34
C LYS F 257 -47.35 42.57 -16.83
N LEU F 258 -48.59 42.75 -17.23
CA LEU F 258 -48.93 42.75 -18.64
C LEU F 258 -48.56 44.05 -19.32
N ILE F 259 -48.36 44.00 -20.62
CA ILE F 259 -48.01 45.17 -21.43
C ILE F 259 -49.25 46.03 -21.58
N ASP F 260 -49.11 47.30 -21.23
CA ASP F 260 -50.25 48.19 -21.18
C ASP F 260 -50.38 48.84 -22.56
N GLY F 261 -51.03 48.13 -23.47
CA GLY F 261 -51.25 48.64 -24.83
C GLY F 261 -52.40 47.91 -25.45
N LYS F 262 -52.68 48.27 -26.69
CA LYS F 262 -53.78 47.65 -27.40
C LYS F 262 -53.17 46.96 -28.59
N PHE F 263 -53.35 45.66 -28.65
CA PHE F 263 -52.80 44.87 -29.73
C PHE F 263 -53.59 45.22 -30.96
N PRO F 264 -52.91 45.26 -32.10
CA PRO F 264 -53.57 45.59 -33.35
C PRO F 264 -54.47 44.47 -33.81
N ASP F 265 -55.46 44.83 -34.61
CA ASP F 265 -56.37 43.86 -35.16
C ASP F 265 -55.63 42.91 -36.09
N TYR F 266 -55.28 41.75 -35.55
CA TYR F 266 -54.50 40.75 -36.29
C TYR F 266 -55.26 40.13 -37.47
N ARG F 267 -56.59 40.09 -37.42
CA ARG F 267 -57.40 39.46 -38.48
C ARG F 267 -57.31 40.19 -39.81
N ARG F 268 -57.12 41.50 -39.81
CA ARG F 268 -56.88 42.28 -41.02
C ARG F 268 -55.55 41.95 -41.71
N VAL F 269 -54.56 41.61 -40.90
CA VAL F 269 -53.22 41.28 -41.38
C VAL F 269 -53.11 39.90 -42.01
N ILE F 270 -53.94 38.97 -41.59
CA ILE F 270 -53.94 37.60 -42.12
C ILE F 270 -54.69 37.59 -43.47
N PRO F 271 -54.00 37.27 -44.58
CA PRO F 271 -54.56 37.24 -45.93
C PRO F 271 -55.60 36.14 -46.17
N ARG F 272 -56.87 36.47 -45.94
CA ARG F 272 -57.96 35.52 -46.12
C ARG F 272 -58.23 35.03 -47.52
N GLY F 273 -58.13 35.89 -48.53
CA GLY F 273 -58.39 35.44 -49.87
C GLY F 273 -57.16 35.41 -50.76
N GLY F 274 -56.80 34.23 -51.23
CA GLY F 274 -55.64 34.09 -52.09
C GLY F 274 -55.91 33.17 -53.27
N ASP F 275 -55.76 33.68 -54.48
CA ASP F 275 -56.00 32.88 -55.67
C ASP F 275 -55.06 31.70 -55.90
N LYS F 276 -53.79 31.88 -55.56
CA LYS F 276 -52.78 30.86 -55.81
C LYS F 276 -52.45 30.02 -54.58
N HIS F 277 -52.52 28.69 -54.73
CA HIS F 277 -52.26 27.75 -53.66
C HIS F 277 -51.22 26.70 -54.02
N VAL F 278 -50.30 26.44 -53.09
CA VAL F 278 -49.21 25.47 -53.28
C VAL F 278 -49.15 24.46 -52.15
N LEU F 279 -48.75 23.23 -52.48
CA LEU F 279 -48.57 22.16 -51.51
C LEU F 279 -47.15 21.65 -51.70
N ILE F 280 -46.38 21.58 -50.63
CA ILE F 280 -44.99 21.15 -50.72
C ILE F 280 -44.65 20.18 -49.60
N GLY F 281 -43.93 19.10 -49.91
CA GLY F 281 -43.45 18.18 -48.89
C GLY F 281 -42.59 18.97 -47.90
N HIS F 282 -42.85 18.77 -46.60
CA HIS F 282 -42.19 19.58 -45.58
C HIS F 282 -40.67 19.39 -45.61
N ASP F 283 -40.24 18.13 -45.53
CA ASP F 283 -38.83 17.80 -45.51
C ASP F 283 -38.09 18.31 -46.77
N VAL F 284 -38.70 18.12 -47.93
CA VAL F 284 -38.05 18.55 -49.15
C VAL F 284 -38.00 20.07 -49.26
N PHE F 285 -38.91 20.76 -48.60
CA PHE F 285 -38.92 22.21 -48.64
C PHE F 285 -37.81 22.73 -47.74
N LYS F 286 -37.79 22.21 -46.52
CA LYS F 286 -36.79 22.58 -45.53
C LYS F 286 -35.36 22.35 -46.02
N GLN F 287 -35.09 21.16 -46.55
CA GLN F 287 -33.74 20.79 -46.99
C GLN F 287 -33.26 21.69 -48.14
N SER F 288 -34.10 21.92 -49.13
CA SER F 288 -33.72 22.76 -50.25
C SER F 288 -33.54 24.22 -49.88
N LEU F 289 -34.36 24.71 -48.95
CA LEU F 289 -34.29 26.09 -48.49
C LEU F 289 -32.99 26.32 -47.71
N GLN F 290 -32.60 25.35 -46.89
CA GLN F 290 -31.32 25.41 -46.17
C GLN F 290 -30.12 25.41 -47.12
N ARG F 291 -30.17 24.55 -48.13
CA ARG F 291 -29.10 24.47 -49.13
C ARG F 291 -28.91 25.79 -49.87
N VAL F 292 -30.00 26.31 -50.42
CA VAL F 292 -29.94 27.51 -51.24
C VAL F 292 -29.59 28.75 -50.40
N ALA F 293 -30.03 28.75 -49.14
CA ALA F 293 -29.75 29.87 -48.22
C ALA F 293 -28.27 30.07 -47.91
N ILE F 294 -27.44 29.04 -48.12
CA ILE F 294 -26.01 29.15 -47.84
C ILE F 294 -25.33 30.27 -48.63
N LEU F 295 -25.76 30.47 -49.87
CA LEU F 295 -25.20 31.53 -50.70
C LEU F 295 -26.08 32.76 -50.79
N SER F 296 -26.99 32.95 -49.84
CA SER F 296 -27.74 34.20 -49.75
C SER F 296 -26.89 35.22 -49.00
N ASN F 297 -27.33 36.47 -49.04
CA ASN F 297 -26.73 37.56 -48.27
C ASN F 297 -26.71 37.17 -46.80
N GLU F 298 -25.59 37.38 -46.13
CA GLU F 298 -25.36 36.84 -44.77
C GLU F 298 -26.28 37.46 -43.71
N LYS F 299 -26.66 38.73 -43.88
CA LYS F 299 -27.54 39.43 -42.94
C LYS F 299 -29.00 39.42 -43.37
N LEU F 300 -29.25 39.77 -44.60
CA LEU F 300 -30.62 39.92 -45.14
C LEU F 300 -31.29 38.58 -45.46
N ARG F 301 -30.51 37.56 -45.81
CA ARG F 301 -30.97 36.18 -46.00
C ARG F 301 -32.04 36.02 -47.09
N GLY F 302 -31.93 36.85 -48.14
CA GLY F 302 -32.95 36.85 -49.19
C GLY F 302 -32.81 35.69 -50.15
N VAL F 303 -33.90 34.98 -50.36
CA VAL F 303 -34.00 33.94 -51.40
C VAL F 303 -35.20 34.20 -52.29
N PHE F 304 -35.08 33.82 -53.56
CA PHE F 304 -36.15 33.98 -54.53
C PHE F 304 -36.87 32.66 -54.72
N LEU F 305 -38.19 32.68 -54.56
CA LEU F 305 -39.06 31.54 -54.86
C LEU F 305 -39.77 31.85 -56.15
N ASN F 306 -39.59 31.02 -57.17
CA ASN F 306 -40.27 31.20 -58.44
C ASN F 306 -41.24 30.06 -58.63
N PHE F 307 -42.49 30.37 -58.90
CA PHE F 307 -43.51 29.32 -59.05
C PHE F 307 -43.90 29.05 -60.50
N ASN F 308 -43.81 27.78 -60.86
CA ASN F 308 -44.11 27.26 -62.18
C ASN F 308 -45.03 26.05 -62.02
N GLN F 309 -45.65 25.59 -63.11
CA GLN F 309 -46.59 24.48 -62.96
C GLN F 309 -45.86 23.25 -62.45
N ASP F 310 -46.28 22.84 -61.25
CA ASP F 310 -45.78 21.69 -60.49
C ASP F 310 -44.26 21.63 -60.24
N SER F 311 -43.65 22.81 -60.14
CA SER F 311 -42.22 22.92 -59.88
C SER F 311 -41.92 24.24 -59.18
N LEU F 312 -41.00 24.21 -58.23
CA LEU F 312 -40.62 25.41 -57.51
C LEU F 312 -39.13 25.61 -57.62
N GLN F 313 -38.71 26.81 -57.99
CA GLN F 313 -37.29 27.08 -58.11
C GLN F 313 -36.81 28.08 -57.06
N LEU F 314 -35.90 27.61 -56.21
CA LEU F 314 -35.28 28.43 -55.19
C LEU F 314 -33.95 28.95 -55.72
N ARG F 315 -33.72 30.25 -55.60
CA ARG F 315 -32.48 30.88 -56.07
C ARG F 315 -32.02 31.91 -55.05
N ALA F 316 -30.72 31.95 -54.81
CA ALA F 316 -30.11 32.90 -53.88
C ALA F 316 -28.75 33.34 -54.38
N ASN F 317 -28.37 34.58 -54.09
CA ASN F 317 -27.02 35.07 -54.36
C ASN F 317 -26.60 36.12 -53.34
N ASN F 318 -25.31 36.38 -53.29
CA ASN F 318 -24.69 37.26 -52.28
C ASN F 318 -23.91 38.38 -52.96
N PRO F 319 -23.34 39.34 -52.18
CA PRO F 319 -22.52 40.40 -52.78
C PRO F 319 -21.31 39.94 -53.60
N GLU F 320 -20.74 38.80 -53.23
CA GLU F 320 -19.57 38.25 -53.91
C GLU F 320 -19.94 37.55 -55.20
N GLN F 321 -21.22 37.63 -55.55
CA GLN F 321 -21.82 37.08 -56.76
C GLN F 321 -21.89 35.56 -56.88
N ASP F 322 -21.83 34.88 -55.75
CA ASP F 322 -21.95 33.42 -55.71
C ASP F 322 -23.42 33.12 -55.84
N GLU F 323 -23.81 31.99 -56.43
CA GLU F 323 -25.21 31.69 -56.71
C GLU F 323 -25.55 30.24 -56.38
N ALA F 324 -26.73 30.03 -55.81
CA ALA F 324 -27.26 28.70 -55.54
C ALA F 324 -28.63 28.57 -56.16
N ILE F 325 -28.87 27.46 -56.86
CA ILE F 325 -30.15 27.20 -57.50
C ILE F 325 -30.61 25.76 -57.29
N GLU F 326 -31.85 25.54 -56.89
CA GLU F 326 -32.35 24.19 -56.77
C GLU F 326 -33.80 24.20 -57.20
N ASP F 327 -34.26 23.10 -57.79
CA ASP F 327 -35.64 22.99 -58.25
C ASP F 327 -36.36 21.98 -57.40
N LEU F 328 -37.56 22.33 -56.97
CA LEU F 328 -38.35 21.47 -56.10
C LEU F 328 -39.70 21.13 -56.73
N ALA F 329 -40.17 19.91 -56.50
CA ALA F 329 -41.45 19.48 -57.04
C ALA F 329 -42.58 19.91 -56.12
N ILE F 330 -43.55 20.62 -56.68
CA ILE F 330 -44.70 21.13 -55.93
C ILE F 330 -45.99 20.94 -56.72
N GLN F 331 -47.10 20.85 -56.00
CA GLN F 331 -48.40 20.73 -56.63
C GLN F 331 -48.97 22.12 -56.87
N TYR F 332 -48.54 22.76 -57.95
CA TYR F 332 -49.02 24.10 -58.28
C TYR F 332 -49.52 24.19 -59.71
N GLN F 333 -50.76 24.64 -59.89
CA GLN F 333 -51.34 24.76 -61.22
C GLN F 333 -51.74 26.18 -61.60
N SER F 334 -51.50 27.12 -60.70
CA SER F 334 -51.83 28.52 -60.91
C SER F 334 -50.77 29.27 -61.72
N ALA F 335 -51.04 30.54 -62.00
CA ALA F 335 -50.11 31.37 -62.77
C ALA F 335 -48.77 31.54 -62.06
N PRO F 336 -47.68 31.53 -62.82
CA PRO F 336 -46.32 31.67 -62.29
C PRO F 336 -46.08 33.02 -61.62
N LEU F 337 -45.38 33.00 -60.51
CA LEU F 337 -45.07 34.20 -59.76
C LEU F 337 -43.67 34.11 -59.18
N GLU F 338 -43.01 35.26 -59.03
CA GLU F 338 -41.69 35.30 -58.43
C GLU F 338 -41.75 36.14 -57.18
N MET F 339 -41.33 35.57 -56.07
CA MET F 339 -41.35 36.27 -54.80
C MET F 339 -40.00 36.18 -54.13
N SER F 340 -39.71 37.20 -53.31
CA SER F 340 -38.48 37.26 -52.54
C SER F 340 -38.86 37.15 -51.05
N PHE F 341 -38.15 36.28 -50.36
CA PHE F 341 -38.40 36.06 -48.95
C PHE F 341 -37.14 35.93 -48.12
N ASN F 342 -37.20 36.49 -46.92
CA ASN F 342 -36.19 36.24 -45.92
C ASN F 342 -36.24 34.75 -45.58
N ALA F 343 -35.21 34.01 -46.00
CA ALA F 343 -35.17 32.57 -45.84
C ALA F 343 -35.38 32.11 -44.40
N GLN F 344 -34.83 32.87 -43.43
CA GLN F 344 -34.97 32.52 -42.04
C GLN F 344 -36.41 32.54 -41.55
N TYR F 345 -37.22 33.43 -42.09
CA TYR F 345 -38.62 33.50 -41.74
C TYR F 345 -39.34 32.24 -42.21
N LEU F 346 -39.07 31.82 -43.43
CA LEU F 346 -39.66 30.60 -43.97
C LEU F 346 -39.18 29.40 -43.17
N LEU F 347 -37.91 29.39 -42.84
CA LEU F 347 -37.35 28.32 -42.05
C LEU F 347 -37.95 28.28 -40.66
N ASP F 348 -38.20 29.44 -40.07
CA ASP F 348 -38.78 29.51 -38.74
C ASP F 348 -40.17 28.90 -38.71
N VAL F 349 -40.98 29.21 -39.72
CA VAL F 349 -42.33 28.66 -39.79
C VAL F 349 -42.29 27.15 -39.93
N LEU F 350 -41.35 26.65 -40.74
CA LEU F 350 -41.14 25.23 -40.94
C LEU F 350 -40.76 24.49 -39.67
N GLY F 351 -40.00 25.13 -38.80
CA GLY F 351 -39.58 24.53 -37.55
C GLY F 351 -40.76 24.16 -36.68
N VAL F 352 -41.79 24.98 -36.64
CA VAL F 352 -42.96 24.70 -35.82
C VAL F 352 -44.08 23.88 -36.49
N LEU F 353 -43.93 23.51 -37.75
CA LEU F 353 -44.94 22.71 -38.42
C LEU F 353 -44.60 21.22 -38.35
N ASP F 354 -45.41 20.47 -37.62
CA ASP F 354 -45.20 19.02 -37.43
C ASP F 354 -45.79 18.13 -38.53
N GLY F 355 -46.43 18.70 -39.55
CA GLY F 355 -47.15 17.91 -40.54
C GLY F 355 -46.25 17.58 -41.70
N ASP F 356 -46.66 16.62 -42.51
CA ASP F 356 -45.86 16.15 -43.65
C ASP F 356 -45.88 17.12 -44.84
N ASP F 357 -46.95 17.90 -44.96
CA ASP F 357 -47.06 18.84 -46.08
C ASP F 357 -47.17 20.28 -45.65
N VAL F 358 -46.91 21.17 -46.58
CA VAL F 358 -46.99 22.59 -46.32
C VAL F 358 -47.91 23.27 -47.31
N ASN F 359 -48.79 24.12 -46.79
CA ASN F 359 -49.74 24.84 -47.62
C ASN F 359 -49.38 26.30 -47.66
N MET F 360 -49.29 26.84 -48.87
CA MET F 360 -49.00 28.25 -49.07
C MET F 360 -50.05 28.89 -49.94
N SER F 361 -50.58 30.03 -49.51
CA SER F 361 -51.58 30.75 -50.28
C SER F 361 -51.07 32.15 -50.55
N MET F 362 -51.08 32.58 -51.81
CA MET F 362 -50.59 33.90 -52.15
C MET F 362 -51.38 34.64 -53.22
N THR F 363 -51.38 35.97 -53.13
CA THR F 363 -52.08 36.80 -54.10
C THR F 363 -51.16 37.42 -55.14
N GLU F 364 -50.08 38.04 -54.65
CA GLU F 364 -49.12 38.71 -55.51
C GLU F 364 -47.73 38.71 -54.90
N ALA F 365 -46.74 39.06 -55.71
CA ALA F 365 -45.35 39.10 -55.31
C ALA F 365 -45.08 40.09 -54.18
N ASN F 366 -45.77 41.22 -54.22
CA ASN F 366 -45.62 42.28 -53.23
C ASN F 366 -46.55 42.12 -52.04
N GLN F 367 -47.29 41.03 -51.99
CA GLN F 367 -48.24 40.79 -50.91
C GLN F 367 -47.87 39.63 -49.99
N SER F 368 -48.44 39.65 -48.79
CA SER F 368 -48.19 38.65 -47.77
C SER F 368 -48.65 37.25 -48.16
N VAL F 369 -47.97 36.25 -47.64
CA VAL F 369 -48.26 34.86 -47.92
C VAL F 369 -48.74 34.14 -46.65
N LEU F 370 -49.76 33.30 -46.81
CA LEU F 370 -50.32 32.54 -45.69
C LEU F 370 -49.71 31.16 -45.69
N VAL F 371 -49.22 30.70 -44.54
CA VAL F 371 -48.60 29.39 -44.47
C VAL F 371 -49.37 28.50 -43.50
N GLN F 372 -49.67 27.28 -43.94
CA GLN F 372 -50.46 26.36 -43.13
C GLN F 372 -50.06 24.91 -43.28
N ASP F 373 -50.55 24.11 -42.34
CA ASP F 373 -50.34 22.68 -42.33
C ASP F 373 -51.75 22.10 -42.26
N PRO F 374 -52.20 21.47 -43.34
CA PRO F 374 -53.54 20.87 -43.39
C PRO F 374 -53.88 19.99 -42.18
N ALA F 375 -52.95 19.17 -41.70
CA ALA F 375 -53.20 18.33 -40.55
C ALA F 375 -53.57 19.11 -39.29
N HIS F 376 -52.96 20.27 -39.05
CA HIS F 376 -53.26 21.12 -37.89
C HIS F 376 -53.78 22.51 -38.31
N PRO F 377 -55.13 22.65 -38.44
CA PRO F 377 -55.75 23.96 -38.76
C PRO F 377 -55.67 25.03 -37.66
N ASP F 378 -55.39 24.60 -36.43
CA ASP F 378 -55.18 25.53 -35.28
C ASP F 378 -54.02 26.54 -35.44
N GLN F 379 -52.99 26.18 -36.20
CA GLN F 379 -51.85 27.06 -36.44
C GLN F 379 -52.00 27.81 -37.75
N THR F 380 -51.72 29.12 -37.75
CA THR F 380 -51.73 29.95 -38.96
C THR F 380 -50.54 30.89 -38.89
N TYR F 381 -49.81 31.00 -39.99
CA TYR F 381 -48.62 31.83 -40.10
C TYR F 381 -48.64 32.78 -41.28
N VAL F 382 -48.13 33.98 -41.08
CA VAL F 382 -48.02 34.94 -42.17
C VAL F 382 -46.66 35.57 -42.36
N VAL F 383 -46.15 35.56 -43.58
CA VAL F 383 -44.86 36.15 -43.88
C VAL F 383 -45.06 37.32 -44.81
N MET F 384 -44.73 38.52 -44.36
CA MET F 384 -44.85 39.66 -45.23
C MET F 384 -43.62 39.62 -46.12
N PRO F 385 -43.75 40.06 -47.36
CA PRO F 385 -42.66 40.02 -48.33
C PRO F 385 -41.61 41.08 -48.03
N MET F 386 -40.41 40.87 -48.56
CA MET F 386 -39.33 41.81 -48.34
C MET F 386 -39.61 43.17 -48.94
N HIS G 6 -73.63 -1.89 73.75
CA HIS G 6 -74.93 -2.00 73.11
C HIS G 6 -74.82 -2.88 71.88
N MET G 7 -74.46 -2.31 70.74
CA MET G 7 -74.32 -3.10 69.54
C MET G 7 -72.85 -3.21 69.19
N ARG G 8 -72.38 -4.42 69.00
CA ARG G 8 -70.99 -4.62 68.66
C ARG G 8 -70.92 -5.59 67.51
N LEU G 9 -70.15 -5.24 66.50
CA LEU G 9 -70.02 -6.07 65.32
C LEU G 9 -68.58 -6.11 64.81
N LYS G 10 -68.18 -7.23 64.23
CA LYS G 10 -66.86 -7.40 63.65
C LYS G 10 -67.13 -7.85 62.23
N ILE G 11 -66.74 -7.06 61.26
CA ILE G 11 -67.11 -7.41 59.89
C ILE G 11 -66.04 -6.98 58.90
N ALA G 12 -65.88 -7.72 57.81
CA ALA G 12 -64.89 -7.35 56.80
C ALA G 12 -65.30 -6.10 56.05
N LYS G 13 -64.33 -5.34 55.59
CA LYS G 13 -64.61 -4.10 54.87
C LYS G 13 -65.37 -4.32 53.57
N GLU G 14 -65.00 -5.35 52.81
CA GLU G 14 -65.70 -5.59 51.57
C GLU G 14 -67.16 -5.95 51.83
N SER G 15 -67.38 -6.76 52.85
CA SER G 15 -68.73 -7.17 53.18
C SER G 15 -69.64 -6.03 53.63
N LEU G 16 -69.14 -5.19 54.53
CA LEU G 16 -69.95 -4.09 55.02
C LEU G 16 -70.26 -3.10 53.92
N LEU G 17 -69.28 -2.82 53.10
CA LEU G 17 -69.45 -1.89 52.00
C LEU G 17 -70.44 -2.37 50.96
N ASN G 18 -70.44 -3.67 50.70
CA ASN G 18 -71.35 -4.24 49.71
C ASN G 18 -72.79 -4.03 50.14
N VAL G 19 -73.08 -4.30 51.40
CA VAL G 19 -74.43 -4.11 51.93
C VAL G 19 -74.81 -2.63 51.87
N LEU G 20 -73.90 -1.75 52.28
CA LEU G 20 -74.16 -0.30 52.26
C LEU G 20 -74.37 0.24 50.86
N SER G 21 -73.58 -0.22 49.89
CA SER G 21 -73.71 0.27 48.51
C SER G 21 -75.15 0.16 47.98
N HIS G 22 -75.90 -0.86 48.41
CA HIS G 22 -77.29 -1.02 47.96
C HIS G 22 -78.31 -0.07 48.57
N VAL G 23 -77.99 0.54 49.71
CA VAL G 23 -78.93 1.39 50.43
C VAL G 23 -78.61 2.89 50.36
N VAL G 24 -77.34 3.24 50.20
CA VAL G 24 -76.91 4.64 50.27
C VAL G 24 -77.37 5.54 49.15
N GLY G 25 -77.77 4.99 48.02
CA GLY G 25 -78.25 5.82 46.94
C GLY G 25 -79.54 6.52 47.32
N ALA G 26 -80.20 6.03 48.37
CA ALA G 26 -81.46 6.60 48.83
C ALA G 26 -81.26 7.63 49.91
N VAL G 27 -80.10 7.59 50.55
CA VAL G 27 -79.77 8.52 51.61
C VAL G 27 -79.35 9.86 51.01
N GLU G 28 -79.84 10.94 51.60
CA GLU G 28 -79.56 12.28 51.11
C GLU G 28 -78.61 13.02 52.01
N ARG G 29 -77.71 13.79 51.40
CA ARG G 29 -76.71 14.54 52.13
C ARG G 29 -77.36 15.50 53.08
N ARG G 30 -78.37 16.20 52.61
CA ARG G 30 -79.11 17.14 53.44
C ARG G 30 -80.58 16.77 53.37
N HIS G 31 -81.21 16.68 54.53
CA HIS G 31 -82.61 16.32 54.58
C HIS G 31 -83.24 17.15 55.66
N THR G 32 -84.55 17.40 55.51
CA THR G 32 -85.30 18.18 56.47
C THR G 32 -85.24 17.44 57.79
N LEU G 33 -85.31 16.11 57.70
CA LEU G 33 -85.21 15.27 58.87
C LEU G 33 -83.75 14.86 58.92
N ASN G 34 -83.06 15.25 59.98
CA ASN G 34 -81.63 14.97 60.13
C ASN G 34 -81.31 13.49 60.20
N ILE G 35 -82.18 12.72 60.83
CA ILE G 35 -81.97 11.28 60.99
C ILE G 35 -81.87 10.43 59.72
N LEU G 36 -82.60 10.82 58.67
CA LEU G 36 -82.58 10.11 57.38
C LEU G 36 -81.24 10.15 56.63
N SER G 37 -80.43 11.17 56.93
CA SER G 37 -79.09 11.30 56.36
C SER G 37 -78.29 10.09 56.88
N ASN G 38 -78.48 9.75 58.16
CA ASN G 38 -77.84 8.60 58.76
C ASN G 38 -78.50 7.32 58.27
N VAL G 39 -77.79 6.21 58.35
CA VAL G 39 -78.35 4.92 57.96
C VAL G 39 -78.75 4.18 59.22
N LYS G 40 -79.68 3.24 59.10
CA LYS G 40 -80.11 2.47 60.25
C LYS G 40 -79.50 1.09 60.18
N ILE G 41 -78.77 0.71 61.22
CA ILE G 41 -78.13 -0.60 61.24
C ILE G 41 -78.68 -1.43 62.38
N GLN G 42 -79.14 -2.64 62.05
CA GLN G 42 -79.68 -3.55 63.03
C GLN G 42 -78.93 -4.85 62.82
N THR G 43 -78.44 -5.43 63.91
CA THR G 43 -77.81 -6.74 63.81
C THR G 43 -78.20 -7.65 64.97
N ASN G 44 -78.31 -8.95 64.68
CA ASN G 44 -78.69 -10.01 65.62
C ASN G 44 -77.75 -11.19 65.27
N ALA G 45 -77.76 -12.27 66.06
CA ALA G 45 -76.85 -13.39 65.82
C ALA G 45 -76.79 -13.90 64.37
N GLN G 46 -77.92 -13.87 63.65
CA GLN G 46 -78.00 -14.43 62.30
C GLN G 46 -77.78 -13.44 61.15
N ALA G 47 -78.21 -12.19 61.26
CA ALA G 47 -78.02 -11.29 60.13
C ALA G 47 -77.81 -9.82 60.42
N LEU G 48 -77.41 -9.10 59.38
CA LEU G 48 -77.18 -7.67 59.44
C LEU G 48 -78.22 -7.05 58.53
N THR G 49 -78.81 -5.96 58.98
CA THR G 49 -79.84 -5.27 58.20
C THR G 49 -79.59 -3.77 58.22
N ILE G 50 -79.31 -3.19 57.06
CA ILE G 50 -79.05 -1.76 56.95
C ILE G 50 -80.16 -1.11 56.14
N THR G 51 -80.64 0.03 56.61
CA THR G 51 -81.75 0.76 55.99
C THR G 51 -81.33 2.20 55.65
N GLY G 52 -81.72 2.64 54.46
CA GLY G 52 -81.46 3.99 53.99
C GLY G 52 -82.71 4.49 53.31
N SER G 53 -83.06 5.74 53.59
CA SER G 53 -84.33 6.28 53.15
C SER G 53 -84.32 7.79 53.13
N ASP G 54 -85.29 8.34 52.41
CA ASP G 54 -85.54 9.76 52.34
C ASP G 54 -87.02 10.06 52.53
N LEU G 55 -87.76 9.02 52.91
CA LEU G 55 -89.21 8.94 53.18
C LEU G 55 -90.07 8.85 51.92
N GLU G 56 -89.42 8.79 50.77
CA GLU G 56 -90.09 8.66 49.51
C GLU G 56 -89.64 7.34 48.95
N VAL G 57 -88.38 7.01 49.20
CA VAL G 57 -87.81 5.73 48.80
C VAL G 57 -87.12 5.12 50.01
N GLU G 58 -87.35 3.85 50.23
CA GLU G 58 -86.79 3.15 51.36
C GLU G 58 -86.14 1.86 50.90
N LEU G 59 -84.87 1.68 51.22
CA LEU G 59 -84.14 0.47 50.84
C LEU G 59 -83.61 -0.21 52.07
N VAL G 60 -83.94 -1.49 52.23
CA VAL G 60 -83.50 -2.28 53.38
C VAL G 60 -82.71 -3.48 52.87
N ALA G 61 -81.40 -3.46 53.06
CA ALA G 61 -80.51 -4.51 52.59
C ALA G 61 -80.19 -5.49 53.70
N SER G 62 -80.36 -6.78 53.41
CA SER G 62 -80.05 -7.83 54.37
C SER G 62 -79.08 -8.88 53.95
N THR G 63 -78.29 -9.39 54.90
CA THR G 63 -77.27 -10.41 54.63
C THR G 63 -77.10 -11.32 55.84
N ALA G 64 -76.81 -12.60 55.54
CA ALA G 64 -76.66 -13.62 56.62
C ALA G 64 -75.24 -13.48 57.16
N LEU G 65 -75.15 -13.18 58.45
CA LEU G 65 -73.88 -12.96 59.08
C LEU G 65 -73.20 -14.24 59.51
N SER G 66 -71.89 -14.15 59.69
CA SER G 66 -71.12 -15.28 60.19
C SER G 66 -71.28 -15.30 61.70
N GLU G 67 -71.02 -16.44 62.32
CA GLU G 67 -71.18 -16.56 63.76
C GLU G 67 -70.26 -15.59 64.51
N GLY G 68 -69.04 -15.47 64.03
CA GLY G 68 -68.06 -14.57 64.60
C GLY G 68 -68.40 -13.09 64.49
N ALA G 69 -69.17 -12.72 63.46
CA ALA G 69 -69.46 -11.32 63.19
C ALA G 69 -70.21 -10.41 64.18
N CYS G 70 -71.24 -10.89 64.86
CA CYS G 70 -71.96 -9.98 65.77
C CYS G 70 -71.86 -10.31 67.24
N LEU G 71 -70.94 -9.67 67.94
CA LEU G 71 -70.76 -9.93 69.35
C LEU G 71 -71.96 -9.59 70.21
N GLU G 72 -72.57 -8.42 69.99
CA GLU G 72 -73.74 -8.04 70.77
C GLU G 72 -74.86 -7.48 69.89
N ALA G 73 -76.08 -7.94 70.13
CA ALA G 73 -77.24 -7.51 69.38
C ALA G 73 -77.64 -6.08 69.68
N GLY G 74 -78.16 -5.39 68.69
CA GLY G 74 -78.59 -4.01 68.87
C GLY G 74 -78.85 -3.27 67.58
N GLU G 75 -79.40 -2.07 67.72
CA GLU G 75 -79.68 -1.20 66.59
C GLU G 75 -79.26 0.23 66.86
N THR G 76 -78.94 0.93 65.77
CA THR G 76 -78.48 2.30 65.85
C THR G 76 -78.60 2.97 64.48
N THR G 77 -78.28 4.25 64.43
CA THR G 77 -78.17 5.02 63.21
C THR G 77 -76.81 5.71 63.15
N VAL G 78 -76.13 5.58 62.00
CA VAL G 78 -74.81 6.17 61.79
C VAL G 78 -74.79 6.97 60.48
N PRO G 79 -74.14 8.15 60.50
CA PRO G 79 -73.99 9.03 59.32
C PRO G 79 -73.55 8.23 58.11
N ALA G 80 -74.42 8.15 57.10
CA ALA G 80 -74.13 7.35 55.92
C ALA G 80 -72.94 7.76 55.05
N ARG G 81 -72.79 9.04 54.74
CA ARG G 81 -71.67 9.43 53.87
C ARG G 81 -70.31 9.19 54.52
N LYS G 82 -70.17 9.53 55.79
CA LYS G 82 -68.93 9.36 56.50
C LYS G 82 -68.56 7.90 56.61
N LEU G 83 -69.52 7.06 56.97
CA LEU G 83 -69.28 5.63 57.09
C LEU G 83 -68.77 5.04 55.78
N MET G 84 -69.36 5.42 54.66
CA MET G 84 -68.96 4.91 53.37
C MET G 84 -67.56 5.38 53.04
N GLU G 85 -67.24 6.62 53.41
CA GLU G 85 -65.93 7.20 53.12
C GLU G 85 -64.85 6.59 54.00
N ILE G 86 -65.22 6.32 55.24
CA ILE G 86 -64.31 5.70 56.19
C ILE G 86 -63.98 4.28 55.74
N CYS G 87 -65.01 3.50 55.40
CA CYS G 87 -64.79 2.13 54.93
C CYS G 87 -63.95 2.06 53.67
N LYS G 88 -64.19 2.94 52.69
CA LYS G 88 -63.40 2.98 51.46
C LYS G 88 -61.92 3.31 51.67
N SER G 89 -61.62 4.11 52.70
CA SER G 89 -60.25 4.50 52.99
C SER G 89 -59.40 3.39 53.60
N LEU G 90 -60.02 2.37 54.17
CA LEU G 90 -59.31 1.24 54.78
C LEU G 90 -58.64 0.38 53.70
N PRO G 91 -57.56 -0.34 54.06
CA PRO G 91 -56.90 -1.23 53.09
C PRO G 91 -57.75 -2.44 52.74
N THR G 92 -57.45 -3.06 51.60
CA THR G 92 -58.19 -4.25 51.14
C THR G 92 -58.13 -5.35 52.19
N ALA G 93 -59.28 -5.99 52.40
CA ALA G 93 -59.50 -7.10 53.33
C ALA G 93 -59.37 -6.74 54.81
N ALA G 94 -59.43 -5.46 55.12
CA ALA G 94 -59.31 -5.04 56.51
C ALA G 94 -60.56 -5.41 57.28
N LEU G 95 -60.41 -5.62 58.58
CA LEU G 95 -61.54 -6.00 59.43
C LEU G 95 -61.98 -4.84 60.31
N ILE G 96 -63.27 -4.53 60.25
CA ILE G 96 -63.80 -3.42 61.01
C ILE G 96 -64.52 -3.88 62.26
N ASP G 97 -64.25 -3.20 63.37
CA ASP G 97 -64.90 -3.53 64.61
C ASP G 97 -65.74 -2.31 64.93
N LEU G 98 -67.04 -2.51 65.13
CA LEU G 98 -67.92 -1.40 65.44
C LEU G 98 -68.50 -1.53 66.82
N GLN G 99 -68.44 -0.46 67.59
CA GLN G 99 -69.03 -0.46 68.92
C GLN G 99 -69.92 0.76 69.12
N ILE G 100 -71.16 0.51 69.51
CA ILE G 100 -72.11 1.56 69.81
C ILE G 100 -71.98 1.73 71.31
N THR G 101 -72.00 2.97 71.78
CA THR G 101 -71.84 3.26 73.18
C THR G 101 -72.95 4.15 73.65
N GLU G 102 -72.96 4.38 74.96
CA GLU G 102 -73.90 5.26 75.65
C GLU G 102 -73.55 6.72 75.27
N ASP G 103 -74.54 7.62 75.39
CA ASP G 103 -74.38 9.01 74.97
C ASP G 103 -74.01 9.15 73.50
N GLN G 104 -74.64 8.27 72.70
CA GLN G 104 -74.58 8.27 71.24
C GLN G 104 -73.29 8.31 70.43
N ARG G 105 -72.33 7.45 70.70
CA ARG G 105 -71.13 7.47 69.89
C ARG G 105 -70.85 6.13 69.22
N CYS G 106 -70.53 6.16 67.94
CA CYS G 106 -70.21 4.94 67.21
C CYS G 106 -68.71 4.92 67.00
N ILE G 107 -68.06 3.86 67.48
CA ILE G 107 -66.62 3.75 67.34
C ILE G 107 -66.23 2.65 66.38
N LEU G 108 -65.44 3.01 65.37
CA LEU G 108 -64.98 2.03 64.39
C LEU G 108 -63.49 1.87 64.53
N LYS G 109 -63.05 0.63 64.70
CA LYS G 109 -61.63 0.35 64.80
C LYS G 109 -61.24 -0.61 63.69
N SER G 110 -60.21 -0.23 62.95
CA SER G 110 -59.71 -1.05 61.87
C SER G 110 -58.22 -0.83 61.86
N GLY G 111 -57.46 -1.91 61.94
CA GLY G 111 -56.02 -1.78 61.98
C GLY G 111 -55.58 -0.95 63.16
N ASN G 112 -54.73 0.03 62.92
CA ASN G 112 -54.25 0.88 63.99
C ASN G 112 -54.96 2.22 64.04
N SER G 113 -56.00 2.34 63.22
CA SER G 113 -56.78 3.58 63.13
C SER G 113 -58.10 3.52 63.89
N ARG G 114 -58.49 4.65 64.47
CA ARG G 114 -59.73 4.75 65.23
C ARG G 114 -60.62 5.89 64.73
N PHE G 115 -61.90 5.60 64.49
CA PHE G 115 -62.85 6.60 64.03
C PHE G 115 -64.04 6.65 64.97
N VAL G 116 -64.53 7.86 65.28
CA VAL G 116 -65.69 8.02 66.16
C VAL G 116 -66.71 8.97 65.52
N LEU G 117 -67.94 8.49 65.38
CA LEU G 117 -69.04 9.25 64.78
C LEU G 117 -70.16 9.41 65.79
N GLY G 118 -70.97 10.45 65.60
CA GLY G 118 -72.17 10.66 66.43
C GLY G 118 -73.35 9.89 65.87
N THR G 119 -74.07 9.20 66.75
CA THR G 119 -75.25 8.41 66.36
C THR G 119 -76.53 9.07 66.83
N LEU G 120 -77.64 8.62 66.26
CA LEU G 120 -78.97 9.03 66.72
C LEU G 120 -79.82 7.78 67.03
N PRO G 121 -80.79 7.91 67.95
CA PRO G 121 -81.56 6.72 68.39
C PRO G 121 -82.33 6.04 67.25
N ALA G 122 -82.20 4.70 67.14
CA ALA G 122 -82.86 3.95 66.07
C ALA G 122 -84.39 3.93 65.98
N GLU G 123 -85.05 4.09 67.13
CA GLU G 123 -86.52 4.19 67.15
C GLU G 123 -87.10 5.54 66.61
N ASP G 124 -86.21 6.52 66.50
CA ASP G 124 -86.58 7.84 65.94
C ASP G 124 -86.50 7.76 64.41
N TYR G 125 -85.89 6.70 63.86
CA TYR G 125 -85.78 6.54 62.42
C TYR G 125 -87.16 6.19 61.84
N PRO G 126 -87.71 7.06 60.97
CA PRO G 126 -89.03 6.81 60.40
C PRO G 126 -89.03 5.80 59.24
N LEU G 127 -90.04 4.93 59.21
CA LEU G 127 -90.20 3.87 58.22
C LEU G 127 -91.52 4.10 57.47
N LEU G 128 -91.62 3.55 56.27
CA LEU G 128 -92.82 3.68 55.46
C LEU G 128 -93.88 2.64 55.79
N THR G 129 -94.95 3.11 56.42
CA THR G 129 -96.12 2.33 56.79
C THR G 129 -97.23 2.82 55.89
N THR G 130 -98.17 1.94 55.55
CA THR G 130 -99.36 2.28 54.79
C THR G 130 -100.61 1.94 55.60
N GLU G 131 -101.59 2.84 55.59
CA GLU G 131 -102.86 2.65 56.27
C GLU G 131 -103.74 1.53 55.71
N ASN G 132 -103.77 1.43 54.38
CA ASN G 132 -104.61 0.45 53.70
C ASN G 132 -104.14 -0.99 53.63
N SER G 133 -105.08 -1.83 53.23
CA SER G 133 -104.93 -3.27 53.09
C SER G 133 -104.08 -3.64 51.89
N GLN G 134 -103.62 -4.89 51.87
CA GLN G 134 -102.82 -5.41 50.76
C GLN G 134 -103.45 -5.12 49.41
N GLY G 135 -102.59 -4.78 48.49
CA GLY G 135 -102.97 -4.38 47.13
C GLY G 135 -102.74 -5.45 46.07
N THR G 136 -102.24 -5.05 44.89
CA THR G 136 -102.27 -5.87 43.70
C THR G 136 -100.89 -6.45 43.46
N GLN G 137 -100.84 -7.74 43.13
CA GLN G 137 -99.60 -8.46 42.98
C GLN G 137 -99.34 -8.63 41.49
N VAL G 138 -98.15 -8.23 41.03
CA VAL G 138 -97.76 -8.36 39.63
C VAL G 138 -96.47 -9.17 39.49
N GLN G 139 -96.51 -10.20 38.66
CA GLN G 139 -95.35 -11.06 38.42
C GLN G 139 -94.63 -10.60 37.17
N VAL G 140 -93.35 -10.27 37.34
CA VAL G 140 -92.56 -9.73 36.24
C VAL G 140 -91.10 -10.06 36.53
N THR G 141 -90.32 -10.30 35.50
CA THR G 141 -88.94 -10.59 35.69
C THR G 141 -88.10 -9.34 35.87
N GLN G 142 -86.98 -9.45 36.57
CA GLN G 142 -86.10 -8.32 36.78
C GLN G 142 -85.66 -7.68 35.48
N ARG G 143 -85.33 -8.51 34.50
CA ARG G 143 -84.89 -8.03 33.20
C ARG G 143 -85.94 -7.22 32.50
N GLU G 144 -87.20 -7.63 32.65
CA GLU G 144 -88.32 -6.97 32.01
C GLU G 144 -88.66 -5.67 32.71
N LEU G 145 -88.61 -5.69 34.02
CA LEU G 145 -88.91 -4.50 34.80
C LEU G 145 -87.86 -3.43 34.55
N LYS G 146 -86.60 -3.86 34.47
CA LYS G 146 -85.51 -2.94 34.22
C LYS G 146 -85.64 -2.31 32.86
N ARG G 147 -86.04 -3.10 31.87
CA ARG G 147 -86.21 -2.61 30.51
C ARG G 147 -87.28 -1.53 30.42
N LEU G 148 -88.36 -1.70 31.16
CA LEU G 148 -89.44 -0.74 31.12
C LEU G 148 -88.95 0.62 31.57
N PHE G 149 -88.18 0.64 32.65
CA PHE G 149 -87.61 1.88 33.17
C PHE G 149 -86.60 2.51 32.22
N GLU G 150 -85.75 1.69 31.62
CA GLU G 150 -84.72 2.20 30.72
C GLU G 150 -85.31 2.89 29.50
N LYS G 151 -86.32 2.28 28.93
CA LYS G 151 -86.98 2.82 27.75
C LYS G 151 -87.74 4.12 27.96
N THR G 152 -88.40 4.27 29.10
CA THR G 152 -89.19 5.46 29.38
C THR G 152 -88.65 6.55 30.33
N ALA G 153 -87.47 6.35 30.89
CA ALA G 153 -86.92 7.31 31.87
C ALA G 153 -86.67 8.74 31.41
N PHE G 154 -86.20 8.91 30.18
CA PHE G 154 -85.85 10.23 29.65
C PHE G 154 -87.01 11.23 29.58
N ALA G 155 -88.20 10.74 29.27
CA ALA G 155 -89.40 11.57 29.12
C ALA G 155 -89.90 12.25 30.39
N MET G 156 -89.56 11.71 31.54
CA MET G 156 -89.99 12.28 32.80
C MET G 156 -89.54 13.73 32.96
N ALA G 157 -90.39 14.54 33.57
CA ALA G 157 -90.06 15.93 33.82
C ALA G 157 -89.22 16.06 35.10
N VAL G 158 -88.14 16.83 35.05
CA VAL G 158 -87.28 16.99 36.21
C VAL G 158 -87.95 17.68 37.40
N GLN G 159 -88.65 18.77 37.11
CA GLN G 159 -89.40 19.50 38.12
C GLN G 159 -90.57 20.11 37.41
N ASP G 160 -91.74 20.06 38.03
CA ASP G 160 -92.94 20.64 37.44
C ASP G 160 -93.98 20.78 38.51
N VAL G 161 -94.87 21.73 38.31
CA VAL G 161 -95.99 21.98 39.20
C VAL G 161 -96.98 20.83 39.19
N ARG G 162 -97.13 20.20 38.03
CA ARG G 162 -97.95 19.02 37.87
C ARG G 162 -96.97 17.98 38.35
N PHE G 163 -97.11 17.58 39.60
CA PHE G 163 -96.13 16.71 40.26
C PHE G 163 -96.12 15.27 39.69
N TYR G 164 -97.25 14.83 39.20
CA TYR G 164 -97.36 13.51 38.62
C TYR G 164 -96.53 13.36 37.34
N LEU G 165 -96.05 14.47 36.80
CA LEU G 165 -95.26 14.43 35.57
C LEU G 165 -93.81 14.10 35.86
N THR G 166 -93.44 14.14 37.12
CA THR G 166 -92.09 13.84 37.57
C THR G 166 -91.96 12.39 38.01
N GLY G 167 -92.81 11.53 37.53
CA GLY G 167 -92.78 10.13 37.86
C GLY G 167 -93.14 9.30 36.65
N THR G 168 -93.09 8.00 36.80
CA THR G 168 -93.42 7.10 35.71
C THR G 168 -94.69 6.39 36.09
N LEU G 169 -95.61 6.29 35.16
CA LEU G 169 -96.84 5.60 35.44
C LEU G 169 -96.61 4.12 35.25
N LEU G 170 -96.93 3.35 36.27
CA LEU G 170 -96.81 1.90 36.17
C LEU G 170 -98.25 1.49 36.10
N GLU G 171 -98.65 0.85 35.00
CA GLU G 171 -100.04 0.48 34.88
C GLU G 171 -100.17 -0.99 34.56
N ILE G 172 -100.91 -1.71 35.39
CA ILE G 172 -101.11 -3.13 35.16
C ILE G 172 -102.55 -3.38 34.75
N ASP G 173 -102.74 -3.79 33.51
CA ASP G 173 -104.06 -4.07 32.99
C ASP G 173 -103.96 -5.37 32.25
N GLU G 174 -104.77 -6.35 32.67
CA GLU G 174 -104.77 -7.66 32.03
C GLU G 174 -103.40 -8.30 32.05
N ASN G 175 -102.98 -8.80 30.89
CA ASN G 175 -101.70 -9.48 30.74
C ASN G 175 -100.60 -8.53 30.32
N GLN G 176 -100.69 -7.28 30.74
CA GLN G 176 -99.68 -6.31 30.37
C GLN G 176 -99.30 -5.37 31.49
N LEU G 177 -98.00 -5.10 31.59
CA LEU G 177 -97.47 -4.19 32.60
C LEU G 177 -96.86 -3.12 31.73
N ARG G 178 -97.25 -1.88 31.94
CA ARG G 178 -96.81 -0.77 31.12
C ARG G 178 -96.16 0.35 31.88
N ALA G 179 -95.20 1.02 31.25
CA ALA G 179 -94.55 2.15 31.85
C ALA G 179 -94.76 3.32 30.92
N VAL G 180 -95.24 4.43 31.45
CA VAL G 180 -95.48 5.61 30.63
C VAL G 180 -94.87 6.83 31.28
N THR G 181 -94.23 7.68 30.51
CA THR G 181 -93.67 8.91 31.04
C THR G 181 -93.91 10.04 30.06
N THR G 182 -94.04 11.25 30.59
CA THR G 182 -94.27 12.42 29.75
C THR G 182 -93.98 13.69 30.54
N ASP G 183 -93.48 14.70 29.85
CA ASP G 183 -93.23 16.03 30.43
C ASP G 183 -94.11 17.14 29.81
N GLY G 184 -95.07 16.77 29.00
CA GLY G 184 -95.92 17.70 28.27
C GLY G 184 -95.54 17.91 26.81
N HIS G 185 -94.25 17.77 26.50
CA HIS G 185 -93.75 17.96 25.15
C HIS G 185 -93.45 16.67 24.41
N ARG G 186 -93.46 15.56 25.12
CA ARG G 186 -93.14 14.25 24.54
C ARG G 186 -93.57 13.17 25.50
N LEU G 187 -93.67 11.95 25.00
CA LEU G 187 -94.10 10.81 25.79
C LEU G 187 -93.35 9.54 25.41
N ALA G 188 -93.04 8.73 26.40
CA ALA G 188 -92.35 7.47 26.19
C ALA G 188 -93.21 6.35 26.72
N LEU G 189 -93.41 5.31 25.93
CA LEU G 189 -94.22 4.18 26.36
C LEU G 189 -93.56 2.83 26.14
N CYS G 190 -93.59 1.97 27.15
CA CYS G 190 -93.04 0.64 27.04
C CYS G 190 -93.98 -0.35 27.70
N GLU G 191 -94.17 -1.51 27.09
CA GLU G 191 -95.05 -2.50 27.65
C GLU G 191 -94.44 -3.87 27.54
N ILE G 192 -94.65 -4.70 28.56
CA ILE G 192 -94.15 -6.06 28.55
C ILE G 192 -95.30 -6.99 28.88
N LEU G 193 -95.30 -8.15 28.25
CA LEU G 193 -96.34 -9.15 28.43
C LEU G 193 -96.05 -10.07 29.60
N ALA G 194 -96.88 -11.11 29.72
CA ALA G 194 -96.79 -12.12 30.79
C ALA G 194 -96.86 -11.46 32.17
N SER G 195 -97.78 -10.50 32.29
CA SER G 195 -97.94 -9.76 33.50
C SER G 195 -98.12 -10.62 34.72
N SER G 196 -98.84 -11.74 34.54
CA SER G 196 -99.18 -12.68 35.59
C SER G 196 -99.92 -12.03 36.75
N THR G 197 -100.86 -11.13 36.48
CA THR G 197 -101.63 -10.52 37.56
C THR G 197 -103.13 -10.62 37.32
N SER G 198 -103.86 -10.79 38.41
CA SER G 198 -105.32 -10.88 38.43
C SER G 198 -106.01 -9.60 38.00
N SER G 199 -105.44 -8.47 38.40
CA SER G 199 -106.04 -7.17 38.16
C SER G 199 -106.20 -6.62 36.75
N GLN G 200 -107.21 -5.76 36.64
CA GLN G 200 -107.55 -5.01 35.43
C GLN G 200 -107.55 -3.51 35.76
N LEU G 201 -106.84 -2.73 34.95
CA LEU G 201 -106.74 -1.26 35.06
C LEU G 201 -106.25 -0.57 36.34
N VAL G 202 -105.17 -1.03 36.96
CA VAL G 202 -104.67 -0.39 38.17
C VAL G 202 -103.37 0.41 37.96
N GLN G 203 -103.30 1.63 38.48
CA GLN G 203 -102.14 2.50 38.29
C GLN G 203 -101.39 2.95 39.54
N ALA G 204 -100.11 3.21 39.36
CA ALA G 204 -99.24 3.71 40.41
C ALA G 204 -98.19 4.63 39.81
N ILE G 205 -98.04 5.83 40.36
CA ILE G 205 -97.03 6.75 39.84
C ILE G 205 -95.82 6.68 40.74
N VAL G 206 -94.73 6.14 40.21
CA VAL G 206 -93.49 5.99 40.96
C VAL G 206 -92.62 7.20 40.82
N PRO G 207 -92.14 7.75 41.94
CA PRO G 207 -91.27 8.94 41.95
C PRO G 207 -90.01 8.85 41.11
N ARG G 208 -89.51 10.02 40.76
CA ARG G 208 -88.33 10.12 39.94
C ARG G 208 -87.13 9.49 40.60
N LYS G 209 -86.96 9.74 41.89
CA LYS G 209 -85.83 9.17 42.62
C LYS G 209 -85.89 7.66 42.72
N ALA G 210 -87.07 7.13 43.00
CA ALA G 210 -87.27 5.70 43.12
C ALA G 210 -87.01 4.96 41.84
N VAL G 211 -87.46 5.53 40.73
CA VAL G 211 -87.25 4.89 39.44
C VAL G 211 -85.79 4.69 39.17
N GLY G 212 -84.99 5.65 39.59
CA GLY G 212 -83.55 5.56 39.40
C GLY G 212 -82.93 4.49 40.25
N GLU G 213 -83.36 4.40 41.51
CA GLU G 213 -82.83 3.38 42.40
C GLU G 213 -83.18 1.99 41.93
N LEU G 214 -84.41 1.84 41.42
CA LEU G 214 -84.83 0.55 40.93
C LEU G 214 -83.98 0.12 39.75
N GLN G 215 -83.65 1.05 38.87
CA GLN G 215 -82.82 0.71 37.73
C GLN G 215 -81.47 0.21 38.17
N ARG G 216 -80.87 0.87 39.16
CA ARG G 216 -79.58 0.46 39.68
C ARG G 216 -79.66 -0.92 40.32
N LEU G 217 -80.71 -1.13 41.11
CA LEU G 217 -80.94 -2.41 41.80
C LEU G 217 -81.24 -3.57 40.89
N LEU G 218 -82.04 -3.32 39.86
CA LEU G 218 -82.44 -4.36 38.93
C LEU G 218 -81.31 -4.89 38.10
N SER G 219 -81.45 -6.14 37.68
CA SER G 219 -80.45 -6.84 36.90
C SER G 219 -81.07 -7.33 35.61
N ILE G 220 -80.23 -7.72 34.67
CA ILE G 220 -80.66 -8.21 33.37
C ILE G 220 -81.07 -9.68 33.34
N GLU G 221 -80.96 -10.36 34.48
CA GLU G 221 -81.34 -11.76 34.63
C GLU G 221 -82.87 -11.93 34.61
N ASP G 222 -83.31 -13.16 34.38
CA ASP G 222 -84.73 -13.48 34.27
C ASP G 222 -85.41 -13.89 35.57
N GLU G 223 -84.76 -13.66 36.71
CA GLU G 223 -85.35 -14.03 37.98
C GLU G 223 -86.69 -13.34 38.16
N GLN G 224 -87.69 -14.09 38.61
CA GLN G 224 -89.03 -13.56 38.82
C GLN G 224 -89.10 -12.65 40.04
N LEU G 225 -89.86 -11.57 39.91
CA LEU G 225 -90.03 -10.61 40.98
C LEU G 225 -91.50 -10.41 41.22
N THR G 226 -91.89 -10.20 42.46
CA THR G 226 -93.29 -9.94 42.75
C THR G 226 -93.45 -8.52 43.25
N LEU G 227 -94.09 -7.69 42.43
CA LEU G 227 -94.39 -6.31 42.75
C LEU G 227 -95.71 -6.24 43.50
N LEU G 228 -95.70 -5.63 44.67
CA LEU G 228 -96.94 -5.35 45.38
C LEU G 228 -97.29 -3.87 45.20
N ILE G 229 -98.33 -3.58 44.43
CA ILE G 229 -98.78 -2.22 44.17
C ILE G 229 -100.04 -1.95 45.00
N GLY G 230 -99.94 -1.01 45.93
CA GLY G 230 -101.06 -0.65 46.76
C GLY G 230 -101.49 0.76 46.43
N ARG G 231 -102.43 1.28 47.20
CA ARG G 231 -102.90 2.63 47.00
C ARG G 231 -101.85 3.70 47.26
N GLU G 232 -101.03 3.50 48.27
CA GLU G 232 -100.03 4.49 48.63
C GLU G 232 -98.58 4.05 48.58
N LEU G 233 -98.34 2.76 48.43
CA LEU G 233 -96.98 2.23 48.42
C LEU G 233 -96.78 1.17 47.34
N LEU G 234 -95.54 1.07 46.84
CA LEU G 234 -95.13 -0.01 45.96
C LEU G 234 -93.98 -0.75 46.62
N ASN G 235 -94.08 -2.08 46.68
CA ASN G 235 -93.12 -2.93 47.37
C ASN G 235 -92.59 -3.99 46.43
N VAL G 236 -91.31 -4.30 46.53
CA VAL G 236 -90.69 -5.39 45.76
C VAL G 236 -89.54 -5.87 46.61
N THR G 237 -89.17 -7.14 46.50
CA THR G 237 -88.02 -7.65 47.22
C THR G 237 -87.05 -8.14 46.17
N ILE G 238 -85.80 -7.72 46.25
CA ILE G 238 -84.80 -8.11 45.25
C ILE G 238 -83.60 -8.83 45.83
N ASN G 239 -83.23 -9.94 45.19
CA ASN G 239 -82.11 -10.76 45.63
C ASN G 239 -80.74 -10.50 44.99
N THR G 240 -80.67 -9.60 44.03
CA THR G 240 -79.43 -9.26 43.33
C THR G 240 -78.67 -10.49 42.84
N LYS G 245 -70.41 -13.36 44.34
CA LYS G 245 -69.24 -14.19 44.59
C LYS G 245 -69.09 -14.49 46.08
N GLU G 246 -68.50 -15.64 46.39
CA GLU G 246 -68.20 -16.14 47.74
C GLU G 246 -69.43 -16.47 48.60
N GLN G 247 -70.56 -16.70 47.94
CA GLN G 247 -71.82 -17.05 48.60
C GLN G 247 -72.26 -16.07 49.69
N GLY G 248 -72.07 -14.79 49.44
CA GLY G 248 -72.48 -13.74 50.36
C GLY G 248 -73.82 -13.25 49.88
N ASP G 249 -74.88 -13.78 50.47
CA ASP G 249 -76.23 -13.44 50.05
C ASP G 249 -76.75 -12.10 50.53
N ILE G 250 -77.28 -11.30 49.61
CA ILE G 250 -77.84 -10.00 49.95
C ILE G 250 -79.23 -9.86 49.35
N THR G 251 -80.18 -9.42 50.16
CA THR G 251 -81.56 -9.24 49.75
C THR G 251 -81.99 -7.83 50.06
N VAL G 252 -82.55 -7.15 49.08
CA VAL G 252 -83.02 -5.80 49.30
C VAL G 252 -84.52 -5.58 49.13
N ARG G 253 -85.13 -5.07 50.18
CA ARG G 253 -86.56 -4.76 50.23
C ARG G 253 -86.75 -3.30 49.85
N PHE G 254 -87.38 -3.10 48.70
CA PHE G 254 -87.64 -1.78 48.14
C PHE G 254 -89.06 -1.31 48.40
N THR G 255 -89.18 -0.09 48.88
CA THR G 255 -90.48 0.49 49.19
C THR G 255 -90.53 1.93 48.72
N THR G 256 -91.54 2.30 47.96
CA THR G 256 -91.64 3.68 47.49
C THR G 256 -93.02 4.25 47.69
N LYS G 257 -93.07 5.51 48.10
CA LYS G 257 -94.32 6.19 48.31
C LYS G 257 -94.75 6.76 46.99
N LEU G 258 -95.86 6.29 46.45
CA LEU G 258 -96.36 6.71 45.17
C LEU G 258 -96.88 8.13 45.16
N ILE G 259 -96.81 8.77 44.00
CA ILE G 259 -97.28 10.13 43.83
C ILE G 259 -98.79 10.19 43.79
N ASP G 260 -99.38 10.95 44.71
CA ASP G 260 -100.80 11.09 44.83
C ASP G 260 -101.33 12.07 43.80
N GLY G 261 -101.58 11.54 42.61
CA GLY G 261 -102.14 12.33 41.52
C GLY G 261 -102.87 11.43 40.55
N LYS G 262 -103.41 12.04 39.49
CA LYS G 262 -104.03 11.30 38.43
C LYS G 262 -103.25 11.58 37.15
N PHE G 263 -102.57 10.56 36.63
CA PHE G 263 -101.81 10.74 35.42
C PHE G 263 -102.79 10.99 34.29
N PRO G 264 -102.40 11.78 33.29
CA PRO G 264 -103.27 12.07 32.15
C PRO G 264 -103.55 10.84 31.32
N ASP G 265 -104.66 10.84 30.60
CA ASP G 265 -104.98 9.75 29.71
C ASP G 265 -104.00 9.79 28.54
N TYR G 266 -103.01 8.92 28.59
CA TYR G 266 -101.98 8.89 27.58
C TYR G 266 -102.44 8.40 26.21
N ARG G 267 -103.48 7.60 26.18
CA ARG G 267 -103.95 7.02 24.90
C ARG G 267 -104.44 8.11 23.93
N ARG G 268 -105.01 9.17 24.47
CA ARG G 268 -105.44 10.32 23.68
C ARG G 268 -104.26 11.06 23.04
N VAL G 269 -103.15 11.09 23.76
CA VAL G 269 -101.92 11.72 23.33
C VAL G 269 -101.19 11.03 22.19
N ILE G 270 -101.22 9.70 22.18
CA ILE G 270 -100.56 8.92 21.14
C ILE G 270 -101.38 8.94 19.87
N PRO G 271 -100.80 9.45 18.79
CA PRO G 271 -101.48 9.54 17.50
C PRO G 271 -101.56 8.24 16.76
N ARG G 272 -102.67 7.52 16.93
CA ARG G 272 -102.89 6.23 16.25
C ARG G 272 -103.07 6.25 14.73
N GLY G 273 -103.77 7.24 14.18
CA GLY G 273 -103.94 7.27 12.75
C GLY G 273 -103.17 8.35 12.03
N GLY G 274 -102.16 7.94 11.27
CA GLY G 274 -101.32 8.85 10.52
C GLY G 274 -101.25 8.44 9.07
N ASP G 275 -101.41 9.39 8.16
CA ASP G 275 -101.39 9.08 6.75
C ASP G 275 -100.00 8.97 6.18
N LYS G 276 -99.06 9.70 6.77
CA LYS G 276 -97.68 9.69 6.30
C LYS G 276 -96.70 8.89 7.15
N HIS G 277 -96.00 7.95 6.53
CA HIS G 277 -95.05 7.12 7.23
C HIS G 277 -93.67 7.17 6.58
N VAL G 278 -92.64 7.12 7.41
CA VAL G 278 -91.27 7.12 6.94
C VAL G 278 -90.46 6.08 7.68
N LEU G 279 -89.44 5.54 7.02
CA LEU G 279 -88.55 4.56 7.61
C LEU G 279 -87.17 5.08 7.32
N ILE G 280 -86.33 5.18 8.34
CA ILE G 280 -84.96 5.68 8.18
C ILE G 280 -83.94 4.82 8.94
N GLY G 281 -82.75 4.65 8.36
CA GLY G 281 -81.68 3.92 9.02
C GLY G 281 -81.35 4.62 10.33
N HIS G 282 -81.38 3.88 11.42
CA HIS G 282 -81.17 4.42 12.75
C HIS G 282 -79.87 5.16 12.91
N ASP G 283 -78.77 4.48 12.62
CA ASP G 283 -77.46 5.07 12.78
C ASP G 283 -77.32 6.29 11.90
N VAL G 284 -77.78 6.20 10.66
CA VAL G 284 -77.67 7.30 9.75
C VAL G 284 -78.48 8.48 10.26
N PHE G 285 -79.68 8.20 10.77
CA PHE G 285 -80.53 9.26 11.29
C PHE G 285 -79.88 9.93 12.49
N LYS G 286 -79.32 9.14 13.38
CA LYS G 286 -78.68 9.65 14.58
C LYS G 286 -77.47 10.53 14.32
N GLN G 287 -76.61 10.10 13.42
CA GLN G 287 -75.41 10.85 13.08
C GLN G 287 -75.71 12.18 12.40
N SER G 288 -76.67 12.18 11.49
CA SER G 288 -77.04 13.39 10.77
C SER G 288 -77.62 14.41 11.72
N LEU G 289 -78.43 13.93 12.64
CA LEU G 289 -79.07 14.78 13.61
C LEU G 289 -78.03 15.45 14.49
N GLN G 290 -77.03 14.70 14.93
CA GLN G 290 -75.99 15.26 15.77
C GLN G 290 -75.18 16.32 15.05
N ARG G 291 -74.92 16.09 13.77
CA ARG G 291 -74.15 17.03 12.96
C ARG G 291 -74.90 18.35 12.76
N VAL G 292 -76.11 18.30 12.26
CA VAL G 292 -76.90 19.49 12.02
C VAL G 292 -77.26 20.26 13.28
N ALA G 293 -77.41 19.53 14.38
CA ALA G 293 -77.73 20.11 15.67
C ALA G 293 -76.64 20.99 16.27
N ILE G 294 -75.44 20.93 15.73
CA ILE G 294 -74.33 21.77 16.20
C ILE G 294 -74.57 23.25 15.95
N LEU G 295 -75.20 23.59 14.83
CA LEU G 295 -75.47 24.97 14.49
C LEU G 295 -76.93 25.36 14.74
N SER G 296 -77.59 24.67 15.66
CA SER G 296 -78.92 25.02 16.04
C SER G 296 -78.83 25.95 17.25
N ASN G 297 -79.93 26.61 17.60
CA ASN G 297 -79.94 27.53 18.71
C ASN G 297 -79.59 26.72 19.95
N GLU G 298 -78.68 27.23 20.79
CA GLU G 298 -78.29 26.47 21.95
C GLU G 298 -79.39 26.23 22.97
N LYS G 299 -80.17 27.24 23.29
CA LYS G 299 -81.27 27.05 24.22
C LYS G 299 -82.46 26.27 23.63
N LEU G 300 -82.87 26.68 22.44
CA LEU G 300 -83.98 26.07 21.70
C LEU G 300 -83.75 24.68 21.13
N ARG G 301 -82.55 24.44 20.62
CA ARG G 301 -82.16 23.17 20.02
C ARG G 301 -83.10 22.72 18.92
N GLY G 302 -83.53 23.64 18.07
CA GLY G 302 -84.48 23.28 17.05
C GLY G 302 -83.98 23.13 15.64
N VAL G 303 -84.33 22.01 15.01
CA VAL G 303 -83.91 21.76 13.66
C VAL G 303 -85.13 21.51 12.81
N PHE G 304 -84.98 21.70 11.50
CA PHE G 304 -86.08 21.53 10.58
C PHE G 304 -85.96 20.23 9.81
N LEU G 305 -87.05 19.48 9.77
CA LEU G 305 -87.06 18.25 9.02
C LEU G 305 -87.97 18.51 7.84
N ASN G 306 -87.44 18.31 6.64
CA ASN G 306 -88.19 18.54 5.42
C ASN G 306 -88.32 17.18 4.75
N PHE G 307 -89.56 16.79 4.46
CA PHE G 307 -89.78 15.50 3.84
C PHE G 307 -90.05 15.65 2.36
N ASN G 308 -89.30 14.89 1.58
CA ASN G 308 -89.36 14.91 0.13
C ASN G 308 -89.56 13.50 -0.38
N GLN G 309 -89.76 13.41 -1.70
CA GLN G 309 -90.03 12.17 -2.43
C GLN G 309 -89.04 11.04 -2.23
N ASP G 310 -87.76 11.37 -2.14
CA ASP G 310 -86.71 10.40 -1.92
C ASP G 310 -85.78 10.68 -0.74
N SER G 311 -85.78 11.90 -0.23
CA SER G 311 -84.89 12.24 0.86
C SER G 311 -85.48 13.12 1.94
N LEU G 312 -84.86 13.03 3.12
CA LEU G 312 -85.25 13.84 4.26
C LEU G 312 -84.11 14.81 4.44
N GLN G 313 -84.42 16.10 4.50
CA GLN G 313 -83.38 17.09 4.67
C GLN G 313 -83.46 17.73 6.05
N LEU G 314 -82.35 17.69 6.77
CA LEU G 314 -82.29 18.27 8.10
C LEU G 314 -81.62 19.61 7.95
N ARG G 315 -82.25 20.65 8.49
CA ARG G 315 -81.69 21.99 8.41
C ARG G 315 -81.73 22.70 9.75
N ALA G 316 -80.64 23.35 10.13
CA ALA G 316 -80.60 24.08 11.39
C ALA G 316 -79.81 25.38 11.30
N ASN G 317 -80.21 26.38 12.07
CA ASN G 317 -79.51 27.66 12.14
C ASN G 317 -79.60 28.28 13.53
N ASN G 318 -78.77 29.27 13.80
CA ASN G 318 -78.80 29.96 15.08
C ASN G 318 -78.87 31.46 14.85
N PRO G 319 -78.81 32.23 15.94
CA PRO G 319 -78.86 33.70 15.94
C PRO G 319 -77.67 34.43 15.30
N GLU G 320 -76.57 33.72 15.04
CA GLU G 320 -75.39 34.29 14.40
C GLU G 320 -75.45 34.07 12.90
N GLN G 321 -76.59 33.53 12.46
CA GLN G 321 -76.91 33.18 11.07
C GLN G 321 -76.05 32.08 10.48
N ASP G 322 -75.57 31.18 11.33
CA ASP G 322 -74.77 30.04 10.90
C ASP G 322 -75.76 29.00 10.41
N GLU G 323 -75.32 28.07 9.56
CA GLU G 323 -76.28 27.10 9.08
C GLU G 323 -75.71 25.73 8.72
N ALA G 324 -76.42 24.68 9.12
CA ALA G 324 -76.01 23.32 8.83
C ALA G 324 -77.10 22.61 8.05
N ILE G 325 -76.73 21.96 6.95
CA ILE G 325 -77.69 21.25 6.12
C ILE G 325 -77.19 19.89 5.73
N GLU G 326 -78.03 18.87 5.87
CA GLU G 326 -77.67 17.53 5.43
C GLU G 326 -78.86 16.81 4.86
N ASP G 327 -78.61 15.98 3.86
CA ASP G 327 -79.64 15.22 3.18
C ASP G 327 -79.48 13.77 3.54
N LEU G 328 -80.59 13.12 3.83
CA LEU G 328 -80.58 11.73 4.23
C LEU G 328 -81.51 10.98 3.31
N ALA G 329 -81.28 9.69 3.12
CA ALA G 329 -82.11 8.89 2.25
C ALA G 329 -83.18 8.20 3.09
N ILE G 330 -84.44 8.35 2.68
CA ILE G 330 -85.55 7.80 3.43
C ILE G 330 -86.54 7.03 2.58
N GLN G 331 -87.26 6.14 3.24
CA GLN G 331 -88.32 5.37 2.61
C GLN G 331 -89.62 6.17 2.69
N TYR G 332 -89.75 7.22 1.88
CA TYR G 332 -90.95 8.05 1.90
C TYR G 332 -91.50 8.41 0.53
N GLN G 333 -92.81 8.23 0.33
CA GLN G 333 -93.45 8.57 -0.95
C GLN G 333 -94.62 9.57 -0.90
N SER G 334 -95.03 9.99 0.29
CA SER G 334 -96.16 10.88 0.46
C SER G 334 -95.87 12.35 0.22
N ALA G 335 -96.84 13.19 0.58
CA ALA G 335 -96.74 14.62 0.41
C ALA G 335 -95.61 15.22 1.22
N PRO G 336 -94.98 16.28 0.69
CA PRO G 336 -93.85 16.89 1.39
C PRO G 336 -94.31 17.56 2.66
N LEU G 337 -93.58 17.33 3.74
CA LEU G 337 -93.92 17.89 5.03
C LEU G 337 -92.73 18.56 5.65
N GLU G 338 -92.89 19.79 6.13
CA GLU G 338 -91.79 20.46 6.79
C GLU G 338 -92.15 20.67 8.22
N MET G 339 -91.35 20.12 9.11
CA MET G 339 -91.62 20.20 10.53
C MET G 339 -90.43 20.70 11.30
N SER G 340 -90.72 21.26 12.47
CA SER G 340 -89.68 21.78 13.34
C SER G 340 -89.70 20.95 14.61
N PHE G 341 -88.53 20.50 15.03
CA PHE G 341 -88.42 19.69 16.23
C PHE G 341 -87.27 20.09 17.12
N ASN G 342 -87.38 19.79 18.40
CA ASN G 342 -86.30 20.07 19.32
C ASN G 342 -85.43 18.88 19.07
N ALA G 343 -84.19 19.11 18.68
CA ALA G 343 -83.28 18.03 18.33
C ALA G 343 -83.01 17.06 19.46
N GLN G 344 -82.90 17.57 20.68
CA GLN G 344 -82.64 16.69 21.79
C GLN G 344 -83.76 15.68 21.98
N TYR G 345 -85.00 16.11 21.82
CA TYR G 345 -86.10 15.15 22.00
C TYR G 345 -86.05 13.98 21.02
N LEU G 346 -85.70 14.26 19.76
CA LEU G 346 -85.53 13.22 18.77
C LEU G 346 -84.30 12.36 19.11
N LEU G 347 -83.21 12.98 19.51
CA LEU G 347 -82.02 12.24 19.87
C LEU G 347 -82.28 11.37 21.09
N ASP G 348 -83.01 11.88 22.08
CA ASP G 348 -83.35 11.09 23.27
C ASP G 348 -84.10 9.81 22.91
N VAL G 349 -85.07 9.90 21.99
CA VAL G 349 -85.80 8.74 21.51
C VAL G 349 -84.86 7.75 20.79
N LEU G 350 -84.01 8.24 19.90
CA LEU G 350 -83.08 7.38 19.21
C LEU G 350 -82.12 6.71 20.18
N GLY G 351 -81.86 7.36 21.30
CA GLY G 351 -80.96 6.83 22.31
C GLY G 351 -81.45 5.56 22.95
N VAL G 352 -82.75 5.32 22.87
CA VAL G 352 -83.34 4.13 23.47
C VAL G 352 -83.94 3.13 22.45
N LEU G 353 -83.72 3.33 21.15
CA LEU G 353 -84.22 2.40 20.13
C LEU G 353 -83.08 1.54 19.62
N ASP G 354 -83.10 0.26 19.99
CA ASP G 354 -82.04 -0.72 19.63
C ASP G 354 -82.11 -1.31 18.24
N GLY G 355 -83.09 -0.92 17.43
CA GLY G 355 -83.29 -1.57 16.12
C GLY G 355 -82.55 -0.82 15.06
N ASP G 356 -82.36 -1.46 13.91
CA ASP G 356 -81.64 -0.87 12.78
C ASP G 356 -82.39 0.20 12.05
N ASP G 357 -83.70 0.13 12.03
CA ASP G 357 -84.49 1.13 11.32
C ASP G 357 -85.49 1.78 12.23
N VAL G 358 -85.82 3.04 11.95
CA VAL G 358 -86.76 3.77 12.78
C VAL G 358 -87.92 4.24 11.93
N ASN G 359 -89.15 4.05 12.41
CA ASN G 359 -90.25 4.58 11.63
C ASN G 359 -91.06 5.67 12.30
N MET G 360 -91.33 6.74 11.55
CA MET G 360 -92.09 7.85 12.04
C MET G 360 -93.39 7.89 11.29
N SER G 361 -94.45 8.30 11.98
CA SER G 361 -95.78 8.42 11.39
C SER G 361 -96.28 9.83 11.63
N MET G 362 -96.58 10.56 10.56
CA MET G 362 -97.09 11.89 10.68
C MET G 362 -98.35 12.27 9.98
N THR G 363 -98.95 13.39 10.36
CA THR G 363 -100.18 13.85 9.77
C THR G 363 -99.91 15.24 9.26
N GLU G 364 -99.85 16.18 10.18
CA GLU G 364 -99.65 17.59 9.83
C GLU G 364 -98.49 18.22 10.58
N ALA G 365 -97.90 19.25 9.99
CA ALA G 365 -96.76 19.93 10.57
C ALA G 365 -96.99 20.48 11.97
N ASN G 366 -98.22 20.83 12.27
CA ASN G 366 -98.59 21.33 13.59
C ASN G 366 -99.01 20.24 14.59
N GLN G 367 -98.97 18.98 14.17
CA GLN G 367 -99.38 17.88 15.02
C GLN G 367 -98.24 16.99 15.44
N SER G 368 -98.52 16.08 16.37
CA SER G 368 -97.52 15.17 16.90
C SER G 368 -97.02 14.12 15.92
N VAL G 369 -95.92 13.49 16.29
CA VAL G 369 -95.32 12.45 15.49
C VAL G 369 -95.10 11.24 16.37
N LEU G 370 -95.33 10.06 15.79
CA LEU G 370 -95.19 8.79 16.47
C LEU G 370 -93.92 8.16 15.97
N VAL G 371 -93.00 7.84 16.88
CA VAL G 371 -91.73 7.21 16.55
C VAL G 371 -91.67 5.80 17.14
N GLN G 372 -91.23 4.85 16.32
CA GLN G 372 -91.23 3.43 16.68
C GLN G 372 -90.04 2.70 16.05
N ASP G 373 -89.81 1.50 16.55
CA ASP G 373 -88.89 0.52 16.00
C ASP G 373 -89.75 -0.64 15.49
N PRO G 374 -89.61 -1.00 14.22
CA PRO G 374 -90.42 -2.10 13.73
C PRO G 374 -90.12 -3.41 14.46
N ALA G 375 -88.84 -3.68 14.67
CA ALA G 375 -88.40 -4.88 15.39
C ALA G 375 -89.02 -5.03 16.79
N HIS G 376 -89.18 -3.92 17.52
CA HIS G 376 -89.77 -3.94 18.87
C HIS G 376 -91.05 -3.07 18.93
N PRO G 377 -92.23 -3.70 18.69
CA PRO G 377 -93.52 -2.98 18.81
C PRO G 377 -93.95 -2.59 20.24
N ASP G 378 -93.23 -3.08 21.24
CA ASP G 378 -93.54 -2.78 22.62
C ASP G 378 -93.09 -1.39 23.05
N GLN G 379 -92.39 -0.68 22.18
CA GLN G 379 -91.94 0.67 22.50
C GLN G 379 -92.64 1.69 21.65
N THR G 380 -93.18 2.71 22.28
CA THR G 380 -93.88 3.76 21.57
C THR G 380 -93.46 5.11 22.07
N TYR G 381 -93.08 5.99 21.16
CA TYR G 381 -92.65 7.34 21.55
C TYR G 381 -93.39 8.38 20.74
N VAL G 382 -93.66 9.50 21.38
CA VAL G 382 -94.35 10.61 20.75
C VAL G 382 -93.59 11.89 21.01
N VAL G 383 -93.41 12.68 19.98
CA VAL G 383 -92.75 13.98 20.09
C VAL G 383 -93.68 15.01 19.44
N MET G 384 -93.96 16.08 20.16
CA MET G 384 -94.78 17.15 19.63
C MET G 384 -93.81 18.12 18.99
N PRO G 385 -94.17 18.72 17.86
CA PRO G 385 -93.22 19.64 17.24
C PRO G 385 -93.31 21.09 17.70
N MET G 386 -92.35 21.88 17.26
CA MET G 386 -92.30 23.29 17.58
C MET G 386 -93.35 24.08 16.83
N ARG G 387 -93.67 25.25 17.37
CA ARG G 387 -94.69 26.23 16.95
C ARG G 387 -96.08 25.70 17.22
N HIS H 4 -55.45 39.43 -3.49
CA HIS H 4 -56.21 38.72 -2.46
C HIS H 4 -57.28 37.82 -3.05
N HIS H 5 -56.94 36.55 -3.23
CA HIS H 5 -57.87 35.56 -3.71
C HIS H 5 -58.00 34.63 -2.51
N HIS H 6 -59.23 34.33 -2.15
CA HIS H 6 -59.53 33.55 -0.94
C HIS H 6 -59.20 32.05 -0.84
N MET H 7 -59.00 31.65 0.41
CA MET H 7 -58.65 30.30 0.82
C MET H 7 -59.62 29.17 0.48
N ARG H 8 -59.09 28.09 -0.07
CA ARG H 8 -59.87 26.89 -0.31
C ARG H 8 -59.00 25.72 0.12
N LEU H 9 -59.60 24.61 0.53
CA LEU H 9 -58.79 23.50 0.98
C LEU H 9 -59.54 22.16 0.92
N LYS H 10 -58.79 21.07 0.82
CA LYS H 10 -59.38 19.73 0.81
C LYS H 10 -58.60 18.79 1.72
N ILE H 11 -58.84 18.87 3.02
CA ILE H 11 -58.12 18.06 4.00
C ILE H 11 -58.94 16.96 4.72
N ALA H 12 -58.27 15.91 5.19
CA ALA H 12 -58.90 14.86 5.95
C ALA H 12 -59.34 15.37 7.33
N LYS H 13 -60.47 14.82 7.82
CA LYS H 13 -60.99 15.14 9.13
C LYS H 13 -59.91 15.07 10.21
N GLU H 14 -59.21 13.94 10.27
CA GLU H 14 -58.24 13.70 11.36
C GLU H 14 -57.03 14.61 11.28
N SER H 15 -56.64 15.03 10.05
CA SER H 15 -55.53 15.98 9.88
C SER H 15 -55.88 17.33 10.48
N LEU H 16 -57.00 17.87 10.04
CA LEU H 16 -57.48 19.16 10.50
C LEU H 16 -57.74 19.13 11.99
N LEU H 17 -58.33 18.05 12.48
CA LEU H 17 -58.63 17.90 13.89
C LEU H 17 -57.40 17.87 14.77
N ASN H 18 -56.37 17.15 14.33
CA ASN H 18 -55.17 17.05 15.13
C ASN H 18 -54.46 18.39 15.28
N VAL H 19 -54.38 19.14 14.20
CA VAL H 19 -53.75 20.45 14.26
C VAL H 19 -54.55 21.38 15.16
N LEU H 20 -55.86 21.35 15.03
CA LEU H 20 -56.76 22.19 15.81
C LEU H 20 -56.69 21.89 17.28
N SER H 21 -56.57 20.61 17.61
CA SER H 21 -56.52 20.17 19.00
C SER H 21 -55.34 20.74 19.76
N HIS H 22 -54.25 21.03 19.06
CA HIS H 22 -53.05 21.56 19.71
C HIS H 22 -53.16 23.04 20.08
N VAL H 23 -53.89 23.80 19.27
CA VAL H 23 -54.08 25.23 19.54
C VAL H 23 -55.39 25.70 20.21
N VAL H 24 -56.39 24.84 20.31
CA VAL H 24 -57.67 25.24 20.91
C VAL H 24 -57.63 25.54 22.40
N GLY H 25 -56.74 24.88 23.11
CA GLY H 25 -56.62 25.09 24.55
C GLY H 25 -56.44 26.54 24.93
N ALA H 26 -55.79 27.30 24.06
CA ALA H 26 -55.51 28.73 24.30
C ALA H 26 -56.69 29.66 24.00
N VAL H 27 -57.70 29.17 23.31
CA VAL H 27 -58.83 30.00 22.98
C VAL H 27 -59.86 30.09 24.08
N GLU H 28 -60.34 31.30 24.34
CA GLU H 28 -61.35 31.53 25.37
C GLU H 28 -62.71 31.62 24.72
N ARG H 29 -63.70 30.97 25.34
CA ARG H 29 -65.06 30.95 24.83
C ARG H 29 -65.58 32.34 24.48
N ARG H 30 -65.49 33.25 25.44
CA ARG H 30 -65.89 34.62 25.24
C ARG H 30 -64.74 35.48 25.71
N HIS H 31 -64.22 36.27 24.79
CA HIS H 31 -63.09 37.14 25.04
C HIS H 31 -63.54 38.57 24.80
N THR H 32 -62.86 39.52 25.43
CA THR H 32 -63.17 40.93 25.24
C THR H 32 -63.01 41.37 23.77
N LEU H 33 -61.98 40.84 23.11
CA LEU H 33 -61.75 41.06 21.71
C LEU H 33 -62.47 39.87 21.09
N ASN H 34 -63.45 40.16 20.24
CA ASN H 34 -64.25 39.11 19.61
C ASN H 34 -63.47 38.15 18.71
N ILE H 35 -62.50 38.68 17.98
CA ILE H 35 -61.70 37.90 17.04
C ILE H 35 -60.86 36.72 17.56
N LEU H 36 -60.37 36.83 18.79
CA LEU H 36 -59.58 35.78 19.43
C LEU H 36 -60.33 34.46 19.77
N SER H 37 -61.65 34.54 19.80
CA SER H 37 -62.54 33.40 20.01
C SER H 37 -62.34 32.54 18.74
N ASN H 38 -62.07 33.19 17.60
CA ASN H 38 -61.74 32.45 16.39
C ASN H 38 -60.30 31.95 16.39
N VAL H 39 -60.01 31.06 15.44
CA VAL H 39 -58.73 30.46 15.22
C VAL H 39 -58.35 31.06 13.88
N LYS H 40 -57.06 31.32 13.71
CA LYS H 40 -56.56 31.89 12.47
C LYS H 40 -55.96 30.78 11.64
N ILE H 41 -56.47 30.60 10.44
CA ILE H 41 -55.97 29.56 9.57
C ILE H 41 -55.33 30.11 8.31
N GLN H 42 -54.09 29.69 8.07
CA GLN H 42 -53.35 30.11 6.90
C GLN H 42 -53.04 28.89 6.08
N THR H 43 -53.31 28.93 4.79
CA THR H 43 -53.03 27.79 3.95
C THR H 43 -52.27 28.12 2.67
N ASN H 44 -51.28 27.29 2.39
CA ASN H 44 -50.45 27.39 1.19
C ASN H 44 -50.27 25.96 0.64
N ALA H 45 -49.76 25.84 -0.57
CA ALA H 45 -49.64 24.50 -1.15
C ALA H 45 -48.79 23.57 -0.31
N GLN H 46 -47.65 24.06 0.18
CA GLN H 46 -46.78 23.26 1.04
C GLN H 46 -47.27 22.92 2.45
N ALA H 47 -47.89 23.87 3.14
CA ALA H 47 -48.30 23.63 4.52
C ALA H 47 -49.51 24.40 5.04
N LEU H 48 -50.07 23.90 6.13
CA LEU H 48 -51.23 24.51 6.79
C LEU H 48 -50.88 25.02 8.18
N THR H 49 -51.19 26.29 8.44
CA THR H 49 -50.94 26.87 9.75
C THR H 49 -52.16 27.39 10.53
N ILE H 50 -52.31 26.95 11.77
CA ILE H 50 -53.45 27.35 12.60
C ILE H 50 -53.02 28.02 13.91
N THR H 51 -53.61 29.17 14.21
CA THR H 51 -53.27 29.93 15.40
C THR H 51 -54.42 30.15 16.38
N GLY H 52 -54.15 30.00 17.66
CA GLY H 52 -55.14 30.21 18.72
C GLY H 52 -54.47 30.96 19.84
N SER H 53 -55.15 31.97 20.37
CA SER H 53 -54.58 32.80 21.43
C SER H 53 -55.61 33.58 22.23
N ASP H 54 -55.20 33.98 23.43
CA ASP H 54 -56.01 34.79 24.32
C ASP H 54 -55.25 36.04 24.74
N LEU H 55 -54.29 36.43 23.91
CA LEU H 55 -53.39 37.59 24.09
C LEU H 55 -52.35 37.47 25.20
N GLU H 56 -52.45 36.42 26.01
CA GLU H 56 -51.48 36.12 27.05
C GLU H 56 -50.69 34.87 26.68
N VAL H 57 -51.35 33.90 26.04
CA VAL H 57 -50.71 32.71 25.49
C VAL H 57 -51.10 32.58 24.01
N GLU H 58 -50.12 32.24 23.17
CA GLU H 58 -50.33 32.08 21.74
C GLU H 58 -49.76 30.76 21.29
N LEU H 59 -50.54 30.00 20.55
CA LEU H 59 -50.10 28.71 20.03
C LEU H 59 -50.28 28.70 18.52
N VAL H 60 -49.20 28.43 17.80
CA VAL H 60 -49.26 28.38 16.35
C VAL H 60 -48.84 27.00 15.94
N ALA H 61 -49.79 26.21 15.45
CA ALA H 61 -49.52 24.84 15.05
C ALA H 61 -49.58 24.66 13.55
N SER H 62 -48.56 24.03 12.99
CA SER H 62 -48.52 23.81 11.56
C SER H 62 -48.16 22.38 11.22
N THR H 63 -48.53 21.97 10.01
CA THR H 63 -48.25 20.63 9.50
C THR H 63 -48.11 20.72 7.98
N ALA H 64 -47.78 19.60 7.34
CA ALA H 64 -47.61 19.61 5.90
C ALA H 64 -48.75 18.94 5.16
N LEU H 65 -49.24 19.63 4.14
CA LEU H 65 -50.31 19.13 3.31
C LEU H 65 -49.75 18.21 2.25
N SER H 66 -49.47 16.97 2.60
CA SER H 66 -48.90 16.02 1.64
C SER H 66 -49.68 15.89 0.34
N GLU H 67 -51.00 15.91 0.47
CA GLU H 67 -51.90 15.73 -0.65
C GLU H 67 -51.93 16.78 -1.75
N GLY H 68 -51.49 18.00 -1.49
CA GLY H 68 -51.66 19.04 -2.48
C GLY H 68 -53.10 19.53 -2.39
N ALA H 69 -53.59 19.46 -1.15
CA ALA H 69 -54.92 19.81 -0.73
C ALA H 69 -55.29 21.24 -1.01
N CYS H 70 -54.37 22.15 -0.79
CA CYS H 70 -54.66 23.55 -1.00
C CYS H 70 -54.99 23.77 -2.47
N LEU H 71 -56.06 24.51 -2.74
CA LEU H 71 -56.45 24.82 -4.10
C LEU H 71 -56.11 26.26 -4.32
N GLU H 72 -56.32 27.07 -3.29
CA GLU H 72 -55.98 28.48 -3.35
C GLU H 72 -55.38 28.91 -2.03
N ALA H 73 -54.28 29.62 -2.10
CA ALA H 73 -53.61 30.10 -0.91
C ALA H 73 -54.54 31.08 -0.25
N GLY H 74 -54.64 30.99 1.07
CA GLY H 74 -55.53 31.87 1.78
C GLY H 74 -55.32 32.01 3.27
N GLU H 75 -55.98 33.00 3.85
CA GLU H 75 -55.90 33.22 5.28
C GLU H 75 -57.25 33.71 5.73
N THR H 76 -57.67 33.25 6.91
CA THR H 76 -58.96 33.63 7.46
C THR H 76 -58.99 33.31 8.96
N THR H 77 -60.08 33.69 9.60
CA THR H 77 -60.39 33.32 10.98
C THR H 77 -61.77 32.67 11.05
N VAL H 78 -61.87 31.54 11.74
CA VAL H 78 -63.11 30.78 11.88
C VAL H 78 -63.36 30.51 13.37
N PRO H 79 -64.63 30.56 13.81
CA PRO H 79 -64.99 30.28 15.20
C PRO H 79 -64.42 28.93 15.59
N ALA H 80 -63.50 28.94 16.54
CA ALA H 80 -62.79 27.74 16.95
C ALA H 80 -63.51 26.52 17.49
N ARG H 81 -64.39 26.71 18.48
CA ARG H 81 -65.07 25.54 19.00
C ARG H 81 -66.09 24.96 18.05
N LYS H 82 -66.73 25.82 17.28
CA LYS H 82 -67.74 25.34 16.35
C LYS H 82 -67.05 24.45 15.35
N LEU H 83 -65.90 24.87 14.84
CA LEU H 83 -65.18 24.07 13.86
C LEU H 83 -64.74 22.71 14.36
N MET H 84 -64.23 22.68 15.57
CA MET H 84 -63.81 21.45 16.19
C MET H 84 -64.98 20.51 16.51
N GLU H 85 -66.14 21.09 16.81
CA GLU H 85 -67.33 20.29 17.09
C GLU H 85 -67.76 19.71 15.75
N ILE H 86 -67.91 20.59 14.77
CA ILE H 86 -68.26 20.19 13.42
C ILE H 86 -67.35 19.06 12.91
N CYS H 87 -66.05 19.23 13.04
CA CYS H 87 -65.10 18.19 12.59
C CYS H 87 -65.27 16.87 13.35
N LYS H 88 -65.51 16.93 14.65
CA LYS H 88 -65.68 15.74 15.48
C LYS H 88 -66.95 14.96 15.17
N SER H 89 -67.97 15.65 14.66
CA SER H 89 -69.24 15.01 14.31
C SER H 89 -69.21 14.24 12.99
N LEU H 90 -68.22 14.51 12.13
CA LEU H 90 -68.09 13.84 10.85
C LEU H 90 -67.66 12.37 11.05
N PRO H 91 -67.99 11.49 10.09
CA PRO H 91 -67.58 10.08 10.20
C PRO H 91 -66.07 9.90 10.03
N THR H 92 -65.56 8.77 10.52
CA THR H 92 -64.15 8.44 10.39
C THR H 92 -63.70 8.47 8.93
N ALA H 93 -62.48 8.99 8.69
CA ALA H 93 -61.87 9.07 7.36
C ALA H 93 -62.58 10.02 6.38
N ALA H 94 -63.43 10.92 6.90
CA ALA H 94 -64.17 11.85 6.06
C ALA H 94 -63.22 12.89 5.45
N LEU H 95 -63.66 13.51 4.35
CA LEU H 95 -62.88 14.55 3.68
C LEU H 95 -63.63 15.87 3.74
N ILE H 96 -62.94 16.88 4.26
CA ILE H 96 -63.51 18.19 4.41
C ILE H 96 -63.10 19.10 3.29
N ASP H 97 -64.07 19.81 2.73
CA ASP H 97 -63.82 20.77 1.68
C ASP H 97 -64.16 22.07 2.34
N LEU H 98 -63.22 23.00 2.37
CA LEU H 98 -63.44 24.25 3.05
C LEU H 98 -63.28 25.42 2.11
N GLN H 99 -64.17 26.39 2.16
CA GLN H 99 -64.08 27.53 1.27
C GLN H 99 -64.44 28.84 1.94
N ILE H 100 -63.64 29.88 1.68
CA ILE H 100 -63.86 31.20 2.24
C ILE H 100 -64.28 32.10 1.09
N THR H 101 -65.37 32.84 1.26
CA THR H 101 -65.84 33.72 0.19
C THR H 101 -65.49 35.18 0.41
N GLU H 102 -65.91 36.02 -0.53
CA GLU H 102 -65.66 37.46 -0.46
C GLU H 102 -66.42 37.99 0.75
N ASP H 103 -67.65 37.54 0.90
CA ASP H 103 -68.47 37.88 2.04
C ASP H 103 -67.84 37.08 3.18
N GLN H 104 -67.90 37.56 4.40
CA GLN H 104 -67.19 36.82 5.45
C GLN H 104 -67.95 35.59 5.97
N ARG H 105 -67.93 34.53 5.17
CA ARG H 105 -68.57 33.27 5.45
C ARG H 105 -67.58 32.16 5.13
N CYS H 106 -67.64 31.07 5.88
CA CYS H 106 -66.77 29.93 5.66
C CYS H 106 -67.66 28.74 5.37
N ILE H 107 -67.39 28.02 4.29
CA ILE H 107 -68.22 26.87 3.94
C ILE H 107 -67.50 25.54 4.01
N LEU H 108 -67.95 24.65 4.89
CA LEU H 108 -67.36 23.34 5.01
C LEU H 108 -68.27 22.28 4.45
N LYS H 109 -67.77 21.47 3.54
CA LYS H 109 -68.56 20.41 2.95
C LYS H 109 -67.88 19.07 3.16
N SER H 110 -68.63 18.08 3.64
CA SER H 110 -68.10 16.74 3.87
C SER H 110 -69.27 15.80 3.77
N GLY H 111 -69.12 14.74 2.98
CA GLY H 111 -70.24 13.84 2.68
C GLY H 111 -71.42 14.64 2.14
N ASN H 112 -72.60 14.38 2.70
CA ASN H 112 -73.82 15.07 2.30
C ASN H 112 -74.15 16.30 3.12
N SER H 113 -73.29 16.63 4.08
CA SER H 113 -73.50 17.75 4.96
C SER H 113 -72.70 18.99 4.61
N ARG H 114 -73.35 20.14 4.70
CA ARG H 114 -72.72 21.42 4.41
C ARG H 114 -72.85 22.34 5.61
N PHE H 115 -71.76 22.98 6.01
CA PHE H 115 -71.78 23.88 7.15
C PHE H 115 -71.30 25.26 6.75
N VAL H 116 -71.95 26.29 7.30
CA VAL H 116 -71.57 27.66 6.99
C VAL H 116 -71.35 28.43 8.29
N LEU H 117 -70.22 29.11 8.38
CA LEU H 117 -69.88 29.86 9.57
C LEU H 117 -69.42 31.26 9.24
N GLY H 118 -69.59 32.16 10.21
CA GLY H 118 -69.17 33.54 10.05
C GLY H 118 -67.70 33.68 10.34
N THR H 119 -66.99 34.40 9.50
CA THR H 119 -65.57 34.59 9.70
C THR H 119 -65.23 36.06 9.87
N LEU H 120 -64.03 36.32 10.35
CA LEU H 120 -63.54 37.68 10.51
C LEU H 120 -62.19 37.83 9.80
N PRO H 121 -61.86 39.05 9.37
CA PRO H 121 -60.63 39.44 8.68
C PRO H 121 -59.38 38.84 9.29
N ALA H 122 -58.57 38.18 8.48
CA ALA H 122 -57.33 37.58 8.95
C ALA H 122 -56.35 38.61 9.48
N GLU H 123 -56.30 39.75 8.81
CA GLU H 123 -55.41 40.85 9.18
C GLU H 123 -55.72 41.42 10.56
N ASP H 124 -56.99 41.44 10.92
CA ASP H 124 -57.44 41.95 12.21
C ASP H 124 -56.92 41.17 13.43
N TYR H 125 -56.59 39.91 13.21
CA TYR H 125 -56.09 39.03 14.27
C TYR H 125 -54.81 39.56 14.88
N PRO H 126 -54.78 39.71 16.21
CA PRO H 126 -53.62 40.20 16.94
C PRO H 126 -52.62 39.12 17.32
N LEU H 127 -51.35 39.42 17.16
CA LEU H 127 -50.26 38.52 17.47
C LEU H 127 -49.36 39.19 18.46
N LEU H 128 -48.65 38.43 19.28
CA LEU H 128 -47.78 39.05 20.27
C LEU H 128 -46.45 39.40 19.64
N THR H 129 -46.14 40.67 19.62
CA THR H 129 -44.88 41.15 19.09
C THR H 129 -44.22 42.04 20.12
N THR H 130 -42.91 41.89 20.31
CA THR H 130 -42.20 42.72 21.26
C THR H 130 -41.11 43.50 20.55
N GLU H 131 -41.04 44.79 20.82
CA GLU H 131 -40.06 45.65 20.18
C GLU H 131 -38.62 45.29 20.50
N ASN H 132 -38.35 44.98 21.76
CA ASN H 132 -37.00 44.66 22.21
C ASN H 132 -36.41 43.38 21.64
N SER H 133 -35.15 43.42 21.22
CA SER H 133 -34.47 42.25 20.68
C SER H 133 -33.62 41.54 21.74
N GLN H 134 -33.58 42.09 22.94
CA GLN H 134 -32.81 41.48 24.01
C GLN H 134 -33.52 40.23 24.44
N GLY H 135 -32.77 39.14 24.60
CA GLY H 135 -33.35 37.89 25.02
C GLY H 135 -32.32 36.89 25.47
N THR H 136 -32.72 35.98 26.34
CA THR H 136 -31.82 34.96 26.85
C THR H 136 -32.26 33.61 26.35
N GLN H 137 -31.34 32.85 25.79
CA GLN H 137 -31.68 31.54 25.27
C GLN H 137 -31.22 30.47 26.23
N VAL H 138 -32.13 29.59 26.62
CA VAL H 138 -31.82 28.53 27.54
C VAL H 138 -32.02 27.21 26.84
N GLN H 139 -31.10 26.27 27.07
CA GLN H 139 -31.17 24.97 26.45
C GLN H 139 -31.55 23.94 27.48
N VAL H 140 -32.64 23.23 27.23
CA VAL H 140 -33.10 22.20 28.14
C VAL H 140 -33.95 21.22 27.37
N THR H 141 -34.08 19.99 27.87
CA THR H 141 -34.90 19.04 27.20
C THR H 141 -36.36 19.12 27.60
N GLN H 142 -37.22 18.51 26.79
CA GLN H 142 -38.63 18.51 27.08
C GLN H 142 -38.88 17.77 28.38
N ARG H 143 -38.22 16.64 28.55
CA ARG H 143 -38.39 15.87 29.77
C ARG H 143 -37.98 16.72 30.96
N GLU H 144 -36.88 17.43 30.85
CA GLU H 144 -36.41 18.27 31.94
C GLU H 144 -37.38 19.40 32.21
N LEU H 145 -37.85 20.05 31.15
CA LEU H 145 -38.76 21.17 31.30
C LEU H 145 -40.09 20.78 31.89
N LYS H 146 -40.61 19.65 31.42
CA LYS H 146 -41.89 19.12 31.87
C LYS H 146 -41.83 18.83 33.34
N ARG H 147 -40.71 18.26 33.76
CA ARG H 147 -40.52 17.90 35.15
C ARG H 147 -40.57 19.11 36.07
N LEU H 148 -40.03 20.22 35.61
CA LEU H 148 -40.04 21.43 36.41
C LEU H 148 -41.47 21.83 36.70
N PHE H 149 -42.30 21.81 35.67
CA PHE H 149 -43.70 22.16 35.80
C PHE H 149 -44.50 21.18 36.62
N GLU H 150 -44.27 19.90 36.41
CA GLU H 150 -45.02 18.87 37.14
C GLU H 150 -44.79 18.92 38.64
N LYS H 151 -43.55 19.16 39.03
CA LYS H 151 -43.21 19.23 40.43
C LYS H 151 -43.57 20.55 41.11
N THR H 152 -43.90 21.57 40.34
CA THR H 152 -44.24 22.85 40.96
C THR H 152 -45.63 23.43 40.71
N ALA H 153 -46.29 23.02 39.64
CA ALA H 153 -47.59 23.58 39.26
C ALA H 153 -48.64 23.75 40.34
N PHE H 154 -48.89 22.70 41.12
CA PHE H 154 -49.93 22.68 42.15
C PHE H 154 -49.92 23.83 43.14
N ALA H 155 -48.77 24.42 43.42
CA ALA H 155 -48.67 25.48 44.41
C ALA H 155 -48.98 26.87 43.91
N MET H 156 -49.32 26.98 42.64
CA MET H 156 -49.65 28.27 42.10
C MET H 156 -51.00 28.70 42.65
N ALA H 157 -51.16 30.00 42.87
CA ALA H 157 -52.43 30.55 43.33
C ALA H 157 -53.40 30.65 42.16
N VAL H 158 -54.69 30.69 42.45
CA VAL H 158 -55.68 30.81 41.37
C VAL H 158 -56.52 32.08 41.45
N GLN H 159 -56.55 32.82 40.34
CA GLN H 159 -57.36 34.04 40.23
C GLN H 159 -57.15 35.07 41.34
N ASP H 160 -55.89 35.35 41.67
CA ASP H 160 -55.57 36.32 42.72
C ASP H 160 -55.06 37.64 42.16
N VAL H 161 -55.33 38.72 42.88
CA VAL H 161 -54.91 40.07 42.50
C VAL H 161 -53.38 40.18 42.43
N ARG H 162 -52.71 39.49 43.34
CA ARG H 162 -51.25 39.46 43.35
C ARG H 162 -50.86 38.55 42.22
N PHE H 163 -50.56 39.15 41.07
CA PHE H 163 -50.24 38.42 39.86
C PHE H 163 -49.03 37.51 39.95
N TYR H 164 -48.03 37.88 40.74
CA TYR H 164 -46.84 37.05 40.84
C TYR H 164 -47.09 35.71 41.52
N LEU H 165 -48.19 35.57 42.25
CA LEU H 165 -48.51 34.31 42.92
C LEU H 165 -49.18 33.34 41.97
N THR H 166 -49.81 33.90 40.96
CA THR H 166 -50.50 33.11 39.94
C THR H 166 -49.62 32.57 38.82
N GLY H 167 -48.31 32.72 38.91
CA GLY H 167 -47.46 32.20 37.86
C GLY H 167 -46.25 31.45 38.38
N THR H 168 -45.57 30.71 37.51
CA THR H 168 -44.38 30.00 37.94
C THR H 168 -43.13 30.80 37.60
N LEU H 169 -42.26 30.96 38.58
CA LEU H 169 -41.02 31.68 38.39
C LEU H 169 -40.00 30.78 37.74
N LEU H 170 -39.52 31.19 36.57
CA LEU H 170 -38.50 30.43 35.90
C LEU H 170 -37.25 31.24 36.11
N GLU H 171 -36.24 30.59 36.68
CA GLU H 171 -35.00 31.25 36.95
C GLU H 171 -33.85 30.44 36.42
N ILE H 172 -33.06 31.06 35.57
CA ILE H 172 -31.89 30.41 34.99
C ILE H 172 -30.66 31.15 35.43
N ASP H 173 -29.82 30.49 36.20
CA ASP H 173 -28.61 31.12 36.67
C ASP H 173 -27.50 30.10 36.88
N GLU H 174 -26.28 30.44 36.45
CA GLU H 174 -25.11 29.57 36.62
C GLU H 174 -25.33 28.12 36.19
N ASN H 175 -25.75 27.96 34.94
CA ASN H 175 -25.99 26.63 34.35
C ASN H 175 -26.98 25.72 35.06
N GLN H 176 -28.12 26.29 35.42
CA GLN H 176 -29.19 25.55 36.06
C GLN H 176 -30.45 26.37 35.95
N LEU H 177 -31.55 25.69 35.62
CA LEU H 177 -32.84 26.33 35.48
C LEU H 177 -33.73 25.78 36.57
N ARG H 178 -34.44 26.65 37.26
CA ARG H 178 -35.30 26.18 38.31
C ARG H 178 -36.68 26.81 38.27
N ALA H 179 -37.67 26.09 38.78
CA ALA H 179 -39.04 26.58 38.81
C ALA H 179 -39.51 26.77 40.24
N VAL H 180 -40.14 27.90 40.50
CA VAL H 180 -40.63 28.22 41.83
C VAL H 180 -42.08 28.70 41.81
N THR H 181 -42.90 28.09 42.65
CA THR H 181 -44.31 28.43 42.83
C THR H 181 -44.66 28.65 44.28
N THR H 182 -45.65 29.49 44.53
CA THR H 182 -46.14 29.75 45.88
C THR H 182 -47.49 30.44 45.89
N ASP H 183 -48.33 30.06 46.85
CA ASP H 183 -49.66 30.67 47.02
C ASP H 183 -49.77 31.48 48.30
N GLY H 184 -48.67 31.59 49.05
CA GLY H 184 -48.68 32.33 50.30
C GLY H 184 -48.69 31.41 51.49
N HIS H 185 -49.28 30.25 51.30
CA HIS H 185 -49.40 29.23 52.34
C HIS H 185 -48.44 28.06 52.16
N ARG H 186 -47.78 27.99 51.01
CA ARG H 186 -46.85 26.92 50.70
C ARG H 186 -46.03 27.31 49.49
N LEU H 187 -44.96 26.55 49.25
CA LEU H 187 -44.02 26.86 48.21
C LEU H 187 -43.47 25.58 47.63
N ALA H 188 -43.23 25.58 46.33
CA ALA H 188 -42.65 24.46 45.63
C ALA H 188 -41.50 24.96 44.79
N LEU H 189 -40.45 24.15 44.72
CA LEU H 189 -39.26 24.48 43.97
C LEU H 189 -38.60 23.23 43.42
N CYS H 190 -38.19 23.29 42.16
CA CYS H 190 -37.51 22.18 41.51
C CYS H 190 -36.48 22.76 40.57
N GLU H 191 -35.38 22.05 40.35
CA GLU H 191 -34.35 22.56 39.45
C GLU H 191 -33.76 21.47 38.58
N ILE H 192 -33.32 21.86 37.39
CA ILE H 192 -32.73 20.95 36.45
C ILE H 192 -31.52 21.62 35.84
N LEU H 193 -30.57 20.84 35.35
CA LEU H 193 -29.40 21.44 34.73
C LEU H 193 -29.73 21.84 33.30
N ALA H 194 -29.43 23.09 32.98
CA ALA H 194 -29.68 23.61 31.65
C ALA H 194 -28.50 24.45 31.21
N SER H 195 -28.34 24.60 29.90
CA SER H 195 -27.24 25.39 29.37
C SER H 195 -27.74 26.78 29.04
N SER H 196 -27.10 27.79 29.61
CA SER H 196 -27.50 29.15 29.35
C SER H 196 -26.34 30.01 28.89
N THR H 197 -26.63 30.96 28.02
CA THR H 197 -25.63 31.87 27.51
C THR H 197 -25.74 33.23 28.18
N SER H 198 -26.53 33.29 29.25
CA SER H 198 -26.75 34.55 29.95
C SER H 198 -25.60 35.02 30.80
N SER H 199 -25.44 36.33 30.82
CA SER H 199 -24.39 36.99 31.58
C SER H 199 -24.66 36.93 33.07
N GLN H 200 -25.92 37.11 33.43
CA GLN H 200 -26.31 37.15 34.83
C GLN H 200 -27.64 36.43 35.05
N LEU H 201 -27.98 36.19 36.30
CA LEU H 201 -29.23 35.53 36.63
C LEU H 201 -30.42 36.32 36.09
N VAL H 202 -31.29 35.65 35.34
CA VAL H 202 -32.45 36.29 34.76
C VAL H 202 -33.71 35.54 35.17
N GLN H 203 -34.80 36.26 35.34
CA GLN H 203 -36.04 35.64 35.77
C GLN H 203 -37.20 35.96 34.87
N ALA H 204 -38.16 35.05 34.83
CA ALA H 204 -39.36 35.21 34.02
C ALA H 204 -40.52 34.57 34.77
N ILE H 205 -41.65 35.26 34.86
CA ILE H 205 -42.79 34.70 35.53
C ILE H 205 -43.78 34.31 34.46
N VAL H 206 -43.97 33.01 34.30
CA VAL H 206 -44.88 32.45 33.30
C VAL H 206 -46.28 32.37 33.88
N PRO H 207 -47.29 32.94 33.19
CA PRO H 207 -48.66 32.85 33.68
C PRO H 207 -49.22 31.44 33.75
N ARG H 208 -50.15 31.20 34.65
CA ARG H 208 -50.68 29.85 34.85
C ARG H 208 -51.29 29.17 33.62
N LYS H 209 -52.01 29.91 32.80
CA LYS H 209 -52.56 29.26 31.61
C LYS H 209 -51.46 28.78 30.68
N ALA H 210 -50.41 29.61 30.53
CA ALA H 210 -49.25 29.24 29.75
C ALA H 210 -48.62 27.96 30.26
N VAL H 211 -48.44 27.86 31.58
CA VAL H 211 -47.87 26.66 32.19
C VAL H 211 -48.71 25.44 31.87
N GLY H 212 -50.02 25.58 31.98
CA GLY H 212 -50.92 24.47 31.69
C GLY H 212 -50.78 24.00 30.25
N GLU H 213 -50.82 24.94 29.32
CA GLU H 213 -50.70 24.62 27.90
C GLU H 213 -49.34 24.02 27.60
N LEU H 214 -48.31 24.56 28.22
CA LEU H 214 -46.96 24.08 28.01
C LEU H 214 -46.81 22.64 28.49
N GLN H 215 -47.41 22.31 29.61
CA GLN H 215 -47.32 20.95 30.15
C GLN H 215 -47.95 19.95 29.19
N ARG H 216 -49.08 20.32 28.61
CA ARG H 216 -49.79 19.47 27.68
C ARG H 216 -48.96 19.23 26.43
N LEU H 217 -48.33 20.28 25.92
CA LEU H 217 -47.49 20.21 24.73
C LEU H 217 -46.20 19.39 24.87
N LEU H 218 -45.53 19.54 26.00
CA LEU H 218 -44.26 18.85 26.23
C LEU H 218 -44.41 17.34 26.41
N SER H 219 -43.33 16.62 26.11
CA SER H 219 -43.34 15.20 26.24
C SER H 219 -42.27 14.77 27.19
N ILE H 220 -42.13 13.45 27.35
CA ILE H 220 -41.13 12.91 28.24
C ILE H 220 -39.83 12.55 27.55
N GLU H 221 -39.74 12.73 26.24
CA GLU H 221 -38.51 12.38 25.55
C GLU H 221 -37.43 13.42 25.80
N ASP H 222 -36.17 13.05 25.58
CA ASP H 222 -35.03 13.94 25.80
C ASP H 222 -34.62 14.80 24.61
N GLU H 223 -35.60 15.24 23.83
CA GLU H 223 -35.36 16.11 22.68
C GLU H 223 -35.04 17.40 23.37
N GLN H 224 -34.07 18.15 22.85
CA GLN H 224 -33.71 19.41 23.51
C GLN H 224 -34.40 20.59 22.90
N LEU H 225 -34.79 21.53 23.75
CA LEU H 225 -35.55 22.69 23.33
C LEU H 225 -34.76 23.96 23.57
N THR H 226 -35.02 24.98 22.77
CA THR H 226 -34.38 26.25 22.93
C THR H 226 -35.42 27.27 23.36
N LEU H 227 -35.38 27.57 24.65
CA LEU H 227 -36.26 28.54 25.28
C LEU H 227 -35.71 29.93 25.15
N LEU H 228 -36.42 30.82 24.46
CA LEU H 228 -35.93 32.18 24.35
C LEU H 228 -36.72 33.00 25.35
N ILE H 229 -36.03 33.52 26.36
CA ILE H 229 -36.65 34.30 27.40
C ILE H 229 -36.28 35.77 27.30
N GLY H 230 -37.27 36.62 27.13
CA GLY H 230 -37.02 38.04 27.02
C GLY H 230 -37.54 38.78 28.23
N ARG H 231 -37.60 40.10 28.13
CA ARG H 231 -38.11 40.91 29.22
C ARG H 231 -39.62 40.86 29.27
N GLU H 232 -40.25 40.68 28.12
CA GLU H 232 -41.70 40.67 28.04
C GLU H 232 -42.35 39.38 27.57
N LEU H 233 -41.62 38.56 26.82
CA LEU H 233 -42.20 37.31 26.29
C LEU H 233 -41.29 36.10 26.38
N LEU H 234 -41.88 34.92 26.35
CA LEU H 234 -41.14 33.66 26.36
C LEU H 234 -41.56 32.89 25.13
N ASN H 235 -40.57 32.39 24.39
CA ASN H 235 -40.81 31.69 23.14
C ASN H 235 -40.19 30.31 23.18
N VAL H 236 -40.86 29.34 22.59
CA VAL H 236 -40.29 28.02 22.36
C VAL H 236 -41.00 27.34 21.20
N THR H 237 -40.27 26.63 20.36
CA THR H 237 -40.87 25.89 19.26
C THR H 237 -40.78 24.43 19.66
N ILE H 238 -41.92 23.75 19.64
CA ILE H 238 -41.97 22.35 20.06
C ILE H 238 -42.45 21.41 18.98
N ASN H 239 -41.74 20.31 18.81
CA ASN H 239 -42.13 19.31 17.83
C ASN H 239 -42.77 18.18 18.63
N THR H 240 -44.00 17.86 18.27
CA THR H 240 -44.73 16.81 18.97
C THR H 240 -44.60 15.50 18.23
N PRO H 241 -44.25 14.43 18.96
CA PRO H 241 -44.09 13.15 18.26
C PRO H 241 -45.42 12.73 17.63
N SER H 242 -45.36 12.33 16.37
CA SER H 242 -46.56 11.94 15.64
C SER H 242 -47.18 10.65 16.14
N ARG H 243 -48.51 10.61 16.19
CA ARG H 243 -49.23 9.40 16.61
C ARG H 243 -48.95 8.29 15.60
N ASP H 244 -48.99 8.67 14.32
CA ASP H 244 -48.72 7.76 13.24
C ASP H 244 -47.43 8.21 12.61
N LYS H 245 -46.47 7.31 12.45
CA LYS H 245 -45.19 7.66 11.86
C LYS H 245 -45.38 8.12 10.42
N GLU H 246 -46.26 7.43 9.70
CA GLU H 246 -46.57 7.78 8.32
C GLU H 246 -47.20 9.16 8.23
N GLN H 247 -48.05 9.49 9.20
CA GLN H 247 -48.72 10.79 9.25
C GLN H 247 -47.73 11.94 9.48
N GLY H 248 -48.04 13.09 8.89
CA GLY H 248 -47.18 14.25 9.00
C GLY H 248 -47.12 14.73 10.44
N ASP H 249 -45.91 15.04 10.88
CA ASP H 249 -45.67 15.54 12.23
C ASP H 249 -46.10 16.99 12.38
N ILE H 250 -46.37 17.40 13.60
CA ILE H 250 -46.80 18.76 13.87
C ILE H 250 -45.85 19.54 14.78
N THR H 251 -45.58 20.79 14.41
CA THR H 251 -44.70 21.64 15.19
C THR H 251 -45.49 22.83 15.72
N VAL H 252 -45.36 23.11 17.01
CA VAL H 252 -46.08 24.21 17.61
C VAL H 252 -45.18 25.30 18.16
N ARG H 253 -45.40 26.54 17.72
CA ARG H 253 -44.65 27.66 18.24
C ARG H 253 -45.44 28.30 19.38
N PHE H 254 -44.83 28.29 20.57
CA PHE H 254 -45.46 28.69 21.80
C PHE H 254 -44.91 30.07 22.19
N THR H 255 -45.80 31.00 22.52
CA THR H 255 -45.41 32.33 22.95
C THR H 255 -46.31 32.78 24.10
N THR H 256 -45.72 33.34 25.15
CA THR H 256 -46.50 33.82 26.28
C THR H 256 -46.01 35.16 26.78
N LYS H 257 -46.94 36.03 27.11
CA LYS H 257 -46.66 37.32 27.74
C LYS H 257 -46.34 37.05 29.20
N LEU H 258 -45.16 37.49 29.64
CA LEU H 258 -44.76 37.22 31.02
C LEU H 258 -45.45 38.18 31.97
N ILE H 259 -45.55 37.77 33.22
CA ILE H 259 -46.15 38.58 34.26
C ILE H 259 -45.19 39.67 34.68
N ASP H 260 -45.59 40.91 34.47
CA ASP H 260 -44.76 42.04 34.82
C ASP H 260 -44.77 42.37 36.28
N GLY H 261 -43.91 41.67 37.01
CA GLY H 261 -43.77 41.88 38.45
C GLY H 261 -42.44 41.37 38.93
N LYS H 262 -42.22 41.47 40.23
CA LYS H 262 -40.97 41.02 40.81
C LYS H 262 -41.26 39.95 41.83
N PHE H 263 -40.74 38.76 41.58
CA PHE H 263 -40.96 37.65 42.49
C PHE H 263 -40.13 37.89 43.72
N PRO H 264 -40.63 37.41 44.86
CA PRO H 264 -39.98 37.55 46.17
C PRO H 264 -38.78 36.63 46.30
N ASP H 265 -37.99 36.86 47.32
CA ASP H 265 -36.83 36.01 47.50
C ASP H 265 -37.31 34.73 48.15
N TYR H 266 -37.41 33.68 47.36
CA TYR H 266 -37.86 32.42 47.90
C TYR H 266 -36.86 31.82 48.87
N ARG H 267 -35.58 32.03 48.60
CA ARG H 267 -34.53 31.47 49.45
C ARG H 267 -34.72 31.87 50.90
N ARG H 268 -35.10 33.11 51.14
CA ARG H 268 -35.33 33.56 52.51
C ARG H 268 -36.50 32.80 53.14
N VAL H 269 -37.53 32.55 52.35
CA VAL H 269 -38.72 31.83 52.83
C VAL H 269 -38.47 30.36 53.17
N ILE H 270 -37.60 29.71 52.42
CA ILE H 270 -37.27 28.30 52.63
C ILE H 270 -36.46 28.16 53.92
N PRO H 271 -36.98 27.45 54.94
CA PRO H 271 -36.17 27.29 56.17
C PRO H 271 -35.06 26.29 56.00
N ARG H 272 -33.79 26.74 56.09
CA ARG H 272 -32.62 25.89 55.91
C ARG H 272 -32.23 25.25 57.21
N GLY H 273 -32.12 26.07 58.26
CA GLY H 273 -31.93 25.57 59.62
C GLY H 273 -33.10 24.86 60.28
N GLY H 274 -33.10 23.53 60.23
CA GLY H 274 -34.08 22.74 60.96
C GLY H 274 -33.56 22.01 62.17
N ASP H 275 -34.14 22.28 63.34
CA ASP H 275 -33.76 21.60 64.57
C ASP H 275 -34.14 20.09 64.64
N LYS H 276 -35.40 19.80 64.31
CA LYS H 276 -35.92 18.44 64.32
C LYS H 276 -36.09 17.84 62.93
N HIS H 277 -35.69 16.58 62.75
CA HIS H 277 -35.80 15.90 61.45
C HIS H 277 -36.56 14.58 61.55
N VAL H 278 -37.49 14.35 60.62
CA VAL H 278 -38.29 13.13 60.61
C VAL H 278 -38.31 12.41 59.26
N LEU H 279 -38.17 11.09 59.28
CA LEU H 279 -38.26 10.29 58.07
C LEU H 279 -39.49 9.40 58.17
N ILE H 280 -40.29 9.38 57.12
CA ILE H 280 -41.51 8.58 57.12
C ILE H 280 -41.67 7.86 55.80
N GLY H 281 -42.13 6.61 55.85
CA GLY H 281 -42.45 5.86 54.64
C GLY H 281 -43.53 6.63 53.88
N HIS H 282 -43.34 6.80 52.58
CA HIS H 282 -44.23 7.63 51.78
C HIS H 282 -45.65 7.08 51.79
N ASP H 283 -45.78 5.81 51.40
CA ASP H 283 -47.08 5.16 51.33
C ASP H 283 -47.82 5.17 52.68
N VAL H 284 -47.07 4.90 53.74
CA VAL H 284 -47.65 4.88 55.08
C VAL H 284 -48.13 6.26 55.53
N PHE H 285 -47.44 7.30 55.10
CA PHE H 285 -47.81 8.66 55.47
C PHE H 285 -49.03 9.09 54.69
N LYS H 286 -49.04 8.83 53.39
CA LYS H 286 -50.17 9.16 52.53
C LYS H 286 -51.47 8.48 52.96
N GLN H 287 -51.40 7.17 53.20
CA GLN H 287 -52.60 6.39 53.55
C GLN H 287 -53.19 6.85 54.88
N SER H 288 -52.35 7.07 55.88
CA SER H 288 -52.83 7.50 57.18
C SER H 288 -53.40 8.91 57.16
N LEU H 289 -52.78 9.78 56.38
CA LEU H 289 -53.22 11.16 56.27
C LEU H 289 -54.58 11.23 55.58
N GLN H 290 -54.79 10.41 54.56
CA GLN H 290 -56.10 10.32 53.89
C GLN H 290 -57.19 9.79 54.82
N ARG H 291 -56.86 8.76 55.60
CA ARG H 291 -57.81 8.19 56.56
C ARG H 291 -58.25 9.21 57.59
N VAL H 292 -57.29 9.85 58.24
CA VAL H 292 -57.58 10.78 59.33
C VAL H 292 -58.28 12.04 58.80
N ALA H 293 -57.94 12.44 57.57
CA ALA H 293 -58.55 13.64 56.95
C ALA H 293 -60.05 13.51 56.71
N ILE H 294 -60.58 12.29 56.68
CA ILE H 294 -62.02 12.09 56.44
C ILE H 294 -62.89 12.80 57.47
N LEU H 295 -62.44 12.81 58.72
CA LEU H 295 -63.19 13.45 59.79
C LEU H 295 -62.63 14.82 60.18
N SER H 296 -61.86 15.46 59.29
CA SER H 296 -61.46 16.85 59.48
C SER H 296 -62.57 17.75 58.99
N ASN H 297 -62.45 19.03 59.33
CA ASN H 297 -63.35 20.07 58.83
C ASN H 297 -63.37 20.03 57.31
N GLU H 298 -64.55 20.09 56.72
CA GLU H 298 -64.71 19.83 55.28
C GLU H 298 -64.05 20.88 54.38
N LYS H 299 -64.01 22.13 54.84
CA LYS H 299 -63.39 23.23 54.08
C LYS H 299 -61.94 23.49 54.49
N LEU H 300 -61.70 23.62 55.78
CA LEU H 300 -60.38 23.99 56.31
C LEU H 300 -59.38 22.82 56.32
N ARG H 301 -59.88 21.60 56.38
CA ARG H 301 -59.06 20.39 56.34
C ARG H 301 -57.91 20.32 57.33
N GLY H 302 -58.09 20.89 58.51
CA GLY H 302 -57.06 20.87 59.52
C GLY H 302 -56.84 19.51 60.15
N VAL H 303 -55.57 19.15 60.32
CA VAL H 303 -55.19 17.87 60.91
C VAL H 303 -54.00 18.13 61.83
N PHE H 304 -53.95 17.46 62.97
CA PHE H 304 -52.87 17.65 63.93
C PHE H 304 -51.88 16.50 63.87
N LEU H 305 -50.61 16.84 63.71
CA LEU H 305 -49.54 15.85 63.69
C LEU H 305 -48.75 16.03 64.97
N ASN H 306 -48.71 15.00 65.79
CA ASN H 306 -48.00 15.07 67.04
C ASN H 306 -46.80 14.17 66.95
N PHE H 307 -45.64 14.81 66.89
CA PHE H 307 -44.39 14.10 66.74
C PHE H 307 -43.84 13.67 68.08
N ASN H 308 -43.58 12.38 68.17
CA ASN H 308 -43.02 11.78 69.38
C ASN H 308 -41.83 10.91 68.99
N GLN H 309 -41.26 10.21 69.95
CA GLN H 309 -40.08 9.45 69.61
C GLN H 309 -40.44 8.14 68.97
N ASP H 310 -40.22 8.14 67.65
CA ASP H 310 -40.46 7.05 66.72
C ASP H 310 -41.92 6.73 66.43
N SER H 311 -42.80 7.63 66.82
CA SER H 311 -44.22 7.48 66.58
C SER H 311 -44.84 8.83 66.27
N LEU H 312 -45.68 8.87 65.24
CA LEU H 312 -46.37 10.09 64.90
C LEU H 312 -47.84 9.80 65.07
N GLN H 313 -48.55 10.72 65.69
CA GLN H 313 -49.97 10.55 65.96
C GLN H 313 -50.75 11.59 65.18
N LEU H 314 -51.57 11.15 64.23
CA LEU H 314 -52.39 12.05 63.45
C LEU H 314 -53.78 12.11 64.05
N ARG H 315 -54.29 13.32 64.25
CA ARG H 315 -55.60 13.50 64.82
C ARG H 315 -56.39 14.60 64.12
N ALA H 316 -57.66 14.33 63.85
CA ALA H 316 -58.56 15.28 63.19
C ALA H 316 -59.94 15.24 63.79
N ASN H 317 -60.64 16.37 63.80
CA ASN H 317 -62.05 16.40 64.17
C ASN H 317 -62.78 17.52 63.45
N ASN H 318 -64.11 17.44 63.45
CA ASN H 318 -64.99 18.32 62.68
C ASN H 318 -65.99 19.02 63.61
N PRO H 319 -66.82 19.95 63.08
CA PRO H 319 -67.83 20.61 63.92
C PRO H 319 -68.85 19.67 64.58
N GLU H 320 -69.10 18.50 63.98
CA GLU H 320 -70.06 17.54 64.50
C GLU H 320 -69.45 16.73 65.66
N GLN H 321 -68.19 17.01 66.01
CA GLN H 321 -67.44 16.38 67.10
C GLN H 321 -67.04 14.94 66.83
N ASP H 322 -66.99 14.54 65.55
CA ASP H 322 -66.47 13.23 65.15
C ASP H 322 -64.96 13.33 65.24
N GLU H 323 -64.27 12.21 65.46
CA GLU H 323 -62.82 12.25 65.68
C GLU H 323 -62.13 11.05 65.02
N ALA H 324 -60.97 11.29 64.43
CA ALA H 324 -60.14 10.23 63.83
C ALA H 324 -58.74 10.32 64.43
N ILE H 325 -58.19 9.19 64.86
CA ILE H 325 -56.84 9.10 65.39
C ILE H 325 -56.13 7.93 64.74
N GLU H 326 -54.87 8.10 64.36
CA GLU H 326 -54.08 6.99 63.81
C GLU H 326 -52.60 7.19 64.10
N ASP H 327 -51.88 6.08 64.30
CA ASP H 327 -50.46 6.09 64.59
C ASP H 327 -49.63 5.37 63.56
N LEU H 328 -48.52 5.96 63.16
CA LEU H 328 -47.62 5.28 62.23
C LEU H 328 -46.18 5.42 62.70
N ALA H 329 -45.30 4.59 62.15
CA ALA H 329 -43.90 4.62 62.52
C ALA H 329 -43.10 5.59 61.68
N ILE H 330 -42.36 6.44 62.38
CA ILE H 330 -41.52 7.46 61.78
C ILE H 330 -40.17 7.43 62.46
N GLN H 331 -39.15 7.98 61.83
CA GLN H 331 -37.85 8.03 62.49
C GLN H 331 -37.71 9.42 63.07
N TYR H 332 -37.86 9.53 64.39
CA TYR H 332 -37.72 10.80 65.07
C TYR H 332 -37.07 10.55 66.43
N GLN H 333 -36.13 11.40 66.83
CA GLN H 333 -35.48 11.20 68.11
C GLN H 333 -35.41 12.47 68.92
N SER H 334 -35.81 13.58 68.28
CA SER H 334 -35.86 14.90 68.90
C SER H 334 -37.08 15.06 69.81
N ALA H 335 -37.13 16.17 70.54
CA ALA H 335 -38.26 16.44 71.43
C ALA H 335 -39.61 16.59 70.70
N PRO H 336 -40.71 16.35 71.44
CA PRO H 336 -42.11 16.43 71.00
C PRO H 336 -42.54 17.77 70.41
N LEU H 337 -43.50 17.70 69.49
CA LEU H 337 -44.03 18.88 68.85
C LEU H 337 -45.40 18.53 68.33
N GLU H 338 -46.35 19.43 68.51
CA GLU H 338 -47.70 19.22 68.01
C GLU H 338 -47.97 20.33 67.02
N MET H 339 -48.20 19.98 65.77
CA MET H 339 -48.46 21.00 64.76
C MET H 339 -49.75 20.73 64.03
N SER H 340 -50.36 21.79 63.50
CA SER H 340 -51.61 21.67 62.76
C SER H 340 -51.34 22.03 61.31
N PHE H 341 -51.79 21.17 60.41
CA PHE H 341 -51.56 21.37 58.99
C PHE H 341 -52.82 21.18 58.19
N ASN H 342 -52.86 21.79 57.02
CA ASN H 342 -53.98 21.62 56.14
C ASN H 342 -53.60 20.35 55.43
N ALA H 343 -54.31 19.28 55.73
CA ALA H 343 -54.05 17.97 55.15
C ALA H 343 -53.91 17.97 53.64
N GLN H 344 -54.66 18.81 52.96
CA GLN H 344 -54.56 18.84 51.51
C GLN H 344 -53.18 19.33 51.03
N TYR H 345 -52.61 20.31 51.70
CA TYR H 345 -51.27 20.81 51.37
C TYR H 345 -50.19 19.74 51.52
N LEU H 346 -50.31 18.90 52.53
CA LEU H 346 -49.36 17.81 52.73
C LEU H 346 -49.61 16.76 51.67
N LEU H 347 -50.87 16.43 51.44
CA LEU H 347 -51.20 15.46 50.39
C LEU H 347 -50.75 15.91 49.01
N ASP H 348 -50.86 17.21 48.72
CA ASP H 348 -50.38 17.76 47.44
C ASP H 348 -48.88 17.55 47.25
N VAL H 349 -48.11 17.80 48.30
CA VAL H 349 -46.66 17.57 48.28
C VAL H 349 -46.35 16.07 48.07
N LEU H 350 -47.02 15.19 48.82
CA LEU H 350 -46.86 13.76 48.63
C LEU H 350 -47.27 13.31 47.22
N GLY H 351 -48.27 13.98 46.63
CA GLY H 351 -48.68 13.79 45.24
C GLY H 351 -47.54 13.84 44.23
N VAL H 352 -46.49 14.61 44.52
CA VAL H 352 -45.38 14.79 43.59
C VAL H 352 -44.04 14.19 43.97
N LEU H 353 -43.96 13.53 45.11
CA LEU H 353 -42.69 12.95 45.58
C LEU H 353 -42.68 11.47 45.21
N ASP H 354 -41.84 11.11 44.26
CA ASP H 354 -41.71 9.73 43.73
C ASP H 354 -40.86 8.78 44.57
N GLY H 355 -40.30 9.24 45.70
CA GLY H 355 -39.36 8.42 46.45
C GLY H 355 -40.08 7.65 47.51
N ASP H 356 -39.39 6.64 48.06
CA ASP H 356 -39.99 5.76 49.05
C ASP H 356 -40.10 6.40 50.45
N ASP H 357 -39.25 7.37 50.75
CA ASP H 357 -39.32 8.02 52.05
C ASP H 357 -39.54 9.51 51.93
N VAL H 358 -39.96 10.13 53.03
CA VAL H 358 -40.21 11.55 53.06
C VAL H 358 -39.44 12.21 54.19
N ASN H 359 -38.77 13.31 53.89
CA ASN H 359 -37.99 14.02 54.88
C ASN H 359 -38.69 15.28 55.30
N MET H 360 -38.90 15.46 56.60
CA MET H 360 -39.52 16.67 57.10
C MET H 360 -38.62 17.29 58.15
N SER H 361 -38.36 18.59 58.02
CA SER H 361 -37.52 19.29 58.96
C SER H 361 -38.31 20.39 59.64
N MET H 362 -38.36 20.38 60.97
CA MET H 362 -39.13 21.41 61.67
C MET H 362 -38.35 22.24 62.66
N THR H 363 -38.82 23.45 62.89
CA THR H 363 -38.23 24.35 63.86
C THR H 363 -39.14 24.38 65.08
N GLU H 364 -40.35 24.86 64.88
CA GLU H 364 -41.35 24.95 65.94
C GLU H 364 -42.71 24.96 65.24
N ALA H 365 -43.77 24.73 66.01
CA ALA H 365 -45.13 24.66 65.51
C ALA H 365 -45.58 25.96 64.85
N ASN H 366 -45.16 27.07 65.41
CA ASN H 366 -45.47 28.38 64.89
C ASN H 366 -44.92 28.59 63.47
N GLN H 367 -43.74 28.06 63.19
CA GLN H 367 -43.11 28.24 61.89
C GLN H 367 -43.27 27.12 60.83
N SER H 368 -42.74 27.37 59.62
CA SER H 368 -42.80 26.51 58.44
C SER H 368 -42.06 25.20 58.60
N VAL H 369 -42.35 24.29 57.67
CA VAL H 369 -41.78 22.96 57.62
C VAL H 369 -41.25 22.74 56.21
N LEU H 370 -40.09 22.08 56.12
CA LEU H 370 -39.49 21.79 54.84
C LEU H 370 -39.69 20.32 54.55
N VAL H 371 -40.31 20.02 53.43
CA VAL H 371 -40.55 18.64 53.03
C VAL H 371 -39.65 18.32 51.86
N GLN H 372 -38.93 17.22 51.96
CA GLN H 372 -38.01 16.85 50.90
C GLN H 372 -37.97 15.34 50.69
N ASP H 373 -37.50 14.95 49.52
CA ASP H 373 -37.32 13.55 49.17
C ASP H 373 -35.80 13.40 49.16
N PRO H 374 -35.28 12.37 49.82
CA PRO H 374 -33.83 12.19 49.84
C PRO H 374 -33.29 11.75 48.49
N ALA H 375 -33.95 10.76 47.89
CA ALA H 375 -33.56 10.29 46.57
C ALA H 375 -33.45 11.41 45.53
N HIS H 376 -34.33 12.40 45.58
CA HIS H 376 -34.31 13.54 44.64
C HIS H 376 -34.12 14.88 45.38
N PRO H 377 -32.85 15.32 45.54
CA PRO H 377 -32.55 16.63 46.18
C PRO H 377 -32.94 17.87 45.36
N ASP H 378 -33.30 17.67 44.09
CA ASP H 378 -33.70 18.77 43.23
C ASP H 378 -35.01 19.40 43.64
N GLN H 379 -35.92 18.63 44.21
CA GLN H 379 -37.23 19.13 44.65
C GLN H 379 -37.18 19.56 46.10
N THR H 380 -37.75 20.72 46.40
CA THR H 380 -37.89 21.22 47.77
C THR H 380 -39.27 21.84 47.93
N TYR H 381 -39.95 21.52 49.03
CA TYR H 381 -41.29 22.02 49.32
C TYR H 381 -41.35 22.58 50.72
N VAL H 382 -42.16 23.61 50.90
CA VAL H 382 -42.38 24.26 52.17
C VAL H 382 -43.89 24.33 52.39
N VAL H 383 -44.32 24.12 53.63
CA VAL H 383 -45.71 24.23 54.00
C VAL H 383 -45.76 24.90 55.35
N MET H 384 -46.56 25.96 55.46
CA MET H 384 -46.70 26.63 56.74
C MET H 384 -47.78 25.91 57.53
N PRO H 385 -47.86 26.25 58.82
CA PRO H 385 -48.79 25.74 59.81
C PRO H 385 -50.13 26.41 59.53
N MET H 386 -51.19 25.92 60.15
CA MET H 386 -52.51 26.41 59.89
C MET H 386 -52.66 27.88 60.27
N HIS I 6 -17.45 1.21 58.79
CA HIS I 6 -17.52 1.38 57.35
C HIS I 6 -17.49 2.85 56.99
N MET I 7 -16.28 3.36 56.81
CA MET I 7 -16.04 4.76 56.48
C MET I 7 -16.58 5.11 55.12
N ARG I 8 -17.07 6.33 54.97
CA ARG I 8 -17.59 6.80 53.71
C ARG I 8 -17.27 8.28 53.64
N LEU I 9 -16.49 8.69 52.66
CA LEU I 9 -16.13 10.10 52.59
C LEU I 9 -15.93 10.59 51.16
N LYS I 10 -16.24 11.86 50.92
CA LYS I 10 -16.05 12.46 49.61
C LYS I 10 -15.04 13.59 49.78
N ILE I 11 -13.97 13.55 49.01
CA ILE I 11 -12.91 14.54 49.13
C ILE I 11 -12.26 14.91 47.81
N ALA I 12 -11.46 15.98 47.83
CA ALA I 12 -10.77 16.35 46.62
C ALA I 12 -9.50 15.52 46.45
N LYS I 13 -9.17 15.25 45.18
CA LYS I 13 -7.95 14.52 44.82
C LYS I 13 -6.73 15.08 45.52
N GLU I 14 -6.52 16.38 45.41
CA GLU I 14 -5.29 17.02 45.93
C GLU I 14 -5.23 17.01 47.46
N SER I 15 -6.38 17.04 48.12
CA SER I 15 -6.44 16.95 49.58
C SER I 15 -5.95 15.59 50.06
N LEU I 16 -6.56 14.53 49.55
CA LEU I 16 -6.20 13.16 49.92
C LEU I 16 -4.74 12.81 49.57
N LEU I 17 -4.29 13.29 48.43
CA LEU I 17 -2.93 12.98 47.94
C LEU I 17 -1.87 13.73 48.76
N ASN I 18 -2.20 14.93 49.22
CA ASN I 18 -1.28 15.77 49.98
C ASN I 18 -1.05 15.16 51.36
N VAL I 19 -2.10 14.64 51.98
CA VAL I 19 -1.95 14.03 53.29
C VAL I 19 -1.18 12.73 53.13
N LEU I 20 -1.47 12.04 52.04
CA LEU I 20 -0.87 10.75 51.73
C LEU I 20 0.64 10.79 51.53
N SER I 21 1.11 11.83 50.87
CA SER I 21 2.52 11.95 50.54
C SER I 21 3.43 11.94 51.75
N HIS I 22 2.98 12.57 52.82
CA HIS I 22 3.76 12.66 54.06
C HIS I 22 4.01 11.33 54.74
N VAL I 23 3.02 10.44 54.68
CA VAL I 23 3.14 9.12 55.27
C VAL I 23 3.49 7.99 54.31
N VAL I 24 3.35 8.23 53.02
CA VAL I 24 3.60 7.19 52.02
C VAL I 24 5.04 6.66 51.95
N GLY I 25 6.01 7.53 52.19
CA GLY I 25 7.40 7.15 52.12
C GLY I 25 7.84 6.18 53.18
N ALA I 26 7.05 6.04 54.23
CA ALA I 26 7.42 5.14 55.30
C ALA I 26 6.96 3.72 55.02
N VAL I 27 5.91 3.58 54.23
CA VAL I 27 5.39 2.25 53.91
C VAL I 27 6.32 1.44 53.03
N GLU I 28 6.49 0.18 53.41
CA GLU I 28 7.34 -0.76 52.69
C GLU I 28 6.47 -1.48 51.68
N ARG I 29 6.85 -1.43 50.42
CA ARG I 29 6.07 -2.05 49.35
C ARG I 29 5.87 -3.57 49.51
N ARG I 30 6.88 -4.21 50.09
CA ARG I 30 6.83 -5.61 50.43
C ARG I 30 7.26 -5.75 51.88
N HIS I 31 6.36 -6.17 52.75
CA HIS I 31 6.70 -6.30 54.15
C HIS I 31 6.38 -7.68 54.69
N THR I 32 7.17 -8.15 55.65
CA THR I 32 6.89 -9.47 56.24
C THR I 32 5.48 -9.56 56.82
N LEU I 33 5.04 -8.48 57.45
CA LEU I 33 3.65 -8.31 57.88
C LEU I 33 2.89 -7.59 56.79
N ASN I 34 2.10 -8.32 56.03
CA ASN I 34 1.41 -7.76 54.89
C ASN I 34 0.58 -6.51 55.00
N ILE I 35 0.02 -6.26 56.17
CA ILE I 35 -0.79 -5.06 56.37
C ILE I 35 -0.04 -3.73 56.39
N LEU I 36 1.26 -3.83 56.68
CA LEU I 36 2.14 -2.65 56.75
C LEU I 36 2.36 -2.00 55.39
N SER I 37 2.10 -2.77 54.34
CA SER I 37 2.10 -2.27 52.98
C SER I 37 0.95 -1.29 52.77
N ASN I 38 -0.14 -1.48 53.52
CA ASN I 38 -1.30 -0.62 53.43
C ASN I 38 -1.18 0.56 54.37
N VAL I 39 -1.95 1.60 54.10
CA VAL I 39 -1.91 2.79 54.91
C VAL I 39 -3.21 2.86 55.70
N LYS I 40 -3.10 3.06 57.01
CA LYS I 40 -4.26 3.16 57.86
C LYS I 40 -4.95 4.47 57.61
N ILE I 41 -6.27 4.44 57.50
CA ILE I 41 -7.03 5.65 57.29
C ILE I 41 -8.09 5.71 58.37
N GLN I 42 -8.26 6.87 58.98
CA GLN I 42 -9.24 7.05 60.02
C GLN I 42 -9.93 8.38 59.80
N THR I 43 -11.25 8.40 59.91
CA THR I 43 -11.97 9.66 59.72
C THR I 43 -13.13 9.81 60.68
N ASN I 44 -13.39 11.06 61.03
CA ASN I 44 -14.52 11.49 61.84
C ASN I 44 -15.04 12.80 61.23
N ALA I 45 -16.02 13.43 61.85
CA ALA I 45 -16.54 14.66 61.24
C ALA I 45 -15.50 15.75 61.13
N GLN I 46 -14.75 15.94 62.20
CA GLN I 46 -13.72 16.97 62.23
C GLN I 46 -12.48 16.84 61.34
N ALA I 47 -11.90 15.64 61.28
CA ALA I 47 -10.64 15.47 60.53
C ALA I 47 -10.29 14.07 60.05
N LEU I 48 -9.27 14.02 59.18
CA LEU I 48 -8.75 12.78 58.62
C LEU I 48 -7.35 12.48 59.15
N THR I 49 -7.07 11.20 59.38
CA THR I 49 -5.80 10.74 59.92
C THR I 49 -5.27 9.55 59.12
N ILE I 50 -4.04 9.66 58.63
CA ILE I 50 -3.44 8.57 57.87
C ILE I 50 -2.12 8.13 58.51
N THR I 51 -1.93 6.83 58.61
CA THR I 51 -0.73 6.28 59.20
C THR I 51 0.01 5.37 58.23
N GLY I 52 1.25 5.70 57.88
CA GLY I 52 1.99 4.84 57.00
C GLY I 52 3.23 4.49 57.74
N SER I 53 3.47 3.21 57.97
CA SER I 53 4.65 2.84 58.69
C SER I 53 5.16 1.45 58.50
N ASP I 54 6.45 1.28 58.69
CA ASP I 54 6.97 -0.07 58.81
C ASP I 54 7.15 -0.27 60.34
N LEU I 55 7.81 -1.34 60.76
CA LEU I 55 7.98 -1.47 62.20
C LEU I 55 8.92 -0.39 62.73
N GLU I 56 9.98 -0.10 61.98
CA GLU I 56 10.99 0.87 62.39
C GLU I 56 10.58 2.34 62.43
N VAL I 57 9.89 2.82 61.40
CA VAL I 57 9.48 4.22 61.36
C VAL I 57 7.98 4.37 61.19
N GLU I 58 7.38 5.24 61.98
CA GLU I 58 5.94 5.45 61.88
C GLU I 58 5.56 6.89 61.59
N LEU I 59 4.61 7.10 60.69
CA LEU I 59 4.20 8.45 60.36
C LEU I 59 2.69 8.57 60.44
N VAL I 60 2.23 9.60 61.12
CA VAL I 60 0.80 9.82 61.27
C VAL I 60 0.45 11.24 60.86
N ALA I 61 -0.11 11.40 59.66
CA ALA I 61 -0.46 12.72 59.19
C ALA I 61 -1.94 13.00 59.36
N SER I 62 -2.25 14.18 59.89
CA SER I 62 -3.63 14.56 60.11
C SER I 62 -3.92 15.94 59.55
N THR I 63 -5.18 16.16 59.19
CA THR I 63 -5.61 17.45 58.65
C THR I 63 -7.12 17.65 58.84
N ALA I 64 -7.53 18.86 59.18
CA ALA I 64 -8.94 19.17 59.35
C ALA I 64 -9.68 19.15 58.01
N LEU I 65 -10.89 18.61 58.01
CA LEU I 65 -11.69 18.54 56.79
C LEU I 65 -13.13 18.91 57.09
N SER I 66 -13.90 19.34 56.10
CA SER I 66 -15.29 19.71 56.35
C SER I 66 -16.16 18.52 56.73
N GLU I 67 -17.20 18.76 57.54
CA GLU I 67 -18.13 17.71 57.97
C GLU I 67 -18.77 17.06 56.75
N GLY I 68 -19.10 17.86 55.74
CA GLY I 68 -19.67 17.36 54.50
C GLY I 68 -18.78 16.32 53.84
N ALA I 69 -17.47 16.52 53.87
CA ALA I 69 -16.54 15.58 53.32
C ALA I 69 -16.65 14.19 53.93
N CYS I 70 -16.82 14.10 55.24
CA CYS I 70 -16.92 12.81 55.92
C CYS I 70 -18.37 12.42 56.15
N LEU I 71 -18.88 11.55 55.29
CA LEU I 71 -20.26 11.12 55.33
C LEU I 71 -20.46 10.19 56.52
N GLU I 72 -19.67 9.13 56.58
CA GLU I 72 -19.75 8.19 57.69
C GLU I 72 -18.40 7.91 58.32
N ALA I 73 -18.27 8.19 59.60
CA ALA I 73 -17.02 7.97 60.32
C ALA I 73 -16.64 6.51 60.37
N GLY I 74 -15.33 6.24 60.36
CA GLY I 74 -14.82 4.88 60.39
C GLY I 74 -13.32 4.80 60.20
N GLU I 75 -12.78 3.59 60.17
CA GLU I 75 -11.36 3.41 59.97
C GLU I 75 -11.09 2.20 59.11
N THR I 76 -10.07 2.28 58.27
CA THR I 76 -9.72 1.18 57.40
C THR I 76 -8.27 1.27 56.94
N THR I 77 -7.72 0.18 56.41
CA THR I 77 -6.36 0.18 55.88
C THR I 77 -6.42 -0.26 54.43
N VAL I 78 -5.90 0.58 53.54
CA VAL I 78 -5.92 0.33 52.11
C VAL I 78 -4.53 0.29 51.51
N PRO I 79 -4.29 -0.58 50.50
CA PRO I 79 -3.00 -0.73 49.82
C PRO I 79 -2.50 0.64 49.38
N ALA I 80 -1.45 1.12 50.02
CA ALA I 80 -0.95 2.45 49.77
C ALA I 80 -0.43 2.78 48.38
N ARG I 81 0.36 1.91 47.78
CA ARG I 81 0.87 2.24 46.47
C ARG I 81 -0.27 2.33 45.49
N LYS I 82 -1.14 1.34 45.51
CA LYS I 82 -2.30 1.32 44.62
C LYS I 82 -3.19 2.54 44.83
N LEU I 83 -3.41 2.93 46.07
CA LEU I 83 -4.24 4.08 46.35
C LEU I 83 -3.70 5.37 45.76
N MET I 84 -2.40 5.61 45.89
CA MET I 84 -1.79 6.82 45.35
C MET I 84 -1.75 6.89 43.83
N GLU I 85 -1.44 5.76 43.19
CA GLU I 85 -1.37 5.73 41.74
C GLU I 85 -2.73 6.08 41.22
N ILE I 86 -3.76 5.50 41.83
CA ILE I 86 -5.12 5.79 41.42
C ILE I 86 -5.43 7.27 41.53
N CYS I 87 -5.11 7.86 42.67
CA CYS I 87 -5.35 9.30 42.85
C CYS I 87 -4.60 10.18 41.84
N LYS I 88 -3.33 9.84 41.55
CA LYS I 88 -2.54 10.60 40.57
C LYS I 88 -3.08 10.51 39.14
N SER I 89 -3.73 9.41 38.81
CA SER I 89 -4.28 9.21 37.47
C SER I 89 -5.55 10.01 37.18
N LEU I 90 -6.22 10.47 38.24
CA LEU I 90 -7.45 11.26 38.09
C LEU I 90 -7.13 12.66 37.55
N PRO I 91 -8.11 13.30 36.88
CA PRO I 91 -7.89 14.66 36.37
C PRO I 91 -7.78 15.70 37.49
N THR I 92 -7.21 16.84 37.15
CA THR I 92 -7.02 17.92 38.14
C THR I 92 -8.39 18.37 38.70
N ALA I 93 -8.41 18.66 40.00
CA ALA I 93 -9.63 19.11 40.70
C ALA I 93 -10.74 18.06 40.82
N ALA I 94 -10.42 16.78 40.60
CA ALA I 94 -11.43 15.71 40.65
C ALA I 94 -11.88 15.48 42.08
N LEU I 95 -13.06 14.87 42.22
CA LEU I 95 -13.64 14.57 43.53
C LEU I 95 -13.76 13.06 43.70
N ILE I 96 -13.17 12.56 44.79
CA ILE I 96 -13.16 11.13 45.07
C ILE I 96 -14.16 10.71 46.13
N ASP I 97 -15.00 9.74 45.80
CA ASP I 97 -15.97 9.26 46.77
C ASP I 97 -15.50 7.89 47.21
N LEU I 98 -15.17 7.76 48.49
CA LEU I 98 -14.66 6.51 49.00
C LEU I 98 -15.66 5.80 49.87
N GLN I 99 -15.80 4.48 49.69
CA GLN I 99 -16.75 3.75 50.50
C GLN I 99 -16.30 2.34 50.90
N ILE I 100 -16.00 2.16 52.18
CA ILE I 100 -15.59 0.87 52.70
C ILE I 100 -16.85 0.01 52.83
N THR I 101 -16.71 -1.30 52.71
CA THR I 101 -17.82 -2.22 52.81
C THR I 101 -17.49 -3.31 53.81
N GLU I 102 -18.51 -4.01 54.27
CA GLU I 102 -18.33 -5.09 55.24
C GLU I 102 -17.44 -6.22 54.72
N ASP I 103 -17.33 -6.39 53.41
CA ASP I 103 -16.53 -7.48 52.88
C ASP I 103 -15.16 -7.04 52.44
N GLN I 104 -14.54 -6.17 53.24
CA GLN I 104 -13.18 -5.71 52.99
C GLN I 104 -12.95 -5.17 51.60
N ARG I 105 -13.88 -4.37 51.11
CA ARG I 105 -13.72 -3.80 49.78
C ARG I 105 -13.64 -2.31 49.87
N CYS I 106 -12.64 -1.72 49.23
CA CYS I 106 -12.53 -0.28 49.25
C CYS I 106 -13.01 0.24 47.91
N ILE I 107 -14.07 1.03 47.90
CA ILE I 107 -14.60 1.53 46.66
C ILE I 107 -14.33 2.98 46.32
N LEU I 108 -13.61 3.20 45.24
CA LEU I 108 -13.39 4.55 44.73
C LEU I 108 -14.02 5.06 43.44
N LYS I 109 -14.75 6.15 43.53
CA LYS I 109 -15.45 6.70 42.39
C LYS I 109 -15.06 8.14 42.18
N SER I 110 -14.69 8.46 40.95
CA SER I 110 -14.31 9.81 40.57
C SER I 110 -14.67 9.89 39.12
N GLY I 111 -15.44 10.89 38.74
CA GLY I 111 -15.91 11.01 37.36
C GLY I 111 -16.64 9.74 36.94
N ASN I 112 -16.32 9.25 35.76
CA ASN I 112 -16.88 8.00 35.23
C ASN I 112 -16.10 6.74 35.63
N SER I 113 -15.02 6.89 36.38
CA SER I 113 -14.25 5.71 36.73
C SER I 113 -14.57 5.17 38.11
N ARG I 114 -14.52 3.84 38.22
CA ARG I 114 -14.77 3.14 39.47
C ARG I 114 -13.61 2.22 39.74
N PHE I 115 -13.07 2.28 40.95
CA PHE I 115 -11.96 1.42 41.35
C PHE I 115 -12.39 0.64 42.57
N VAL I 116 -11.93 -0.60 42.69
CA VAL I 116 -12.24 -1.43 43.84
C VAL I 116 -10.95 -2.03 44.36
N LEU I 117 -10.70 -1.90 45.65
CA LEU I 117 -9.48 -2.43 46.24
C LEU I 117 -9.79 -3.30 47.45
N GLY I 118 -8.87 -4.20 47.79
CA GLY I 118 -9.05 -5.07 48.92
C GLY I 118 -8.45 -4.47 50.18
N THR I 119 -9.24 -4.43 51.25
CA THR I 119 -8.78 -3.84 52.51
C THR I 119 -8.52 -4.87 53.60
N LEU I 120 -7.92 -4.41 54.70
CA LEU I 120 -7.62 -5.26 55.84
C LEU I 120 -8.17 -4.56 57.08
N PRO I 121 -8.49 -5.33 58.13
CA PRO I 121 -9.07 -4.71 59.34
C PRO I 121 -8.12 -3.72 60.04
N ALA I 122 -8.62 -2.53 60.36
CA ALA I 122 -7.80 -1.48 61.02
C ALA I 122 -7.24 -1.81 62.41
N GLU I 123 -7.95 -2.67 63.15
CA GLU I 123 -7.47 -3.12 64.46
C GLU I 123 -6.23 -4.05 64.40
N ASP I 124 -6.00 -4.64 63.23
CA ASP I 124 -4.82 -5.51 63.01
C ASP I 124 -3.59 -4.66 62.67
N TYR I 125 -3.77 -3.38 62.43
CA TYR I 125 -2.65 -2.51 62.12
C TYR I 125 -1.83 -2.28 63.38
N PRO I 126 -0.54 -2.65 63.34
CA PRO I 126 0.29 -2.46 64.53
C PRO I 126 0.85 -1.06 64.66
N LEU I 127 0.97 -0.57 65.89
CA LEU I 127 1.52 0.75 66.12
C LEU I 127 2.68 0.67 67.08
N LEU I 128 3.51 1.70 67.07
CA LEU I 128 4.62 1.80 68.02
C LEU I 128 3.85 2.12 69.29
N THR I 129 4.17 1.47 70.40
CA THR I 129 3.17 1.51 71.50
C THR I 129 3.06 2.86 72.20
N GLY I 135 11.04 10.27 79.05
CA GLY I 135 12.10 10.59 78.15
C GLY I 135 12.75 11.93 78.36
N THR I 136 13.69 12.26 77.48
CA THR I 136 14.40 13.53 77.53
C THR I 136 13.87 14.46 76.47
N GLN I 137 13.64 15.71 76.83
CA GLN I 137 13.09 16.67 75.91
C GLN I 137 14.15 17.64 75.41
N VAL I 138 14.31 17.72 74.11
CA VAL I 138 15.28 18.62 73.51
C VAL I 138 14.55 19.60 72.61
N GLN I 139 14.83 20.89 72.76
CA GLN I 139 14.17 21.88 71.95
C GLN I 139 15.11 22.42 70.90
N VAL I 140 14.79 22.15 69.64
CA VAL I 140 15.59 22.58 68.50
C VAL I 140 14.67 23.10 67.43
N THR I 141 15.19 23.82 66.45
CA THR I 141 14.33 24.30 65.36
C THR I 141 14.39 23.34 64.18
N GLN I 142 13.46 23.47 63.24
CA GLN I 142 13.47 22.59 62.10
C GLN I 142 14.73 22.76 61.30
N ARG I 143 15.12 24.01 61.10
CA ARG I 143 16.29 24.30 60.30
C ARG I 143 17.54 23.75 60.94
N GLU I 144 17.66 23.88 62.26
CA GLU I 144 18.81 23.34 62.94
C GLU I 144 18.88 21.82 62.89
N LEU I 145 17.75 21.16 63.10
CA LEU I 145 17.68 19.70 63.08
C LEU I 145 17.97 19.12 61.70
N LYS I 146 17.43 19.77 60.68
CA LYS I 146 17.62 19.33 59.30
C LYS I 146 19.08 19.43 58.92
N ARG I 147 19.72 20.50 59.36
CA ARG I 147 21.11 20.71 59.09
C ARG I 147 21.95 19.57 59.64
N LEU I 148 21.63 19.08 60.84
CA LEU I 148 22.40 18.00 61.44
C LEU I 148 22.44 16.78 60.54
N PHE I 149 21.27 16.43 59.99
CA PHE I 149 21.18 15.28 59.12
C PHE I 149 21.78 15.52 57.73
N GLU I 150 21.59 16.70 57.14
CA GLU I 150 22.15 16.99 55.81
C GLU I 150 23.67 16.90 55.81
N LYS I 151 24.27 17.36 56.89
CA LYS I 151 25.73 17.39 57.02
C LYS I 151 26.37 16.08 57.46
N THR I 152 25.58 15.09 57.89
CA THR I 152 26.11 13.81 58.34
C THR I 152 25.57 12.56 57.60
N ALA I 153 24.40 12.65 56.96
CA ALA I 153 23.72 11.49 56.36
C ALA I 153 24.63 10.57 55.51
N PHE I 154 25.43 11.17 54.64
CA PHE I 154 26.29 10.45 53.71
C PHE I 154 27.34 9.51 54.28
N ALA I 155 27.67 9.65 55.55
CA ALA I 155 28.71 8.82 56.16
C ALA I 155 28.23 7.54 56.83
N MET I 156 26.91 7.36 56.85
CA MET I 156 26.32 6.17 57.44
C MET I 156 26.53 4.98 56.53
N ALA I 157 26.79 3.81 57.11
CA ALA I 157 26.99 2.61 56.33
C ALA I 157 25.65 2.09 55.83
N VAL I 158 25.58 1.75 54.55
CA VAL I 158 24.32 1.24 54.01
C VAL I 158 23.90 -0.08 54.61
N GLN I 159 24.85 -1.00 54.75
CA GLN I 159 24.59 -2.30 55.36
C GLN I 159 25.80 -2.73 56.16
N ASP I 160 25.60 -3.26 57.35
CA ASP I 160 26.71 -3.73 58.19
C ASP I 160 26.23 -4.60 59.32
N VAL I 161 26.98 -5.64 59.63
CA VAL I 161 26.65 -6.51 60.77
C VAL I 161 26.72 -5.70 62.07
N ARG I 162 27.58 -4.68 62.14
CA ARG I 162 27.65 -3.76 63.27
C ARG I 162 26.48 -2.85 62.92
N PHE I 163 25.32 -3.11 63.52
CA PHE I 163 24.08 -2.47 63.10
C PHE I 163 23.99 -0.98 63.46
N TYR I 164 24.54 -0.60 64.58
CA TYR I 164 24.70 0.80 64.98
C TYR I 164 25.35 1.71 63.92
N LEU I 165 26.23 1.19 63.08
CA LEU I 165 26.84 2.01 62.02
C LEU I 165 25.88 2.43 60.92
N THR I 166 24.73 1.80 60.83
CA THR I 166 23.78 2.14 59.79
C THR I 166 22.79 3.17 60.28
N GLY I 167 23.21 3.98 61.23
CA GLY I 167 22.34 4.99 61.79
C GLY I 167 23.12 6.21 62.24
N THR I 168 22.41 7.29 62.55
CA THR I 168 23.07 8.50 63.02
C THR I 168 22.90 8.49 64.53
N LEU I 169 23.95 8.91 65.21
CA LEU I 169 23.96 8.99 66.65
C LEU I 169 23.62 10.42 67.02
N LEU I 170 22.67 10.57 67.92
CA LEU I 170 22.30 11.89 68.39
C LEU I 170 22.78 11.92 69.81
N GLU I 171 23.63 12.89 70.13
CA GLU I 171 24.19 13.00 71.47
C GLU I 171 23.71 14.28 72.11
N ILE I 172 23.17 14.16 73.33
CA ILE I 172 22.64 15.33 74.02
C ILE I 172 23.61 15.87 75.07
N ASP I 173 23.91 17.15 74.97
CA ASP I 173 24.85 17.82 75.87
C ASP I 173 24.28 19.04 76.60
N GLU I 174 25.18 19.89 77.06
CA GLU I 174 24.86 21.11 77.77
C GLU I 174 24.53 22.14 76.72
N ASN I 175 23.27 22.11 76.26
CA ASN I 175 22.73 22.97 75.20
C ASN I 175 23.41 22.80 73.84
N GLN I 176 23.88 21.59 73.59
CA GLN I 176 24.51 21.26 72.33
C GLN I 176 23.96 19.93 71.82
N LEU I 177 23.56 19.91 70.56
CA LEU I 177 23.05 18.70 69.96
C LEU I 177 24.06 18.26 68.93
N ARG I 178 24.46 17.00 69.01
CA ARG I 178 25.49 16.47 68.14
C ARG I 178 25.02 15.29 67.31
N ALA I 179 25.28 15.34 66.01
CA ALA I 179 24.92 14.24 65.13
C ALA I 179 26.22 13.65 64.63
N VAL I 180 26.38 12.34 64.80
CA VAL I 180 27.60 11.67 64.36
C VAL I 180 27.33 10.39 63.58
N THR I 181 27.92 10.29 62.39
CA THR I 181 27.73 9.14 61.51
C THR I 181 29.04 8.66 60.92
N THR I 182 29.35 7.38 61.10
CA THR I 182 30.57 6.83 60.53
C THR I 182 30.38 5.41 59.99
N ASP I 183 31.12 5.05 58.95
CA ASP I 183 31.02 3.71 58.39
C ASP I 183 32.29 2.93 58.66
N GLY I 184 33.15 3.50 59.48
CA GLY I 184 34.41 2.89 59.84
C GLY I 184 35.56 3.36 58.96
N HIS I 185 35.25 4.05 57.87
CA HIS I 185 36.27 4.55 56.97
C HIS I 185 36.35 6.07 57.05
N ARG I 186 35.23 6.68 57.36
CA ARG I 186 35.15 8.12 57.47
C ARG I 186 34.11 8.44 58.50
N LEU I 187 34.20 9.63 59.05
CA LEU I 187 33.27 10.03 60.06
C LEU I 187 32.80 11.44 59.81
N ALA I 188 31.54 11.69 60.10
CA ALA I 188 30.97 13.01 59.95
C ALA I 188 30.35 13.39 61.28
N LEU I 189 30.52 14.67 61.64
CA LEU I 189 30.03 15.20 62.90
C LEU I 189 29.51 16.60 62.66
N CYS I 190 28.36 16.93 63.24
CA CYS I 190 27.81 18.27 63.17
C CYS I 190 27.12 18.58 64.48
N GLU I 191 27.28 19.80 64.99
CA GLU I 191 26.73 20.16 66.31
C GLU I 191 25.88 21.42 66.14
N ILE I 192 24.82 21.53 66.93
CA ILE I 192 23.90 22.66 66.88
C ILE I 192 23.53 22.97 68.32
N LEU I 193 23.38 24.23 68.70
CA LEU I 193 23.03 24.50 70.09
C LEU I 193 21.53 24.40 70.33
N ALA I 194 21.13 23.43 71.15
CA ALA I 194 19.72 23.21 71.43
C ALA I 194 19.41 23.09 72.91
N SER I 195 18.37 23.78 73.36
CA SER I 195 18.00 23.75 74.77
C SER I 195 17.46 22.40 75.23
N SER I 196 17.91 21.96 76.39
CA SER I 196 17.48 20.70 76.96
C SER I 196 17.45 20.85 78.47
N THR I 197 16.42 20.30 79.10
CA THR I 197 16.27 20.41 80.54
C THR I 197 16.94 19.31 81.34
N SER I 198 17.53 18.34 80.66
CA SER I 198 18.19 17.24 81.37
C SER I 198 19.71 17.38 81.35
N SER I 199 20.29 17.40 82.53
CA SER I 199 21.73 17.57 82.73
C SER I 199 22.78 16.58 82.23
N GLN I 200 22.51 15.30 82.51
CA GLN I 200 23.41 14.22 82.12
C GLN I 200 23.32 13.81 80.66
N LEU I 201 24.37 13.17 80.17
CA LEU I 201 24.51 12.73 78.79
C LEU I 201 23.69 11.54 78.27
N VAL I 202 23.15 11.66 77.06
CA VAL I 202 22.40 10.55 76.47
C VAL I 202 22.73 10.35 75.01
N GLN I 203 22.69 9.08 74.58
CA GLN I 203 22.96 8.71 73.19
C GLN I 203 21.76 7.98 72.59
N ALA I 204 21.35 8.41 71.42
CA ALA I 204 20.23 7.80 70.73
C ALA I 204 20.68 7.49 69.32
N ILE I 205 20.42 6.28 68.83
CA ILE I 205 20.85 5.95 67.48
C ILE I 205 19.62 5.84 66.61
N VAL I 206 19.49 6.79 65.70
CA VAL I 206 18.35 6.86 64.78
C VAL I 206 18.61 6.06 63.52
N PRO I 207 17.68 5.18 63.16
CA PRO I 207 17.83 4.38 61.95
C PRO I 207 18.05 5.15 60.66
N ARG I 208 18.68 4.48 59.71
CA ARG I 208 18.96 5.06 58.42
C ARG I 208 17.66 5.44 57.71
N LYS I 209 16.64 4.60 57.86
CA LYS I 209 15.37 4.87 57.22
C LYS I 209 14.69 6.06 57.86
N ALA I 210 14.80 6.13 59.19
CA ALA I 210 14.19 7.21 59.95
C ALA I 210 14.79 8.56 59.58
N VAL I 211 16.10 8.59 59.42
CA VAL I 211 16.79 9.81 59.08
C VAL I 211 16.32 10.34 57.74
N GLY I 212 16.17 9.44 56.78
CA GLY I 212 15.72 9.83 55.47
C GLY I 212 14.31 10.38 55.48
N GLU I 213 13.42 9.74 56.21
CA GLU I 213 12.04 10.19 56.30
C GLU I 213 11.96 11.53 56.98
N LEU I 214 12.73 11.67 58.05
CA LEU I 214 12.77 12.89 58.84
C LEU I 214 13.32 14.04 58.03
N GLN I 215 14.32 13.75 57.21
CA GLN I 215 14.92 14.78 56.39
C GLN I 215 13.90 15.37 55.44
N ARG I 216 13.09 14.52 54.82
CA ARG I 216 12.09 15.02 53.91
C ARG I 216 11.04 15.88 54.58
N LEU I 217 10.61 15.45 55.77
CA LEU I 217 9.58 16.16 56.51
C LEU I 217 10.01 17.52 57.04
N LEU I 218 11.21 17.56 57.61
CA LEU I 218 11.74 18.77 58.22
C LEU I 218 11.95 19.87 57.23
N SER I 219 11.86 21.11 57.69
CA SER I 219 12.03 22.23 56.79
C SER I 219 13.14 23.17 57.22
N ILE I 220 13.36 24.22 56.43
CA ILE I 220 14.39 25.22 56.71
C ILE I 220 13.86 26.34 57.58
N GLU I 221 12.57 26.29 57.91
CA GLU I 221 12.00 27.30 58.76
C GLU I 221 12.58 27.16 60.16
N ASP I 222 12.90 28.29 60.78
CA ASP I 222 13.46 28.26 62.12
C ASP I 222 12.30 28.26 63.10
N GLU I 223 11.57 27.15 63.12
CA GLU I 223 10.40 27.04 63.97
C GLU I 223 10.74 26.01 65.02
N GLN I 224 10.52 26.36 66.28
CA GLN I 224 10.88 25.45 67.37
C GLN I 224 10.09 24.14 67.35
N LEU I 225 10.80 23.06 67.65
CA LEU I 225 10.23 21.73 67.70
C LEU I 225 10.71 21.10 69.00
N THR I 226 9.91 20.19 69.55
CA THR I 226 10.33 19.52 70.76
C THR I 226 10.53 18.05 70.43
N LEU I 227 11.72 17.54 70.74
CA LEU I 227 12.05 16.16 70.45
C LEU I 227 11.97 15.34 71.71
N LEU I 228 11.27 14.21 71.66
CA LEU I 228 11.19 13.42 72.86
C LEU I 228 12.06 12.23 72.59
N ILE I 229 13.10 12.07 73.38
CA ILE I 229 14.02 10.98 73.19
C ILE I 229 14.03 10.05 74.38
N GLY I 230 13.57 8.84 74.16
CA GLY I 230 13.49 7.83 75.22
C GLY I 230 14.54 6.77 75.07
N ARG I 231 14.44 5.72 75.86
CA ARG I 231 15.38 4.60 75.78
C ARG I 231 15.16 3.80 74.51
N GLU I 232 13.90 3.63 74.08
CA GLU I 232 13.57 2.82 72.92
C GLU I 232 12.94 3.54 71.73
N LEU I 233 12.44 4.76 71.91
CA LEU I 233 11.80 5.45 70.79
C LEU I 233 12.06 6.94 70.74
N LEU I 234 11.88 7.52 69.57
CA LEU I 234 12.03 8.96 69.36
C LEU I 234 10.74 9.52 68.83
N ASN I 235 10.26 10.60 69.42
CA ASN I 235 9.01 11.21 69.00
C ASN I 235 9.16 12.67 68.66
N VAL I 236 8.43 13.13 67.66
CA VAL I 236 8.48 14.53 67.27
C VAL I 236 7.26 14.89 66.44
N THR I 237 6.58 15.95 66.83
CA THR I 237 5.40 16.41 66.11
C THR I 237 5.79 17.59 65.23
N ILE I 238 5.49 17.48 63.96
CA ILE I 238 5.85 18.48 62.98
C ILE I 238 4.65 19.04 62.23
N ASN I 239 4.60 20.35 62.13
CA ASN I 239 3.55 21.03 61.39
C ASN I 239 4.21 21.58 60.15
N THR I 240 3.61 21.34 59.00
CA THR I 240 4.23 21.72 57.73
C THR I 240 3.90 23.00 56.96
N PRO I 241 3.00 23.87 57.48
CA PRO I 241 2.74 25.06 56.68
C PRO I 241 3.99 25.94 56.57
N ASP I 249 -3.28 23.02 56.17
CA ASP I 249 -2.42 22.65 57.27
C ASP I 249 -2.43 21.15 57.55
N ILE I 250 -1.25 20.59 57.81
CA ILE I 250 -1.10 19.19 58.12
C ILE I 250 -0.05 18.99 59.21
N THR I 251 -0.42 18.21 60.21
CA THR I 251 0.44 17.92 61.33
C THR I 251 0.92 16.48 61.22
N VAL I 252 2.22 16.27 61.36
CA VAL I 252 2.76 14.94 61.27
C VAL I 252 3.45 14.58 62.57
N ARG I 253 3.10 13.42 63.12
CA ARG I 253 3.73 12.96 64.34
C ARG I 253 4.67 11.86 63.89
N PHE I 254 5.93 11.99 64.25
CA PHE I 254 6.95 11.04 63.86
C PHE I 254 7.38 10.19 65.04
N THR I 255 7.47 8.89 64.84
CA THR I 255 7.90 7.97 65.88
C THR I 255 8.85 6.98 65.25
N THR I 256 9.93 6.65 65.94
CA THR I 256 10.89 5.71 65.39
C THR I 256 11.50 4.87 66.48
N LYS I 257 11.77 3.62 66.17
CA LYS I 257 12.37 2.71 67.11
C LYS I 257 13.85 2.94 66.98
N LEU I 258 14.54 3.15 68.09
CA LEU I 258 15.97 3.40 68.07
C LEU I 258 16.77 2.11 67.97
N ILE I 259 17.98 2.22 67.45
CA ILE I 259 18.85 1.05 67.31
C ILE I 259 19.47 0.79 68.67
N ASP I 260 19.27 -0.43 69.14
CA ASP I 260 19.65 -0.83 70.50
C ASP I 260 21.12 -1.29 70.39
N GLY I 261 22.04 -0.34 70.48
CA GLY I 261 23.46 -0.66 70.41
C GLY I 261 24.27 0.37 71.17
N LYS I 262 25.58 0.24 71.09
CA LYS I 262 26.47 1.17 71.73
C LYS I 262 27.36 1.77 70.65
N PHE I 263 27.17 3.06 70.37
CA PHE I 263 27.96 3.72 69.34
C PHE I 263 29.40 3.82 69.83
N PRO I 264 30.37 3.58 68.94
CA PRO I 264 31.79 3.57 69.32
C PRO I 264 32.21 4.96 69.73
N ASP I 265 33.32 5.10 70.44
CA ASP I 265 33.69 6.43 70.89
C ASP I 265 34.26 7.19 69.72
N TYR I 266 33.47 8.12 69.23
CA TYR I 266 33.86 8.92 68.09
C TYR I 266 35.04 9.83 68.33
N ARG I 267 35.10 10.44 69.51
CA ARG I 267 36.17 11.39 69.81
C ARG I 267 37.57 10.80 69.74
N ARG I 268 37.73 9.54 70.14
CA ARG I 268 39.02 8.89 70.04
C ARG I 268 39.45 8.79 68.58
N VAL I 269 38.52 8.49 67.69
CA VAL I 269 38.76 8.37 66.26
C VAL I 269 39.19 9.67 65.60
N ILE I 270 38.63 10.80 66.01
CA ILE I 270 39.03 12.08 65.43
C ILE I 270 40.43 12.50 65.85
N PRO I 271 41.24 12.92 64.89
CA PRO I 271 42.60 13.40 65.18
C PRO I 271 42.59 14.88 65.48
N ARG I 272 42.54 15.24 66.76
CA ARG I 272 42.51 16.62 67.18
C ARG I 272 43.82 17.39 66.98
N GLY I 273 44.94 16.70 67.12
CA GLY I 273 46.23 17.34 66.96
C GLY I 273 47.01 16.93 65.73
N GLY I 274 47.02 17.81 64.72
CA GLY I 274 47.74 17.55 63.49
C GLY I 274 48.77 18.61 63.18
N ASP I 275 50.01 18.20 62.95
CA ASP I 275 51.10 19.12 62.64
C ASP I 275 51.01 19.90 61.33
N LYS I 276 50.47 19.27 60.29
CA LYS I 276 50.39 19.89 58.97
C LYS I 276 49.00 20.33 58.62
N HIS I 277 48.86 21.61 58.26
CA HIS I 277 47.58 22.20 57.93
C HIS I 277 47.56 22.82 56.53
N VAL I 278 46.62 22.45 55.70
CA VAL I 278 46.52 23.04 54.35
C VAL I 278 45.19 23.75 54.20
N LEU I 279 45.03 24.74 53.31
CA LEU I 279 43.80 25.40 52.92
C LEU I 279 43.73 25.44 51.39
N ILE I 280 42.61 24.99 50.83
CA ILE I 280 42.41 24.95 49.39
C ILE I 280 41.05 25.56 49.04
N GLY I 281 40.97 26.24 47.90
CA GLY I 281 39.71 26.82 47.47
C GLY I 281 38.78 25.67 47.22
N HIS I 282 37.55 25.78 47.69
CA HIS I 282 36.62 24.70 47.54
C HIS I 282 36.39 24.30 46.10
N ASP I 283 35.93 25.24 45.27
CA ASP I 283 35.64 24.92 43.88
C ASP I 283 36.85 24.36 43.18
N VAL I 284 38.00 24.98 43.37
CA VAL I 284 39.21 24.51 42.73
C VAL I 284 39.58 23.10 43.16
N PHE I 285 39.35 22.77 44.41
CA PHE I 285 39.67 21.44 44.92
C PHE I 285 38.77 20.42 44.28
N LYS I 286 37.49 20.74 44.22
CA LYS I 286 36.50 19.86 43.64
C LYS I 286 36.60 19.66 42.14
N GLN I 287 36.83 20.72 41.37
CA GLN I 287 36.91 20.54 39.93
C GLN I 287 38.07 19.67 39.53
N SER I 288 39.23 19.90 40.14
CA SER I 288 40.41 19.13 39.81
C SER I 288 40.30 17.69 40.30
N LEU I 289 39.67 17.50 41.45
CA LEU I 289 39.51 16.17 41.98
C LEU I 289 38.66 15.35 41.03
N GLN I 290 37.60 15.95 40.50
CA GLN I 290 36.75 15.24 39.56
C GLN I 290 37.48 14.89 38.26
N ARG I 291 38.29 15.80 37.74
CA ARG I 291 39.03 15.55 36.51
C ARG I 291 40.07 14.43 36.63
N VAL I 292 40.82 14.44 37.72
CA VAL I 292 41.84 13.44 37.93
C VAL I 292 41.24 12.05 38.15
N ALA I 293 40.09 12.00 38.80
CA ALA I 293 39.44 10.74 39.08
C ALA I 293 38.91 10.04 37.85
N ILE I 294 38.86 10.72 36.72
CA ILE I 294 38.34 10.10 35.51
C ILE I 294 39.19 8.93 35.08
N LEU I 295 40.50 9.09 35.21
CA LEU I 295 41.49 8.08 34.85
C LEU I 295 41.88 7.18 36.01
N SER I 296 41.19 7.29 37.12
CA SER I 296 41.47 6.48 38.28
C SER I 296 40.80 5.11 38.17
N ASN I 297 41.18 4.18 39.05
CA ASN I 297 40.59 2.86 39.01
C ASN I 297 39.12 3.00 39.32
N GLU I 298 38.28 2.37 38.51
CA GLU I 298 36.84 2.54 38.68
C GLU I 298 36.23 2.02 39.96
N LYS I 299 36.57 0.82 40.40
CA LYS I 299 36.00 0.38 41.66
C LYS I 299 36.60 1.13 42.84
N LEU I 300 37.93 1.22 42.84
CA LEU I 300 38.70 1.87 43.90
C LEU I 300 38.62 3.38 44.09
N ARG I 301 38.56 4.13 42.98
CA ARG I 301 38.53 5.59 42.99
C ARG I 301 39.69 6.21 43.73
N GLY I 302 40.87 5.66 43.58
CA GLY I 302 42.03 6.17 44.30
C GLY I 302 42.88 7.19 43.57
N VAL I 303 43.12 8.30 44.24
CA VAL I 303 43.91 9.40 43.70
C VAL I 303 44.98 9.75 44.72
N PHE I 304 46.16 10.13 44.25
CA PHE I 304 47.26 10.53 45.12
C PHE I 304 47.36 12.03 45.28
N LEU I 305 47.39 12.50 46.52
CA LEU I 305 47.55 13.92 46.79
C LEU I 305 48.96 14.17 47.29
N ASN I 306 49.72 14.94 46.54
CA ASN I 306 51.08 15.26 46.93
C ASN I 306 51.08 16.70 47.35
N PHE I 307 51.43 16.97 48.60
CA PHE I 307 51.43 18.33 49.09
C PHE I 307 52.85 18.84 49.13
N ASN I 308 53.10 19.99 48.54
CA ASN I 308 54.42 20.59 48.54
C ASN I 308 54.30 22.08 48.86
N GLN I 309 55.42 22.79 48.97
CA GLN I 309 55.33 24.20 49.29
C GLN I 309 54.46 24.97 48.30
N ASP I 310 53.27 25.37 48.74
CA ASP I 310 52.31 26.13 47.94
C ASP I 310 51.87 25.52 46.61
N SER I 311 51.75 24.21 46.57
CA SER I 311 51.33 23.49 45.38
C SER I 311 50.89 22.10 45.73
N LEU I 312 49.75 21.67 45.18
CA LEU I 312 49.24 20.34 45.42
C LEU I 312 49.13 19.66 44.09
N GLN I 313 49.61 18.43 44.02
CA GLN I 313 49.53 17.69 42.78
C GLN I 313 48.67 16.46 42.96
N LEU I 314 47.64 16.34 42.13
CA LEU I 314 46.76 15.19 42.18
C LEU I 314 47.13 14.30 41.03
N ARG I 315 47.35 13.03 41.34
CA ARG I 315 47.73 12.06 40.33
C ARG I 315 46.84 10.82 40.41
N ALA I 316 46.42 10.32 39.26
CA ALA I 316 45.62 9.12 39.22
C ALA I 316 45.93 8.26 38.03
N ASN I 317 45.83 6.96 38.24
CA ASN I 317 46.04 5.98 37.17
C ASN I 317 45.18 4.75 37.36
N ASN I 318 44.99 4.00 36.30
CA ASN I 318 44.21 2.77 36.38
C ASN I 318 45.08 1.62 35.92
N PRO I 319 44.49 0.43 35.84
CA PRO I 319 45.13 -0.82 35.41
C PRO I 319 45.60 -0.79 33.96
N GLU I 320 45.00 0.05 33.12
CA GLU I 320 45.37 0.18 31.71
C GLU I 320 46.48 1.18 31.44
N GLN I 321 47.04 1.65 32.54
CA GLN I 321 48.14 2.60 32.62
C GLN I 321 47.86 4.02 32.16
N ASP I 322 46.58 4.39 32.14
CA ASP I 322 46.20 5.74 31.78
C ASP I 322 46.55 6.63 32.96
N GLU I 323 46.88 7.89 32.71
CA GLU I 323 47.26 8.74 33.83
C GLU I 323 46.74 10.17 33.77
N ALA I 324 46.31 10.68 34.90
CA ALA I 324 45.84 12.05 35.01
C ALA I 324 46.65 12.79 36.06
N ILE I 325 47.13 13.98 35.73
CA ILE I 325 47.91 14.80 36.64
C ILE I 325 47.48 16.25 36.57
N GLU I 326 47.23 16.86 37.72
CA GLU I 326 46.86 18.27 37.77
C GLU I 326 47.52 18.95 38.96
N ASP I 327 47.76 20.25 38.81
CA ASP I 327 48.40 21.05 39.84
C ASP I 327 47.46 22.09 40.40
N LEU I 328 47.50 22.25 41.72
CA LEU I 328 46.64 23.21 42.40
C LEU I 328 47.44 24.15 43.29
N ALA I 329 46.90 25.35 43.51
CA ALA I 329 47.55 26.32 44.36
C ALA I 329 46.88 26.19 45.71
N ILE I 330 47.68 25.90 46.73
CA ILE I 330 47.16 25.74 48.07
C ILE I 330 48.00 26.55 49.02
N GLN I 331 47.51 26.70 50.24
CA GLN I 331 48.25 27.41 51.25
C GLN I 331 48.85 26.33 52.11
N TYR I 332 50.09 25.99 51.85
CA TYR I 332 50.74 24.95 52.62
C TYR I 332 52.19 25.31 52.70
N GLN I 333 52.74 25.30 53.90
CA GLN I 333 54.15 25.61 54.09
C GLN I 333 54.89 24.55 54.90
N SER I 334 54.24 23.44 55.19
CA SER I 334 54.84 22.39 55.98
C SER I 334 55.60 21.38 55.15
N ALA I 335 55.87 20.22 55.73
CA ALA I 335 56.62 19.17 55.06
C ALA I 335 55.85 18.44 53.97
N PRO I 336 56.53 18.08 52.88
CA PRO I 336 55.93 17.36 51.77
C PRO I 336 55.36 16.03 52.21
N LEU I 337 54.09 15.83 51.91
CA LEU I 337 53.41 14.62 52.27
C LEU I 337 52.67 14.10 51.06
N GLU I 338 52.77 12.82 50.81
CA GLU I 338 52.04 12.23 49.69
C GLU I 338 51.09 11.18 50.24
N MET I 339 49.81 11.34 49.93
CA MET I 339 48.82 10.45 50.46
C MET I 339 47.88 9.91 49.39
N SER I 340 47.27 8.77 49.69
CA SER I 340 46.32 8.14 48.80
C SER I 340 44.96 8.19 49.44
N PHE I 341 43.98 8.63 48.68
CA PHE I 341 42.62 8.75 49.18
C PHE I 341 41.62 8.20 48.20
N ASN I 342 40.45 7.83 48.71
CA ASN I 342 39.39 7.37 47.86
C ASN I 342 38.80 8.69 47.43
N ALA I 343 38.75 8.94 46.14
CA ALA I 343 38.28 10.22 45.64
C ALA I 343 36.86 10.51 46.04
N GLN I 344 35.99 9.52 46.01
CA GLN I 344 34.61 9.73 46.38
C GLN I 344 34.47 10.22 47.81
N TYR I 345 35.26 9.67 48.73
CA TYR I 345 35.17 10.08 50.12
C TYR I 345 35.42 11.57 50.25
N LEU I 346 36.46 12.05 49.60
CA LEU I 346 36.78 13.48 49.59
C LEU I 346 35.69 14.28 48.91
N LEU I 347 35.20 13.79 47.77
CA LEU I 347 34.10 14.47 47.06
C LEU I 347 32.83 14.51 47.91
N ASP I 348 32.59 13.47 48.69
CA ASP I 348 31.43 13.39 49.58
C ASP I 348 31.47 14.50 50.59
N VAL I 349 32.63 14.68 51.23
CA VAL I 349 32.86 15.75 52.21
C VAL I 349 32.69 17.13 51.57
N LEU I 350 33.31 17.35 50.41
CA LEU I 350 33.12 18.60 49.67
C LEU I 350 31.65 18.84 49.30
N GLY I 351 30.91 17.76 49.02
CA GLY I 351 29.45 17.81 48.79
C GLY I 351 28.67 18.56 49.86
N VAL I 352 29.13 18.48 51.10
CA VAL I 352 28.46 19.13 52.21
C VAL I 352 29.13 20.38 52.76
N LEU I 353 30.19 20.86 52.13
CA LEU I 353 30.87 22.04 52.63
C LEU I 353 30.48 23.29 51.85
N ASP I 354 29.64 24.10 52.48
CA ASP I 354 29.15 25.36 51.94
C ASP I 354 30.22 26.43 51.81
N GLY I 355 31.19 26.41 52.71
CA GLY I 355 32.26 27.38 52.73
C GLY I 355 33.13 27.45 51.49
N ASP I 356 33.64 28.65 51.23
CA ASP I 356 34.52 28.94 50.09
C ASP I 356 35.88 28.25 50.11
N ASP I 357 36.45 28.09 51.29
CA ASP I 357 37.74 27.43 51.41
C ASP I 357 37.67 26.18 52.28
N VAL I 358 38.47 25.19 51.92
CA VAL I 358 38.51 23.93 52.64
C VAL I 358 39.84 23.74 53.33
N ASN I 359 39.82 23.35 54.59
CA ASN I 359 41.09 23.14 55.28
C ASN I 359 41.30 21.74 55.77
N MET I 360 42.52 21.24 55.64
CA MET I 360 42.76 19.90 56.12
C MET I 360 43.95 19.87 57.05
N SER I 361 43.86 19.05 58.08
CA SER I 361 44.94 18.88 59.02
C SER I 361 45.42 17.45 58.91
N MET I 362 46.69 17.24 58.66
CA MET I 362 47.21 15.89 58.54
C MET I 362 48.41 15.73 59.46
N THR I 363 48.75 14.49 59.81
CA THR I 363 49.91 14.19 60.62
C THR I 363 50.90 13.32 59.85
N GLU I 364 50.43 12.18 59.37
CA GLU I 364 51.27 11.26 58.62
C GLU I 364 50.48 10.69 57.45
N ALA I 365 51.18 10.13 56.48
CA ALA I 365 50.57 9.58 55.29
C ALA I 365 49.62 8.43 55.57
N ASN I 366 49.97 7.57 56.52
CA ASN I 366 49.13 6.43 56.85
C ASN I 366 48.12 6.75 57.94
N GLN I 367 48.15 7.98 58.43
CA GLN I 367 47.24 8.42 59.46
C GLN I 367 46.02 9.14 58.90
N SER I 368 45.00 9.29 59.72
CA SER I 368 43.76 9.95 59.32
C SER I 368 43.90 11.44 59.10
N VAL I 369 42.99 11.99 58.32
CA VAL I 369 42.99 13.41 57.97
C VAL I 369 41.71 14.08 58.46
N LEU I 370 41.84 15.31 58.97
CA LEU I 370 40.70 16.08 59.47
C LEU I 370 40.35 17.17 58.47
N VAL I 371 39.09 17.19 58.04
CA VAL I 371 38.62 18.16 57.06
C VAL I 371 37.60 19.10 57.68
N GLN I 372 37.80 20.40 57.49
CA GLN I 372 36.88 21.36 58.08
C GLN I 372 36.58 22.54 57.18
N ASP I 373 35.72 23.40 57.67
CA ASP I 373 35.32 24.60 56.97
C ASP I 373 35.47 25.72 57.99
N PRO I 374 36.41 26.63 57.74
CA PRO I 374 36.67 27.74 58.65
C PRO I 374 35.41 28.50 58.99
N ALA I 375 34.65 28.86 57.97
CA ALA I 375 33.41 29.61 58.18
C ALA I 375 32.43 28.90 59.12
N HIS I 376 32.33 27.57 59.03
CA HIS I 376 31.42 26.78 59.89
C HIS I 376 32.20 25.77 60.74
N PRO I 377 32.59 26.17 61.98
CA PRO I 377 33.30 25.26 62.92
C PRO I 377 32.44 24.11 63.50
N ASP I 378 31.12 24.24 63.40
CA ASP I 378 30.16 23.18 63.80
C ASP I 378 30.31 21.82 63.08
N GLN I 379 30.78 21.83 61.84
CA GLN I 379 30.98 20.60 61.08
C GLN I 379 32.43 20.12 61.17
N THR I 380 32.59 18.82 61.32
CA THR I 380 33.89 18.16 61.41
C THR I 380 33.83 16.85 60.65
N TYR I 381 34.79 16.59 59.78
CA TYR I 381 34.84 15.37 58.99
C TYR I 381 36.22 14.73 59.10
N VAL I 382 36.26 13.40 59.08
CA VAL I 382 37.51 12.66 59.15
C VAL I 382 37.53 11.64 58.02
N VAL I 383 38.63 11.53 57.30
CA VAL I 383 38.73 10.58 56.20
C VAL I 383 40.01 9.76 56.31
N MET I 384 39.88 8.44 56.48
CA MET I 384 41.06 7.56 56.59
C MET I 384 41.64 7.36 55.20
N PRO I 385 42.96 7.32 55.07
CA PRO I 385 43.49 7.16 53.72
C PRO I 385 43.79 5.73 53.36
N MET I 386 44.14 5.50 52.11
CA MET I 386 44.47 4.18 51.62
C MET I 386 45.91 3.88 52.04
N ARG I 387 46.24 2.59 52.09
CA ARG I 387 47.56 2.08 52.47
C ARG I 387 48.26 2.85 53.60
N HIS J 4 57.38 8.96 9.23
CA HIS J 4 55.97 8.82 9.56
C HIS J 4 55.61 9.81 10.64
N HIS J 5 55.01 10.92 10.23
CA HIS J 5 54.60 11.98 11.14
C HIS J 5 53.46 11.55 12.05
N HIS J 6 53.43 12.09 13.27
CA HIS J 6 52.40 11.77 14.23
C HIS J 6 51.46 12.94 14.39
N MET J 7 50.25 12.67 14.84
CA MET J 7 49.27 13.73 14.97
C MET J 7 49.45 14.67 16.16
N ARG J 8 49.45 15.96 15.85
CA ARG J 8 49.54 17.00 16.83
C ARG J 8 48.36 17.91 16.49
N LEU J 9 47.56 18.27 17.48
CA LEU J 9 46.40 19.09 17.21
C LEU J 9 46.02 19.95 18.40
N LYS J 10 45.69 21.20 18.13
CA LYS J 10 45.29 22.13 19.18
C LYS J 10 43.90 22.60 18.79
N ILE J 11 42.90 22.31 19.62
CA ILE J 11 41.53 22.60 19.27
C ILE J 11 40.68 22.96 20.50
N ALA J 12 39.67 23.79 20.31
CA ALA J 12 38.80 24.17 21.42
C ALA J 12 38.00 22.97 21.91
N LYS J 13 37.73 22.95 23.22
CA LYS J 13 36.93 21.90 23.84
C LYS J 13 35.63 21.65 23.09
N GLU J 14 34.87 22.70 22.84
CA GLU J 14 33.53 22.58 22.24
C GLU J 14 33.59 22.11 20.78
N SER J 15 34.67 22.43 20.06
CA SER J 15 34.85 21.97 18.68
C SER J 15 35.03 20.45 18.66
N LEU J 16 36.00 19.95 19.41
CA LEU J 16 36.25 18.52 19.45
C LEU J 16 35.08 17.73 20.01
N LEU J 17 34.42 18.29 21.01
CA LEU J 17 33.30 17.61 21.66
C LEU J 17 32.10 17.51 20.72
N ASN J 18 31.89 18.55 19.90
CA ASN J 18 30.75 18.61 18.98
C ASN J 18 30.91 17.58 17.86
N VAL J 19 32.14 17.45 17.33
CA VAL J 19 32.43 16.45 16.32
C VAL J 19 32.27 15.04 16.91
N LEU J 20 32.79 14.85 18.12
CA LEU J 20 32.72 13.58 18.79
C LEU J 20 31.30 13.14 19.09
N SER J 21 30.49 14.07 19.57
CA SER J 21 29.11 13.77 19.91
C SER J 21 28.33 13.04 18.83
N HIS J 22 28.70 13.26 17.58
CA HIS J 22 28.00 12.66 16.46
C HIS J 22 28.38 11.24 16.15
N VAL J 23 29.56 10.85 16.58
CA VAL J 23 30.02 9.50 16.28
C VAL J 23 30.16 8.54 17.44
N VAL J 24 30.11 9.06 18.65
CA VAL J 24 30.28 8.25 19.85
C VAL J 24 29.11 7.31 20.16
N GLY J 25 27.91 7.64 19.72
CA GLY J 25 26.75 6.77 19.91
C GLY J 25 26.91 5.39 19.28
N ALA J 26 27.76 5.29 18.26
CA ALA J 26 27.96 4.03 17.56
C ALA J 26 29.13 3.24 18.09
N VAL J 27 29.63 3.61 19.25
CA VAL J 27 30.75 2.93 19.85
C VAL J 27 30.33 2.27 21.16
N GLU J 28 30.68 1.00 21.34
CA GLU J 28 30.30 0.34 22.58
C GLU J 28 31.48 0.14 23.52
N ARG J 29 31.21 0.19 24.81
CA ARG J 29 32.23 0.05 25.82
C ARG J 29 33.16 -1.12 25.63
N ARG J 30 32.57 -2.31 25.49
CA ARG J 30 33.34 -3.52 25.33
C ARG J 30 32.92 -4.14 24.02
N HIS J 31 33.89 -4.32 23.12
CA HIS J 31 33.64 -4.93 21.83
C HIS J 31 34.61 -6.08 21.69
N THR J 32 34.29 -7.07 20.86
CA THR J 32 35.20 -8.18 20.65
C THR J 32 36.53 -7.68 20.07
N LEU J 33 36.44 -6.74 19.11
CA LEU J 33 37.60 -6.13 18.50
C LEU J 33 37.86 -4.91 19.36
N ASN J 34 39.01 -4.89 20.00
CA ASN J 34 39.37 -3.81 20.92
C ASN J 34 39.44 -2.44 20.24
N ILE J 35 39.90 -2.42 19.00
CA ILE J 35 40.05 -1.18 18.23
C ILE J 35 38.78 -0.36 18.00
N LEU J 36 37.64 -1.02 17.84
CA LEU J 36 36.34 -0.37 17.66
C LEU J 36 35.83 0.41 18.88
N SER J 37 36.34 0.08 20.05
CA SER J 37 36.03 0.77 21.31
C SER J 37 36.57 2.21 21.22
N ASN J 38 37.68 2.40 20.53
CA ASN J 38 38.24 3.72 20.31
C ASN J 38 37.60 4.38 19.09
N VAL J 39 37.82 5.69 18.95
CA VAL J 39 37.36 6.47 17.82
C VAL J 39 38.59 6.72 16.99
N LYS J 40 38.44 6.70 15.68
CA LYS J 40 39.57 6.92 14.81
C LYS J 40 39.60 8.38 14.41
N ILE J 41 40.71 9.05 14.70
CA ILE J 41 40.85 10.47 14.41
C ILE J 41 41.90 10.74 13.36
N GLN J 42 41.51 11.44 12.31
CA GLN J 42 42.38 11.78 11.20
C GLN J 42 42.41 13.28 11.08
N THR J 43 43.58 13.85 10.86
CA THR J 43 43.67 15.30 10.66
C THR J 43 44.71 15.69 9.62
N ASN J 44 44.39 16.73 8.88
CA ASN J 44 45.34 17.43 8.01
C ASN J 44 45.08 18.92 8.20
N ALA J 45 45.81 19.76 7.47
CA ALA J 45 45.70 21.22 7.63
C ALA J 45 44.28 21.78 7.51
N GLN J 46 43.44 21.20 6.67
CA GLN J 46 42.10 21.74 6.47
C GLN J 46 40.94 21.09 7.18
N ALA J 47 41.04 19.82 7.49
CA ALA J 47 39.88 19.11 8.08
C ALA J 47 40.22 18.07 9.17
N LEU J 48 39.28 17.92 10.10
CA LEU J 48 39.30 16.90 11.14
C LEU J 48 38.22 15.89 10.78
N THR J 49 38.56 14.60 10.91
CA THR J 49 37.63 13.52 10.59
C THR J 49 37.67 12.45 11.67
N ILE J 50 36.56 12.25 12.37
CA ILE J 50 36.50 11.25 13.43
C ILE J 50 35.50 10.16 13.08
N THR J 51 35.92 8.92 13.25
CA THR J 51 35.10 7.77 12.94
C THR J 51 34.82 6.88 14.15
N GLY J 52 33.54 6.55 14.35
CA GLY J 52 33.14 5.66 15.42
C GLY J 52 32.29 4.55 14.83
N SER J 53 32.64 3.30 15.10
CA SER J 53 31.87 2.19 14.56
C SER J 53 31.80 0.96 15.45
N ASP J 54 30.71 0.21 15.34
CA ASP J 54 30.55 -1.04 16.07
C ASP J 54 30.53 -2.25 15.13
N LEU J 55 30.81 -1.96 13.86
CA LEU J 55 30.87 -2.87 12.68
C LEU J 55 29.52 -3.22 12.09
N GLU J 56 28.46 -2.67 12.67
CA GLU J 56 27.12 -2.86 12.15
C GLU J 56 26.69 -1.51 11.61
N VAL J 57 27.07 -0.47 12.32
CA VAL J 57 26.79 0.90 11.93
C VAL J 57 28.08 1.70 12.01
N GLU J 58 28.36 2.46 10.97
CA GLU J 58 29.57 3.26 10.91
C GLU J 58 29.25 4.73 10.69
N LEU J 59 29.81 5.60 11.52
CA LEU J 59 29.59 7.03 11.41
C LEU J 59 30.89 7.79 11.27
N VAL J 60 31.01 8.61 10.25
CA VAL J 60 32.20 9.43 10.07
C VAL J 60 31.80 10.88 10.07
N ALA J 61 32.29 11.64 11.06
CA ALA J 61 31.98 13.06 11.17
C ALA J 61 33.18 13.88 10.75
N SER J 62 32.98 14.85 9.87
CA SER J 62 34.04 15.71 9.37
C SER J 62 33.74 17.16 9.63
N THR J 63 34.77 17.98 9.64
CA THR J 63 34.59 19.39 9.88
C THR J 63 35.85 20.11 9.41
N ALA J 64 35.69 21.32 8.91
CA ALA J 64 36.84 22.10 8.49
C ALA J 64 37.51 22.62 9.75
N LEU J 65 38.80 22.83 9.68
CA LEU J 65 39.54 23.27 10.85
C LEU J 65 40.11 24.67 10.76
N SER J 66 40.37 25.24 11.93
CA SER J 66 40.98 26.56 12.04
C SER J 66 42.41 26.44 11.53
N GLU J 67 42.90 27.50 10.90
CA GLU J 67 44.21 27.47 10.26
C GLU J 67 45.37 26.98 11.12
N GLY J 68 45.43 27.37 12.38
CA GLY J 68 46.51 26.92 13.23
C GLY J 68 46.26 25.67 14.04
N ALA J 69 45.04 25.16 13.95
CA ALA J 69 44.62 23.98 14.71
C ALA J 69 45.43 22.69 14.52
N CYS J 70 45.72 22.34 13.28
CA CYS J 70 46.46 21.07 13.04
C CYS J 70 47.94 21.39 12.88
N LEU J 71 48.72 21.14 13.93
CA LEU J 71 50.15 21.39 13.88
C LEU J 71 50.81 20.31 13.05
N GLU J 72 50.47 19.06 13.32
CA GLU J 72 51.04 17.93 12.58
C GLU J 72 49.96 16.97 12.11
N ALA J 73 49.88 16.78 10.81
CA ALA J 73 48.91 15.88 10.23
C ALA J 73 49.21 14.44 10.59
N GLY J 74 48.18 13.64 10.79
CA GLY J 74 48.35 12.25 11.12
C GLY J 74 47.05 11.59 11.51
N GLU J 75 47.07 10.29 11.72
CA GLU J 75 45.90 9.54 12.14
C GLU J 75 46.20 8.60 13.30
N THR J 76 45.19 8.35 14.12
CA THR J 76 45.30 7.45 15.26
C THR J 76 43.94 7.07 15.80
N THR J 77 43.92 6.21 16.81
CA THR J 77 42.68 5.81 17.47
C THR J 77 42.81 6.01 18.97
N VAL J 78 41.81 6.64 19.59
CA VAL J 78 41.84 6.92 21.02
C VAL J 78 40.59 6.39 21.68
N PRO J 79 40.68 5.86 22.91
CA PRO J 79 39.52 5.35 23.67
C PRO J 79 38.39 6.37 23.69
N ALA J 80 37.31 6.08 22.99
CA ALA J 80 36.22 7.03 22.84
C ALA J 80 35.46 7.55 24.03
N ARG J 81 35.01 6.71 24.93
CA ARG J 81 34.30 7.22 26.09
C ARG J 81 35.18 8.00 27.04
N LYS J 82 36.41 7.52 27.20
CA LYS J 82 37.37 8.19 28.07
C LYS J 82 37.69 9.55 27.53
N LEU J 83 37.91 9.66 26.23
CA LEU J 83 38.22 10.93 25.59
C LEU J 83 37.08 11.92 25.78
N MET J 84 35.86 11.42 25.61
CA MET J 84 34.67 12.21 25.74
C MET J 84 34.51 12.76 27.15
N GLU J 85 34.71 11.93 28.15
CA GLU J 85 34.60 12.34 29.55
C GLU J 85 35.64 13.37 29.91
N ILE J 86 36.86 13.14 29.45
CA ILE J 86 37.97 14.05 29.71
C ILE J 86 37.65 15.43 29.16
N CYS J 87 37.15 15.50 27.92
CA CYS J 87 36.78 16.79 27.33
C CYS J 87 35.66 17.49 28.09
N LYS J 88 34.63 16.76 28.51
CA LYS J 88 33.52 17.33 29.28
C LYS J 88 33.91 17.89 30.64
N SER J 89 34.95 17.31 31.25
CA SER J 89 35.43 17.74 32.57
C SER J 89 36.20 19.05 32.55
N LEU J 90 36.70 19.45 31.37
CA LEU J 90 37.46 20.70 31.23
C LEU J 90 36.52 21.91 31.37
N PRO J 91 37.07 23.07 31.79
CA PRO J 91 36.24 24.28 31.90
C PRO J 91 35.79 24.81 30.55
N THR J 92 34.73 25.62 30.55
CA THR J 92 34.18 26.21 29.33
C THR J 92 35.26 27.02 28.60
N ALA J 93 35.26 26.93 27.27
CA ALA J 93 36.20 27.66 26.40
C ALA J 93 37.67 27.22 26.53
N ALA J 94 37.92 26.04 27.11
CA ALA J 94 39.27 25.54 27.30
C ALA J 94 39.88 25.15 25.96
N LEU J 95 41.21 25.12 25.92
CA LEU J 95 41.95 24.76 24.72
C LEU J 95 42.62 23.43 24.95
N ILE J 96 42.42 22.50 24.03
CA ILE J 96 43.00 21.18 24.17
C ILE J 96 44.16 20.97 23.22
N ASP J 97 45.25 20.44 23.74
CA ASP J 97 46.42 20.15 22.93
C ASP J 97 46.48 18.64 22.87
N LEU J 98 46.52 18.08 21.67
CA LEU J 98 46.58 16.64 21.53
C LEU J 98 47.88 16.21 20.89
N GLN J 99 48.59 15.32 21.55
CA GLN J 99 49.85 14.86 21.01
C GLN J 99 49.92 13.35 20.92
N ILE J 100 50.29 12.84 19.77
CA ILE J 100 50.42 11.40 19.61
C ILE J 100 51.89 11.09 19.48
N THR J 101 52.38 10.26 20.37
CA THR J 101 53.77 9.88 20.39
C THR J 101 53.99 8.66 19.53
N GLU J 102 55.25 8.23 19.46
CA GLU J 102 55.66 7.07 18.68
C GLU J 102 55.56 5.78 19.48
N ASP J 103 55.23 5.92 20.75
CA ASP J 103 55.08 4.84 21.69
C ASP J 103 53.63 4.48 21.91
N GLN J 104 52.78 4.98 21.02
CA GLN J 104 51.32 4.78 21.04
C GLN J 104 50.57 5.28 22.26
N ARG J 105 50.95 6.47 22.73
CA ARG J 105 50.29 7.10 23.85
C ARG J 105 49.66 8.41 23.38
N CYS J 106 48.49 8.77 23.88
CA CYS J 106 47.92 10.05 23.48
C CYS J 106 47.98 10.98 24.66
N ILE J 107 48.63 12.11 24.47
CA ILE J 107 48.77 13.08 25.53
C ILE J 107 47.88 14.28 25.25
N LEU J 108 47.02 14.56 26.20
CA LEU J 108 46.08 15.66 26.09
C LEU J 108 46.36 16.67 27.17
N LYS J 109 46.64 17.91 26.78
CA LYS J 109 46.94 18.94 27.76
C LYS J 109 45.99 20.12 27.65
N SER J 110 45.30 20.42 28.74
CA SER J 110 44.43 21.57 28.78
C SER J 110 44.67 22.21 30.14
N GLY J 111 44.93 23.51 30.18
CA GLY J 111 45.17 24.18 31.44
C GLY J 111 46.30 23.54 32.21
N ASN J 112 46.05 23.25 33.49
CA ASN J 112 47.03 22.63 34.36
C ASN J 112 46.89 21.12 34.33
N SER J 113 45.96 20.63 33.51
CA SER J 113 45.68 19.21 33.41
C SER J 113 46.39 18.47 32.29
N ARG J 114 46.97 17.33 32.63
CA ARG J 114 47.65 16.49 31.64
C ARG J 114 47.03 15.10 31.68
N PHE J 115 46.59 14.61 30.53
CA PHE J 115 45.97 13.30 30.44
C PHE J 115 46.68 12.40 29.46
N VAL J 116 46.91 11.16 29.84
CA VAL J 116 47.57 10.23 28.94
C VAL J 116 46.75 8.95 28.77
N LEU J 117 46.49 8.61 27.52
CA LEU J 117 45.71 7.44 27.18
C LEU J 117 46.48 6.62 26.17
N GLY J 118 46.16 5.35 26.07
CA GLY J 118 46.82 4.49 25.13
C GLY J 118 46.07 4.35 23.84
N THR J 119 46.78 4.47 22.73
CA THR J 119 46.15 4.34 21.44
C THR J 119 46.51 3.07 20.69
N LEU J 120 45.78 2.84 19.61
CA LEU J 120 46.04 1.71 18.73
C LEU J 120 46.20 2.21 17.29
N PRO J 121 46.96 1.45 16.46
CA PRO J 121 47.25 1.91 15.08
C PRO J 121 46.00 2.13 14.22
N ALA J 122 45.91 3.28 13.54
CA ALA J 122 44.74 3.60 12.72
C ALA J 122 44.36 2.76 11.50
N GLU J 123 45.34 2.14 10.87
CA GLU J 123 45.13 1.19 9.78
C GLU J 123 44.57 -0.23 10.17
N ASP J 124 44.59 -0.47 11.48
CA ASP J 124 44.04 -1.68 12.07
C ASP J 124 42.54 -1.44 12.28
N TYR J 125 42.09 -0.20 12.08
CA TYR J 125 40.68 0.11 12.23
C TYR J 125 39.91 -0.43 11.04
N PRO J 126 38.88 -1.24 11.30
CA PRO J 126 38.04 -1.85 10.28
C PRO J 126 36.92 -0.95 9.77
N LEU J 127 36.82 -0.81 8.45
CA LEU J 127 35.80 0.02 7.81
C LEU J 127 34.84 -0.88 7.02
N LEU J 128 33.59 -0.45 6.87
CA LEU J 128 32.60 -1.23 6.12
C LEU J 128 32.78 -1.10 4.63
N THR J 129 33.12 -2.19 3.98
CA THR J 129 33.31 -2.29 2.54
C THR J 129 32.30 -3.24 2.01
N THR J 130 31.96 -3.13 0.74
CA THR J 130 31.04 -4.05 0.12
C THR J 130 31.52 -4.38 -1.28
N GLU J 131 31.22 -5.59 -1.72
CA GLU J 131 31.57 -6.02 -3.06
C GLU J 131 30.43 -5.89 -4.05
N ASN J 132 29.20 -5.86 -3.55
CA ASN J 132 28.00 -5.83 -4.38
C ASN J 132 27.76 -4.62 -5.28
N SER J 133 27.55 -4.90 -6.56
CA SER J 133 27.25 -3.93 -7.59
C SER J 133 25.91 -3.21 -7.52
N GLN J 134 24.88 -3.89 -7.07
CA GLN J 134 23.57 -3.27 -7.01
C GLN J 134 23.60 -2.04 -6.12
N GLY J 135 23.00 -0.97 -6.60
CA GLY J 135 22.94 0.25 -5.86
C GLY J 135 21.66 0.96 -6.23
N THR J 136 20.82 1.22 -5.25
CA THR J 136 19.59 1.93 -5.53
C THR J 136 19.70 3.27 -4.87
N GLN J 137 19.29 4.31 -5.56
CA GLN J 137 19.40 5.63 -5.00
C GLN J 137 18.01 6.13 -4.72
N VAL J 138 17.77 6.53 -3.48
CA VAL J 138 16.47 7.04 -3.04
C VAL J 138 16.58 8.47 -2.57
N GLN J 139 15.67 9.31 -3.06
CA GLN J 139 15.65 10.73 -2.71
C GLN J 139 14.52 11.04 -1.76
N VAL J 140 14.86 11.38 -0.53
CA VAL J 140 13.89 11.70 0.49
C VAL J 140 14.48 12.76 1.40
N THR J 141 13.67 13.70 1.88
CA THR J 141 14.16 14.75 2.78
C THR J 141 14.45 14.25 4.19
N GLN J 142 15.24 15.01 4.94
CA GLN J 142 15.59 14.62 6.30
C GLN J 142 14.37 14.54 7.19
N ARG J 143 13.47 15.50 7.03
CA ARG J 143 12.26 15.54 7.81
C ARG J 143 11.43 14.30 7.54
N GLU J 144 11.31 13.94 6.27
CA GLU J 144 10.51 12.80 5.84
C GLU J 144 11.09 11.48 6.32
N LEU J 145 12.39 11.33 6.23
CA LEU J 145 13.07 10.13 6.68
C LEU J 145 13.01 9.95 8.19
N LYS J 146 13.15 11.05 8.92
CA LYS J 146 13.12 11.04 10.37
C LYS J 146 11.77 10.58 10.87
N ARG J 147 10.72 11.05 10.21
CA ARG J 147 9.36 10.71 10.56
C ARG J 147 9.04 9.23 10.39
N LEU J 148 9.61 8.59 9.37
CA LEU J 148 9.34 7.19 9.16
C LEU J 148 9.82 6.40 10.36
N PHE J 149 11.02 6.70 10.82
CA PHE J 149 11.60 6.07 11.99
C PHE J 149 10.87 6.42 13.26
N GLU J 150 10.46 7.68 13.37
CA GLU J 150 9.76 8.16 14.55
C GLU J 150 8.44 7.47 14.79
N LYS J 151 7.71 7.18 13.71
CA LYS J 151 6.42 6.54 13.85
C LYS J 151 6.44 5.02 13.87
N THR J 152 7.58 4.40 13.58
CA THR J 152 7.65 2.94 13.59
C THR J 152 8.66 2.28 14.51
N ALA J 153 9.55 3.04 15.12
CA ALA J 153 10.62 2.43 15.92
C ALA J 153 10.18 1.60 17.10
N PHE J 154 9.17 2.05 17.82
CA PHE J 154 8.72 1.36 19.01
C PHE J 154 8.31 -0.10 18.86
N ALA J 155 7.90 -0.48 17.66
CA ALA J 155 7.41 -1.86 17.41
C ALA J 155 8.49 -2.89 17.05
N MET J 156 9.75 -2.48 16.99
CA MET J 156 10.82 -3.41 16.70
C MET J 156 11.07 -4.26 17.92
N ALA J 157 11.43 -5.53 17.73
CA ALA J 157 11.72 -6.40 18.84
C ALA J 157 13.14 -6.14 19.29
N VAL J 158 13.45 -6.57 20.51
CA VAL J 158 14.80 -6.39 21.04
C VAL J 158 15.46 -7.71 21.40
N GLN J 159 16.66 -7.92 20.87
CA GLN J 159 17.46 -9.11 21.11
C GLN J 159 16.70 -10.43 20.87
N ASP J 160 15.97 -10.51 19.76
CA ASP J 160 15.23 -11.74 19.46
C ASP J 160 16.13 -12.66 18.66
N VAL J 161 15.81 -13.95 18.69
CA VAL J 161 16.59 -14.97 17.99
C VAL J 161 16.55 -14.74 16.48
N ARG J 162 15.39 -14.34 15.97
CA ARG J 162 15.22 -14.06 14.56
C ARG J 162 15.53 -12.60 14.27
N PHE J 163 16.54 -12.40 13.45
CA PHE J 163 17.07 -11.08 13.12
C PHE J 163 16.17 -10.07 12.43
N TYR J 164 15.30 -10.51 11.54
CA TYR J 164 14.42 -9.57 10.83
C TYR J 164 13.50 -8.77 11.77
N LEU J 165 13.05 -9.37 12.87
CA LEU J 165 12.22 -8.72 13.87
C LEU J 165 12.92 -7.52 14.51
N THR J 166 14.22 -7.62 14.69
CA THR J 166 15.00 -6.56 15.32
C THR J 166 15.41 -5.41 14.40
N GLY J 167 14.90 -5.38 13.19
CA GLY J 167 15.27 -4.30 12.30
C GLY J 167 14.08 -3.57 11.73
N THR J 168 14.36 -2.61 10.89
CA THR J 168 13.30 -1.85 10.27
C THR J 168 13.38 -2.10 8.78
N LEU J 169 12.24 -2.42 8.20
CA LEU J 169 12.19 -2.68 6.80
C LEU J 169 12.01 -1.38 6.06
N LEU J 170 12.98 -1.03 5.22
CA LEU J 170 12.86 0.14 4.41
C LEU J 170 12.57 -0.47 3.06
N GLU J 171 11.45 -0.11 2.48
CA GLU J 171 11.06 -0.67 1.21
C GLU J 171 10.70 0.42 0.25
N ILE J 172 11.24 0.36 -0.95
CA ILE J 172 10.96 1.39 -1.94
C ILE J 172 10.34 0.85 -3.22
N ASP J 173 9.04 1.03 -3.35
CA ASP J 173 8.28 0.58 -4.50
C ASP J 173 7.64 1.81 -5.11
N GLU J 174 7.72 1.94 -6.43
CA GLU J 174 7.17 3.09 -7.17
C GLU J 174 7.78 4.37 -6.60
N ASN J 175 6.92 5.31 -6.23
CA ASN J 175 7.41 6.55 -5.66
C ASN J 175 7.11 6.64 -4.18
N GLN J 176 7.00 5.48 -3.55
CA GLN J 176 6.74 5.42 -2.13
C GLN J 176 7.84 4.73 -1.37
N LEU J 177 8.31 5.36 -0.31
CA LEU J 177 9.31 4.77 0.55
C LEU J 177 8.55 4.51 1.83
N ARG J 178 8.64 3.30 2.35
CA ARG J 178 7.91 3.04 3.58
C ARG J 178 8.67 2.21 4.59
N ALA J 179 8.35 2.42 5.85
CA ALA J 179 9.02 1.73 6.95
C ALA J 179 8.07 0.82 7.67
N VAL J 180 8.50 -0.42 7.89
CA VAL J 180 7.70 -1.43 8.57
C VAL J 180 8.48 -2.03 9.72
N THR J 181 7.80 -2.21 10.86
CA THR J 181 8.42 -2.77 12.06
C THR J 181 7.46 -3.66 12.80
N THR J 182 7.95 -4.78 13.31
CA THR J 182 7.12 -5.73 14.04
C THR J 182 7.92 -6.64 14.98
N ASP J 183 7.36 -6.93 16.16
CA ASP J 183 8.02 -7.82 17.12
C ASP J 183 7.35 -9.19 17.35
N GLY J 184 6.22 -9.42 16.69
CA GLY J 184 5.50 -10.69 16.83
C GLY J 184 4.13 -10.60 17.48
N HIS J 185 3.80 -9.40 17.94
CA HIS J 185 2.56 -9.08 18.62
C HIS J 185 1.89 -7.82 18.09
N ARG J 186 2.60 -7.06 17.26
CA ARG J 186 2.06 -5.79 16.74
C ARG J 186 2.94 -5.34 15.59
N LEU J 187 2.45 -4.38 14.84
CA LEU J 187 3.10 -3.95 13.61
C LEU J 187 2.87 -2.46 13.44
N ALA J 188 3.89 -1.79 12.93
CA ALA J 188 3.82 -0.37 12.64
C ALA J 188 4.28 -0.16 11.22
N LEU J 189 3.62 0.74 10.52
CA LEU J 189 3.97 1.03 9.15
C LEU J 189 3.75 2.49 8.87
N CYS J 190 4.69 3.10 8.17
CA CYS J 190 4.59 4.51 7.82
C CYS J 190 5.15 4.64 6.42
N GLU J 191 4.57 5.51 5.63
CA GLU J 191 5.00 5.70 4.26
C GLU J 191 5.13 7.17 3.93
N ILE J 192 5.96 7.48 2.94
CA ILE J 192 6.18 8.83 2.51
C ILE J 192 6.55 8.79 1.05
N LEU J 193 6.41 9.93 0.38
CA LEU J 193 6.79 10.00 -1.02
C LEU J 193 8.29 10.06 -1.16
N ALA J 194 8.85 9.17 -1.96
CA ALA J 194 10.28 9.18 -2.22
C ALA J 194 10.57 8.94 -3.69
N SER J 195 11.44 9.74 -4.29
CA SER J 195 11.79 9.55 -5.68
C SER J 195 12.80 8.43 -5.73
N SER J 196 12.65 7.51 -6.65
CA SER J 196 13.59 6.39 -6.73
C SER J 196 14.19 6.11 -8.09
N THR J 197 15.41 5.59 -8.08
CA THR J 197 16.14 5.23 -9.28
C THR J 197 15.68 3.90 -9.85
N SER J 198 15.41 2.94 -8.98
CA SER J 198 15.00 1.61 -9.40
C SER J 198 13.61 1.55 -9.98
N SER J 199 13.41 0.68 -10.95
CA SER J 199 12.10 0.50 -11.54
C SER J 199 11.38 -0.71 -10.94
N GLN J 200 11.99 -1.28 -9.89
CA GLN J 200 11.43 -2.42 -9.17
C GLN J 200 11.55 -2.25 -7.67
N LEU J 201 10.74 -2.98 -6.93
CA LEU J 201 10.73 -2.89 -5.48
C LEU J 201 12.04 -3.33 -4.84
N VAL J 202 12.51 -2.56 -3.87
CA VAL J 202 13.77 -2.84 -3.19
C VAL J 202 13.50 -2.89 -1.70
N GLN J 203 14.19 -3.77 -1.00
CA GLN J 203 14.02 -3.94 0.43
C GLN J 203 15.38 -3.91 1.12
N ALA J 204 15.43 -3.22 2.24
CA ALA J 204 16.63 -3.11 3.03
C ALA J 204 16.20 -3.13 4.48
N ILE J 205 16.73 -4.05 5.25
CA ILE J 205 16.38 -4.11 6.65
C ILE J 205 17.52 -3.47 7.43
N VAL J 206 17.19 -2.41 8.15
CA VAL J 206 18.15 -1.63 8.91
C VAL J 206 18.15 -2.05 10.37
N PRO J 207 19.31 -2.40 10.91
CA PRO J 207 19.45 -2.81 12.31
C PRO J 207 18.86 -1.88 13.39
N ARG J 208 18.56 -2.43 14.55
CA ARG J 208 17.97 -1.61 15.60
C ARG J 208 18.88 -0.46 16.01
N LYS J 209 20.18 -0.72 16.16
CA LYS J 209 21.12 0.32 16.52
C LYS J 209 21.27 1.43 15.48
N ALA J 210 21.27 1.04 14.22
CA ALA J 210 21.41 1.97 13.11
C ALA J 210 20.25 2.94 13.04
N VAL J 211 19.05 2.43 13.29
CA VAL J 211 17.88 3.27 13.24
C VAL J 211 17.97 4.33 14.31
N GLY J 212 18.37 3.92 15.51
CA GLY J 212 18.47 4.85 16.61
C GLY J 212 19.41 6.00 16.32
N GLU J 213 20.59 5.67 15.80
CA GLU J 213 21.60 6.66 15.44
C GLU J 213 21.12 7.57 14.34
N LEU J 214 20.44 6.99 13.37
CA LEU J 214 19.91 7.74 12.25
C LEU J 214 18.87 8.73 12.74
N GLN J 215 18.02 8.31 13.67
CA GLN J 215 17.00 9.20 14.20
C GLN J 215 17.62 10.38 14.91
N ARG J 216 18.67 10.11 15.67
CA ARG J 216 19.38 11.13 16.42
C ARG J 216 20.02 12.13 15.50
N LEU J 217 20.65 11.64 14.43
CA LEU J 217 21.30 12.48 13.44
C LEU J 217 20.42 13.36 12.56
N LEU J 218 19.29 12.84 12.11
CA LEU J 218 18.40 13.58 11.23
C LEU J 218 17.70 14.73 11.91
N SER J 219 17.33 15.76 11.15
CA SER J 219 16.64 16.88 11.74
C SER J 219 15.35 17.11 11.03
N ILE J 220 14.55 18.04 11.54
CA ILE J 220 13.29 18.39 10.91
C ILE J 220 13.54 19.50 9.90
N GLU J 221 14.24 19.17 8.83
CA GLU J 221 14.53 20.13 7.80
C GLU J 221 14.23 19.48 6.48
N ASP J 222 13.71 20.24 5.52
CA ASP J 222 13.44 19.70 4.20
C ASP J 222 14.68 19.79 3.31
N GLU J 223 15.69 19.00 3.63
CA GLU J 223 16.93 18.97 2.90
C GLU J 223 16.94 17.64 2.21
N GLN J 224 17.13 17.66 0.89
CA GLN J 224 17.14 16.44 0.13
C GLN J 224 18.30 15.56 0.56
N LEU J 225 18.03 14.28 0.77
CA LEU J 225 19.05 13.32 1.13
C LEU J 225 19.10 12.30 0.03
N THR J 226 20.24 11.66 -0.11
CA THR J 226 20.41 10.64 -1.12
C THR J 226 20.81 9.34 -0.47
N LEU J 227 19.83 8.47 -0.27
CA LEU J 227 20.08 7.17 0.35
C LEU J 227 20.59 6.23 -0.72
N LEU J 228 21.67 5.54 -0.42
CA LEU J 228 22.24 4.54 -1.30
C LEU J 228 21.98 3.18 -0.69
N ILE J 229 21.00 2.44 -1.20
CA ILE J 229 20.63 1.13 -0.68
C ILE J 229 21.21 0.05 -1.58
N GLY J 230 22.08 -0.78 -1.03
CA GLY J 230 22.67 -1.86 -1.78
C GLY J 230 22.19 -3.18 -1.25
N ARG J 231 22.82 -4.25 -1.67
CA ARG J 231 22.41 -5.57 -1.20
C ARG J 231 22.94 -5.81 0.20
N GLU J 232 24.10 -5.24 0.50
CA GLU J 232 24.69 -5.46 1.81
C GLU J 232 24.85 -4.23 2.68
N LEU J 233 24.70 -3.04 2.12
CA LEU J 233 24.88 -1.83 2.91
C LEU J 233 23.95 -0.69 2.56
N LEU J 234 23.73 0.20 3.51
CA LEU J 234 22.94 1.41 3.28
C LEU J 234 23.83 2.61 3.64
N ASN J 235 23.90 3.58 2.74
CA ASN J 235 24.75 4.75 2.87
C ASN J 235 23.93 6.03 2.80
N VAL J 236 24.30 7.02 3.59
CA VAL J 236 23.74 8.35 3.45
C VAL J 236 24.71 9.37 4.04
N THR J 237 24.84 10.52 3.39
CA THR J 237 25.63 11.63 3.88
C THR J 237 24.67 12.70 4.38
N ILE J 238 24.89 13.17 5.59
CA ILE J 238 24.01 14.13 6.26
C ILE J 238 24.82 15.33 6.68
N ASN J 239 24.22 16.50 6.43
CA ASN J 239 24.78 17.79 6.81
C ASN J 239 24.01 18.24 8.03
N THR J 240 24.71 18.57 9.10
CA THR J 240 24.06 18.97 10.33
C THR J 240 24.02 20.53 10.32
N PRO J 241 22.84 21.11 10.64
CA PRO J 241 22.75 22.54 10.92
C PRO J 241 23.70 23.17 12.01
N SER J 242 24.66 23.96 11.57
CA SER J 242 25.56 24.63 12.50
C SER J 242 24.81 25.70 13.31
N ARG J 243 24.96 25.67 14.64
CA ARG J 243 24.32 26.66 15.50
C ARG J 243 25.16 27.58 16.35
N ASP J 244 26.41 27.22 16.58
CA ASP J 244 27.28 28.03 17.44
C ASP J 244 28.18 28.87 16.54
N LYS J 245 27.93 28.80 15.25
CA LYS J 245 28.75 29.52 14.28
C LYS J 245 30.27 29.39 14.46
N GLU J 246 30.64 28.13 14.40
CA GLU J 246 32.01 27.66 14.48
C GLU J 246 32.47 27.51 13.02
N GLN J 247 33.56 26.78 12.79
CA GLN J 247 33.90 26.48 11.39
C GLN J 247 32.77 25.56 10.93
N GLY J 248 32.43 24.59 11.77
CA GLY J 248 31.26 23.79 11.59
C GLY J 248 31.16 23.13 10.27
N ASP J 249 29.95 23.22 9.72
CA ASP J 249 29.60 22.55 8.48
C ASP J 249 29.97 21.07 8.69
N ILE J 250 29.44 20.47 9.77
CA ILE J 250 29.75 19.11 10.15
C ILE J 250 28.99 18.17 9.26
N THR J 251 29.71 17.35 8.54
CA THR J 251 29.04 16.41 7.64
C THR J 251 29.30 15.03 8.20
N VAL J 252 28.27 14.22 8.28
CA VAL J 252 28.38 12.88 8.85
C VAL J 252 28.05 11.87 7.76
N ARG J 253 28.95 10.94 7.50
CA ARG J 253 28.71 9.87 6.53
C ARG J 253 28.26 8.67 7.33
N PHE J 254 27.07 8.18 7.03
CA PHE J 254 26.42 7.11 7.78
C PHE J 254 26.45 5.85 6.91
N THR J 255 26.87 4.73 7.49
CA THR J 255 26.90 3.45 6.79
C THR J 255 26.44 2.35 7.74
N THR J 256 25.57 1.47 7.28
CA THR J 256 25.10 0.36 8.11
C THR J 256 25.03 -0.94 7.32
N LYS J 257 25.45 -2.02 7.96
CA LYS J 257 25.36 -3.37 7.44
C LYS J 257 23.91 -3.80 7.57
N LEU J 258 23.27 -4.09 6.45
CA LEU J 258 21.88 -4.48 6.42
C LEU J 258 21.68 -5.88 6.93
N ILE J 259 20.49 -6.15 7.45
CA ILE J 259 20.18 -7.46 7.97
C ILE J 259 19.95 -8.45 6.85
N ASP J 260 20.63 -9.58 6.96
CA ASP J 260 20.57 -10.66 6.00
C ASP J 260 19.42 -11.58 6.33
N GLY J 261 18.22 -11.16 5.99
CA GLY J 261 17.01 -11.95 6.23
C GLY J 261 15.97 -11.61 5.19
N LYS J 262 14.80 -12.22 5.34
CA LYS J 262 13.67 -12.00 4.48
C LYS J 262 12.54 -11.51 5.35
N PHE J 263 12.17 -10.24 5.21
CA PHE J 263 11.06 -9.70 6.02
C PHE J 263 9.78 -10.35 5.55
N PRO J 264 8.85 -10.67 6.48
CA PRO J 264 7.58 -11.27 6.06
C PRO J 264 6.78 -10.35 5.17
N ASP J 265 5.86 -10.93 4.42
CA ASP J 265 4.98 -10.18 3.56
C ASP J 265 4.01 -9.47 4.48
N TYR J 266 4.31 -8.24 4.83
CA TYR J 266 3.45 -7.50 5.74
C TYR J 266 2.06 -7.16 5.21
N ARG J 267 1.87 -7.17 3.90
CA ARG J 267 0.56 -6.83 3.34
C ARG J 267 -0.53 -7.73 3.88
N ARG J 268 -0.20 -9.01 4.01
CA ARG J 268 -1.13 -10.03 4.50
C ARG J 268 -1.58 -9.80 5.93
N VAL J 269 -0.67 -9.40 6.81
CA VAL J 269 -1.01 -9.17 8.21
C VAL J 269 -1.98 -8.02 8.50
N ILE J 270 -1.87 -6.94 7.75
CA ILE J 270 -2.74 -5.79 7.90
C ILE J 270 -4.12 -6.17 7.41
N PRO J 271 -5.15 -6.05 8.26
CA PRO J 271 -6.47 -6.45 7.80
C PRO J 271 -7.10 -5.38 6.93
N ARG J 272 -7.27 -5.70 5.65
CA ARG J 272 -7.80 -4.76 4.68
C ARG J 272 -9.22 -4.28 4.98
N GLY J 273 -10.09 -5.21 5.35
CA GLY J 273 -11.46 -4.84 5.62
C GLY J 273 -11.94 -5.15 7.01
N GLY J 274 -12.51 -4.14 7.66
CA GLY J 274 -13.04 -4.28 9.00
C GLY J 274 -14.51 -3.93 9.00
N ASP J 275 -15.32 -4.83 9.52
CA ASP J 275 -16.76 -4.64 9.58
C ASP J 275 -17.17 -3.45 10.44
N LYS J 276 -16.50 -3.29 11.58
CA LYS J 276 -16.83 -2.22 12.50
C LYS J 276 -15.71 -1.19 12.68
N HIS J 277 -16.07 0.08 12.56
CA HIS J 277 -15.11 1.16 12.73
C HIS J 277 -15.47 1.97 13.95
N VAL J 278 -14.49 2.14 14.83
CA VAL J 278 -14.69 2.89 16.05
C VAL J 278 -13.87 4.16 16.01
N LEU J 279 -14.48 5.27 16.37
CA LEU J 279 -13.76 6.53 16.41
C LEU J 279 -13.78 7.04 17.84
N ILE J 280 -12.63 7.38 18.36
CA ILE J 280 -12.52 7.89 19.73
C ILE J 280 -11.61 9.11 19.79
N GLY J 281 -11.86 10.00 20.74
CA GLY J 281 -11.02 11.16 20.93
C GLY J 281 -9.72 10.62 21.48
N HIS J 282 -8.61 11.17 21.02
CA HIS J 282 -7.30 10.70 21.45
C HIS J 282 -7.07 10.84 22.94
N ASP J 283 -7.20 12.07 23.43
CA ASP J 283 -6.91 12.36 24.83
C ASP J 283 -7.80 11.54 25.78
N VAL J 284 -9.06 11.36 25.40
CA VAL J 284 -10.03 10.63 26.17
C VAL J 284 -9.64 9.19 26.23
N PHE J 285 -9.20 8.68 25.09
CA PHE J 285 -8.80 7.30 25.00
C PHE J 285 -7.60 7.04 25.90
N LYS J 286 -6.56 7.82 25.73
CA LYS J 286 -5.29 7.69 26.46
C LYS J 286 -5.49 7.78 27.98
N GLN J 287 -6.22 8.78 28.45
CA GLN J 287 -6.41 9.01 29.88
C GLN J 287 -7.18 7.86 30.53
N SER J 288 -8.28 7.46 29.94
CA SER J 288 -9.08 6.39 30.49
C SER J 288 -8.27 5.11 30.53
N LEU J 289 -7.57 4.86 29.43
CA LEU J 289 -6.79 3.65 29.31
C LEU J 289 -5.73 3.57 30.39
N GLN J 290 -5.09 4.69 30.68
CA GLN J 290 -4.07 4.71 31.71
C GLN J 290 -4.62 4.40 33.09
N ARG J 291 -5.79 4.96 33.41
CA ARG J 291 -6.40 4.73 34.71
C ARG J 291 -6.80 3.29 34.96
N VAL J 292 -7.44 2.68 33.96
CA VAL J 292 -7.87 1.29 34.08
C VAL J 292 -6.72 0.31 34.14
N ALA J 293 -5.62 0.66 33.49
CA ALA J 293 -4.46 -0.19 33.44
C ALA J 293 -3.77 -0.38 34.78
N ILE J 294 -3.87 0.61 35.65
CA ILE J 294 -3.23 0.56 36.94
C ILE J 294 -3.61 -0.68 37.73
N LEU J 295 -4.87 -1.05 37.67
CA LEU J 295 -5.35 -2.22 38.40
C LEU J 295 -5.18 -3.54 37.65
N SER J 296 -4.60 -3.50 36.46
CA SER J 296 -4.43 -4.71 35.67
C SER J 296 -3.25 -5.57 36.10
N ASN J 297 -3.02 -6.67 35.40
CA ASN J 297 -1.91 -7.52 35.77
C ASN J 297 -0.65 -6.71 35.53
N GLU J 298 0.27 -6.77 36.48
CA GLU J 298 1.45 -5.95 36.40
C GLU J 298 2.37 -6.21 35.23
N LYS J 299 2.67 -7.47 34.93
CA LYS J 299 3.55 -7.77 33.82
C LYS J 299 2.80 -7.88 32.49
N LEU J 300 1.71 -8.64 32.50
CA LEU J 300 0.92 -8.87 31.30
C LEU J 300 0.22 -7.62 30.77
N ARG J 301 -0.18 -6.73 31.67
CA ARG J 301 -0.85 -5.48 31.34
C ARG J 301 -2.08 -5.64 30.46
N GLY J 302 -2.90 -6.63 30.75
CA GLY J 302 -4.10 -6.88 29.96
C GLY J 302 -5.38 -6.22 30.43
N VAL J 303 -6.10 -5.61 29.51
CA VAL J 303 -7.36 -4.95 29.80
C VAL J 303 -8.42 -5.43 28.82
N PHE J 304 -9.68 -5.18 29.17
CA PHE J 304 -10.80 -5.58 28.35
C PHE J 304 -11.56 -4.41 27.78
N LEU J 305 -11.72 -4.39 26.47
CA LEU J 305 -12.46 -3.33 25.82
C LEU J 305 -13.75 -3.92 25.29
N ASN J 306 -14.88 -3.51 25.84
CA ASN J 306 -16.16 -4.00 25.40
C ASN J 306 -16.79 -2.87 24.61
N PHE J 307 -17.16 -3.16 23.38
CA PHE J 307 -17.75 -2.15 22.52
C PHE J 307 -19.25 -2.26 22.45
N ASN J 308 -19.92 -1.16 22.71
CA ASN J 308 -21.38 -1.06 22.62
C ASN J 308 -21.73 0.21 21.84
N GLN J 309 -22.99 0.41 21.50
CA GLN J 309 -23.32 1.62 20.74
C GLN J 309 -22.97 2.89 21.50
N ASP J 310 -22.09 3.71 20.90
CA ASP J 310 -21.69 4.98 21.47
C ASP J 310 -21.21 4.90 22.91
N SER J 311 -20.56 3.79 23.26
CA SER J 311 -20.02 3.61 24.60
C SER J 311 -18.97 2.53 24.64
N LEU J 312 -17.85 2.83 25.30
CA LEU J 312 -16.75 1.89 25.43
C LEU J 312 -16.49 1.69 26.90
N GLN J 313 -16.46 0.45 27.34
CA GLN J 313 -16.19 0.14 28.73
C GLN J 313 -14.82 -0.48 28.80
N LEU J 314 -13.96 0.09 29.65
CA LEU J 314 -12.63 -0.46 29.83
C LEU J 314 -12.61 -1.13 31.19
N ARG J 315 -12.25 -2.40 31.21
CA ARG J 315 -12.22 -3.13 32.45
C ARG J 315 -10.92 -3.86 32.65
N ALA J 316 -10.38 -3.76 33.86
CA ALA J 316 -9.12 -4.42 34.19
C ALA J 316 -9.18 -5.02 35.60
N ASN J 317 -8.44 -6.10 35.80
CA ASN J 317 -8.37 -6.74 37.11
C ASN J 317 -7.10 -7.55 37.26
N ASN J 318 -6.71 -7.79 38.50
CA ASN J 318 -5.46 -8.48 38.82
C ASN J 318 -5.64 -9.66 39.75
N PRO J 319 -4.52 -10.28 40.14
CA PRO J 319 -4.34 -11.44 41.02
C PRO J 319 -4.90 -11.17 42.42
N GLU J 320 -4.80 -9.92 42.87
CA GLU J 320 -5.32 -9.48 44.17
C GLU J 320 -6.81 -9.12 44.16
N GLN J 321 -7.42 -9.23 42.97
CA GLN J 321 -8.84 -9.00 42.67
C GLN J 321 -9.32 -7.55 42.62
N ASP J 322 -8.39 -6.61 42.53
CA ASP J 322 -8.76 -5.22 42.42
C ASP J 322 -9.33 -5.03 41.02
N GLU J 323 -10.36 -4.21 40.89
CA GLU J 323 -10.97 -3.98 39.57
C GLU J 323 -11.15 -2.51 39.22
N ALA J 324 -10.81 -2.15 37.99
CA ALA J 324 -10.98 -0.78 37.53
C ALA J 324 -11.92 -0.77 36.34
N ILE J 325 -12.95 0.07 36.41
CA ILE J 325 -13.91 0.16 35.32
C ILE J 325 -14.21 1.60 34.92
N GLU J 326 -14.21 1.88 33.62
CA GLU J 326 -14.52 3.22 33.16
C GLU J 326 -15.27 3.17 31.82
N ASP J 327 -16.26 4.05 31.66
CA ASP J 327 -17.03 4.10 30.43
C ASP J 327 -16.79 5.42 29.75
N LEU J 328 -16.46 5.40 28.46
CA LEU J 328 -16.22 6.62 27.71
C LEU J 328 -16.97 6.65 26.39
N ALA J 329 -17.33 7.85 25.95
CA ALA J 329 -18.05 8.01 24.70
C ALA J 329 -17.20 7.74 23.47
N ILE J 330 -17.73 6.92 22.56
CA ILE J 330 -17.05 6.57 21.32
C ILE J 330 -18.10 6.58 20.23
N GLN J 331 -17.69 6.83 19.00
CA GLN J 331 -18.62 6.83 17.88
C GLN J 331 -18.72 5.43 17.29
N TYR J 332 -19.56 4.59 17.88
CA TYR J 332 -19.72 3.23 17.40
C TYR J 332 -21.18 2.87 17.24
N GLN J 333 -21.55 2.44 16.04
CA GLN J 333 -22.93 2.03 15.78
C GLN J 333 -23.07 0.58 15.32
N SER J 334 -21.96 -0.12 15.17
CA SER J 334 -22.03 -1.50 14.73
C SER J 334 -22.28 -2.44 15.90
N ALA J 335 -22.40 -3.72 15.60
CA ALA J 335 -22.68 -4.71 16.62
C ALA J 335 -21.52 -4.82 17.60
N PRO J 336 -21.85 -4.97 18.89
CA PRO J 336 -20.91 -5.07 20.02
C PRO J 336 -19.96 -6.26 20.01
N LEU J 337 -18.73 -6.01 20.43
CA LEU J 337 -17.69 -7.02 20.50
C LEU J 337 -16.87 -6.82 21.77
N GLU J 338 -16.33 -7.91 22.32
CA GLU J 338 -15.50 -7.82 23.51
C GLU J 338 -14.10 -8.32 23.19
N MET J 339 -13.08 -7.54 23.52
CA MET J 339 -11.72 -7.93 23.23
C MET J 339 -10.77 -7.66 24.39
N SER J 340 -9.67 -8.41 24.41
CA SER J 340 -8.66 -8.27 25.44
C SER J 340 -7.39 -7.75 24.79
N PHE J 341 -6.84 -6.68 25.33
CA PHE J 341 -5.63 -6.11 24.76
C PHE J 341 -4.57 -5.86 25.79
N ASN J 342 -3.36 -5.62 25.31
CA ASN J 342 -2.26 -5.30 26.19
C ASN J 342 -2.33 -3.79 26.28
N ALA J 343 -2.40 -3.27 27.49
CA ALA J 343 -2.54 -1.84 27.68
C ALA J 343 -1.36 -1.07 27.09
N GLN J 344 -0.17 -1.61 27.28
CA GLN J 344 1.03 -0.95 26.77
C GLN J 344 1.02 -0.85 25.25
N TYR J 345 0.61 -1.91 24.57
CA TYR J 345 0.63 -1.90 23.11
C TYR J 345 -0.27 -0.81 22.54
N LEU J 346 -1.43 -0.61 23.14
CA LEU J 346 -2.34 0.42 22.69
C LEU J 346 -1.74 1.78 23.00
N LEU J 347 -1.29 1.95 24.24
CA LEU J 347 -0.67 3.20 24.67
C LEU J 347 0.52 3.58 23.78
N ASP J 348 1.32 2.59 23.37
CA ASP J 348 2.45 2.84 22.47
C ASP J 348 2.00 3.43 21.12
N VAL J 349 0.91 2.92 20.59
CA VAL J 349 0.36 3.40 19.32
C VAL J 349 -0.20 4.80 19.45
N LEU J 350 -0.82 5.07 20.59
CA LEU J 350 -1.39 6.38 20.88
C LEU J 350 -0.33 7.47 20.95
N GLY J 351 0.83 7.11 21.49
CA GLY J 351 1.93 8.04 21.65
C GLY J 351 2.42 8.65 20.36
N VAL J 352 2.44 7.87 19.30
CA VAL J 352 2.90 8.35 18.01
C VAL J 352 1.83 8.89 17.06
N LEU J 353 0.57 8.82 17.41
CA LEU J 353 -0.49 9.28 16.51
C LEU J 353 -0.63 10.77 16.09
N ASP J 354 -0.51 11.69 17.03
CA ASP J 354 -0.59 13.15 16.80
C ASP J 354 -1.90 13.66 16.20
N GLY J 355 -2.97 12.90 16.32
CA GLY J 355 -4.26 13.34 15.81
C GLY J 355 -5.32 13.42 16.87
N ASP J 356 -6.29 14.32 16.71
CA ASP J 356 -7.36 14.47 17.68
C ASP J 356 -8.16 13.19 17.88
N ASP J 357 -8.46 12.52 16.78
CA ASP J 357 -9.20 11.28 16.84
C ASP J 357 -8.42 10.02 16.45
N VAL J 358 -8.87 8.87 16.94
CA VAL J 358 -8.25 7.57 16.68
C VAL J 358 -9.23 6.58 16.08
N ASN J 359 -8.80 5.83 15.08
CA ASN J 359 -9.67 4.86 14.45
C ASN J 359 -9.25 3.44 14.69
N MET J 360 -10.21 2.61 15.07
CA MET J 360 -9.96 1.23 15.29
C MET J 360 -10.96 0.47 14.45
N SER J 361 -10.46 -0.43 13.63
CA SER J 361 -11.32 -1.23 12.78
C SER J 361 -11.12 -2.67 13.15
N MET J 362 -12.20 -3.38 13.46
CA MET J 362 -12.09 -4.77 13.86
C MET J 362 -12.96 -5.71 13.05
N THR J 363 -12.84 -6.98 13.40
CA THR J 363 -13.62 -8.02 12.78
C THR J 363 -14.12 -8.92 13.90
N GLU J 364 -13.22 -9.68 14.49
CA GLU J 364 -13.59 -10.57 15.58
C GLU J 364 -12.62 -10.52 16.76
N ALA J 365 -13.13 -10.83 17.93
CA ALA J 365 -12.37 -10.82 19.18
C ALA J 365 -11.09 -11.61 19.10
N ASN J 366 -11.09 -12.64 18.27
CA ASN J 366 -9.91 -13.46 18.10
C ASN J 366 -8.93 -12.97 17.00
N GLN J 367 -9.24 -11.84 16.33
CA GLN J 367 -8.43 -11.36 15.22
C GLN J 367 -7.86 -9.97 15.50
N SER J 368 -6.85 -9.61 14.72
CA SER J 368 -6.17 -8.33 14.83
C SER J 368 -7.07 -7.12 14.67
N VAL J 369 -6.54 -5.98 15.07
CA VAL J 369 -7.24 -4.72 15.00
C VAL J 369 -6.31 -3.72 14.30
N LEU J 370 -6.90 -2.85 13.50
CA LEU J 370 -6.20 -1.83 12.78
C LEU J 370 -6.46 -0.52 13.43
N VAL J 371 -5.36 0.15 13.78
CA VAL J 371 -5.36 1.44 14.42
C VAL J 371 -4.84 2.52 13.50
N GLN J 372 -5.61 3.60 13.36
CA GLN J 372 -5.27 4.71 12.47
C GLN J 372 -5.71 6.09 12.93
N ASP J 373 -5.17 7.11 12.28
CA ASP J 373 -5.51 8.51 12.52
C ASP J 373 -6.10 9.04 11.22
N PRO J 374 -7.36 9.47 11.25
CA PRO J 374 -7.99 9.94 9.99
C PRO J 374 -7.20 11.09 9.32
N ALA J 375 -6.68 12.00 10.12
CA ALA J 375 -5.91 13.13 9.61
C ALA J 375 -4.62 12.68 8.86
N HIS J 376 -4.02 11.60 9.32
CA HIS J 376 -2.81 11.08 8.71
C HIS J 376 -3.00 9.65 8.25
N PRO J 377 -3.34 9.46 6.97
CA PRO J 377 -3.48 8.10 6.40
C PRO J 377 -2.16 7.34 6.13
N ASP J 378 -1.05 8.05 6.21
CA ASP J 378 0.26 7.47 5.99
C ASP J 378 0.70 6.50 7.08
N GLN J 379 0.16 6.65 8.29
CA GLN J 379 0.51 5.76 9.39
C GLN J 379 -0.55 4.70 9.62
N THR J 380 -0.11 3.45 9.72
CA THR J 380 -1.02 2.32 9.97
C THR J 380 -0.38 1.45 11.05
N TYR J 381 -1.18 1.06 12.04
CA TYR J 381 -0.73 0.22 13.13
C TYR J 381 -1.69 -0.96 13.33
N VAL J 382 -1.13 -2.10 13.68
CA VAL J 382 -1.89 -3.31 13.91
C VAL J 382 -1.49 -3.83 15.29
N VAL J 383 -2.49 -4.28 16.03
CA VAL J 383 -2.32 -4.83 17.36
C VAL J 383 -2.95 -6.20 17.39
N MET J 384 -2.21 -7.17 17.89
CA MET J 384 -2.72 -8.53 17.94
C MET J 384 -3.53 -8.77 19.19
N PRO J 385 -4.52 -9.66 19.13
CA PRO J 385 -5.27 -9.92 20.37
C PRO J 385 -4.43 -10.76 21.32
N MET J 386 -4.70 -10.66 22.62
CA MET J 386 -3.94 -11.41 23.62
C MET J 386 -4.15 -12.92 23.56
N ARG J 387 -3.10 -13.67 23.87
CA ARG J 387 -3.16 -15.12 23.86
C ARG J 387 -2.69 -15.69 25.18
N MET K 7 -15.78 -32.93 50.60
CA MET K 7 -14.79 -32.04 50.02
C MET K 7 -13.37 -32.43 50.41
N ARG K 8 -13.26 -33.41 51.28
CA ARG K 8 -11.96 -33.88 51.75
C ARG K 8 -11.37 -34.97 50.86
N LEU K 9 -10.19 -35.47 51.24
CA LEU K 9 -9.44 -36.56 50.55
C LEU K 9 -8.20 -36.96 51.32
N LYS K 10 -7.63 -38.11 50.98
CA LYS K 10 -6.38 -38.54 51.58
C LYS K 10 -5.62 -39.38 50.55
N ILE K 11 -4.57 -38.79 49.98
CA ILE K 11 -3.78 -39.42 48.93
C ILE K 11 -2.30 -39.46 49.32
N ALA K 12 -1.57 -40.50 48.92
CA ALA K 12 -0.15 -40.61 49.24
C ALA K 12 0.73 -39.55 48.57
N LYS K 13 1.94 -39.38 49.09
CA LYS K 13 2.84 -38.37 48.54
C LYS K 13 3.21 -38.64 47.10
N GLU K 14 3.58 -39.87 46.78
CA GLU K 14 3.93 -40.16 45.40
C GLU K 14 2.72 -40.05 44.49
N SER K 15 1.58 -40.53 44.96
CA SER K 15 0.40 -40.50 44.12
C SER K 15 -0.07 -39.14 43.67
N LEU K 16 -0.19 -38.19 44.59
CA LEU K 16 -0.65 -36.88 44.16
C LEU K 16 0.37 -36.09 43.34
N LEU K 17 1.63 -36.29 43.68
CA LEU K 17 2.72 -35.62 43.00
C LEU K 17 2.76 -36.12 41.56
N ASN K 18 2.57 -37.42 41.39
CA ASN K 18 2.60 -38.03 40.06
C ASN K 18 1.53 -37.48 39.14
N VAL K 19 0.26 -37.63 39.52
CA VAL K 19 -0.88 -37.09 38.75
C VAL K 19 -0.64 -35.63 38.39
N LEU K 20 -0.15 -34.89 39.37
CA LEU K 20 0.10 -33.48 39.18
C LEU K 20 1.13 -33.22 38.10
N SER K 21 2.24 -33.94 38.18
CA SER K 21 3.36 -33.76 37.24
C SER K 21 2.89 -33.76 35.76
N HIS K 22 1.87 -34.52 35.44
CA HIS K 22 1.35 -34.58 34.06
C HIS K 22 0.52 -33.37 33.62
N VAL K 23 0.00 -32.63 34.58
CA VAL K 23 -0.89 -31.53 34.28
C VAL K 23 -0.39 -30.12 34.54
N VAL K 24 0.66 -29.98 35.33
CA VAL K 24 1.20 -28.65 35.68
C VAL K 24 2.00 -27.98 34.58
N GLY K 25 2.43 -28.71 33.57
CA GLY K 25 3.16 -28.10 32.47
C GLY K 25 2.30 -27.10 31.71
N ALA K 26 0.99 -27.33 31.71
CA ALA K 26 0.03 -26.45 31.03
C ALA K 26 -0.43 -25.16 31.72
N VAL K 27 -0.17 -25.07 33.01
CA VAL K 27 -0.54 -23.89 33.78
C VAL K 27 0.56 -22.83 33.71
N GLU K 28 0.16 -21.60 33.49
CA GLU K 28 1.09 -20.50 33.38
C GLU K 28 1.11 -19.80 34.72
N ARG K 29 2.28 -19.41 35.19
CA ARG K 29 2.39 -18.73 36.48
C ARG K 29 1.63 -17.42 36.48
N ARG K 30 1.70 -16.69 35.38
CA ARG K 30 0.97 -15.45 35.25
C ARG K 30 -0.02 -15.60 34.11
N HIS K 31 -1.28 -15.31 34.37
CA HIS K 31 -2.31 -15.39 33.36
C HIS K 31 -3.22 -14.17 33.44
N THR K 32 -3.87 -13.84 32.33
CA THR K 32 -4.78 -12.71 32.28
C THR K 32 -5.93 -13.13 33.16
N LEU K 33 -6.31 -14.41 33.11
CA LEU K 33 -7.27 -14.92 34.08
C LEU K 33 -6.68 -15.60 35.30
N ASN K 34 -6.85 -14.99 36.46
CA ASN K 34 -6.24 -15.52 37.66
C ASN K 34 -6.60 -16.97 37.99
N ILE K 35 -7.81 -17.39 37.69
CA ILE K 35 -8.19 -18.74 38.03
C ILE K 35 -7.39 -19.82 37.32
N LEU K 36 -7.01 -19.56 36.07
CA LEU K 36 -6.24 -20.51 35.26
C LEU K 36 -4.90 -20.94 35.87
N SER K 37 -4.33 -20.08 36.71
CA SER K 37 -3.12 -20.34 37.48
C SER K 37 -3.39 -21.47 38.48
N ASN K 38 -4.63 -21.58 38.90
CA ASN K 38 -5.05 -22.60 39.85
C ASN K 38 -5.53 -23.86 39.16
N VAL K 39 -5.00 -25.01 39.59
CA VAL K 39 -5.42 -26.31 39.06
C VAL K 39 -6.83 -26.57 39.56
N LYS K 40 -7.66 -27.21 38.76
CA LYS K 40 -9.05 -27.47 39.15
C LYS K 40 -9.28 -28.93 39.50
N ILE K 41 -9.76 -29.20 40.71
CA ILE K 41 -10.01 -30.59 41.09
C ILE K 41 -11.41 -30.86 41.61
N GLN K 42 -12.13 -31.74 40.92
CA GLN K 42 -13.44 -32.19 41.36
C GLN K 42 -13.32 -33.60 41.97
N THR K 43 -12.13 -34.17 41.80
CA THR K 43 -11.78 -35.52 42.23
C THR K 43 -11.96 -35.79 43.72
N LEU K 48 -7.72 -38.15 39.93
CA LEU K 48 -8.66 -38.80 39.03
C LEU K 48 -9.47 -37.80 38.22
N THR K 49 -9.62 -36.58 38.75
CA THR K 49 -10.37 -35.52 38.07
C THR K 49 -9.67 -34.16 37.94
N ILE K 50 -8.41 -34.05 38.38
CA ILE K 50 -7.65 -32.76 38.38
C ILE K 50 -7.14 -32.25 37.03
N THR K 51 -7.52 -31.02 36.64
CA THR K 51 -7.20 -30.45 35.34
C THR K 51 -6.47 -29.11 35.35
N GLY K 52 -5.41 -28.98 34.55
CA GLY K 52 -4.68 -27.73 34.45
C GLY K 52 -4.63 -27.25 33.01
N SER K 53 -5.06 -26.03 32.76
CA SER K 53 -5.04 -25.49 31.40
C SER K 53 -4.81 -23.98 31.31
N ASP K 54 -4.19 -23.54 30.23
CA ASP K 54 -3.92 -22.12 30.02
C ASP K 54 -4.81 -21.52 28.93
N LEU K 55 -5.84 -22.28 28.56
CA LEU K 55 -6.87 -21.97 27.54
C LEU K 55 -6.43 -22.16 26.09
N GLU K 56 -5.21 -22.65 25.91
CA GLU K 56 -4.69 -22.96 24.60
C GLU K 56 -4.54 -24.47 24.54
N VAL K 57 -4.07 -25.01 25.66
CA VAL K 57 -3.87 -26.44 25.85
C VAL K 57 -4.53 -26.84 27.15
N GLU K 58 -5.29 -27.93 27.15
CA GLU K 58 -5.94 -28.40 28.35
C GLU K 58 -5.51 -29.81 28.71
N LEU K 59 -5.06 -30.03 29.94
CA LEU K 59 -4.64 -31.36 30.34
C LEU K 59 -5.39 -31.90 31.55
N VAL K 60 -5.91 -33.11 31.40
CA VAL K 60 -6.61 -33.80 32.48
C VAL K 60 -6.00 -35.16 32.71
N ALA K 61 -5.53 -35.42 33.93
CA ALA K 61 -4.90 -36.68 34.22
C ALA K 61 -5.67 -37.47 35.26
N SER K 62 -5.48 -38.78 35.24
CA SER K 62 -6.14 -39.64 36.21
C SER K 62 -5.28 -40.84 36.54
N THR K 63 -5.51 -41.35 37.75
CA THR K 63 -4.87 -42.54 38.29
C THR K 63 -5.84 -43.15 39.29
N ALA K 64 -5.66 -44.44 39.59
CA ALA K 64 -6.52 -45.07 40.57
C ALA K 64 -5.74 -45.31 41.85
N LEU K 65 -6.17 -44.70 42.94
CA LEU K 65 -5.52 -44.86 44.23
C LEU K 65 -5.99 -46.12 44.94
N SER K 66 -5.17 -46.65 45.84
CA SER K 66 -5.55 -47.86 46.56
C SER K 66 -6.79 -47.57 47.40
N GLU K 67 -6.78 -46.44 48.07
CA GLU K 67 -7.91 -45.98 48.86
C GLU K 67 -8.47 -46.96 49.89
N GLY K 68 -9.79 -47.05 49.93
CA GLY K 68 -10.54 -47.89 50.83
C GLY K 68 -10.99 -47.13 52.06
N ALA K 69 -10.37 -45.98 52.31
CA ALA K 69 -10.73 -45.12 53.43
C ALA K 69 -10.48 -43.65 53.06
N CYS K 70 -9.52 -43.44 52.17
CA CYS K 70 -9.18 -42.09 51.73
C CYS K 70 -10.02 -41.61 50.55
N LEU K 71 -11.29 -41.38 50.77
CA LEU K 71 -12.13 -40.89 49.71
C LEU K 71 -13.18 -39.97 50.30
N GLU K 72 -13.58 -38.97 49.53
CA GLU K 72 -14.66 -38.06 49.93
C GLU K 72 -15.13 -37.31 48.72
N ALA K 73 -16.28 -36.69 48.87
CA ALA K 73 -16.89 -35.90 47.79
C ALA K 73 -17.93 -34.94 48.33
N THR K 77 -11.33 -24.22 43.03
CA THR K 77 -10.06 -24.52 42.37
C THR K 77 -8.89 -24.15 43.28
N VAL K 78 -7.72 -24.72 43.02
CA VAL K 78 -6.56 -24.50 43.88
C VAL K 78 -5.22 -24.20 43.19
N PRO K 79 -4.52 -23.15 43.66
CA PRO K 79 -3.20 -22.70 43.24
C PRO K 79 -2.28 -23.87 42.99
N ALA K 80 -1.96 -24.06 41.73
CA ALA K 80 -1.14 -25.16 41.25
C ALA K 80 0.31 -25.19 41.68
N ARG K 81 1.04 -24.10 41.45
CA ARG K 81 2.47 -24.09 41.73
C ARG K 81 2.78 -24.26 43.20
N LYS K 82 2.01 -23.59 44.04
CA LYS K 82 2.24 -23.68 45.48
C LYS K 82 2.00 -25.09 45.97
N LEU K 83 0.90 -25.68 45.52
CA LEU K 83 0.55 -27.02 45.90
C LEU K 83 1.66 -28.00 45.58
N MET K 84 2.20 -27.91 44.38
CA MET K 84 3.24 -28.82 43.96
C MET K 84 4.44 -28.75 44.88
N GLU K 85 4.84 -27.52 45.19
CA GLU K 85 5.99 -27.30 46.07
C GLU K 85 5.79 -27.95 47.42
N ILE K 86 4.59 -27.80 47.95
CA ILE K 86 4.25 -28.39 49.23
C ILE K 86 4.46 -29.89 49.20
N CYS K 87 3.89 -30.56 48.20
CA CYS K 87 4.05 -32.01 48.13
C CYS K 87 5.52 -32.40 48.02
N LYS K 88 6.25 -31.79 47.10
CA LYS K 88 7.64 -32.17 46.92
C LYS K 88 8.49 -32.04 48.18
N SER K 89 8.14 -31.09 49.05
CA SER K 89 8.90 -30.86 50.28
C SER K 89 8.70 -31.92 51.35
N LEU K 90 7.68 -32.77 51.18
CA LEU K 90 7.44 -33.83 52.14
C LEU K 90 8.50 -34.94 52.07
N PRO K 91 8.61 -35.74 53.12
CA PRO K 91 9.61 -36.82 53.18
C PRO K 91 9.17 -38.04 52.39
N THR K 92 10.06 -39.00 52.23
CA THR K 92 9.76 -40.21 51.48
C THR K 92 8.64 -41.00 52.12
N ALA K 93 7.77 -41.55 51.28
CA ALA K 93 6.60 -42.36 51.69
C ALA K 93 5.65 -41.61 52.62
N ALA K 94 5.47 -40.32 52.35
CA ALA K 94 4.61 -39.51 53.19
C ALA K 94 3.15 -39.73 52.83
N LEU K 95 2.28 -39.40 53.77
CA LEU K 95 0.85 -39.49 53.60
C LEU K 95 0.30 -38.09 53.70
N ILE K 96 -0.70 -37.78 52.89
CA ILE K 96 -1.29 -36.46 52.93
C ILE K 96 -2.73 -36.61 53.35
N ASP K 97 -3.21 -35.70 54.17
CA ASP K 97 -4.59 -35.78 54.61
C ASP K 97 -5.16 -34.42 54.31
N LEU K 98 -5.44 -34.16 53.03
CA LEU K 98 -5.95 -32.87 52.60
C LEU K 98 -7.42 -32.61 52.92
N GLN K 99 -7.65 -31.61 53.75
CA GLN K 99 -9.00 -31.24 54.19
C GLN K 99 -9.87 -30.44 53.21
N ILE K 100 -11.13 -30.28 53.58
CA ILE K 100 -12.12 -29.58 52.77
C ILE K 100 -11.88 -28.11 52.47
N THR K 101 -12.73 -27.59 51.59
CA THR K 101 -12.69 -26.22 51.13
C THR K 101 -13.93 -25.47 51.59
N GLU K 102 -13.73 -24.55 52.53
CA GLU K 102 -14.81 -23.75 53.06
C GLU K 102 -14.68 -22.26 52.82
N ASP K 103 -15.76 -21.62 52.39
CA ASP K 103 -15.78 -20.17 52.16
C ASP K 103 -14.57 -19.68 51.33
N GLN K 104 -14.33 -20.35 50.20
CA GLN K 104 -13.23 -20.05 49.30
C GLN K 104 -11.87 -20.11 49.99
N ARG K 105 -11.71 -21.11 50.84
CA ARG K 105 -10.45 -21.34 51.55
C ARG K 105 -10.12 -22.80 51.36
N CYS K 106 -8.84 -23.14 51.36
CA CYS K 106 -8.46 -24.53 51.14
C CYS K 106 -7.44 -25.03 52.14
N ILE K 107 -7.88 -25.87 53.05
CA ILE K 107 -7.01 -26.39 54.10
C ILE K 107 -6.37 -27.72 53.75
N LEU K 108 -5.05 -27.79 53.87
CA LEU K 108 -4.32 -29.01 53.57
C LEU K 108 -3.48 -29.37 54.78
N LYS K 109 -3.32 -30.67 55.05
CA LYS K 109 -2.52 -31.09 56.18
C LYS K 109 -1.81 -32.43 55.99
N SER K 110 -0.65 -32.57 56.61
CA SER K 110 0.12 -33.80 56.57
C SER K 110 1.11 -33.76 57.69
N GLY K 111 1.21 -34.84 58.46
CA GLY K 111 2.09 -34.85 59.64
C GLY K 111 1.83 -33.68 60.58
N ASN K 112 2.83 -33.04 61.04
CA ASN K 112 2.81 -31.84 61.88
C ASN K 112 2.54 -30.51 61.15
N SER K 113 2.62 -30.51 59.83
CA SER K 113 2.40 -29.27 59.06
C SER K 113 1.00 -28.96 58.52
N ARG K 114 0.52 -27.76 58.80
CA ARG K 114 -0.81 -27.32 58.37
C ARG K 114 -0.77 -26.21 57.32
N PHE K 115 -1.40 -26.43 56.16
CA PHE K 115 -1.51 -25.42 55.12
C PHE K 115 -2.84 -24.89 54.69
N VAL K 116 -2.91 -23.60 54.39
CA VAL K 116 -4.14 -22.97 53.95
C VAL K 116 -3.82 -22.19 52.69
N LEU K 117 -4.68 -22.28 51.69
CA LEU K 117 -4.50 -21.57 50.43
C LEU K 117 -5.81 -20.99 49.91
N GLY K 118 -5.74 -19.80 49.31
CA GLY K 118 -6.91 -19.15 48.76
C GLY K 118 -7.48 -19.99 47.64
N THR K 119 -8.80 -20.00 47.49
CA THR K 119 -9.41 -20.84 46.48
C THR K 119 -10.43 -20.09 45.63
N LEU K 120 -10.66 -20.53 44.39
CA LEU K 120 -11.64 -19.87 43.54
C LEU K 120 -12.78 -20.79 43.09
N PRO K 121 -13.92 -20.19 42.72
CA PRO K 121 -15.17 -20.81 42.26
C PRO K 121 -15.00 -21.74 41.06
N ALA K 122 -14.87 -23.04 41.34
CA ALA K 122 -14.70 -24.08 40.31
C ALA K 122 -15.61 -23.93 39.09
N GLU K 123 -16.84 -23.48 39.27
CA GLU K 123 -17.71 -23.29 38.11
C GLU K 123 -17.13 -22.25 37.15
N ASP K 124 -16.52 -21.19 37.69
CA ASP K 124 -15.92 -20.14 36.86
C ASP K 124 -14.77 -20.61 35.96
N TYR K 125 -14.02 -21.61 36.42
CA TYR K 125 -12.91 -22.20 35.69
C TYR K 125 -13.33 -22.55 34.27
N PRO K 126 -12.63 -22.00 33.27
CA PRO K 126 -13.00 -22.24 31.87
C PRO K 126 -12.39 -23.51 31.30
N LEU K 127 -13.14 -24.16 30.41
CA LEU K 127 -12.71 -25.40 29.77
C LEU K 127 -12.80 -25.26 28.27
N LEU K 128 -12.10 -26.12 27.56
CA LEU K 128 -12.06 -26.06 26.11
C LEU K 128 -13.25 -26.78 25.52
N THR K 129 -14.27 -26.02 25.19
CA THR K 129 -15.45 -26.62 24.64
C THR K 129 -15.91 -25.91 23.39
N THR K 130 -16.10 -26.69 22.34
CA THR K 130 -16.69 -26.16 21.13
C THR K 130 -18.05 -26.82 20.93
N GLU K 131 -18.22 -27.95 21.63
CA GLU K 131 -19.41 -28.79 21.61
C GLU K 131 -19.99 -29.04 20.22
N ASN K 132 -19.24 -28.67 19.20
CA ASN K 132 -19.65 -28.89 17.82
C ASN K 132 -19.71 -30.39 17.51
N SER K 133 -18.74 -31.11 18.07
CA SER K 133 -18.63 -32.58 18.02
C SER K 133 -18.32 -33.26 16.69
N GLN K 134 -17.82 -32.51 15.73
CA GLN K 134 -17.47 -33.14 14.47
C GLN K 134 -15.94 -33.16 14.42
N GLY K 135 -15.38 -34.36 14.29
CA GLY K 135 -13.95 -34.53 14.25
C GLY K 135 -13.54 -35.79 13.52
N THR K 136 -12.34 -35.78 12.98
CA THR K 136 -11.77 -36.88 12.22
C THR K 136 -10.86 -37.67 13.15
N GLN K 137 -10.78 -38.97 12.93
CA GLN K 137 -9.99 -39.80 13.81
C GLN K 137 -8.78 -40.46 13.16
N VAL K 138 -7.61 -40.27 13.75
CA VAL K 138 -6.39 -40.89 13.22
C VAL K 138 -5.78 -41.90 14.20
N GLN K 139 -5.46 -43.05 13.65
CA GLN K 139 -4.88 -44.11 14.42
C GLN K 139 -3.38 -44.15 14.26
N VAL K 140 -2.68 -43.51 15.18
CA VAL K 140 -1.23 -43.50 15.12
C VAL K 140 -0.66 -43.94 16.46
N THR K 141 0.44 -44.68 16.43
CA THR K 141 1.08 -45.12 17.66
C THR K 141 1.82 -44.00 18.34
N GLN K 142 2.13 -44.19 19.61
CA GLN K 142 2.84 -43.17 20.38
C GLN K 142 4.19 -42.86 19.79
N ARG K 143 4.91 -43.89 19.35
CA ARG K 143 6.20 -43.65 18.78
C ARG K 143 6.10 -42.80 17.54
N GLU K 144 5.15 -43.12 16.69
CA GLU K 144 4.98 -42.40 15.45
C GLU K 144 4.60 -40.95 15.66
N LEU K 145 3.69 -40.66 16.58
CA LEU K 145 3.32 -39.28 16.85
C LEU K 145 4.48 -38.51 17.45
N LYS K 146 5.17 -39.14 18.37
CA LYS K 146 6.31 -38.54 19.03
C LYS K 146 7.42 -38.24 18.04
N ARG K 147 7.64 -39.17 17.12
CA ARG K 147 8.65 -39.03 16.10
C ARG K 147 8.36 -37.85 15.19
N LEU K 148 7.10 -37.62 14.87
CA LEU K 148 6.75 -36.53 13.99
C LEU K 148 7.20 -35.23 14.59
N PHE K 149 7.00 -35.06 15.88
CA PHE K 149 7.39 -33.85 16.57
C PHE K 149 8.88 -33.68 16.79
N GLU K 150 9.56 -34.74 17.15
CA GLU K 150 10.97 -34.64 17.41
C GLU K 150 11.74 -34.18 16.19
N LYS K 151 11.31 -34.67 15.04
CA LYS K 151 11.96 -34.35 13.77
C LYS K 151 11.57 -33.02 13.15
N THR K 152 10.56 -32.33 13.69
CA THR K 152 10.13 -31.04 13.15
C THR K 152 10.11 -29.86 14.15
N ALA K 153 10.06 -30.13 15.45
CA ALA K 153 9.89 -29.09 16.50
C ALA K 153 10.81 -27.87 16.33
N PHE K 154 12.08 -28.11 16.03
CA PHE K 154 13.07 -27.06 15.92
C PHE K 154 12.85 -25.96 14.89
N ALA K 155 12.10 -26.23 13.83
CA ALA K 155 11.92 -25.23 12.80
C ALA K 155 10.74 -24.30 13.00
N MET K 156 10.05 -24.46 14.10
CA MET K 156 8.92 -23.59 14.39
C MET K 156 9.44 -22.25 14.83
N ALA K 157 8.80 -21.18 14.40
CA ALA K 157 9.21 -19.85 14.81
C ALA K 157 8.84 -19.68 16.27
N VAL K 158 9.65 -18.96 17.04
CA VAL K 158 9.35 -18.76 18.43
C VAL K 158 8.24 -17.74 18.56
N GLN K 159 8.37 -16.64 17.84
CA GLN K 159 7.36 -15.60 17.85
C GLN K 159 7.36 -14.98 16.47
N ASP K 160 6.17 -14.61 15.98
CA ASP K 160 6.03 -14.02 14.67
C ASP K 160 4.65 -13.43 14.53
N VAL K 161 4.51 -12.39 13.73
CA VAL K 161 3.21 -11.78 13.42
C VAL K 161 2.35 -12.77 12.65
N ARG K 162 2.94 -13.59 11.78
CA ARG K 162 2.22 -14.65 11.08
C ARG K 162 2.16 -15.73 12.16
N PHE K 163 1.02 -15.85 12.81
CA PHE K 163 0.88 -16.69 13.99
C PHE K 163 0.92 -18.21 13.70
N TYR K 164 0.39 -18.61 12.57
CA TYR K 164 0.51 -19.98 12.07
C TYR K 164 1.95 -20.55 12.02
N LEU K 165 2.94 -19.67 11.91
CA LEU K 165 4.33 -20.10 11.86
C LEU K 165 4.87 -20.55 13.21
N THR K 166 4.12 -20.30 14.26
CA THR K 166 4.54 -20.66 15.60
C THR K 166 3.91 -21.97 16.02
N GLY K 167 3.57 -22.79 15.04
CA GLY K 167 2.98 -24.08 15.34
C GLY K 167 3.33 -25.12 14.31
N THR K 168 3.02 -26.39 14.59
CA THR K 168 3.29 -27.43 13.64
C THR K 168 1.98 -27.70 12.93
N LEU K 169 2.06 -27.97 11.64
CA LEU K 169 0.90 -28.31 10.86
C LEU K 169 0.81 -29.81 10.78
N LEU K 170 -0.32 -30.34 11.20
CA LEU K 170 -0.55 -31.77 11.14
C LEU K 170 -1.46 -31.95 9.96
N GLU K 171 -1.07 -32.81 9.06
CA GLU K 171 -1.86 -33.01 7.86
C GLU K 171 -2.15 -34.48 7.67
N ILE K 172 -3.39 -34.81 7.35
CA ILE K 172 -3.76 -36.20 7.13
C ILE K 172 -4.05 -36.46 5.66
N ASP K 173 -3.36 -37.45 5.11
CA ASP K 173 -3.51 -37.86 3.74
C ASP K 173 -3.85 -39.35 3.69
N GLU K 174 -3.90 -39.94 2.52
CA GLU K 174 -4.21 -41.36 2.48
C GLU K 174 -3.05 -42.14 3.07
N ASN K 175 -3.37 -42.81 4.17
CA ASN K 175 -2.47 -43.63 4.97
C ASN K 175 -1.20 -42.99 5.54
N GLN K 176 -1.24 -41.68 5.67
CA GLN K 176 -0.12 -40.94 6.22
C GLN K 176 -0.51 -39.69 6.99
N LEU K 177 0.19 -39.48 8.10
CA LEU K 177 -0.01 -38.31 8.94
C LEU K 177 1.33 -37.61 8.88
N ARG K 178 1.34 -36.32 8.61
CA ARG K 178 2.60 -35.61 8.52
C ARG K 178 2.63 -34.30 9.27
N ALA K 179 3.82 -33.93 9.72
CA ALA K 179 4.03 -32.71 10.47
C ALA K 179 4.95 -31.81 9.67
N VAL K 180 4.56 -30.55 9.55
CA VAL K 180 5.35 -29.58 8.81
C VAL K 180 5.54 -28.33 9.65
N THR K 181 6.78 -27.86 9.75
CA THR K 181 7.10 -26.66 10.49
C THR K 181 8.07 -25.80 9.71
N THR K 182 7.81 -24.51 9.65
CA THR K 182 8.69 -23.58 8.97
C THR K 182 8.71 -22.26 9.72
N ASP K 183 9.85 -21.57 9.68
CA ASP K 183 9.97 -20.25 10.31
C ASP K 183 10.25 -19.18 9.26
N GLY K 184 10.30 -19.59 8.00
CA GLY K 184 10.59 -18.69 6.92
C GLY K 184 12.01 -18.84 6.44
N HIS K 185 12.91 -19.22 7.34
CA HIS K 185 14.31 -19.39 7.00
C HIS K 185 14.69 -20.84 6.79
N ARG K 186 13.75 -21.74 7.04
CA ARG K 186 13.93 -23.18 6.91
C ARG K 186 12.59 -23.87 7.05
N LEU K 187 12.55 -25.13 6.67
CA LEU K 187 11.35 -25.92 6.75
C LEU K 187 11.70 -27.34 7.14
N ALA K 188 10.87 -27.95 7.96
CA ALA K 188 11.10 -29.32 8.37
C ALA K 188 9.83 -30.09 8.11
N LEU K 189 9.98 -31.33 7.64
CA LEU K 189 8.83 -32.15 7.35
C LEU K 189 9.09 -33.61 7.68
N CYS K 190 8.10 -34.27 8.29
CA CYS K 190 8.20 -35.68 8.63
C CYS K 190 6.89 -36.36 8.33
N GLU K 191 6.96 -37.58 7.78
CA GLU K 191 5.76 -38.35 7.46
C GLU K 191 5.83 -39.72 8.09
N ILE K 192 4.69 -40.17 8.60
CA ILE K 192 4.54 -41.48 9.20
C ILE K 192 3.27 -42.09 8.63
N LEU K 193 3.15 -43.40 8.65
CA LEU K 193 1.95 -44.00 8.12
C LEU K 193 0.93 -44.28 9.21
N ALA K 194 -0.18 -43.56 9.15
CA ALA K 194 -1.26 -43.71 10.11
C ALA K 194 -2.59 -43.82 9.38
N SER K 195 -3.38 -44.82 9.76
CA SER K 195 -4.68 -45.02 9.16
C SER K 195 -5.68 -44.00 9.65
N SER K 196 -6.49 -43.47 8.75
CA SER K 196 -7.50 -42.51 9.13
C SER K 196 -8.83 -42.93 8.57
N THR K 197 -9.87 -42.71 9.35
CA THR K 197 -11.21 -43.09 8.95
C THR K 197 -11.67 -42.35 7.71
N SER K 198 -11.49 -41.04 7.71
CA SER K 198 -11.97 -40.16 6.64
C SER K 198 -11.15 -39.96 5.37
N SER K 199 -11.92 -39.78 4.29
CA SER K 199 -11.45 -39.55 2.93
C SER K 199 -10.70 -38.27 2.55
N GLN K 200 -11.17 -37.11 3.00
CA GLN K 200 -10.51 -35.86 2.62
C GLN K 200 -9.29 -35.51 3.44
N LEU K 201 -8.43 -34.68 2.88
CA LEU K 201 -7.23 -34.21 3.55
C LEU K 201 -7.68 -33.21 4.60
N VAL K 202 -7.14 -33.31 5.80
CA VAL K 202 -7.53 -32.39 6.86
C VAL K 202 -6.31 -31.79 7.51
N GLN K 203 -6.34 -30.47 7.71
CA GLN K 203 -5.20 -29.78 8.30
C GLN K 203 -5.55 -29.24 9.67
N ALA K 204 -4.62 -29.32 10.59
CA ALA K 204 -4.75 -28.73 11.92
C ALA K 204 -3.41 -28.14 12.29
N ILE K 205 -3.41 -26.90 12.76
CA ILE K 205 -2.19 -26.25 13.21
C ILE K 205 -2.15 -26.28 14.71
N VAL K 206 -1.25 -27.09 15.24
CA VAL K 206 -1.09 -27.25 16.66
C VAL K 206 -0.11 -26.23 17.19
N PRO K 207 -0.52 -25.44 18.18
CA PRO K 207 0.28 -24.40 18.84
C PRO K 207 1.62 -24.79 19.44
N ARG K 208 2.53 -23.83 19.58
CA ARG K 208 3.84 -24.17 20.12
C ARG K 208 3.84 -24.90 21.46
N LYS K 209 3.13 -24.35 22.43
CA LYS K 209 3.03 -25.04 23.72
C LYS K 209 2.44 -26.44 23.76
N ALA K 210 1.40 -26.66 22.96
CA ALA K 210 0.71 -27.93 22.88
C ALA K 210 1.63 -29.02 22.40
N VAL K 211 2.46 -28.68 21.42
CA VAL K 211 3.41 -29.62 20.88
C VAL K 211 4.43 -30.02 21.93
N GLY K 212 4.78 -29.06 22.77
CA GLY K 212 5.72 -29.31 23.84
C GLY K 212 5.15 -30.26 24.86
N GLU K 213 3.92 -30.00 25.29
CA GLU K 213 3.27 -30.86 26.26
C GLU K 213 3.06 -32.25 25.70
N LEU K 214 2.66 -32.31 24.44
CA LEU K 214 2.43 -33.56 23.77
C LEU K 214 3.71 -34.35 23.68
N GLN K 215 4.81 -33.68 23.37
CA GLN K 215 6.06 -34.39 23.24
C GLN K 215 6.46 -35.05 24.53
N ARG K 216 6.29 -34.34 25.63
CA ARG K 216 6.65 -34.86 26.94
C ARG K 216 5.82 -36.07 27.29
N LEU K 217 4.52 -35.99 27.04
CA LEU K 217 3.60 -37.07 27.37
C LEU K 217 3.81 -38.35 26.60
N LEU K 218 4.03 -38.26 25.30
CA LEU K 218 4.21 -39.45 24.47
C LEU K 218 5.43 -40.29 24.85
N SER K 219 5.34 -41.59 24.60
CA SER K 219 6.43 -42.50 24.90
C SER K 219 7.02 -43.03 23.61
N ILE K 220 8.11 -43.77 23.72
CA ILE K 220 8.78 -44.34 22.56
C ILE K 220 8.30 -45.74 22.24
N GLU K 221 7.31 -46.20 23.00
CA GLU K 221 6.73 -47.51 22.79
C GLU K 221 5.53 -47.31 21.88
N ASP K 222 5.24 -48.30 21.05
CA ASP K 222 4.10 -48.15 20.15
C ASP K 222 2.82 -48.70 20.74
N GLU K 223 1.96 -47.77 21.16
CA GLU K 223 0.67 -48.09 21.71
C GLU K 223 -0.28 -47.31 20.84
N GLN K 224 -1.33 -47.96 20.34
CA GLN K 224 -2.23 -47.24 19.46
C GLN K 224 -2.88 -46.08 20.18
N LEU K 225 -3.00 -44.96 19.48
CA LEU K 225 -3.63 -43.77 20.02
C LEU K 225 -4.68 -43.32 19.05
N THR K 226 -5.74 -42.71 19.55
CA THR K 226 -6.78 -42.22 18.71
C THR K 226 -6.83 -40.72 18.85
N LEU K 227 -6.60 -40.00 17.76
CA LEU K 227 -6.61 -38.56 17.79
C LEU K 227 -7.85 -38.01 17.14
N LEU K 228 -8.55 -37.13 17.84
CA LEU K 228 -9.72 -36.53 17.24
C LEU K 228 -9.27 -35.18 16.77
N ILE K 229 -9.42 -34.92 15.48
CA ILE K 229 -9.04 -33.66 14.92
C ILE K 229 -10.29 -32.98 14.43
N GLY K 230 -10.54 -31.78 14.91
CA GLY K 230 -11.72 -31.07 14.49
C GLY K 230 -11.33 -29.77 13.85
N ARG K 231 -12.31 -28.91 13.62
CA ARG K 231 -12.00 -27.65 12.98
C ARG K 231 -11.38 -26.66 13.95
N GLU K 232 -11.73 -26.78 15.23
CA GLU K 232 -11.19 -25.89 16.24
C GLU K 232 -10.42 -26.54 17.38
N LEU K 233 -10.52 -27.85 17.53
CA LEU K 233 -9.80 -28.51 18.61
C LEU K 233 -9.17 -29.82 18.20
N LEU K 234 -8.17 -30.23 18.95
CA LEU K 234 -7.51 -31.50 18.72
C LEU K 234 -7.55 -32.23 20.05
N ASN K 235 -7.92 -33.50 20.02
CA ASN K 235 -8.06 -34.26 21.24
C ASN K 235 -7.38 -35.61 21.14
N VAL K 236 -6.86 -36.11 22.25
CA VAL K 236 -6.16 -37.38 22.29
C VAL K 236 -6.03 -37.81 23.74
N THR K 237 -6.27 -39.10 24.00
CA THR K 237 -6.17 -39.64 25.35
C THR K 237 -4.90 -40.49 25.40
N ILE K 238 -4.05 -40.22 26.37
CA ILE K 238 -2.80 -40.96 26.47
C ILE K 238 -2.63 -41.74 27.75
N ASN K 239 -2.21 -42.99 27.63
CA ASN K 239 -1.96 -43.85 28.79
C ASN K 239 -0.45 -43.89 28.99
N THR K 240 0.06 -43.35 30.09
CA THR K 240 1.52 -43.36 30.28
C THR K 240 2.02 -44.63 30.94
N ILE K 250 -1.25 -42.22 35.18
CA ILE K 250 -1.49 -43.35 34.28
C ILE K 250 -2.23 -42.96 33.00
N THR K 251 -3.36 -42.28 33.11
CA THR K 251 -4.07 -41.88 31.89
C THR K 251 -4.39 -40.38 31.81
N VAL K 252 -3.96 -39.75 30.72
CA VAL K 252 -4.16 -38.32 30.52
C VAL K 252 -4.89 -37.94 29.23
N ARG K 253 -5.87 -37.06 29.31
CA ARG K 253 -6.60 -36.64 28.13
C ARG K 253 -6.14 -35.25 27.71
N PHE K 254 -5.62 -35.17 26.49
CA PHE K 254 -5.05 -33.96 25.90
C PHE K 254 -5.97 -33.18 24.97
N THR K 255 -6.12 -31.89 25.21
CA THR K 255 -6.94 -31.03 24.35
C THR K 255 -6.29 -29.69 24.03
N THR K 256 -6.28 -29.30 22.76
CA THR K 256 -5.67 -28.04 22.37
C THR K 256 -6.53 -27.27 21.37
N LYS K 257 -6.56 -25.96 21.54
CA LYS K 257 -7.22 -25.05 20.61
C LYS K 257 -6.28 -24.90 19.43
N LEU K 258 -6.76 -25.22 18.24
CA LEU K 258 -5.98 -25.10 17.02
C LEU K 258 -5.82 -23.64 16.62
N ILE K 259 -4.74 -23.33 15.90
CA ILE K 259 -4.52 -21.97 15.44
C ILE K 259 -5.40 -21.72 14.22
N ASP K 260 -6.17 -20.63 14.25
CA ASP K 260 -7.06 -20.32 13.15
C ASP K 260 -6.35 -19.56 12.05
N GLY K 261 -5.53 -20.29 11.30
CA GLY K 261 -4.77 -19.72 10.21
C GLY K 261 -4.60 -20.74 9.11
N LYS K 262 -4.29 -20.25 7.91
CA LYS K 262 -4.06 -21.10 6.76
C LYS K 262 -2.54 -21.24 6.61
N PHE K 263 -2.05 -22.45 6.79
CA PHE K 263 -0.61 -22.73 6.67
C PHE K 263 -0.24 -22.56 5.20
N PRO K 264 0.95 -22.01 4.90
CA PRO K 264 1.35 -21.86 3.51
C PRO K 264 1.48 -23.19 2.80
N ASP K 265 1.37 -23.17 1.49
CA ASP K 265 1.58 -24.35 0.69
C ASP K 265 3.07 -24.71 0.76
N TYR K 266 3.40 -25.68 1.60
CA TYR K 266 4.79 -26.07 1.78
C TYR K 266 5.43 -26.77 0.59
N ARG K 267 4.62 -27.40 -0.25
CA ARG K 267 5.18 -28.09 -1.44
C ARG K 267 5.89 -27.17 -2.42
N ARG K 268 5.46 -25.92 -2.44
CA ARG K 268 6.04 -24.88 -3.28
C ARG K 268 7.35 -24.37 -2.71
N VAL K 269 7.60 -24.66 -1.45
CA VAL K 269 8.81 -24.21 -0.79
C VAL K 269 9.93 -25.22 -0.87
N ILE K 270 9.56 -26.49 -0.99
CA ILE K 270 10.55 -27.54 -1.12
C ILE K 270 11.05 -27.48 -2.56
N PRO K 271 12.35 -27.23 -2.73
CA PRO K 271 12.98 -27.08 -4.04
C PRO K 271 13.05 -28.37 -4.84
N ARG K 272 12.04 -28.57 -5.68
CA ARG K 272 11.93 -29.74 -6.55
C ARG K 272 12.93 -29.93 -7.70
N GLY K 273 13.30 -28.87 -8.42
CA GLY K 273 14.24 -29.08 -9.50
C GLY K 273 15.62 -28.61 -9.12
N GLY K 274 16.51 -29.55 -8.83
CA GLY K 274 17.86 -29.24 -8.41
C GLY K 274 18.92 -29.91 -9.25
N ASP K 275 19.93 -29.14 -9.63
CA ASP K 275 21.00 -29.60 -10.50
C ASP K 275 22.16 -30.31 -9.83
N LYS K 276 22.56 -29.84 -8.66
CA LYS K 276 23.69 -30.42 -7.96
C LYS K 276 23.35 -31.25 -6.74
N HIS K 277 23.86 -32.47 -6.70
CA HIS K 277 23.59 -33.40 -5.61
C HIS K 277 24.87 -33.88 -4.97
N VAL K 278 24.89 -33.93 -3.64
CA VAL K 278 26.04 -34.36 -2.83
C VAL K 278 25.64 -35.33 -1.73
N LEU K 279 26.52 -36.26 -1.39
CA LEU K 279 26.34 -37.20 -0.28
C LEU K 279 27.61 -37.05 0.56
N ILE K 280 27.44 -36.80 1.86
CA ILE K 280 28.52 -36.59 2.81
C ILE K 280 28.29 -37.45 4.03
N GLY K 281 29.36 -38.00 4.61
CA GLY K 281 29.28 -38.73 5.87
C GLY K 281 28.73 -37.80 6.93
N HIS K 282 27.74 -38.26 7.69
CA HIS K 282 27.07 -37.42 8.70
C HIS K 282 28.03 -36.95 9.74
N ASP K 283 28.72 -37.89 10.37
CA ASP K 283 29.66 -37.56 11.47
C ASP K 283 30.76 -36.61 10.99
N VAL K 284 31.28 -36.87 9.79
CA VAL K 284 32.36 -36.05 9.23
C VAL K 284 31.86 -34.62 9.00
N PHE K 285 30.65 -34.49 8.47
CA PHE K 285 30.03 -33.18 8.19
C PHE K 285 29.78 -32.39 9.48
N LYS K 286 29.17 -33.04 10.46
CA LYS K 286 28.90 -32.42 11.76
C LYS K 286 30.15 -31.93 12.47
N GLN K 287 31.16 -32.79 12.56
CA GLN K 287 32.40 -32.45 13.27
C GLN K 287 33.14 -31.30 12.61
N SER K 288 33.29 -31.34 11.29
CA SER K 288 33.96 -30.24 10.54
C SER K 288 33.22 -28.94 10.65
N LEU K 289 31.88 -28.99 10.60
CA LEU K 289 31.06 -27.80 10.66
C LEU K 289 31.18 -27.13 12.03
N GLN K 290 31.19 -27.94 13.09
CA GLN K 290 31.41 -27.42 14.45
C GLN K 290 32.78 -26.77 14.61
N ARG K 291 33.81 -27.43 14.07
CA ARG K 291 35.19 -26.90 14.14
C ARG K 291 35.31 -25.55 13.45
N VAL K 292 34.91 -25.50 12.18
CA VAL K 292 35.00 -24.28 11.40
C VAL K 292 34.14 -23.15 11.94
N ALA K 293 32.98 -23.48 12.52
CA ALA K 293 32.10 -22.45 13.06
C ALA K 293 32.64 -21.69 14.25
N ILE K 294 33.66 -22.24 14.90
CA ILE K 294 34.28 -21.55 16.04
C ILE K 294 34.80 -20.17 15.68
N LEU K 295 35.33 -20.01 14.48
CA LEU K 295 35.85 -18.72 14.03
C LEU K 295 34.90 -18.01 13.06
N SER K 296 33.62 -18.30 13.13
CA SER K 296 32.66 -17.58 12.32
C SER K 296 32.14 -16.38 13.14
N ASN K 297 31.29 -15.56 12.54
CA ASN K 297 30.77 -14.41 13.24
C ASN K 297 29.97 -14.93 14.42
N GLU K 298 30.15 -14.36 15.61
CA GLU K 298 29.43 -14.90 16.74
C GLU K 298 27.92 -14.78 16.65
N LYS K 299 27.41 -13.62 16.28
CA LYS K 299 25.97 -13.49 16.12
C LYS K 299 25.45 -14.19 14.89
N LEU K 300 26.12 -13.92 13.77
CA LEU K 300 25.76 -14.44 12.45
C LEU K 300 25.92 -15.92 12.21
N ARG K 301 27.00 -16.49 12.73
CA ARG K 301 27.31 -17.91 12.60
C ARG K 301 27.34 -18.39 11.16
N GLY K 302 27.92 -17.59 10.27
CA GLY K 302 27.94 -17.94 8.87
C GLY K 302 29.19 -18.58 8.35
N VAL K 303 29.01 -19.73 7.70
CA VAL K 303 30.14 -20.47 7.14
C VAL K 303 29.97 -20.65 5.66
N PHE K 304 31.07 -20.84 4.96
CA PHE K 304 31.03 -21.01 3.52
C PHE K 304 31.21 -22.45 3.14
N LEU K 305 30.42 -22.91 2.20
CA LEU K 305 30.56 -24.26 1.72
C LEU K 305 30.95 -24.11 0.27
N ASN K 306 32.11 -24.65 -0.08
CA ASN K 306 32.58 -24.55 -1.46
C ASN K 306 32.59 -25.96 -2.03
N PHE K 307 31.91 -26.14 -3.15
CA PHE K 307 31.84 -27.45 -3.77
C PHE K 307 32.66 -27.56 -5.05
N ASN K 308 33.53 -28.55 -5.05
CA ASN K 308 34.43 -28.89 -6.14
C ASN K 308 34.30 -30.39 -6.38
N GLN K 309 34.77 -30.88 -7.52
CA GLN K 309 34.60 -32.31 -7.76
C GLN K 309 35.35 -33.14 -6.71
N ASP K 310 34.56 -33.97 -6.03
CA ASP K 310 35.01 -34.90 -4.97
C ASP K 310 35.57 -34.27 -3.70
N SER K 311 35.32 -32.99 -3.48
CA SER K 311 35.82 -32.31 -2.29
C SER K 311 34.92 -31.19 -1.83
N LEU K 312 34.78 -31.03 -0.53
CA LEU K 312 33.97 -29.96 0.02
C LEU K 312 34.84 -29.15 0.95
N GLN K 313 34.87 -27.83 0.78
CA GLN K 313 35.68 -27.00 1.64
C GLN K 313 34.85 -26.10 2.52
N LEU K 314 35.09 -26.16 3.83
CA LEU K 314 34.37 -25.34 4.77
C LEU K 314 35.28 -24.22 5.21
N ARG K 315 34.81 -23.00 5.07
CA ARG K 315 35.58 -21.82 5.44
C ARG K 315 34.78 -20.82 6.25
N ALA K 316 35.34 -20.33 7.34
CA ALA K 316 34.66 -19.33 8.18
C ALA K 316 35.61 -18.25 8.65
N ASN K 317 35.11 -17.03 8.80
CA ASN K 317 35.90 -15.91 9.30
C ASN K 317 35.07 -14.96 10.13
N ASN K 318 35.72 -14.15 10.96
CA ASN K 318 35.04 -13.22 11.86
C ASN K 318 35.57 -11.79 11.62
N PRO K 319 35.04 -10.81 12.35
CA PRO K 319 35.52 -9.44 12.20
C PRO K 319 37.00 -9.30 12.55
N GLU K 320 37.47 -10.10 13.50
CA GLU K 320 38.88 -10.05 13.92
C GLU K 320 39.80 -10.69 12.89
N GLN K 321 39.26 -10.92 11.71
CA GLN K 321 39.97 -11.51 10.57
C GLN K 321 40.58 -12.89 10.82
N ASP K 322 40.03 -13.61 11.78
CA ASP K 322 40.50 -14.96 12.10
C ASP K 322 39.91 -15.88 11.06
N GLU K 323 40.55 -17.02 10.81
CA GLU K 323 40.02 -17.91 9.79
C GLU K 323 40.19 -19.39 10.07
N ALA K 324 39.15 -20.15 9.75
CA ALA K 324 39.15 -21.59 9.92
C ALA K 324 38.83 -22.22 8.58
N ILE K 325 39.63 -23.20 8.17
CA ILE K 325 39.43 -23.91 6.90
C ILE K 325 39.54 -25.40 7.18
N GLU K 326 38.61 -26.17 6.61
CA GLU K 326 38.73 -27.63 6.61
C GLU K 326 38.21 -28.20 5.31
N ASP K 327 38.86 -29.26 4.85
CA ASP K 327 38.54 -29.97 3.61
C ASP K 327 37.98 -31.33 3.95
N LEU K 328 36.90 -31.70 3.26
CA LEU K 328 36.23 -32.99 3.44
C LEU K 328 36.09 -33.72 2.17
N ALA K 329 36.05 -35.04 2.25
CA ALA K 329 35.89 -35.84 1.04
C ALA K 329 34.40 -36.10 0.82
N ILE K 330 33.92 -35.76 -0.37
CA ILE K 330 32.52 -35.93 -0.72
C ILE K 330 32.36 -36.55 -2.10
N GLN K 331 31.19 -37.16 -2.32
CA GLN K 331 30.88 -37.74 -3.62
C GLN K 331 30.24 -36.66 -4.47
N TYR K 332 31.04 -35.79 -5.08
CA TYR K 332 30.51 -34.73 -5.92
C TYR K 332 31.18 -34.67 -7.28
N GLN K 333 30.39 -34.75 -8.34
CA GLN K 333 30.93 -34.66 -9.71
C GLN K 333 30.30 -33.55 -10.54
N SER K 334 29.45 -32.75 -9.91
CA SER K 334 28.77 -31.64 -10.56
C SER K 334 29.61 -30.36 -10.57
N ALA K 335 29.05 -29.30 -11.15
CA ALA K 335 29.72 -28.01 -11.26
C ALA K 335 30.00 -27.40 -9.89
N PRO K 336 31.14 -26.71 -9.75
CA PRO K 336 31.55 -26.11 -8.49
C PRO K 336 30.59 -25.04 -8.01
N LEU K 337 30.28 -25.05 -6.71
CA LEU K 337 29.38 -24.07 -6.13
C LEU K 337 29.93 -23.67 -4.78
N GLU K 338 29.78 -22.38 -4.49
CA GLU K 338 30.17 -21.79 -3.21
C GLU K 338 28.91 -21.23 -2.56
N MET K 339 28.58 -21.67 -1.36
CA MET K 339 27.36 -21.16 -0.77
C MET K 339 27.63 -20.73 0.65
N SER K 340 26.79 -19.85 1.16
CA SER K 340 26.93 -19.35 2.51
C SER K 340 25.73 -19.80 3.32
N PHE K 341 25.99 -20.37 4.48
CA PHE K 341 24.94 -20.86 5.33
C PHE K 341 25.12 -20.42 6.76
N ASN K 342 24.04 -20.43 7.49
CA ASN K 342 24.07 -20.13 8.90
C ASN K 342 24.43 -21.48 9.44
N ALA K 343 25.52 -21.57 10.18
CA ALA K 343 25.97 -22.85 10.68
C ALA K 343 24.98 -23.54 11.59
N GLN K 344 24.30 -22.78 12.43
CA GLN K 344 23.34 -23.39 13.33
C GLN K 344 22.21 -24.09 12.58
N TYR K 345 21.74 -23.52 11.49
CA TYR K 345 20.66 -24.13 10.73
C TYR K 345 21.07 -25.49 10.19
N LEU K 346 22.27 -25.59 9.67
CA LEU K 346 22.79 -26.87 9.18
C LEU K 346 22.97 -27.84 10.33
N LEU K 347 23.48 -27.33 11.44
CA LEU K 347 23.68 -28.13 12.64
C LEU K 347 22.36 -28.61 13.21
N ASP K 348 21.35 -27.76 13.13
CA ASP K 348 20.03 -28.11 13.63
C ASP K 348 19.43 -29.28 12.88
N VAL K 349 19.63 -29.30 11.58
CA VAL K 349 19.14 -30.38 10.72
C VAL K 349 19.90 -31.65 11.03
N LEU K 350 21.22 -31.57 11.05
CA LEU K 350 22.05 -32.71 11.40
C LEU K 350 21.69 -33.28 12.78
N GLY K 351 21.27 -32.40 13.72
CA GLY K 351 20.75 -32.79 15.03
C GLY K 351 19.65 -33.85 14.99
N VAL K 352 18.87 -33.88 13.91
CA VAL K 352 17.70 -34.75 13.81
C VAL K 352 17.80 -35.84 12.72
N LEU K 353 18.94 -36.00 12.06
CA LEU K 353 19.11 -37.05 11.03
C LEU K 353 19.93 -38.19 11.62
N ASP K 354 19.30 -39.31 11.88
CA ASP K 354 19.92 -40.51 12.49
C ASP K 354 20.73 -41.41 11.55
N GLY K 355 20.85 -41.07 10.28
CA GLY K 355 21.49 -41.94 9.30
C GLY K 355 22.94 -41.62 9.19
N ASP K 356 23.68 -42.55 8.57
CA ASP K 356 25.13 -42.39 8.37
C ASP K 356 25.50 -41.40 7.31
N ASP K 357 24.67 -41.21 6.29
CA ASP K 357 24.97 -40.28 5.20
C ASP K 357 23.98 -39.15 5.09
N VAL K 358 24.43 -38.02 4.55
CA VAL K 358 23.59 -36.86 4.38
C VAL K 358 23.50 -36.48 2.92
N ASN K 359 22.28 -36.27 2.43
CA ASN K 359 22.06 -35.90 1.02
C ASN K 359 21.74 -34.44 0.89
N MET K 360 22.40 -33.75 -0.02
CA MET K 360 22.10 -32.36 -0.24
C MET K 360 21.86 -32.13 -1.71
N SER K 361 20.86 -31.32 -2.03
CA SER K 361 20.52 -31.05 -3.41
C SER K 361 20.44 -29.54 -3.62
N MET K 362 21.31 -29.00 -4.46
CA MET K 362 21.31 -27.60 -4.76
C MET K 362 21.15 -27.15 -6.17
N THR K 363 20.88 -25.87 -6.37
CA THR K 363 20.70 -25.30 -7.69
C THR K 363 21.74 -24.22 -7.77
N GLU K 364 21.41 -23.07 -7.20
CA GLU K 364 22.34 -21.95 -7.22
C GLU K 364 22.62 -21.54 -5.79
N ALA K 365 23.58 -20.64 -5.61
CA ALA K 365 23.95 -20.09 -4.31
C ALA K 365 22.82 -19.25 -3.70
N ASN K 366 22.05 -18.71 -4.62
CA ASN K 366 20.88 -17.88 -4.41
C ASN K 366 19.74 -18.64 -3.77
N GLN K 367 19.42 -19.77 -4.36
CA GLN K 367 18.31 -20.64 -3.97
C GLN K 367 18.51 -21.58 -2.80
N SER K 368 17.40 -22.11 -2.28
CA SER K 368 17.39 -23.04 -1.16
C SER K 368 18.03 -24.40 -1.43
N VAL K 369 18.26 -25.14 -0.36
CA VAL K 369 18.90 -26.44 -0.43
C VAL K 369 18.00 -27.44 0.27
N LEU K 370 17.85 -28.60 -0.35
CA LEU K 370 17.06 -29.70 0.14
C LEU K 370 18.01 -30.67 0.81
N VAL K 371 17.72 -31.02 2.05
CA VAL K 371 18.56 -31.93 2.81
C VAL K 371 17.79 -33.16 3.24
N GLN K 372 18.38 -34.34 3.06
CA GLN K 372 17.72 -35.60 3.37
C GLN K 372 18.66 -36.71 3.80
N ASP K 373 18.09 -37.72 4.43
CA ASP K 373 18.78 -38.94 4.81
C ASP K 373 18.31 -40.06 3.88
N PRO K 374 19.22 -40.74 3.17
CA PRO K 374 18.79 -41.84 2.30
C PRO K 374 18.13 -42.99 3.04
N ALA K 375 18.62 -43.31 4.24
CA ALA K 375 18.03 -44.35 5.10
C ALA K 375 16.60 -44.05 5.53
N HIS K 376 16.27 -42.80 5.81
CA HIS K 376 14.91 -42.39 6.22
C HIS K 376 14.31 -41.39 5.23
N PRO K 377 13.53 -41.86 4.26
CA PRO K 377 12.91 -41.01 3.27
C PRO K 377 11.74 -40.22 3.84
N ASP K 378 11.30 -40.58 5.04
CA ASP K 378 10.20 -39.90 5.70
C ASP K 378 10.45 -38.44 6.05
N GLN K 379 11.69 -38.11 6.42
CA GLN K 379 12.04 -36.74 6.79
C GLN K 379 12.64 -35.92 5.64
N THR K 380 12.13 -34.71 5.48
CA THR K 380 12.58 -33.78 4.46
C THR K 380 12.89 -32.41 5.08
N TYR K 381 14.03 -31.84 4.74
CA TYR K 381 14.41 -30.53 5.28
C TYR K 381 14.85 -29.55 4.23
N VAL K 382 14.56 -28.28 4.44
CA VAL K 382 14.93 -27.22 3.53
C VAL K 382 15.60 -26.11 4.31
N VAL K 383 16.74 -25.64 3.81
CA VAL K 383 17.48 -24.55 4.42
C VAL K 383 17.76 -23.51 3.36
N MET K 384 17.49 -22.25 3.66
N MET K 384 17.47 -22.24 3.65
CA MET K 384 17.73 -21.19 2.71
CA MET K 384 17.74 -21.18 2.69
C MET K 384 19.08 -20.59 3.06
C MET K 384 19.09 -20.61 3.06
N PRO K 385 19.87 -20.21 2.06
CA PRO K 385 21.18 -19.65 2.34
C PRO K 385 21.19 -18.18 2.68
N MET K 386 22.37 -17.68 2.99
CA MET K 386 22.55 -16.28 3.29
C MET K 386 22.83 -15.55 1.99
N ARG K 387 22.88 -14.23 2.08
CA ARG K 387 23.17 -13.38 0.91
C ARG K 387 24.40 -13.83 0.13
N HIS L 5 64.08 -16.30 16.68
CA HIS L 5 63.05 -16.37 15.65
C HIS L 5 61.66 -16.46 16.27
N HIS L 6 60.84 -17.36 15.73
CA HIS L 6 59.46 -17.49 16.20
C HIS L 6 59.12 -18.88 16.67
N MET L 7 58.25 -18.95 17.67
CA MET L 7 57.82 -20.20 18.27
C MET L 7 57.07 -21.14 17.34
N ARG L 8 57.37 -22.42 17.47
CA ARG L 8 56.72 -23.47 16.71
C ARG L 8 56.55 -24.60 17.69
N LEU L 9 55.41 -25.27 17.66
CA LEU L 9 55.16 -26.30 18.65
C LEU L 9 54.44 -27.49 18.02
N LYS L 10 54.60 -28.66 18.63
CA LYS L 10 53.96 -29.87 18.16
C LYS L 10 53.49 -30.57 19.42
N ILE L 11 52.22 -30.38 19.79
CA ILE L 11 51.74 -30.95 21.04
C ILE L 11 50.37 -31.60 20.89
N ALA L 12 50.13 -32.65 21.66
CA ALA L 12 48.86 -33.36 21.65
C ALA L 12 47.74 -32.50 22.18
N LYS L 13 46.54 -32.72 21.67
CA LYS L 13 45.36 -31.98 22.06
C LYS L 13 45.18 -31.94 23.58
N GLU L 14 45.15 -33.10 24.22
CA GLU L 14 44.93 -33.19 25.64
C GLU L 14 45.99 -32.48 26.47
N SER L 15 47.24 -32.55 26.05
CA SER L 15 48.32 -31.90 26.77
C SER L 15 48.10 -30.38 26.83
N LEU L 16 47.93 -29.77 25.65
CA LEU L 16 47.71 -28.33 25.56
C LEU L 16 46.43 -27.89 26.27
N LEU L 17 45.39 -28.71 26.16
CA LEU L 17 44.09 -28.39 26.75
C LEU L 17 44.14 -28.46 28.27
N ASN L 18 44.90 -29.41 28.80
CA ASN L 18 45.02 -29.62 30.25
C ASN L 18 45.76 -28.48 30.92
N VAL L 19 46.84 -28.00 30.28
CA VAL L 19 47.58 -26.84 30.77
C VAL L 19 46.68 -25.59 30.70
N LEU L 20 45.99 -25.41 29.58
CA LEU L 20 45.11 -24.25 29.41
C LEU L 20 43.95 -24.22 30.39
N SER L 21 43.34 -25.38 30.65
CA SER L 21 42.20 -25.43 31.58
C SER L 21 42.50 -24.81 32.95
N HIS L 22 43.75 -24.91 33.41
CA HIS L 22 44.13 -24.32 34.70
C HIS L 22 44.28 -22.81 34.74
N VAL L 23 44.48 -22.18 33.58
CA VAL L 23 44.74 -20.75 33.52
C VAL L 23 43.58 -19.90 32.98
N VAL L 24 42.76 -20.50 32.12
CA VAL L 24 41.66 -19.80 31.47
C VAL L 24 40.58 -19.18 32.36
N GLY L 25 40.39 -19.75 33.53
CA GLY L 25 39.40 -19.24 34.45
C GLY L 25 39.69 -17.85 34.94
N ALA L 26 40.90 -17.35 34.67
CA ALA L 26 41.29 -16.03 35.13
C ALA L 26 41.26 -15.01 34.01
N VAL L 27 40.97 -15.46 32.80
CA VAL L 27 40.93 -14.56 31.63
C VAL L 27 39.51 -14.05 31.48
N GLU L 28 39.35 -12.75 31.21
CA GLU L 28 38.03 -12.16 30.98
C GLU L 28 37.75 -12.03 29.49
N ARG L 29 36.52 -12.33 29.10
CA ARG L 29 36.02 -12.29 27.72
C ARG L 29 36.44 -10.99 27.06
N ARG L 30 36.04 -9.89 27.69
CA ARG L 30 36.46 -8.56 27.31
C ARG L 30 37.09 -7.89 28.53
N HIS L 31 38.26 -7.34 28.30
CA HIS L 31 39.00 -6.63 29.31
C HIS L 31 39.29 -5.24 28.75
N THR L 32 39.61 -4.30 29.62
CA THR L 32 39.91 -2.96 29.14
C THR L 32 41.13 -2.97 28.24
N LEU L 33 42.13 -3.77 28.61
CA LEU L 33 43.35 -3.93 27.83
C LEU L 33 43.13 -5.15 26.94
N ASN L 34 43.36 -4.99 25.64
CA ASN L 34 43.16 -6.05 24.67
C ASN L 34 44.04 -7.28 24.85
N ILE L 35 45.29 -7.08 25.24
CA ILE L 35 46.22 -8.20 25.41
C ILE L 35 45.79 -9.21 26.47
N LEU L 36 45.08 -8.75 27.50
CA LEU L 36 44.64 -9.63 28.59
C LEU L 36 43.58 -10.66 28.24
N SER L 37 42.88 -10.46 27.15
CA SER L 37 41.95 -11.46 26.65
C SER L 37 42.71 -12.68 26.14
N ASN L 38 44.00 -12.49 25.85
CA ASN L 38 44.87 -13.55 25.39
C ASN L 38 45.55 -14.25 26.55
N VAL L 39 46.02 -15.45 26.29
CA VAL L 39 46.88 -16.20 27.18
C VAL L 39 48.31 -15.97 26.66
N LYS L 40 49.30 -15.99 27.55
CA LYS L 40 50.68 -15.85 27.13
C LYS L 40 51.30 -17.23 27.14
N ILE L 41 51.88 -17.63 26.03
CA ILE L 41 52.50 -18.94 25.94
C ILE L 41 53.99 -18.84 25.68
N GLN L 42 54.78 -19.52 26.49
CA GLN L 42 56.22 -19.52 26.32
C GLN L 42 56.69 -20.95 26.26
N THR L 43 57.51 -21.28 25.27
CA THR L 43 58.03 -22.63 25.18
C THR L 43 59.51 -22.69 24.92
N ASN L 44 60.10 -23.74 25.46
CA ASN L 44 61.50 -24.05 25.28
C ASN L 44 61.60 -25.57 25.10
N ALA L 45 62.80 -26.07 24.92
CA ALA L 45 62.94 -27.52 24.73
C ALA L 45 62.35 -28.39 25.85
N GLN L 46 62.44 -27.94 27.09
CA GLN L 46 62.01 -28.75 28.25
C GLN L 46 60.60 -28.48 28.76
N ALA L 47 60.12 -27.24 28.73
CA ALA L 47 58.79 -27.00 29.27
C ALA L 47 57.94 -25.97 28.55
N LEU L 48 56.64 -26.04 28.82
CA LEU L 48 55.66 -25.14 28.25
C LEU L 48 55.01 -24.34 29.35
N THR L 49 54.98 -23.02 29.22
CA THR L 49 54.38 -22.19 30.24
C THR L 49 53.25 -21.34 29.71
N ILE L 50 52.07 -21.46 30.30
CA ILE L 50 50.96 -20.65 29.86
C ILE L 50 50.48 -19.77 31.01
N THR L 51 50.23 -18.50 30.70
CA THR L 51 49.79 -17.51 31.68
C THR L 51 48.48 -16.84 31.31
N GLY L 52 47.56 -16.81 32.26
CA GLY L 52 46.27 -16.17 32.09
C GLY L 52 46.00 -15.23 33.25
N SER L 53 45.57 -14.01 32.95
CA SER L 53 45.32 -13.04 34.01
C SER L 53 44.34 -11.93 33.64
N ASP L 54 43.72 -11.34 34.66
CA ASP L 54 42.77 -10.25 34.49
C ASP L 54 43.25 -9.01 35.21
N LEU L 55 44.50 -9.10 35.66
CA LEU L 55 45.31 -8.11 36.41
C LEU L 55 45.01 -8.03 37.90
N GLU L 56 44.05 -8.81 38.36
CA GLU L 56 43.77 -8.85 39.79
C GLU L 56 44.05 -10.25 40.32
N VAL L 57 44.04 -11.22 39.41
CA VAL L 57 44.32 -12.60 39.70
C VAL L 57 45.15 -13.11 38.54
N GLU L 58 46.26 -13.78 38.86
CA GLU L 58 47.15 -14.29 37.83
C GLU L 58 47.46 -15.76 37.99
N LEU L 59 47.34 -16.52 36.90
CA LEU L 59 47.64 -17.95 36.94
C LEU L 59 48.66 -18.31 35.89
N VAL L 60 49.72 -19.00 36.30
CA VAL L 60 50.75 -19.42 35.40
C VAL L 60 50.86 -20.91 35.57
N ALA L 61 50.63 -21.66 34.51
CA ALA L 61 50.69 -23.11 34.57
C ALA L 61 51.77 -23.60 33.65
N SER L 62 52.58 -24.53 34.14
CA SER L 62 53.66 -25.07 33.32
C SER L 62 53.75 -26.57 33.49
N THR L 63 54.31 -27.24 32.49
CA THR L 63 54.47 -28.69 32.50
C THR L 63 55.69 -29.08 31.70
N ALA L 64 56.24 -30.25 31.98
CA ALA L 64 57.43 -30.77 31.28
C ALA L 64 57.00 -31.29 29.90
N LEU L 65 57.55 -30.69 28.87
CA LEU L 65 57.26 -31.02 27.49
C LEU L 65 57.97 -32.28 27.01
N SER L 66 57.32 -33.02 26.12
CA SER L 66 57.88 -34.22 25.56
C SER L 66 59.00 -33.84 24.61
N GLU L 67 60.00 -34.69 24.49
CA GLU L 67 61.10 -34.36 23.61
C GLU L 67 60.62 -34.23 22.18
N GLY L 68 61.05 -33.16 21.52
CA GLY L 68 60.68 -32.89 20.15
C GLY L 68 59.35 -32.20 19.97
N ALA L 69 58.68 -31.87 21.07
CA ALA L 69 57.40 -31.20 20.99
C ALA L 69 57.61 -29.78 20.57
N CYS L 70 58.69 -29.18 21.03
CA CYS L 70 59.00 -27.82 20.68
C CYS L 70 60.06 -27.69 19.60
N LEU L 71 59.62 -27.49 18.37
CA LEU L 71 60.53 -27.34 17.23
C LEU L 71 61.35 -26.07 17.33
N GLU L 72 60.71 -24.98 17.74
CA GLU L 72 61.40 -23.72 17.93
C GLU L 72 61.03 -23.22 19.32
N ALA L 73 61.85 -22.34 19.86
CA ALA L 73 61.57 -21.81 21.18
C ALA L 73 61.16 -20.37 21.00
N GLY L 74 60.21 -19.93 21.81
CA GLY L 74 59.72 -18.58 21.70
C GLY L 74 58.56 -18.30 22.62
N GLU L 75 58.00 -17.10 22.52
CA GLU L 75 56.86 -16.72 23.32
C GLU L 75 55.92 -15.86 22.50
N THR L 76 54.65 -15.86 22.89
CA THR L 76 53.59 -15.13 22.20
C THR L 76 52.36 -15.04 23.08
N THR L 77 51.35 -14.35 22.59
CA THR L 77 50.02 -14.29 23.19
C THR L 77 48.96 -14.66 22.16
N VAL L 78 48.03 -15.55 22.53
CA VAL L 78 46.98 -16.03 21.64
C VAL L 78 45.63 -15.85 22.34
N PRO L 79 44.58 -15.49 21.59
CA PRO L 79 43.23 -15.33 22.12
C PRO L 79 42.84 -16.57 22.88
N ALA L 80 42.75 -16.48 24.20
CA ALA L 80 42.49 -17.63 25.04
C ALA L 80 41.27 -18.48 24.87
N ARG L 81 40.10 -17.88 24.77
CA ARG L 81 38.88 -18.67 24.62
C ARG L 81 38.72 -19.34 23.26
N LYS L 82 39.18 -18.67 22.22
CA LYS L 82 39.09 -19.22 20.89
C LYS L 82 39.97 -20.45 20.86
N LEU L 83 41.17 -20.34 21.43
CA LEU L 83 42.10 -21.46 21.49
C LEU L 83 41.51 -22.64 22.23
N MET L 84 40.83 -22.35 23.34
CA MET L 84 40.21 -23.38 24.15
C MET L 84 39.17 -24.13 23.37
N GLU L 85 38.36 -23.40 22.61
CA GLU L 85 37.29 -23.99 21.83
C GLU L 85 37.85 -24.74 20.63
N ILE L 86 38.86 -24.15 19.99
CA ILE L 86 39.49 -24.79 18.85
C ILE L 86 40.05 -26.15 19.24
N CYS L 87 40.76 -26.19 20.35
CA CYS L 87 41.32 -27.46 20.85
C CYS L 87 40.24 -28.48 21.23
N LYS L 88 39.18 -28.05 21.89
CA LYS L 88 38.06 -28.95 22.26
C LYS L 88 37.32 -29.55 21.07
N SER L 89 37.27 -28.82 19.96
CA SER L 89 36.58 -29.29 18.76
C SER L 89 37.33 -30.38 17.99
N LEU L 90 38.63 -30.52 18.23
CA LEU L 90 39.45 -31.53 17.56
C LEU L 90 39.09 -32.93 18.09
N PRO L 91 39.33 -33.98 17.26
CA PRO L 91 39.07 -35.35 17.72
C PRO L 91 40.02 -35.80 18.80
N THR L 92 39.61 -36.83 19.56
CA THR L 92 40.47 -37.38 20.62
C THR L 92 41.81 -37.86 20.05
N ALA L 93 42.89 -37.60 20.80
CA ALA L 93 44.28 -37.94 20.46
C ALA L 93 44.83 -37.24 19.24
N ALA L 94 44.22 -36.10 18.91
CA ALA L 94 44.64 -35.30 17.78
C ALA L 94 45.95 -34.63 18.08
N LEU L 95 46.73 -34.34 17.03
CA LEU L 95 48.00 -33.67 17.22
C LEU L 95 47.93 -32.28 16.64
N ILE L 96 48.30 -31.30 17.46
CA ILE L 96 48.25 -29.90 17.05
C ILE L 96 49.63 -29.36 16.71
N ASP L 97 49.70 -28.64 15.61
CA ASP L 97 50.94 -28.02 15.20
C ASP L 97 50.69 -26.52 15.31
N LEU L 98 51.46 -25.85 16.16
CA LEU L 98 51.31 -24.41 16.36
C LEU L 98 52.43 -23.70 15.65
N GLN L 99 52.12 -22.55 15.06
CA GLN L 99 53.16 -21.82 14.36
C GLN L 99 52.96 -20.33 14.59
N ILE L 100 54.04 -19.59 14.78
CA ILE L 100 53.91 -18.16 14.96
C ILE L 100 54.65 -17.47 13.83
N THR L 101 54.05 -16.43 13.26
CA THR L 101 54.66 -15.73 12.15
C THR L 101 54.92 -14.27 12.47
N GLU L 102 55.88 -13.70 11.77
CA GLU L 102 56.26 -12.30 11.96
C GLU L 102 55.11 -11.31 11.93
N ASP L 103 54.11 -11.55 11.09
CA ASP L 103 52.99 -10.63 10.94
C ASP L 103 51.93 -10.79 12.02
N GLN L 104 52.32 -11.37 13.15
CA GLN L 104 51.47 -11.60 14.33
C GLN L 104 50.26 -12.49 14.08
N ARG L 105 50.46 -13.53 13.29
CA ARG L 105 49.41 -14.48 13.00
C ARG L 105 49.81 -15.81 13.59
N CYS L 106 48.88 -16.48 14.27
CA CYS L 106 49.15 -17.79 14.85
C CYS L 106 48.42 -18.86 14.05
N ILE L 107 49.13 -19.88 13.60
CA ILE L 107 48.53 -20.93 12.78
C ILE L 107 48.47 -22.28 13.48
N LEU L 108 47.28 -22.89 13.48
CA LEU L 108 47.10 -24.20 14.10
C LEU L 108 46.68 -25.23 13.07
N LYS L 109 47.38 -26.35 13.04
CA LYS L 109 47.04 -27.42 12.13
C LYS L 109 46.84 -28.73 12.88
N SER L 110 45.71 -29.38 12.64
CA SER L 110 45.39 -30.65 13.26
C SER L 110 44.53 -31.36 12.25
N GLY L 111 44.95 -32.57 11.86
CA GLY L 111 44.23 -33.30 10.83
C GLY L 111 44.14 -32.47 9.56
N ASN L 112 42.96 -32.43 8.97
CA ASN L 112 42.69 -31.63 7.76
C ASN L 112 42.27 -30.17 8.02
N SER L 113 42.12 -29.80 9.29
CA SER L 113 41.68 -28.46 9.65
C SER L 113 42.82 -27.47 9.93
N ARG L 114 42.65 -26.25 9.43
CA ARG L 114 43.63 -25.20 9.63
C ARG L 114 42.97 -23.97 10.24
N PHE L 115 43.53 -23.46 11.33
CA PHE L 115 42.98 -22.29 12.00
C PHE L 115 44.04 -21.20 12.06
N VAL L 116 43.63 -19.95 11.96
CA VAL L 116 44.56 -18.84 12.03
C VAL L 116 44.02 -17.80 13.00
N LEU L 117 44.84 -17.40 13.95
CA LEU L 117 44.46 -16.41 14.94
C LEU L 117 45.45 -15.27 14.95
N GLY L 118 45.03 -14.13 15.47
CA GLY L 118 45.88 -12.98 15.58
C GLY L 118 46.52 -12.90 16.96
N THR L 119 47.82 -12.68 17.00
CA THR L 119 48.52 -12.61 18.25
C THR L 119 49.05 -11.24 18.56
N LEU L 120 49.33 -11.01 19.83
CA LEU L 120 49.93 -9.75 20.28
C LEU L 120 51.29 -10.03 20.92
N PRO L 121 52.19 -9.05 20.91
CA PRO L 121 53.54 -9.23 21.48
C PRO L 121 53.56 -9.72 22.92
N ALA L 122 54.42 -10.69 23.19
CA ALA L 122 54.58 -11.28 24.52
C ALA L 122 55.08 -10.30 25.54
N GLU L 123 55.94 -9.38 25.11
CA GLU L 123 56.49 -8.37 26.01
C GLU L 123 55.41 -7.45 26.59
N ASP L 124 54.42 -7.12 25.77
CA ASP L 124 53.31 -6.27 26.15
C ASP L 124 52.43 -6.81 27.27
N TYR L 125 52.36 -8.13 27.41
CA TYR L 125 51.59 -8.75 28.48
C TYR L 125 52.10 -8.32 29.85
N PRO L 126 51.22 -7.76 30.68
CA PRO L 126 51.54 -7.29 32.03
C PRO L 126 51.48 -8.41 33.07
N LEU L 127 52.39 -8.36 34.04
CA LEU L 127 52.48 -9.37 35.08
C LEU L 127 52.48 -8.74 36.47
N LEU L 128 52.03 -9.49 37.46
CA LEU L 128 51.99 -8.98 38.82
C LEU L 128 53.38 -9.00 39.43
N GLN L 134 60.74 -8.87 53.01
CA GLN L 134 59.87 -9.66 52.15
C GLN L 134 58.46 -9.75 52.70
N GLY L 135 57.86 -10.92 52.56
CA GLY L 135 56.50 -11.15 53.03
C GLY L 135 56.41 -12.40 53.88
N THR L 136 55.37 -12.47 54.70
CA THR L 136 55.14 -13.59 55.59
C THR L 136 54.88 -14.90 54.85
N GLN L 137 55.35 -16.00 55.42
CA GLN L 137 55.17 -17.32 54.85
C GLN L 137 54.32 -18.20 55.75
N VAL L 138 53.34 -18.87 55.16
CA VAL L 138 52.44 -19.72 55.90
C VAL L 138 52.42 -21.17 55.38
N GLN L 139 52.46 -22.12 56.30
CA GLN L 139 52.42 -23.52 55.92
C GLN L 139 51.02 -24.00 56.23
N VAL L 140 50.35 -24.59 55.25
CA VAL L 140 48.99 -25.05 55.46
C VAL L 140 48.59 -26.13 54.46
N THR L 141 47.77 -27.07 54.90
CA THR L 141 47.27 -28.13 54.04
C THR L 141 46.40 -27.64 52.91
N GLN L 142 46.66 -28.09 51.67
CA GLN L 142 45.83 -27.71 50.52
C GLN L 142 44.37 -27.89 50.87
N ARG L 143 44.08 -29.01 51.50
CA ARG L 143 42.75 -29.34 51.95
C ARG L 143 42.31 -28.35 52.98
N GLU L 144 43.18 -28.08 53.95
CA GLU L 144 42.75 -27.16 54.99
C GLU L 144 42.47 -25.78 54.43
N LEU L 145 43.28 -25.32 53.47
CA LEU L 145 43.03 -24.03 52.82
C LEU L 145 41.70 -24.07 52.05
N LYS L 146 41.47 -25.16 51.35
CA LYS L 146 40.25 -25.35 50.59
C LYS L 146 39.05 -25.29 51.54
N ARG L 147 39.16 -25.96 52.68
CA ARG L 147 38.09 -25.97 53.68
C ARG L 147 37.74 -24.58 54.17
N LEU L 148 38.74 -23.73 54.41
CA LEU L 148 38.50 -22.36 54.85
C LEU L 148 37.56 -21.64 53.90
N PHE L 149 37.77 -21.83 52.60
CA PHE L 149 36.96 -21.17 51.60
C PHE L 149 35.57 -21.77 51.47
N GLU L 150 35.46 -23.09 51.48
CA GLU L 150 34.15 -23.72 51.35
C GLU L 150 33.19 -23.30 52.44
N LYS L 151 33.71 -23.19 53.65
CA LYS L 151 32.88 -22.85 54.80
C LYS L 151 32.56 -21.36 54.92
N THR L 152 33.27 -20.51 54.20
CA THR L 152 33.03 -19.07 54.30
C THR L 152 32.59 -18.38 53.00
N ALA L 153 32.85 -18.95 51.85
CA ALA L 153 32.50 -18.30 50.58
C ALA L 153 31.08 -17.75 50.43
N PHE L 154 30.09 -18.45 50.94
CA PHE L 154 28.69 -18.03 50.79
C PHE L 154 28.29 -16.70 51.39
N ALA L 155 29.03 -16.23 52.39
CA ALA L 155 28.72 -14.96 53.08
C ALA L 155 29.39 -13.71 52.51
N MET L 156 30.22 -13.87 51.50
CA MET L 156 30.88 -12.74 50.86
C MET L 156 29.85 -12.02 50.03
N ALA L 157 29.90 -10.70 50.01
CA ALA L 157 28.96 -9.95 49.20
C ALA L 157 29.22 -10.15 47.73
N VAL L 158 28.18 -10.18 46.92
CA VAL L 158 28.34 -10.35 45.48
C VAL L 158 29.16 -9.23 44.86
N GLN L 159 28.71 -8.00 45.08
CA GLN L 159 29.39 -6.78 44.71
C GLN L 159 28.81 -5.75 45.64
N ASP L 160 29.58 -4.72 45.98
CA ASP L 160 29.11 -3.73 46.92
C ASP L 160 29.94 -2.49 46.78
N VAL L 161 29.47 -1.35 47.29
CA VAL L 161 30.24 -0.12 47.20
C VAL L 161 31.55 -0.27 47.96
N ARG L 162 31.51 -0.97 49.10
CA ARG L 162 32.70 -1.25 49.90
C ARG L 162 33.35 -2.47 49.28
N PHE L 163 34.49 -2.27 48.63
CA PHE L 163 35.15 -3.37 47.95
C PHE L 163 35.59 -4.49 48.87
N TYR L 164 35.95 -4.15 50.09
CA TYR L 164 36.44 -5.14 51.04
C TYR L 164 35.43 -6.26 51.34
N LEU L 165 34.15 -5.94 51.39
CA LEU L 165 33.13 -6.94 51.67
C LEU L 165 33.10 -8.06 50.63
N THR L 166 33.32 -7.72 49.38
CA THR L 166 33.36 -8.68 48.30
C THR L 166 34.61 -9.56 48.35
N GLY L 167 35.14 -9.77 49.53
CA GLY L 167 36.33 -10.59 49.66
C GLY L 167 36.38 -11.39 50.93
N THR L 168 37.38 -12.23 51.02
CA THR L 168 37.59 -13.08 52.17
C THR L 168 38.81 -12.52 52.87
N LEU L 169 38.77 -12.48 54.20
CA LEU L 169 39.91 -11.97 54.92
C LEU L 169 40.74 -13.13 55.40
N LEU L 170 41.96 -13.24 54.91
CA LEU L 170 42.83 -14.29 55.36
C LEU L 170 43.66 -13.64 56.44
N GLU L 171 43.51 -14.15 57.65
CA GLU L 171 44.19 -13.62 58.79
C GLU L 171 44.90 -14.77 59.46
N ILE L 172 46.17 -14.60 59.82
CA ILE L 172 46.86 -15.68 60.48
C ILE L 172 47.44 -15.29 61.83
N ASP L 173 47.09 -16.05 62.86
CA ASP L 173 47.66 -15.83 64.19
C ASP L 173 48.81 -16.85 64.34
N GLU L 174 49.49 -16.85 65.47
CA GLU L 174 50.56 -17.83 65.61
C GLU L 174 49.90 -19.21 65.65
N ASN L 175 50.41 -20.12 64.82
CA ASN L 175 49.94 -21.50 64.69
C ASN L 175 48.48 -21.64 64.21
N GLN L 176 47.97 -20.62 63.53
CA GLN L 176 46.58 -20.66 63.05
C GLN L 176 46.24 -19.73 61.88
N LEU L 177 45.32 -20.20 61.03
CA LEU L 177 44.87 -19.41 59.89
C LEU L 177 43.37 -19.21 59.98
N ARG L 178 42.91 -17.97 59.80
CA ARG L 178 41.50 -17.64 59.86
C ARG L 178 41.02 -17.02 58.57
N ALA L 179 39.81 -17.40 58.18
CA ALA L 179 39.17 -16.87 56.99
C ALA L 179 37.83 -16.31 57.42
N VAL L 180 37.57 -15.05 57.14
CA VAL L 180 36.32 -14.45 57.54
C VAL L 180 35.64 -13.67 56.41
N THR L 181 34.34 -13.88 56.23
CA THR L 181 33.58 -13.18 55.21
C THR L 181 32.25 -12.66 55.77
N THR L 182 31.81 -11.50 55.29
CA THR L 182 30.57 -10.89 55.70
C THR L 182 29.99 -10.02 54.56
N ASP L 183 28.67 -9.88 54.54
CA ASP L 183 27.99 -8.98 53.61
C ASP L 183 27.15 -7.91 54.32
N GLY L 184 27.23 -7.85 55.64
CA GLY L 184 26.47 -6.87 56.38
C GLY L 184 25.17 -7.40 56.94
N HIS L 185 24.86 -8.65 56.62
CA HIS L 185 23.63 -9.27 57.10
C HIS L 185 23.95 -10.56 57.81
N ARG L 186 25.18 -11.03 57.64
CA ARG L 186 25.62 -12.30 58.22
C ARG L 186 27.12 -12.38 58.11
N LEU L 187 27.71 -13.27 58.90
CA LEU L 187 29.15 -13.41 58.91
C LEU L 187 29.57 -14.86 58.90
N ALA L 188 30.67 -15.14 58.21
CA ALA L 188 31.18 -16.49 58.13
C ALA L 188 32.62 -16.53 58.60
N LEU L 189 32.95 -17.49 59.43
CA LEU L 189 34.31 -17.63 59.93
C LEU L 189 34.68 -19.08 60.13
N CYS L 190 35.94 -19.38 59.82
CA CYS L 190 36.48 -20.73 59.94
C CYS L 190 37.96 -20.63 60.22
N GLU L 191 38.48 -21.47 61.13
CA GLU L 191 39.89 -21.41 61.53
C GLU L 191 40.50 -22.79 61.34
N ILE L 192 41.80 -22.81 61.08
CA ILE L 192 42.53 -24.06 60.88
C ILE L 192 43.96 -23.87 61.36
N LEU L 193 44.52 -24.91 61.97
CA LEU L 193 45.90 -24.82 62.45
C LEU L 193 46.92 -24.78 61.32
N ALA L 194 47.74 -23.75 61.33
CA ALA L 194 48.78 -23.53 60.33
C ALA L 194 50.05 -23.03 60.99
N SER L 195 51.15 -23.06 60.24
CA SER L 195 52.44 -22.64 60.77
C SER L 195 52.77 -21.17 60.51
N SER L 196 53.43 -20.56 61.48
CA SER L 196 53.82 -19.16 61.42
C SER L 196 54.89 -18.89 60.37
N LEU L 201 49.51 -9.52 64.00
CA LEU L 201 50.19 -10.23 62.94
C LEU L 201 49.82 -9.70 61.57
N VAL L 202 49.39 -10.58 60.67
CA VAL L 202 49.03 -10.16 59.33
C VAL L 202 47.60 -10.49 58.95
N GLN L 203 47.02 -9.61 58.15
CA GLN L 203 45.67 -9.77 57.67
C GLN L 203 45.71 -9.45 56.19
N ALA L 204 45.05 -10.27 55.38
CA ALA L 204 45.01 -10.04 53.94
C ALA L 204 43.60 -10.22 53.40
N ILE L 205 43.24 -9.42 52.40
CA ILE L 205 41.91 -9.48 51.80
C ILE L 205 41.98 -10.06 50.40
N VAL L 206 41.51 -11.30 50.23
CA VAL L 206 41.59 -11.92 48.93
C VAL L 206 40.31 -11.66 48.16
N PRO L 207 40.42 -11.16 46.92
CA PRO L 207 39.27 -10.89 46.07
C PRO L 207 38.41 -12.13 45.80
N ARG L 208 37.14 -11.89 45.53
CA ARG L 208 36.18 -12.97 45.30
C ARG L 208 36.54 -13.84 44.12
N LYS L 209 37.01 -13.21 43.05
CA LYS L 209 37.40 -13.94 41.87
C LYS L 209 38.58 -14.87 42.19
N ALA L 210 39.53 -14.37 42.97
CA ALA L 210 40.68 -15.15 43.36
C ALA L 210 40.29 -16.34 44.21
N VAL L 211 39.36 -16.14 45.13
CA VAL L 211 38.97 -17.23 46.00
C VAL L 211 38.37 -18.36 45.21
N GLY L 212 37.52 -18.02 44.24
CA GLY L 212 36.87 -19.03 43.43
C GLY L 212 37.84 -19.84 42.63
N GLU L 213 38.84 -19.17 42.06
CA GLU L 213 39.83 -19.84 41.26
C GLU L 213 40.63 -20.74 42.17
N LEU L 214 40.93 -20.24 43.35
CA LEU L 214 41.69 -20.98 44.33
C LEU L 214 40.96 -22.24 44.74
N GLN L 215 39.65 -22.15 44.93
CA GLN L 215 38.90 -23.33 45.31
C GLN L 215 38.98 -24.38 44.22
N ARG L 216 38.86 -23.95 42.97
CA ARG L 216 38.92 -24.85 41.83
C ARG L 216 40.29 -25.49 41.71
N LEU L 217 41.33 -24.68 41.86
CA LEU L 217 42.70 -25.18 41.78
C LEU L 217 43.11 -26.10 42.92
N LEU L 218 42.69 -25.75 44.13
CA LEU L 218 43.11 -26.53 45.30
C LEU L 218 42.65 -27.96 45.35
N SER L 219 43.60 -28.81 45.70
CA SER L 219 43.38 -30.24 45.82
C SER L 219 42.59 -30.51 47.07
N ILE L 220 41.86 -31.60 47.08
CA ILE L 220 41.03 -31.91 48.22
C ILE L 220 41.77 -32.08 49.53
N GLU L 221 42.90 -32.78 49.52
CA GLU L 221 43.61 -33.06 50.77
C GLU L 221 45.08 -33.45 50.79
N ASP L 222 45.64 -33.36 51.99
CA ASP L 222 46.98 -33.82 52.35
C ASP L 222 48.24 -33.37 51.63
N GLU L 223 48.28 -32.14 51.13
CA GLU L 223 49.49 -31.69 50.48
C GLU L 223 49.88 -30.38 51.13
N GLN L 224 51.10 -30.28 51.62
CA GLN L 224 51.50 -29.05 52.26
C GLN L 224 51.70 -27.97 51.22
N LEU L 225 51.24 -26.77 51.55
CA LEU L 225 51.33 -25.64 50.67
C LEU L 225 51.96 -24.49 51.39
N THR L 226 52.71 -23.68 50.66
CA THR L 226 53.30 -22.52 51.27
C THR L 226 52.71 -21.26 50.64
N LEU L 227 52.11 -20.45 51.48
CA LEU L 227 51.47 -19.18 51.13
C LEU L 227 52.40 -18.05 51.45
N LEU L 228 52.70 -17.22 50.47
CA LEU L 228 53.44 -15.97 50.70
C LEU L 228 52.46 -14.80 50.71
N ILE L 229 52.21 -14.24 51.89
CA ILE L 229 51.28 -13.12 52.08
C ILE L 229 52.09 -11.83 52.27
N GLY L 230 51.99 -10.89 51.34
CA GLY L 230 52.68 -9.60 51.43
C GLY L 230 51.66 -8.49 51.70
N ARG L 231 52.07 -7.25 51.56
CA ARG L 231 51.16 -6.15 51.81
C ARG L 231 50.23 -5.90 50.63
N GLU L 232 50.69 -6.22 49.43
CA GLU L 232 49.89 -6.01 48.21
C GLU L 232 49.57 -7.28 47.39
N LEU L 233 50.27 -8.39 47.63
CA LEU L 233 50.07 -9.62 46.85
C LEU L 233 50.06 -10.86 47.73
N LEU L 234 49.33 -11.89 47.27
CA LEU L 234 49.38 -13.22 47.88
C LEU L 234 49.82 -14.20 46.80
N ASN L 235 50.79 -15.03 47.14
CA ASN L 235 51.41 -15.99 46.22
C ASN L 235 51.28 -17.40 46.77
N VAL L 236 51.02 -18.35 45.91
CA VAL L 236 51.09 -19.77 46.26
C VAL L 236 51.40 -20.59 45.02
N THR L 237 52.27 -21.58 45.18
CA THR L 237 52.57 -22.52 44.10
C THR L 237 51.90 -23.83 44.45
N ILE L 238 51.16 -24.39 43.49
CA ILE L 238 50.33 -25.58 43.70
C ILE L 238 50.73 -26.61 42.65
N ASN L 239 50.83 -27.86 43.07
CA ASN L 239 51.15 -28.95 42.15
C ASN L 239 49.88 -29.73 41.92
N THR L 240 49.50 -29.90 40.66
CA THR L 240 48.30 -30.63 40.32
C THR L 240 48.74 -31.97 39.76
N PRO L 241 48.19 -33.06 40.29
CA PRO L 241 48.63 -34.35 39.80
C PRO L 241 47.92 -34.73 38.51
N SER L 242 48.70 -34.94 37.45
CA SER L 242 48.13 -35.32 36.18
C SER L 242 48.62 -36.73 35.89
N ARG L 243 47.70 -37.68 35.91
CA ARG L 243 48.05 -39.08 35.65
C ARG L 243 47.34 -39.61 34.42
N ASP L 244 46.57 -38.77 33.75
CA ASP L 244 45.81 -39.24 32.58
C ASP L 244 46.56 -39.21 31.24
N LYS L 245 47.66 -39.95 31.20
CA LYS L 245 48.55 -40.19 30.05
C LYS L 245 49.45 -39.04 29.61
N GLU L 246 49.38 -37.92 30.31
CA GLU L 246 50.22 -36.79 29.97
C GLU L 246 51.66 -37.12 30.22
N GLN L 247 51.88 -37.78 31.37
CA GLN L 247 53.15 -38.25 31.95
C GLN L 247 54.02 -37.15 32.57
N GLY L 248 53.48 -35.93 32.60
CA GLY L 248 54.15 -34.77 33.17
C GLY L 248 53.21 -34.06 34.12
N ASP L 249 53.70 -33.72 35.30
CA ASP L 249 52.90 -33.02 36.29
C ASP L 249 52.73 -31.55 35.93
N ILE L 250 51.69 -30.93 36.45
CA ILE L 250 51.43 -29.53 36.18
C ILE L 250 51.56 -28.71 37.46
N THR L 251 52.34 -27.64 37.39
CA THR L 251 52.54 -26.76 38.53
C THR L 251 51.92 -25.41 38.18
N VAL L 252 51.11 -24.88 39.09
CA VAL L 252 50.43 -23.61 38.82
C VAL L 252 50.88 -22.61 39.86
N ARG L 253 51.36 -21.47 39.42
CA ARG L 253 51.76 -20.41 40.32
C ARG L 253 50.57 -19.47 40.37
N PHE L 254 50.06 -19.23 41.56
CA PHE L 254 48.90 -18.38 41.73
C PHE L 254 49.26 -17.08 42.40
N THR L 255 48.81 -15.97 41.83
CA THR L 255 49.08 -14.67 42.39
C THR L 255 47.82 -13.82 42.38
N THR L 256 47.59 -13.06 43.44
CA THR L 256 46.41 -12.20 43.48
C THR L 256 46.72 -10.88 44.16
N LYS L 257 46.20 -9.79 43.57
CA LYS L 257 46.30 -8.46 44.14
C LYS L 257 45.29 -8.38 45.28
N LEU L 258 45.76 -8.04 46.47
CA LEU L 258 44.86 -8.01 47.63
C LEU L 258 44.03 -6.74 47.62
N ILE L 259 42.90 -6.77 48.29
CA ILE L 259 42.00 -5.62 48.39
C ILE L 259 42.54 -4.71 49.47
N ASP L 260 42.78 -3.47 49.08
CA ASP L 260 43.32 -2.46 49.96
C ASP L 260 42.30 -1.82 50.89
N GLY L 261 41.89 -2.55 51.91
CA GLY L 261 40.98 -2.01 52.93
C GLY L 261 41.31 -2.52 54.31
N LYS L 262 40.48 -2.19 55.27
CA LYS L 262 40.61 -2.74 56.62
C LYS L 262 39.33 -3.47 56.94
N PHE L 263 39.42 -4.77 57.13
CA PHE L 263 38.24 -5.52 57.47
C PHE L 263 37.87 -5.14 58.89
N PRO L 264 36.56 -5.16 59.22
CA PRO L 264 36.13 -4.83 60.58
C PRO L 264 36.61 -5.85 61.59
N ASP L 265 36.71 -5.44 62.84
CA ASP L 265 37.00 -6.37 63.92
C ASP L 265 35.77 -7.28 64.09
N TYR L 266 35.88 -8.49 63.57
CA TYR L 266 34.81 -9.47 63.62
C TYR L 266 34.52 -10.04 65.00
N ARG L 267 35.51 -10.00 65.88
CA ARG L 267 35.33 -10.56 67.21
C ARG L 267 34.30 -9.90 68.13
N ARG L 268 34.16 -8.57 68.01
CA ARG L 268 33.12 -7.83 68.76
C ARG L 268 31.69 -8.05 68.23
N VAL L 269 31.60 -8.40 66.94
CA VAL L 269 30.31 -8.67 66.29
C VAL L 269 29.82 -10.02 66.81
N ILE L 270 30.73 -10.94 67.10
CA ILE L 270 30.34 -12.26 67.57
C ILE L 270 29.92 -12.34 69.02
N PRO L 271 28.66 -12.72 69.26
CA PRO L 271 28.04 -12.84 70.58
C PRO L 271 28.47 -14.10 71.31
N ASP L 283 19.05 -30.97 60.39
CA ASP L 283 18.32 -31.71 59.36
C ASP L 283 16.84 -31.69 59.64
N VAL L 284 16.46 -32.08 60.85
CA VAL L 284 15.06 -32.08 61.23
C VAL L 284 14.66 -30.62 61.16
N PHE L 285 15.69 -29.77 61.16
CA PHE L 285 15.62 -28.33 61.03
C PHE L 285 15.57 -27.88 59.57
N LYS L 286 16.46 -28.42 58.76
CA LYS L 286 16.54 -28.11 57.32
C LYS L 286 15.26 -28.40 56.55
N GLN L 287 14.72 -29.61 56.71
CA GLN L 287 13.52 -30.03 55.97
C GLN L 287 12.30 -29.25 56.46
N SER L 288 12.20 -29.04 57.77
CA SER L 288 11.08 -28.25 58.36
C SER L 288 11.04 -26.83 57.76
N LEU L 289 12.21 -26.18 57.75
CA LEU L 289 12.31 -24.82 57.27
C LEU L 289 12.08 -24.67 55.75
N GLN L 290 12.54 -25.68 54.98
CA GLN L 290 12.29 -25.69 53.54
C GLN L 290 10.80 -25.77 53.22
N ARG L 291 10.07 -26.58 53.95
CA ARG L 291 8.68 -26.73 53.64
C ARG L 291 7.78 -25.60 54.14
N VAL L 292 8.21 -24.92 55.20
CA VAL L 292 7.44 -23.82 55.71
C VAL L 292 7.74 -22.61 54.83
N ALA L 293 8.99 -22.52 54.38
CA ALA L 293 9.39 -21.41 53.52
C ALA L 293 8.64 -21.32 52.20
N ILE L 294 8.00 -22.40 51.77
CA ILE L 294 7.24 -22.40 50.51
C ILE L 294 6.17 -21.34 50.45
N LEU L 295 5.56 -21.07 51.60
CA LEU L 295 4.49 -20.09 51.71
C LEU L 295 4.94 -18.74 52.25
N SER L 296 6.24 -18.49 52.27
CA SER L 296 6.73 -17.19 52.66
C SER L 296 6.72 -16.24 51.47
N ASN L 297 6.96 -14.97 51.76
CA ASN L 297 7.12 -13.93 50.76
C ASN L 297 8.21 -14.37 49.78
N GLU L 298 7.94 -14.23 48.48
CA GLU L 298 8.81 -14.81 47.44
C GLU L 298 10.20 -14.17 47.37
N LYS L 299 10.30 -12.88 47.70
CA LYS L 299 11.58 -12.15 47.66
C LYS L 299 12.23 -12.06 49.03
N LEU L 300 11.47 -11.67 50.05
CA LEU L 300 12.02 -11.43 51.39
C LEU L 300 12.26 -12.73 52.17
N ARG L 301 11.49 -13.78 51.88
CA ARG L 301 11.72 -15.12 52.43
C ARG L 301 11.62 -15.21 53.97
N GLY L 302 10.77 -14.37 54.55
CA GLY L 302 10.65 -14.26 55.99
C GLY L 302 9.89 -15.40 56.61
N VAL L 303 10.46 -16.01 57.63
CA VAL L 303 9.84 -17.10 58.36
C VAL L 303 9.92 -16.77 59.83
N PHE L 304 8.91 -17.17 60.60
CA PHE L 304 8.89 -16.87 62.02
C PHE L 304 9.19 -18.08 62.88
N LEU L 305 10.12 -17.92 63.80
CA LEU L 305 10.44 -18.94 64.75
C LEU L 305 9.96 -18.42 66.10
N ASN L 306 9.10 -19.20 66.74
CA ASN L 306 8.54 -18.86 68.04
C ASN L 306 9.10 -19.86 69.01
N PHE L 307 9.62 -19.37 70.13
CA PHE L 307 10.23 -20.28 71.07
C PHE L 307 9.42 -20.69 72.29
N ASN L 308 9.28 -22.00 72.39
CA ASN L 308 8.60 -22.72 73.45
C ASN L 308 9.55 -23.84 73.88
N GLN L 309 9.39 -24.38 75.08
CA GLN L 309 10.33 -25.40 75.49
C GLN L 309 9.96 -26.75 74.90
N ASP L 310 10.85 -27.22 74.03
CA ASP L 310 10.84 -28.50 73.30
C ASP L 310 9.89 -28.57 72.10
N SER L 311 9.21 -27.46 71.83
CA SER L 311 8.30 -27.37 70.71
C SER L 311 8.65 -26.11 69.96
N LEU L 312 8.89 -26.24 68.65
CA LEU L 312 9.22 -25.10 67.84
C LEU L 312 8.13 -24.88 66.84
N GLN L 313 7.57 -23.67 66.81
CA GLN L 313 6.53 -23.38 65.86
C GLN L 313 7.06 -22.48 64.77
N LEU L 314 7.29 -23.06 63.61
CA LEU L 314 7.74 -22.34 62.43
C LEU L 314 6.52 -21.96 61.64
N ARG L 315 6.40 -20.69 61.32
CA ARG L 315 5.26 -20.22 60.56
C ARG L 315 5.69 -19.22 59.51
N ALA L 316 4.89 -19.10 58.46
CA ALA L 316 5.20 -18.17 57.38
C ALA L 316 3.94 -17.82 56.60
N ASN L 317 3.95 -16.66 55.96
CA ASN L 317 2.81 -16.25 55.14
C ASN L 317 3.25 -15.24 54.09
N ASN L 318 2.40 -15.05 53.09
CA ASN L 318 2.69 -14.22 51.91
C ASN L 318 1.63 -13.12 51.77
N PRO L 319 1.80 -12.20 50.79
CA PRO L 319 0.79 -11.16 50.56
C PRO L 319 -0.60 -11.72 50.23
N GLU L 320 -0.63 -12.95 49.70
CA GLU L 320 -1.87 -13.63 49.34
C GLU L 320 -2.70 -14.22 50.49
N GLN L 321 -2.19 -14.01 51.70
CA GLN L 321 -2.81 -14.42 52.96
C GLN L 321 -2.77 -15.94 53.15
N ASP L 322 -1.95 -16.62 52.33
CA ASP L 322 -1.70 -18.06 52.49
C ASP L 322 -0.78 -18.26 53.69
N GLU L 323 -0.91 -19.38 54.38
CA GLU L 323 -0.10 -19.60 55.55
C GLU L 323 0.40 -21.02 55.66
N ALA L 324 1.52 -21.19 56.35
CA ALA L 324 2.11 -22.50 56.56
C ALA L 324 2.60 -22.54 58.00
N ILE L 325 2.15 -23.55 58.72
CA ILE L 325 2.52 -23.72 60.15
C ILE L 325 3.02 -25.14 60.32
N GLU L 326 4.15 -25.28 61.02
CA GLU L 326 4.61 -26.61 61.46
C GLU L 326 5.21 -26.51 62.87
N ASP L 327 4.94 -27.55 63.65
CA ASP L 327 5.47 -27.65 65.02
C ASP L 327 6.48 -28.76 65.08
N LEU L 328 7.65 -28.51 65.65
CA LEU L 328 8.66 -29.54 65.71
C LEU L 328 9.43 -29.52 67.02
N ALA L 329 10.04 -30.65 67.36
CA ALA L 329 10.80 -30.76 68.59
C ALA L 329 12.16 -30.11 68.43
N GLN L 333 16.47 -23.71 77.14
CA GLN L 333 15.64 -23.92 78.32
C GLN L 333 14.97 -22.64 78.77
N SER L 334 15.40 -21.52 78.17
CA SER L 334 14.89 -20.20 78.50
C SER L 334 13.47 -19.94 77.97
N ALA L 335 12.86 -18.88 78.46
CA ALA L 335 11.50 -18.49 78.07
C ALA L 335 11.22 -18.23 76.59
N PRO L 336 9.93 -18.25 76.22
CA PRO L 336 9.40 -17.99 74.88
C PRO L 336 10.01 -16.78 74.20
N LEU L 337 10.22 -16.95 72.90
CA LEU L 337 10.78 -15.93 72.05
C LEU L 337 10.18 -16.00 70.67
N GLU L 338 9.97 -14.84 70.07
CA GLU L 338 9.49 -14.74 68.71
C GLU L 338 10.44 -14.01 67.77
N MET L 339 11.15 -14.79 66.96
CA MET L 339 12.13 -14.25 66.02
C MET L 339 11.77 -14.44 64.54
N SER L 340 12.08 -13.43 63.74
CA SER L 340 11.82 -13.44 62.32
C SER L 340 13.18 -13.55 61.61
N PHE L 341 13.27 -14.46 60.66
CA PHE L 341 14.50 -14.64 59.93
C PHE L 341 14.31 -14.90 58.44
N ASN L 342 15.20 -14.32 57.66
CA ASN L 342 15.29 -14.63 56.24
C ASN L 342 15.64 -16.11 56.15
N ALA L 343 14.69 -16.93 55.70
CA ALA L 343 14.87 -18.38 55.69
C ALA L 343 16.10 -18.84 54.92
N GLN L 344 16.41 -18.13 53.83
CA GLN L 344 17.57 -18.49 53.02
C GLN L 344 18.89 -18.37 53.77
N TYR L 345 19.02 -17.36 54.62
CA TYR L 345 20.24 -17.20 55.45
C TYR L 345 20.45 -18.36 56.41
N LEU L 346 19.37 -18.84 57.03
CA LEU L 346 19.47 -20.04 57.87
C LEU L 346 19.78 -21.27 57.04
N LEU L 347 19.12 -21.41 55.90
CA LEU L 347 19.39 -22.55 55.01
C LEU L 347 20.82 -22.67 54.47
N ASP L 348 21.41 -21.55 54.10
CA ASP L 348 22.77 -21.56 53.58
C ASP L 348 23.79 -22.06 54.60
N VAL L 349 23.72 -21.52 55.81
CA VAL L 349 24.62 -21.94 56.86
C VAL L 349 24.39 -23.41 57.18
N LEU L 350 23.15 -23.87 57.02
CA LEU L 350 22.81 -25.25 57.29
C LEU L 350 23.55 -26.19 56.37
N GLY L 351 23.65 -25.84 55.09
CA GLY L 351 24.34 -26.66 54.13
C GLY L 351 25.81 -26.78 54.48
N VAL L 352 26.39 -25.65 54.86
CA VAL L 352 27.79 -25.56 55.25
C VAL L 352 28.19 -26.31 56.53
N LEU L 353 27.27 -26.31 57.50
CA LEU L 353 27.52 -26.88 58.83
C LEU L 353 27.85 -28.36 58.94
N ASP L 354 27.19 -29.20 58.12
CA ASP L 354 27.38 -30.66 58.14
C ASP L 354 27.07 -31.18 59.53
N GLY L 355 27.94 -32.05 60.07
CA GLY L 355 27.76 -32.62 61.40
C GLY L 355 26.49 -33.43 61.64
N ASP L 356 26.14 -33.67 62.89
CA ASP L 356 24.88 -34.40 63.09
C ASP L 356 23.71 -33.46 63.39
N ASP L 357 23.98 -32.41 64.17
CA ASP L 357 23.04 -31.37 64.46
C ASP L 357 23.77 -30.19 65.06
N VAL L 358 23.17 -29.00 65.08
CA VAL L 358 23.88 -27.83 65.59
C VAL L 358 23.10 -27.03 66.63
N ASN L 359 23.80 -26.25 67.43
CA ASN L 359 23.10 -25.46 68.43
C ASN L 359 23.37 -23.95 68.38
N MET L 360 22.29 -23.20 68.21
CA MET L 360 22.32 -21.75 68.16
C MET L 360 22.37 -21.12 69.54
N SER L 361 22.75 -19.84 69.59
CA SER L 361 22.81 -19.09 70.84
C SER L 361 22.08 -17.78 70.59
N MET L 362 21.05 -17.49 71.39
CA MET L 362 20.30 -16.26 71.18
C MET L 362 20.16 -15.40 72.43
N THR L 363 20.32 -14.09 72.28
CA THR L 363 20.15 -13.16 73.39
C THR L 363 18.80 -12.49 73.28
N GLU L 364 18.45 -12.03 72.09
CA GLU L 364 17.20 -11.35 71.89
C GLU L 364 16.65 -11.47 70.47
N ALA L 365 15.36 -11.24 70.32
CA ALA L 365 14.67 -11.31 69.05
C ALA L 365 15.21 -10.25 68.10
N ASN L 366 15.53 -9.08 68.65
CA ASN L 366 16.06 -7.99 67.85
C ASN L 366 17.57 -8.02 67.67
N GLN L 367 18.22 -9.04 68.22
CA GLN L 367 19.66 -9.16 68.10
C GLN L 367 20.04 -10.37 67.26
N SER L 368 21.34 -10.52 67.02
CA SER L 368 21.85 -11.62 66.23
C SER L 368 21.78 -12.98 66.93
N VAL L 369 21.98 -14.02 66.14
CA VAL L 369 21.98 -15.39 66.61
C VAL L 369 23.23 -16.02 66.03
N LEU L 370 23.98 -16.74 66.84
CA LEU L 370 25.20 -17.34 66.35
C LEU L 370 24.95 -18.81 66.31
N VAL L 371 25.39 -19.45 65.23
CA VAL L 371 25.23 -20.89 65.06
C VAL L 371 26.60 -21.56 64.97
N GLN L 372 26.74 -22.73 65.59
CA GLN L 372 28.00 -23.46 65.60
C GLN L 372 27.83 -24.97 65.58
N ASP L 373 28.91 -25.67 65.23
CA ASP L 373 28.92 -27.13 65.19
C ASP L 373 29.79 -27.66 66.33
N PRO L 374 29.39 -28.80 66.94
CA PRO L 374 30.19 -29.37 68.02
C PRO L 374 31.63 -29.61 67.59
N GLN L 379 34.82 -22.85 63.50
CA GLN L 379 33.64 -22.80 62.65
C GLN L 379 32.53 -21.99 63.32
N THR L 380 32.43 -20.72 62.96
CA THR L 380 31.42 -19.85 63.54
C THR L 380 30.58 -19.07 62.52
N TYR L 381 29.27 -19.05 62.74
CA TYR L 381 28.37 -18.35 61.84
C TYR L 381 27.41 -17.45 62.62
N VAL L 382 27.34 -16.19 62.24
CA VAL L 382 26.47 -15.23 62.90
C VAL L 382 25.35 -14.79 61.97
N VAL L 383 24.12 -14.90 62.44
CA VAL L 383 22.97 -14.52 61.64
C VAL L 383 22.16 -13.41 62.28
N MET L 384 21.89 -12.35 61.52
CA MET L 384 21.10 -11.24 62.03
C MET L 384 19.66 -11.45 61.62
N PRO L 385 18.72 -11.03 62.47
CA PRO L 385 17.31 -11.22 62.18
C PRO L 385 16.68 -10.06 61.45
N MET L 386 15.47 -10.28 60.97
CA MET L 386 14.71 -9.21 60.27
C MET L 386 14.25 -8.04 61.14
N ARG L 387 13.40 -8.25 62.15
CA ARG L 387 12.62 -7.14 62.72
C ARG L 387 13.41 -6.04 63.43
N HIS M 5 -62.31 -10.62 -4.07
CA HIS M 5 -60.99 -10.08 -4.36
C HIS M 5 -60.34 -9.37 -3.17
N HIS M 6 -59.54 -10.11 -2.41
CA HIS M 6 -58.82 -9.55 -1.26
C HIS M 6 -59.63 -8.68 -0.28
N MET M 7 -60.71 -9.24 0.23
CA MET M 7 -61.56 -8.60 1.24
C MET M 7 -60.87 -7.87 2.39
N ARG M 8 -61.26 -6.62 2.62
CA ARG M 8 -60.76 -5.81 3.73
C ARG M 8 -61.93 -5.40 4.61
N LEU M 9 -61.73 -5.38 5.92
CA LEU M 9 -62.83 -5.08 6.83
C LEU M 9 -62.38 -4.30 8.06
N LYS M 10 -63.23 -3.39 8.52
CA LYS M 10 -62.89 -2.60 9.69
C LYS M 10 -64.09 -2.78 10.60
N ILE M 11 -63.86 -3.30 11.81
CA ILE M 11 -64.97 -3.57 12.72
C ILE M 11 -64.48 -3.49 14.16
N ALA M 12 -65.37 -3.08 15.06
CA ALA M 12 -65.07 -3.06 16.48
C ALA M 12 -64.92 -4.46 17.03
N LYS M 13 -64.04 -4.60 18.02
CA LYS M 13 -63.80 -5.87 18.71
C LYS M 13 -65.10 -6.53 19.14
N GLU M 14 -65.93 -5.80 19.85
CA GLU M 14 -67.15 -6.37 20.46
C GLU M 14 -68.19 -6.76 19.39
N SER M 15 -68.21 -6.05 18.25
CA SER M 15 -69.10 -6.41 17.15
C SER M 15 -68.73 -7.77 16.55
N LEU M 16 -67.47 -7.90 16.15
CA LEU M 16 -66.96 -9.15 15.56
C LEU M 16 -67.05 -10.32 16.53
N LEU M 17 -66.79 -10.05 17.81
CA LEU M 17 -66.78 -11.10 18.83
C LEU M 17 -68.21 -11.60 19.10
N ASN M 18 -69.18 -10.67 19.07
CA ASN M 18 -70.58 -10.99 19.34
C ASN M 18 -71.17 -11.86 18.24
N VAL M 19 -70.86 -11.53 16.98
CA VAL M 19 -71.27 -12.35 15.84
C VAL M 19 -70.63 -13.73 15.91
N LEU M 20 -69.33 -13.79 16.19
CA LEU M 20 -68.61 -15.05 16.26
C LEU M 20 -69.06 -15.97 17.38
N SER M 21 -69.56 -15.40 18.46
CA SER M 21 -69.97 -16.19 19.59
C SER M 21 -71.08 -17.16 19.23
N HIS M 22 -72.04 -16.72 18.44
CA HIS M 22 -73.12 -17.61 18.05
C HIS M 22 -72.68 -18.77 17.16
N VAL M 23 -71.86 -18.48 16.16
CA VAL M 23 -71.34 -19.48 15.23
C VAL M 23 -70.31 -20.51 15.71
N VAL M 24 -69.42 -20.09 16.59
CA VAL M 24 -68.31 -20.92 17.05
C VAL M 24 -68.61 -22.22 17.77
N GLY M 25 -69.78 -22.34 18.38
CA GLY M 25 -70.11 -23.56 19.07
C GLY M 25 -70.10 -24.78 18.17
N ALA M 26 -70.60 -24.63 16.95
CA ALA M 26 -70.64 -25.71 15.98
C ALA M 26 -69.27 -26.21 15.57
N VAL M 27 -68.31 -25.30 15.42
CA VAL M 27 -66.95 -25.63 15.00
C VAL M 27 -66.21 -26.63 15.90
N GLU M 28 -65.64 -27.68 15.30
CA GLU M 28 -64.89 -28.69 16.03
C GLU M 28 -63.43 -28.26 16.02
N ARG M 29 -62.69 -28.53 17.09
CA ARG M 29 -61.29 -28.13 17.12
C ARG M 29 -60.52 -28.82 16.01
N ARG M 30 -60.76 -30.11 15.85
CA ARG M 30 -60.14 -30.89 14.80
C ARG M 30 -61.26 -31.61 14.09
N HIS M 31 -61.29 -31.51 12.77
CA HIS M 31 -62.33 -32.13 11.97
C HIS M 31 -61.67 -32.89 10.84
N THR M 32 -62.27 -33.98 10.40
CA THR M 32 -61.73 -34.76 9.30
C THR M 32 -61.50 -33.90 8.05
N LEU M 33 -62.43 -32.99 7.78
CA LEU M 33 -62.27 -31.96 6.77
C LEU M 33 -61.71 -30.72 7.44
N ASN M 34 -60.45 -30.44 7.14
CA ASN M 34 -59.70 -29.32 7.71
C ASN M 34 -60.33 -27.94 7.63
N ILE M 35 -61.07 -27.67 6.56
CA ILE M 35 -61.69 -26.37 6.37
C ILE M 35 -62.78 -26.02 7.38
N LEU M 36 -63.46 -27.03 7.92
CA LEU M 36 -64.53 -26.80 8.91
C LEU M 36 -64.06 -26.41 10.31
N SER M 37 -62.76 -26.46 10.51
CA SER M 37 -62.18 -25.99 11.76
C SER M 37 -62.00 -24.47 11.68
N ASN M 38 -62.43 -23.89 10.57
CA ASN M 38 -62.38 -22.48 10.31
C ASN M 38 -63.82 -21.99 10.21
N VAL M 39 -64.00 -20.68 10.25
CA VAL M 39 -65.33 -20.11 10.18
C VAL M 39 -65.35 -19.32 8.89
N LYS M 40 -66.42 -19.46 8.11
CA LYS M 40 -66.52 -18.73 6.86
C LYS M 40 -67.07 -17.33 7.04
N ILE M 41 -66.29 -16.35 6.60
CA ILE M 41 -66.69 -14.96 6.72
C ILE M 41 -66.96 -14.32 5.37
N GLN M 42 -68.13 -13.71 5.24
CA GLN M 42 -68.49 -13.05 4.01
C GLN M 42 -68.96 -11.65 4.34
N THR M 43 -68.64 -10.70 3.47
CA THR M 43 -69.05 -9.34 3.73
C THR M 43 -69.19 -8.45 2.51
N ASN M 44 -70.28 -7.68 2.49
CA ASN M 44 -70.57 -6.70 1.46
C ASN M 44 -70.87 -5.39 2.20
N ALA M 45 -71.19 -4.35 1.45
CA ALA M 45 -71.45 -3.02 2.02
C ALA M 45 -72.46 -2.98 3.16
N GLN M 46 -73.48 -3.79 3.15
CA GLN M 46 -74.58 -3.76 4.13
C GLN M 46 -74.46 -4.74 5.27
N ALA M 47 -73.90 -5.94 5.04
CA ALA M 47 -73.95 -6.99 6.07
C ALA M 47 -72.70 -7.87 6.17
N LEU M 48 -72.45 -8.34 7.40
CA LEU M 48 -71.41 -9.32 7.71
C LEU M 48 -72.12 -10.63 8.01
N THR M 49 -71.60 -11.73 7.46
CA THR M 49 -72.21 -13.04 7.63
C THR M 49 -71.12 -14.07 7.94
N ILE M 50 -71.22 -14.70 9.11
CA ILE M 50 -70.25 -15.70 9.52
C ILE M 50 -70.91 -17.07 9.64
N THR M 51 -70.24 -18.09 9.12
CA THR M 51 -70.78 -19.44 9.16
C THR M 51 -69.86 -20.42 9.89
N GLY M 52 -70.43 -21.17 10.82
CA GLY M 52 -69.69 -22.18 11.56
C GLY M 52 -70.41 -23.50 11.42
N SER M 53 -69.72 -24.55 10.99
CA SER M 53 -70.37 -25.84 10.84
C SER M 53 -69.46 -27.04 11.07
N ASP M 54 -70.05 -28.13 11.56
CA ASP M 54 -69.32 -29.38 11.76
C ASP M 54 -69.85 -30.49 10.84
N LEU M 55 -70.70 -30.06 9.90
CA LEU M 55 -71.40 -30.84 8.85
C LEU M 55 -72.65 -31.58 9.34
N GLU M 56 -72.94 -31.43 10.63
CA GLU M 56 -74.12 -32.02 11.23
C GLU M 56 -75.00 -30.87 11.72
N VAL M 57 -74.34 -29.81 12.16
CA VAL M 57 -75.00 -28.60 12.63
C VAL M 57 -74.39 -27.42 11.91
N GLU M 58 -75.24 -26.56 11.36
CA GLU M 58 -74.76 -25.39 10.64
C GLU M 58 -75.31 -24.13 11.27
N LEU M 59 -74.43 -23.20 11.62
CA LEU M 59 -74.89 -21.95 12.22
C LEU M 59 -74.43 -20.77 11.40
N VAL M 60 -75.37 -19.94 10.97
CA VAL M 60 -75.03 -18.76 10.20
C VAL M 60 -75.52 -17.53 10.95
N ALA M 61 -74.58 -16.66 11.31
CA ALA M 61 -74.94 -15.43 12.02
C ALA M 61 -74.68 -14.24 11.13
N SER M 62 -75.66 -13.32 11.06
CA SER M 62 -75.52 -12.11 10.28
C SER M 62 -75.90 -10.89 11.08
N THR M 63 -75.28 -9.76 10.72
CA THR M 63 -75.56 -8.47 11.36
C THR M 63 -75.40 -7.34 10.31
N ALA M 64 -76.11 -6.23 10.54
CA ALA M 64 -76.06 -5.07 9.66
C ALA M 64 -74.78 -4.29 9.96
N LEU M 65 -73.93 -4.15 8.96
CA LEU M 65 -72.66 -3.45 9.11
C LEU M 65 -72.75 -1.94 8.92
N SER M 66 -71.75 -1.26 9.48
CA SER M 66 -71.62 0.19 9.41
C SER M 66 -71.18 0.62 8.02
N GLU M 67 -71.37 1.90 7.70
CA GLU M 67 -71.04 2.41 6.39
C GLU M 67 -69.57 2.31 5.99
N GLY M 68 -68.67 2.59 6.92
CA GLY M 68 -67.25 2.52 6.62
C GLY M 68 -66.61 1.19 6.98
N ALA M 69 -67.42 0.27 7.50
CA ALA M 69 -66.93 -1.03 7.95
C ALA M 69 -66.35 -1.91 6.87
N CYS M 70 -67.10 -2.18 5.82
CA CYS M 70 -66.61 -3.07 4.76
C CYS M 70 -65.93 -2.24 3.68
N LEU M 71 -64.62 -2.21 3.70
CA LEU M 71 -63.83 -1.51 2.67
C LEU M 71 -63.89 -2.27 1.35
N GLU M 72 -63.62 -3.58 1.39
CA GLU M 72 -63.68 -4.45 0.22
C GLU M 72 -64.55 -5.66 0.56
N ALA M 73 -65.25 -6.20 -0.43
CA ALA M 73 -66.17 -7.31 -0.19
C ALA M 73 -65.72 -8.62 -0.83
N GLY M 74 -65.76 -9.70 -0.06
CA GLY M 74 -65.36 -11.00 -0.57
C GLY M 74 -65.87 -12.17 0.25
N GLU M 75 -65.19 -13.31 0.11
CA GLU M 75 -65.53 -14.53 0.81
C GLU M 75 -64.22 -15.19 1.25
N THR M 76 -64.14 -15.62 2.50
CA THR M 76 -62.91 -16.26 2.98
C THR M 76 -63.14 -17.20 4.15
N THR M 77 -62.14 -18.01 4.49
CA THR M 77 -62.26 -18.94 5.61
C THR M 77 -61.09 -18.76 6.57
N VAL M 78 -61.39 -18.47 7.83
CA VAL M 78 -60.38 -18.22 8.85
C VAL M 78 -60.50 -19.12 10.07
N PRO M 79 -59.36 -19.62 10.58
CA PRO M 79 -59.25 -20.45 11.77
C PRO M 79 -60.09 -19.86 12.88
N ALA M 80 -61.21 -20.50 13.16
CA ALA M 80 -62.14 -19.98 14.15
C ALA M 80 -61.68 -19.85 15.58
N ARG M 81 -61.03 -20.86 16.13
CA ARG M 81 -60.64 -20.74 17.53
C ARG M 81 -59.64 -19.63 17.75
N LYS M 82 -58.64 -19.53 16.86
CA LYS M 82 -57.62 -18.51 17.00
C LYS M 82 -58.20 -17.13 16.90
N LEU M 83 -59.14 -16.96 15.98
CA LEU M 83 -59.78 -15.66 15.76
C LEU M 83 -60.36 -15.14 17.06
N MET M 84 -61.05 -15.99 17.79
CA MET M 84 -61.67 -15.58 19.02
C MET M 84 -60.64 -15.26 20.07
N GLU M 85 -59.66 -16.13 20.21
CA GLU M 85 -58.63 -15.92 21.20
C GLU M 85 -57.93 -14.61 20.94
N ILE M 86 -57.70 -14.32 19.66
CA ILE M 86 -57.08 -13.06 19.26
C ILE M 86 -57.99 -11.87 19.59
N CYS M 87 -59.27 -11.94 19.20
CA CYS M 87 -60.21 -10.85 19.49
C CYS M 87 -60.41 -10.61 20.99
N LYS M 88 -60.47 -11.69 21.77
CA LYS M 88 -60.66 -11.59 23.21
C LYS M 88 -59.49 -10.98 23.95
N SER M 89 -58.30 -11.13 23.40
CA SER M 89 -57.07 -10.57 23.98
C SER M 89 -56.91 -9.07 23.79
N LEU M 90 -57.64 -8.48 22.86
CA LEU M 90 -57.52 -7.05 22.61
C LEU M 90 -58.19 -6.26 23.71
N PRO M 91 -57.80 -4.98 23.85
CA PRO M 91 -58.44 -4.14 24.89
C PRO M 91 -59.87 -3.76 24.52
N THR M 92 -60.66 -3.38 25.53
CA THR M 92 -62.06 -2.98 25.32
C THR M 92 -62.12 -1.81 24.33
N ALA M 93 -63.13 -1.83 23.47
CA ALA M 93 -63.37 -0.79 22.46
C ALA M 93 -62.31 -0.69 21.36
N ALA M 94 -61.49 -1.72 21.20
CA ALA M 94 -60.47 -1.70 20.18
C ALA M 94 -61.08 -1.93 18.81
N LEU M 95 -60.42 -1.42 17.78
CA LEU M 95 -60.89 -1.57 16.42
C LEU M 95 -60.04 -2.62 15.75
N ILE M 96 -60.65 -3.43 14.91
CA ILE M 96 -59.91 -4.47 14.24
C ILE M 96 -59.91 -4.27 12.73
N ASP M 97 -58.74 -4.38 12.14
CA ASP M 97 -58.60 -4.22 10.71
C ASP M 97 -58.24 -5.60 10.20
N LEU M 98 -59.01 -6.08 9.22
CA LEU M 98 -58.76 -7.39 8.61
C LEU M 98 -58.46 -7.28 7.12
N GLN M 99 -57.45 -8.00 6.67
CA GLN M 99 -57.09 -7.98 5.26
C GLN M 99 -56.78 -9.38 4.75
N ILE M 100 -57.28 -9.68 3.56
CA ILE M 100 -57.08 -10.98 2.94
C ILE M 100 -56.17 -10.75 1.74
N THR M 101 -55.28 -11.69 1.47
CA THR M 101 -54.36 -11.55 0.35
C THR M 101 -54.30 -12.79 -0.55
N GLU M 102 -53.66 -12.64 -1.70
CA GLU M 102 -53.53 -13.69 -2.72
C GLU M 102 -52.75 -14.94 -2.30
N ASP M 103 -51.90 -14.82 -1.28
CA ASP M 103 -51.11 -15.92 -0.75
C ASP M 103 -51.80 -16.62 0.43
N GLN M 104 -53.12 -16.46 0.51
CA GLN M 104 -53.98 -17.07 1.53
C GLN M 104 -53.61 -16.72 2.94
N ARG M 105 -53.32 -15.46 3.15
CA ARG M 105 -52.99 -15.00 4.48
C ARG M 105 -54.04 -14.01 4.96
N CYS M 106 -54.36 -14.05 6.23
CA CYS M 106 -55.31 -13.12 6.79
C CYS M 106 -54.58 -12.30 7.83
N ILE M 107 -54.59 -10.98 7.67
CA ILE M 107 -53.89 -10.12 8.59
C ILE M 107 -54.84 -9.29 9.43
N LEU M 108 -54.70 -9.38 10.75
CA LEU M 108 -55.54 -8.62 11.65
C LEU M 108 -54.66 -7.61 12.34
N LYS M 109 -55.09 -6.36 12.32
CA LYS M 109 -54.32 -5.31 12.95
C LYS M 109 -55.20 -4.50 13.90
N SER M 110 -54.75 -4.40 15.14
CA SER M 110 -55.44 -3.63 16.15
C SER M 110 -54.38 -3.03 17.03
N GLY M 111 -54.49 -1.74 17.35
CA GLY M 111 -53.50 -1.11 18.18
C GLY M 111 -52.12 -1.23 17.58
N ASN M 112 -51.15 -1.64 18.41
CA ASN M 112 -49.77 -1.80 17.94
C ASN M 112 -49.42 -3.26 17.72
N SER M 113 -50.43 -4.08 17.50
CA SER M 113 -50.21 -5.50 17.31
C SER M 113 -50.74 -6.01 15.98
N ARG M 114 -49.99 -6.91 15.36
CA ARG M 114 -50.38 -7.49 14.08
C ARG M 114 -50.35 -9.01 14.13
N PHE M 115 -51.43 -9.64 13.66
CA PHE M 115 -51.53 -11.09 13.67
C PHE M 115 -51.77 -11.59 12.26
N VAL M 116 -51.18 -12.71 11.90
CA VAL M 116 -51.40 -13.28 10.58
C VAL M 116 -51.77 -14.75 10.69
N LEU M 117 -52.87 -15.10 10.04
CA LEU M 117 -53.38 -16.46 10.03
C LEU M 117 -53.47 -17.02 8.63
N GLY M 118 -53.58 -18.33 8.53
CA GLY M 118 -53.69 -18.99 7.25
C GLY M 118 -55.13 -19.24 6.88
N THR M 119 -55.51 -18.82 5.68
CA THR M 119 -56.88 -18.96 5.24
C THR M 119 -57.02 -20.10 4.22
N LEU M 120 -58.27 -20.52 4.01
CA LEU M 120 -58.60 -21.48 2.96
C LEU M 120 -59.71 -20.91 2.07
N PRO M 121 -59.77 -21.32 0.79
CA PRO M 121 -60.76 -20.75 -0.13
C PRO M 121 -62.21 -20.96 0.30
N ALA M 122 -63.01 -19.90 0.28
CA ALA M 122 -64.41 -19.95 0.70
C ALA M 122 -65.26 -20.91 -0.13
N GLU M 123 -64.92 -21.02 -1.40
CA GLU M 123 -65.60 -21.90 -2.35
C GLU M 123 -65.56 -23.37 -1.91
N ASP M 124 -64.51 -23.76 -1.18
CA ASP M 124 -64.36 -25.13 -0.68
C ASP M 124 -65.12 -25.41 0.60
N TYR M 125 -65.69 -24.38 1.25
CA TYR M 125 -66.44 -24.56 2.48
C TYR M 125 -67.78 -25.24 2.18
N PRO M 126 -68.02 -26.45 2.71
CA PRO M 126 -69.27 -27.16 2.43
C PRO M 126 -70.46 -26.67 3.26
N LEU M 127 -71.61 -26.60 2.62
CA LEU M 127 -72.85 -26.20 3.24
C LEU M 127 -73.84 -27.35 3.08
N LEU M 128 -74.97 -27.24 3.77
CA LEU M 128 -75.99 -28.27 3.69
C LEU M 128 -77.00 -27.90 2.61
N THR M 129 -77.04 -28.66 1.54
CA THR M 129 -77.97 -28.38 0.45
C THR M 129 -79.38 -28.75 0.85
N THR M 130 -80.32 -27.87 0.54
CA THR M 130 -81.72 -28.07 0.87
C THR M 130 -82.39 -29.21 0.12
N GLU M 131 -83.27 -29.92 0.82
CA GLU M 131 -84.03 -31.00 0.23
C GLU M 131 -85.09 -30.35 -0.64
N ASN M 132 -85.39 -30.98 -1.77
CA ASN M 132 -86.40 -30.45 -2.68
C ASN M 132 -87.78 -30.40 -2.04
N SER M 133 -88.14 -31.46 -1.31
CA SER M 133 -89.45 -31.54 -0.67
C SER M 133 -89.76 -30.33 0.20
N GLN M 134 -91.02 -29.91 0.17
CA GLN M 134 -91.46 -28.76 0.94
C GLN M 134 -91.12 -28.80 2.43
N GLY M 135 -91.34 -29.94 3.08
CA GLY M 135 -91.08 -30.04 4.50
C GLY M 135 -92.33 -29.69 5.30
N THR M 136 -92.24 -29.76 6.63
CA THR M 136 -93.40 -29.46 7.47
C THR M 136 -93.05 -28.25 8.32
N GLN M 137 -93.95 -27.29 8.40
CA GLN M 137 -93.67 -26.10 9.16
C GLN M 137 -94.37 -26.11 10.50
N VAL M 138 -93.59 -25.82 11.54
CA VAL M 138 -94.07 -25.78 12.90
C VAL M 138 -93.83 -24.40 13.47
N GLN M 139 -94.85 -23.81 14.07
CA GLN M 139 -94.69 -22.51 14.66
C GLN M 139 -94.70 -22.69 16.15
N VAL M 140 -93.60 -22.35 16.80
CA VAL M 140 -93.59 -22.48 18.23
C VAL M 140 -92.76 -21.35 18.79
N THR M 141 -93.03 -20.94 20.02
CA THR M 141 -92.25 -19.86 20.59
C THR M 141 -90.87 -20.30 20.98
N GLN M 142 -89.97 -19.35 21.13
CA GLN M 142 -88.61 -19.65 21.53
C GLN M 142 -88.59 -20.25 22.93
N ARG M 143 -89.42 -19.71 23.81
CA ARG M 143 -89.51 -20.18 25.17
C ARG M 143 -89.97 -21.61 25.23
N GLU M 144 -90.97 -21.94 24.43
CA GLU M 144 -91.48 -23.29 24.39
C GLU M 144 -90.51 -24.32 23.80
N LEU M 145 -89.84 -23.96 22.73
CA LEU M 145 -88.88 -24.88 22.12
C LEU M 145 -87.74 -25.14 23.08
N LYS M 146 -87.28 -24.10 23.73
CA LYS M 146 -86.20 -24.19 24.71
C LYS M 146 -86.62 -25.04 25.88
N ARG M 147 -87.86 -24.90 26.31
CA ARG M 147 -88.37 -25.68 27.42
C ARG M 147 -88.35 -27.16 27.20
N LEU M 148 -88.78 -27.61 26.03
CA LEU M 148 -88.75 -29.03 25.70
C LEU M 148 -87.35 -29.63 25.83
N PHE M 149 -86.36 -28.85 25.41
CA PHE M 149 -84.98 -29.31 25.48
C PHE M 149 -84.49 -29.29 26.93
N GLU M 150 -84.79 -28.24 27.69
CA GLU M 150 -84.36 -28.16 29.11
C GLU M 150 -84.91 -29.32 29.93
N LYS M 151 -86.15 -29.71 29.66
CA LYS M 151 -86.82 -30.76 30.39
C LYS M 151 -86.51 -32.19 29.93
N THR M 152 -85.80 -32.37 28.82
CA THR M 152 -85.52 -33.71 28.34
C THR M 152 -84.06 -34.02 28.01
N ALA M 153 -83.19 -33.03 28.03
CA ALA M 153 -81.80 -33.21 27.62
C ALA M 153 -80.96 -34.20 28.41
N PHE M 154 -81.16 -34.29 29.71
CA PHE M 154 -80.37 -35.18 30.55
C PHE M 154 -80.47 -36.67 30.20
N ALA M 155 -81.64 -37.12 29.79
CA ALA M 155 -81.90 -38.51 29.45
C ALA M 155 -81.20 -39.08 28.24
N MET M 156 -80.81 -38.26 27.29
CA MET M 156 -80.09 -38.73 26.11
C MET M 156 -78.81 -39.45 26.49
N ALA M 157 -78.49 -40.54 25.81
CA ALA M 157 -77.22 -41.20 26.04
C ALA M 157 -76.05 -40.41 25.47
N VAL M 158 -74.98 -40.26 26.25
CA VAL M 158 -73.82 -39.53 25.76
C VAL M 158 -73.19 -40.25 24.58
N GLN M 159 -73.06 -41.57 24.71
CA GLN M 159 -72.53 -42.39 23.65
C GLN M 159 -73.24 -43.72 23.66
N ASP M 160 -73.55 -44.23 22.46
CA ASP M 160 -74.22 -45.50 22.31
C ASP M 160 -74.09 -45.97 20.88
N VAL M 161 -74.17 -47.27 20.67
CA VAL M 161 -74.19 -47.86 19.34
C VAL M 161 -75.46 -47.46 18.60
N ARG M 162 -76.57 -47.36 19.32
CA ARG M 162 -77.79 -46.93 18.70
C ARG M 162 -77.60 -45.44 18.65
N PHE M 163 -77.31 -44.94 17.46
CA PHE M 163 -77.06 -43.53 17.26
C PHE M 163 -78.24 -42.62 17.53
N TYR M 164 -79.44 -43.12 17.34
CA TYR M 164 -80.61 -42.28 17.59
C TYR M 164 -80.82 -42.03 19.07
N LEU M 165 -80.19 -42.84 19.91
CA LEU M 165 -80.33 -42.70 21.35
C LEU M 165 -79.55 -41.53 21.90
N THR M 166 -78.60 -41.05 21.11
CA THR M 166 -77.79 -39.88 21.42
C THR M 166 -78.44 -38.59 20.95
N GLY M 167 -79.68 -38.64 20.48
CA GLY M 167 -80.36 -37.45 20.02
C GLY M 167 -81.73 -37.24 20.64
N THR M 168 -82.37 -36.13 20.28
CA THR M 168 -83.69 -35.79 20.75
C THR M 168 -84.69 -36.01 19.65
N LEU M 169 -85.76 -36.73 19.96
CA LEU M 169 -86.80 -36.98 18.99
C LEU M 169 -87.82 -35.87 19.09
N LEU M 170 -88.04 -35.17 18.01
CA LEU M 170 -89.01 -34.11 17.99
C LEU M 170 -90.17 -34.67 17.21
N GLU M 171 -91.34 -34.68 17.82
CA GLU M 171 -92.51 -35.24 17.18
C GLU M 171 -93.60 -34.21 17.14
N ILE M 172 -94.12 -33.96 15.95
CA ILE M 172 -95.18 -32.99 15.79
C ILE M 172 -96.43 -33.70 15.34
N ASP M 173 -97.48 -33.59 16.14
CA ASP M 173 -98.73 -34.23 15.81
C ASP M 173 -99.84 -33.27 16.12
N GLU M 174 -100.48 -32.78 15.07
CA GLU M 174 -101.60 -31.86 15.21
C GLU M 174 -101.21 -30.67 16.04
N ASN M 175 -101.98 -30.38 17.09
CA ASN M 175 -101.73 -29.21 17.91
C ASN M 175 -100.53 -29.22 18.84
N GLN M 176 -100.03 -30.40 19.21
CA GLN M 176 -98.83 -30.42 20.06
C GLN M 176 -97.53 -31.04 19.54
N LEU M 177 -96.41 -30.44 19.93
CA LEU M 177 -95.06 -30.88 19.58
C LEU M 177 -94.40 -31.49 20.81
N ARG M 178 -93.78 -32.66 20.67
CA ARG M 178 -93.17 -33.36 21.78
C ARG M 178 -91.70 -33.64 21.58
N ALA M 179 -90.97 -33.67 22.68
CA ALA M 179 -89.55 -33.98 22.66
C ALA M 179 -89.39 -35.21 23.52
N VAL M 180 -88.73 -36.24 23.01
CA VAL M 180 -88.52 -37.47 23.75
C VAL M 180 -87.06 -37.92 23.73
N THR M 181 -86.51 -38.23 24.90
CA THR M 181 -85.14 -38.69 25.01
C THR M 181 -85.04 -39.92 25.89
N THR M 182 -84.23 -40.89 25.50
CA THR M 182 -84.02 -42.11 26.29
C THR M 182 -82.60 -42.54 26.10
N ASP M 183 -82.12 -43.37 27.01
CA ASP M 183 -80.78 -43.95 26.94
C ASP M 183 -80.83 -45.44 27.28
N GLY M 184 -82.03 -45.95 27.50
CA GLY M 184 -82.24 -47.36 27.85
C GLY M 184 -82.56 -47.64 29.31
N HIS M 185 -82.18 -46.72 30.18
CA HIS M 185 -82.43 -46.87 31.59
C HIS M 185 -83.51 -45.93 32.09
N ARG M 186 -83.89 -44.96 31.27
CA ARG M 186 -84.84 -43.94 31.68
C ARG M 186 -85.30 -43.17 30.46
N LEU M 187 -86.38 -42.42 30.63
CA LEU M 187 -87.00 -41.74 29.50
C LEU M 187 -87.54 -40.39 30.03
N ALA M 188 -87.43 -39.39 29.18
CA ALA M 188 -87.98 -38.09 29.48
C ALA M 188 -88.83 -37.64 28.32
N LEU M 189 -89.95 -37.01 28.63
CA LEU M 189 -90.89 -36.56 27.63
C LEU M 189 -91.46 -35.22 28.08
N CYS M 190 -91.60 -34.31 27.13
CA CYS M 190 -92.20 -33.01 27.39
C CYS M 190 -93.11 -32.69 26.22
N GLU M 191 -94.26 -32.09 26.51
CA GLU M 191 -95.23 -31.72 25.49
C GLU M 191 -95.37 -30.22 25.49
N ILE M 192 -95.47 -29.65 24.29
CA ILE M 192 -95.58 -28.22 24.14
C ILE M 192 -96.72 -27.91 23.16
N LEU M 193 -97.30 -26.73 23.19
CA LEU M 193 -98.36 -26.44 22.22
C LEU M 193 -97.77 -25.91 20.92
N ALA M 194 -97.90 -26.67 19.84
CA ALA M 194 -97.34 -26.22 18.59
C ALA M 194 -98.39 -25.67 17.66
N SER M 195 -98.41 -24.35 17.55
CA SER M 195 -99.39 -23.68 16.70
C SER M 195 -99.09 -23.83 15.22
N SER M 196 -100.13 -23.67 14.40
CA SER M 196 -99.98 -23.67 12.95
C SER M 196 -99.25 -24.85 12.30
N THR M 197 -99.56 -26.08 12.69
CA THR M 197 -98.91 -27.23 12.10
C THR M 197 -99.44 -27.52 10.69
N SER M 198 -98.59 -28.01 9.80
CA SER M 198 -99.07 -28.31 8.48
C SER M 198 -99.66 -29.71 8.37
N SER M 199 -99.10 -30.70 9.08
CA SER M 199 -99.65 -32.04 8.92
C SER M 199 -99.45 -32.94 10.13
N GLN M 200 -100.23 -34.01 10.16
CA GLN M 200 -100.20 -35.01 11.21
C GLN M 200 -99.00 -35.96 11.18
N LEU M 201 -98.62 -36.48 12.35
CA LEU M 201 -97.58 -37.49 12.52
C LEU M 201 -96.15 -37.36 11.95
N VAL M 202 -95.40 -36.31 12.29
CA VAL M 202 -94.03 -36.18 11.78
C VAL M 202 -92.93 -36.28 12.84
N GLN M 203 -91.88 -37.05 12.56
CA GLN M 203 -90.76 -37.24 13.48
C GLN M 203 -89.40 -36.85 12.92
N ALA M 204 -88.58 -36.22 13.76
CA ALA M 204 -87.22 -35.81 13.42
C ALA M 204 -86.36 -36.06 14.65
N ILE M 205 -85.23 -36.70 14.46
CA ILE M 205 -84.29 -36.95 15.57
C ILE M 205 -83.17 -35.95 15.44
N VAL M 206 -83.12 -35.01 16.37
CA VAL M 206 -82.11 -33.96 16.40
C VAL M 206 -80.88 -34.47 17.13
N PRO M 207 -79.69 -34.38 16.51
CA PRO M 207 -78.46 -34.82 17.19
C PRO M 207 -78.10 -34.02 18.42
N ARG M 208 -77.26 -34.57 19.28
CA ARG M 208 -76.91 -33.93 20.54
C ARG M 208 -76.26 -32.56 20.43
N LYS M 209 -75.35 -32.38 19.48
CA LYS M 209 -74.69 -31.10 19.33
C LYS M 209 -75.67 -30.01 18.92
N ALA M 210 -76.62 -30.37 18.06
CA ALA M 210 -77.61 -29.42 17.60
C ALA M 210 -78.49 -28.94 18.74
N VAL M 211 -78.86 -29.85 19.62
CA VAL M 211 -79.71 -29.51 20.75
C VAL M 211 -79.04 -28.54 21.69
N GLY M 212 -77.78 -28.76 21.99
CA GLY M 212 -77.05 -27.88 22.88
C GLY M 212 -76.90 -26.49 22.33
N GLU M 213 -76.58 -26.41 21.05
CA GLU M 213 -76.43 -25.12 20.37
C GLU M 213 -77.77 -24.40 20.31
N LEU M 214 -78.82 -25.16 20.06
CA LEU M 214 -80.16 -24.62 20.00
C LEU M 214 -80.56 -24.06 21.36
N GLN M 215 -80.20 -24.77 22.42
CA GLN M 215 -80.54 -24.32 23.78
C GLN M 215 -79.86 -22.99 24.07
N ARG M 216 -78.61 -22.88 23.67
CA ARG M 216 -77.84 -21.66 23.89
C ARG M 216 -78.44 -20.49 23.10
N LEU M 217 -78.82 -20.75 21.86
CA LEU M 217 -79.43 -19.74 20.99
C LEU M 217 -80.79 -19.24 21.42
N LEU M 218 -81.63 -20.15 21.91
CA LEU M 218 -83.00 -19.81 22.31
C LEU M 218 -83.11 -18.93 23.54
N SER M 219 -84.23 -18.22 23.62
CA SER M 219 -84.51 -17.29 24.69
C SER M 219 -85.85 -17.60 25.37
N ILE M 220 -86.00 -17.07 26.58
CA ILE M 220 -87.20 -17.29 27.36
C ILE M 220 -88.41 -16.48 26.89
N GLU M 221 -88.18 -15.60 25.93
CA GLU M 221 -89.24 -14.75 25.41
C GLU M 221 -90.24 -15.49 24.52
N ASP M 222 -91.46 -14.98 24.42
CA ASP M 222 -92.49 -15.60 23.63
C ASP M 222 -92.53 -15.19 22.16
N GLU M 223 -91.36 -15.00 21.58
CA GLU M 223 -91.26 -14.62 20.18
C GLU M 223 -91.49 -15.88 19.35
N GLN M 224 -92.21 -15.73 18.24
CA GLN M 224 -92.56 -16.88 17.40
C GLN M 224 -91.46 -17.32 16.44
N LEU M 225 -91.22 -18.64 16.43
CA LEU M 225 -90.23 -19.24 15.57
C LEU M 225 -90.93 -20.16 14.58
N THR M 226 -90.35 -20.29 13.40
CA THR M 226 -90.92 -21.19 12.40
C THR M 226 -89.93 -22.31 12.19
N LEU M 227 -90.33 -23.52 12.53
CA LEU M 227 -89.44 -24.66 12.37
C LEU M 227 -89.75 -25.37 11.10
N LEU M 228 -88.74 -25.57 10.28
CA LEU M 228 -88.96 -26.28 9.04
C LEU M 228 -88.34 -27.65 9.21
N ILE M 229 -89.18 -28.67 9.35
CA ILE M 229 -88.73 -30.06 9.54
C ILE M 229 -88.91 -30.81 8.24
N GLY M 230 -87.80 -31.31 7.70
CA GLY M 230 -87.85 -32.08 6.47
C GLY M 230 -87.43 -33.50 6.74
N ARG M 231 -87.34 -34.34 5.71
CA ARG M 231 -86.92 -35.71 5.90
C ARG M 231 -85.47 -35.80 6.37
N GLU M 232 -84.62 -34.97 5.80
CA GLU M 232 -83.22 -35.00 6.19
C GLU M 232 -82.65 -33.76 6.86
N LEU M 233 -83.47 -32.73 7.09
CA LEU M 233 -82.97 -31.51 7.71
C LEU M 233 -83.98 -30.71 8.51
N LEU M 234 -83.49 -29.92 9.45
CA LEU M 234 -84.34 -29.04 10.25
C LEU M 234 -83.78 -27.63 10.18
N ASN M 235 -84.61 -26.65 9.83
CA ASN M 235 -84.16 -25.27 9.70
C ASN M 235 -84.92 -24.28 10.56
N VAL M 236 -84.20 -23.45 11.31
CA VAL M 236 -84.83 -22.43 12.13
C VAL M 236 -84.06 -21.13 11.95
N THR M 237 -84.75 -20.00 11.93
CA THR M 237 -84.07 -18.72 11.84
C THR M 237 -84.38 -18.03 13.15
N ILE M 238 -83.34 -17.60 13.85
CA ILE M 238 -83.53 -16.98 15.15
C ILE M 238 -82.95 -15.58 15.31
N ASN M 239 -83.80 -14.65 15.69
CA ASN M 239 -83.39 -13.28 15.97
C ASN M 239 -82.77 -13.27 17.35
N THR M 240 -81.93 -12.27 17.63
CA THR M 240 -81.23 -12.15 18.92
C THR M 240 -80.58 -13.45 19.34
N GLU M 246 -74.42 -1.02 21.53
CA GLU M 246 -74.53 -2.05 22.56
C GLU M 246 -75.31 -3.27 22.11
N GLN M 247 -74.60 -4.35 21.82
CA GLN M 247 -75.24 -5.59 21.42
C GLN M 247 -76.24 -5.45 20.28
N GLY M 248 -75.75 -4.99 19.12
CA GLY M 248 -76.58 -4.77 17.94
C GLY M 248 -77.20 -6.00 17.31
N ASP M 249 -78.20 -5.79 16.47
CA ASP M 249 -78.96 -6.91 15.88
C ASP M 249 -78.23 -8.03 15.18
N ILE M 250 -78.65 -9.25 15.50
CA ILE M 250 -78.08 -10.47 14.97
C ILE M 250 -79.14 -11.53 14.69
N THR M 251 -79.15 -12.07 13.48
CA THR M 251 -80.08 -13.12 13.08
C THR M 251 -79.20 -14.36 12.82
N VAL M 252 -79.64 -15.50 13.33
CA VAL M 252 -78.93 -16.75 13.17
C VAL M 252 -79.80 -17.78 12.49
N ARG M 253 -79.32 -18.30 11.36
CA ARG M 253 -80.05 -19.34 10.65
C ARG M 253 -79.47 -20.66 11.11
N PHE M 254 -80.31 -21.51 11.68
CA PHE M 254 -79.86 -22.78 12.21
C PHE M 254 -80.32 -23.97 11.38
N THR M 255 -79.36 -24.77 10.94
CA THR M 255 -79.64 -25.96 10.15
C THR M 255 -78.95 -27.18 10.76
N THR M 256 -79.68 -28.28 10.87
CA THR M 256 -79.13 -29.49 11.44
C THR M 256 -79.47 -30.72 10.60
N LYS M 257 -78.55 -31.66 10.52
CA LYS M 257 -78.75 -32.89 9.77
C LYS M 257 -79.39 -33.85 10.75
N LEU M 258 -80.55 -34.40 10.41
CA LEU M 258 -81.23 -35.29 11.33
C LEU M 258 -80.62 -36.68 11.36
N ILE M 259 -80.81 -37.39 12.45
CA ILE M 259 -80.28 -38.73 12.61
C ILE M 259 -81.19 -39.69 11.89
N ASP M 260 -80.62 -40.42 10.95
CA ASP M 260 -81.35 -41.36 10.13
C ASP M 260 -81.59 -42.68 10.83
N GLY M 261 -82.59 -42.70 11.70
CA GLY M 261 -83.00 -43.88 12.42
C GLY M 261 -84.51 -43.88 12.65
N LYS M 262 -85.00 -44.93 13.30
CA LYS M 262 -86.37 -44.96 13.74
C LYS M 262 -86.38 -45.06 15.27
N PHE M 263 -86.96 -44.06 15.90
CA PHE M 263 -87.07 -44.04 17.33
C PHE M 263 -88.16 -45.03 17.71
N PRO M 264 -87.93 -45.83 18.75
CA PRO M 264 -88.92 -46.79 19.23
C PRO M 264 -90.08 -46.01 19.80
N ASP M 265 -91.33 -46.42 19.61
CA ASP M 265 -92.38 -45.58 20.15
C ASP M 265 -92.33 -45.55 21.67
N TYR M 266 -92.27 -44.33 22.17
CA TYR M 266 -92.20 -44.03 23.58
C TYR M 266 -93.44 -44.41 24.37
N ARG M 267 -94.58 -44.30 23.73
CA ARG M 267 -95.86 -44.51 24.39
C ARG M 267 -96.02 -45.87 25.01
N ARG M 268 -95.51 -46.90 24.37
CA ARG M 268 -95.62 -48.24 24.88
C ARG M 268 -94.94 -48.38 26.25
N VAL M 269 -93.78 -47.77 26.37
CA VAL M 269 -92.97 -47.82 27.58
C VAL M 269 -93.53 -47.01 28.75
N ILE M 270 -94.19 -45.91 28.43
CA ILE M 270 -94.74 -45.08 29.49
C ILE M 270 -95.84 -45.77 30.26
N PRO M 271 -95.66 -45.90 31.57
CA PRO M 271 -96.65 -46.58 32.39
C PRO M 271 -97.88 -45.74 32.55
N ARG M 272 -99.03 -46.39 32.51
CA ARG M 272 -100.33 -45.76 32.70
C ARG M 272 -100.62 -45.65 34.19
N GLY M 273 -101.65 -44.89 34.56
CA GLY M 273 -101.99 -44.74 35.97
C GLY M 273 -102.27 -46.13 36.50
N GLY M 274 -101.64 -46.46 37.62
CA GLY M 274 -101.74 -47.80 38.14
C GLY M 274 -102.49 -48.11 39.41
N ASP M 275 -101.80 -48.82 40.29
CA ASP M 275 -102.38 -49.25 41.55
C ASP M 275 -101.83 -48.44 42.71
N LYS M 276 -100.52 -48.21 42.71
CA LYS M 276 -99.89 -47.47 43.78
C LYS M 276 -99.47 -46.09 43.33
N HIS M 277 -99.89 -45.07 44.07
CA HIS M 277 -99.54 -43.70 43.74
C HIS M 277 -99.06 -42.97 44.99
N VAL M 278 -98.04 -42.14 44.82
CA VAL M 278 -97.47 -41.37 45.92
C VAL M 278 -97.26 -39.91 45.56
N LEU M 279 -97.40 -39.04 46.56
CA LEU M 279 -97.19 -37.60 46.39
C LEU M 279 -96.21 -37.26 47.50
N ILE M 280 -95.11 -36.62 47.14
CA ILE M 280 -94.07 -36.24 48.08
C ILE M 280 -93.64 -34.79 47.86
N GLY M 281 -93.38 -34.05 48.94
CA GLY M 281 -92.86 -32.68 48.82
C GLY M 281 -91.56 -32.73 48.04
N HIS M 282 -91.40 -31.87 47.05
CA HIS M 282 -90.22 -31.88 46.18
C HIS M 282 -88.96 -31.66 46.95
N ASP M 283 -88.91 -30.56 47.69
CA ASP M 283 -87.70 -30.19 48.46
C ASP M 283 -87.33 -31.28 49.47
N VAL M 284 -88.33 -31.89 50.09
CA VAL M 284 -88.13 -32.93 51.08
C VAL M 284 -87.53 -34.15 50.43
N PHE M 285 -88.06 -34.52 49.27
CA PHE M 285 -87.58 -35.68 48.54
C PHE M 285 -86.15 -35.49 48.10
N LYS M 286 -85.85 -34.34 47.51
CA LYS M 286 -84.49 -34.02 47.01
C LYS M 286 -83.45 -34.02 48.11
N GLN M 287 -83.69 -33.28 49.18
CA GLN M 287 -82.69 -33.20 50.24
C GLN M 287 -82.41 -34.53 50.87
N SER M 288 -83.45 -35.27 51.20
CA SER M 288 -83.30 -36.57 51.83
C SER M 288 -82.58 -37.58 50.94
N LEU M 289 -82.90 -37.56 49.65
CA LEU M 289 -82.28 -38.45 48.69
C LEU M 289 -80.81 -38.11 48.53
N GLN M 290 -80.50 -36.82 48.55
CA GLN M 290 -79.13 -36.37 48.45
C GLN M 290 -78.33 -36.79 49.68
N ARG M 291 -78.96 -36.70 50.85
CA ARG M 291 -78.34 -37.10 52.10
C ARG M 291 -78.06 -38.58 52.18
N VAL M 292 -79.01 -39.39 51.79
CA VAL M 292 -78.87 -40.85 51.82
C VAL M 292 -77.86 -41.38 50.83
N ALA M 293 -77.71 -40.65 49.72
CA ALA M 293 -76.81 -41.00 48.63
C ALA M 293 -75.34 -40.95 48.99
N ILE M 294 -74.99 -40.13 49.96
CA ILE M 294 -73.62 -40.05 50.41
C ILE M 294 -73.01 -41.41 50.77
N LEU M 295 -73.78 -42.28 51.42
CA LEU M 295 -73.24 -43.57 51.81
C LEU M 295 -73.69 -44.71 50.89
N SER M 296 -74.04 -44.41 49.65
CA SER M 296 -74.40 -45.47 48.72
C SER M 296 -73.15 -45.92 47.98
N ASN M 297 -73.28 -46.87 47.08
CA ASN M 297 -72.13 -47.34 46.35
C ASN M 297 -71.59 -46.19 45.53
N GLU M 298 -70.28 -46.03 45.50
CA GLU M 298 -69.64 -44.93 44.79
C GLU M 298 -69.91 -44.88 43.29
N LYS M 299 -69.90 -46.04 42.63
CA LYS M 299 -70.18 -46.07 41.21
C LYS M 299 -71.62 -46.42 40.90
N LEU M 300 -72.14 -47.41 41.61
CA LEU M 300 -73.51 -47.87 41.42
C LEU M 300 -74.57 -46.84 41.79
N ARG M 301 -74.33 -46.11 42.87
CA ARG M 301 -75.22 -45.06 43.39
C ARG M 301 -76.63 -45.56 43.66
N GLY M 302 -76.76 -46.77 44.20
CA GLY M 302 -78.07 -47.31 44.43
C GLY M 302 -78.64 -47.18 45.82
N VAL M 303 -79.88 -46.72 45.88
CA VAL M 303 -80.55 -46.54 47.13
C VAL M 303 -81.83 -47.34 47.14
N PHE M 304 -82.32 -47.64 48.34
CA PHE M 304 -83.57 -48.37 48.50
C PHE M 304 -84.67 -47.42 48.94
N LEU M 305 -85.78 -47.44 48.22
CA LEU M 305 -86.99 -46.72 48.61
C LEU M 305 -87.98 -47.78 49.12
N ASN M 306 -88.36 -47.66 50.39
CA ASN M 306 -89.33 -48.54 51.03
C ASN M 306 -90.60 -47.73 51.30
N PHE M 307 -91.67 -48.05 50.57
CA PHE M 307 -92.96 -47.36 50.75
C PHE M 307 -93.82 -48.10 51.76
N ASN M 308 -94.23 -47.39 52.78
CA ASN M 308 -95.12 -47.90 53.81
C ASN M 308 -96.26 -46.91 53.94
N GLN M 309 -97.25 -47.22 54.76
CA GLN M 309 -98.37 -46.32 54.84
C GLN M 309 -97.90 -45.04 55.51
N ASP M 310 -97.99 -43.96 54.75
CA ASP M 310 -97.62 -42.59 55.14
C ASP M 310 -96.14 -42.37 55.45
N SER M 311 -95.27 -43.24 54.96
CA SER M 311 -93.86 -43.09 55.23
C SER M 311 -93.01 -43.64 54.10
N LEU M 312 -91.90 -42.97 53.83
CA LEU M 312 -90.97 -43.41 52.81
C LEU M 312 -89.62 -43.49 53.45
N GLN M 313 -89.10 -44.70 53.57
CA GLN M 313 -87.78 -44.92 54.15
C GLN M 313 -86.75 -45.05 53.04
N LEU M 314 -85.83 -44.09 52.98
CA LEU M 314 -84.67 -44.14 52.09
C LEU M 314 -83.52 -44.79 52.84
N ARG M 315 -82.95 -45.84 52.26
CA ARG M 315 -81.83 -46.54 52.85
C ARG M 315 -80.69 -46.74 51.87
N ALA M 316 -79.48 -46.37 52.28
CA ALA M 316 -78.30 -46.52 51.44
C ALA M 316 -77.14 -47.14 52.20
N ASN M 317 -76.44 -48.07 51.56
CA ASN M 317 -75.28 -48.72 52.17
C ASN M 317 -74.20 -48.99 51.12
N ASN M 318 -72.97 -49.14 51.57
CA ASN M 318 -71.84 -49.38 50.68
C ASN M 318 -71.01 -50.59 51.11
N PRO M 319 -69.94 -50.88 50.35
CA PRO M 319 -68.97 -51.97 50.50
C PRO M 319 -68.25 -51.89 51.85
N GLU M 320 -68.01 -50.67 52.31
CA GLU M 320 -67.38 -50.35 53.59
C GLU M 320 -68.24 -50.60 54.85
N GLN M 321 -69.54 -50.85 54.62
CA GLN M 321 -70.62 -51.14 55.58
C GLN M 321 -71.28 -49.93 56.23
N ASP M 322 -70.94 -48.75 55.75
CA ASP M 322 -71.55 -47.54 56.27
C ASP M 322 -73.02 -47.55 55.83
N GLU M 323 -73.91 -47.11 56.70
CA GLU M 323 -75.33 -47.12 56.37
C GLU M 323 -76.02 -45.78 56.61
N ALA M 324 -76.88 -45.38 55.68
CA ALA M 324 -77.62 -44.13 55.81
C ALA M 324 -79.12 -44.42 55.77
N ILE M 325 -79.87 -43.91 56.72
CA ILE M 325 -81.32 -44.15 56.76
C ILE M 325 -82.01 -42.82 57.04
N GLU M 326 -83.09 -42.55 56.32
CA GLU M 326 -83.89 -41.36 56.52
C GLU M 326 -85.35 -41.63 56.17
N ASP M 327 -86.25 -41.19 57.03
CA ASP M 327 -87.67 -41.40 56.85
C ASP M 327 -88.37 -40.12 56.42
N LEU M 328 -89.21 -40.23 55.40
CA LEU M 328 -89.95 -39.10 54.87
C LEU M 328 -91.43 -39.25 55.13
N ALA M 329 -92.15 -38.13 55.09
CA ALA M 329 -93.58 -38.17 55.28
C ALA M 329 -94.17 -37.98 53.91
N ILE M 330 -94.96 -38.95 53.48
CA ILE M 330 -95.56 -38.93 52.17
C ILE M 330 -97.03 -39.29 52.26
N GLN M 331 -97.76 -39.01 51.20
CA GLN M 331 -99.16 -39.43 51.15
C GLN M 331 -99.22 -40.74 50.37
N TYR M 332 -99.38 -41.83 51.10
CA TYR M 332 -99.42 -43.16 50.52
C TYR M 332 -100.20 -44.10 51.41
N GLN M 333 -101.12 -44.87 50.83
CA GLN M 333 -101.92 -45.80 51.60
C GLN M 333 -102.00 -47.19 51.01
N SER M 334 -101.26 -47.43 49.94
CA SER M 334 -101.26 -48.75 49.31
C SER M 334 -100.33 -49.76 49.96
N ALA M 335 -100.22 -50.93 49.34
CA ALA M 335 -99.37 -52.00 49.86
C ALA M 335 -97.88 -51.65 49.86
N PRO M 336 -97.15 -52.12 50.88
CA PRO M 336 -95.72 -51.87 50.96
C PRO M 336 -94.99 -52.38 49.74
N LEU M 337 -93.99 -51.62 49.33
CA LEU M 337 -93.17 -51.91 48.18
C LEU M 337 -91.74 -51.47 48.44
N GLU M 338 -90.78 -52.33 48.14
CA GLU M 338 -89.38 -52.00 48.34
C GLU M 338 -88.72 -52.04 46.97
N MET M 339 -88.22 -50.88 46.55
CA MET M 339 -87.57 -50.78 45.26
C MET M 339 -86.17 -50.22 45.41
N SER M 340 -85.35 -50.49 44.42
CA SER M 340 -83.97 -50.07 44.37
C SER M 340 -83.75 -49.21 43.14
N PHE M 341 -83.25 -47.99 43.36
CA PHE M 341 -83.01 -47.05 42.27
C PHE M 341 -81.61 -46.47 42.27
N ASN M 342 -81.18 -46.02 41.10
CA ASN M 342 -79.91 -45.37 41.00
C ASN M 342 -80.30 -44.00 41.48
N ALA M 343 -79.63 -43.51 42.50
CA ALA M 343 -79.98 -42.23 43.08
C ALA M 343 -79.88 -41.08 42.11
N GLN M 344 -78.87 -41.10 41.26
CA GLN M 344 -78.67 -40.02 40.29
C GLN M 344 -79.84 -39.88 39.32
N TYR M 345 -80.39 -40.98 38.86
CA TYR M 345 -81.53 -40.91 37.94
C TYR M 345 -82.74 -40.22 38.54
N LEU M 346 -83.03 -40.50 39.80
CA LEU M 346 -84.10 -39.81 40.52
C LEU M 346 -83.75 -38.34 40.73
N LEU M 347 -82.52 -38.06 41.12
CA LEU M 347 -82.08 -36.67 41.30
C LEU M 347 -82.12 -35.88 39.99
N ASP M 348 -81.77 -36.53 38.87
CA ASP M 348 -81.84 -35.88 37.56
C ASP M 348 -83.27 -35.44 37.21
N VAL M 349 -84.24 -36.33 37.47
CA VAL M 349 -85.65 -36.02 37.26
C VAL M 349 -86.10 -34.86 38.17
N LEU M 350 -85.76 -34.91 39.45
CA LEU M 350 -86.07 -33.81 40.38
C LEU M 350 -85.39 -32.51 39.94
N GLY M 351 -84.19 -32.60 39.34
CA GLY M 351 -83.50 -31.46 38.73
C GLY M 351 -84.34 -30.63 37.78
N VAL M 352 -85.32 -31.25 37.13
CA VAL M 352 -86.12 -30.59 36.08
C VAL M 352 -87.61 -30.43 36.42
N LEU M 353 -88.04 -30.75 37.64
CA LEU M 353 -89.45 -30.57 38.03
C LEU M 353 -89.58 -29.34 38.91
N ASP M 354 -90.19 -28.29 38.37
CA ASP M 354 -90.38 -26.99 39.04
C ASP M 354 -91.54 -26.90 40.01
N GLY M 355 -92.28 -27.98 40.24
CA GLY M 355 -93.48 -27.89 41.09
C GLY M 355 -93.13 -28.22 42.51
N ASP M 356 -94.05 -27.92 43.40
CA ASP M 356 -93.84 -28.15 44.85
C ASP M 356 -93.98 -29.59 45.25
N ASP M 357 -94.72 -30.37 44.47
CA ASP M 357 -94.94 -31.78 44.78
C ASP M 357 -94.53 -32.72 43.64
N VAL M 358 -94.34 -33.98 43.99
CA VAL M 358 -93.93 -35.00 43.02
C VAL M 358 -94.89 -36.18 43.04
N ASN M 359 -95.28 -36.65 41.85
CA ASN M 359 -96.16 -37.79 41.73
C ASN M 359 -95.39 -39.00 41.26
N MET M 360 -95.47 -40.10 41.99
CA MET M 360 -94.80 -41.30 41.57
C MET M 360 -95.86 -42.37 41.44
N SER M 361 -95.92 -43.02 40.28
CA SER M 361 -96.90 -44.06 40.04
C SER M 361 -96.19 -45.39 39.88
N MET M 362 -96.49 -46.33 40.76
CA MET M 362 -95.84 -47.63 40.72
C MET M 362 -96.71 -48.86 40.59
N THR M 363 -96.15 -49.95 40.11
CA THR M 363 -96.90 -51.17 39.95
C THR M 363 -96.25 -52.22 40.83
N GLU M 364 -95.10 -52.70 40.39
CA GLU M 364 -94.38 -53.74 41.11
C GLU M 364 -92.92 -53.32 41.25
N ALA M 365 -92.21 -53.99 42.15
CA ALA M 365 -90.81 -53.69 42.46
C ALA M 365 -89.85 -53.86 41.29
N ASN M 366 -90.15 -54.78 40.39
CA ASN M 366 -89.31 -55.02 39.23
C ASN M 366 -89.79 -54.28 37.99
N GLN M 367 -90.71 -53.35 38.18
CA GLN M 367 -91.26 -52.57 37.07
C GLN M 367 -90.96 -51.10 37.19
N SER M 368 -91.03 -50.40 36.07
CA SER M 368 -90.72 -48.99 36.05
C SER M 368 -91.68 -48.11 36.82
N VAL M 369 -91.20 -46.93 37.13
CA VAL M 369 -91.97 -45.94 37.85
C VAL M 369 -92.13 -44.70 36.99
N LEU M 370 -93.32 -44.15 36.98
CA LEU M 370 -93.61 -42.92 36.26
C LEU M 370 -93.60 -41.78 37.26
N VAL M 371 -92.80 -40.75 36.99
CA VAL M 371 -92.69 -39.61 37.87
C VAL M 371 -93.20 -38.34 37.20
N GLN M 372 -94.07 -37.62 37.90
CA GLN M 372 -94.68 -36.42 37.37
C GLN M 372 -94.92 -35.30 38.37
N ASP M 373 -95.16 -34.12 37.83
CA ASP M 373 -95.47 -32.93 38.59
C ASP M 373 -96.96 -32.70 38.33
N PRO M 374 -97.77 -32.61 39.39
CA PRO M 374 -99.21 -32.38 39.21
C PRO M 374 -99.50 -31.05 38.52
N ALA M 375 -98.78 -30.03 38.93
CA ALA M 375 -98.91 -28.69 38.37
C ALA M 375 -98.64 -28.64 36.86
N HIS M 376 -97.66 -29.41 36.37
CA HIS M 376 -97.31 -29.45 34.94
C HIS M 376 -97.48 -30.87 34.37
N PRO M 377 -98.68 -31.19 33.82
CA PRO M 377 -98.92 -32.51 33.18
C PRO M 377 -98.17 -32.75 31.85
N ASP M 378 -97.69 -31.68 31.23
CA ASP M 378 -96.83 -31.75 30.02
C ASP M 378 -95.52 -32.53 30.14
N GLN M 379 -94.93 -32.59 31.33
CA GLN M 379 -93.69 -33.35 31.54
C GLN M 379 -93.96 -34.76 32.06
N THR M 380 -93.34 -35.75 31.44
CA THR M 380 -93.43 -37.15 31.87
C THR M 380 -92.05 -37.81 31.92
N TYR M 381 -91.76 -38.48 33.04
CA TYR M 381 -90.47 -39.14 33.25
C TYR M 381 -90.66 -40.57 33.71
N VAL M 382 -89.86 -41.46 33.17
CA VAL M 382 -89.92 -42.87 33.51
C VAL M 382 -88.54 -43.35 33.95
N VAL M 383 -88.48 -43.92 35.14
CA VAL M 383 -87.23 -44.41 35.66
C VAL M 383 -87.37 -45.89 35.95
N MET M 384 -86.40 -46.69 35.51
CA MET M 384 -86.43 -48.12 35.77
C MET M 384 -85.61 -48.44 37.00
N PRO M 385 -85.99 -49.51 37.70
CA PRO M 385 -85.31 -49.91 38.92
C PRO M 385 -84.03 -50.66 38.62
N MET M 386 -83.25 -50.92 39.67
CA MET M 386 -81.99 -51.62 39.52
C MET M 386 -82.13 -53.10 39.31
N ARG M 387 -81.00 -53.71 39.00
CA ARG M 387 -80.86 -55.14 38.73
C ARG M 387 -81.76 -55.56 37.58
N HIS N 5 -64.40 -43.87 77.90
CA HIS N 5 -64.58 -45.11 77.15
C HIS N 5 -65.17 -44.86 75.78
N HIS N 6 -66.46 -44.57 75.72
CA HIS N 6 -67.10 -44.32 74.44
C HIS N 6 -67.60 -42.89 74.32
N MET N 7 -67.14 -42.21 73.29
CA MET N 7 -67.45 -40.81 73.05
C MET N 7 -68.85 -40.52 72.54
N ARG N 8 -69.42 -39.44 73.06
CA ARG N 8 -70.70 -38.94 72.61
C ARG N 8 -70.63 -37.43 72.58
N LEU N 9 -70.96 -36.84 71.44
CA LEU N 9 -70.95 -35.40 71.32
C LEU N 9 -72.13 -34.73 70.65
N LYS N 10 -72.54 -33.58 71.16
CA LYS N 10 -73.66 -32.85 70.59
C LYS N 10 -73.10 -31.51 70.16
N ILE N 11 -73.15 -31.23 68.86
CA ILE N 11 -72.57 -30.00 68.38
C ILE N 11 -73.27 -29.50 67.12
N ALA N 12 -73.30 -28.19 66.94
CA ALA N 12 -73.91 -27.58 65.76
C ALA N 12 -73.15 -27.96 64.50
N LYS N 13 -73.88 -28.09 63.39
CA LYS N 13 -73.32 -28.37 62.09
C LYS N 13 -72.13 -27.47 61.76
N GLU N 14 -72.35 -26.17 61.79
CA GLU N 14 -71.28 -25.24 61.44
C GLU N 14 -70.05 -25.31 62.35
N SER N 15 -70.26 -25.55 63.63
CA SER N 15 -69.13 -25.68 64.56
C SER N 15 -68.22 -26.83 64.15
N LEU N 16 -68.80 -28.03 64.00
CA LEU N 16 -68.05 -29.21 63.60
C LEU N 16 -67.42 -29.07 62.22
N LEU N 17 -68.14 -28.42 61.30
CA LEU N 17 -67.68 -28.26 59.93
C LEU N 17 -66.50 -27.27 59.87
N ASN N 18 -66.57 -26.22 60.68
CA ASN N 18 -65.52 -25.20 60.68
C ASN N 18 -64.22 -25.77 61.19
N VAL N 19 -64.29 -26.55 62.25
CA VAL N 19 -63.12 -27.19 62.80
C VAL N 19 -62.55 -28.17 61.80
N LEU N 20 -63.43 -28.92 61.15
CA LEU N 20 -63.01 -29.91 60.17
C LEU N 20 -62.37 -29.31 58.93
N SER N 21 -62.87 -28.18 58.48
CA SER N 21 -62.33 -27.57 57.27
C SER N 21 -60.85 -27.31 57.36
N HIS N 22 -60.39 -26.85 58.52
CA HIS N 22 -58.98 -26.60 58.76
C HIS N 22 -58.11 -27.84 58.67
N VAL N 23 -58.66 -28.97 59.06
CA VAL N 23 -57.88 -30.18 59.13
C VAL N 23 -57.99 -31.21 58.01
N VAL N 24 -58.96 -31.03 57.12
CA VAL N 24 -59.19 -32.04 56.06
C VAL N 24 -58.26 -31.94 54.88
N GLY N 25 -57.78 -30.76 54.59
CA GLY N 25 -56.85 -30.58 53.48
C GLY N 25 -55.64 -31.50 53.52
N ALA N 26 -55.23 -31.92 54.72
CA ALA N 26 -54.10 -32.81 54.90
C ALA N 26 -54.40 -34.30 54.71
N VAL N 27 -55.68 -34.65 54.71
CA VAL N 27 -56.08 -36.04 54.57
C VAL N 27 -56.08 -36.43 53.11
N GLU N 28 -55.76 -37.68 52.83
CA GLU N 28 -55.73 -38.16 51.47
C GLU N 28 -56.76 -39.23 51.28
N ARG N 29 -57.35 -39.28 50.10
CA ARG N 29 -58.39 -40.23 49.77
C ARG N 29 -57.89 -41.64 49.88
N ARG N 30 -56.67 -41.88 49.41
CA ARG N 30 -56.06 -43.18 49.51
C ARG N 30 -54.73 -43.04 50.20
N HIS N 31 -54.46 -43.89 51.17
CA HIS N 31 -53.19 -43.85 51.86
C HIS N 31 -52.72 -45.26 52.11
N THR N 32 -51.41 -45.45 52.16
CA THR N 32 -50.84 -46.79 52.42
C THR N 32 -51.25 -47.30 53.80
N LEU N 33 -51.25 -46.41 54.80
CA LEU N 33 -51.81 -46.70 56.11
C LEU N 33 -53.26 -46.24 56.13
N ASN N 34 -54.17 -47.19 56.18
CA ASN N 34 -55.60 -46.93 55.95
C ASN N 34 -56.22 -45.93 56.94
N ILE N 35 -55.76 -45.99 58.17
CA ILE N 35 -56.26 -45.15 59.26
C ILE N 35 -56.08 -43.65 58.99
N LEU N 36 -55.06 -43.28 58.21
CA LEU N 36 -54.82 -41.87 57.88
C LEU N 36 -55.82 -41.22 56.93
N SER N 37 -56.73 -42.05 56.43
CA SER N 37 -57.83 -41.59 55.61
C SER N 37 -58.90 -41.06 56.58
N ASN N 38 -58.92 -41.61 57.79
CA ASN N 38 -59.84 -41.19 58.83
C ASN N 38 -59.30 -39.95 59.50
N VAL N 39 -60.16 -39.27 60.24
CA VAL N 39 -59.78 -38.09 60.96
C VAL N 39 -59.87 -38.45 62.44
N LYS N 40 -58.84 -38.16 63.21
CA LYS N 40 -58.87 -38.48 64.63
C LYS N 40 -59.59 -37.39 65.43
N ILE N 41 -60.55 -37.79 66.24
CA ILE N 41 -61.30 -36.84 67.02
C ILE N 41 -61.25 -37.14 68.51
N GLN N 42 -60.96 -36.11 69.29
CA GLN N 42 -60.85 -36.22 70.74
C GLN N 42 -61.74 -35.21 71.37
N THR N 43 -62.51 -35.59 72.40
CA THR N 43 -63.29 -34.63 73.15
C THR N 43 -63.27 -34.86 74.65
N ASN N 44 -63.33 -33.76 75.38
CA ASN N 44 -63.59 -33.76 76.82
C ASN N 44 -64.57 -32.61 77.08
N ALA N 45 -64.93 -32.38 78.34
CA ALA N 45 -65.94 -31.37 78.68
C ALA N 45 -65.67 -29.96 78.13
N GLN N 46 -64.40 -29.56 78.06
CA GLN N 46 -64.03 -28.20 77.65
C GLN N 46 -63.69 -28.00 76.18
N ALA N 47 -63.08 -29.00 75.53
CA ALA N 47 -62.56 -28.82 74.17
C ALA N 47 -62.71 -30.00 73.21
N LEU N 48 -62.77 -29.66 71.93
CA LEU N 48 -62.85 -30.58 70.81
C LEU N 48 -61.54 -30.46 70.05
N THR N 49 -60.94 -31.58 69.70
CA THR N 49 -59.64 -31.59 69.02
C THR N 49 -59.67 -32.59 67.86
N ILE N 50 -59.56 -32.08 66.63
CA ILE N 50 -59.57 -32.93 65.44
C ILE N 50 -58.22 -32.95 64.74
N THR N 51 -57.79 -34.14 64.31
CA THR N 51 -56.51 -34.27 63.65
C THR N 51 -56.58 -34.91 62.26
N GLY N 52 -55.94 -34.27 61.29
CA GLY N 52 -55.88 -34.79 59.94
C GLY N 52 -54.42 -34.83 59.51
N SER N 53 -53.95 -35.98 59.05
CA SER N 53 -52.56 -36.09 58.64
C SER N 53 -52.31 -37.11 57.54
N ASP N 54 -51.25 -36.90 56.78
CA ASP N 54 -50.85 -37.84 55.75
C ASP N 54 -49.46 -38.41 56.02
N LEU N 55 -48.96 -38.10 57.22
CA LEU N 55 -47.65 -38.47 57.79
C LEU N 55 -46.48 -37.62 57.30
N GLU N 56 -46.78 -36.64 56.47
CA GLU N 56 -45.81 -35.70 55.96
C GLU N 56 -46.24 -34.34 56.47
N VAL N 57 -47.55 -34.12 56.51
CA VAL N 57 -48.13 -32.90 57.03
C VAL N 57 -49.17 -33.29 58.05
N GLU N 58 -49.16 -32.65 59.20
CA GLU N 58 -50.10 -32.97 60.25
C GLU N 58 -50.81 -31.72 60.75
N LEU N 59 -52.12 -31.75 60.81
CA LEU N 59 -52.86 -30.60 61.30
C LEU N 59 -53.80 -30.97 62.43
N VAL N 60 -53.71 -30.24 63.53
CA VAL N 60 -54.55 -30.48 64.68
C VAL N 60 -55.28 -29.20 65.05
N ALA N 61 -56.59 -29.20 64.89
CA ALA N 61 -57.42 -28.05 65.17
C ALA N 61 -58.17 -28.28 66.45
N SER N 62 -58.21 -27.27 67.29
CA SER N 62 -58.96 -27.35 68.55
C SER N 62 -59.83 -26.12 68.75
N THR N 63 -60.95 -26.32 69.43
CA THR N 63 -61.90 -25.28 69.74
C THR N 63 -62.53 -25.60 71.09
N ALA N 64 -63.15 -24.62 71.71
CA ALA N 64 -63.75 -24.83 73.02
C ALA N 64 -65.22 -25.20 72.92
N LEU N 65 -65.57 -26.37 73.47
CA LEU N 65 -66.95 -26.82 73.46
C LEU N 65 -67.74 -26.00 74.47
N SER N 66 -69.04 -25.87 74.25
CA SER N 66 -69.83 -25.02 75.13
C SER N 66 -70.97 -25.67 75.88
N GLU N 67 -71.12 -25.26 77.13
CA GLU N 67 -72.22 -25.71 77.98
C GLU N 67 -72.40 -27.20 78.05
N GLY N 68 -71.31 -27.93 78.27
CA GLY N 68 -71.43 -29.37 78.36
C GLY N 68 -72.03 -30.00 77.10
N ALA N 69 -71.59 -29.51 75.95
CA ALA N 69 -72.03 -30.03 74.67
C ALA N 69 -71.51 -31.44 74.54
N CYS N 70 -70.52 -31.77 75.34
CA CYS N 70 -69.92 -33.08 75.31
C CYS N 70 -70.58 -33.98 76.34
N LEU N 71 -71.30 -34.97 75.85
CA LEU N 71 -72.05 -35.92 76.66
C LEU N 71 -71.13 -36.87 77.38
N GLU N 72 -70.21 -37.44 76.63
CA GLU N 72 -69.20 -38.32 77.17
C GLU N 72 -67.85 -37.77 76.77
N ALA N 73 -66.80 -38.48 77.16
CA ALA N 73 -65.48 -38.04 76.83
C ALA N 73 -64.82 -39.24 76.20
N GLY N 74 -64.05 -39.00 75.15
CA GLY N 74 -63.38 -40.10 74.51
C GLY N 74 -62.71 -39.68 73.25
N GLU N 75 -62.15 -40.66 72.56
CA GLU N 75 -61.47 -40.44 71.30
C GLU N 75 -61.74 -41.54 70.30
N THR N 76 -61.73 -41.19 69.01
CA THR N 76 -61.96 -42.12 67.90
C THR N 76 -61.48 -41.54 66.56
N THR N 77 -61.45 -42.37 65.52
CA THR N 77 -61.10 -41.95 64.17
C THR N 77 -62.29 -42.23 63.27
N VAL N 78 -62.69 -41.25 62.46
CA VAL N 78 -63.83 -41.41 61.55
C VAL N 78 -63.41 -41.04 60.13
N PRO N 79 -63.92 -41.77 59.11
CA PRO N 79 -63.57 -41.45 57.71
C PRO N 79 -63.80 -40.00 57.34
N ALA N 80 -62.70 -39.31 57.06
CA ALA N 80 -62.69 -37.88 56.83
C ALA N 80 -63.63 -37.32 55.80
N ARG N 81 -63.50 -37.77 54.57
CA ARG N 81 -64.33 -37.25 53.49
C ARG N 81 -65.81 -37.51 53.68
N LYS N 82 -66.17 -38.70 54.12
CA LYS N 82 -67.57 -39.01 54.35
C LYS N 82 -68.16 -38.10 55.41
N LEU N 83 -67.48 -37.97 56.54
CA LEU N 83 -67.95 -37.13 57.62
C LEU N 83 -68.18 -35.69 57.17
N MET N 84 -67.31 -35.18 56.30
CA MET N 84 -67.45 -33.85 55.77
C MET N 84 -68.65 -33.71 54.85
N GLU N 85 -68.86 -34.69 53.97
CA GLU N 85 -69.95 -34.61 53.01
C GLU N 85 -71.28 -34.76 53.74
N ILE N 86 -71.30 -35.64 54.75
CA ILE N 86 -72.48 -35.80 55.60
C ILE N 86 -72.86 -34.49 56.30
N CYS N 87 -71.90 -33.84 56.93
CA CYS N 87 -72.17 -32.56 57.61
C CYS N 87 -72.65 -31.46 56.65
N LYS N 88 -72.04 -31.35 55.47
CA LYS N 88 -72.45 -30.35 54.47
C LYS N 88 -73.87 -30.57 53.93
N SER N 89 -74.33 -31.80 53.92
CA SER N 89 -75.66 -32.12 53.39
C SER N 89 -76.79 -31.76 54.32
N LEU N 90 -76.50 -31.58 55.59
CA LEU N 90 -77.52 -31.24 56.57
C LEU N 90 -77.92 -29.81 56.39
N PRO N 91 -79.16 -29.48 56.78
CA PRO N 91 -79.65 -28.12 56.64
C PRO N 91 -78.99 -27.13 57.57
N THR N 92 -79.10 -25.84 57.25
CA THR N 92 -78.52 -24.78 58.04
C THR N 92 -79.01 -24.82 59.49
N ALA N 93 -78.09 -24.56 60.43
CA ALA N 93 -78.37 -24.53 61.86
C ALA N 93 -78.78 -25.89 62.48
N ALA N 94 -78.46 -26.99 61.78
CA ALA N 94 -78.79 -28.33 62.26
C ALA N 94 -77.94 -28.69 63.47
N LEU N 95 -78.42 -29.65 64.25
CA LEU N 95 -77.70 -30.14 65.44
C LEU N 95 -77.32 -31.60 65.24
N ILE N 96 -76.03 -31.86 65.32
CA ILE N 96 -75.50 -33.18 65.12
C ILE N 96 -75.27 -33.91 66.42
N ASP N 97 -75.66 -35.17 66.44
CA ASP N 97 -75.47 -36.00 67.59
C ASP N 97 -74.51 -37.08 67.18
N LEU N 98 -73.39 -37.18 67.89
CA LEU N 98 -72.38 -38.18 67.60
C LEU N 98 -72.26 -39.15 68.74
N GLN N 99 -72.30 -40.44 68.43
CA GLN N 99 -72.17 -41.45 69.48
C GLN N 99 -71.23 -42.53 69.02
N ILE N 100 -70.39 -43.03 69.92
CA ILE N 100 -69.48 -44.09 69.54
C ILE N 100 -69.85 -45.42 70.16
N THR N 101 -69.97 -46.44 69.33
CA THR N 101 -70.28 -47.77 69.81
C THR N 101 -69.04 -48.41 70.40
N GLU N 102 -69.22 -49.53 71.12
CA GLU N 102 -68.11 -50.32 71.66
C GLU N 102 -67.52 -51.11 70.48
N ASP N 103 -68.41 -51.38 69.52
CA ASP N 103 -68.08 -51.97 68.23
C ASP N 103 -67.53 -50.76 67.49
N GLN N 104 -66.71 -50.96 66.47
CA GLN N 104 -66.16 -49.79 65.81
C GLN N 104 -67.12 -49.14 64.80
N ARG N 105 -68.13 -48.45 65.33
CA ARG N 105 -69.16 -47.78 64.57
C ARG N 105 -69.42 -46.42 65.16
N CYS N 106 -69.61 -45.43 64.30
CA CYS N 106 -69.90 -44.08 64.74
C CYS N 106 -71.29 -43.78 64.25
N ILE N 107 -72.15 -43.30 65.14
CA ILE N 107 -73.50 -43.01 64.74
C ILE N 107 -73.79 -41.52 64.77
N LEU N 108 -74.26 -41.00 63.65
CA LEU N 108 -74.55 -39.59 63.57
C LEU N 108 -76.03 -39.36 63.33
N LYS N 109 -76.66 -38.56 64.19
CA LYS N 109 -78.07 -38.24 64.05
C LYS N 109 -78.26 -36.74 63.97
N SER N 110 -79.09 -36.30 63.04
CA SER N 110 -79.44 -34.89 62.90
C SER N 110 -80.76 -34.84 62.17
N GLY N 111 -81.72 -34.09 62.71
CA GLY N 111 -83.08 -34.10 62.19
C GLY N 111 -83.60 -35.52 62.15
N ASN N 112 -84.24 -35.87 61.03
CA ASN N 112 -84.76 -37.23 60.81
C ASN N 112 -83.78 -38.22 60.17
N SER N 113 -82.59 -37.77 59.85
CA SER N 113 -81.58 -38.61 59.22
C SER N 113 -80.63 -39.28 60.21
N ARG N 114 -80.25 -40.51 59.90
CA ARG N 114 -79.33 -41.29 60.74
C ARG N 114 -78.26 -41.89 59.84
N PHE N 115 -76.99 -41.60 60.13
CA PHE N 115 -75.85 -42.10 59.37
C PHE N 115 -74.96 -42.93 60.27
N VAL N 116 -74.36 -44.00 59.74
CA VAL N 116 -73.47 -44.87 60.50
C VAL N 116 -72.19 -45.12 59.68
N LEU N 117 -71.04 -44.82 60.28
CA LEU N 117 -69.73 -45.00 59.66
C LEU N 117 -68.89 -45.96 60.48
N GLY N 118 -67.94 -46.62 59.82
CA GLY N 118 -67.00 -47.51 60.50
C GLY N 118 -65.81 -46.71 61.03
N THR N 119 -65.43 -46.96 62.27
CA THR N 119 -64.33 -46.27 62.93
C THR N 119 -63.13 -47.20 63.11
N LEU N 120 -61.98 -46.61 63.39
CA LEU N 120 -60.79 -47.35 63.76
C LEU N 120 -60.23 -46.82 65.09
N PRO N 121 -59.52 -47.67 65.86
CA PRO N 121 -59.04 -47.26 67.19
C PRO N 121 -58.10 -46.03 67.16
N ALA N 122 -58.36 -45.05 68.02
CA ALA N 122 -57.55 -43.81 68.06
C ALA N 122 -56.10 -44.03 68.46
N GLU N 123 -55.85 -45.10 69.23
CA GLU N 123 -54.49 -45.48 69.64
C GLU N 123 -53.59 -45.85 68.45
N ASP N 124 -54.20 -46.36 67.38
CA ASP N 124 -53.45 -46.73 66.16
C ASP N 124 -53.14 -45.57 65.23
N TYR N 125 -53.70 -44.38 65.49
CA TYR N 125 -53.45 -43.22 64.66
C TYR N 125 -52.02 -42.70 64.90
N PRO N 126 -51.16 -42.72 63.86
CA PRO N 126 -49.78 -42.28 64.03
C PRO N 126 -49.61 -40.75 64.02
N LEU N 127 -48.71 -40.28 64.89
CA LEU N 127 -48.39 -38.85 65.01
C LEU N 127 -46.93 -38.62 64.63
N LEU N 128 -46.59 -37.39 64.27
CA LEU N 128 -45.22 -37.05 63.98
C LEU N 128 -44.52 -36.82 65.32
N THR N 129 -43.34 -37.37 65.50
CA THR N 129 -42.59 -37.23 66.75
C THR N 129 -41.16 -36.81 66.47
N THR N 130 -40.59 -35.97 67.34
CA THR N 130 -39.22 -35.52 67.15
C THR N 130 -38.57 -35.20 68.48
N GLU N 131 -37.25 -35.02 68.47
CA GLU N 131 -36.54 -34.70 69.69
C GLU N 131 -36.99 -33.36 70.21
N ASN N 132 -37.24 -33.30 71.52
CA ASN N 132 -37.69 -32.06 72.12
C ASN N 132 -36.64 -30.97 71.98
N SER N 133 -35.39 -31.34 72.18
CA SER N 133 -34.28 -30.41 72.10
C SER N 133 -34.08 -29.78 70.74
N GLN N 134 -34.18 -30.57 69.69
CA GLN N 134 -33.97 -30.03 68.36
C GLN N 134 -34.96 -28.94 68.04
N GLY N 135 -34.47 -27.87 67.42
CA GLY N 135 -35.33 -26.77 67.07
C GLY N 135 -34.70 -25.40 67.19
N THR N 136 -35.32 -24.46 66.49
CA THR N 136 -34.91 -23.07 66.47
C THR N 136 -36.19 -22.28 66.49
N GLN N 137 -36.21 -21.16 67.17
CA GLN N 137 -37.45 -20.40 67.18
C GLN N 137 -37.29 -19.12 66.40
N VAL N 138 -38.04 -19.04 65.30
CA VAL N 138 -38.07 -17.88 64.42
C VAL N 138 -39.34 -17.11 64.73
N GLN N 139 -39.23 -15.79 64.79
CA GLN N 139 -40.38 -14.95 65.08
C GLN N 139 -40.78 -14.21 63.84
N VAL N 140 -41.96 -14.49 63.32
CA VAL N 140 -42.39 -13.81 62.11
C VAL N 140 -43.89 -13.68 62.13
N THR N 141 -44.41 -12.58 61.59
CA THR N 141 -45.83 -12.37 61.56
C THR N 141 -46.53 -13.28 60.55
N GLN N 142 -47.83 -13.47 60.74
CA GLN N 142 -48.59 -14.31 59.84
C GLN N 142 -48.58 -13.75 58.45
N ARG N 143 -48.75 -12.43 58.36
CA ARG N 143 -48.76 -11.77 57.07
C ARG N 143 -47.42 -11.93 56.39
N GLU N 144 -46.34 -11.78 57.15
CA GLU N 144 -45.01 -11.90 56.59
C GLU N 144 -44.76 -13.30 56.07
N LEU N 145 -45.13 -14.31 56.84
CA LEU N 145 -44.90 -15.68 56.43
C LEU N 145 -45.68 -16.02 55.19
N LYS N 146 -46.91 -15.55 55.13
CA LYS N 146 -47.78 -15.80 54.00
C LYS N 146 -47.21 -15.21 52.73
N ARG N 147 -46.66 -14.01 52.84
CA ARG N 147 -46.07 -13.33 51.70
C ARG N 147 -44.94 -14.13 51.08
N LEU N 148 -44.16 -14.81 51.89
CA LEU N 148 -43.06 -15.58 51.35
C LEU N 148 -43.56 -16.67 50.43
N PHE N 149 -44.59 -17.37 50.86
CA PHE N 149 -45.16 -18.42 50.04
C PHE N 149 -45.86 -17.92 48.78
N GLU N 150 -46.60 -16.83 48.90
CA GLU N 150 -47.34 -16.27 47.78
C GLU N 150 -46.38 -15.98 46.66
N LYS N 151 -45.34 -15.26 47.02
CA LYS N 151 -44.31 -14.82 46.10
C LYS N 151 -43.49 -15.93 45.46
N THR N 152 -43.37 -17.08 46.13
CA THR N 152 -42.53 -18.15 45.59
C THR N 152 -43.17 -19.50 45.27
N ALA N 153 -44.48 -19.62 45.44
CA ALA N 153 -45.15 -20.91 45.22
C ALA N 153 -45.06 -21.48 43.79
N PHE N 154 -45.15 -20.62 42.79
CA PHE N 154 -45.13 -21.05 41.39
C PHE N 154 -43.86 -21.75 40.92
N ALA N 155 -42.71 -21.32 41.42
CA ALA N 155 -41.41 -21.86 41.04
C ALA N 155 -41.18 -23.33 41.37
N MET N 156 -41.79 -23.82 42.44
CA MET N 156 -41.60 -25.20 42.86
C MET N 156 -41.95 -26.18 41.76
N ALA N 157 -41.11 -27.20 41.62
CA ALA N 157 -41.34 -28.26 40.64
C ALA N 157 -42.50 -29.11 41.13
N VAL N 158 -43.35 -29.58 40.21
CA VAL N 158 -44.47 -30.41 40.61
C VAL N 158 -43.97 -31.79 40.98
N GLN N 159 -43.27 -32.43 40.05
CA GLN N 159 -42.70 -33.74 40.30
C GLN N 159 -41.28 -33.68 39.72
N ASP N 160 -40.32 -34.12 40.53
CA ASP N 160 -38.95 -34.36 40.07
C ASP N 160 -38.26 -35.50 40.79
N VAL N 161 -37.32 -36.15 40.12
CA VAL N 161 -36.46 -37.13 40.80
C VAL N 161 -35.62 -36.44 41.87
N ARG N 162 -35.18 -35.22 41.59
CA ARG N 162 -34.52 -34.38 42.61
C ARG N 162 -35.61 -33.85 43.55
N PHE N 163 -35.85 -34.58 44.65
CA PHE N 163 -37.05 -34.37 45.46
C PHE N 163 -37.07 -33.01 46.21
N TYR N 164 -35.93 -32.53 46.61
CA TYR N 164 -35.76 -31.18 47.16
C TYR N 164 -36.36 -30.05 46.30
N LEU N 165 -36.35 -30.24 44.98
CA LEU N 165 -36.87 -29.25 44.04
C LEU N 165 -38.38 -29.14 44.08
N THR N 166 -39.02 -30.11 44.72
CA THR N 166 -40.47 -30.13 44.83
C THR N 166 -40.95 -29.45 46.10
N GLY N 167 -40.02 -28.89 46.86
CA GLY N 167 -40.32 -28.22 48.09
C GLY N 167 -39.71 -26.83 48.17
N THR N 168 -40.27 -26.00 49.05
CA THR N 168 -39.77 -24.65 49.25
C THR N 168 -38.62 -24.66 50.25
N LEU N 169 -37.56 -23.92 49.96
CA LEU N 169 -36.48 -23.81 50.92
C LEU N 169 -36.71 -22.63 51.84
N LEU N 170 -36.48 -22.85 53.14
CA LEU N 170 -36.63 -21.79 54.11
C LEU N 170 -35.25 -21.52 54.69
N GLU N 171 -34.83 -20.27 54.68
CA GLU N 171 -33.53 -19.96 55.23
C GLU N 171 -33.59 -18.77 56.16
N ILE N 172 -32.75 -18.77 57.18
CA ILE N 172 -32.75 -17.68 58.14
C ILE N 172 -31.57 -16.74 58.01
N ASP N 173 -31.86 -15.47 57.77
CA ASP N 173 -30.84 -14.44 57.67
C ASP N 173 -30.92 -13.38 58.77
N GLU N 174 -31.72 -13.68 59.79
CA GLU N 174 -31.90 -12.79 60.93
C GLU N 174 -32.19 -11.35 60.53
N LEU N 177 -35.39 -14.02 57.50
CA LEU N 177 -36.02 -15.20 56.93
C LEU N 177 -36.21 -15.05 55.44
N ARG N 178 -35.82 -16.07 54.69
CA ARG N 178 -35.93 -16.02 53.24
C ARG N 178 -36.51 -17.31 52.69
N ALA N 179 -37.28 -17.21 51.62
CA ALA N 179 -37.89 -18.37 50.98
C ALA N 179 -37.43 -18.50 49.53
N VAL N 180 -36.94 -19.68 49.16
CA VAL N 180 -36.43 -19.94 47.82
C VAL N 180 -37.03 -21.19 47.15
N THR N 181 -37.50 -21.03 45.92
CA THR N 181 -38.05 -22.15 45.17
C THR N 181 -37.54 -22.15 43.73
N THR N 182 -37.18 -23.32 43.22
CA THR N 182 -36.72 -23.46 41.84
C THR N 182 -37.09 -24.83 41.27
N ASP N 183 -37.17 -24.92 39.95
CA ASP N 183 -37.50 -26.18 39.29
C ASP N 183 -36.50 -26.53 38.20
N GLY N 184 -35.40 -25.80 38.17
CA GLY N 184 -34.35 -25.99 37.18
C GLY N 184 -34.37 -25.02 36.02
N HIS N 185 -35.56 -24.50 35.68
CA HIS N 185 -35.73 -23.55 34.59
C HIS N 185 -35.92 -22.12 35.07
N ARG N 186 -36.14 -21.94 36.37
CA ARG N 186 -36.41 -20.62 36.93
C ARG N 186 -36.30 -20.70 38.44
N LEU N 187 -36.24 -19.53 39.08
CA LEU N 187 -36.05 -19.46 40.49
C LEU N 187 -36.79 -18.28 41.05
N ALA N 188 -37.33 -18.44 42.26
CA ALA N 188 -38.00 -17.37 42.95
C ALA N 188 -37.44 -17.26 44.34
N LEU N 189 -37.29 -16.03 44.80
CA LEU N 189 -36.73 -15.75 46.11
C LEU N 189 -37.46 -14.57 46.72
N CYS N 190 -37.74 -14.65 48.01
CA CYS N 190 -38.42 -13.56 48.70
C CYS N 190 -37.87 -13.42 50.10
N GLU N 191 -37.64 -12.19 50.57
CA GLU N 191 -37.10 -12.00 51.91
C GLU N 191 -38.01 -11.20 52.82
N ILE N 192 -38.11 -11.62 54.08
CA ILE N 192 -38.93 -10.88 55.05
C ILE N 192 -38.18 -10.78 56.37
N LEU N 193 -38.31 -9.64 57.05
CA LEU N 193 -37.64 -9.45 58.32
C LEU N 193 -38.20 -10.41 59.36
N ALA N 194 -37.32 -10.97 60.19
CA ALA N 194 -37.74 -11.90 61.21
C ALA N 194 -36.76 -11.91 62.37
N SER N 195 -37.25 -12.34 63.53
CA SER N 195 -36.40 -12.38 64.79
C SER N 195 -35.99 -13.78 65.18
N SER N 196 -34.75 -13.90 65.68
CA SER N 196 -34.16 -15.22 65.93
C SER N 196 -33.07 -15.35 67.02
N VAL N 202 -29.56 -21.77 59.40
CA VAL N 202 -30.21 -23.05 59.28
C VAL N 202 -31.20 -23.08 58.13
N GLN N 203 -31.30 -24.27 57.49
CA GLN N 203 -32.14 -24.47 56.33
C GLN N 203 -33.15 -25.58 56.59
N ALA N 204 -34.36 -25.39 56.09
CA ALA N 204 -35.41 -26.40 56.17
C ALA N 204 -36.13 -26.39 54.83
N ILE N 205 -36.33 -27.57 54.25
CA ILE N 205 -37.05 -27.69 53.00
C ILE N 205 -38.45 -28.18 53.31
N VAL N 206 -39.42 -27.30 53.11
CA VAL N 206 -40.83 -27.61 53.39
C VAL N 206 -41.45 -28.25 52.15
N PRO N 207 -42.07 -29.44 52.30
CA PRO N 207 -42.69 -30.09 51.14
C PRO N 207 -43.86 -29.31 50.56
N ARG N 208 -44.12 -29.53 49.28
CA ARG N 208 -45.16 -28.83 48.55
C ARG N 208 -46.53 -28.78 49.22
N LYS N 209 -47.00 -29.92 49.70
CA LYS N 209 -48.31 -29.98 50.30
C LYS N 209 -48.38 -29.16 51.58
N ALA N 210 -47.32 -29.21 52.38
CA ALA N 210 -47.21 -28.38 53.58
C ALA N 210 -47.34 -26.91 53.24
N VAL N 211 -46.63 -26.46 52.21
CA VAL N 211 -46.69 -25.07 51.79
C VAL N 211 -48.12 -24.68 51.44
N GLY N 212 -48.79 -25.53 50.66
CA GLY N 212 -50.17 -25.30 50.27
C GLY N 212 -51.09 -25.12 51.47
N GLU N 213 -51.00 -26.06 52.41
CA GLU N 213 -51.82 -26.01 53.63
C GLU N 213 -51.49 -24.80 54.50
N LEU N 214 -50.23 -24.41 54.50
CA LEU N 214 -49.81 -23.25 55.28
C LEU N 214 -50.40 -21.99 54.68
N GLN N 215 -50.32 -21.86 53.37
CA GLN N 215 -50.87 -20.69 52.69
C GLN N 215 -52.35 -20.54 52.96
N ARG N 216 -53.03 -21.65 53.13
CA ARG N 216 -54.46 -21.64 53.37
C ARG N 216 -54.82 -21.32 54.81
N LEU N 217 -53.92 -21.62 55.73
CA LEU N 217 -54.20 -21.37 57.14
C LEU N 217 -53.81 -19.99 57.62
N LEU N 218 -52.77 -19.44 57.01
CA LEU N 218 -52.28 -18.13 57.39
C LEU N 218 -53.21 -17.00 57.00
N SER N 219 -53.00 -15.84 57.61
CA SER N 219 -53.81 -14.67 57.33
C SER N 219 -52.96 -13.46 57.07
N ILE N 220 -53.58 -12.36 56.68
CA ILE N 220 -52.87 -11.12 56.41
C ILE N 220 -52.69 -10.26 57.66
N GLU N 221 -53.27 -10.71 58.76
CA GLU N 221 -53.15 -10.01 60.03
C GLU N 221 -51.72 -10.17 60.50
N ASP N 222 -51.17 -9.15 61.14
CA ASP N 222 -49.81 -9.23 61.62
C ASP N 222 -49.75 -9.80 63.02
N GLU N 223 -49.76 -11.13 63.13
CA GLU N 223 -49.68 -11.77 64.45
C GLU N 223 -48.36 -12.45 64.50
N GLN N 224 -47.58 -12.19 65.53
CA GLN N 224 -46.29 -12.84 65.62
C GLN N 224 -46.56 -14.31 65.77
N LEU N 225 -45.83 -15.10 64.99
CA LEU N 225 -45.95 -16.53 65.02
C LEU N 225 -44.61 -17.06 65.44
N THR N 226 -44.62 -18.16 66.17
CA THR N 226 -43.38 -18.77 66.59
C THR N 226 -43.13 -20.01 65.76
N LEU N 227 -42.10 -19.96 64.93
CA LEU N 227 -41.78 -21.07 64.06
C LEU N 227 -40.69 -21.92 64.64
N LEU N 228 -41.02 -23.15 65.00
CA LEU N 228 -39.95 -24.03 65.51
C LEU N 228 -39.40 -24.88 64.36
N ILE N 229 -38.19 -24.58 63.91
CA ILE N 229 -37.55 -25.30 62.81
C ILE N 229 -36.48 -26.23 63.39
N GLY N 230 -36.69 -27.52 63.24
CA GLY N 230 -35.75 -28.51 63.76
C GLY N 230 -35.09 -29.25 62.62
N ARG N 231 -34.26 -30.22 62.97
CA ARG N 231 -33.56 -31.01 61.98
C ARG N 231 -34.52 -31.83 61.12
N GLU N 232 -35.53 -32.42 61.73
CA GLU N 232 -36.49 -33.24 60.99
C GLU N 232 -37.92 -32.70 60.81
N LEU N 233 -38.30 -31.68 61.58
CA LEU N 233 -39.67 -31.16 61.48
C LEU N 233 -39.79 -29.68 61.70
N LEU N 234 -40.89 -29.11 61.23
CA LEU N 234 -41.17 -27.69 61.39
C LEU N 234 -42.52 -27.57 62.08
N ASN N 235 -42.55 -26.88 63.21
CA ASN N 235 -43.79 -26.73 63.97
C ASN N 235 -44.23 -25.29 64.13
N VAL N 236 -45.49 -25.01 63.84
CA VAL N 236 -46.04 -23.67 64.01
C VAL N 236 -47.47 -23.75 64.54
N THR N 237 -47.83 -22.88 65.48
CA THR N 237 -49.19 -22.86 66.01
C THR N 237 -49.85 -21.58 65.53
N ILE N 238 -51.02 -21.72 64.92
CA ILE N 238 -51.72 -20.59 64.35
C ILE N 238 -53.11 -20.38 64.91
N ASN N 239 -53.44 -19.15 65.29
CA ASN N 239 -54.76 -18.87 65.79
C ASN N 239 -55.56 -18.12 64.74
N THR N 240 -56.66 -18.74 64.32
CA THR N 240 -57.56 -18.20 63.31
C THR N 240 -58.31 -16.92 63.71
N PRO N 241 -58.76 -16.86 64.96
CA PRO N 241 -59.52 -15.76 65.58
C PRO N 241 -58.63 -14.64 66.06
N GLU N 246 -63.64 -12.68 70.06
CA GLU N 246 -62.66 -13.72 70.41
C GLU N 246 -63.36 -15.03 70.71
N GLN N 247 -64.68 -15.04 70.61
CA GLN N 247 -65.49 -16.22 70.89
C GLN N 247 -65.26 -17.33 69.87
N GLY N 248 -65.36 -18.57 70.32
CA GLY N 248 -65.17 -19.71 69.45
C GLY N 248 -63.83 -19.70 68.72
N ASP N 249 -62.78 -19.32 69.44
CA ASP N 249 -61.45 -19.27 68.86
C ASP N 249 -60.98 -20.66 68.49
N ILE N 250 -60.27 -20.76 67.37
CA ILE N 250 -59.75 -22.03 66.91
C ILE N 250 -58.23 -21.97 66.79
N THR N 251 -57.55 -22.96 67.36
CA THR N 251 -56.11 -23.00 67.28
C THR N 251 -55.72 -24.25 66.53
N VAL N 252 -54.91 -24.06 65.50
CA VAL N 252 -54.45 -25.16 64.67
C VAL N 252 -52.95 -25.29 64.83
N ARG N 253 -52.49 -26.49 65.18
CA ARG N 253 -51.07 -26.72 65.34
C ARG N 253 -50.55 -27.44 64.11
N PHE N 254 -49.62 -26.80 63.42
CA PHE N 254 -49.07 -27.32 62.19
C PHE N 254 -47.74 -28.00 62.38
N THR N 255 -47.57 -29.16 61.75
CA THR N 255 -46.33 -29.91 61.83
C THR N 255 -46.07 -30.58 60.50
N THR N 256 -44.86 -30.42 59.99
CA THR N 256 -44.49 -31.01 58.71
C THR N 256 -43.12 -31.66 58.77
N LYS N 257 -43.02 -32.84 58.15
CA LYS N 257 -41.76 -33.55 57.99
C LYS N 257 -40.98 -32.85 56.90
N LEU N 258 -39.80 -32.37 57.21
CA LEU N 258 -39.00 -31.66 56.22
C LEU N 258 -38.39 -32.62 55.23
N ILE N 259 -38.21 -32.16 53.99
CA ILE N 259 -37.61 -32.99 52.97
C ILE N 259 -36.17 -33.26 53.35
N ASP N 260 -35.73 -34.49 53.23
CA ASP N 260 -34.35 -34.84 53.58
C ASP N 260 -33.56 -34.65 52.31
N GLY N 261 -32.68 -33.65 52.31
CA GLY N 261 -31.88 -33.37 51.14
C GLY N 261 -31.12 -32.08 51.31
N LYS N 262 -30.35 -31.72 50.30
CA LYS N 262 -29.55 -30.51 50.35
C LYS N 262 -29.96 -29.64 49.18
N PHE N 263 -30.56 -28.50 49.47
CA PHE N 263 -30.98 -27.59 48.44
C PHE N 263 -29.72 -27.07 47.78
N PRO N 264 -29.79 -26.81 46.47
CA PRO N 264 -28.66 -26.28 45.70
C PRO N 264 -28.34 -24.85 46.08
N ASP N 265 -27.12 -24.41 45.82
CA ASP N 265 -26.78 -23.06 46.21
C ASP N 265 -27.46 -22.14 45.22
N TYR N 266 -28.45 -21.43 45.73
CA TYR N 266 -29.23 -20.51 44.93
C TYR N 266 -28.47 -19.31 44.43
N ARG N 267 -27.55 -18.80 45.23
CA ARG N 267 -26.83 -17.61 44.84
C ARG N 267 -26.06 -17.78 43.54
N ARG N 268 -25.45 -18.93 43.32
CA ARG N 268 -24.74 -19.13 42.07
C ARG N 268 -25.70 -19.03 40.88
N VAL N 269 -26.88 -19.63 41.01
CA VAL N 269 -27.87 -19.61 39.94
C VAL N 269 -28.35 -18.21 39.63
N ILE N 270 -28.57 -17.41 40.67
CA ILE N 270 -29.00 -16.04 40.49
C ILE N 270 -27.89 -15.31 39.77
N PRO N 271 -28.22 -14.48 38.78
CA PRO N 271 -27.13 -13.79 38.11
C PRO N 271 -27.15 -12.33 38.48
N ARG N 272 -26.07 -11.85 39.06
CA ARG N 272 -25.98 -10.44 39.43
C ARG N 272 -24.91 -9.72 38.63
N GLY N 273 -24.47 -10.35 37.55
CA GLY N 273 -23.44 -9.80 36.69
C GLY N 273 -23.89 -9.10 35.42
N GLY N 274 -25.19 -8.87 35.27
CA GLY N 274 -25.71 -8.24 34.07
C GLY N 274 -25.23 -6.83 33.79
N ASP N 275 -25.02 -6.54 32.50
CA ASP N 275 -24.58 -5.23 32.04
C ASP N 275 -25.76 -4.46 31.47
N LYS N 276 -26.65 -5.16 30.76
CA LYS N 276 -27.85 -4.53 30.22
C LYS N 276 -29.05 -4.53 31.17
N HIS N 277 -29.72 -3.38 31.28
CA HIS N 277 -30.90 -3.26 32.12
C HIS N 277 -32.04 -2.64 31.32
N VAL N 278 -33.25 -3.06 31.64
CA VAL N 278 -34.47 -2.59 31.00
C VAL N 278 -35.50 -2.26 32.07
N LEU N 279 -36.35 -1.28 31.81
CA LEU N 279 -37.41 -0.89 32.72
C LEU N 279 -38.65 -0.94 31.84
N ILE N 280 -39.70 -1.64 32.28
CA ILE N 280 -40.93 -1.76 31.48
C ILE N 280 -42.19 -1.58 32.33
N GLY N 281 -43.19 -0.86 31.83
CA GLY N 281 -44.44 -0.69 32.57
C GLY N 281 -45.02 -2.05 32.82
N HIS N 282 -45.42 -2.32 34.06
CA HIS N 282 -45.94 -3.65 34.36
C HIS N 282 -47.18 -3.99 33.56
N ASP N 283 -48.12 -3.07 33.47
CA ASP N 283 -49.33 -3.38 32.75
C ASP N 283 -49.10 -3.60 31.26
N VAL N 284 -48.32 -2.72 30.66
CA VAL N 284 -48.09 -2.79 29.23
C VAL N 284 -47.39 -4.07 28.81
N PHE N 285 -46.41 -4.47 29.61
CA PHE N 285 -45.66 -5.67 29.33
C PHE N 285 -46.58 -6.89 29.38
N LYS N 286 -47.43 -6.93 30.39
CA LYS N 286 -48.34 -8.06 30.54
C LYS N 286 -49.36 -8.19 29.42
N GLN N 287 -50.03 -7.10 29.09
CA GLN N 287 -51.05 -7.14 28.06
C GLN N 287 -50.41 -7.52 26.76
N SER N 288 -49.23 -6.99 26.50
CA SER N 288 -48.57 -7.31 25.26
C SER N 288 -48.17 -8.78 25.25
N LEU N 289 -47.68 -9.29 26.37
CA LEU N 289 -47.27 -10.68 26.41
C LEU N 289 -48.37 -11.64 26.06
N GLN N 290 -49.56 -11.40 26.62
CA GLN N 290 -50.69 -12.27 26.38
C GLN N 290 -51.13 -12.26 24.93
N ARG N 291 -51.19 -11.07 24.34
CA ARG N 291 -51.63 -10.97 22.96
C ARG N 291 -50.73 -11.73 22.02
N VAL N 292 -49.43 -11.55 22.17
CA VAL N 292 -48.47 -12.21 21.32
C VAL N 292 -48.50 -13.72 21.53
N ALA N 293 -48.54 -14.13 22.79
CA ALA N 293 -48.53 -15.54 23.17
C ALA N 293 -49.60 -16.41 22.55
N ILE N 294 -50.70 -15.82 22.14
CA ILE N 294 -51.81 -16.55 21.59
C ILE N 294 -51.40 -17.38 20.40
N LEU N 295 -50.51 -16.87 19.57
CA LEU N 295 -50.10 -17.61 18.38
C LEU N 295 -48.80 -18.35 18.52
N SER N 296 -48.34 -18.54 19.76
CA SER N 296 -47.12 -19.28 20.02
C SER N 296 -47.45 -20.76 20.15
N ASN N 297 -46.44 -21.60 20.25
CA ASN N 297 -46.68 -23.02 20.37
C ASN N 297 -47.46 -23.25 21.64
N GLU N 298 -48.52 -24.04 21.55
CA GLU N 298 -49.35 -24.30 22.72
C GLU N 298 -48.59 -25.04 23.80
N LYS N 299 -47.86 -26.09 23.43
CA LYS N 299 -47.07 -26.83 24.39
C LYS N 299 -45.83 -26.09 24.87
N LEU N 300 -45.09 -25.57 23.91
CA LEU N 300 -43.85 -24.82 24.16
C LEU N 300 -43.97 -23.46 24.82
N ARG N 301 -44.98 -22.70 24.41
CA ARG N 301 -45.23 -21.34 24.91
C ARG N 301 -44.01 -20.44 24.74
N GLY N 302 -43.38 -20.52 23.57
CA GLY N 302 -42.18 -19.75 23.30
C GLY N 302 -42.37 -18.49 22.48
N VAL N 303 -41.80 -17.40 22.97
CA VAL N 303 -41.91 -16.12 22.29
C VAL N 303 -40.54 -15.49 22.17
N PHE N 304 -40.37 -14.63 21.18
CA PHE N 304 -39.09 -13.96 20.96
C PHE N 304 -39.14 -12.52 21.40
N LEU N 305 -38.18 -12.13 22.22
CA LEU N 305 -38.10 -10.75 22.67
C LEU N 305 -36.89 -10.16 21.98
N ASN N 306 -37.08 -9.06 21.27
CA ASN N 306 -35.98 -8.42 20.58
C ASN N 306 -35.74 -7.09 21.25
N PHE N 307 -34.50 -6.84 21.63
CA PHE N 307 -34.18 -5.59 22.30
C PHE N 307 -33.42 -4.62 21.41
N ASN N 308 -33.99 -3.42 21.33
CA ASN N 308 -33.47 -2.30 20.56
C ASN N 308 -33.48 -1.07 21.47
N GLN N 309 -32.75 -0.03 21.11
CA GLN N 309 -32.72 1.13 21.99
C GLN N 309 -34.12 1.72 22.14
N ASP N 310 -34.56 1.77 23.38
CA ASP N 310 -35.87 2.30 23.79
C ASP N 310 -37.09 1.69 23.08
N SER N 311 -37.02 0.41 22.75
CA SER N 311 -38.14 -0.26 22.11
C SER N 311 -38.09 -1.76 22.37
N LEU N 312 -39.25 -2.39 22.48
CA LEU N 312 -39.30 -3.82 22.69
C LEU N 312 -40.27 -4.45 21.71
N GLN N 313 -39.79 -5.38 20.89
CA GLN N 313 -40.64 -6.04 19.93
C GLN N 313 -40.85 -7.49 20.31
N LEU N 314 -42.11 -7.89 20.44
CA LEU N 314 -42.43 -9.25 20.81
C LEU N 314 -42.88 -10.01 19.59
N ARG N 315 -42.37 -11.23 19.42
CA ARG N 315 -42.79 -11.99 18.25
C ARG N 315 -43.05 -13.45 18.62
N ALA N 316 -44.17 -14.00 18.16
CA ALA N 316 -44.52 -15.38 18.45
C ALA N 316 -44.89 -16.11 17.17
N ASN N 317 -44.44 -17.35 17.05
CA ASN N 317 -44.71 -18.16 15.87
C ASN N 317 -45.20 -19.55 16.27
N ASN N 318 -45.91 -20.21 15.37
CA ASN N 318 -46.45 -21.54 15.62
C ASN N 318 -46.21 -22.51 14.47
N PRO N 319 -46.51 -23.80 14.70
CA PRO N 319 -46.38 -24.95 13.80
C PRO N 319 -47.19 -24.77 12.53
N GLU N 320 -48.34 -24.11 12.62
CA GLU N 320 -49.21 -23.82 11.49
C GLU N 320 -48.80 -22.55 10.72
N GLN N 321 -47.76 -21.88 11.22
CA GLN N 321 -47.12 -20.65 10.71
C GLN N 321 -47.79 -19.32 11.04
N ASP N 322 -48.83 -19.35 11.87
CA ASP N 322 -49.49 -18.12 12.26
C ASP N 322 -48.48 -17.30 13.06
N GLU N 323 -48.44 -16.00 12.82
CA GLU N 323 -47.48 -15.13 13.50
C GLU N 323 -48.09 -13.92 14.19
N ALA N 324 -47.62 -13.60 15.40
CA ALA N 324 -48.12 -12.44 16.13
C ALA N 324 -46.99 -11.51 16.53
N ILE N 325 -47.06 -10.25 16.10
CA ILE N 325 -46.03 -9.27 16.42
C ILE N 325 -46.56 -8.03 17.10
N GLU N 326 -45.93 -7.62 18.19
CA GLU N 326 -46.31 -6.41 18.90
C GLU N 326 -45.05 -5.65 19.27
N ASP N 327 -45.11 -4.32 19.19
CA ASP N 327 -43.99 -3.46 19.50
C ASP N 327 -44.37 -2.62 20.71
N LEU N 328 -43.48 -2.53 21.69
CA LEU N 328 -43.77 -1.82 22.94
C LEU N 328 -42.76 -0.73 23.32
N ALA N 329 -43.13 0.16 24.25
CA ALA N 329 -42.20 1.18 24.69
C ALA N 329 -41.34 0.57 25.77
N ILE N 330 -40.06 0.87 25.76
CA ILE N 330 -39.13 0.41 26.77
C ILE N 330 -37.94 1.32 26.93
N GLN N 331 -37.29 1.29 28.09
CA GLN N 331 -36.12 2.12 28.27
C GLN N 331 -34.91 1.23 28.10
N TYR N 332 -34.20 1.39 26.99
CA TYR N 332 -32.95 0.66 26.73
C TYR N 332 -31.94 1.53 25.96
N GLN N 333 -30.68 1.63 26.40
CA GLN N 333 -29.72 2.39 25.64
C GLN N 333 -28.63 1.41 25.30
N SER N 334 -28.84 0.15 25.67
CA SER N 334 -27.82 -0.86 25.43
C SER N 334 -27.95 -1.57 24.09
N ALA N 335 -26.97 -2.42 23.81
CA ALA N 335 -26.87 -3.17 22.57
C ALA N 335 -28.08 -4.01 22.23
N PRO N 336 -28.38 -4.13 20.94
CA PRO N 336 -29.51 -4.93 20.47
C PRO N 336 -29.40 -6.38 20.93
N LEU N 337 -30.39 -6.86 21.67
CA LEU N 337 -30.40 -8.23 22.15
C LEU N 337 -31.68 -8.97 21.78
N GLU N 338 -31.54 -10.18 21.24
CA GLU N 338 -32.70 -10.99 20.87
C GLU N 338 -32.66 -12.32 21.62
N MET N 339 -33.76 -12.63 22.30
CA MET N 339 -33.84 -13.86 23.08
C MET N 339 -35.12 -14.62 22.82
N SER N 340 -35.22 -15.84 23.36
CA SER N 340 -36.42 -16.63 23.19
C SER N 340 -36.82 -17.02 24.59
N PHE N 341 -38.08 -16.82 24.95
CA PHE N 341 -38.49 -17.15 26.30
C PHE N 341 -39.77 -17.94 26.35
N ASN N 342 -40.00 -18.60 27.49
CA ASN N 342 -41.21 -19.33 27.69
C ASN N 342 -42.13 -18.26 28.22
N ALA N 343 -43.15 -17.94 27.45
CA ALA N 343 -44.07 -16.88 27.82
C ALA N 343 -44.71 -17.12 29.17
N GLN N 344 -44.97 -18.37 29.51
CA GLN N 344 -45.62 -18.64 30.78
C GLN N 344 -44.71 -18.27 31.93
N TYR N 345 -43.42 -18.55 31.82
CA TYR N 345 -42.52 -18.23 32.91
C TYR N 345 -42.47 -16.74 33.19
N LEU N 346 -42.49 -15.93 32.15
CA LEU N 346 -42.48 -14.49 32.34
C LEU N 346 -43.76 -14.03 33.02
N LEU N 347 -44.87 -14.62 32.61
CA LEU N 347 -46.15 -14.31 33.18
C LEU N 347 -46.23 -14.68 34.65
N ASP N 348 -45.62 -15.81 35.03
CA ASP N 348 -45.69 -16.27 36.40
C ASP N 348 -45.10 -15.26 37.36
N VAL N 349 -43.95 -14.70 37.01
CA VAL N 349 -43.33 -13.65 37.83
C VAL N 349 -44.17 -12.40 37.83
N LEU N 350 -44.80 -12.11 36.69
CA LEU N 350 -45.66 -10.93 36.56
C LEU N 350 -46.85 -11.01 37.51
N GLY N 351 -47.39 -12.21 37.70
CA GLY N 351 -48.50 -12.45 38.61
C GLY N 351 -48.12 -12.12 40.04
N VAL N 352 -46.89 -12.42 40.43
CA VAL N 352 -46.42 -12.16 41.78
C VAL N 352 -45.77 -10.79 41.99
N LEU N 353 -45.78 -9.95 40.97
CA LEU N 353 -45.21 -8.59 41.07
C LEU N 353 -46.30 -7.54 41.23
N ASP N 354 -46.26 -6.79 42.33
CA ASP N 354 -47.28 -5.76 42.60
C ASP N 354 -46.92 -4.33 42.21
N GLY N 355 -45.69 -4.09 41.77
CA GLY N 355 -45.29 -2.75 41.42
C GLY N 355 -45.77 -2.30 40.06
N ASP N 356 -45.55 -1.02 39.76
CA ASP N 356 -45.93 -0.45 38.48
C ASP N 356 -44.92 -0.70 37.37
N ASP N 357 -43.66 -0.89 37.76
CA ASP N 357 -42.56 -1.11 36.83
C ASP N 357 -41.76 -2.38 37.11
N VAL N 358 -41.11 -2.88 36.06
CA VAL N 358 -40.32 -4.10 36.13
C VAL N 358 -38.96 -3.75 35.55
N ASN N 359 -37.89 -4.31 36.12
CA ASN N 359 -36.56 -4.06 35.58
C ASN N 359 -35.86 -5.40 35.37
N MET N 360 -35.55 -5.73 34.12
CA MET N 360 -34.89 -6.99 33.84
C MET N 360 -33.43 -6.62 33.66
N SER N 361 -32.54 -7.55 34.03
CA SER N 361 -31.11 -7.37 33.86
C SER N 361 -30.56 -8.59 33.16
N MET N 362 -29.86 -8.40 32.05
CA MET N 362 -29.31 -9.52 31.30
C MET N 362 -27.82 -9.39 31.03
N THR N 363 -27.26 -10.39 30.35
CA THR N 363 -25.87 -10.37 29.98
C THR N 363 -25.76 -10.76 28.53
N GLU N 364 -26.30 -11.94 28.19
CA GLU N 364 -26.29 -12.42 26.82
C GLU N 364 -27.60 -13.14 26.48
N ALA N 365 -27.72 -13.59 25.24
CA ALA N 365 -28.92 -14.29 24.78
C ALA N 365 -29.10 -15.66 25.41
N ASN N 366 -28.00 -16.41 25.50
CA ASN N 366 -28.03 -17.73 26.10
C ASN N 366 -28.23 -17.68 27.62
N GLN N 367 -27.65 -16.68 28.26
CA GLN N 367 -27.73 -16.56 29.71
C GLN N 367 -29.08 -16.15 30.28
N SER N 368 -29.26 -16.43 31.55
CA SER N 368 -30.48 -16.12 32.28
C SER N 368 -30.70 -14.64 32.54
N VAL N 369 -31.91 -14.30 32.95
CA VAL N 369 -32.25 -12.92 33.22
C VAL N 369 -32.80 -12.75 34.62
N LEU N 370 -32.46 -11.64 35.25
CA LEU N 370 -32.92 -11.31 36.59
C LEU N 370 -34.08 -10.35 36.47
N VAL N 371 -35.21 -10.70 37.07
CA VAL N 371 -36.42 -9.87 37.02
C VAL N 371 -36.75 -9.40 38.44
N GLN N 372 -36.98 -8.09 38.58
CA GLN N 372 -37.25 -7.51 39.87
C GLN N 372 -38.27 -6.40 39.82
N ASP N 373 -38.52 -5.83 40.99
CA ASP N 373 -39.44 -4.73 41.16
C ASP N 373 -38.66 -3.72 41.96
N PRO N 374 -38.57 -2.48 41.47
CA PRO N 374 -37.82 -1.48 42.20
C PRO N 374 -38.40 -1.22 43.58
N ALA N 375 -39.72 -1.17 43.66
CA ALA N 375 -40.38 -0.89 44.92
C ALA N 375 -40.09 -1.97 45.96
N HIS N 376 -40.06 -3.21 45.53
CA HIS N 376 -39.83 -4.33 46.44
C HIS N 376 -38.52 -5.04 46.15
N PRO N 377 -37.45 -4.65 46.84
CA PRO N 377 -36.12 -5.24 46.68
C PRO N 377 -36.10 -6.63 47.28
N ASP N 378 -37.05 -6.89 48.16
CA ASP N 378 -37.17 -8.22 48.81
C ASP N 378 -37.46 -9.41 47.88
N GLN N 379 -38.14 -9.18 46.75
CA GLN N 379 -38.42 -10.25 45.79
C GLN N 379 -37.38 -10.31 44.69
N THR N 380 -36.87 -11.52 44.41
CA THR N 380 -35.94 -11.78 43.32
C THR N 380 -36.35 -12.98 42.48
N TYR N 381 -36.37 -12.80 41.15
CA TYR N 381 -36.77 -13.84 40.21
C TYR N 381 -35.75 -14.07 39.12
N VAL N 382 -35.54 -15.34 38.78
CA VAL N 382 -34.67 -15.68 37.68
C VAL N 382 -35.39 -16.56 36.68
N VAL N 383 -35.21 -16.28 35.41
CA VAL N 383 -35.79 -17.04 34.31
C VAL N 383 -34.69 -17.37 33.31
N MET N 384 -34.53 -18.65 33.02
CA MET N 384 -33.56 -19.09 32.04
C MET N 384 -34.25 -19.05 30.70
N PRO N 385 -33.59 -18.52 29.67
CA PRO N 385 -34.22 -18.43 28.36
C PRO N 385 -34.05 -19.72 27.60
N MET N 386 -34.77 -19.83 26.49
CA MET N 386 -34.69 -21.01 25.65
C MET N 386 -33.33 -21.02 24.95
N ARG N 387 -32.79 -22.21 24.72
CA ARG N 387 -31.47 -22.44 24.14
C ARG N 387 -30.40 -21.75 24.99
N HIS O 6 101.13 -12.40 -11.53
CA HIS O 6 101.00 -12.11 -12.96
C HIS O 6 100.76 -13.37 -13.75
N MET O 7 99.50 -13.62 -14.08
CA MET O 7 99.10 -14.78 -14.83
C MET O 7 99.65 -14.80 -16.26
N ARG O 8 100.11 -15.97 -16.71
CA ARG O 8 100.64 -16.16 -18.05
C ARG O 8 100.24 -17.56 -18.41
N LEU O 9 99.60 -17.77 -19.56
CA LEU O 9 99.18 -19.11 -19.95
C LEU O 9 99.07 -19.25 -21.45
N LYS O 10 99.08 -20.49 -21.92
CA LYS O 10 99.09 -20.81 -23.34
C LYS O 10 98.06 -21.89 -23.58
N ILE O 11 97.00 -21.56 -24.31
CA ILE O 11 95.83 -22.42 -24.46
C ILE O 11 95.32 -22.35 -25.90
N ALA O 12 94.74 -23.45 -26.36
CA ALA O 12 94.13 -23.51 -27.67
C ALA O 12 92.89 -22.62 -27.73
N LYS O 13 92.68 -22.00 -28.88
CA LYS O 13 91.55 -21.12 -29.10
C LYS O 13 90.26 -21.82 -28.71
N GLU O 14 90.08 -23.05 -29.20
CA GLU O 14 88.89 -23.81 -28.89
C GLU O 14 88.80 -24.11 -27.40
N SER O 15 89.93 -24.41 -26.77
CA SER O 15 89.88 -24.71 -25.35
C SER O 15 89.40 -23.50 -24.57
N LEU O 16 89.96 -22.33 -24.88
CA LEU O 16 89.55 -21.12 -24.18
C LEU O 16 88.12 -20.72 -24.49
N LEU O 17 87.75 -20.82 -25.75
CA LEU O 17 86.42 -20.44 -26.18
C LEU O 17 85.30 -21.28 -25.62
N ASN O 18 85.52 -22.59 -25.54
CA ASN O 18 84.47 -23.47 -25.05
C ASN O 18 84.07 -23.22 -23.60
N VAL O 19 85.04 -23.01 -22.72
CA VAL O 19 84.69 -22.74 -21.33
C VAL O 19 83.95 -21.43 -21.19
N LEU O 20 84.38 -20.44 -21.96
CA LEU O 20 83.76 -19.13 -21.93
C LEU O 20 82.31 -19.21 -22.35
N SER O 21 82.03 -20.00 -23.38
CA SER O 21 80.68 -20.15 -23.89
C SER O 21 79.70 -20.54 -22.79
N HIS O 22 80.21 -21.15 -21.73
CA HIS O 22 79.33 -21.51 -20.62
C HIS O 22 78.97 -20.45 -19.58
N VAL O 23 79.79 -19.40 -19.51
CA VAL O 23 79.62 -18.37 -18.51
C VAL O 23 79.35 -16.94 -18.98
N VAL O 24 79.48 -16.72 -20.28
CA VAL O 24 79.28 -15.40 -20.87
C VAL O 24 77.82 -15.04 -21.03
N GLY O 25 76.93 -16.01 -21.06
CA GLY O 25 75.47 -15.73 -21.05
C GLY O 25 75.01 -14.92 -19.85
N ALA O 26 75.71 -15.05 -18.74
CA ALA O 26 75.38 -14.30 -17.51
C ALA O 26 75.93 -12.89 -17.45
N VAL O 27 76.86 -12.55 -18.32
CA VAL O 27 77.47 -11.24 -18.34
C VAL O 27 76.64 -10.20 -19.07
N GLU O 28 76.47 -9.02 -18.48
CA GLU O 28 75.69 -7.98 -19.14
C GLU O 28 76.65 -7.09 -19.91
N ARG O 29 76.21 -6.54 -21.03
CA ARG O 29 77.05 -5.66 -21.84
C ARG O 29 77.50 -4.48 -21.00
N ARG O 30 76.54 -3.87 -20.32
CA ARG O 30 76.78 -2.74 -19.44
C ARG O 30 76.13 -3.04 -18.12
N HIS O 31 76.87 -2.85 -17.03
CA HIS O 31 76.33 -3.11 -15.72
C HIS O 31 76.65 -1.93 -14.83
N THR O 32 75.85 -1.72 -13.79
CA THR O 32 76.09 -0.61 -12.85
C THR O 32 77.51 -0.74 -12.29
N LEU O 33 77.88 -1.95 -11.91
CA LEU O 33 79.22 -2.24 -11.41
C LEU O 33 80.03 -2.62 -12.63
N ASN O 34 80.98 -1.78 -13.01
CA ASN O 34 81.73 -1.98 -14.24
C ASN O 34 82.48 -3.31 -14.34
N ILE O 35 83.01 -3.79 -13.23
CA ILE O 35 83.77 -5.04 -13.21
C ILE O 35 82.96 -6.28 -13.60
N LEU O 36 81.65 -6.26 -13.46
CA LEU O 36 80.83 -7.43 -13.82
C LEU O 36 80.75 -7.70 -15.31
N SER O 37 80.98 -6.68 -16.11
CA SER O 37 81.05 -6.80 -17.56
C SER O 37 82.17 -7.76 -17.96
N ASN O 38 83.29 -7.72 -17.25
CA ASN O 38 84.38 -8.65 -17.48
C ASN O 38 84.11 -9.99 -16.83
N VAL O 39 84.97 -10.95 -17.17
CA VAL O 39 84.91 -12.29 -16.61
C VAL O 39 86.12 -12.43 -15.68
N LYS O 40 86.00 -13.26 -14.66
CA LYS O 40 87.12 -13.45 -13.74
C LYS O 40 87.81 -14.76 -14.08
N ILE O 41 89.08 -14.67 -14.46
CA ILE O 41 89.83 -15.84 -14.85
C ILE O 41 90.83 -16.16 -13.76
N GLN O 42 90.75 -17.36 -13.21
CA GLN O 42 91.65 -17.79 -12.17
C GLN O 42 92.51 -18.88 -12.77
N THR O 43 93.81 -18.69 -12.73
CA THR O 43 94.72 -19.67 -13.30
C THR O 43 95.77 -20.20 -12.33
N ASN O 44 95.83 -21.51 -12.26
CA ASN O 44 96.79 -22.24 -11.43
C ASN O 44 97.28 -23.44 -12.24
N ALA O 45 98.39 -24.02 -11.85
CA ALA O 45 98.93 -25.13 -12.62
C ALA O 45 97.96 -26.31 -12.74
N GLN O 46 97.27 -26.62 -11.66
CA GLN O 46 96.33 -27.75 -11.68
C GLN O 46 95.16 -27.54 -12.64
N ALA O 47 94.45 -26.42 -12.51
CA ALA O 47 93.30 -26.16 -13.38
C ALA O 47 92.96 -24.70 -13.71
N LEU O 48 92.03 -24.54 -14.65
CA LEU O 48 91.56 -23.22 -15.08
C LEU O 48 90.08 -22.92 -14.79
N THR O 49 89.82 -21.79 -14.14
CA THR O 49 88.45 -21.42 -13.77
C THR O 49 88.02 -20.05 -14.30
N ILE O 50 86.81 -19.96 -14.85
CA ILE O 50 86.30 -18.70 -15.38
C ILE O 50 84.89 -18.44 -14.86
N THR O 51 84.67 -17.25 -14.33
CA THR O 51 83.35 -16.89 -13.82
C THR O 51 82.80 -15.58 -14.34
N GLY O 52 81.53 -15.60 -14.74
CA GLY O 52 80.84 -14.42 -15.24
C GLY O 52 79.52 -14.26 -14.51
N SER O 53 79.19 -13.07 -14.04
CA SER O 53 77.94 -12.88 -13.34
C SER O 53 77.41 -11.46 -13.35
N ASP O 54 76.11 -11.32 -13.23
CA ASP O 54 75.48 -10.01 -13.18
C ASP O 54 74.91 -9.72 -11.80
N LEU O 55 75.28 -10.57 -10.84
CA LEU O 55 74.93 -10.56 -9.40
C LEU O 55 73.57 -11.12 -9.05
N GLU O 56 72.82 -11.52 -10.07
CA GLU O 56 71.53 -12.16 -9.88
C GLU O 56 71.62 -13.62 -10.35
N VAL O 57 72.67 -13.92 -11.11
CA VAL O 57 72.95 -15.23 -11.65
C VAL O 57 74.46 -15.26 -11.79
N GLU O 58 75.07 -16.30 -11.25
CA GLU O 58 76.51 -16.46 -11.29
C GLU O 58 76.88 -17.83 -11.82
N LEU O 59 77.77 -17.85 -12.80
CA LEU O 59 78.22 -19.08 -13.41
C LEU O 59 79.71 -19.21 -13.18
N VAL O 60 80.12 -20.43 -12.86
CA VAL O 60 81.51 -20.75 -12.60
C VAL O 60 81.80 -22.08 -13.26
N ALA O 61 82.55 -22.05 -14.34
CA ALA O 61 82.90 -23.26 -15.06
C ALA O 61 84.40 -23.48 -14.98
N SER O 62 84.81 -24.69 -14.66
CA SER O 62 86.22 -25.00 -14.55
C SER O 62 86.52 -26.38 -15.09
N THR O 63 87.39 -26.46 -16.08
CA THR O 63 87.77 -27.74 -16.64
C THR O 63 89.26 -27.95 -16.43
N ALA O 64 89.63 -29.07 -15.83
CA ALA O 64 91.04 -29.37 -15.61
C ALA O 64 91.66 -30.11 -16.78
N LEU O 65 91.70 -29.47 -17.94
CA LEU O 65 92.30 -30.08 -19.12
C LEU O 65 93.67 -29.50 -19.39
N SER O 66 94.09 -28.57 -18.53
CA SER O 66 95.40 -27.92 -18.68
C SER O 66 96.44 -28.53 -17.76
N LEU O 71 105.79 -17.13 -14.71
CA LEU O 71 105.03 -17.59 -13.55
C LEU O 71 103.60 -17.84 -13.98
N GLU O 72 103.29 -19.07 -14.37
CA GLU O 72 101.95 -19.40 -14.82
C GLU O 72 101.00 -19.71 -13.67
N ALA O 73 100.66 -18.67 -12.91
CA ALA O 73 99.75 -18.74 -11.76
C ALA O 73 99.12 -17.36 -11.64
N GLY O 74 97.92 -17.23 -11.07
CA GLY O 74 97.36 -15.89 -11.08
C GLY O 74 95.88 -15.77 -11.41
N GLU O 75 95.31 -14.61 -11.07
CA GLU O 75 93.90 -14.28 -11.36
C GLU O 75 93.77 -12.86 -11.87
N THR O 76 92.80 -12.63 -12.74
CA THR O 76 92.55 -11.30 -13.29
C THR O 76 91.17 -11.21 -13.89
N THR O 77 90.78 -10.01 -14.29
CA THR O 77 89.48 -9.84 -14.92
C THR O 77 89.60 -9.24 -16.31
N VAL O 78 88.97 -9.85 -17.30
CA VAL O 78 89.07 -9.36 -18.67
C VAL O 78 87.70 -9.06 -19.25
N PRO O 79 87.60 -8.02 -20.09
CA PRO O 79 86.37 -7.63 -20.77
C PRO O 79 85.82 -8.86 -21.47
N ALA O 80 84.73 -9.40 -20.95
CA ALA O 80 84.18 -10.62 -21.50
C ALA O 80 83.73 -10.58 -22.94
N ARG O 81 83.01 -9.55 -23.34
CA ARG O 81 82.56 -9.53 -24.72
C ARG O 81 83.69 -9.46 -25.71
N LYS O 82 84.65 -8.57 -25.48
CA LYS O 82 85.78 -8.43 -26.41
C LYS O 82 86.62 -9.69 -26.55
N LEU O 83 86.92 -10.34 -25.42
CA LEU O 83 87.73 -11.54 -25.44
C LEU O 83 86.98 -12.54 -26.29
N MET O 84 85.68 -12.66 -26.07
CA MET O 84 84.91 -13.58 -26.89
C MET O 84 85.11 -13.39 -28.42
N GLU O 85 84.85 -12.16 -28.85
CA GLU O 85 85.11 -11.78 -30.24
C GLU O 85 86.51 -12.04 -30.76
N ILE O 86 87.49 -11.66 -29.96
CA ILE O 86 88.88 -11.86 -30.33
C ILE O 86 89.17 -13.32 -30.61
N CYS O 87 88.78 -14.19 -29.69
CA CYS O 87 89.04 -15.60 -29.88
C CYS O 87 88.33 -16.16 -31.10
N LYS O 88 87.13 -15.67 -31.38
CA LYS O 88 86.37 -16.17 -32.52
C LYS O 88 86.97 -15.78 -33.86
N SER O 89 87.66 -14.66 -33.89
CA SER O 89 88.30 -14.14 -35.10
C SER O 89 89.57 -14.87 -35.49
N LEU O 90 90.16 -15.61 -34.56
CA LEU O 90 91.38 -16.34 -34.83
C LEU O 90 91.10 -17.54 -35.71
N PRO O 91 92.13 -18.01 -36.43
CA PRO O 91 92.01 -19.16 -37.32
C PRO O 91 91.81 -20.48 -36.59
N THR O 92 91.37 -21.50 -37.31
CA THR O 92 91.13 -22.78 -36.69
C THR O 92 92.36 -23.38 -36.04
N ALA O 93 92.16 -23.95 -34.86
CA ALA O 93 93.19 -24.56 -34.05
C ALA O 93 94.38 -23.65 -33.78
N ALA O 94 94.09 -22.40 -33.46
CA ALA O 94 95.13 -21.43 -33.19
C ALA O 94 95.55 -21.59 -31.74
N LEU O 95 96.70 -21.04 -31.39
CA LEU O 95 97.17 -21.11 -30.00
C LEU O 95 97.30 -19.69 -29.46
N ILE O 96 96.63 -19.45 -28.34
CA ILE O 96 96.58 -18.17 -27.70
C ILE O 96 97.53 -18.06 -26.51
N ASP O 97 98.30 -16.99 -26.46
CA ASP O 97 99.18 -16.76 -25.33
C ASP O 97 98.65 -15.54 -24.57
N LEU O 98 98.34 -15.75 -23.30
CA LEU O 98 97.80 -14.71 -22.45
C LEU O 98 98.81 -14.27 -21.41
N GLN O 99 99.17 -13.00 -21.43
CA GLN O 99 100.07 -12.49 -20.42
C GLN O 99 99.45 -11.27 -19.81
N ILE O 100 99.40 -11.24 -18.49
CA ILE O 100 98.85 -10.10 -17.78
C ILE O 100 100.01 -9.35 -17.20
N THR O 101 100.19 -8.10 -17.63
CA THR O 101 101.26 -7.26 -17.13
C THR O 101 100.85 -6.69 -15.81
N GLU O 102 101.80 -6.13 -15.07
CA GLU O 102 101.51 -5.59 -13.77
C GLU O 102 100.45 -4.49 -13.82
N ASP O 103 100.52 -3.61 -14.83
CA ASP O 103 99.54 -2.55 -15.00
C ASP O 103 98.35 -3.01 -15.85
N GLN O 104 97.65 -4.06 -15.40
CA GLN O 104 96.52 -4.64 -16.12
C GLN O 104 96.96 -4.97 -17.55
N ARG O 105 96.20 -4.49 -18.53
CA ARG O 105 96.57 -4.69 -19.92
C ARG O 105 96.88 -6.13 -20.33
N CYS O 106 95.95 -7.06 -20.12
CA CYS O 106 96.21 -8.43 -20.51
C CYS O 106 96.49 -8.49 -22.01
N ILE O 107 97.51 -9.24 -22.41
CA ILE O 107 97.89 -9.32 -23.82
C ILE O 107 97.69 -10.68 -24.46
N LEU O 108 97.00 -10.70 -25.59
CA LEU O 108 96.74 -11.95 -26.28
C LEU O 108 97.60 -12.07 -27.53
N LYS O 109 98.29 -13.18 -27.65
CA LYS O 109 99.10 -13.43 -28.82
C LYS O 109 98.69 -14.72 -29.53
N SER O 110 98.48 -14.63 -30.83
CA SER O 110 98.11 -15.78 -31.62
C SER O 110 98.55 -15.45 -33.02
N GLY O 111 99.34 -16.34 -33.61
CA GLY O 111 99.91 -16.10 -34.92
C GLY O 111 100.67 -14.78 -34.96
N ASN O 112 100.39 -13.94 -35.96
CA ASN O 112 101.07 -12.65 -36.03
C ASN O 112 100.21 -11.61 -35.34
N SER O 113 99.09 -12.04 -34.79
CA SER O 113 98.20 -11.13 -34.11
C SER O 113 98.44 -10.79 -32.66
N ARG O 114 98.39 -9.50 -32.35
CA ARG O 114 98.61 -9.00 -30.99
C ARG O 114 97.44 -8.14 -30.52
N PHE O 115 96.82 -8.50 -29.40
CA PHE O 115 95.69 -7.77 -28.86
C PHE O 115 95.96 -7.35 -27.44
N VAL O 116 95.54 -6.15 -27.05
CA VAL O 116 95.74 -5.68 -25.68
C VAL O 116 94.43 -5.10 -25.13
N LEU O 117 93.91 -5.71 -24.07
CA LEU O 117 92.67 -5.26 -23.45
C LEU O 117 92.98 -4.60 -22.12
N GLY O 118 91.94 -4.22 -21.39
CA GLY O 118 92.10 -3.58 -20.11
C GLY O 118 91.51 -4.46 -19.03
N THR O 119 92.22 -4.63 -17.93
CA THR O 119 91.74 -5.50 -16.88
C THR O 119 91.56 -4.80 -15.57
N LEU O 120 90.74 -5.40 -14.71
CA LEU O 120 90.47 -4.89 -13.39
C LEU O 120 90.75 -6.00 -12.39
N PRO O 121 91.06 -5.64 -11.14
CA PRO O 121 91.45 -6.54 -10.06
C PRO O 121 90.46 -7.65 -9.71
N ALA O 122 91.02 -8.83 -9.50
CA ALA O 122 90.25 -10.03 -9.16
C ALA O 122 89.55 -9.89 -7.82
N GLU O 123 90.21 -9.26 -6.86
CA GLU O 123 89.64 -9.05 -5.53
C GLU O 123 88.37 -8.21 -5.57
N ASP O 124 88.37 -7.21 -6.44
CA ASP O 124 87.24 -6.32 -6.63
C ASP O 124 85.99 -7.05 -7.11
N TYR O 125 86.17 -8.08 -7.94
CA TYR O 125 85.03 -8.82 -8.45
C TYR O 125 84.28 -9.40 -7.26
N PRO O 126 82.94 -9.28 -7.26
CA PRO O 126 82.04 -9.73 -6.22
C PRO O 126 81.38 -11.07 -6.52
N LEU O 127 81.24 -11.93 -5.51
CA LEU O 127 80.65 -13.24 -5.71
C LEU O 127 79.52 -13.53 -4.72
N LEU O 128 78.59 -14.39 -5.15
CA LEU O 128 77.46 -14.77 -4.31
C LEU O 128 77.90 -15.72 -3.20
N GLN O 134 69.32 -24.32 6.75
CA GLN O 134 70.53 -24.80 6.11
C GLN O 134 70.30 -25.02 4.63
N GLY O 135 69.04 -24.99 4.21
CA GLY O 135 68.74 -25.21 2.81
C GLY O 135 68.27 -26.60 2.48
N THR O 136 67.44 -26.74 1.46
CA THR O 136 66.97 -28.07 1.09
C THR O 136 67.50 -28.67 -0.19
N GLN O 137 68.14 -29.83 0.02
CA GLN O 137 68.73 -30.67 -0.99
C GLN O 137 67.64 -31.49 -1.66
N VAL O 138 67.47 -31.26 -2.96
CA VAL O 138 66.45 -31.95 -3.74
C VAL O 138 67.12 -32.73 -4.86
N GLN O 139 66.71 -33.98 -5.05
CA GLN O 139 67.29 -34.81 -6.09
C GLN O 139 66.38 -34.90 -7.31
N VAL O 140 66.97 -34.66 -8.48
CA VAL O 140 66.25 -34.71 -9.75
C VAL O 140 67.27 -34.87 -10.86
N THR O 141 66.84 -35.42 -11.98
CA THR O 141 67.71 -35.65 -13.12
C THR O 141 67.83 -34.43 -13.96
N GLN O 142 68.87 -34.31 -14.76
CA GLN O 142 68.97 -33.15 -15.63
C GLN O 142 67.84 -33.00 -16.63
N ARG O 143 67.45 -34.09 -17.26
CA ARG O 143 66.37 -34.07 -18.21
C ARG O 143 65.07 -33.63 -17.54
N GLU O 144 64.77 -34.22 -16.39
CA GLU O 144 63.53 -33.90 -15.71
C GLU O 144 63.47 -32.43 -15.37
N LEU O 145 64.56 -31.89 -14.85
CA LEU O 145 64.60 -30.47 -14.50
C LEU O 145 64.43 -29.62 -15.75
N LYS O 146 65.09 -30.03 -16.83
CA LYS O 146 65.03 -29.31 -18.09
C LYS O 146 63.63 -29.29 -18.66
N ARG O 147 62.93 -30.40 -18.50
CA ARG O 147 61.58 -30.51 -19.00
C ARG O 147 60.67 -29.49 -18.35
N LEU O 148 60.86 -29.28 -17.05
CA LEU O 148 60.04 -28.32 -16.34
C LEU O 148 60.16 -26.94 -16.98
N PHE O 149 61.38 -26.46 -17.15
CA PHE O 149 61.58 -25.16 -17.77
C PHE O 149 61.11 -25.08 -19.22
N GLU O 150 61.37 -26.10 -20.02
CA GLU O 150 60.92 -26.04 -21.42
C GLU O 150 59.40 -25.93 -21.48
N LYS O 151 58.75 -26.74 -20.67
CA LYS O 151 57.30 -26.76 -20.57
C LYS O 151 56.68 -25.49 -19.96
N THR O 152 57.33 -24.90 -18.96
CA THR O 152 56.81 -23.70 -18.31
C THR O 152 57.39 -22.31 -18.63
N ALA O 153 58.42 -22.20 -19.45
CA ALA O 153 59.03 -20.88 -19.70
C ALA O 153 58.17 -19.79 -20.33
N PHE O 154 57.35 -20.16 -21.31
CA PHE O 154 56.55 -19.18 -22.03
C PHE O 154 55.57 -18.36 -21.20
N ALA O 155 55.06 -18.97 -20.14
CA ALA O 155 54.08 -18.38 -19.23
C ALA O 155 54.55 -17.17 -18.45
N MET O 156 55.83 -17.08 -18.14
CA MET O 156 56.30 -15.98 -17.31
C MET O 156 55.96 -14.63 -17.91
N ALA O 157 55.64 -13.69 -17.03
CA ALA O 157 55.31 -12.34 -17.44
C ALA O 157 56.58 -11.57 -17.75
N VAL O 158 56.66 -11.07 -18.97
CA VAL O 158 57.84 -10.33 -19.40
C VAL O 158 57.94 -9.01 -18.66
N GLN O 159 56.95 -8.16 -18.92
CA GLN O 159 56.89 -6.85 -18.30
C GLN O 159 56.63 -7.14 -16.85
N ASP O 160 57.27 -6.40 -15.96
CA ASP O 160 57.21 -6.73 -14.53
C ASP O 160 55.87 -6.36 -13.93
N VAL O 161 54.90 -7.24 -14.11
CA VAL O 161 53.59 -6.95 -13.61
C VAL O 161 53.57 -6.76 -12.10
N ARG O 162 54.18 -7.71 -11.39
CA ARG O 162 54.40 -7.75 -9.95
C ARG O 162 55.64 -8.64 -9.97
N PHE O 163 56.73 -8.20 -9.34
CA PHE O 163 58.02 -8.90 -9.39
C PHE O 163 58.06 -10.43 -9.38
N TYR O 164 57.29 -11.04 -8.49
CA TYR O 164 57.27 -12.48 -8.40
C TYR O 164 56.82 -13.16 -9.69
N LEU O 165 55.86 -12.57 -10.41
CA LEU O 165 55.39 -13.16 -11.67
C LEU O 165 56.53 -13.42 -12.65
N THR O 166 57.46 -12.49 -12.75
CA THR O 166 58.60 -12.67 -13.62
C THR O 166 59.41 -13.71 -12.88
N GLY O 167 59.62 -14.87 -13.47
CA GLY O 167 60.31 -15.92 -12.75
C GLY O 167 59.36 -17.10 -12.62
N THR O 168 59.92 -18.27 -12.33
CA THR O 168 59.16 -19.50 -12.27
C THR O 168 59.13 -19.99 -10.85
N LEU O 169 58.03 -20.61 -10.49
CA LEU O 169 57.84 -21.18 -9.18
C LEU O 169 58.39 -22.60 -9.10
N LEU O 170 59.16 -22.88 -8.06
CA LEU O 170 59.75 -24.20 -7.87
C LEU O 170 58.97 -24.91 -6.78
N GLU O 171 58.59 -26.14 -7.09
CA GLU O 171 57.73 -26.94 -6.21
C GLU O 171 56.38 -26.30 -5.93
N LEU O 177 60.13 -30.09 -8.32
CA LEU O 177 59.31 -31.19 -8.77
C LEU O 177 58.10 -30.61 -9.52
N ARG O 178 57.74 -29.38 -9.17
CA ARG O 178 56.63 -28.70 -9.83
C ARG O 178 57.12 -27.32 -10.25
N ALA O 179 56.82 -26.98 -11.50
CA ALA O 179 57.18 -25.70 -12.06
C ALA O 179 55.90 -25.05 -12.56
N VAL O 180 55.63 -23.86 -12.06
CA VAL O 180 54.43 -23.13 -12.45
C VAL O 180 54.78 -21.68 -12.75
N THR O 181 54.28 -21.19 -13.89
CA THR O 181 54.53 -19.83 -14.32
C THR O 181 53.23 -19.19 -14.77
N THR O 182 53.02 -17.92 -14.44
CA THR O 182 51.81 -17.23 -14.85
C THR O 182 51.99 -15.73 -14.94
N ASP O 183 51.33 -15.11 -15.91
CA ASP O 183 51.38 -13.67 -16.06
C ASP O 183 50.01 -13.06 -15.78
N GLY O 184 49.10 -13.89 -15.27
CA GLY O 184 47.77 -13.43 -14.93
C GLY O 184 46.86 -13.55 -16.12
N HIS O 185 47.47 -13.70 -17.30
CA HIS O 185 46.76 -13.83 -18.53
C HIS O 185 46.94 -15.18 -19.16
N ARG O 186 47.70 -16.09 -18.48
CA ARG O 186 48.01 -17.45 -18.78
C ARG O 186 48.60 -18.20 -17.61
N LEU O 187 48.53 -19.53 -17.65
CA LEU O 187 49.09 -20.34 -16.58
C LEU O 187 49.63 -21.65 -17.11
N ALA O 188 50.85 -21.98 -16.70
CA ALA O 188 51.49 -23.21 -17.13
C ALA O 188 51.88 -24.06 -15.94
N LEU O 189 51.50 -25.33 -15.97
CA LEU O 189 51.84 -26.24 -14.89
C LEU O 189 52.54 -27.49 -15.41
N CYS O 190 53.62 -27.86 -14.75
CA CYS O 190 54.35 -29.07 -15.12
C CYS O 190 54.90 -29.73 -13.88
N GLU O 191 54.78 -31.05 -13.81
CA GLU O 191 55.23 -31.81 -12.66
C GLU O 191 56.17 -32.93 -13.06
N ILE O 192 57.17 -33.19 -12.23
CA ILE O 192 58.12 -34.26 -12.50
C ILE O 192 58.22 -35.17 -11.26
N LEU O 193 58.75 -36.37 -11.43
CA LEU O 193 58.86 -37.30 -10.33
C LEU O 193 60.08 -37.13 -9.43
N ALA O 194 60.06 -36.12 -8.58
CA ALA O 194 61.14 -35.90 -7.63
C ALA O 194 60.59 -35.87 -6.21
N SER O 195 59.39 -36.40 -6.04
CA SER O 195 58.73 -36.42 -4.75
C SER O 195 59.50 -37.24 -3.73
N SER O 196 59.50 -36.73 -2.49
CA SER O 196 60.15 -37.31 -1.31
C SER O 196 61.68 -37.39 -1.41
N THR O 197 62.27 -36.50 -2.21
CA THR O 197 63.72 -36.47 -2.38
C THR O 197 64.32 -35.31 -1.60
N SER O 198 63.51 -34.65 -0.79
CA SER O 198 63.98 -33.50 -0.03
C SER O 198 64.31 -33.84 1.42
N SER O 199 65.52 -33.48 1.83
CA SER O 199 66.01 -33.72 3.18
C SER O 199 65.77 -35.15 3.64
N VAL O 202 58.85 -26.68 0.38
CA VAL O 202 59.43 -25.35 0.25
C VAL O 202 59.23 -24.77 -1.14
N GLN O 203 59.32 -23.45 -1.23
CA GLN O 203 59.14 -22.76 -2.47
C GLN O 203 60.35 -21.90 -2.76
N ALA O 204 60.61 -21.71 -4.05
CA ALA O 204 61.69 -20.89 -4.52
C ALA O 204 61.26 -20.35 -5.85
N ILE O 205 61.32 -19.02 -6.00
CA ILE O 205 60.94 -18.42 -7.24
C ILE O 205 62.27 -18.04 -7.86
N VAL O 206 62.50 -18.53 -9.07
CA VAL O 206 63.73 -18.26 -9.78
C VAL O 206 63.62 -17.12 -10.79
N PRO O 207 64.69 -16.30 -10.87
CA PRO O 207 64.90 -15.17 -11.77
C PRO O 207 64.83 -15.59 -13.23
N ARG O 208 64.39 -14.67 -14.09
CA ARG O 208 64.26 -14.96 -15.51
C ARG O 208 65.57 -15.31 -16.20
N LYS O 209 66.64 -14.64 -15.83
CA LYS O 209 67.93 -14.93 -16.42
C LYS O 209 68.39 -16.33 -16.02
N ALA O 210 68.17 -16.67 -14.77
CA ALA O 210 68.56 -17.97 -14.27
C ALA O 210 67.89 -19.08 -15.06
N VAL O 211 66.58 -18.98 -15.22
CA VAL O 211 65.84 -20.01 -15.93
C VAL O 211 66.37 -20.17 -17.35
N GLY O 212 66.67 -19.07 -18.00
CA GLY O 212 67.20 -19.12 -19.35
C GLY O 212 68.56 -19.79 -19.37
N GLU O 213 69.40 -19.46 -18.41
CA GLU O 213 70.73 -20.05 -18.30
C GLU O 213 70.66 -21.53 -18.02
N LEU O 214 69.74 -21.92 -17.14
CA LEU O 214 69.58 -23.31 -16.77
C LEU O 214 69.20 -24.15 -17.95
N GLN O 215 68.32 -23.64 -18.80
CA GLN O 215 67.89 -24.39 -19.96
C GLN O 215 69.07 -24.67 -20.88
N ARG O 216 69.92 -23.68 -21.07
CA ARG O 216 71.08 -23.84 -21.91
C ARG O 216 72.02 -24.89 -21.35
N LEU O 217 72.27 -24.81 -20.05
CA LEU O 217 73.16 -25.75 -19.35
C LEU O 217 72.67 -27.18 -19.21
N LEU O 218 71.38 -27.35 -18.94
CA LEU O 218 70.81 -28.67 -18.74
C LEU O 218 70.69 -29.50 -20.01
N SER O 219 71.03 -30.78 -19.88
CA SER O 219 70.96 -31.71 -21.00
C SER O 219 69.78 -32.65 -20.85
N ILE O 220 69.58 -33.49 -21.86
CA ILE O 220 68.50 -34.45 -21.84
C ILE O 220 68.96 -35.75 -21.21
N GLU O 221 70.13 -35.72 -20.58
CA GLU O 221 70.67 -36.89 -19.93
C GLU O 221 70.01 -37.19 -18.60
N ASP O 222 70.17 -38.41 -18.12
CA ASP O 222 69.55 -38.86 -16.89
C ASP O 222 70.41 -38.69 -15.64
N GLU O 223 71.54 -38.00 -15.78
CA GLU O 223 72.44 -37.80 -14.65
C GLU O 223 71.66 -37.08 -13.57
N GLN O 224 71.79 -37.56 -12.34
CA GLN O 224 71.06 -36.95 -11.23
C GLN O 224 71.75 -35.68 -10.77
N LEU O 225 70.96 -34.67 -10.44
CA LEU O 225 71.46 -33.38 -9.96
C LEU O 225 71.00 -33.08 -8.54
N THR O 226 71.86 -32.47 -7.73
CA THR O 226 71.47 -32.13 -6.38
C THR O 226 71.22 -30.63 -6.30
N LEU O 227 70.01 -30.26 -5.89
CA LEU O 227 69.64 -28.87 -5.79
C LEU O 227 69.67 -28.46 -4.33
N LEU O 228 70.41 -27.40 -4.05
CA LEU O 228 70.50 -26.90 -2.69
C LEU O 228 69.68 -25.62 -2.64
N ILE O 229 68.70 -25.59 -1.75
CA ILE O 229 67.85 -24.42 -1.63
C ILE O 229 67.97 -23.79 -0.24
N GLY O 230 68.26 -22.50 -0.24
CA GLY O 230 68.44 -21.70 0.95
C GLY O 230 67.68 -20.40 0.78
N ARG O 231 67.48 -19.65 1.86
CA ARG O 231 66.78 -18.39 1.71
C ARG O 231 67.60 -17.50 0.79
N GLU O 232 66.94 -17.04 -0.27
CA GLU O 232 67.48 -16.15 -1.30
C GLU O 232 68.58 -16.68 -2.24
N LEU O 233 68.80 -17.99 -2.25
CA LEU O 233 69.81 -18.60 -3.13
C LEU O 233 69.47 -20.01 -3.58
N LEU O 234 69.85 -20.34 -4.80
CA LEU O 234 69.67 -21.68 -5.34
C LEU O 234 71.01 -22.10 -5.93
N ASN O 235 71.54 -23.24 -5.49
CA ASN O 235 72.85 -23.69 -5.98
C ASN O 235 72.86 -25.08 -6.58
N VAL O 236 73.53 -25.21 -7.72
CA VAL O 236 73.60 -26.49 -8.43
C VAL O 236 74.89 -26.63 -9.23
N THR O 237 75.46 -27.83 -9.22
CA THR O 237 76.66 -28.10 -9.99
C THR O 237 76.26 -29.00 -11.14
N ILE O 238 76.66 -28.62 -12.35
CA ILE O 238 76.31 -29.38 -13.55
C ILE O 238 77.55 -29.77 -14.35
N ASN O 239 77.54 -30.98 -14.87
CA ASN O 239 78.66 -31.47 -15.67
C ASN O 239 78.26 -31.58 -17.14
N THR O 240 79.22 -31.37 -18.03
CA THR O 240 79.00 -31.44 -19.48
C THR O 240 78.19 -32.66 -19.90
N ILE O 250 83.93 -30.47 -18.24
CA ILE O 250 83.63 -29.15 -17.73
C ILE O 250 82.47 -29.28 -16.77
N THR O 251 82.66 -28.72 -15.58
CA THR O 251 81.67 -28.74 -14.53
C THR O 251 81.32 -27.29 -14.26
N VAL O 252 80.04 -27.00 -14.07
CA VAL O 252 79.60 -25.63 -13.82
C VAL O 252 78.89 -25.41 -12.49
N ARG O 253 79.34 -24.41 -11.73
CA ARG O 253 78.73 -24.08 -10.44
C ARG O 253 77.71 -22.95 -10.62
N PHE O 254 76.45 -23.31 -10.81
CA PHE O 254 75.38 -22.35 -11.04
C PHE O 254 74.74 -21.74 -9.82
N THR O 255 75.00 -20.46 -9.58
CA THR O 255 74.39 -19.76 -8.46
C THR O 255 73.43 -18.59 -8.73
N THR O 256 72.23 -18.65 -8.15
CA THR O 256 71.21 -17.63 -8.38
C THR O 256 70.53 -17.08 -7.12
N LYS O 257 70.16 -15.82 -7.18
CA LYS O 257 69.48 -15.15 -6.09
C LYS O 257 67.99 -15.25 -6.31
N LEU O 258 67.28 -15.94 -5.41
CA LEU O 258 65.83 -16.03 -5.56
C LEU O 258 65.05 -14.74 -5.33
N ILE O 259 63.79 -14.76 -5.74
CA ILE O 259 62.88 -13.63 -5.61
C ILE O 259 62.16 -13.66 -4.26
N ASP O 260 62.29 -12.55 -3.53
CA ASP O 260 61.77 -12.42 -2.15
C ASP O 260 60.30 -12.68 -1.94
N GLY O 261 59.47 -12.30 -2.90
CA GLY O 261 58.04 -12.47 -2.82
C GLY O 261 57.38 -13.82 -2.57
N LYS O 262 56.06 -13.74 -2.49
CA LYS O 262 55.15 -14.84 -2.24
C LYS O 262 54.34 -15.08 -3.51
N PHE O 263 54.51 -16.22 -4.14
CA PHE O 263 53.78 -16.49 -5.36
C PHE O 263 52.29 -16.60 -5.06
N PRO O 264 51.45 -16.09 -5.96
CA PRO O 264 50.01 -16.18 -5.75
C PRO O 264 49.60 -17.63 -5.92
N ASP O 265 48.89 -18.21 -4.95
CA ASP O 265 48.56 -19.62 -5.13
C ASP O 265 47.76 -20.04 -6.35
N TYR O 266 48.35 -20.94 -7.10
CA TYR O 266 47.88 -21.44 -8.38
C TYR O 266 46.61 -22.27 -8.23
N ARG O 267 46.42 -22.92 -7.10
CA ARG O 267 45.29 -23.85 -6.95
C ARG O 267 43.93 -23.20 -7.22
N ARG O 268 43.72 -21.99 -6.73
CA ARG O 268 42.47 -21.30 -7.03
C ARG O 268 42.36 -20.98 -8.53
N VAL O 269 43.49 -20.64 -9.13
CA VAL O 269 43.56 -20.27 -10.54
C VAL O 269 43.20 -21.38 -11.51
N ILE O 270 43.60 -22.61 -11.24
CA ILE O 270 43.31 -23.66 -12.19
C ILE O 270 41.86 -24.01 -11.98
N PRO O 271 41.08 -24.14 -13.05
CA PRO O 271 39.68 -24.45 -12.79
C PRO O 271 39.45 -25.93 -12.66
N ARG O 272 39.23 -26.36 -11.42
CA ARG O 272 38.96 -27.75 -11.12
C ARG O 272 37.63 -28.22 -11.72
N GLY O 273 36.60 -27.38 -11.63
CA GLY O 273 35.32 -27.73 -12.19
C GLY O 273 35.42 -27.76 -13.70
N GLY O 274 34.83 -28.77 -14.31
CA GLY O 274 34.90 -28.89 -15.76
C GLY O 274 33.68 -29.47 -16.43
N ASP O 275 33.54 -29.13 -17.71
CA ASP O 275 32.44 -29.56 -18.56
C ASP O 275 32.83 -29.28 -20.01
N LYS O 276 31.97 -29.72 -20.93
CA LYS O 276 32.17 -29.51 -22.36
C LYS O 276 33.56 -29.89 -22.84
N HIS O 277 34.04 -31.06 -22.47
CA HIS O 277 35.36 -31.44 -22.93
C HIS O 277 35.37 -31.61 -24.44
N VAL O 278 36.39 -31.08 -25.09
CA VAL O 278 36.51 -31.15 -26.54
C VAL O 278 37.83 -31.76 -26.98
N LEU O 279 37.77 -32.66 -27.94
CA LEU O 279 38.94 -33.32 -28.49
C LEU O 279 39.26 -32.88 -29.91
N ILE O 280 40.41 -32.25 -30.10
CA ILE O 280 40.84 -31.77 -31.41
C ILE O 280 42.24 -32.25 -31.76
N GLY O 281 42.46 -32.63 -33.01
CA GLY O 281 43.77 -33.07 -33.43
C GLY O 281 44.73 -31.91 -33.27
N HIS O 282 45.91 -32.17 -32.76
CA HIS O 282 46.90 -31.12 -32.53
C HIS O 282 47.31 -30.41 -33.82
N ASP O 283 47.85 -31.15 -34.78
CA ASP O 283 48.27 -30.53 -36.02
C ASP O 283 47.15 -29.75 -36.71
N VAL O 284 45.97 -30.35 -36.73
CA VAL O 284 44.78 -29.73 -37.36
C VAL O 284 44.43 -28.42 -36.64
N PHE O 285 44.47 -28.43 -35.31
CA PHE O 285 44.18 -27.25 -34.49
C PHE O 285 45.19 -26.12 -34.72
N LYS O 286 46.47 -26.47 -34.67
CA LYS O 286 47.56 -25.51 -34.90
C LYS O 286 47.49 -24.85 -36.28
N GLN O 287 47.33 -25.67 -37.32
CA GLN O 287 47.31 -25.16 -38.70
C GLN O 287 46.12 -24.24 -38.96
N SER O 288 44.94 -24.62 -38.51
CA SER O 288 43.75 -23.81 -38.70
C SER O 288 43.84 -22.50 -37.92
N LEU O 289 44.37 -22.56 -36.70
CA LEU O 289 44.49 -21.39 -35.84
C LEU O 289 45.45 -20.38 -36.46
N GLN O 290 46.55 -20.86 -37.02
CA GLN O 290 47.51 -19.99 -37.72
C GLN O 290 46.90 -19.34 -38.95
N ARG O 291 46.09 -20.09 -39.69
CA ARG O 291 45.46 -19.58 -40.89
C ARG O 291 44.41 -18.52 -40.63
N VAL O 292 43.61 -18.73 -39.59
CA VAL O 292 42.55 -17.80 -39.26
C VAL O 292 43.11 -16.56 -38.58
N ALA O 293 44.19 -16.74 -37.85
CA ALA O 293 44.85 -15.64 -37.13
C ALA O 293 45.43 -14.58 -38.05
N ILE O 294 45.66 -14.89 -39.32
CA ILE O 294 46.22 -13.94 -40.26
C ILE O 294 45.36 -12.69 -40.41
N LEU O 295 44.05 -12.88 -40.48
CA LEU O 295 43.11 -11.79 -40.64
C LEU O 295 42.52 -11.37 -39.33
N SER O 296 43.28 -11.53 -38.27
CA SER O 296 42.88 -11.11 -36.95
C SER O 296 43.60 -9.80 -36.62
N ASN O 297 43.16 -9.10 -35.58
CA ASN O 297 43.79 -7.85 -35.23
C ASN O 297 45.26 -8.10 -34.90
N GLU O 298 46.12 -7.23 -35.38
CA GLU O 298 47.56 -7.37 -35.23
C GLU O 298 48.12 -7.38 -33.82
N LYS O 299 47.62 -6.54 -32.93
CA LYS O 299 48.14 -6.55 -31.58
C LYS O 299 47.31 -7.38 -30.62
N LEU O 300 45.99 -7.30 -30.76
CA LEU O 300 45.10 -8.05 -29.88
C LEU O 300 44.95 -9.54 -30.17
N ARG O 301 45.21 -9.93 -31.41
CA ARG O 301 45.19 -11.33 -31.82
C ARG O 301 43.94 -12.09 -31.39
N GLY O 302 42.76 -11.51 -31.54
CA GLY O 302 41.56 -12.20 -31.11
C GLY O 302 40.86 -13.02 -32.17
N VAL O 303 40.50 -14.24 -31.81
CA VAL O 303 39.79 -15.14 -32.72
C VAL O 303 38.64 -15.79 -31.98
N PHE O 304 37.61 -16.19 -32.72
CA PHE O 304 36.45 -16.82 -32.10
C PHE O 304 36.40 -18.30 -32.40
N LEU O 305 36.22 -19.08 -31.34
CA LEU O 305 36.09 -20.52 -31.48
C LEU O 305 34.67 -20.84 -31.09
N ASN O 306 33.98 -21.35 -32.12
CA ASN O 306 32.62 -21.79 -32.05
C ASN O 306 32.53 -23.22 -31.84
N PHE O 307 32.17 -23.70 -30.67
CA PHE O 307 32.09 -25.14 -30.53
C PHE O 307 30.65 -25.48 -30.82
N ASN O 308 30.39 -26.44 -31.70
CA ASN O 308 29.06 -26.94 -32.05
C ASN O 308 28.99 -28.45 -32.14
N GLN O 309 27.87 -29.00 -32.59
CA GLN O 309 27.78 -30.45 -32.73
C GLN O 309 28.80 -31.05 -33.66
N ASP O 310 29.70 -31.85 -33.09
CA ASP O 310 30.81 -32.54 -33.77
C ASP O 310 31.59 -31.65 -34.75
N SER O 311 31.92 -30.42 -34.34
CA SER O 311 32.64 -29.48 -35.17
C SER O 311 33.14 -28.28 -34.39
N LEU O 312 34.00 -27.49 -35.02
CA LEU O 312 34.52 -26.25 -34.44
C LEU O 312 34.82 -25.29 -35.58
N GLN O 313 34.15 -24.15 -35.57
CA GLN O 313 34.39 -23.14 -36.59
C GLN O 313 35.25 -22.03 -36.01
N LEU O 314 36.31 -21.69 -36.72
CA LEU O 314 37.21 -20.64 -36.29
C LEU O 314 36.95 -19.38 -37.10
N ARG O 315 36.81 -18.27 -36.40
CA ARG O 315 36.56 -16.99 -37.06
C ARG O 315 37.38 -15.84 -36.50
N ALA O 316 37.91 -15.01 -37.39
CA ALA O 316 38.70 -13.83 -37.03
C ALA O 316 38.40 -12.70 -37.98
N ASN O 317 38.50 -11.49 -37.47
CA ASN O 317 38.34 -10.30 -38.28
C ASN O 317 39.24 -9.23 -37.71
N ASN O 318 39.38 -8.17 -38.47
CA ASN O 318 40.19 -7.02 -38.11
C ASN O 318 39.42 -5.75 -38.40
N PRO O 319 39.94 -4.62 -37.92
CA PRO O 319 39.29 -3.33 -38.14
C PRO O 319 38.99 -3.09 -39.61
N GLU O 320 39.90 -3.44 -40.50
CA GLU O 320 39.68 -3.24 -41.92
C GLU O 320 38.53 -4.08 -42.42
N GLN O 321 37.84 -4.74 -41.50
CA GLN O 321 36.71 -5.62 -41.78
C GLN O 321 37.02 -6.80 -42.71
N ASP O 322 38.23 -7.34 -42.60
CA ASP O 322 38.65 -8.52 -43.37
C ASP O 322 38.22 -9.71 -42.52
N GLU O 323 37.90 -10.84 -43.15
CA GLU O 323 37.42 -11.95 -42.35
C GLU O 323 37.98 -13.29 -42.80
N ALA O 324 38.22 -14.17 -41.83
CA ALA O 324 38.75 -15.50 -42.08
C ALA O 324 37.95 -16.53 -41.31
N ILE O 325 37.41 -17.50 -42.04
CA ILE O 325 36.61 -18.56 -41.44
C ILE O 325 37.10 -19.95 -41.83
N GLU O 326 37.27 -20.83 -40.85
CA GLU O 326 37.65 -22.19 -41.17
C GLU O 326 36.91 -23.16 -40.26
N ASP O 327 36.58 -24.33 -40.80
CA ASP O 327 35.86 -25.34 -40.05
C ASP O 327 36.75 -26.52 -39.68
N LEU O 328 36.64 -26.96 -38.45
CA LEU O 328 37.43 -28.07 -37.96
C LEU O 328 36.58 -29.29 -37.67
N ALA O 329 37.23 -30.42 -37.44
CA ALA O 329 36.53 -31.63 -37.07
C ALA O 329 36.96 -31.87 -35.63
N ILE O 330 36.00 -31.87 -34.72
CA ILE O 330 36.29 -32.05 -33.30
C ILE O 330 35.35 -33.05 -32.67
N GLN O 331 35.83 -33.72 -31.63
CA GLN O 331 35.01 -34.68 -30.90
C GLN O 331 34.27 -33.91 -29.83
N TYR O 332 33.15 -33.31 -30.20
CA TYR O 332 32.39 -32.52 -29.24
C TYR O 332 30.91 -32.84 -29.37
N GLN O 333 30.31 -33.26 -28.26
CA GLN O 333 28.89 -33.58 -28.25
C GLN O 333 28.09 -32.75 -27.24
N SER O 334 28.79 -31.87 -26.53
CA SER O 334 28.15 -31.04 -25.53
C SER O 334 27.48 -29.81 -26.14
N ALA O 335 26.84 -29.02 -25.30
CA ALA O 335 26.12 -27.83 -25.75
C ALA O 335 27.08 -26.83 -26.40
N PRO O 336 26.62 -26.18 -27.47
CA PRO O 336 27.44 -25.21 -28.22
C PRO O 336 27.89 -24.02 -27.39
N LEU O 337 29.14 -23.64 -27.58
CA LEU O 337 29.73 -22.53 -26.86
C LEU O 337 30.51 -21.62 -27.79
N GLU O 338 30.43 -20.32 -27.55
CA GLU O 338 31.15 -19.35 -28.34
C GLU O 338 32.12 -18.66 -27.40
N MET O 339 33.39 -18.64 -27.76
CA MET O 339 34.40 -18.00 -26.93
C MET O 339 35.42 -17.30 -27.80
N SER O 340 36.09 -16.30 -27.26
CA SER O 340 37.12 -15.63 -28.04
C SER O 340 38.42 -15.66 -27.25
N PHE O 341 39.52 -15.92 -27.95
CA PHE O 341 40.82 -16.06 -27.32
C PHE O 341 41.90 -15.29 -28.04
N ASN O 342 42.96 -14.94 -27.32
CA ASN O 342 44.12 -14.27 -27.90
C ASN O 342 44.84 -15.44 -28.55
N ALA O 343 44.76 -15.51 -29.88
CA ALA O 343 45.28 -16.64 -30.65
C ALA O 343 46.70 -17.04 -30.27
N GLN O 344 47.54 -16.05 -29.94
CA GLN O 344 48.92 -16.32 -29.57
C GLN O 344 49.04 -17.17 -28.30
N TYR O 345 48.14 -16.94 -27.35
CA TYR O 345 48.11 -17.69 -26.11
C TYR O 345 47.87 -19.17 -26.39
N LEU O 346 46.88 -19.46 -27.22
CA LEU O 346 46.56 -20.83 -27.61
C LEU O 346 47.73 -21.44 -28.39
N LEU O 347 48.31 -20.68 -29.33
CA LEU O 347 49.45 -21.17 -30.09
C LEU O 347 50.65 -21.45 -29.20
N ASP O 348 50.92 -20.60 -28.23
CA ASP O 348 52.05 -20.81 -27.34
C ASP O 348 51.94 -22.16 -26.67
N VAL O 349 50.75 -22.46 -26.18
CA VAL O 349 50.50 -23.73 -25.54
C VAL O 349 50.68 -24.89 -26.51
N LEU O 350 50.21 -24.72 -27.74
CA LEU O 350 50.31 -25.78 -28.73
C LEU O 350 51.76 -26.16 -29.00
N GLY O 351 52.64 -25.18 -29.07
CA GLY O 351 54.04 -25.48 -29.33
C GLY O 351 54.62 -26.35 -28.24
N VAL O 352 54.24 -26.08 -27.00
CA VAL O 352 54.80 -26.82 -25.88
C VAL O 352 54.13 -28.16 -25.52
N LEU O 353 53.30 -28.72 -26.38
CA LEU O 353 52.71 -30.02 -26.07
C LEU O 353 53.02 -31.03 -27.16
N ASP O 354 53.48 -32.22 -26.76
CA ASP O 354 53.90 -33.25 -27.69
C ASP O 354 52.85 -34.20 -28.25
N GLY O 355 51.74 -34.35 -27.55
CA GLY O 355 50.68 -35.23 -28.04
C GLY O 355 49.86 -34.89 -29.27
N ASP O 356 49.42 -35.95 -29.96
CA ASP O 356 48.59 -35.84 -31.17
C ASP O 356 47.22 -35.20 -31.04
N ASP O 357 46.54 -35.48 -29.92
CA ASP O 357 45.21 -34.92 -29.67
C ASP O 357 45.28 -33.97 -28.49
N VAL O 358 44.50 -32.89 -28.54
CA VAL O 358 44.49 -31.91 -27.46
C VAL O 358 43.13 -31.83 -26.81
N ASN O 359 43.12 -31.81 -25.48
CA ASN O 359 41.87 -31.78 -24.72
C ASN O 359 41.64 -30.47 -23.99
N MET O 360 40.54 -29.83 -24.32
CA MET O 360 40.19 -28.53 -23.73
C MET O 360 38.82 -28.56 -23.10
N SER O 361 38.68 -27.89 -21.96
CA SER O 361 37.40 -27.85 -21.24
C SER O 361 36.99 -26.44 -20.87
N MET O 362 35.78 -26.07 -21.28
CA MET O 362 35.28 -24.74 -20.95
C MET O 362 34.08 -24.83 -20.02
N THR O 363 34.21 -24.29 -18.82
CA THR O 363 33.11 -24.28 -17.89
C THR O 363 32.02 -23.39 -18.48
N GLU O 364 32.45 -22.23 -18.97
CA GLU O 364 31.58 -21.22 -19.57
C GLU O 364 32.39 -20.42 -20.57
N ALA O 365 31.70 -19.55 -21.31
CA ALA O 365 32.32 -18.69 -22.32
C ALA O 365 33.19 -17.58 -21.74
N ASN O 366 32.76 -16.96 -20.65
CA ASN O 366 33.52 -15.89 -20.03
C ASN O 366 34.51 -16.41 -19.01
N GLN O 367 34.47 -17.72 -18.75
CA GLN O 367 35.35 -18.35 -17.79
C GLN O 367 36.63 -18.97 -18.37
N SER O 368 37.58 -19.26 -17.49
CA SER O 368 38.87 -19.83 -17.85
C SER O 368 38.75 -21.20 -18.49
N VAL O 369 39.70 -21.51 -19.37
CA VAL O 369 39.72 -22.78 -20.07
C VAL O 369 40.99 -23.53 -19.72
N LEU O 370 40.87 -24.85 -19.57
CA LEU O 370 42.02 -25.70 -19.27
C LEU O 370 42.36 -26.62 -20.45
N VAL O 371 43.63 -26.61 -20.83
CA VAL O 371 44.11 -27.40 -21.96
C VAL O 371 45.12 -28.45 -21.51
N GLN O 372 44.94 -29.68 -21.97
CA GLN O 372 45.84 -30.77 -21.61
C GLN O 372 45.96 -31.84 -22.71
N ASP O 373 47.02 -32.64 -22.63
CA ASP O 373 47.28 -33.71 -23.57
C ASP O 373 47.10 -35.02 -22.83
N PRO O 374 46.14 -35.84 -23.28
CA PRO O 374 45.82 -37.13 -22.66
C PRO O 374 47.05 -37.99 -22.39
N ALA O 375 48.02 -37.94 -23.30
CA ALA O 375 49.25 -38.74 -23.17
C ALA O 375 50.12 -38.32 -21.98
N HIS O 376 50.17 -37.01 -21.69
CA HIS O 376 50.96 -36.48 -20.59
C HIS O 376 50.12 -35.68 -19.58
N PRO O 377 49.70 -36.34 -18.48
CA PRO O 377 48.93 -35.75 -17.39
C PRO O 377 49.73 -34.76 -16.53
N ASP O 378 51.05 -34.85 -16.63
CA ASP O 378 51.94 -33.99 -15.89
C ASP O 378 51.91 -32.54 -16.34
N GLN O 379 51.31 -32.24 -17.50
CA GLN O 379 51.31 -30.85 -18.03
C GLN O 379 49.95 -30.19 -18.22
N THR O 380 49.62 -29.22 -17.37
CA THR O 380 48.34 -28.54 -17.31
C THR O 380 48.50 -27.07 -17.69
N TYR O 381 47.63 -26.58 -18.57
CA TYR O 381 47.70 -25.19 -19.00
C TYR O 381 46.34 -24.50 -18.91
N VAL O 382 46.35 -23.24 -18.50
CA VAL O 382 45.11 -22.48 -18.36
C VAL O 382 45.20 -21.17 -19.14
N VAL O 383 44.22 -20.94 -20.01
CA VAL O 383 44.17 -19.71 -20.79
C VAL O 383 42.86 -18.98 -20.50
N MET O 384 42.94 -17.70 -20.14
CA MET O 384 41.72 -16.91 -19.91
C MET O 384 41.30 -16.28 -21.22
N PRO O 385 39.99 -16.27 -21.51
CA PRO O 385 39.47 -15.74 -22.78
C PRO O 385 39.38 -14.22 -22.87
N MET O 386 38.78 -13.76 -23.96
CA MET O 386 38.59 -12.34 -24.21
C MET O 386 37.10 -12.06 -24.18
N ARG O 387 36.69 -11.01 -23.48
CA ARG O 387 35.28 -10.71 -23.42
C ARG O 387 34.88 -9.59 -24.35
N HIS P 6 32.66 -9.65 -63.77
CA HIS P 6 33.42 -9.78 -62.54
C HIS P 6 34.48 -10.85 -62.66
N MET P 7 35.40 -10.89 -61.71
CA MET P 7 36.49 -11.84 -61.78
C MET P 7 36.27 -13.05 -60.90
N ARG P 8 36.39 -14.21 -61.52
CA ARG P 8 36.26 -15.46 -60.81
C ARG P 8 37.49 -16.22 -61.19
N LEU P 9 38.18 -16.76 -60.20
CA LEU P 9 39.42 -17.46 -60.49
C LEU P 9 39.61 -18.73 -59.67
N LYS P 10 40.32 -19.68 -60.26
CA LYS P 10 40.63 -20.95 -59.61
C LYS P 10 42.05 -21.31 -60.03
N ILE P 11 42.94 -21.50 -59.07
CA ILE P 11 44.33 -21.82 -59.41
C ILE P 11 45.07 -22.42 -58.22
N ALA P 12 46.12 -23.18 -58.52
CA ALA P 12 46.92 -23.80 -57.47
C ALA P 12 47.60 -22.79 -56.55
N LYS P 13 47.72 -23.15 -55.27
CA LYS P 13 48.32 -22.24 -54.31
C LYS P 13 49.75 -21.92 -54.69
N GLU P 14 50.49 -22.93 -55.09
CA GLU P 14 51.87 -22.72 -55.48
C GLU P 14 51.95 -21.84 -56.72
N SER P 15 51.06 -22.06 -57.68
CA SER P 15 51.07 -21.26 -58.89
C SER P 15 50.80 -19.78 -58.63
N LEU P 16 49.77 -19.48 -57.85
CA LEU P 16 49.44 -18.10 -57.58
C LEU P 16 50.51 -17.42 -56.77
N LEU P 17 51.06 -18.14 -55.81
CA LEU P 17 52.08 -17.54 -54.97
C LEU P 17 53.30 -17.14 -55.79
N ASN P 18 53.70 -17.98 -56.72
CA ASN P 18 54.87 -17.69 -57.56
C ASN P 18 54.73 -16.47 -58.45
N VAL P 19 53.58 -16.30 -59.10
CA VAL P 19 53.39 -15.12 -59.94
C VAL P 19 53.38 -13.86 -59.07
N LEU P 20 52.75 -13.97 -57.91
CA LEU P 20 52.67 -12.90 -56.92
C LEU P 20 54.04 -12.56 -56.36
N SER P 21 54.89 -13.56 -56.21
CA SER P 21 56.22 -13.36 -55.64
C SER P 21 57.08 -12.38 -56.40
N HIS P 22 56.91 -12.36 -57.71
CA HIS P 22 57.69 -11.50 -58.59
C HIS P 22 57.40 -10.00 -58.46
N VAL P 23 56.16 -9.67 -58.17
CA VAL P 23 55.75 -8.28 -57.97
C VAL P 23 55.48 -7.80 -56.55
N VAL P 24 55.56 -8.66 -55.55
CA VAL P 24 55.26 -8.23 -54.19
C VAL P 24 56.36 -7.38 -53.57
N GLY P 25 57.55 -7.43 -54.15
CA GLY P 25 58.66 -6.65 -53.61
C GLY P 25 58.54 -5.17 -53.90
N ALA P 26 57.76 -4.80 -54.90
CA ALA P 26 57.60 -3.41 -55.26
C ALA P 26 56.41 -2.75 -54.60
N VAL P 27 55.68 -3.49 -53.78
CA VAL P 27 54.54 -2.92 -53.06
C VAL P 27 55.02 -2.46 -51.69
N GLU P 28 54.60 -1.26 -51.29
CA GLU P 28 54.95 -0.74 -49.96
C GLU P 28 53.88 -0.97 -48.91
N ARG P 29 54.34 -1.20 -47.70
CA ARG P 29 53.49 -1.57 -46.55
C ARG P 29 52.37 -0.54 -46.41
N ARG P 30 52.76 0.72 -46.32
CA ARG P 30 51.81 1.81 -46.25
C ARG P 30 52.27 2.82 -47.28
N HIS P 31 51.34 3.35 -48.05
CA HIS P 31 51.70 4.28 -49.10
C HIS P 31 50.78 5.49 -49.08
N THR P 32 51.18 6.55 -49.77
CA THR P 32 50.36 7.76 -49.86
C THR P 32 49.05 7.45 -50.56
N LEU P 33 49.12 6.64 -51.60
CA LEU P 33 47.93 6.21 -52.31
C LEU P 33 47.61 4.84 -51.73
N ASN P 34 46.39 4.71 -51.21
CA ASN P 34 45.94 3.48 -50.57
C ASN P 34 45.91 2.28 -51.52
N ILE P 35 45.52 2.53 -52.76
CA ILE P 35 45.42 1.50 -53.78
C ILE P 35 46.73 0.81 -54.12
N LEU P 36 47.85 1.52 -54.00
CA LEU P 36 49.16 0.97 -54.27
C LEU P 36 49.52 -0.19 -53.35
N SER P 37 49.02 -0.17 -52.13
CA SER P 37 49.25 -1.24 -51.17
C SER P 37 48.55 -2.52 -51.62
N ASN P 38 47.80 -2.42 -52.70
CA ASN P 38 47.09 -3.54 -53.26
C ASN P 38 47.76 -3.95 -54.55
N VAL P 39 47.44 -5.15 -55.03
CA VAL P 39 48.01 -5.62 -56.28
C VAL P 39 46.92 -5.77 -57.32
N LYS P 40 47.17 -5.25 -58.51
CA LYS P 40 46.18 -5.31 -59.57
C LYS P 40 46.24 -6.67 -60.22
N ILE P 41 45.10 -7.34 -60.30
CA ILE P 41 45.05 -8.65 -60.92
C ILE P 41 44.11 -8.62 -62.11
N GLN P 42 44.60 -9.05 -63.26
CA GLN P 42 43.78 -9.08 -64.47
C GLN P 42 43.70 -10.49 -64.96
N THR P 43 42.48 -10.98 -65.18
CA THR P 43 42.32 -12.35 -65.65
C THR P 43 41.47 -12.46 -66.91
N ASN P 44 41.98 -13.24 -67.85
CA ASN P 44 41.32 -13.56 -69.10
C ASN P 44 41.57 -15.04 -69.40
N ALA P 45 40.89 -15.62 -70.38
CA ALA P 45 41.07 -17.04 -70.63
C ALA P 45 42.51 -17.42 -70.97
N GLN P 46 43.18 -16.63 -71.80
CA GLN P 46 44.56 -16.91 -72.16
C GLN P 46 45.60 -16.80 -71.04
N ALA P 47 45.51 -15.75 -70.22
CA ALA P 47 46.50 -15.55 -69.16
C ALA P 47 46.07 -14.70 -67.96
N LEU P 48 46.87 -14.80 -66.89
CA LEU P 48 46.65 -14.05 -65.65
C LEU P 48 47.78 -13.04 -65.48
N THR P 49 47.43 -11.78 -65.25
CA THR P 49 48.43 -10.74 -65.07
C THR P 49 48.32 -10.03 -63.71
N ILE P 50 49.43 -9.91 -63.01
CA ILE P 50 49.43 -9.25 -61.71
C ILE P 50 50.41 -8.08 -61.68
N THR P 51 49.97 -6.96 -61.13
CA THR P 51 50.80 -5.77 -61.06
C THR P 51 51.05 -5.24 -59.65
N GLY P 52 52.31 -4.97 -59.34
CA GLY P 52 52.70 -4.42 -58.07
C GLY P 52 53.56 -3.18 -58.26
N SER P 53 53.20 -2.07 -57.64
CA SER P 53 53.98 -0.85 -57.78
C SER P 53 53.98 0.09 -56.58
N ASP P 54 55.07 0.83 -56.42
CA ASP P 54 55.20 1.84 -55.37
C ASP P 54 55.26 3.24 -55.98
N LEU P 55 55.00 3.30 -57.29
CA LEU P 55 54.97 4.47 -58.18
C LEU P 55 56.33 4.94 -58.67
N GLU P 56 57.39 4.27 -58.21
CA GLU P 56 58.74 4.55 -58.64
C GLU P 56 59.16 3.36 -59.48
N VAL P 57 58.79 2.18 -59.00
CA VAL P 57 59.09 0.93 -59.65
C VAL P 57 57.78 0.20 -59.92
N GLU P 58 57.61 -0.28 -61.15
CA GLU P 58 56.41 -1.00 -61.50
C GLU P 58 56.76 -2.38 -62.03
N LEU P 59 56.14 -3.41 -61.48
CA LEU P 59 56.39 -4.77 -61.93
C LEU P 59 55.09 -5.38 -62.36
N VAL P 60 55.04 -5.87 -63.59
CA VAL P 60 53.85 -6.51 -64.10
C VAL P 60 54.27 -7.91 -64.47
N ALA P 61 53.60 -8.93 -63.92
CA ALA P 61 53.98 -10.30 -64.21
C ALA P 61 52.89 -11.08 -64.93
N SER P 62 53.27 -11.77 -66.01
CA SER P 62 52.32 -12.55 -66.77
C SER P 62 52.60 -14.02 -66.94
N THR P 63 51.56 -14.84 -66.99
CA THR P 63 51.70 -16.28 -67.17
C THR P 63 50.48 -16.87 -67.84
N ALA P 64 50.68 -17.76 -68.80
CA ALA P 64 49.56 -18.39 -69.48
C ALA P 64 48.84 -19.24 -68.44
N LEU P 65 47.51 -19.21 -68.49
CA LEU P 65 46.68 -19.99 -67.59
C LEU P 65 46.46 -21.39 -68.18
N SER P 66 46.06 -22.33 -67.34
CA SER P 66 45.84 -23.70 -67.79
C SER P 66 44.43 -24.21 -67.54
N GLU P 67 43.86 -24.85 -68.56
CA GLU P 67 42.52 -25.44 -68.49
C GLU P 67 41.38 -24.47 -68.16
N GLY P 68 40.62 -24.82 -67.14
CA GLY P 68 39.46 -24.07 -66.69
C GLY P 68 39.77 -23.18 -65.52
N ALA P 69 41.04 -22.81 -65.37
CA ALA P 69 41.46 -21.98 -64.25
C ALA P 69 40.75 -20.65 -64.24
N CYS P 70 40.57 -20.03 -65.39
CA CYS P 70 39.89 -18.74 -65.48
C CYS P 70 38.39 -18.88 -65.72
N LEU P 71 37.61 -18.96 -64.65
CA LEU P 71 36.16 -19.12 -64.79
C LEU P 71 35.42 -17.98 -65.48
N GLU P 72 35.68 -16.75 -65.04
CA GLU P 72 35.04 -15.56 -65.60
C GLU P 72 36.02 -14.40 -65.57
N ALA P 73 36.33 -13.87 -66.75
CA ALA P 73 37.29 -12.79 -66.90
C ALA P 73 36.90 -11.48 -66.23
N GLY P 74 37.89 -10.82 -65.62
CA GLY P 74 37.70 -9.55 -64.94
C GLY P 74 39.03 -8.98 -64.47
N GLU P 75 38.98 -7.96 -63.61
CA GLU P 75 40.19 -7.32 -63.07
C GLU P 75 39.87 -6.62 -61.75
N THR P 76 40.76 -6.76 -60.79
CA THR P 76 40.52 -6.15 -59.51
C THR P 76 41.82 -5.85 -58.81
N THR P 77 41.72 -5.37 -57.58
CA THR P 77 42.88 -5.01 -56.79
C THR P 77 42.71 -5.58 -55.39
N VAL P 78 43.64 -6.41 -54.95
CA VAL P 78 43.59 -7.03 -53.63
C VAL P 78 44.83 -6.68 -52.81
N PRO P 79 44.65 -6.50 -51.48
CA PRO P 79 45.74 -6.18 -50.56
C PRO P 79 46.87 -7.17 -50.73
N ALA P 80 48.04 -6.69 -51.15
CA ALA P 80 49.14 -7.59 -51.41
C ALA P 80 49.70 -8.36 -50.24
N ARG P 81 49.97 -7.72 -49.13
CA ARG P 81 50.58 -8.46 -48.03
C ARG P 81 49.66 -9.53 -47.51
N LYS P 82 48.39 -9.18 -47.35
CA LYS P 82 47.43 -10.13 -46.82
C LYS P 82 47.19 -11.31 -47.76
N LEU P 83 47.08 -11.04 -49.05
CA LEU P 83 46.85 -12.11 -50.00
C LEU P 83 48.03 -13.04 -49.97
N MET P 84 49.20 -12.43 -49.86
CA MET P 84 50.44 -13.17 -49.85
C MET P 84 50.52 -14.11 -48.67
N GLU P 85 50.35 -13.52 -47.50
CA GLU P 85 50.43 -14.22 -46.23
C GLU P 85 49.40 -15.34 -46.18
N ILE P 86 48.21 -15.06 -46.70
CA ILE P 86 47.14 -16.05 -46.72
C ILE P 86 47.56 -17.25 -47.57
N CYS P 87 48.18 -17.00 -48.70
CA CYS P 87 48.62 -18.10 -49.52
C CYS P 87 49.68 -18.92 -48.79
N LYS P 88 50.61 -18.26 -48.12
CA LYS P 88 51.67 -18.99 -47.42
C LYS P 88 51.16 -19.84 -46.25
N SER P 89 49.90 -19.71 -45.90
CA SER P 89 49.33 -20.48 -44.81
C SER P 89 48.57 -21.73 -45.25
N LEU P 90 48.22 -21.79 -46.52
CA LEU P 90 47.51 -22.91 -47.09
C LEU P 90 48.44 -24.10 -47.16
N PRO P 91 47.88 -25.31 -47.13
CA PRO P 91 48.71 -26.50 -47.19
C PRO P 91 49.26 -26.71 -48.59
N THR P 92 50.27 -27.55 -48.69
CA THR P 92 50.86 -27.84 -49.99
C THR P 92 49.84 -28.49 -50.91
N ALA P 93 49.94 -28.13 -52.19
CA ALA P 93 49.08 -28.58 -53.29
C ALA P 93 47.63 -28.15 -53.11
N ALA P 94 47.44 -27.07 -52.36
CA ALA P 94 46.12 -26.52 -52.11
C ALA P 94 45.53 -25.87 -53.35
N LEU P 95 44.21 -25.85 -53.43
CA LEU P 95 43.50 -25.25 -54.55
C LEU P 95 42.80 -24.01 -54.05
N ILE P 96 42.95 -22.91 -54.77
CA ILE P 96 42.37 -21.63 -54.37
C ILE P 96 41.32 -21.11 -55.33
N ASP P 97 40.19 -20.70 -54.80
CA ASP P 97 39.12 -20.16 -55.61
C ASP P 97 38.92 -18.70 -55.20
N LEU P 98 38.93 -17.81 -56.18
CA LEU P 98 38.75 -16.40 -55.91
C LEU P 98 37.50 -15.87 -56.58
N GLN P 99 36.68 -15.16 -55.82
CA GLN P 99 35.47 -14.57 -56.35
C GLN P 99 35.50 -13.10 -56.07
N ILE P 100 35.26 -12.27 -57.07
CA ILE P 100 35.21 -10.84 -56.82
C ILE P 100 33.74 -10.46 -56.82
N THR P 101 33.25 -10.06 -55.67
CA THR P 101 31.85 -9.72 -55.53
C THR P 101 31.47 -8.32 -55.98
N GLU P 102 30.19 -8.04 -55.86
CA GLU P 102 29.56 -6.78 -56.24
C GLU P 102 29.98 -5.55 -55.47
N ASP P 103 30.26 -5.70 -54.19
CA ASP P 103 30.56 -4.55 -53.36
C ASP P 103 31.94 -4.62 -52.72
N GLN P 104 32.95 -4.49 -53.57
CA GLN P 104 34.34 -4.42 -53.16
C GLN P 104 34.83 -5.52 -52.25
N ARG P 105 34.42 -6.76 -52.47
CA ARG P 105 34.89 -7.84 -51.59
C ARG P 105 35.55 -8.94 -52.37
N CYS P 106 36.64 -9.46 -51.84
CA CYS P 106 37.31 -10.57 -52.50
C CYS P 106 37.18 -11.79 -51.62
N ILE P 107 36.68 -12.87 -52.20
CA ILE P 107 36.48 -14.09 -51.45
C ILE P 107 37.42 -15.18 -51.91
N LEU P 108 38.16 -15.74 -50.96
CA LEU P 108 39.10 -16.79 -51.27
C LEU P 108 38.71 -18.06 -50.53
N LYS P 109 38.61 -19.15 -51.29
CA LYS P 109 38.23 -20.45 -50.76
C LYS P 109 39.26 -21.52 -51.09
N SER P 110 39.76 -22.21 -50.07
CA SER P 110 40.73 -23.27 -50.22
C SER P 110 40.48 -24.25 -49.10
N GLY P 111 40.30 -25.55 -49.41
CA GLY P 111 39.97 -26.54 -48.39
C GLY P 111 38.73 -26.12 -47.63
N ASN P 112 38.80 -26.18 -46.31
CA ASN P 112 37.69 -25.79 -45.45
C ASN P 112 37.90 -24.34 -45.08
N SER P 113 38.79 -23.66 -45.77
CA SER P 113 39.07 -22.25 -45.49
C SER P 113 38.39 -21.16 -46.30
N ARG P 114 37.89 -20.15 -45.59
CA ARG P 114 37.24 -19.03 -46.24
C ARG P 114 37.83 -17.72 -45.75
N PHE P 115 38.34 -16.95 -46.69
CA PHE P 115 38.93 -15.65 -46.41
C PHE P 115 38.17 -14.59 -47.21
N VAL P 116 38.00 -13.40 -46.65
CA VAL P 116 37.40 -12.30 -47.40
C VAL P 116 38.21 -11.04 -47.17
N LEU P 117 38.59 -10.37 -48.25
CA LEU P 117 39.39 -9.16 -48.18
C LEU P 117 38.67 -8.05 -48.92
N GLY P 118 38.97 -6.81 -48.57
CA GLY P 118 38.36 -5.68 -49.23
C GLY P 118 39.10 -5.43 -50.53
N THR P 119 38.43 -4.91 -51.54
CA THR P 119 39.08 -4.66 -52.81
C THR P 119 38.81 -3.23 -53.24
N LEU P 120 39.61 -2.72 -54.17
CA LEU P 120 39.42 -1.38 -54.69
C LEU P 120 39.30 -1.48 -56.18
N PRO P 121 38.67 -0.49 -56.81
CA PRO P 121 38.47 -0.45 -58.27
C PRO P 121 39.77 -0.55 -59.06
N ALA P 122 39.76 -1.39 -60.09
CA ALA P 122 40.92 -1.61 -60.95
C ALA P 122 41.33 -0.35 -61.71
N GLU P 123 40.34 0.43 -62.13
CA GLU P 123 40.59 1.66 -62.88
C GLU P 123 41.35 2.68 -62.05
N ASP P 124 41.09 2.69 -60.74
CA ASP P 124 41.76 3.60 -59.82
C ASP P 124 43.28 3.43 -59.86
N TYR P 125 43.73 2.18 -59.88
CA TYR P 125 45.15 1.86 -59.93
C TYR P 125 45.94 2.61 -61.00
N PRO P 126 46.99 3.34 -60.58
CA PRO P 126 47.85 4.15 -61.43
C PRO P 126 49.00 3.35 -62.05
N LEU P 127 49.35 3.67 -63.28
CA LEU P 127 50.43 3.00 -63.98
C LEU P 127 51.41 4.03 -64.51
N LEU P 128 52.65 3.62 -64.72
CA LEU P 128 53.65 4.53 -65.22
C LEU P 128 53.56 4.54 -66.71
N THR P 129 53.08 5.66 -67.22
CA THR P 129 52.93 5.84 -68.64
C THR P 129 53.60 7.15 -68.95
N THR P 130 54.52 7.16 -69.90
CA THR P 130 55.17 8.40 -70.26
C THR P 130 54.63 8.93 -71.58
N GLU P 131 54.50 8.01 -72.53
CA GLU P 131 54.00 8.29 -73.89
C GLU P 131 54.80 9.37 -74.62
N ASN P 132 56.11 9.39 -74.42
CA ASN P 132 56.94 10.36 -75.11
C ASN P 132 58.01 9.72 -75.98
N SER P 133 58.24 8.42 -75.79
CA SER P 133 59.25 7.64 -76.55
C SER P 133 60.66 8.21 -76.46
N GLN P 134 61.31 8.33 -77.62
CA GLN P 134 62.66 8.87 -77.71
C GLN P 134 63.66 8.18 -76.79
N GLY P 135 63.65 6.85 -76.77
CA GLY P 135 64.55 6.12 -75.91
C GLY P 135 65.56 5.19 -76.56
N THR P 136 66.81 5.29 -76.13
CA THR P 136 67.87 4.45 -76.63
C THR P 136 67.65 3.02 -76.14
N GLN P 137 67.94 2.04 -77.00
CA GLN P 137 67.76 0.64 -76.67
C GLN P 137 69.13 -0.02 -76.56
N VAL P 138 69.33 -0.81 -75.51
CA VAL P 138 70.60 -1.48 -75.28
C VAL P 138 70.42 -2.97 -75.19
N GLN P 139 71.34 -3.73 -75.76
CA GLN P 139 71.22 -5.18 -75.68
C GLN P 139 72.29 -5.74 -74.79
N VAL P 140 71.88 -6.44 -73.75
CA VAL P 140 72.80 -7.00 -72.79
C VAL P 140 72.16 -8.25 -72.23
N THR P 141 72.98 -9.21 -71.84
CA THR P 141 72.46 -10.47 -71.27
C THR P 141 72.04 -10.26 -69.83
N GLN P 142 71.14 -11.12 -69.36
CA GLN P 142 70.68 -11.06 -67.99
C GLN P 142 71.82 -11.23 -67.02
N ARG P 143 72.73 -12.14 -67.34
CA ARG P 143 73.87 -12.40 -66.47
C ARG P 143 74.80 -11.21 -66.36
N GLU P 144 74.97 -10.52 -67.48
CA GLU P 144 75.84 -9.36 -67.57
C GLU P 144 75.26 -8.19 -66.78
N LEU P 145 73.98 -7.94 -66.98
CA LEU P 145 73.29 -6.84 -66.28
C LEU P 145 73.27 -7.09 -64.78
N LYS P 146 73.01 -8.33 -64.41
CA LYS P 146 72.98 -8.72 -63.01
C LYS P 146 74.37 -8.55 -62.42
N ARG P 147 75.39 -8.83 -63.23
CA ARG P 147 76.77 -8.69 -62.77
C ARG P 147 77.11 -7.26 -62.45
N LEU P 148 76.62 -6.34 -63.27
CA LEU P 148 76.91 -4.94 -63.04
C LEU P 148 76.38 -4.50 -61.70
N PHE P 149 75.15 -4.89 -61.40
CA PHE P 149 74.53 -4.56 -60.12
C PHE P 149 75.18 -5.21 -58.92
N GLU P 150 75.57 -6.47 -59.03
CA GLU P 150 76.18 -7.14 -57.89
C GLU P 150 77.48 -6.45 -57.48
N LYS P 151 78.27 -6.08 -58.47
CA LYS P 151 79.52 -5.39 -58.25
C LYS P 151 79.45 -3.97 -57.70
N THR P 152 78.46 -3.19 -58.12
CA THR P 152 78.36 -1.81 -57.64
C THR P 152 77.31 -1.41 -56.60
N ALA P 153 76.30 -2.24 -56.37
CA ALA P 153 75.21 -1.90 -55.43
C ALA P 153 75.58 -1.36 -54.05
N PHE P 154 76.47 -2.04 -53.35
CA PHE P 154 76.88 -1.68 -51.99
C PHE P 154 77.28 -0.23 -51.77
N ALA P 155 77.80 0.41 -52.81
CA ALA P 155 78.28 1.79 -52.74
C ALA P 155 77.19 2.85 -52.80
N MET P 156 75.97 2.46 -53.09
CA MET P 156 74.86 3.41 -53.13
C MET P 156 74.54 3.86 -51.72
N ALA P 157 74.03 5.08 -51.59
CA ALA P 157 73.70 5.61 -50.29
C ALA P 157 72.33 5.14 -49.80
N VAL P 158 72.34 4.55 -48.62
CA VAL P 158 71.15 4.03 -47.97
C VAL P 158 70.14 5.09 -47.58
N GLN P 159 70.62 6.24 -47.14
CA GLN P 159 69.75 7.32 -46.71
C GLN P 159 68.83 7.71 -47.83
N ASP P 160 67.57 7.92 -47.51
CA ASP P 160 66.61 8.24 -48.55
C ASP P 160 66.53 9.72 -48.83
N VAL P 161 67.18 10.09 -49.93
CA VAL P 161 67.20 11.46 -50.43
C VAL P 161 66.93 11.33 -51.92
N ARG P 162 66.31 12.33 -52.54
CA ARG P 162 66.03 12.29 -53.97
C ARG P 162 67.26 12.79 -54.72
N PHE P 163 68.30 11.96 -54.78
CA PHE P 163 69.57 12.36 -55.36
C PHE P 163 70.27 11.26 -56.11
N TYR P 164 71.30 11.64 -56.84
CA TYR P 164 72.12 10.75 -57.63
C TYR P 164 72.85 9.69 -56.81
N LEU P 165 73.21 10.02 -55.58
CA LEU P 165 73.91 9.13 -54.67
C LEU P 165 73.12 7.86 -54.35
N THR P 166 71.80 8.01 -54.25
CA THR P 166 70.86 6.95 -53.93
C THR P 166 70.42 6.10 -55.11
N GLY P 167 70.99 6.35 -56.27
CA GLY P 167 70.68 5.61 -57.47
C GLY P 167 71.96 5.16 -58.15
N THR P 168 71.84 4.19 -59.05
CA THR P 168 72.98 3.69 -59.78
C THR P 168 72.98 4.30 -61.17
N LEU P 169 74.13 4.77 -61.62
CA LEU P 169 74.22 5.33 -62.94
C LEU P 169 74.43 4.20 -63.93
N LEU P 170 73.56 4.10 -64.91
CA LEU P 170 73.69 3.12 -65.97
C LEU P 170 74.13 3.93 -67.17
N GLU P 171 75.34 3.68 -67.65
CA GLU P 171 75.85 4.44 -68.77
C GLU P 171 76.12 3.55 -69.96
N ILE P 172 75.61 3.97 -71.11
CA ILE P 172 75.79 3.23 -72.36
C ILE P 172 76.54 4.05 -73.38
N ASP P 173 77.86 3.96 -73.35
CA ASP P 173 78.70 4.68 -74.30
C ASP P 173 79.32 3.64 -75.20
N GLU P 174 79.18 3.85 -76.51
CA GLU P 174 79.73 2.94 -77.53
C GLU P 174 79.34 1.46 -77.34
N ASN P 175 80.31 0.57 -77.34
CA ASN P 175 79.95 -0.84 -77.18
C ASN P 175 80.19 -1.40 -75.80
N GLN P 176 79.89 -0.60 -74.78
CA GLN P 176 80.06 -1.04 -73.42
C GLN P 176 79.03 -0.40 -72.51
N LEU P 177 78.60 -1.16 -71.51
CA LEU P 177 77.63 -0.70 -70.53
C LEU P 177 78.34 -0.62 -69.21
N ARG P 178 78.16 0.49 -68.51
CA ARG P 178 78.82 0.69 -67.23
C ARG P 178 77.85 1.06 -66.13
N ALA P 179 78.15 0.59 -64.94
CA ALA P 179 77.36 0.88 -63.76
C ALA P 179 78.26 1.62 -62.79
N VAL P 180 77.80 2.75 -62.29
CA VAL P 180 78.62 3.54 -61.36
C VAL P 180 77.78 3.93 -60.15
N THR P 181 78.35 3.75 -58.97
CA THR P 181 77.68 4.12 -57.73
C THR P 181 78.66 4.81 -56.83
N THR P 182 78.15 5.73 -56.01
CA THR P 182 78.95 6.43 -55.02
C THR P 182 78.09 7.00 -53.91
N ASP P 183 78.66 7.14 -52.72
CA ASP P 183 77.98 7.80 -51.58
C ASP P 183 78.75 9.04 -51.07
N GLY P 184 79.80 9.44 -51.77
CA GLY P 184 80.66 10.54 -51.34
C GLY P 184 81.97 10.08 -50.71
N HIS P 185 81.97 8.92 -50.07
CA HIS P 185 83.15 8.39 -49.39
C HIS P 185 83.83 7.28 -50.17
N ARG P 186 83.19 6.77 -51.20
CA ARG P 186 83.73 5.65 -51.99
C ARG P 186 82.94 5.54 -53.28
N LEU P 187 83.48 4.79 -54.22
CA LEU P 187 82.91 4.68 -55.55
C LEU P 187 83.12 3.27 -56.07
N ALA P 188 82.15 2.78 -56.80
CA ALA P 188 82.23 1.47 -57.42
C ALA P 188 81.85 1.63 -58.88
N LEU P 189 82.57 0.92 -59.74
CA LEU P 189 82.36 0.96 -61.16
C LEU P 189 82.54 -0.44 -61.72
N CYS P 190 81.66 -0.83 -62.64
CA CYS P 190 81.77 -2.11 -63.34
C CYS P 190 81.31 -1.90 -64.77
N GLU P 191 82.03 -2.45 -65.72
CA GLU P 191 81.66 -2.32 -67.13
C GLU P 191 81.43 -3.68 -67.72
N ILE P 192 80.41 -3.75 -68.58
CA ILE P 192 79.99 -4.98 -69.21
C ILE P 192 79.86 -4.66 -70.69
N LEU P 193 80.18 -5.60 -71.57
CA LEU P 193 80.05 -5.30 -72.98
C LEU P 193 78.61 -5.43 -73.37
N ALA P 194 78.01 -4.31 -73.77
CA ALA P 194 76.62 -4.28 -74.18
C ALA P 194 76.68 -3.83 -75.60
N SER P 195 75.97 -4.52 -76.47
CA SER P 195 76.04 -4.20 -77.87
C SER P 195 75.27 -3.01 -78.38
N SER P 196 73.95 -3.12 -78.36
CA SER P 196 73.13 -2.08 -78.98
C SER P 196 73.34 -0.69 -78.44
N THR P 197 73.49 0.28 -79.35
CA THR P 197 73.69 1.67 -78.93
C THR P 197 73.45 2.70 -80.03
N SER P 198 73.34 3.94 -79.56
CA SER P 198 73.17 5.11 -80.39
C SER P 198 74.54 5.77 -80.52
N SER P 199 74.66 6.68 -81.47
CA SER P 199 75.94 7.31 -81.70
C SER P 199 76.46 8.07 -80.48
N GLN P 200 75.58 8.76 -79.76
CA GLN P 200 76.06 9.51 -78.60
C GLN P 200 75.80 8.80 -77.30
N LEU P 201 76.62 9.12 -76.30
CA LEU P 201 76.50 8.54 -74.98
C LEU P 201 75.20 8.89 -74.26
N VAL P 202 74.57 7.90 -73.64
CA VAL P 202 73.37 8.12 -72.84
C VAL P 202 73.49 7.73 -71.38
N GLN P 203 72.80 8.46 -70.50
CA GLN P 203 72.87 8.20 -69.07
C GLN P 203 71.49 8.03 -68.48
N ALA P 204 71.39 7.21 -67.45
CA ALA P 204 70.15 6.97 -66.75
C ALA P 204 70.48 6.60 -65.32
N ILE P 205 69.85 7.28 -64.36
CA ILE P 205 70.12 7.01 -62.96
C ILE P 205 68.94 6.22 -62.43
N VAL P 206 69.19 4.94 -62.14
CA VAL P 206 68.17 4.02 -61.65
C VAL P 206 68.07 4.13 -60.14
N PRO P 207 66.85 4.36 -59.60
CA PRO P 207 66.71 4.45 -58.14
C PRO P 207 67.02 3.15 -57.42
N ARG P 208 67.42 3.28 -56.17
CA ARG P 208 67.85 2.20 -55.31
C ARG P 208 66.90 1.01 -55.19
N LYS P 209 65.62 1.30 -55.06
CA LYS P 209 64.61 0.26 -54.96
C LYS P 209 64.54 -0.53 -56.24
N ALA P 210 64.65 0.17 -57.36
CA ALA P 210 64.59 -0.45 -58.67
C ALA P 210 65.75 -1.41 -58.90
N VAL P 211 66.93 -0.98 -58.50
CA VAL P 211 68.10 -1.82 -58.67
C VAL P 211 67.99 -3.09 -57.88
N GLY P 212 67.50 -2.99 -56.65
CA GLY P 212 67.34 -4.16 -55.81
C GLY P 212 66.33 -5.13 -56.36
N GLU P 213 65.22 -4.61 -56.85
CA GLU P 213 64.18 -5.46 -57.41
C GLU P 213 64.68 -6.15 -58.66
N LEU P 214 65.42 -5.40 -59.47
CA LEU P 214 65.98 -5.90 -60.71
C LEU P 214 66.98 -7.01 -60.43
N GLN P 215 67.78 -6.86 -59.37
CA GLN P 215 68.77 -7.86 -59.02
C GLN P 215 68.09 -9.16 -58.70
N ARG P 216 67.01 -9.09 -57.94
CA ARG P 216 66.25 -10.28 -57.57
C ARG P 216 65.65 -10.96 -58.78
N LEU P 217 65.15 -10.16 -59.72
CA LEU P 217 64.54 -10.68 -60.93
C LEU P 217 65.56 -11.26 -61.89
N LEU P 218 66.69 -10.58 -62.02
CA LEU P 218 67.73 -11.04 -62.93
C LEU P 218 68.31 -12.38 -62.54
N SER P 219 68.75 -13.12 -63.54
CA SER P 219 69.32 -14.45 -63.36
C SER P 219 70.64 -14.58 -64.10
N ILE P 220 71.37 -15.65 -63.82
CA ILE P 220 72.66 -15.95 -64.44
C ILE P 220 72.62 -16.40 -65.89
N GLU P 221 71.43 -16.68 -66.41
CA GLU P 221 71.24 -17.12 -67.78
C GLU P 221 71.76 -16.12 -68.79
N ASP P 222 72.21 -16.66 -69.91
CA ASP P 222 72.81 -15.89 -71.00
C ASP P 222 71.81 -15.27 -71.98
N GLU P 223 70.52 -15.45 -71.71
CA GLU P 223 69.49 -14.90 -72.57
C GLU P 223 69.64 -13.40 -72.66
N GLN P 224 69.57 -12.88 -73.88
CA GLN P 224 69.72 -11.45 -74.12
C GLN P 224 68.49 -10.66 -73.68
N LEU P 225 68.73 -9.44 -73.23
CA LEU P 225 67.68 -8.54 -72.76
C LEU P 225 67.73 -7.25 -73.57
N THR P 226 66.58 -6.61 -73.71
CA THR P 226 66.53 -5.35 -74.44
C THR P 226 66.04 -4.26 -73.51
N LEU P 227 66.97 -3.43 -73.06
CA LEU P 227 66.73 -2.33 -72.14
C LEU P 227 66.31 -1.13 -72.96
N LEU P 228 65.14 -0.56 -72.67
CA LEU P 228 64.73 0.69 -73.28
C LEU P 228 64.93 1.83 -72.29
N ILE P 229 65.92 2.68 -72.56
CA ILE P 229 66.22 3.82 -71.71
C ILE P 229 65.70 5.09 -72.35
N GLY P 230 64.77 5.76 -71.67
CA GLY P 230 64.21 7.01 -72.18
C GLY P 230 64.66 8.16 -71.29
N ARG P 231 64.03 9.32 -71.47
CA ARG P 231 64.36 10.49 -70.68
C ARG P 231 63.72 10.38 -69.31
N GLU P 232 62.54 9.78 -69.27
CA GLU P 232 61.81 9.65 -68.03
C GLU P 232 61.79 8.26 -67.41
N LEU P 233 61.79 7.22 -68.24
CA LEU P 233 61.70 5.87 -67.70
C LEU P 233 62.62 4.82 -68.32
N LEU P 234 62.84 3.74 -67.58
CA LEU P 234 63.63 2.61 -68.07
C LEU P 234 62.71 1.39 -68.08
N ASN P 235 62.71 0.68 -69.22
CA ASN P 235 61.86 -0.48 -69.43
C ASN P 235 62.70 -1.70 -69.77
N VAL P 236 62.29 -2.85 -69.24
CA VAL P 236 62.86 -4.13 -69.67
C VAL P 236 61.85 -5.23 -69.45
N THR P 237 61.82 -6.20 -70.36
CA THR P 237 60.94 -7.36 -70.23
C THR P 237 61.84 -8.53 -69.91
N ILE P 238 61.48 -9.31 -68.90
CA ILE P 238 62.30 -10.43 -68.46
C ILE P 238 61.53 -11.74 -68.46
N ASN P 239 62.18 -12.81 -68.92
CA ASN P 239 61.57 -14.14 -68.91
C ASN P 239 62.22 -14.94 -67.81
N THR P 240 61.46 -15.31 -66.79
CA THR P 240 62.02 -16.07 -65.67
C THR P 240 61.90 -17.55 -66.05
N PRO P 241 63.01 -18.33 -65.91
CA PRO P 241 62.95 -19.77 -66.11
C PRO P 241 61.93 -20.60 -65.21
N SER P 242 60.85 -21.07 -65.81
CA SER P 242 60.16 -22.29 -65.26
C SER P 242 59.64 -23.15 -66.39
N GLN P 247 52.36 -24.91 -64.21
CA GLN P 247 53.81 -24.78 -64.41
C GLN P 247 54.21 -23.98 -65.66
N GLY P 248 53.42 -22.97 -66.00
CA GLY P 248 53.63 -22.08 -67.10
C GLY P 248 54.82 -21.18 -66.77
N ASP P 249 55.43 -20.70 -67.83
CA ASP P 249 56.57 -19.80 -67.75
C ASP P 249 56.06 -18.41 -67.42
N ILE P 250 56.93 -17.57 -66.89
CA ILE P 250 56.54 -16.22 -66.53
C ILE P 250 57.34 -15.14 -67.24
N THR P 251 56.64 -14.14 -67.76
CA THR P 251 57.29 -13.03 -68.42
C THR P 251 56.92 -11.77 -67.65
N VAL P 252 57.91 -11.03 -67.16
CA VAL P 252 57.62 -9.83 -66.38
C VAL P 252 58.15 -8.53 -66.96
N ARG P 253 57.28 -7.53 -67.02
CA ARG P 253 57.68 -6.22 -67.56
C ARG P 253 58.09 -5.31 -66.41
N PHE P 254 59.30 -4.82 -66.46
CA PHE P 254 59.84 -3.95 -65.42
C PHE P 254 59.92 -2.52 -65.90
N THR P 255 59.44 -1.58 -65.08
CA THR P 255 59.45 -0.16 -65.44
C THR P 255 59.83 0.66 -64.22
N THR P 256 60.76 1.59 -64.38
CA THR P 256 61.19 2.40 -63.26
C THR P 256 61.25 3.86 -63.67
N LYS P 257 61.04 4.75 -62.70
CA LYS P 257 61.09 6.17 -62.97
C LYS P 257 62.48 6.62 -62.63
N LEU P 258 63.18 7.16 -63.62
CA LEU P 258 64.54 7.62 -63.45
C LEU P 258 64.65 8.86 -62.56
N ILE P 259 65.75 8.94 -61.81
CA ILE P 259 65.98 10.08 -60.95
C ILE P 259 66.28 11.30 -61.80
N ASP P 260 65.62 12.41 -61.50
CA ASP P 260 65.80 13.65 -62.26
C ASP P 260 66.99 14.42 -61.73
N GLY P 261 68.18 14.02 -62.15
CA GLY P 261 69.41 14.64 -61.73
C GLY P 261 70.51 14.36 -62.72
N LYS P 262 71.62 15.07 -62.61
CA LYS P 262 72.74 14.81 -63.50
C LYS P 262 73.87 14.21 -62.67
N PHE P 263 74.34 13.03 -63.09
CA PHE P 263 75.41 12.35 -62.38
C PHE P 263 76.71 13.10 -62.60
N PRO P 264 77.60 13.05 -61.59
CA PRO P 264 78.91 13.70 -61.63
C PRO P 264 79.86 13.00 -62.58
N ASP P 265 80.91 13.68 -63.01
CA ASP P 265 81.84 13.04 -63.92
C ASP P 265 82.73 12.18 -63.05
N TYR P 266 82.35 10.91 -62.97
CA TYR P 266 83.04 9.91 -62.18
C TYR P 266 84.51 9.72 -62.56
N ARG P 267 84.87 10.03 -63.80
CA ARG P 267 86.25 9.88 -64.26
C ARG P 267 87.22 10.73 -63.45
N ARG P 268 86.83 11.96 -63.13
CA ARG P 268 87.69 12.88 -62.38
C ARG P 268 87.95 12.40 -60.97
N VAL P 269 87.03 11.61 -60.43
CA VAL P 269 87.15 11.07 -59.07
C VAL P 269 88.08 9.86 -58.98
N ILE P 270 88.13 9.06 -60.03
CA ILE P 270 88.98 7.87 -60.05
C ILE P 270 90.43 8.26 -60.27
N PRO P 271 91.30 7.91 -59.33
CA PRO P 271 92.72 8.25 -59.39
C PRO P 271 93.51 7.46 -60.43
N ARG P 272 93.48 7.93 -61.67
CA ARG P 272 94.24 7.32 -62.76
C ARG P 272 95.74 7.48 -62.52
N GLY P 273 96.11 8.65 -62.03
CA GLY P 273 97.50 8.99 -61.77
C GLY P 273 98.16 8.17 -60.69
N GLY P 274 97.38 7.39 -59.95
CA GLY P 274 97.98 6.60 -58.91
C GLY P 274 98.92 5.60 -59.54
N ASP P 275 100.15 5.56 -59.04
CA ASP P 275 101.16 4.64 -59.55
C ASP P 275 100.84 3.22 -59.10
N LYS P 276 101.27 2.21 -59.85
CA LYS P 276 101.00 0.84 -59.44
C LYS P 276 101.76 0.66 -58.14
N HIS P 277 101.10 0.11 -57.12
CA HIS P 277 101.75 -0.02 -55.81
C HIS P 277 101.77 -1.36 -55.08
N VAL P 278 100.63 -1.81 -54.56
CA VAL P 278 100.60 -3.03 -53.75
C VAL P 278 99.72 -4.18 -54.22
N LEU P 279 100.19 -5.40 -53.98
CA LEU P 279 99.43 -6.62 -54.29
C LEU P 279 99.41 -7.47 -53.03
N ILE P 280 98.21 -7.85 -52.62
CA ILE P 280 98.03 -8.66 -51.40
C ILE P 280 97.09 -9.81 -51.62
N GLY P 281 97.39 -10.94 -51.00
CA GLY P 281 96.51 -12.10 -51.06
C GLY P 281 95.15 -11.71 -50.50
N HIS P 282 94.09 -12.07 -51.20
CA HIS P 282 92.74 -11.60 -50.84
C HIS P 282 92.34 -12.14 -49.46
N ASP P 283 92.44 -13.46 -49.29
CA ASP P 283 92.06 -14.09 -48.05
C ASP P 283 92.89 -13.57 -46.85
N VAL P 284 94.19 -13.39 -47.06
CA VAL P 284 95.09 -12.91 -46.02
C VAL P 284 94.69 -11.48 -45.61
N PHE P 285 94.38 -10.63 -46.58
CA PHE P 285 93.97 -9.24 -46.34
C PHE P 285 92.65 -9.17 -45.58
N LYS P 286 91.65 -9.93 -46.03
CA LYS P 286 90.33 -9.98 -45.40
C LYS P 286 90.40 -10.44 -43.94
N GLN P 287 91.11 -11.56 -43.69
CA GLN P 287 91.19 -12.14 -42.35
C GLN P 287 91.88 -11.20 -41.37
N SER P 288 93.03 -10.63 -41.77
CA SER P 288 93.76 -9.66 -40.92
C SER P 288 92.96 -8.41 -40.62
N LEU P 289 92.25 -7.92 -41.63
CA LEU P 289 91.46 -6.70 -41.49
C LEU P 289 90.31 -6.91 -40.52
N GLN P 290 89.66 -8.06 -40.60
CA GLN P 290 88.60 -8.44 -39.65
C GLN P 290 89.11 -8.56 -38.22
N ARG P 291 90.27 -9.20 -38.06
CA ARG P 291 90.89 -9.36 -36.73
C ARG P 291 91.19 -8.01 -36.09
N VAL P 292 91.90 -7.15 -36.82
CA VAL P 292 92.35 -5.87 -36.28
C VAL P 292 91.16 -4.94 -36.05
N ALA P 293 90.14 -5.04 -36.89
CA ALA P 293 88.94 -4.20 -36.77
C ALA P 293 88.15 -4.43 -35.48
N ILE P 294 88.35 -5.55 -34.81
CA ILE P 294 87.65 -5.83 -33.55
C ILE P 294 87.89 -4.78 -32.49
N LEU P 295 89.09 -4.25 -32.43
CA LEU P 295 89.43 -3.21 -31.44
C LEU P 295 89.48 -1.81 -32.05
N SER P 296 88.82 -1.60 -33.18
CA SER P 296 88.64 -0.25 -33.72
C SER P 296 87.45 0.39 -33.03
N ASN P 297 87.22 1.67 -33.33
CA ASN P 297 86.08 2.42 -32.84
C ASN P 297 84.85 1.71 -33.34
N GLU P 298 83.84 1.56 -32.51
CA GLU P 298 82.68 0.74 -32.86
C GLU P 298 81.82 1.33 -33.99
N LYS P 299 81.80 2.63 -34.15
CA LYS P 299 81.00 3.21 -35.20
C LYS P 299 81.84 3.74 -36.36
N LEU P 300 82.97 4.37 -36.04
CA LEU P 300 83.84 4.96 -37.05
C LEU P 300 84.64 3.93 -37.83
N ARG P 301 84.98 2.83 -37.14
CA ARG P 301 85.66 1.65 -37.73
C ARG P 301 87.02 1.94 -38.36
N GLY P 302 87.73 2.91 -37.79
CA GLY P 302 89.01 3.35 -38.34
C GLY P 302 90.15 2.41 -38.06
N VAL P 303 90.87 2.01 -39.11
CA VAL P 303 92.10 1.22 -38.99
C VAL P 303 93.22 1.90 -39.76
N PHE P 304 94.44 1.76 -39.24
CA PHE P 304 95.61 2.36 -39.84
C PHE P 304 96.44 1.31 -40.54
N LEU P 305 96.78 1.57 -41.79
CA LEU P 305 97.60 0.65 -42.55
C LEU P 305 98.95 1.29 -42.73
N ASN P 306 100.00 0.58 -42.34
CA ASN P 306 101.34 1.10 -42.48
C ASN P 306 102.00 0.35 -43.61
N PHE P 307 102.43 1.07 -44.64
CA PHE P 307 103.03 0.41 -45.79
C PHE P 307 104.54 0.43 -45.75
N ASN P 308 105.12 -0.74 -45.71
CA ASN P 308 106.56 -0.87 -45.73
C ASN P 308 106.95 -1.82 -46.83
N GLN P 309 108.24 -1.87 -47.16
CA GLN P 309 108.65 -2.74 -48.24
C GLN P 309 108.36 -4.16 -47.84
N ASP P 310 107.57 -4.84 -48.65
CA ASP P 310 107.19 -6.23 -48.42
C ASP P 310 106.59 -6.53 -47.04
N SER P 311 105.79 -5.61 -46.52
CA SER P 311 105.20 -5.78 -45.20
C SER P 311 104.06 -4.81 -45.01
N LEU P 312 102.96 -5.31 -44.47
CA LEU P 312 101.78 -4.50 -44.22
C LEU P 312 101.33 -4.65 -42.79
N GLN P 313 101.33 -3.56 -42.05
CA GLN P 313 100.97 -3.55 -40.65
C GLN P 313 99.58 -2.96 -40.50
N LEU P 314 98.69 -3.71 -39.86
CA LEU P 314 97.34 -3.23 -39.65
C LEU P 314 97.24 -2.88 -38.18
N ARG P 315 96.90 -1.63 -37.91
CA ARG P 315 96.79 -1.17 -36.53
C ARG P 315 95.46 -0.48 -36.25
N ALA P 316 94.83 -0.87 -35.15
CA ALA P 316 93.58 -0.26 -34.74
C ALA P 316 93.51 -0.01 -33.24
N ASN P 317 92.94 1.13 -32.84
CA ASN P 317 92.76 1.46 -31.43
C ASN P 317 91.42 2.15 -31.20
N ASN P 318 90.93 2.10 -29.96
CA ASN P 318 89.63 2.68 -29.60
C ASN P 318 89.69 3.59 -28.38
N PRO P 319 88.52 4.10 -27.96
CA PRO P 319 88.28 5.00 -26.82
C PRO P 319 88.73 4.36 -25.52
N GLU P 320 88.55 3.04 -25.41
CA GLU P 320 88.96 2.23 -24.26
C GLU P 320 90.49 2.01 -24.13
N GLN P 321 91.22 2.35 -25.19
CA GLN P 321 92.69 2.29 -25.37
C GLN P 321 93.24 0.92 -25.73
N ASP P 322 92.35 -0.01 -26.04
CA ASP P 322 92.76 -1.34 -26.45
C ASP P 322 93.43 -1.20 -27.80
N GLU P 323 94.51 -1.94 -28.03
CA GLU P 323 95.22 -1.86 -29.31
C GLU P 323 95.40 -3.22 -29.96
N ALA P 324 95.08 -3.31 -31.25
CA ALA P 324 95.23 -4.54 -31.99
C ALA P 324 96.18 -4.33 -33.16
N ILE P 325 97.20 -5.18 -33.27
CA ILE P 325 98.18 -5.04 -34.35
C ILE P 325 98.48 -6.34 -35.06
N GLU P 326 98.58 -6.29 -36.39
CA GLU P 326 98.96 -7.49 -37.15
C GLU P 326 99.79 -7.10 -38.36
N ASP P 327 100.79 -7.91 -38.65
CA ASP P 327 101.70 -7.66 -39.76
C ASP P 327 101.44 -8.64 -40.88
N LEU P 328 101.45 -8.19 -42.11
CA LEU P 328 101.13 -9.04 -43.24
C LEU P 328 102.21 -9.11 -44.28
N ALA P 329 102.11 -10.10 -45.15
CA ALA P 329 103.07 -10.25 -46.21
C ALA P 329 102.41 -9.78 -47.49
N ILE P 330 102.99 -8.75 -48.08
CA ILE P 330 102.50 -8.16 -49.31
C ILE P 330 103.68 -7.90 -50.21
N GLN P 331 103.45 -7.65 -51.49
CA GLN P 331 104.56 -7.32 -52.33
C GLN P 331 104.53 -5.82 -52.56
N TYR P 332 105.38 -5.13 -51.82
CA TYR P 332 105.48 -3.70 -51.89
C TYR P 332 106.93 -3.30 -51.91
N GLN P 333 107.30 -2.43 -52.84
CA GLN P 333 108.69 -1.97 -52.95
C GLN P 333 108.67 -0.52 -53.37
N SER P 334 108.26 0.35 -52.46
CA SER P 334 108.22 1.78 -52.72
C SER P 334 108.24 2.52 -51.40
N ALA P 335 108.17 3.84 -51.49
CA ALA P 335 108.16 4.67 -50.27
C ALA P 335 107.07 4.32 -49.29
N PRO P 336 107.38 4.35 -48.00
CA PRO P 336 106.43 4.06 -46.92
C PRO P 336 105.27 5.05 -46.89
N LEU P 337 104.13 4.58 -46.40
CA LEU P 337 102.92 5.37 -46.36
C LEU P 337 102.08 4.89 -45.19
N GLU P 338 101.56 5.81 -44.40
CA GLU P 338 100.61 5.50 -43.35
C GLU P 338 99.27 6.13 -43.64
N MET P 339 98.26 5.30 -43.88
CA MET P 339 96.93 5.76 -44.20
C MET P 339 95.88 5.22 -43.24
N SER P 340 94.80 5.98 -43.09
CA SER P 340 93.70 5.62 -42.22
C SER P 340 92.48 5.34 -43.10
N PHE P 341 91.85 4.19 -42.85
CA PHE P 341 90.66 3.78 -43.60
C PHE P 341 89.53 3.33 -42.71
N ASN P 342 88.32 3.59 -43.17
CA ASN P 342 87.13 2.95 -42.66
C ASN P 342 87.21 1.46 -43.03
N ALA P 343 87.46 0.61 -42.04
CA ALA P 343 87.67 -0.81 -42.27
C ALA P 343 86.51 -1.46 -43.05
N GLN P 344 85.28 -1.03 -42.76
CA GLN P 344 84.11 -1.57 -43.44
C GLN P 344 84.11 -1.30 -44.94
N TYR P 345 84.56 -0.12 -45.36
CA TYR P 345 84.68 0.21 -46.79
C TYR P 345 85.64 -0.69 -47.53
N LEU P 346 86.77 -1.00 -46.91
CA LEU P 346 87.72 -1.97 -47.48
C LEU P 346 87.11 -3.37 -47.51
N LEU P 347 86.47 -3.77 -46.43
CA LEU P 347 85.82 -5.08 -46.38
C LEU P 347 84.70 -5.20 -47.41
N ASP P 348 83.94 -4.12 -47.62
CA ASP P 348 82.88 -4.11 -48.65
C ASP P 348 83.43 -4.35 -50.05
N VAL P 349 84.54 -3.70 -50.38
CA VAL P 349 85.23 -3.91 -51.67
C VAL P 349 85.72 -5.36 -51.79
N LEU P 350 86.38 -5.88 -50.76
CA LEU P 350 86.80 -7.29 -50.75
C LEU P 350 85.60 -8.24 -50.87
N GLY P 351 84.45 -7.86 -50.31
CA GLY P 351 83.18 -8.59 -50.46
C GLY P 351 82.81 -8.91 -51.90
N VAL P 352 83.23 -8.08 -52.85
CA VAL P 352 82.86 -8.28 -54.25
C VAL P 352 83.99 -8.60 -55.23
N LEU P 353 85.20 -8.82 -54.74
CA LEU P 353 86.33 -9.14 -55.60
C LEU P 353 86.58 -10.65 -55.52
N ASP P 354 86.28 -11.35 -56.60
CA ASP P 354 86.38 -12.82 -56.71
C ASP P 354 87.78 -13.36 -56.97
N GLY P 355 88.80 -12.50 -57.08
CA GLY P 355 90.12 -12.93 -57.49
C GLY P 355 90.94 -13.29 -56.28
N ASP P 356 92.05 -14.01 -56.51
CA ASP P 356 92.95 -14.40 -55.44
C ASP P 356 93.81 -13.26 -54.89
N ASP P 357 94.09 -12.25 -55.70
CA ASP P 357 94.93 -11.15 -55.26
C ASP P 357 94.26 -9.79 -55.42
N VAL P 358 94.74 -8.80 -54.69
CA VAL P 358 94.17 -7.46 -54.71
C VAL P 358 95.18 -6.37 -55.10
N ASN P 359 94.78 -5.45 -55.95
CA ASN P 359 95.66 -4.37 -56.39
C ASN P 359 95.26 -3.03 -55.79
N MET P 360 96.18 -2.40 -55.08
CA MET P 360 95.93 -1.09 -54.50
C MET P 360 96.97 -0.12 -55.04
N SER P 361 96.53 1.00 -55.56
CA SER P 361 97.43 2.01 -56.06
C SER P 361 97.20 3.27 -55.25
N MET P 362 98.26 3.78 -54.65
CA MET P 362 98.17 4.94 -53.79
C MET P 362 99.14 6.04 -54.16
N THR P 363 98.82 7.27 -53.79
CA THR P 363 99.69 8.39 -54.04
C THR P 363 100.16 9.04 -52.75
N GLU P 364 99.23 9.56 -51.98
CA GLU P 364 99.51 10.23 -50.71
C GLU P 364 98.47 9.84 -49.68
N ALA P 365 98.77 10.02 -48.41
CA ALA P 365 97.83 9.66 -47.35
C ALA P 365 96.53 10.44 -47.42
N ASN P 366 96.60 11.73 -47.72
CA ASN P 366 95.39 12.53 -47.84
C ASN P 366 94.53 12.10 -49.02
N GLN P 367 95.19 11.71 -50.10
CA GLN P 367 94.55 11.27 -51.33
C GLN P 367 93.86 9.90 -51.30
N SER P 368 92.91 9.71 -52.22
CA SER P 368 92.15 8.48 -52.36
C SER P 368 92.96 7.31 -52.91
N VAL P 369 92.45 6.10 -52.68
CA VAL P 369 93.11 4.86 -53.10
C VAL P 369 92.27 4.11 -54.12
N LEU P 370 92.92 3.45 -55.09
CA LEU P 370 92.24 2.68 -56.11
C LEU P 370 92.43 1.19 -55.86
N VAL P 371 91.32 0.45 -55.78
CA VAL P 371 91.38 -0.98 -55.51
C VAL P 371 90.85 -1.79 -56.70
N GLN P 372 91.62 -2.79 -57.12
CA GLN P 372 91.26 -3.63 -58.26
C GLN P 372 91.73 -5.08 -58.17
N ASP P 373 91.08 -5.92 -58.97
CA ASP P 373 91.43 -7.33 -59.11
C ASP P 373 92.17 -7.45 -60.45
N PRO P 374 93.37 -8.03 -60.47
CA PRO P 374 94.11 -8.19 -61.72
C PRO P 374 93.38 -9.07 -62.72
N ALA P 375 92.78 -10.14 -62.22
CA ALA P 375 92.03 -11.09 -63.03
C ALA P 375 90.81 -10.46 -63.72
N HIS P 376 90.11 -9.54 -63.05
CA HIS P 376 88.93 -8.87 -63.62
C HIS P 376 89.15 -7.34 -63.71
N PRO P 377 89.68 -6.84 -64.86
CA PRO P 377 89.86 -5.39 -65.07
C PRO P 377 88.56 -4.57 -65.23
N ASP P 378 87.45 -5.24 -65.51
CA ASP P 378 86.12 -4.60 -65.60
C ASP P 378 85.62 -3.89 -64.32
N GLN P 379 86.05 -4.37 -63.14
CA GLN P 379 85.66 -3.74 -61.88
C GLN P 379 86.74 -2.78 -61.39
N THR P 380 86.32 -1.60 -60.95
CA THR P 380 87.22 -0.59 -60.37
C THR P 380 86.52 0.01 -59.15
N TYR P 381 87.27 0.13 -58.05
CA TYR P 381 86.75 0.69 -56.80
C TYR P 381 87.68 1.75 -56.27
N VAL P 382 87.09 2.77 -55.65
CA VAL P 382 87.84 3.86 -55.05
C VAL P 382 87.35 4.01 -53.61
N VAL P 383 88.29 4.21 -52.70
CA VAL P 383 87.99 4.48 -51.31
C VAL P 383 88.77 5.72 -50.89
N MET P 384 88.05 6.74 -50.41
CA MET P 384 88.65 7.95 -49.87
C MET P 384 89.07 7.68 -48.44
N PRO P 385 90.14 8.34 -48.01
CA PRO P 385 90.74 8.28 -46.68
C PRO P 385 89.89 9.02 -45.66
N MET P 386 90.14 8.75 -44.39
CA MET P 386 89.38 9.36 -43.34
C MET P 386 89.83 10.80 -43.02
MG MG Q . -39.09 6.46 -64.40
MG MG R . 10.34 13.60 -2.91
#